data_6S6B
#
_entry.id   6S6B
#
_cell.length_a   1.00
_cell.length_b   1.00
_cell.length_c   1.00
_cell.angle_alpha   90.00
_cell.angle_beta   90.00
_cell.angle_gamma   90.00
#
_symmetry.space_group_name_H-M   'P 1'
#
loop_
_entity.id
_entity.type
_entity.pdbx_description
1 polymer 'CRISPR-associated protein, Cmr5 family'
2 polymer 'CRISPR-associated RAMP protein, Cmr4 family'
3 polymer 'CRISPR-associated protein, Cmr3 family'
4 polymer 'CRISPR-associated RAMP protein, Cmr6 family'
5 polymer Cmr1
6 polymer 'CRISPR-associated protein, Cmr2 family'
7 polymer 'crRNA (51-mer)'
8 polymer 'CRISPR-associated protein Cmrx'
9 non-polymer 'ZINC ION'
#
loop_
_entity_poly.entity_id
_entity_poly.type
_entity_poly.pdbx_seq_one_letter_code
_entity_poly.pdbx_strand_id
1 'polypeptide(L)'
;MLYEEDYKLALEAFKKVFNALTHYGAKQAFRSRARDLVEEIYNSGFIPTFFYIISKAELNSDSLDSLISLFSSDNAILRG
SDENVSYSAYLFIILYYLIKRGIIEQKFLIQALRCEKTRLDLIDKLYNLAPIISAKIRTYLLAIKRLSEALIEAR
;
A,B,C
2 'polypeptide(L)'
;MPYYAFAEPFFIHAITHLHVGSGSSVEEEIDLPFQRDELGYPTIYASSLKGAIKSFLLKEFPDKRDVIYKVLGEDENPEE
ASLGTFLDAILFAIPSRIIEIDSAKPYVWVYVTTYELLKKVKLYLDSISQLSNASFSNLKNKIDTILAKEGKNITLDSDL
KSAILNEDFYVELEALNNKIPSIINAGVPLLVLEDSIGREVINRSLIRVRRIRIDRDKKVVETGGLWSEEYVPMKTIFFS
VLLGKESKESAIFASCILRNLRYVILGGKETIGKGIVELRWVKDVI
;
D,E,F,G
3 'polypeptide(L)'
;MKRVLIKPLEPLMFRSQGEFEPLITGSHTAAQSLIIPRPSTIAGMLGYILFNKSSGTGDWLSDLTNLLATIYGTFIETNG
EYLFPLRMGNHLALVDQQHLINLPTLLEKEYERREKGIYELFYDKNKLFQIINHQDRIGISIDKSTRTVKEHYLYSARYL
AFKKEVNYVIFIDNDAISDKINGKIVNFGGENRIAKLEVDDYKVDTSIEEEYYLALSPILIPDEALDNFLDNISDYVAMG
KVDKISLGFDIANTKRKEMLTAILEGSIVKRSIIDFIKNEIKNDLRYRFSKYEKIGYNTLMSLCKLALRKILS
;
H
4 'polypeptide(L)'
;MAIDFLVNILELIKEKQCNINLFSAISLTSIVYNNFGEFLSNNQSYSTNNPLLKYHIIILNDKNKTKDVEEKRNIFKREV
AELISRNFKLDGEKVRNYFDSLKEVLKSLKYTIVDVEITTRTRALIGVSTSLGKLIFGSGISFDPYMNLPYIPASEIKGI
VRSYIEGKLGEQEAEEIFGNEEREGNVNFTDAYPTRSKDFLFVPDVITPHYNGKKSEADAEPRPVIHLTIAPKVTFRFLI
YYKREDVGKPICDSMPIILIRGLGARSSVGYSLFELRKIEVIKAAAHHHHHHHHHH
;
I
5 'polypeptide(L)'
;MEELLMSLKLKALYPLTGGYNRHSINPFYEELVRPTEIKGLWRWWNRVLFNTLAYSTKGKLYTYESIDRLFEDVFGSENK
KSAVRLEVITDEGNDNRFELSYVELDKVIDCLRNYKRKVSLDFIDNTLIAEIEGSTKIPISFKSNLDIDKIIKDLVHNNK
LLSFELLGFKSVEIDATKISDKKILKEILRDLITNYLEYFNIKQEVTFTLNIYLDKSREHKQNFEDKLKFALYSLLVFIL
LGGIGRKTSRGFGSLSIIDVKCYDNSICKKIEDLAKNFLKISSGNELKSKIESILDCIKNSCIDTLYIENNILSEIDPKK
NVVYFINSDLFEVKRINDKEKVLANIYKAVSSEGCCIKSIITDKYVRKSFLIAFGGYRKVEKDKGLDIGFIKNYLCETCE
TVSSFNIVDFLLSEGSFMSDYILQYEHRNSLLRFKLISDNSNNSYLIGYILHSSYFKKIDIKYVRCILEKLTYCVI
;
J
6 'polypeptide(L)'
;MSIDNVLREFLDYKIIALLHDPPNKAWVITGRARNLTQQLSNIRASRKHEKVAKYIINQLFGKNYSEKVDNADKLASSID
RYLGSIVYKERSLFENRSIFLKNILLSNIQRDIGNLFPKDKSKLDNLILEYKKLLNVINKTNLILKYQLFYLIYELVWID
SKYENTPSDTRNPTHTIFDHLYATAAMMNWILSLEKEAKGYLLGIDTIGVADFISKGRKTRDLWISSYLVSALLWYVITW
FIEEYGPDVILFPSLRFNQFYAFYLLEKLRKEGVSEDVIDEIKELITKYIFNGDDLFENLKIPPYPIIPGRITLILPGLI
REGEEYKKVQDDNCFISKVKERYNEGWRKLIEGLRCYSERKREDGFWNLVCRVLKLTEDLLQTTPLNIRVKQVSVTEDEI
FNNNKLRSDSWKIYDNKYRQLVSEFKKSKLVKVTPESRLKLFELTKFDKLPQIGEKSKRGYEFCTSCGVLPAVVIMPKED
ELEKKLIDLGIARDEKDVRSIKNMISPGERLCPWCLVKRALGAEPRLMRILLLGDLYSVEKIVNEIVSRDVKIEIPSTSD
IASIKTFEEMIEKKNEICEDLKEEEVCEKPSESVLSMWQWFNKNYYNGINLTIDPEEYWFSEKRRRYYFSVFRRHRITFP
SPYYALVRADSDYLGDLLEGKLTPYLAGIIDSGDYANISEKKEEVNKLLEEYLVNAGSGSIVDYVKTVLKCIRENLNKCS
CAEKIYSNEVAKVMFRVNVEKANVEEEVKNSLEYFETILNEGRIIVTPAWHVSISSALNRGLLVELELVNKHKGFVIYAG
GDDLLAMLPVDEVLDFIKESRRAFAGFGTEKLGNMCLENGFVRINNAYYPSLPIVGRSYSVIIAHYADPLFFVINDSYNL
LEEGKEIIRYRVMYNGEYKDAKKDVAIFRYQGLTSVIPLSLKRPIVSSVSDFNEIASIIDVILELKKRIDEGRISVSLLY
DYEKYKHLIVASDEKYLTEFLVKDWIKRNSLRKHVEFTIDEKLYGVRLTIENYPIKIPNDLISNIVYTLRIIYGGEK
;
K
7 'polyribonucleotide' AUUGAAAGUUCAAAGCUUAGAUACCCUGGAGGGAAACCAGACUUAACACCA V
8 'polypeptide(L)'
;MSTQREYVFIPITNSITIDVKITIGGSDHITNIDERGIHNVLVITGYAVDEKNGRLVPTLDPCDYVKGILVAGTPQQAQS
NDFLTLKLPANKLYLIRKKGNISDDLKIYIPYSSPDARNSMKTKPVSISDDTIVNNIIKEVFDKIYNITQKEKVKIEKVK
EDIKELFSYYALEQ
;
M,R,S,Q,P,W,T,Z,Y,r,s,q,p,w,t,z,y,m,L,l,O,o,N,n,x,X
#
# COMPACT_ATOMS: atom_id res chain seq x y z
N TYR A 3 11.67 -10.60 -12.41
CA TYR A 3 12.59 -9.47 -12.51
C TYR A 3 11.93 -8.28 -13.20
N GLU A 4 12.72 -7.22 -13.36
CA GLU A 4 12.20 -5.93 -13.77
C GLU A 4 12.42 -5.62 -15.24
N GLU A 5 12.74 -6.63 -16.05
CA GLU A 5 12.80 -6.42 -17.49
C GLU A 5 11.46 -5.93 -18.02
N ASP A 6 10.35 -6.44 -17.45
CA ASP A 6 9.03 -6.02 -17.90
C ASP A 6 8.67 -4.63 -17.41
N TYR A 7 9.36 -4.10 -16.41
CA TYR A 7 9.16 -2.71 -16.04
C TYR A 7 9.92 -1.78 -16.97
N LYS A 8 11.06 -2.22 -17.49
CA LYS A 8 11.74 -1.46 -18.52
C LYS A 8 10.99 -1.52 -19.83
N LEU A 9 10.49 -2.72 -20.18
CA LEU A 9 9.70 -2.86 -21.39
C LEU A 9 8.47 -1.98 -21.35
N ALA A 10 7.83 -1.87 -20.19
CA ALA A 10 6.68 -1.00 -20.04
C ALA A 10 7.06 0.47 -20.12
N LEU A 11 8.33 0.81 -19.96
CA LEU A 11 8.76 2.19 -20.13
C LEU A 11 8.91 2.56 -21.59
N GLU A 12 9.50 1.66 -22.38
CA GLU A 12 9.61 1.90 -23.81
C GLU A 12 8.23 2.00 -24.45
N ALA A 13 7.35 1.06 -24.10
CA ALA A 13 6.02 1.03 -24.70
C ALA A 13 5.24 2.29 -24.35
N PHE A 14 5.15 2.61 -23.07
CA PHE A 14 4.41 3.80 -22.66
C PHE A 14 4.98 5.06 -23.29
N LYS A 15 6.29 5.09 -23.52
CA LYS A 15 6.90 6.25 -24.17
C LYS A 15 6.38 6.41 -25.59
N LYS A 16 6.26 5.29 -26.31
CA LYS A 16 5.72 5.35 -27.67
C LYS A 16 4.27 5.82 -27.66
N VAL A 17 3.46 5.25 -26.76
CA VAL A 17 2.05 5.62 -26.70
C VAL A 17 1.89 7.07 -26.25
N PHE A 18 2.62 7.47 -25.22
CA PHE A 18 2.48 8.81 -24.67
C PHE A 18 2.74 9.89 -25.71
N ASN A 19 3.50 9.57 -26.75
CA ASN A 19 3.81 10.52 -27.82
C ASN A 19 2.88 10.39 -29.02
N ALA A 20 2.52 9.16 -29.39
CA ALA A 20 1.59 8.97 -30.50
C ALA A 20 0.20 9.47 -30.18
N LEU A 21 -0.12 9.71 -28.91
CA LEU A 21 -1.40 10.28 -28.51
C LEU A 21 -1.23 11.78 -28.43
N THR A 22 -1.58 12.47 -29.52
CA THR A 22 -1.35 13.91 -29.60
C THR A 22 -2.26 14.66 -28.63
N HIS A 23 -3.57 14.55 -28.84
CA HIS A 23 -4.51 15.30 -28.01
C HIS A 23 -4.40 14.89 -26.56
N TYR A 24 -4.61 15.84 -25.66
CA TYR A 24 -4.54 15.56 -24.24
C TYR A 24 -5.81 14.88 -23.73
N GLY A 25 -6.93 15.00 -24.44
CA GLY A 25 -8.09 14.21 -24.09
C GLY A 25 -7.96 12.77 -24.52
N ALA A 26 -7.19 12.51 -25.57
CA ALA A 26 -6.86 11.14 -25.93
C ALA A 26 -5.92 10.52 -24.92
N LYS A 27 -5.06 11.33 -24.30
CA LYS A 27 -4.24 10.84 -23.20
C LYS A 27 -5.11 10.41 -22.03
N GLN A 28 -6.00 11.29 -21.57
CA GLN A 28 -6.86 10.97 -20.45
C GLN A 28 -7.78 9.79 -20.73
N ALA A 29 -7.94 9.40 -21.98
CA ALA A 29 -8.72 8.20 -22.28
C ALA A 29 -7.86 6.95 -22.14
N PHE A 30 -6.61 7.00 -22.60
CA PHE A 30 -5.72 5.88 -22.39
C PHE A 30 -5.47 5.64 -20.92
N ARG A 31 -5.46 6.70 -20.11
CA ARG A 31 -5.40 6.52 -18.66
C ARG A 31 -6.60 5.77 -18.14
N SER A 32 -7.76 5.95 -18.77
CA SER A 32 -8.93 5.18 -18.37
C SER A 32 -8.80 3.72 -18.80
N ARG A 33 -8.29 3.49 -20.00
CA ARG A 33 -8.12 2.12 -20.48
C ARG A 33 -7.11 1.36 -19.63
N ALA A 34 -6.03 2.02 -19.23
CA ALA A 34 -4.97 1.32 -18.51
C ALA A 34 -5.45 0.80 -17.17
N ARG A 35 -6.37 1.51 -16.53
CA ARG A 35 -6.86 1.05 -15.23
C ARG A 35 -7.93 -0.02 -15.38
N ASP A 36 -8.86 0.17 -16.32
CA ASP A 36 -9.96 -0.76 -16.46
C ASP A 36 -9.53 -2.06 -17.13
N LEU A 37 -8.74 -1.97 -18.20
CA LEU A 37 -8.43 -3.16 -18.98
C LEU A 37 -7.44 -4.09 -18.30
N VAL A 38 -6.80 -3.66 -17.22
CA VAL A 38 -5.91 -4.58 -16.52
C VAL A 38 -6.71 -5.43 -15.54
N GLU A 39 -7.74 -4.87 -14.94
CA GLU A 39 -8.58 -5.64 -14.02
C GLU A 39 -9.54 -6.54 -14.78
N GLU A 40 -9.91 -6.16 -16.01
CA GLU A 40 -10.81 -7.01 -16.78
C GLU A 40 -10.11 -8.26 -17.27
N ILE A 41 -8.80 -8.19 -17.52
CA ILE A 41 -8.06 -9.40 -17.85
C ILE A 41 -7.94 -10.27 -16.61
N TYR A 42 -7.97 -9.67 -15.42
CA TYR A 42 -8.01 -10.46 -14.19
C TYR A 42 -9.34 -11.17 -14.03
N ASN A 43 -10.44 -10.40 -14.02
CA ASN A 43 -11.75 -10.99 -13.80
C ASN A 43 -12.18 -11.83 -14.98
N SER A 44 -12.24 -11.23 -16.16
CA SER A 44 -12.87 -11.87 -17.31
C SER A 44 -11.93 -12.78 -18.08
N GLY A 45 -10.64 -12.57 -18.01
CA GLY A 45 -9.69 -13.34 -18.77
C GLY A 45 -9.16 -12.57 -19.96
N PHE A 46 -8.12 -13.15 -20.58
CA PHE A 46 -7.44 -12.45 -21.66
C PHE A 46 -8.27 -12.42 -22.93
N ILE A 47 -8.77 -13.58 -23.36
CA ILE A 47 -9.48 -13.65 -24.64
C ILE A 47 -10.74 -12.79 -24.65
N PRO A 48 -11.61 -12.86 -23.64
CA PRO A 48 -12.75 -11.92 -23.64
C PRO A 48 -12.33 -10.47 -23.71
N THR A 49 -11.32 -10.09 -22.94
CA THR A 49 -10.88 -8.70 -22.93
C THR A 49 -10.22 -8.31 -24.24
N PHE A 50 -9.52 -9.25 -24.89
CA PHE A 50 -8.87 -8.92 -26.15
C PHE A 50 -9.88 -8.64 -27.24
N PHE A 51 -10.94 -9.45 -27.32
CA PHE A 51 -12.00 -9.18 -28.28
C PHE A 51 -12.65 -7.85 -28.00
N TYR A 52 -12.83 -7.53 -26.72
CA TYR A 52 -13.39 -6.24 -26.36
C TYR A 52 -12.48 -5.10 -26.82
N ILE A 53 -11.19 -5.21 -26.54
CA ILE A 53 -10.23 -4.21 -26.98
C ILE A 53 -10.26 -4.08 -28.49
N ILE A 54 -10.02 -5.20 -29.18
CA ILE A 54 -9.83 -5.18 -30.62
C ILE A 54 -11.07 -4.73 -31.36
N SER A 55 -12.22 -4.71 -30.70
CA SER A 55 -13.45 -4.25 -31.34
C SER A 55 -13.63 -2.75 -31.20
N LYS A 56 -13.42 -2.21 -30.00
CA LYS A 56 -13.48 -0.77 -29.83
C LYS A 56 -12.32 -0.04 -30.48
N ALA A 57 -11.27 -0.78 -30.88
CA ALA A 57 -10.16 -0.13 -31.58
C ALA A 57 -10.57 0.32 -32.96
N GLU A 58 -11.39 -0.48 -33.65
CA GLU A 58 -11.86 -0.17 -35.00
C GLU A 58 -10.67 -0.05 -35.96
N LEU A 59 -9.93 -1.15 -36.06
CA LEU A 59 -8.71 -1.21 -36.86
C LEU A 59 -9.09 -1.50 -38.31
N ASN A 60 -9.09 -0.48 -39.16
CA ASN A 60 -9.49 -0.75 -40.54
C ASN A 60 -8.33 -1.22 -41.41
N SER A 61 -7.53 -0.27 -41.92
CA SER A 61 -6.17 -0.50 -42.39
C SER A 61 -5.37 0.76 -42.09
N ASP A 62 -6.10 1.87 -41.99
CA ASP A 62 -5.49 3.15 -41.69
C ASP A 62 -4.87 3.14 -40.30
N SER A 63 -5.61 2.59 -39.33
CA SER A 63 -5.07 2.44 -37.99
C SER A 63 -4.05 1.32 -37.90
N LEU A 64 -4.08 0.34 -38.80
CA LEU A 64 -3.10 -0.73 -38.74
C LEU A 64 -1.72 -0.23 -39.12
N ASP A 65 -1.64 0.70 -40.07
CA ASP A 65 -0.36 1.23 -40.47
C ASP A 65 0.24 2.11 -39.37
N SER A 66 -0.62 2.91 -38.71
CA SER A 66 -0.14 3.70 -37.59
C SER A 66 0.48 2.82 -36.52
N LEU A 67 -0.13 1.68 -36.24
CA LEU A 67 0.45 0.75 -35.28
C LEU A 67 1.70 0.07 -35.83
N ILE A 68 1.64 -0.41 -37.08
CA ILE A 68 2.78 -1.11 -37.64
C ILE A 68 3.98 -0.18 -37.74
N SER A 69 3.75 1.08 -38.11
CA SER A 69 4.85 2.05 -38.14
C SER A 69 5.35 2.34 -36.75
N LEU A 70 4.45 2.52 -35.79
CA LEU A 70 4.84 2.84 -34.43
C LEU A 70 5.77 1.79 -33.84
N PHE A 71 5.70 0.55 -34.32
CA PHE A 71 6.67 -0.46 -33.92
C PHE A 71 8.09 -0.01 -34.22
N SER A 72 8.27 0.72 -35.32
CA SER A 72 9.57 1.10 -35.83
C SER A 72 9.88 2.57 -35.67
N SER A 73 8.99 3.44 -36.13
CA SER A 73 9.22 4.87 -36.01
C SER A 73 8.86 5.35 -34.60
N ASP A 74 9.29 6.58 -34.30
CA ASP A 74 8.95 7.23 -33.05
C ASP A 74 8.30 8.59 -33.28
N ASN A 75 7.67 8.78 -34.44
CA ASN A 75 6.89 9.97 -34.69
C ASN A 75 5.57 9.65 -35.39
N ALA A 76 5.19 8.38 -35.45
CA ALA A 76 3.85 8.01 -35.90
C ALA A 76 2.82 8.53 -34.91
N ILE A 77 1.59 8.69 -35.39
CA ILE A 77 0.54 9.30 -34.59
C ILE A 77 -0.76 8.56 -34.85
N LEU A 78 -1.50 8.30 -33.79
CA LEU A 78 -2.78 7.62 -33.90
C LEU A 78 -3.88 8.59 -34.25
N ARG A 79 -4.65 8.27 -35.29
CA ARG A 79 -5.77 9.10 -35.72
C ARG A 79 -7.08 8.48 -35.27
N GLY A 80 -8.06 9.33 -35.01
CA GLY A 80 -9.33 8.92 -34.46
C GLY A 80 -9.69 9.74 -33.25
N SER A 81 -10.77 9.33 -32.60
CA SER A 81 -11.24 10.02 -31.41
C SER A 81 -10.79 9.30 -30.16
N ASP A 82 -11.04 9.94 -29.02
CA ASP A 82 -10.47 9.49 -27.75
C ASP A 82 -10.74 8.02 -27.48
N GLU A 83 -11.92 7.54 -27.86
CA GLU A 83 -12.21 6.14 -27.65
C GLU A 83 -11.38 5.26 -28.56
N ASN A 84 -11.39 5.54 -29.86
CA ASN A 84 -10.71 4.67 -30.81
C ASN A 84 -9.21 4.68 -30.59
N VAL A 85 -8.61 5.86 -30.40
CA VAL A 85 -7.17 5.93 -30.29
C VAL A 85 -6.69 5.24 -29.02
N SER A 86 -7.43 5.42 -27.91
CA SER A 86 -7.01 4.83 -26.65
C SER A 86 -7.07 3.32 -26.70
N TYR A 87 -8.13 2.76 -27.29
CA TYR A 87 -8.19 1.32 -27.44
C TYR A 87 -7.15 0.83 -28.45
N SER A 88 -6.90 1.61 -29.50
CA SER A 88 -5.86 1.23 -30.45
C SER A 88 -4.48 1.33 -29.81
N ALA A 89 -4.29 2.33 -28.95
CA ALA A 89 -3.02 2.45 -28.24
C ALA A 89 -2.81 1.25 -27.32
N TYR A 90 -3.83 0.90 -26.52
CA TYR A 90 -3.71 -0.23 -25.63
C TYR A 90 -3.51 -1.53 -26.39
N LEU A 91 -4.09 -1.65 -27.58
CA LEU A 91 -3.83 -2.83 -28.39
C LEU A 91 -2.36 -2.90 -28.78
N PHE A 92 -1.77 -1.75 -29.11
CA PHE A 92 -0.34 -1.73 -29.40
C PHE A 92 0.48 -2.05 -28.15
N ILE A 93 0.04 -1.52 -27.00
CA ILE A 93 0.70 -1.85 -25.74
C ILE A 93 0.81 -3.36 -25.57
N ILE A 94 -0.25 -4.08 -25.92
CA ILE A 94 -0.24 -5.53 -25.75
C ILE A 94 0.65 -6.18 -26.80
N LEU A 95 0.46 -5.84 -28.07
CA LEU A 95 1.25 -6.45 -29.13
C LEU A 95 2.73 -6.16 -28.96
N TYR A 96 3.07 -5.00 -28.41
CA TYR A 96 4.48 -4.68 -28.14
C TYR A 96 5.09 -5.69 -27.20
N TYR A 97 4.32 -6.16 -26.22
CA TYR A 97 4.84 -7.14 -25.29
C TYR A 97 5.03 -8.50 -25.95
N LEU A 98 4.06 -8.93 -26.75
CA LEU A 98 4.17 -10.23 -27.40
C LEU A 98 5.25 -10.25 -28.47
N ILE A 99 5.69 -9.08 -28.93
CA ILE A 99 6.80 -9.01 -29.87
C ILE A 99 8.13 -9.07 -29.13
N LYS A 100 8.29 -8.23 -28.12
CA LYS A 100 9.53 -8.13 -27.36
C LYS A 100 9.69 -9.26 -26.36
N ARG A 101 8.88 -10.31 -26.46
CA ARG A 101 9.01 -11.47 -25.58
C ARG A 101 8.94 -12.77 -26.35
N GLY A 102 8.99 -12.72 -27.68
CA GLY A 102 9.04 -13.92 -28.49
C GLY A 102 7.79 -14.76 -28.41
N ILE A 103 6.71 -14.20 -27.88
CA ILE A 103 5.46 -14.95 -27.86
C ILE A 103 4.85 -15.02 -29.24
N ILE A 104 5.16 -14.06 -30.10
CA ILE A 104 4.77 -14.07 -31.50
C ILE A 104 5.93 -13.55 -32.34
N GLU A 105 6.15 -14.17 -33.49
CA GLU A 105 7.15 -13.68 -34.42
C GLU A 105 6.73 -12.32 -34.95
N GLN A 106 7.60 -11.31 -34.77
CA GLN A 106 7.25 -9.95 -35.18
C GLN A 106 6.91 -9.89 -36.66
N LYS A 107 7.64 -10.63 -37.50
CA LYS A 107 7.32 -10.68 -38.92
C LYS A 107 5.89 -11.18 -39.14
N PHE A 108 5.52 -12.26 -38.44
CA PHE A 108 4.16 -12.77 -38.54
C PHE A 108 3.16 -11.72 -38.10
N LEU A 109 3.39 -11.12 -36.93
CA LEU A 109 2.44 -10.16 -36.38
C LEU A 109 2.29 -8.94 -37.29
N ILE A 110 3.32 -8.59 -38.05
CA ILE A 110 3.21 -7.42 -38.90
C ILE A 110 2.53 -7.77 -40.21
N GLN A 111 2.85 -8.93 -40.79
CA GLN A 111 2.13 -9.37 -41.97
C GLN A 111 0.73 -9.83 -41.65
N ALA A 112 0.45 -10.15 -40.38
CA ALA A 112 -0.91 -10.49 -39.99
C ALA A 112 -1.78 -9.25 -39.88
N LEU A 113 -1.22 -8.17 -39.35
CA LEU A 113 -1.96 -6.92 -39.24
C LEU A 113 -2.21 -6.27 -40.59
N ARG A 114 -1.55 -6.73 -41.66
CA ARG A 114 -1.51 -5.91 -42.87
C ARG A 114 -2.78 -6.02 -43.71
N CYS A 115 -2.97 -7.13 -44.41
CA CYS A 115 -3.86 -6.96 -45.55
C CYS A 115 -5.32 -7.34 -45.32
N GLU A 116 -5.64 -8.63 -45.18
CA GLU A 116 -7.06 -8.96 -45.23
C GLU A 116 -7.55 -9.94 -44.18
N LYS A 117 -6.85 -11.06 -43.99
CA LYS A 117 -7.48 -12.17 -43.30
C LYS A 117 -6.58 -12.86 -42.28
N THR A 118 -5.27 -12.74 -42.41
CA THR A 118 -4.39 -13.30 -41.40
C THR A 118 -4.59 -12.66 -40.04
N ARG A 119 -5.38 -11.60 -39.95
CA ARG A 119 -5.87 -11.15 -38.65
C ARG A 119 -6.63 -12.25 -37.95
N LEU A 120 -7.47 -12.99 -38.69
CA LEU A 120 -8.14 -14.14 -38.12
C LEU A 120 -7.14 -15.21 -37.70
N ASP A 121 -6.07 -15.38 -38.47
CA ASP A 121 -5.02 -16.31 -38.08
C ASP A 121 -4.34 -15.85 -36.80
N LEU A 122 -4.10 -14.55 -36.68
CA LEU A 122 -3.50 -14.01 -35.46
C LEU A 122 -4.38 -14.28 -34.25
N ILE A 123 -5.64 -13.85 -34.32
CA ILE A 123 -6.56 -14.04 -33.20
C ILE A 123 -6.73 -15.52 -32.89
N ASP A 124 -6.71 -16.36 -33.93
CA ASP A 124 -6.74 -17.80 -33.70
C ASP A 124 -5.49 -18.25 -32.95
N LYS A 125 -4.33 -17.73 -33.36
CA LYS A 125 -3.08 -18.08 -32.69
C LYS A 125 -3.05 -17.50 -31.28
N LEU A 126 -3.40 -16.22 -31.15
CA LEU A 126 -3.45 -15.60 -29.83
C LEU A 126 -4.34 -16.38 -28.87
N TYR A 127 -5.39 -17.02 -29.40
CA TYR A 127 -6.28 -17.79 -28.53
C TYR A 127 -5.58 -19.03 -27.99
N ASN A 128 -4.72 -19.65 -28.80
CA ASN A 128 -4.03 -20.85 -28.33
C ASN A 128 -2.94 -20.53 -27.32
N LEU A 129 -2.41 -19.30 -27.35
CA LEU A 129 -1.42 -18.87 -26.38
C LEU A 129 -2.04 -18.14 -25.20
N ALA A 130 -3.36 -18.11 -25.11
CA ALA A 130 -4.04 -17.32 -24.08
C ALA A 130 -3.57 -17.60 -22.66
N PRO A 131 -3.49 -18.85 -22.18
CA PRO A 131 -3.08 -19.05 -20.78
C PRO A 131 -1.63 -18.70 -20.54
N ILE A 132 -0.77 -18.76 -21.55
CA ILE A 132 0.61 -18.32 -21.40
C ILE A 132 0.66 -16.81 -21.27
N ILE A 133 -0.05 -16.10 -22.14
CA ILE A 133 0.01 -14.64 -22.16
C ILE A 133 -0.51 -14.06 -20.86
N SER A 134 -1.71 -14.47 -20.45
CA SER A 134 -2.34 -13.94 -19.25
C SER A 134 -1.52 -14.21 -18.00
N ALA A 135 -0.52 -15.09 -18.07
CA ALA A 135 0.40 -15.30 -16.96
C ALA A 135 1.58 -14.34 -17.00
N LYS A 136 2.05 -14.00 -18.19
CA LYS A 136 3.27 -13.20 -18.32
C LYS A 136 3.01 -11.70 -18.33
N ILE A 137 1.84 -11.26 -18.80
CA ILE A 137 1.59 -9.82 -18.93
C ILE A 137 1.10 -9.16 -17.66
N ARG A 138 0.85 -9.93 -16.60
CA ARG A 138 0.27 -9.34 -15.39
C ARG A 138 1.12 -8.20 -14.87
N THR A 139 2.42 -8.45 -14.67
CA THR A 139 3.29 -7.40 -14.15
C THR A 139 3.50 -6.29 -15.17
N TYR A 140 3.45 -6.61 -16.45
CA TYR A 140 3.66 -5.60 -17.48
C TYR A 140 2.48 -4.65 -17.57
N LEU A 141 1.27 -5.19 -17.71
CA LEU A 141 0.09 -4.33 -17.76
C LEU A 141 -0.11 -3.59 -16.46
N LEU A 142 0.33 -4.16 -15.35
CA LEU A 142 0.22 -3.45 -14.09
C LEU A 142 1.22 -2.31 -14.01
N ALA A 143 2.35 -2.43 -14.70
CA ALA A 143 3.30 -1.33 -14.78
C ALA A 143 2.75 -0.22 -15.68
N ILE A 144 2.20 -0.59 -16.84
CA ILE A 144 1.53 0.37 -17.70
C ILE A 144 0.45 1.11 -16.94
N LYS A 145 -0.28 0.40 -16.07
CA LYS A 145 -1.36 1.03 -15.33
C LYS A 145 -0.85 2.09 -14.39
N ARG A 146 0.38 1.94 -13.91
CA ARG A 146 0.92 2.88 -12.94
C ARG A 146 1.65 4.04 -13.59
N LEU A 147 2.32 3.81 -14.72
CA LEU A 147 2.84 4.93 -15.50
C LEU A 147 1.70 5.80 -16.00
N SER A 148 0.60 5.19 -16.42
CA SER A 148 -0.55 5.95 -16.88
C SER A 148 -1.08 6.85 -15.78
N GLU A 149 -1.31 6.28 -14.60
CA GLU A 149 -1.84 7.08 -13.50
C GLU A 149 -0.85 8.12 -13.00
N ALA A 150 0.42 7.99 -13.35
CA ALA A 150 1.44 8.92 -12.89
C ALA A 150 1.73 10.01 -13.91
N LEU A 151 1.93 9.63 -15.17
CA LEU A 151 2.36 10.57 -16.19
C LEU A 151 1.19 11.28 -16.86
N ILE A 152 -0.02 10.78 -16.72
CA ILE A 152 -1.20 11.36 -17.35
C ILE A 152 -2.12 11.85 -16.26
N GLU A 153 -2.43 13.14 -16.29
CA GLU A 153 -3.37 13.71 -15.33
C GLU A 153 -4.77 13.19 -15.58
N ALA A 154 -5.62 13.30 -14.57
CA ALA A 154 -7.00 12.85 -14.69
C ALA A 154 -7.80 13.88 -15.49
N ARG A 155 -9.08 13.56 -15.71
CA ARG A 155 -9.95 14.47 -16.43
C ARG A 155 -10.86 15.22 -15.47
N LEU B 2 30.13 3.60 7.19
CA LEU B 2 29.92 4.17 5.88
C LEU B 2 28.75 5.15 5.88
N TYR B 3 27.57 4.66 6.25
CA TYR B 3 26.36 5.48 6.26
C TYR B 3 26.13 6.14 7.60
N GLU B 4 27.14 6.82 8.12
CA GLU B 4 26.99 7.51 9.39
C GLU B 4 26.29 8.85 9.22
N GLU B 5 26.41 9.46 8.05
CA GLU B 5 25.77 10.73 7.75
C GLU B 5 24.39 10.54 7.14
N ASP B 6 23.89 9.30 7.08
CA ASP B 6 22.55 9.06 6.60
C ASP B 6 21.52 9.19 7.70
N TYR B 7 21.90 8.96 8.95
CA TYR B 7 21.02 9.29 10.06
C TYR B 7 20.88 10.79 10.21
N LYS B 8 21.88 11.54 9.77
CA LYS B 8 21.76 12.98 9.73
C LYS B 8 20.80 13.40 8.63
N LEU B 9 21.06 12.95 7.40
CA LEU B 9 20.20 13.25 6.26
C LEU B 9 18.74 12.91 6.55
N ALA B 10 18.50 11.76 7.17
CA ALA B 10 17.14 11.38 7.53
C ALA B 10 16.48 12.37 8.46
N LEU B 11 17.26 13.17 9.19
CA LEU B 11 16.68 14.13 10.11
C LEU B 11 16.31 15.44 9.43
N GLU B 12 17.07 15.87 8.43
CA GLU B 12 16.67 17.09 7.72
C GLU B 12 15.56 16.81 6.72
N ALA B 13 15.60 15.65 6.07
CA ALA B 13 14.53 15.30 5.14
C ALA B 13 13.20 15.11 5.87
N PHE B 14 13.23 14.46 7.02
CA PHE B 14 12.01 14.25 7.78
C PHE B 14 11.44 15.57 8.28
N LYS B 15 12.30 16.42 8.85
CA LYS B 15 11.83 17.70 9.38
C LYS B 15 11.21 18.57 8.29
N LYS B 16 11.61 18.39 7.03
CA LYS B 16 10.95 19.08 5.94
C LYS B 16 9.57 18.49 5.70
N VAL B 17 9.50 17.19 5.48
CA VAL B 17 8.21 16.53 5.27
C VAL B 17 7.30 16.72 6.47
N PHE B 18 7.87 16.71 7.67
CA PHE B 18 7.04 16.84 8.87
C PHE B 18 6.34 18.19 8.92
N ASN B 19 6.91 19.22 8.30
CA ASN B 19 6.33 20.54 8.34
C ASN B 19 5.44 20.85 7.14
N ALA B 20 5.74 20.29 5.97
CA ALA B 20 4.85 20.46 4.82
C ALA B 20 3.75 19.39 4.82
N LEU B 21 3.13 19.20 5.97
CA LEU B 21 2.04 18.24 6.14
C LEU B 21 0.99 18.80 7.08
N THR B 22 0.60 20.06 6.85
CA THR B 22 -0.25 20.81 7.76
C THR B 22 -1.38 19.99 8.36
N HIS B 23 -2.16 19.32 7.52
CA HIS B 23 -3.28 18.52 8.02
C HIS B 23 -2.77 17.35 8.84
N TYR B 24 -3.43 17.11 9.96
CA TYR B 24 -3.00 16.05 10.87
C TYR B 24 -3.17 14.67 10.24
N GLY B 25 -4.28 14.46 9.54
CA GLY B 25 -4.49 13.20 8.85
C GLY B 25 -3.52 12.92 7.73
N ALA B 26 -2.74 13.93 7.33
CA ALA B 26 -1.70 13.70 6.34
C ALA B 26 -0.41 13.21 6.99
N LYS B 27 -0.12 13.67 8.19
CA LYS B 27 0.99 13.10 8.95
C LYS B 27 0.76 11.62 9.21
N GLN B 28 -0.41 11.30 9.78
CA GLN B 28 -0.76 9.91 10.01
C GLN B 28 -0.67 9.10 8.72
N ALA B 29 -1.10 9.69 7.61
CA ALA B 29 -0.99 8.99 6.34
C ALA B 29 0.46 8.83 5.92
N PHE B 30 1.34 9.75 6.33
CA PHE B 30 2.76 9.57 6.02
C PHE B 30 3.37 8.48 6.87
N ARG B 31 3.05 8.46 8.17
CA ARG B 31 3.48 7.38 9.03
C ARG B 31 3.10 6.02 8.46
N SER B 32 1.99 5.95 7.75
CA SER B 32 1.60 4.69 7.10
C SER B 32 2.50 4.39 5.92
N ARG B 33 2.99 5.41 5.23
CA ARG B 33 3.86 5.18 4.08
C ARG B 33 5.26 4.80 4.52
N ALA B 34 5.76 5.41 5.59
CA ALA B 34 7.11 5.13 6.04
C ALA B 34 7.26 3.67 6.45
N ARG B 35 6.26 3.13 7.14
CA ARG B 35 6.29 1.73 7.52
C ARG B 35 6.19 0.83 6.29
N ASP B 36 5.20 1.07 5.45
CA ASP B 36 4.88 0.11 4.40
C ASP B 36 5.84 0.22 3.23
N LEU B 37 6.06 1.42 2.72
CA LEU B 37 6.83 1.57 1.48
C LEU B 37 8.25 1.07 1.64
N VAL B 38 8.80 1.11 2.85
CA VAL B 38 10.17 0.64 3.04
C VAL B 38 10.24 -0.88 2.91
N GLU B 39 9.14 -1.57 3.19
CA GLU B 39 9.15 -3.02 3.17
C GLU B 39 8.76 -3.61 1.82
N GLU B 40 8.26 -2.81 0.89
CA GLU B 40 8.09 -3.30 -0.47
C GLU B 40 9.32 -3.07 -1.33
N ILE B 41 10.12 -2.05 -1.00
CA ILE B 41 11.32 -1.79 -1.78
C ILE B 41 12.29 -2.96 -1.69
N TYR B 42 12.23 -3.71 -0.58
CA TYR B 42 13.17 -4.79 -0.36
C TYR B 42 12.54 -6.17 -0.47
N ASN B 43 11.24 -6.24 -0.75
CA ASN B 43 10.58 -7.47 -1.14
C ASN B 43 10.13 -7.45 -2.59
N SER B 44 9.49 -6.38 -3.02
CA SER B 44 9.04 -6.26 -4.40
C SER B 44 10.08 -5.62 -5.31
N GLY B 45 11.04 -4.90 -4.77
CA GLY B 45 12.03 -4.21 -5.56
C GLY B 45 11.84 -2.70 -5.51
N PHE B 46 12.86 -2.00 -5.97
CA PHE B 46 12.83 -0.54 -5.87
C PHE B 46 11.88 0.07 -6.89
N ILE B 47 12.10 -0.20 -8.17
CA ILE B 47 11.29 0.46 -9.20
C ILE B 47 9.86 -0.08 -9.22
N PRO B 48 9.58 -1.36 -8.94
CA PRO B 48 8.17 -1.74 -8.78
C PRO B 48 7.48 -0.94 -7.70
N THR B 49 8.18 -0.61 -6.63
CA THR B 49 7.62 0.25 -5.60
C THR B 49 7.67 1.71 -6.00
N PHE B 50 8.65 2.10 -6.80
CA PHE B 50 8.71 3.48 -7.28
C PHE B 50 7.53 3.77 -8.20
N PHE B 51 7.24 2.85 -9.14
CA PHE B 51 6.07 3.00 -9.98
C PHE B 51 4.81 3.14 -9.13
N TYR B 52 4.68 2.28 -8.13
CA TYR B 52 3.52 2.36 -7.24
C TYR B 52 3.47 3.70 -6.51
N ILE B 53 4.62 4.27 -6.19
CA ILE B 53 4.63 5.53 -5.45
C ILE B 53 4.15 6.67 -6.32
N ILE B 54 4.71 6.79 -7.52
CA ILE B 54 4.35 7.91 -8.39
C ILE B 54 2.91 7.78 -8.86
N SER B 55 2.45 6.55 -9.10
CA SER B 55 1.07 6.35 -9.55
C SER B 55 0.08 6.82 -8.50
N LYS B 56 0.40 6.63 -7.22
CA LYS B 56 -0.44 7.11 -6.15
C LYS B 56 -0.13 8.54 -5.75
N ALA B 57 1.00 9.09 -6.23
CA ALA B 57 1.38 10.45 -5.84
C ALA B 57 0.57 11.49 -6.57
N GLU B 58 0.11 11.19 -7.78
CA GLU B 58 -0.71 12.09 -8.59
C GLU B 58 0.02 13.42 -8.81
N LEU B 59 1.08 13.31 -9.62
CA LEU B 59 1.97 14.42 -9.93
C LEU B 59 1.29 15.38 -10.90
N ASN B 60 2.09 16.24 -11.53
CA ASN B 60 1.62 17.14 -12.58
C ASN B 60 0.62 18.14 -12.02
N SER B 61 1.10 18.94 -11.08
CA SER B 61 0.26 19.97 -10.46
C SER B 61 1.19 21.03 -9.88
N ASP B 62 0.62 21.91 -9.06
CA ASP B 62 1.44 22.73 -8.18
C ASP B 62 2.18 21.88 -7.16
N SER B 63 1.65 20.69 -6.86
CA SER B 63 2.36 19.75 -5.98
C SER B 63 3.73 19.43 -6.54
N LEU B 64 3.79 19.01 -7.81
CA LEU B 64 5.06 18.67 -8.44
C LEU B 64 6.04 19.82 -8.40
N ASP B 65 5.55 21.06 -8.31
CA ASP B 65 6.45 22.19 -8.12
C ASP B 65 6.65 22.55 -6.67
N SER B 66 5.74 22.16 -5.78
CA SER B 66 6.00 22.33 -4.36
C SER B 66 7.14 21.43 -3.91
N LEU B 67 7.29 20.27 -4.53
CA LEU B 67 8.45 19.42 -4.28
C LEU B 67 9.75 20.16 -4.60
N ILE B 68 9.82 20.74 -5.80
CA ILE B 68 11.03 21.47 -6.21
C ILE B 68 11.39 22.53 -5.18
N SER B 69 10.38 23.19 -4.60
CA SER B 69 10.66 24.19 -3.58
C SER B 69 11.17 23.55 -2.31
N LEU B 70 10.62 22.39 -1.93
CA LEU B 70 11.03 21.74 -0.69
C LEU B 70 12.51 21.39 -0.70
N PHE B 71 13.08 21.15 -1.89
CA PHE B 71 14.51 20.85 -1.95
C PHE B 71 15.34 21.96 -1.33
N SER B 72 14.90 23.21 -1.46
CA SER B 72 15.61 24.34 -0.88
C SER B 72 14.79 25.08 0.16
N SER B 73 13.56 25.47 -0.16
CA SER B 73 12.77 26.26 0.77
C SER B 73 12.33 25.42 1.97
N ASP B 74 11.90 26.11 3.01
CA ASP B 74 11.34 25.48 4.21
C ASP B 74 9.94 25.99 4.51
N ASN B 75 9.35 26.77 3.61
CA ASN B 75 7.99 27.26 3.77
C ASN B 75 7.02 26.58 2.81
N ALA B 76 7.49 25.66 1.98
CA ALA B 76 6.63 24.96 1.04
C ALA B 76 5.64 24.07 1.77
N ILE B 77 4.54 23.77 1.10
CA ILE B 77 3.46 22.97 1.65
C ILE B 77 2.97 22.00 0.58
N LEU B 78 2.56 20.82 1.02
CA LEU B 78 1.99 19.81 0.13
C LEU B 78 0.47 19.81 0.30
N ARG B 79 -0.24 20.18 -0.75
CA ARG B 79 -1.70 20.21 -0.74
C ARG B 79 -2.24 19.15 -1.69
N GLY B 80 -3.32 18.52 -1.28
CA GLY B 80 -3.93 17.45 -2.07
C GLY B 80 -4.60 16.47 -1.14
N SER B 81 -5.03 15.35 -1.73
CA SER B 81 -5.62 14.27 -0.96
C SER B 81 -4.65 13.81 0.13
N ASP B 82 -5.21 13.46 1.29
CA ASP B 82 -4.38 12.93 2.37
C ASP B 82 -3.55 11.75 1.90
N GLU B 83 -4.12 10.93 1.02
CA GLU B 83 -3.36 9.83 0.43
C GLU B 83 -2.39 10.33 -0.64
N ASN B 84 -2.61 11.52 -1.18
CA ASN B 84 -1.72 12.05 -2.20
C ASN B 84 -0.52 12.75 -1.59
N VAL B 85 -0.75 13.67 -0.65
CA VAL B 85 0.34 14.37 0.00
C VAL B 85 1.29 13.38 0.66
N SER B 86 0.74 12.32 1.26
CA SER B 86 1.57 11.33 1.93
C SER B 86 2.43 10.57 0.94
N TYR B 87 1.84 10.10 -0.15
CA TYR B 87 2.63 9.37 -1.15
C TYR B 87 3.62 10.29 -1.84
N SER B 88 3.24 11.54 -2.06
CA SER B 88 4.16 12.48 -2.68
C SER B 88 5.25 12.94 -1.72
N ALA B 89 4.92 13.06 -0.43
CA ALA B 89 5.94 13.38 0.56
C ALA B 89 6.99 12.28 0.65
N TYR B 90 6.59 11.03 0.42
CA TYR B 90 7.56 9.96 0.42
C TYR B 90 8.38 9.95 -0.86
N LEU B 91 7.81 10.44 -1.96
CA LEU B 91 8.59 10.59 -3.18
C LEU B 91 9.68 11.63 -2.98
N PHE B 92 9.38 12.68 -2.23
CA PHE B 92 10.41 13.64 -1.84
C PHE B 92 11.53 12.95 -1.08
N ILE B 93 11.16 12.17 -0.06
CA ILE B 93 12.13 11.46 0.77
C ILE B 93 13.10 10.66 -0.09
N ILE B 94 12.57 9.93 -1.06
CA ILE B 94 13.42 9.13 -1.93
C ILE B 94 14.27 10.03 -2.82
N LEU B 95 13.67 11.07 -3.38
CA LEU B 95 14.42 11.94 -4.28
C LEU B 95 15.41 12.81 -3.53
N TYR B 96 15.03 13.28 -2.34
CA TYR B 96 15.95 14.06 -1.52
C TYR B 96 17.25 13.32 -1.26
N TYR B 97 17.20 11.98 -1.23
CA TYR B 97 18.42 11.22 -1.01
C TYR B 97 19.25 11.11 -2.28
N LEU B 98 18.61 10.84 -3.41
CA LEU B 98 19.35 10.75 -4.66
C LEU B 98 20.05 12.05 -5.01
N ILE B 99 19.57 13.16 -4.48
CA ILE B 99 20.22 14.46 -4.70
C ILE B 99 21.41 14.61 -3.78
N LYS B 100 21.17 14.53 -2.47
CA LYS B 100 22.22 14.80 -1.49
C LYS B 100 23.37 13.81 -1.56
N ARG B 101 23.16 12.65 -2.16
CA ARG B 101 24.21 11.65 -2.27
C ARG B 101 24.80 11.57 -3.68
N GLY B 102 24.40 12.46 -4.57
CA GLY B 102 25.00 12.48 -5.89
C GLY B 102 24.78 11.25 -6.71
N ILE B 103 23.74 10.47 -6.41
CA ILE B 103 23.40 9.34 -7.27
C ILE B 103 22.73 9.84 -8.54
N ILE B 104 21.88 10.86 -8.41
CA ILE B 104 21.26 11.53 -9.54
C ILE B 104 21.64 13.00 -9.45
N GLU B 105 22.04 13.57 -10.58
CA GLU B 105 22.43 14.98 -10.60
C GLU B 105 21.26 15.86 -10.24
N GLN B 106 21.48 16.80 -9.32
CA GLN B 106 20.39 17.63 -8.83
C GLN B 106 19.79 18.49 -9.93
N LYS B 107 20.63 18.95 -10.86
CA LYS B 107 20.13 19.79 -11.93
C LYS B 107 19.24 19.00 -12.89
N PHE B 108 19.66 17.77 -13.21
CA PHE B 108 18.81 16.89 -14.02
C PHE B 108 17.46 16.66 -13.35
N LEU B 109 17.49 16.27 -12.07
CA LEU B 109 16.25 15.90 -11.39
C LEU B 109 15.31 17.09 -11.27
N ILE B 110 15.85 18.28 -11.04
CA ILE B 110 14.98 19.43 -10.85
C ILE B 110 14.34 19.86 -12.16
N GLN B 111 15.06 19.74 -13.28
CA GLN B 111 14.46 20.05 -14.56
C GLN B 111 13.69 18.88 -15.15
N ALA B 112 13.95 17.66 -14.70
CA ALA B 112 13.10 16.54 -15.08
C ALA B 112 11.79 16.54 -14.33
N LEU B 113 11.70 17.24 -13.21
CA LEU B 113 10.46 17.38 -12.47
C LEU B 113 9.61 18.53 -13.00
N ARG B 114 10.10 19.28 -13.97
CA ARG B 114 9.31 20.30 -14.65
C ARG B 114 8.96 19.91 -16.07
N CYS B 115 9.95 19.53 -16.87
CA CYS B 115 9.71 19.24 -18.27
C CYS B 115 9.04 17.87 -18.36
N GLU B 116 7.78 17.87 -18.82
CA GLU B 116 7.01 16.63 -18.92
C GLU B 116 7.75 15.60 -19.77
N LYS B 117 8.41 16.04 -20.83
CA LYS B 117 9.09 15.11 -21.73
C LYS B 117 10.25 14.41 -21.05
N THR B 118 10.80 14.98 -20.00
CA THR B 118 11.99 14.43 -19.36
C THR B 118 11.69 13.45 -18.23
N ARG B 119 10.47 13.49 -17.67
CA ARG B 119 10.16 12.59 -16.57
C ARG B 119 10.37 11.14 -16.96
N LEU B 120 10.02 10.78 -18.19
CA LEU B 120 10.29 9.42 -18.66
C LEU B 120 11.78 9.11 -18.64
N ASP B 121 12.62 10.12 -18.87
CA ASP B 121 14.06 9.90 -18.80
C ASP B 121 14.53 9.78 -17.36
N LEU B 122 13.83 10.40 -16.42
CA LEU B 122 14.13 10.19 -15.02
C LEU B 122 13.84 8.75 -14.61
N ILE B 123 12.63 8.27 -14.90
CA ILE B 123 12.29 6.88 -14.61
C ILE B 123 13.23 5.94 -15.35
N ASP B 124 13.70 6.34 -16.53
CA ASP B 124 14.64 5.51 -17.27
C ASP B 124 16.01 5.52 -16.61
N LYS B 125 16.38 6.63 -15.98
CA LYS B 125 17.66 6.67 -15.27
C LYS B 125 17.61 5.84 -14.01
N LEU B 126 16.51 5.95 -13.25
CA LEU B 126 16.38 5.20 -12.01
C LEU B 126 16.36 3.70 -12.25
N TYR B 127 15.92 3.27 -13.43
CA TYR B 127 15.88 1.84 -13.70
C TYR B 127 17.28 1.24 -13.72
N ASN B 128 18.25 1.97 -14.26
CA ASN B 128 19.61 1.46 -14.30
C ASN B 128 20.31 1.64 -12.97
N LEU B 129 19.94 2.66 -12.21
CA LEU B 129 20.44 2.86 -10.86
C LEU B 129 19.62 2.12 -9.82
N ALA B 130 18.75 1.20 -10.24
CA ALA B 130 17.92 0.48 -9.28
C ALA B 130 18.73 -0.36 -8.31
N PRO B 131 19.71 -1.16 -8.74
CA PRO B 131 20.47 -1.93 -7.75
C PRO B 131 21.32 -1.06 -6.85
N ILE B 132 21.98 -0.04 -7.40
CA ILE B 132 22.83 0.81 -6.58
C ILE B 132 22.00 1.56 -5.55
N ILE B 133 20.87 2.12 -5.97
CA ILE B 133 20.06 2.93 -5.07
C ILE B 133 19.55 2.10 -3.90
N SER B 134 18.91 0.98 -4.21
CA SER B 134 18.28 0.15 -3.18
C SER B 134 19.25 -0.21 -2.07
N ALA B 135 20.54 -0.34 -2.40
CA ALA B 135 21.53 -0.66 -1.38
C ALA B 135 21.77 0.52 -0.45
N LYS B 136 21.86 1.72 -1.00
CA LYS B 136 22.27 2.87 -0.20
C LYS B 136 21.13 3.45 0.64
N ILE B 137 19.91 3.49 0.08
CA ILE B 137 18.81 4.11 0.80
C ILE B 137 18.36 3.33 2.01
N ARG B 138 18.80 2.08 2.16
CA ARG B 138 18.27 1.20 3.18
C ARG B 138 18.42 1.81 4.58
N THR B 139 19.65 2.14 4.96
CA THR B 139 19.87 2.78 6.25
C THR B 139 19.08 4.08 6.34
N TYR B 140 18.99 4.82 5.24
CA TYR B 140 18.28 6.09 5.25
C TYR B 140 16.78 5.89 5.41
N LEU B 141 16.19 5.00 4.61
CA LEU B 141 14.76 4.77 4.71
C LEU B 141 14.38 4.13 6.03
N LEU B 142 15.17 3.15 6.48
CA LEU B 142 14.91 2.54 7.77
C LEU B 142 14.90 3.57 8.89
N ALA B 143 15.75 4.58 8.79
CA ALA B 143 15.74 5.65 9.78
C ALA B 143 14.49 6.49 9.66
N ILE B 144 14.06 6.78 8.43
CA ILE B 144 12.81 7.51 8.23
C ILE B 144 11.64 6.75 8.82
N LYS B 145 11.65 5.42 8.67
CA LYS B 145 10.61 4.61 9.28
C LYS B 145 10.60 4.75 10.78
N ARG B 146 11.77 4.78 11.41
CA ARG B 146 11.82 4.90 12.86
C ARG B 146 11.40 6.28 13.32
N LEU B 147 11.81 7.32 12.60
CA LEU B 147 11.44 8.68 12.99
C LEU B 147 9.94 8.89 12.88
N SER B 148 9.31 8.29 11.87
CA SER B 148 7.87 8.40 11.70
C SER B 148 7.14 7.83 12.90
N GLU B 149 7.44 6.57 13.24
CA GLU B 149 6.77 5.93 14.36
C GLU B 149 6.98 6.68 15.67
N ALA B 150 8.06 7.45 15.77
CA ALA B 150 8.37 8.16 17.00
C ALA B 150 7.78 9.56 17.02
N LEU B 151 7.97 10.33 15.95
CA LEU B 151 7.59 11.73 15.95
C LEU B 151 6.13 11.95 15.54
N ILE B 152 5.63 11.16 14.60
CA ILE B 152 4.25 11.30 14.14
C ILE B 152 3.36 10.54 15.13
N GLU B 153 2.65 11.28 15.97
CA GLU B 153 1.82 10.72 17.02
C GLU B 153 0.37 11.04 16.77
N ALA B 154 -0.51 10.20 17.31
CA ALA B 154 -1.93 10.49 17.33
C ALA B 154 -2.24 11.48 18.44
N ARG B 155 -3.17 12.38 18.18
CA ARG B 155 -3.53 13.41 19.17
C ARG B 155 -4.17 12.80 20.41
N LEU C 2 -13.73 -32.86 -27.90
CA LEU C 2 -13.48 -32.07 -26.70
C LEU C 2 -14.68 -31.19 -26.35
N TYR C 3 -14.42 -29.91 -26.15
CA TYR C 3 -15.49 -28.93 -25.93
C TYR C 3 -14.90 -27.55 -26.18
N GLU C 4 -15.47 -26.81 -27.11
CA GLU C 4 -14.97 -25.48 -27.46
C GLU C 4 -15.72 -24.43 -26.65
N GLU C 5 -14.97 -23.52 -26.04
CA GLU C 5 -15.60 -22.39 -25.38
C GLU C 5 -16.23 -21.49 -26.42
N ASP C 6 -17.16 -20.64 -25.96
CA ASP C 6 -17.94 -19.82 -26.87
C ASP C 6 -17.06 -18.90 -27.70
N TYR C 7 -15.91 -18.49 -27.18
CA TYR C 7 -15.03 -17.63 -27.96
C TYR C 7 -14.25 -18.42 -29.00
N LYS C 8 -14.00 -19.70 -28.74
CA LYS C 8 -13.39 -20.54 -29.77
C LYS C 8 -14.44 -20.98 -30.77
N LEU C 9 -15.68 -21.22 -30.30
CA LEU C 9 -16.76 -21.55 -31.22
C LEU C 9 -17.12 -20.37 -32.08
N ALA C 10 -16.89 -19.14 -31.59
CA ALA C 10 -17.20 -17.95 -32.37
C ALA C 10 -16.17 -17.69 -33.44
N LEU C 11 -14.88 -17.89 -33.12
CA LEU C 11 -13.85 -17.74 -34.12
C LEU C 11 -14.05 -18.73 -35.27
N GLU C 12 -14.36 -19.98 -34.93
CA GLU C 12 -14.59 -20.98 -35.95
C GLU C 12 -15.75 -20.60 -36.85
N ALA C 13 -16.87 -20.21 -36.25
CA ALA C 13 -18.04 -19.82 -37.04
C ALA C 13 -17.80 -18.55 -37.82
N PHE C 14 -16.95 -17.66 -37.32
CA PHE C 14 -16.72 -16.40 -38.01
C PHE C 14 -15.86 -16.57 -39.25
N LYS C 15 -14.78 -17.34 -39.15
CA LYS C 15 -13.89 -17.49 -40.29
C LYS C 15 -14.51 -18.33 -41.40
N LYS C 16 -15.64 -18.98 -41.15
CA LYS C 16 -16.38 -19.60 -42.24
C LYS C 16 -17.26 -18.57 -42.94
N VAL C 17 -18.04 -17.82 -42.16
CA VAL C 17 -18.88 -16.77 -42.72
C VAL C 17 -18.03 -15.71 -43.39
N PHE C 18 -17.04 -15.19 -42.68
CA PHE C 18 -16.25 -14.07 -43.18
C PHE C 18 -15.58 -14.39 -44.51
N ASN C 19 -15.32 -15.67 -44.78
CA ASN C 19 -14.78 -16.08 -46.06
C ASN C 19 -15.87 -16.35 -47.09
N ALA C 20 -17.03 -16.83 -46.66
CA ALA C 20 -18.11 -17.07 -47.61
C ALA C 20 -18.65 -15.76 -48.16
N LEU C 21 -18.76 -14.74 -47.33
CA LEU C 21 -19.11 -13.41 -47.83
C LEU C 21 -17.99 -12.90 -48.72
N THR C 22 -18.37 -12.37 -49.89
CA THR C 22 -17.38 -11.89 -50.85
C THR C 22 -17.45 -10.38 -51.03
N HIS C 23 -18.61 -9.85 -51.38
CA HIS C 23 -18.74 -8.42 -51.54
C HIS C 23 -18.61 -7.74 -50.18
N TYR C 24 -17.80 -6.69 -50.11
CA TYR C 24 -17.63 -5.99 -48.85
C TYR C 24 -18.95 -5.35 -48.40
N GLY C 25 -19.83 -5.02 -49.34
CA GLY C 25 -21.15 -4.55 -48.96
C GLY C 25 -21.94 -5.61 -48.23
N ALA C 26 -21.70 -6.88 -48.54
CA ALA C 26 -22.35 -7.96 -47.79
C ALA C 26 -21.77 -8.07 -46.39
N LYS C 27 -20.48 -7.82 -46.23
CA LYS C 27 -19.87 -7.90 -44.91
C LYS C 27 -20.29 -6.73 -44.05
N GLN C 28 -20.40 -5.53 -44.63
CA GLN C 28 -20.84 -4.39 -43.85
C GLN C 28 -22.27 -4.57 -43.37
N ALA C 29 -23.09 -5.27 -44.14
CA ALA C 29 -24.44 -5.60 -43.67
C ALA C 29 -24.36 -6.56 -42.50
N PHE C 30 -23.61 -7.65 -42.66
CA PHE C 30 -23.43 -8.60 -41.57
C PHE C 30 -22.90 -7.92 -40.32
N ARG C 31 -22.11 -6.86 -40.47
CA ARG C 31 -21.69 -6.11 -39.30
C ARG C 31 -22.88 -5.45 -38.62
N SER C 32 -23.87 -5.00 -39.40
CA SER C 32 -25.06 -4.42 -38.79
C SER C 32 -25.92 -5.49 -38.15
N ARG C 33 -26.00 -6.67 -38.77
CA ARG C 33 -26.76 -7.76 -38.18
C ARG C 33 -26.21 -8.11 -36.80
N ALA C 34 -24.94 -8.47 -36.74
CA ALA C 34 -24.35 -8.92 -35.48
C ALA C 34 -24.48 -7.88 -34.38
N ARG C 35 -24.51 -6.59 -34.73
CA ARG C 35 -24.55 -5.56 -33.71
C ARG C 35 -25.92 -5.49 -33.03
N ASP C 36 -27.00 -5.55 -33.80
CA ASP C 36 -28.33 -5.35 -33.24
C ASP C 36 -29.16 -6.62 -33.15
N LEU C 37 -28.78 -7.70 -33.82
CA LEU C 37 -29.54 -8.93 -33.66
C LEU C 37 -29.27 -9.59 -32.31
N VAL C 38 -28.16 -9.24 -31.66
CA VAL C 38 -27.92 -9.76 -30.32
C VAL C 38 -28.72 -8.98 -29.29
N GLU C 39 -29.02 -7.72 -29.57
CA GLU C 39 -29.89 -6.94 -28.70
C GLU C 39 -31.35 -7.27 -28.90
N GLU C 40 -31.71 -7.78 -30.08
CA GLU C 40 -33.09 -8.14 -30.35
C GLU C 40 -33.44 -9.47 -29.72
N ILE C 41 -32.48 -10.39 -29.62
CA ILE C 41 -32.73 -11.67 -28.99
C ILE C 41 -33.09 -11.51 -27.54
N TYR C 42 -32.53 -10.51 -26.87
CA TYR C 42 -32.91 -10.27 -25.49
C TYR C 42 -34.30 -9.65 -25.39
N ASN C 43 -34.59 -8.68 -26.24
CA ASN C 43 -35.82 -7.92 -26.09
C ASN C 43 -37.04 -8.71 -26.54
N SER C 44 -36.89 -9.60 -27.51
CA SER C 44 -38.02 -10.36 -28.04
C SER C 44 -37.78 -11.86 -27.99
N GLY C 45 -36.91 -12.32 -27.11
CA GLY C 45 -36.70 -13.75 -26.96
C GLY C 45 -35.91 -14.36 -28.09
N PHE C 46 -35.41 -15.57 -27.89
CA PHE C 46 -34.62 -16.21 -28.93
C PHE C 46 -35.50 -16.77 -30.04
N ILE C 47 -36.64 -17.37 -29.69
CA ILE C 47 -37.45 -18.08 -30.65
C ILE C 47 -38.12 -17.12 -31.63
N PRO C 48 -38.74 -16.03 -31.19
CA PRO C 48 -39.26 -15.07 -32.18
C PRO C 48 -38.18 -14.50 -33.08
N THR C 49 -37.04 -14.12 -32.52
CA THR C 49 -35.97 -13.56 -33.33
C THR C 49 -35.35 -14.59 -34.25
N PHE C 50 -35.37 -15.86 -33.86
CA PHE C 50 -34.75 -16.89 -34.68
C PHE C 50 -35.48 -17.06 -36.00
N PHE C 51 -36.81 -17.05 -35.98
CA PHE C 51 -37.56 -17.24 -37.21
C PHE C 51 -37.65 -15.95 -38.01
N TYR C 52 -37.55 -14.81 -37.33
CA TYR C 52 -37.36 -13.55 -38.02
C TYR C 52 -36.16 -13.61 -38.94
N ILE C 53 -35.06 -14.18 -38.46
CA ILE C 53 -33.84 -14.27 -39.26
C ILE C 53 -34.05 -15.19 -40.45
N ILE C 54 -34.72 -16.32 -40.25
CA ILE C 54 -34.94 -17.24 -41.35
C ILE C 54 -35.81 -16.61 -42.42
N SER C 55 -36.74 -15.75 -42.03
CA SER C 55 -37.58 -15.09 -43.03
C SER C 55 -36.80 -14.01 -43.77
N LYS C 56 -36.11 -13.13 -43.03
CA LYS C 56 -35.32 -12.10 -43.68
C LYS C 56 -34.20 -12.70 -44.52
N ALA C 57 -33.76 -13.91 -44.20
CA ALA C 57 -32.77 -14.56 -45.03
C ALA C 57 -33.31 -14.89 -46.42
N GLU C 58 -34.62 -14.99 -46.57
CA GLU C 58 -35.27 -15.36 -47.83
C GLU C 58 -34.60 -16.61 -48.40
N LEU C 59 -34.74 -17.71 -47.68
CA LEU C 59 -34.02 -18.93 -48.03
C LEU C 59 -34.62 -19.50 -49.30
N ASN C 60 -34.05 -19.11 -50.44
CA ASN C 60 -34.38 -19.68 -51.72
C ASN C 60 -33.76 -21.08 -51.81
N SER C 61 -34.13 -21.81 -52.86
CA SER C 61 -33.62 -23.17 -53.04
C SER C 61 -32.11 -23.19 -53.15
N ASP C 62 -31.53 -22.19 -53.82
CA ASP C 62 -30.08 -22.12 -53.96
C ASP C 62 -29.41 -21.52 -52.73
N SER C 63 -29.99 -20.43 -52.20
CA SER C 63 -29.42 -19.81 -51.01
C SER C 63 -29.36 -20.80 -49.85
N LEU C 64 -30.46 -21.51 -49.62
CA LEU C 64 -30.44 -22.57 -48.62
C LEU C 64 -29.46 -23.66 -48.97
N ASP C 65 -29.28 -23.93 -50.26
CA ASP C 65 -28.32 -24.94 -50.69
C ASP C 65 -26.90 -24.52 -50.34
N SER C 66 -26.55 -23.26 -50.60
CA SER C 66 -25.21 -22.79 -50.28
C SER C 66 -24.97 -22.80 -48.79
N LEU C 67 -25.96 -22.38 -48.00
CA LEU C 67 -25.83 -22.37 -46.56
C LEU C 67 -25.51 -23.75 -46.02
N ILE C 68 -26.15 -24.79 -46.56
CA ILE C 68 -25.86 -26.14 -46.13
C ILE C 68 -24.45 -26.54 -46.51
N SER C 69 -24.00 -26.16 -47.72
CA SER C 69 -22.65 -26.47 -48.14
C SER C 69 -21.63 -25.85 -47.20
N LEU C 70 -21.95 -24.70 -46.61
CA LEU C 70 -20.98 -23.99 -45.78
C LEU C 70 -20.65 -24.77 -44.52
N PHE C 71 -21.58 -25.62 -44.07
CA PHE C 71 -21.33 -26.43 -42.87
C PHE C 71 -20.20 -27.43 -43.08
N SER C 72 -20.04 -27.90 -44.31
CA SER C 72 -19.07 -28.95 -44.60
C SER C 72 -17.94 -28.47 -45.49
N SER C 73 -18.25 -27.91 -46.65
CA SER C 73 -17.23 -27.50 -47.61
C SER C 73 -16.58 -26.20 -47.15
N ASP C 74 -15.68 -25.67 -47.96
CA ASP C 74 -15.05 -24.38 -47.67
C ASP C 74 -15.22 -23.45 -48.86
N ASN C 75 -15.33 -24.02 -50.06
CA ASN C 75 -15.59 -23.23 -51.25
C ASN C 75 -17.02 -22.69 -51.30
N ALA C 76 -17.87 -23.06 -50.34
CA ALA C 76 -19.23 -22.54 -50.32
C ALA C 76 -19.22 -21.04 -50.18
N ILE C 77 -20.07 -20.37 -50.96
CA ILE C 77 -20.13 -18.92 -51.01
C ILE C 77 -21.58 -18.50 -50.91
N LEU C 78 -21.90 -17.70 -49.90
CA LEU C 78 -23.23 -17.14 -49.76
C LEU C 78 -23.48 -16.13 -50.87
N ARG C 79 -24.47 -16.40 -51.72
CA ARG C 79 -24.77 -15.56 -52.87
C ARG C 79 -26.21 -15.08 -52.80
N GLY C 80 -26.41 -13.81 -53.10
CA GLY C 80 -27.73 -13.22 -53.08
C GLY C 80 -27.62 -11.71 -52.92
N SER C 81 -28.72 -11.10 -52.47
CA SER C 81 -28.68 -9.68 -52.15
C SER C 81 -27.82 -9.45 -50.92
N ASP C 82 -27.42 -8.19 -50.71
CA ASP C 82 -26.52 -7.89 -49.61
C ASP C 82 -27.22 -8.01 -48.26
N GLU C 83 -28.53 -7.75 -48.21
CA GLU C 83 -29.26 -7.94 -46.97
C GLU C 83 -29.77 -9.36 -46.80
N ASN C 84 -29.93 -10.10 -47.89
CA ASN C 84 -30.33 -11.49 -47.76
C ASN C 84 -29.18 -12.34 -47.21
N VAL C 85 -28.01 -12.23 -47.82
CA VAL C 85 -26.88 -13.07 -47.39
C VAL C 85 -26.42 -12.69 -46.00
N SER C 86 -26.59 -11.43 -45.59
CA SER C 86 -26.24 -11.05 -44.23
C SER C 86 -27.08 -11.82 -43.23
N TYR C 87 -28.41 -11.74 -43.38
CA TYR C 87 -29.29 -12.53 -42.53
C TYR C 87 -29.07 -14.02 -42.76
N SER C 88 -28.67 -14.41 -43.97
CA SER C 88 -28.35 -15.80 -44.21
C SER C 88 -27.06 -16.20 -43.49
N ALA C 89 -26.11 -15.27 -43.38
CA ALA C 89 -24.90 -15.55 -42.64
C ALA C 89 -25.16 -15.63 -41.15
N TYR C 90 -25.94 -14.68 -40.62
CA TYR C 90 -26.25 -14.72 -39.20
C TYR C 90 -27.13 -15.89 -38.82
N LEU C 91 -27.84 -16.46 -39.78
CA LEU C 91 -28.54 -17.71 -39.52
C LEU C 91 -27.56 -18.86 -39.35
N PHE C 92 -26.52 -18.89 -40.17
CA PHE C 92 -25.49 -19.91 -40.00
C PHE C 92 -24.80 -19.77 -38.65
N ILE C 93 -24.55 -18.54 -38.22
CA ILE C 93 -23.94 -18.31 -36.91
C ILE C 93 -24.78 -18.97 -35.82
N ILE C 94 -26.10 -18.78 -35.89
CA ILE C 94 -26.97 -19.36 -34.87
C ILE C 94 -27.05 -20.87 -35.03
N LEU C 95 -27.12 -21.35 -36.27
CA LEU C 95 -27.18 -22.79 -36.49
C LEU C 95 -25.88 -23.47 -36.08
N TYR C 96 -24.75 -22.82 -36.34
CA TYR C 96 -23.46 -23.40 -35.98
C TYR C 96 -23.35 -23.60 -34.47
N TYR C 97 -24.09 -22.82 -33.69
CA TYR C 97 -24.07 -22.99 -32.24
C TYR C 97 -24.98 -24.14 -31.81
N LEU C 98 -26.24 -24.12 -32.27
CA LEU C 98 -27.17 -25.18 -31.91
C LEU C 98 -26.64 -26.56 -32.30
N ILE C 99 -25.88 -26.63 -33.39
CA ILE C 99 -25.37 -27.91 -33.86
C ILE C 99 -24.18 -28.36 -33.03
N LYS C 100 -23.21 -27.47 -32.82
CA LYS C 100 -21.98 -27.85 -32.15
C LYS C 100 -22.19 -28.12 -30.67
N ARG C 101 -22.97 -27.26 -30.00
CA ARG C 101 -23.27 -27.51 -28.60
C ARG C 101 -24.15 -28.73 -28.39
N GLY C 102 -24.51 -29.43 -29.45
CA GLY C 102 -25.38 -30.59 -29.32
C GLY C 102 -26.76 -30.27 -28.81
N ILE C 103 -27.21 -29.03 -28.99
CA ILE C 103 -28.54 -28.66 -28.53
C ILE C 103 -29.61 -29.22 -29.45
N ILE C 104 -29.42 -29.07 -30.75
CA ILE C 104 -30.33 -29.59 -31.75
C ILE C 104 -29.51 -30.36 -32.78
N GLU C 105 -29.98 -31.54 -33.16
CA GLU C 105 -29.27 -32.35 -34.14
C GLU C 105 -29.25 -31.64 -35.48
N GLN C 106 -28.15 -31.81 -36.21
CA GLN C 106 -27.98 -31.11 -37.47
C GLN C 106 -29.00 -31.57 -38.50
N LYS C 107 -29.26 -32.88 -38.55
CA LYS C 107 -30.26 -33.40 -39.49
C LYS C 107 -31.61 -32.72 -39.28
N PHE C 108 -32.08 -32.69 -38.04
CA PHE C 108 -33.36 -32.06 -37.75
C PHE C 108 -33.36 -30.59 -38.14
N LEU C 109 -32.21 -29.92 -38.01
CA LEU C 109 -32.15 -28.50 -38.30
C LEU C 109 -32.25 -28.24 -39.80
N ILE C 110 -31.46 -28.96 -40.59
CA ILE C 110 -31.53 -28.79 -42.04
C ILE C 110 -32.89 -29.21 -42.56
N GLN C 111 -33.41 -30.33 -42.05
CA GLN C 111 -34.73 -30.78 -42.47
C GLN C 111 -35.81 -29.79 -42.06
N ALA C 112 -35.55 -28.95 -41.06
CA ALA C 112 -36.51 -27.93 -40.68
C ALA C 112 -36.50 -26.78 -41.68
N LEU C 113 -35.32 -26.22 -41.95
CA LEU C 113 -35.23 -25.12 -42.89
C LEU C 113 -35.63 -25.53 -44.29
N ARG C 114 -35.42 -26.79 -44.65
CA ARG C 114 -35.63 -27.23 -46.03
C ARG C 114 -37.11 -27.51 -46.28
N CYS C 115 -37.69 -28.43 -45.53
CA CYS C 115 -39.08 -28.83 -45.73
C CYS C 115 -39.98 -28.18 -44.70
N GLU C 116 -41.19 -27.83 -45.13
CA GLU C 116 -42.11 -27.05 -44.30
C GLU C 116 -42.73 -27.87 -43.18
N LYS C 117 -42.81 -29.19 -43.31
CA LYS C 117 -43.55 -29.99 -42.34
C LYS C 117 -42.81 -30.04 -41.00
N THR C 118 -41.51 -30.33 -41.04
CA THR C 118 -40.73 -30.37 -39.81
C THR C 118 -40.39 -28.98 -39.30
N ARG C 119 -40.70 -27.93 -40.05
CA ARG C 119 -40.47 -26.58 -39.55
C ARG C 119 -41.33 -26.30 -38.32
N LEU C 120 -42.58 -26.75 -38.32
CA LEU C 120 -43.43 -26.54 -37.17
C LEU C 120 -42.92 -27.34 -35.97
N ASP C 121 -42.40 -28.54 -36.24
CA ASP C 121 -41.84 -29.34 -35.15
C ASP C 121 -40.61 -28.67 -34.55
N LEU C 122 -39.87 -27.92 -35.36
CA LEU C 122 -38.75 -27.15 -34.84
C LEU C 122 -39.23 -26.09 -33.88
N ILE C 123 -40.37 -25.46 -34.16
CA ILE C 123 -40.90 -24.45 -33.25
C ILE C 123 -41.17 -25.05 -31.88
N ASP C 124 -41.46 -26.35 -31.82
CA ASP C 124 -41.73 -26.98 -30.54
C ASP C 124 -40.44 -27.30 -29.79
N LYS C 125 -39.50 -27.99 -30.45
CA LYS C 125 -38.22 -28.28 -29.82
C LYS C 125 -37.57 -27.03 -29.25
N LEU C 126 -37.77 -25.89 -29.92
CA LEU C 126 -37.16 -24.66 -29.45
C LEU C 126 -37.81 -24.14 -28.19
N TYR C 127 -39.05 -24.52 -27.92
CA TYR C 127 -39.70 -24.10 -26.68
C TYR C 127 -39.39 -25.01 -25.51
N ASN C 128 -39.04 -26.28 -25.78
CA ASN C 128 -38.52 -27.14 -24.72
C ASN C 128 -37.09 -26.74 -24.37
N LEU C 129 -36.24 -26.62 -25.38
CA LEU C 129 -34.84 -26.27 -25.20
C LEU C 129 -34.62 -24.80 -24.94
N ALA C 130 -35.69 -24.03 -24.71
CA ALA C 130 -35.54 -22.59 -24.50
C ALA C 130 -34.61 -22.25 -23.34
N PRO C 131 -34.74 -22.84 -22.15
CA PRO C 131 -33.82 -22.47 -21.07
C PRO C 131 -32.39 -22.91 -21.32
N ILE C 132 -32.17 -23.84 -22.24
CA ILE C 132 -30.83 -24.31 -22.55
C ILE C 132 -30.16 -23.31 -23.46
N ILE C 133 -30.83 -22.93 -24.55
CA ILE C 133 -30.26 -22.00 -25.50
C ILE C 133 -30.03 -20.64 -24.85
N SER C 134 -31.02 -20.15 -24.11
CA SER C 134 -30.99 -18.77 -23.62
C SER C 134 -29.82 -18.54 -22.66
N ALA C 135 -29.57 -19.51 -21.78
CA ALA C 135 -28.49 -19.36 -20.81
C ALA C 135 -27.16 -19.08 -21.49
N LYS C 136 -26.88 -19.80 -22.57
CA LYS C 136 -25.55 -19.77 -23.16
C LYS C 136 -25.43 -18.79 -24.33
N ILE C 137 -26.29 -18.94 -25.34
CA ILE C 137 -26.09 -18.37 -26.66
C ILE C 137 -25.77 -16.89 -26.63
N ARG C 138 -26.28 -16.16 -25.63
CA ARG C 138 -26.16 -14.72 -25.68
C ARG C 138 -24.77 -14.22 -25.35
N THR C 139 -23.83 -15.10 -25.02
CA THR C 139 -22.43 -14.72 -24.88
C THR C 139 -21.55 -15.25 -26.00
N TYR C 140 -22.02 -16.26 -26.73
CA TYR C 140 -21.38 -16.64 -27.97
C TYR C 140 -21.69 -15.63 -29.06
N LEU C 141 -22.90 -15.08 -29.04
CA LEU C 141 -23.26 -14.06 -30.03
C LEU C 141 -22.60 -12.73 -29.71
N LEU C 142 -22.30 -12.49 -28.44
CA LEU C 142 -21.55 -11.29 -28.09
C LEU C 142 -20.13 -11.35 -28.61
N ALA C 143 -19.56 -12.55 -28.71
CA ALA C 143 -18.25 -12.69 -29.31
C ALA C 143 -18.31 -12.48 -30.82
N ILE C 144 -19.37 -12.97 -31.47
CA ILE C 144 -19.54 -12.72 -32.89
C ILE C 144 -19.71 -11.23 -33.16
N LYS C 145 -20.33 -10.52 -32.22
CA LYS C 145 -20.50 -9.08 -32.39
C LYS C 145 -19.17 -8.36 -32.29
N ARG C 146 -18.34 -8.73 -31.32
CA ARG C 146 -17.04 -8.08 -31.19
C ARG C 146 -16.08 -8.49 -32.30
N LEU C 147 -16.21 -9.70 -32.80
CA LEU C 147 -15.36 -10.13 -33.89
C LEU C 147 -15.69 -9.39 -35.19
N SER C 148 -16.95 -8.99 -35.36
CA SER C 148 -17.33 -8.29 -36.58
C SER C 148 -17.03 -6.81 -36.51
N GLU C 149 -17.17 -6.20 -35.33
CA GLU C 149 -16.81 -4.79 -35.19
C GLU C 149 -15.32 -4.57 -35.37
N ALA C 150 -14.51 -5.60 -35.19
CA ALA C 150 -13.07 -5.49 -35.36
C ALA C 150 -12.64 -5.77 -36.79
N LEU C 151 -13.15 -6.85 -37.38
CA LEU C 151 -12.66 -7.36 -38.64
C LEU C 151 -13.44 -6.83 -39.83
N ILE C 152 -14.34 -5.87 -39.64
CA ILE C 152 -15.17 -5.35 -40.71
C ILE C 152 -15.33 -3.86 -40.49
N GLU C 153 -14.87 -3.07 -41.46
CA GLU C 153 -14.92 -1.62 -41.34
C GLU C 153 -16.37 -1.14 -41.24
N ALA C 154 -16.54 0.03 -40.66
CA ALA C 154 -17.86 0.49 -40.21
C ALA C 154 -18.69 0.96 -41.40
N ARG C 155 -19.84 1.55 -41.11
CA ARG C 155 -20.75 2.06 -42.12
C ARG C 155 -20.40 3.49 -42.52
N PRO D 2 -28.29 -11.41 21.34
CA PRO D 2 -28.45 -9.98 21.18
C PRO D 2 -27.18 -9.27 20.75
N TYR D 3 -26.47 -9.88 19.79
CA TYR D 3 -25.34 -9.18 19.18
C TYR D 3 -25.79 -7.88 18.54
N TYR D 4 -26.97 -7.89 17.91
CA TYR D 4 -27.53 -6.71 17.27
C TYR D 4 -28.62 -6.14 18.15
N ALA D 5 -28.55 -4.83 18.40
CA ALA D 5 -29.60 -4.17 19.16
C ALA D 5 -30.94 -4.28 18.44
N PHE D 6 -30.98 -3.85 17.19
CA PHE D 6 -32.19 -3.92 16.39
C PHE D 6 -31.88 -4.60 15.07
N ALA D 7 -32.87 -5.32 14.55
CA ALA D 7 -32.80 -5.96 13.25
C ALA D 7 -34.08 -5.63 12.50
N GLU D 8 -33.95 -4.89 11.41
CA GLU D 8 -35.11 -4.36 10.69
C GLU D 8 -35.06 -4.81 9.24
N PRO D 9 -35.65 -5.95 8.92
CA PRO D 9 -35.80 -6.34 7.52
C PRO D 9 -36.81 -5.43 6.83
N PHE D 10 -36.67 -5.31 5.52
CA PHE D 10 -37.59 -4.48 4.77
C PHE D 10 -37.60 -4.94 3.33
N PHE D 11 -38.69 -4.63 2.65
CA PHE D 11 -38.82 -4.87 1.23
C PHE D 11 -38.63 -3.55 0.50
N ILE D 12 -37.95 -3.61 -0.64
CA ILE D 12 -37.65 -2.42 -1.43
C ILE D 12 -38.50 -2.50 -2.68
N HIS D 13 -39.53 -1.67 -2.74
CA HIS D 13 -40.49 -1.66 -3.84
C HIS D 13 -40.13 -0.57 -4.82
N ALA D 14 -39.76 -0.95 -6.04
CA ALA D 14 -39.40 0.02 -7.06
C ALA D 14 -40.64 0.76 -7.51
N ILE D 15 -40.75 2.04 -7.13
CA ILE D 15 -41.86 2.86 -7.61
C ILE D 15 -41.74 3.10 -9.10
N THR D 16 -40.64 3.72 -9.52
CA THR D 16 -40.31 3.85 -10.92
C THR D 16 -39.34 2.74 -11.30
N HIS D 17 -38.81 2.79 -12.51
CA HIS D 17 -37.72 1.88 -12.85
C HIS D 17 -36.48 2.24 -12.06
N LEU D 18 -35.66 1.23 -11.80
CA LEU D 18 -34.41 1.41 -11.07
C LEU D 18 -33.24 1.14 -11.98
N HIS D 19 -32.18 1.92 -11.81
CA HIS D 19 -30.88 1.57 -12.38
C HIS D 19 -29.85 1.67 -11.27
N VAL D 20 -29.31 0.54 -10.85
CA VAL D 20 -28.18 0.47 -9.95
C VAL D 20 -27.10 -0.27 -10.70
N GLY D 21 -26.07 0.44 -11.12
CA GLY D 21 -25.13 -0.10 -12.08
C GLY D 21 -23.96 -0.82 -11.44
N SER D 22 -23.39 -1.74 -12.21
CA SER D 22 -22.20 -2.46 -11.81
C SER D 22 -20.98 -2.03 -12.61
N GLY D 23 -21.10 -0.95 -13.39
CA GLY D 23 -20.04 -0.53 -14.27
C GLY D 23 -19.99 -1.37 -15.53
N SER D 24 -19.22 -0.90 -16.49
CA SER D 24 -19.10 -1.61 -17.75
C SER D 24 -18.26 -2.86 -17.58
N SER D 25 -18.70 -3.95 -18.19
CA SER D 25 -18.00 -5.22 -18.15
C SER D 25 -17.50 -5.56 -19.54
N VAL D 26 -16.93 -6.76 -19.66
CA VAL D 26 -16.41 -7.24 -20.93
C VAL D 26 -17.26 -8.43 -21.35
N GLU D 27 -17.83 -9.11 -20.37
CA GLU D 27 -18.69 -10.26 -20.62
C GLU D 27 -20.16 -9.90 -20.69
N GLU D 28 -20.48 -8.61 -20.80
CA GLU D 28 -21.85 -8.14 -20.97
C GLU D 28 -21.95 -7.34 -22.25
N GLU D 29 -23.15 -7.33 -22.84
CA GLU D 29 -23.44 -6.56 -24.04
C GLU D 29 -24.35 -5.38 -23.76
N ILE D 30 -24.43 -4.97 -22.50
CA ILE D 30 -25.46 -4.09 -21.97
C ILE D 30 -24.79 -2.90 -21.30
N ASP D 31 -23.89 -2.23 -22.02
CA ASP D 31 -22.83 -1.39 -21.49
C ASP D 31 -23.06 -0.81 -20.10
N LEU D 32 -24.26 -0.35 -19.80
CA LEU D 32 -24.55 0.01 -18.41
C LEU D 32 -25.45 -1.04 -17.75
N PRO D 33 -24.90 -2.12 -17.23
CA PRO D 33 -25.73 -3.20 -16.71
C PRO D 33 -26.22 -2.92 -15.30
N PHE D 34 -27.19 -3.72 -14.89
CA PHE D 34 -27.68 -3.69 -13.52
C PHE D 34 -26.77 -4.55 -12.65
N GLN D 35 -26.71 -4.21 -11.36
CA GLN D 35 -25.91 -4.98 -10.42
C GLN D 35 -26.44 -6.41 -10.35
N ARG D 36 -25.56 -7.37 -10.56
CA ARG D 36 -25.95 -8.77 -10.55
C ARG D 36 -25.58 -9.41 -9.23
N ASP D 37 -25.74 -10.72 -9.17
CA ASP D 37 -25.58 -11.53 -7.98
C ASP D 37 -24.50 -12.58 -8.24
N GLU D 38 -24.17 -13.35 -7.21
CA GLU D 38 -23.29 -14.49 -7.46
C GLU D 38 -24.03 -15.64 -8.11
N LEU D 39 -25.32 -15.47 -8.41
CA LEU D 39 -26.09 -16.42 -9.19
C LEU D 39 -26.62 -15.82 -10.49
N GLY D 40 -26.49 -14.52 -10.68
CA GLY D 40 -27.00 -13.86 -11.86
C GLY D 40 -28.29 -13.10 -11.66
N TYR D 41 -28.82 -13.07 -10.45
CA TYR D 41 -30.05 -12.34 -10.23
C TYR D 41 -29.75 -10.87 -9.98
N PRO D 42 -30.68 -9.99 -10.30
CA PRO D 42 -30.50 -8.58 -9.95
C PRO D 42 -30.33 -8.43 -8.44
N THR D 43 -29.42 -7.56 -8.06
CA THR D 43 -29.11 -7.34 -6.66
C THR D 43 -28.89 -5.85 -6.47
N ILE D 44 -28.94 -5.41 -5.22
CA ILE D 44 -28.53 -4.07 -4.85
C ILE D 44 -27.48 -4.25 -3.76
N TYR D 45 -26.21 -4.06 -4.10
CA TYR D 45 -25.15 -4.14 -3.11
C TYR D 45 -25.47 -3.24 -1.93
N ALA D 46 -25.11 -3.69 -0.74
CA ALA D 46 -25.40 -2.90 0.46
C ALA D 46 -24.58 -1.62 0.48
N SER D 47 -23.49 -1.56 -0.29
CA SER D 47 -22.79 -0.30 -0.46
C SER D 47 -23.65 0.71 -1.18
N SER D 48 -24.46 0.25 -2.14
CA SER D 48 -25.37 1.12 -2.85
C SER D 48 -26.59 1.47 -2.00
N LEU D 49 -27.11 0.50 -1.25
CA LEU D 49 -28.17 0.80 -0.30
C LEU D 49 -27.72 1.81 0.74
N LYS D 50 -26.57 1.57 1.34
CA LYS D 50 -26.11 2.45 2.41
C LYS D 50 -25.84 3.84 1.88
N GLY D 51 -25.17 3.94 0.73
CA GLY D 51 -24.85 5.25 0.19
C GLY D 51 -26.08 6.08 -0.09
N ALA D 52 -27.11 5.46 -0.66
CA ALA D 52 -28.31 6.20 -1.03
C ALA D 52 -29.13 6.57 0.20
N ILE D 53 -29.27 5.63 1.14
CA ILE D 53 -30.09 5.89 2.32
C ILE D 53 -29.40 6.88 3.24
N LYS D 54 -28.08 6.76 3.39
CA LYS D 54 -27.36 7.68 4.26
C LYS D 54 -27.40 9.11 3.73
N SER D 55 -27.02 9.29 2.47
CA SER D 55 -27.03 10.62 1.86
C SER D 55 -28.43 11.24 1.96
N PHE D 56 -29.45 10.44 1.67
CA PHE D 56 -30.82 10.91 1.78
C PHE D 56 -31.15 11.29 3.22
N LEU D 57 -30.77 10.45 4.17
CA LEU D 57 -31.10 10.71 5.56
C LEU D 57 -30.46 11.98 6.06
N LEU D 58 -29.23 12.25 5.65
CA LEU D 58 -28.53 13.45 6.08
C LEU D 58 -29.18 14.73 5.58
N LYS D 59 -30.18 14.62 4.72
CA LYS D 59 -30.94 15.78 4.24
C LYS D 59 -32.34 15.85 4.83
N GLU D 60 -33.02 14.71 4.98
CA GLU D 60 -34.36 14.74 5.57
C GLU D 60 -34.31 15.08 7.05
N PHE D 61 -33.26 14.65 7.75
CA PHE D 61 -33.12 14.87 9.19
C PHE D 61 -31.85 15.64 9.48
N PRO D 62 -31.82 16.95 9.19
CA PRO D 62 -30.66 17.74 9.58
C PRO D 62 -30.53 17.93 11.08
N ASP D 63 -31.63 17.77 11.82
CA ASP D 63 -31.60 17.86 13.27
C ASP D 63 -30.84 16.71 13.90
N LYS D 64 -31.04 15.49 13.41
CA LYS D 64 -30.43 14.29 13.95
C LYS D 64 -29.17 13.89 13.21
N ARG D 65 -28.41 14.88 12.72
CA ARG D 65 -27.21 14.59 11.95
C ARG D 65 -26.21 13.76 12.74
N ASP D 66 -26.14 14.00 14.04
CA ASP D 66 -25.18 13.27 14.87
C ASP D 66 -25.59 11.81 15.05
N VAL D 67 -26.88 11.56 15.18
CA VAL D 67 -27.35 10.17 15.31
C VAL D 67 -27.04 9.39 14.05
N ILE D 68 -26.99 10.07 12.89
CA ILE D 68 -26.68 9.38 11.64
C ILE D 68 -25.19 9.26 11.38
N TYR D 69 -24.39 10.25 11.79
CA TYR D 69 -22.94 10.10 11.70
C TYR D 69 -22.42 9.03 12.64
N LYS D 70 -23.23 8.67 13.62
CA LYS D 70 -23.22 7.41 14.32
C LYS D 70 -23.79 6.41 13.34
N VAL D 71 -24.68 5.55 13.78
CA VAL D 71 -25.04 4.26 13.18
C VAL D 71 -24.64 4.10 11.71
N LEU D 72 -24.78 5.13 10.89
CA LEU D 72 -24.41 4.96 9.50
C LEU D 72 -22.93 5.28 9.24
N GLY D 73 -22.36 6.25 9.93
CA GLY D 73 -20.94 6.55 9.76
C GLY D 73 -20.59 8.02 9.70
N GLU D 74 -19.40 8.34 10.21
CA GLU D 74 -19.04 9.75 10.44
C GLU D 74 -18.78 10.48 9.15
N ASP D 75 -18.36 9.76 8.12
CA ASP D 75 -18.37 10.19 6.73
C ASP D 75 -17.29 11.22 6.39
N GLU D 76 -16.54 11.75 7.35
CA GLU D 76 -15.50 12.72 7.01
C GLU D 76 -14.12 12.25 7.43
N ASN D 77 -13.93 11.92 8.71
CA ASN D 77 -12.73 11.19 9.15
C ASN D 77 -13.18 10.02 10.01
N PRO D 78 -13.09 8.80 9.52
CA PRO D 78 -13.85 7.69 10.11
C PRO D 78 -13.73 7.58 11.62
N GLU D 79 -12.54 7.33 12.14
CA GLU D 79 -12.24 7.46 13.56
C GLU D 79 -13.03 6.48 14.43
N GLU D 80 -13.96 5.75 13.81
CA GLU D 80 -14.83 4.85 14.56
C GLU D 80 -15.66 4.05 13.58
N ALA D 81 -15.88 2.78 13.89
CA ALA D 81 -16.76 1.95 13.09
C ALA D 81 -18.20 2.42 13.26
N SER D 82 -18.98 2.30 12.19
CA SER D 82 -20.37 2.71 12.25
C SER D 82 -21.22 1.57 12.78
N LEU D 83 -22.21 1.92 13.60
CA LEU D 83 -22.97 0.94 14.35
C LEU D 83 -23.99 0.20 13.51
N GLY D 84 -24.30 0.70 12.33
CA GLY D 84 -25.32 0.09 11.50
C GLY D 84 -24.76 -0.83 10.45
N THR D 85 -25.67 -1.59 9.84
CA THR D 85 -25.28 -2.64 8.93
C THR D 85 -26.42 -2.90 7.95
N PHE D 86 -26.12 -2.81 6.67
CA PHE D 86 -27.06 -3.21 5.63
C PHE D 86 -26.62 -4.52 5.04
N LEU D 87 -27.58 -5.33 4.61
CA LEU D 87 -27.32 -6.56 3.88
C LEU D 87 -27.68 -6.37 2.42
N ASP D 88 -26.88 -6.97 1.54
CA ASP D 88 -27.15 -6.87 0.11
C ASP D 88 -28.59 -7.25 -0.17
N ALA D 89 -29.28 -6.40 -0.92
CA ALA D 89 -30.71 -6.58 -1.17
C ALA D 89 -30.92 -7.74 -2.13
N ILE D 90 -31.52 -8.82 -1.62
CA ILE D 90 -31.86 -9.94 -2.46
C ILE D 90 -33.07 -9.59 -3.30
N LEU D 91 -33.09 -10.06 -4.54
CA LEU D 91 -34.29 -9.92 -5.36
C LEU D 91 -35.36 -10.86 -4.82
N PHE D 92 -36.46 -10.28 -4.35
CA PHE D 92 -37.56 -11.12 -3.87
C PHE D 92 -38.41 -11.60 -5.02
N ALA D 93 -39.03 -10.69 -5.75
CA ALA D 93 -39.93 -11.03 -6.85
C ALA D 93 -39.86 -9.96 -7.91
N ILE D 94 -39.69 -10.36 -9.16
CA ILE D 94 -39.55 -9.40 -10.25
C ILE D 94 -40.74 -9.50 -11.19
N PRO D 95 -41.31 -8.38 -11.64
CA PRO D 95 -42.36 -8.43 -12.66
C PRO D 95 -41.82 -9.03 -13.95
N SER D 96 -42.45 -10.10 -14.38
CA SER D 96 -42.16 -10.70 -15.67
C SER D 96 -43.45 -10.72 -16.48
N ARG D 97 -43.33 -10.42 -17.78
CA ARG D 97 -44.50 -10.30 -18.61
C ARG D 97 -44.98 -11.68 -19.06
N ILE D 98 -46.29 -11.86 -19.07
CA ILE D 98 -46.89 -13.18 -19.17
C ILE D 98 -47.96 -13.16 -20.24
N ILE D 99 -48.10 -14.28 -20.95
CA ILE D 99 -49.20 -14.50 -21.87
C ILE D 99 -49.74 -15.90 -21.59
N GLU D 100 -51.04 -16.00 -21.36
CA GLU D 100 -51.62 -17.27 -20.97
C GLU D 100 -53.07 -17.32 -21.44
N ILE D 101 -53.56 -18.55 -21.58
CA ILE D 101 -54.96 -18.79 -21.92
C ILE D 101 -55.58 -19.46 -20.70
N ASP D 102 -56.89 -19.73 -20.75
CA ASP D 102 -57.57 -20.51 -19.71
C ASP D 102 -57.49 -19.79 -18.37
N SER D 103 -58.09 -18.60 -18.32
CA SER D 103 -58.14 -17.84 -17.08
C SER D 103 -59.29 -16.85 -17.16
N ALA D 104 -60.21 -16.93 -16.19
CA ALA D 104 -61.26 -15.93 -16.05
C ALA D 104 -60.73 -14.56 -15.71
N LYS D 105 -59.43 -14.43 -15.45
CA LYS D 105 -58.81 -13.16 -15.09
C LYS D 105 -57.55 -12.98 -15.93
N PRO D 106 -57.51 -11.99 -16.80
CA PRO D 106 -56.31 -11.78 -17.63
C PRO D 106 -55.25 -10.98 -16.88
N TYR D 107 -53.99 -11.28 -17.22
CA TYR D 107 -52.84 -10.64 -16.61
C TYR D 107 -51.89 -10.18 -17.69
N VAL D 108 -51.39 -8.95 -17.57
CA VAL D 108 -50.36 -8.48 -18.49
C VAL D 108 -48.97 -8.83 -17.99
N TRP D 109 -48.78 -8.85 -16.68
CA TRP D 109 -47.52 -9.27 -16.09
C TRP D 109 -47.79 -9.94 -14.76
N VAL D 110 -46.79 -10.67 -14.29
CA VAL D 110 -46.90 -11.45 -13.07
C VAL D 110 -45.62 -11.24 -12.28
N TYR D 111 -45.67 -11.57 -11.00
CA TYR D 111 -44.46 -11.63 -10.20
C TYR D 111 -43.83 -13.00 -10.36
N VAL D 112 -42.50 -13.03 -10.38
CA VAL D 112 -41.76 -14.27 -10.56
C VAL D 112 -40.62 -14.28 -9.56
N THR D 113 -40.45 -15.42 -8.89
CA THR D 113 -39.34 -15.64 -7.99
C THR D 113 -38.84 -17.06 -8.21
N THR D 114 -37.78 -17.42 -7.52
CA THR D 114 -37.23 -18.76 -7.60
C THR D 114 -37.04 -19.30 -6.20
N TYR D 115 -36.67 -20.58 -6.12
CA TYR D 115 -36.43 -21.19 -4.82
C TYR D 115 -35.10 -20.76 -4.23
N GLU D 116 -34.07 -20.64 -5.07
CA GLU D 116 -32.80 -20.10 -4.59
C GLU D 116 -32.98 -18.70 -4.04
N LEU D 117 -33.90 -17.93 -4.58
CA LEU D 117 -34.11 -16.56 -4.11
C LEU D 117 -34.85 -16.53 -2.80
N LEU D 118 -35.73 -17.49 -2.54
CA LEU D 118 -36.39 -17.55 -1.24
C LEU D 118 -35.48 -18.15 -0.17
N LYS D 119 -34.60 -19.07 -0.56
CA LYS D 119 -33.65 -19.62 0.38
C LYS D 119 -32.78 -18.52 0.98
N LYS D 120 -32.24 -17.65 0.12
CA LYS D 120 -31.40 -16.57 0.62
C LYS D 120 -32.19 -15.61 1.51
N VAL D 121 -33.50 -15.53 1.31
CA VAL D 121 -34.31 -14.74 2.23
C VAL D 121 -34.52 -15.50 3.52
N LYS D 122 -34.71 -16.81 3.44
CA LYS D 122 -34.77 -17.63 4.64
C LYS D 122 -33.44 -17.58 5.37
N LEU D 123 -32.34 -17.71 4.63
CA LEU D 123 -31.01 -17.65 5.24
C LEU D 123 -30.79 -16.34 5.97
N TYR D 124 -31.26 -15.23 5.39
CA TYR D 124 -31.14 -13.95 6.07
C TYR D 124 -31.94 -13.94 7.36
N LEU D 125 -33.16 -14.47 7.32
CA LEU D 125 -34.00 -14.45 8.52
C LEU D 125 -33.53 -15.46 9.55
N ASP D 126 -32.92 -16.55 9.10
CA ASP D 126 -32.40 -17.54 10.04
C ASP D 126 -31.28 -16.96 10.88
N SER D 127 -30.34 -16.27 10.24
CA SER D 127 -29.15 -15.82 10.94
C SER D 127 -29.45 -14.61 11.83
N ILE D 128 -30.14 -13.61 11.29
CA ILE D 128 -30.41 -12.42 12.08
C ILE D 128 -31.32 -12.74 13.25
N SER D 129 -32.07 -13.84 13.19
CA SER D 129 -32.85 -14.24 14.34
C SER D 129 -31.96 -14.86 15.42
N GLN D 130 -30.84 -15.46 15.02
CA GLN D 130 -29.89 -16.00 15.99
C GLN D 130 -28.83 -14.99 16.38
N LEU D 131 -28.68 -13.91 15.62
CA LEU D 131 -27.74 -12.84 15.95
C LEU D 131 -28.42 -11.66 16.60
N SER D 132 -29.68 -11.80 16.98
CA SER D 132 -30.43 -10.72 17.60
C SER D 132 -31.61 -11.33 18.36
N ASN D 133 -32.50 -10.47 18.84
CA ASN D 133 -33.70 -10.95 19.52
C ASN D 133 -34.86 -11.11 18.56
N ALA D 134 -35.00 -10.19 17.62
CA ALA D 134 -36.09 -10.20 16.66
C ALA D 134 -36.20 -11.55 15.97
N SER D 135 -37.37 -12.16 16.08
CA SER D 135 -37.67 -13.42 15.42
C SER D 135 -38.94 -13.23 14.60
N PHE D 136 -38.80 -13.28 13.28
CA PHE D 136 -39.92 -13.06 12.37
C PHE D 136 -40.47 -14.40 11.91
N SER D 137 -41.09 -15.10 12.86
CA SER D 137 -41.60 -16.43 12.58
C SER D 137 -42.67 -16.43 11.50
N ASN D 138 -43.39 -15.33 11.33
CA ASN D 138 -44.47 -15.30 10.35
C ASN D 138 -43.91 -15.36 8.93
N LEU D 139 -42.91 -14.53 8.62
CA LEU D 139 -42.25 -14.63 7.33
C LEU D 139 -41.61 -16.00 7.14
N LYS D 140 -40.90 -16.48 8.17
CA LYS D 140 -40.29 -17.81 8.08
C LYS D 140 -41.33 -18.87 7.78
N ASN D 141 -42.52 -18.73 8.38
CA ASN D 141 -43.58 -19.71 8.15
C ASN D 141 -44.04 -19.69 6.71
N LYS D 142 -44.40 -18.51 6.20
CA LYS D 142 -44.88 -18.41 4.82
C LYS D 142 -43.83 -18.93 3.85
N ILE D 143 -42.56 -18.68 4.12
CA ILE D 143 -41.51 -19.11 3.20
C ILE D 143 -41.26 -20.61 3.31
N ASP D 144 -41.44 -21.19 4.50
CA ASP D 144 -41.21 -22.62 4.65
C ASP D 144 -42.24 -23.43 3.88
N THR D 145 -43.50 -22.99 3.89
CA THR D 145 -44.52 -23.67 3.10
C THR D 145 -44.18 -23.62 1.61
N ILE D 146 -43.65 -22.49 1.15
CA ILE D 146 -43.30 -22.36 -0.26
C ILE D 146 -42.09 -23.22 -0.58
N LEU D 147 -41.12 -23.28 0.34
CA LEU D 147 -39.91 -24.05 0.07
C LEU D 147 -40.15 -25.54 0.07
N ALA D 148 -41.22 -26.00 0.72
CA ALA D 148 -41.53 -27.42 0.72
C ALA D 148 -41.97 -27.91 -0.65
N LYS D 149 -42.41 -27.02 -1.52
CA LYS D 149 -42.81 -27.38 -2.88
C LYS D 149 -41.65 -27.28 -3.86
N GLU D 150 -40.43 -27.18 -3.38
CA GLU D 150 -39.29 -27.01 -4.28
C GLU D 150 -39.21 -28.15 -5.28
N GLY D 151 -38.67 -27.85 -6.45
CA GLY D 151 -38.59 -28.79 -7.54
C GLY D 151 -39.69 -28.68 -8.56
N LYS D 152 -40.75 -27.95 -8.25
CA LYS D 152 -41.88 -27.77 -9.16
C LYS D 152 -42.22 -26.29 -9.27
N ASN D 153 -42.63 -25.88 -10.47
CA ASN D 153 -43.10 -24.52 -10.68
C ASN D 153 -44.50 -24.39 -10.09
N ILE D 154 -44.63 -23.64 -9.00
CA ILE D 154 -45.89 -23.49 -8.34
C ILE D 154 -46.46 -22.11 -8.65
N THR D 155 -47.72 -21.90 -8.27
CA THR D 155 -48.41 -20.65 -8.52
C THR D 155 -49.13 -20.23 -7.26
N LEU D 156 -48.68 -19.16 -6.64
CA LEU D 156 -49.43 -18.57 -5.56
C LEU D 156 -50.52 -17.66 -6.10
N ASP D 157 -51.44 -17.29 -5.22
CA ASP D 157 -52.30 -16.12 -5.37
C ASP D 157 -53.17 -16.17 -6.62
N SER D 158 -53.20 -17.29 -7.34
CA SER D 158 -54.03 -17.37 -8.54
C SER D 158 -54.20 -18.84 -8.91
N ASP D 159 -54.77 -19.06 -10.11
CA ASP D 159 -55.05 -20.39 -10.61
C ASP D 159 -54.63 -20.57 -12.07
N LEU D 160 -53.46 -20.09 -12.46
CA LEU D 160 -52.96 -20.35 -13.80
C LEU D 160 -52.53 -21.81 -13.92
N LYS D 161 -52.76 -22.39 -15.10
CA LYS D 161 -52.35 -23.77 -15.33
C LYS D 161 -51.04 -23.84 -16.09
N SER D 162 -50.86 -22.99 -17.10
CA SER D 162 -49.62 -22.95 -17.87
C SER D 162 -49.60 -21.65 -18.65
N ALA D 163 -48.41 -21.08 -18.81
CA ALA D 163 -48.25 -19.79 -19.45
C ALA D 163 -46.94 -19.79 -20.23
N ILE D 164 -46.69 -18.68 -20.92
CA ILE D 164 -45.43 -18.41 -21.57
C ILE D 164 -44.86 -17.15 -20.94
N LEU D 165 -43.71 -17.28 -20.29
CA LEU D 165 -43.09 -16.16 -19.58
C LEU D 165 -42.04 -15.53 -20.48
N ASN D 166 -42.14 -14.22 -20.66
CA ASN D 166 -41.17 -13.45 -21.44
C ASN D 166 -40.99 -14.04 -22.84
N GLU D 167 -42.11 -14.39 -23.46
CA GLU D 167 -42.17 -14.72 -24.89
C GLU D 167 -41.46 -16.01 -25.25
N ASP D 168 -40.77 -16.62 -24.30
CA ASP D 168 -39.78 -17.62 -24.66
C ASP D 168 -39.83 -18.90 -23.85
N PHE D 169 -40.41 -18.89 -22.65
CA PHE D 169 -40.37 -20.03 -21.76
C PHE D 169 -41.80 -20.45 -21.44
N TYR D 170 -42.19 -21.62 -21.93
CA TYR D 170 -43.49 -22.19 -21.61
C TYR D 170 -43.34 -23.04 -20.36
N VAL D 171 -44.07 -22.68 -19.30
CA VAL D 171 -44.01 -23.40 -18.04
C VAL D 171 -45.39 -23.92 -17.71
N GLU D 172 -45.43 -25.12 -17.13
CA GLU D 172 -46.66 -25.71 -16.60
C GLU D 172 -46.62 -25.56 -15.09
N LEU D 173 -47.60 -24.86 -14.55
CA LEU D 173 -47.56 -24.36 -13.17
C LEU D 173 -48.51 -25.16 -12.30
N GLU D 174 -47.96 -25.86 -11.32
CA GLU D 174 -48.80 -26.42 -10.27
C GLU D 174 -49.32 -25.30 -9.38
N ALA D 175 -50.40 -25.58 -8.68
CA ALA D 175 -51.03 -24.60 -7.82
C ALA D 175 -50.76 -24.98 -6.38
N LEU D 176 -49.93 -24.19 -5.70
CA LEU D 176 -49.84 -24.30 -4.26
C LEU D 176 -51.18 -23.91 -3.65
N ASN D 177 -51.52 -24.54 -2.53
CA ASN D 177 -52.82 -24.34 -1.91
C ASN D 177 -53.12 -22.85 -1.76
N ASN D 178 -54.36 -22.49 -2.07
CA ASN D 178 -54.74 -21.08 -2.14
C ASN D 178 -54.67 -20.38 -0.79
N LYS D 179 -54.57 -21.14 0.30
CA LYS D 179 -54.63 -20.55 1.63
C LYS D 179 -53.28 -20.07 2.13
N ILE D 180 -52.18 -20.37 1.44
CA ILE D 180 -50.89 -19.78 1.75
C ILE D 180 -50.98 -18.28 1.42
N PRO D 181 -50.95 -17.42 2.42
CA PRO D 181 -51.29 -16.00 2.18
C PRO D 181 -50.23 -15.31 1.34
N SER D 182 -50.61 -14.13 0.86
CA SER D 182 -49.73 -13.33 0.02
C SER D 182 -48.56 -12.79 0.83
N ILE D 183 -47.38 -12.84 0.22
CA ILE D 183 -46.21 -12.21 0.81
C ILE D 183 -45.92 -10.85 0.16
N ILE D 184 -46.25 -10.67 -1.12
CA ILE D 184 -46.17 -9.35 -1.72
C ILE D 184 -47.22 -8.42 -1.18
N ASN D 185 -48.31 -8.96 -0.60
CA ASN D 185 -49.44 -8.20 -0.10
C ASN D 185 -50.03 -7.31 -1.20
N ALA D 186 -50.48 -7.97 -2.27
CA ALA D 186 -51.05 -7.27 -3.42
C ALA D 186 -52.02 -8.20 -4.13
N GLY D 187 -52.51 -7.76 -5.28
CA GLY D 187 -53.54 -8.48 -6.00
C GLY D 187 -53.06 -9.33 -7.16
N VAL D 188 -51.88 -9.01 -7.70
CA VAL D 188 -51.31 -9.77 -8.81
C VAL D 188 -50.73 -11.08 -8.28
N PRO D 189 -50.69 -12.13 -9.08
CA PRO D 189 -50.19 -13.42 -8.58
C PRO D 189 -48.69 -13.45 -8.43
N LEU D 190 -48.14 -14.61 -8.08
CA LEU D 190 -46.71 -14.74 -7.83
C LEU D 190 -46.30 -16.17 -8.14
N LEU D 191 -45.53 -16.35 -9.21
CA LEU D 191 -45.00 -17.65 -9.56
C LEU D 191 -43.68 -17.88 -8.85
N VAL D 192 -43.40 -19.15 -8.55
CA VAL D 192 -42.14 -19.56 -7.95
C VAL D 192 -41.59 -20.65 -8.84
N LEU D 193 -40.70 -20.28 -9.75
CA LEU D 193 -40.18 -21.21 -10.73
C LEU D 193 -38.97 -21.93 -10.18
N GLU D 194 -38.79 -23.17 -10.61
CA GLU D 194 -37.58 -23.88 -10.25
C GLU D 194 -36.39 -23.19 -10.90
N ASP D 195 -35.27 -23.21 -10.18
CA ASP D 195 -34.21 -22.23 -10.42
C ASP D 195 -33.53 -22.38 -11.77
N SER D 196 -33.65 -23.55 -12.41
CA SER D 196 -33.11 -23.68 -13.75
C SER D 196 -33.92 -22.87 -14.75
N ILE D 197 -35.25 -22.91 -14.64
CA ILE D 197 -36.09 -22.09 -15.50
C ILE D 197 -36.03 -20.63 -15.06
N GLY D 198 -36.26 -20.38 -13.76
CA GLY D 198 -36.36 -19.02 -13.25
C GLY D 198 -35.13 -18.19 -13.45
N ARG D 199 -33.97 -18.80 -13.68
CA ARG D 199 -32.77 -18.01 -13.95
C ARG D 199 -32.81 -17.42 -15.34
N GLU D 200 -33.48 -18.08 -16.28
CA GLU D 200 -33.66 -17.51 -17.61
C GLU D 200 -34.78 -16.50 -17.63
N VAL D 201 -35.89 -16.81 -16.94
CA VAL D 201 -37.04 -15.92 -16.97
C VAL D 201 -36.71 -14.59 -16.28
N ILE D 202 -36.04 -14.64 -15.13
CA ILE D 202 -35.79 -13.42 -14.38
C ILE D 202 -34.80 -12.52 -15.11
N ASN D 203 -33.82 -13.10 -15.79
CA ASN D 203 -32.81 -12.28 -16.45
C ASN D 203 -33.39 -11.55 -17.64
N ARG D 204 -34.23 -12.21 -18.43
CA ARG D 204 -34.89 -11.55 -19.55
C ARG D 204 -36.02 -10.65 -19.11
N SER D 205 -36.29 -10.55 -17.82
CA SER D 205 -37.36 -9.71 -17.30
C SER D 205 -36.92 -8.29 -17.02
N LEU D 206 -35.63 -7.98 -17.21
CA LEU D 206 -35.13 -6.64 -16.99
C LEU D 206 -35.33 -5.78 -18.23
N ILE D 207 -35.71 -4.53 -18.03
CA ILE D 207 -35.89 -3.61 -19.14
C ILE D 207 -34.54 -3.16 -19.63
N ARG D 208 -34.36 -3.16 -20.94
CA ARG D 208 -33.07 -2.88 -21.57
C ARG D 208 -33.30 -1.87 -22.68
N VAL D 209 -32.79 -0.66 -22.48
CA VAL D 209 -33.15 0.49 -23.31
C VAL D 209 -31.90 1.07 -23.93
N ARG D 210 -31.94 1.27 -25.25
CA ARG D 210 -30.87 1.95 -25.97
C ARG D 210 -31.10 3.45 -25.94
N ARG D 211 -30.05 4.21 -25.66
CA ARG D 211 -30.08 5.66 -25.72
C ARG D 211 -29.03 6.15 -26.69
N ILE D 212 -29.20 7.38 -27.16
CA ILE D 212 -28.31 7.96 -28.16
C ILE D 212 -27.90 9.36 -27.74
N ARG D 213 -26.95 9.91 -28.48
CA ARG D 213 -26.51 11.29 -28.35
C ARG D 213 -26.57 11.93 -29.73
N ILE D 214 -27.08 13.15 -29.80
CA ILE D 214 -27.42 13.79 -31.07
C ILE D 214 -26.35 14.81 -31.42
N ASP D 215 -25.88 14.76 -32.68
CA ASP D 215 -25.09 15.86 -33.22
C ASP D 215 -25.88 17.15 -33.17
N ARG D 216 -25.35 18.15 -32.47
CA ARG D 216 -26.11 19.37 -32.25
C ARG D 216 -26.36 20.11 -33.55
N ASP D 217 -25.50 19.97 -34.54
CA ASP D 217 -25.60 20.70 -35.79
C ASP D 217 -26.28 19.91 -36.89
N LYS D 218 -25.89 18.65 -37.10
CA LYS D 218 -26.55 17.79 -38.07
C LYS D 218 -27.87 17.24 -37.57
N LYS D 219 -28.14 17.35 -36.27
CA LYS D 219 -29.35 16.81 -35.65
C LYS D 219 -29.47 15.31 -35.90
N VAL D 220 -28.33 14.63 -35.99
CA VAL D 220 -28.28 13.20 -36.24
C VAL D 220 -27.48 12.55 -35.11
N VAL D 221 -27.54 11.22 -35.05
CA VAL D 221 -26.83 10.50 -34.00
C VAL D 221 -25.33 10.72 -34.14
N GLU D 222 -24.66 10.97 -33.01
CA GLU D 222 -23.22 11.15 -33.00
C GLU D 222 -22.52 9.87 -33.43
N THR D 223 -21.19 9.93 -33.54
CA THR D 223 -20.40 8.74 -33.78
C THR D 223 -20.09 8.09 -32.44
N GLY D 224 -20.48 6.84 -32.26
CA GLY D 224 -20.31 6.17 -30.98
C GLY D 224 -21.07 6.80 -29.86
N GLY D 225 -22.20 7.42 -30.14
CA GLY D 225 -23.01 8.03 -29.11
C GLY D 225 -24.22 7.19 -28.76
N LEU D 226 -24.18 5.91 -29.11
CA LEU D 226 -25.29 4.99 -28.91
C LEU D 226 -24.87 3.93 -27.91
N TRP D 227 -25.55 3.87 -26.78
CA TRP D 227 -25.30 2.87 -25.77
C TRP D 227 -26.62 2.35 -25.23
N SER D 228 -26.55 1.31 -24.41
CA SER D 228 -27.74 0.69 -23.85
C SER D 228 -27.57 0.53 -22.35
N GLU D 229 -28.67 0.72 -21.62
CA GLU D 229 -28.70 0.55 -20.18
C GLU D 229 -29.71 -0.52 -19.80
N GLU D 230 -29.74 -0.85 -18.52
CA GLU D 230 -30.58 -1.91 -18.00
C GLU D 230 -31.30 -1.39 -16.78
N TYR D 231 -32.62 -1.47 -16.80
CA TYR D 231 -33.44 -1.09 -15.66
C TYR D 231 -34.15 -2.31 -15.12
N VAL D 232 -34.55 -2.23 -13.86
CA VAL D 232 -35.38 -3.28 -13.28
C VAL D 232 -36.79 -2.70 -13.28
N PRO D 233 -37.81 -3.47 -13.63
CA PRO D 233 -39.15 -2.90 -13.84
C PRO D 233 -39.68 -2.20 -12.60
N MET D 234 -40.77 -1.45 -12.82
CA MET D 234 -41.51 -0.94 -11.68
C MET D 234 -42.06 -2.08 -10.85
N LYS D 235 -42.22 -1.83 -9.56
CA LYS D 235 -42.84 -2.74 -8.62
C LYS D 235 -42.03 -4.00 -8.37
N THR D 236 -40.76 -4.04 -8.77
CA THR D 236 -39.90 -5.11 -8.30
C THR D 236 -39.76 -5.01 -6.78
N ILE D 237 -39.51 -6.14 -6.15
CA ILE D 237 -39.39 -6.20 -4.70
C ILE D 237 -38.02 -6.78 -4.37
N PHE D 238 -37.24 -6.04 -3.60
CA PHE D 238 -35.98 -6.51 -3.07
C PHE D 238 -36.10 -6.66 -1.57
N PHE D 239 -35.44 -7.66 -1.01
CA PHE D 239 -35.43 -7.90 0.41
C PHE D 239 -34.04 -7.59 0.97
N SER D 240 -33.99 -6.82 2.05
CA SER D 240 -32.74 -6.54 2.73
C SER D 240 -33.02 -6.39 4.22
N VAL D 241 -31.95 -6.27 4.99
CA VAL D 241 -32.04 -6.09 6.43
C VAL D 241 -31.13 -4.94 6.83
N LEU D 242 -31.53 -4.23 7.88
CA LEU D 242 -30.74 -3.13 8.45
C LEU D 242 -30.50 -3.44 9.91
N LEU D 243 -29.25 -3.73 10.26
CA LEU D 243 -28.88 -4.19 11.58
C LEU D 243 -28.10 -3.11 12.31
N GLY D 244 -28.25 -3.08 13.64
CA GLY D 244 -27.61 -2.08 14.47
C GLY D 244 -26.99 -2.71 15.71
N LYS D 245 -26.33 -1.86 16.48
CA LYS D 245 -25.66 -2.30 17.70
C LYS D 245 -26.04 -1.39 18.86
N GLU D 246 -26.12 -1.97 20.05
CA GLU D 246 -26.59 -1.24 21.23
C GLU D 246 -25.73 -0.01 21.47
N SER D 247 -26.29 1.17 21.25
CA SER D 247 -25.49 2.38 21.24
C SER D 247 -26.14 3.60 21.84
N LYS D 248 -27.33 3.51 22.42
CA LYS D 248 -28.05 4.66 22.95
C LYS D 248 -28.50 5.56 21.80
N GLU D 249 -28.09 5.21 20.59
CA GLU D 249 -28.42 5.94 19.38
C GLU D 249 -28.91 5.04 18.26
N SER D 250 -28.56 3.76 18.28
CA SER D 250 -29.31 2.79 17.51
C SER D 250 -30.75 2.73 17.98
N ALA D 251 -30.97 2.99 19.27
CA ALA D 251 -32.33 3.05 19.79
C ALA D 251 -33.11 4.21 19.18
N ILE D 252 -32.47 5.37 19.06
CA ILE D 252 -33.14 6.49 18.42
C ILE D 252 -33.24 6.29 16.92
N PHE D 253 -32.19 5.74 16.31
CA PHE D 253 -32.22 5.49 14.87
C PHE D 253 -33.38 4.58 14.50
N ALA D 254 -33.65 3.58 15.31
CA ALA D 254 -34.77 2.69 15.05
C ALA D 254 -36.10 3.31 15.47
N SER D 255 -36.11 4.08 16.55
CA SER D 255 -37.36 4.62 17.07
C SER D 255 -37.92 5.69 16.15
N CYS D 256 -37.12 6.68 15.81
CA CYS D 256 -37.62 7.83 15.08
C CYS D 256 -37.23 7.84 13.60
N ILE D 257 -35.96 7.63 13.28
CA ILE D 257 -35.52 7.73 11.89
C ILE D 257 -36.19 6.64 11.05
N LEU D 258 -35.97 5.38 11.41
CA LEU D 258 -36.45 4.27 10.58
C LEU D 258 -37.96 4.27 10.42
N ARG D 259 -38.70 4.90 11.31
CA ARG D 259 -40.14 4.98 11.16
C ARG D 259 -40.52 6.02 10.11
N ASN D 260 -39.89 7.19 10.17
CA ASN D 260 -40.14 8.26 9.22
C ASN D 260 -39.27 8.11 7.97
N LEU D 261 -39.28 6.91 7.39
CA LEU D 261 -38.46 6.64 6.22
C LEU D 261 -39.25 5.71 5.32
N ARG D 262 -39.85 6.26 4.28
CA ARG D 262 -40.66 5.46 3.37
C ARG D 262 -40.17 5.51 1.93
N TYR D 263 -39.74 6.68 1.45
CA TYR D 263 -39.36 6.85 0.05
C TYR D 263 -37.91 7.31 -0.03
N VAL D 264 -37.14 6.66 -0.91
CA VAL D 264 -35.73 6.93 -1.07
C VAL D 264 -35.41 6.82 -2.55
N ILE D 265 -34.37 7.52 -3.00
CA ILE D 265 -33.91 7.45 -4.37
C ILE D 265 -32.60 6.66 -4.41
N LEU D 266 -32.60 5.55 -5.15
CA LEU D 266 -31.45 4.66 -5.22
C LEU D 266 -30.82 4.71 -6.60
N GLY D 267 -29.51 4.47 -6.64
CA GLY D 267 -28.85 4.26 -7.91
C GLY D 267 -28.74 5.53 -8.75
N GLY D 268 -28.53 5.31 -10.04
CA GLY D 268 -28.28 6.39 -10.97
C GLY D 268 -29.48 6.68 -11.84
N LYS D 269 -29.22 7.43 -12.92
CA LYS D 269 -30.25 7.84 -13.86
C LYS D 269 -31.39 8.55 -13.15
N GLU D 270 -31.04 9.34 -12.15
CA GLU D 270 -32.06 9.98 -11.33
C GLU D 270 -32.80 11.06 -12.11
N THR D 271 -32.14 11.75 -13.02
CA THR D 271 -32.76 12.84 -13.75
C THR D 271 -33.55 12.38 -14.96
N ILE D 272 -33.69 11.08 -15.17
CA ILE D 272 -34.63 10.60 -16.17
C ILE D 272 -35.70 9.79 -15.47
N GLY D 273 -35.92 10.09 -14.19
CA GLY D 273 -37.01 9.54 -13.44
C GLY D 273 -36.76 8.20 -12.81
N LYS D 274 -35.58 7.62 -12.98
CA LYS D 274 -35.29 6.35 -12.35
C LYS D 274 -34.92 6.58 -10.89
N GLY D 275 -35.03 5.53 -10.10
CA GLY D 275 -34.44 5.49 -8.79
C GLY D 275 -35.40 5.63 -7.63
N ILE D 276 -36.58 6.18 -7.84
CA ILE D 276 -37.51 6.34 -6.73
C ILE D 276 -37.97 4.96 -6.28
N VAL D 277 -37.99 4.74 -4.97
CA VAL D 277 -38.22 3.42 -4.43
C VAL D 277 -38.88 3.59 -3.07
N GLU D 278 -39.52 2.52 -2.60
CA GLU D 278 -40.25 2.57 -1.34
C GLU D 278 -39.75 1.46 -0.41
N LEU D 279 -39.56 1.82 0.85
CA LEU D 279 -39.11 0.89 1.88
C LEU D 279 -40.31 0.42 2.69
N ARG D 280 -40.49 -0.89 2.75
CA ARG D 280 -41.63 -1.51 3.43
C ARG D 280 -41.08 -2.40 4.54
N TRP D 281 -41.14 -1.92 5.78
CA TRP D 281 -40.56 -2.65 6.90
C TRP D 281 -41.34 -3.91 7.19
N VAL D 282 -40.65 -5.05 7.24
CA VAL D 282 -41.27 -6.32 7.57
C VAL D 282 -42.00 -6.24 8.90
N LYS D 283 -41.47 -5.42 9.82
CA LYS D 283 -42.09 -5.26 11.13
C LYS D 283 -43.56 -4.91 11.03
N ASP D 284 -43.96 -4.14 10.02
CA ASP D 284 -45.34 -3.72 9.91
C ASP D 284 -46.06 -4.24 8.66
N VAL D 285 -45.40 -5.02 7.82
CA VAL D 285 -46.06 -5.65 6.69
C VAL D 285 -45.75 -7.14 6.68
N ILE D 286 -45.52 -7.70 7.86
CA ILE D 286 -45.14 -9.10 8.00
C ILE D 286 -46.18 -10.01 7.35
N PRO E 2 -2.01 -36.44 25.95
CA PRO E 2 -2.15 -35.69 24.70
C PRO E 2 -1.59 -34.29 24.82
N TYR E 3 -1.10 -33.73 23.71
CA TYR E 3 -0.62 -32.36 23.76
C TYR E 3 -1.76 -31.38 23.96
N TYR E 4 -2.89 -31.64 23.32
CA TYR E 4 -4.05 -30.77 23.39
C TYR E 4 -5.16 -31.45 24.16
N ALA E 5 -5.77 -30.73 25.09
CA ALA E 5 -6.92 -31.26 25.80
C ALA E 5 -8.06 -31.54 24.83
N PHE E 6 -8.58 -30.50 24.18
CA PHE E 6 -9.64 -30.63 23.21
C PHE E 6 -9.15 -30.22 21.83
N ALA E 7 -9.60 -30.94 20.81
CA ALA E 7 -9.32 -30.62 19.41
C ALA E 7 -10.64 -30.60 18.69
N GLU E 8 -11.11 -29.41 18.32
CA GLU E 8 -12.45 -29.23 17.75
C GLU E 8 -12.34 -28.65 16.34
N PRO E 9 -12.18 -29.48 15.33
CA PRO E 9 -12.27 -28.98 13.96
C PRO E 9 -13.68 -28.53 13.66
N PHE E 10 -13.80 -27.61 12.72
CA PHE E 10 -15.11 -27.10 12.33
C PHE E 10 -15.04 -26.61 10.89
N PHE E 11 -16.21 -26.23 10.39
CA PHE E 11 -16.35 -25.60 9.08
C PHE E 11 -16.90 -24.21 9.27
N ILE E 12 -16.47 -23.29 8.42
CA ILE E 12 -16.89 -21.91 8.48
C ILE E 12 -17.71 -21.64 7.23
N HIS E 13 -19.01 -21.44 7.40
CA HIS E 13 -19.93 -21.26 6.29
C HIS E 13 -20.27 -19.78 6.15
N ALA E 14 -19.91 -19.20 5.01
CA ALA E 14 -20.19 -17.80 4.77
C ALA E 14 -21.69 -17.60 4.57
N ILE E 15 -22.33 -16.91 5.51
CA ILE E 15 -23.75 -16.61 5.37
C ILE E 15 -23.95 -15.48 4.37
N THR E 16 -23.12 -14.45 4.44
CA THR E 16 -23.04 -13.40 3.44
C THR E 16 -21.69 -13.49 2.76
N HIS E 17 -21.41 -12.52 1.88
CA HIS E 17 -20.09 -12.47 1.27
C HIS E 17 -19.05 -12.15 2.35
N LEU E 18 -17.88 -12.74 2.21
CA LEU E 18 -16.83 -12.61 3.21
C LEU E 18 -15.68 -11.79 2.65
N HIS E 19 -15.07 -10.98 3.51
CA HIS E 19 -13.88 -10.23 3.11
C HIS E 19 -12.96 -10.11 4.33
N VAL E 20 -11.97 -10.97 4.41
CA VAL E 20 -10.86 -10.79 5.34
C VAL E 20 -9.72 -10.14 4.55
N GLY E 21 -9.38 -8.92 4.91
CA GLY E 21 -8.45 -8.16 4.11
C GLY E 21 -7.01 -8.59 4.33
N SER E 22 -6.23 -8.55 3.25
CA SER E 22 -4.79 -8.70 3.35
C SER E 22 -4.07 -7.39 3.15
N GLY E 23 -4.80 -6.27 3.13
CA GLY E 23 -4.21 -4.97 2.92
C GLY E 23 -3.73 -4.76 1.51
N SER E 24 -3.66 -3.50 1.08
CA SER E 24 -3.18 -3.20 -0.26
C SER E 24 -1.70 -3.54 -0.37
N SER E 25 -1.26 -3.77 -1.60
CA SER E 25 0.11 -4.19 -1.86
C SER E 25 0.49 -3.78 -3.27
N VAL E 26 1.81 -3.71 -3.51
CA VAL E 26 2.31 -3.22 -4.78
C VAL E 26 1.89 -4.14 -5.93
N GLU E 27 2.01 -5.45 -5.72
CA GLU E 27 1.88 -6.41 -6.81
C GLU E 27 0.49 -7.02 -6.92
N GLU E 28 -0.55 -6.32 -6.46
CA GLU E 28 -1.85 -6.97 -6.38
C GLU E 28 -2.75 -6.69 -7.58
N GLU E 29 -2.94 -5.41 -7.92
CA GLU E 29 -3.82 -4.85 -8.96
C GLU E 29 -5.28 -4.81 -8.53
N ILE E 30 -5.66 -5.37 -7.38
CA ILE E 30 -6.91 -5.05 -6.72
C ILE E 30 -6.58 -4.28 -5.46
N ASP E 31 -7.26 -3.15 -5.24
CA ASP E 31 -6.88 -2.25 -4.17
C ASP E 31 -7.03 -2.92 -2.81
N LEU E 32 -8.14 -3.61 -2.59
CA LEU E 32 -8.39 -4.31 -1.33
C LEU E 32 -8.59 -5.79 -1.65
N PRO E 33 -7.54 -6.59 -1.61
CA PRO E 33 -7.68 -8.00 -1.98
C PRO E 33 -8.07 -8.89 -0.81
N PHE E 34 -8.30 -10.16 -1.10
CA PHE E 34 -8.64 -11.14 -0.08
C PHE E 34 -7.39 -11.84 0.41
N GLN E 35 -7.43 -12.30 1.66
CA GLN E 35 -6.33 -13.06 2.22
C GLN E 35 -6.12 -14.33 1.42
N ARG E 36 -4.90 -14.51 0.92
CA ARG E 36 -4.59 -15.63 0.04
C ARG E 36 -3.81 -16.70 0.78
N ASP E 37 -3.73 -17.87 0.16
CA ASP E 37 -3.05 -19.02 0.73
C ASP E 37 -1.56 -18.95 0.40
N GLU E 38 -0.86 -20.04 0.64
CA GLU E 38 0.50 -20.20 0.14
C GLU E 38 0.53 -20.77 -1.26
N LEU E 39 -0.61 -21.20 -1.80
CA LEU E 39 -0.69 -21.67 -3.17
C LEU E 39 -1.87 -21.03 -3.91
N GLY E 40 -2.29 -19.85 -3.46
CA GLY E 40 -3.15 -18.98 -4.22
C GLY E 40 -4.58 -18.91 -3.72
N TYR E 41 -5.10 -20.00 -3.18
CA TYR E 41 -6.50 -20.05 -2.82
C TYR E 41 -6.81 -19.08 -1.69
N PRO E 42 -8.06 -18.68 -1.54
CA PRO E 42 -8.43 -17.84 -0.40
C PRO E 42 -8.26 -18.59 0.91
N THR E 43 -8.08 -17.82 1.97
CA THR E 43 -7.89 -18.39 3.29
C THR E 43 -8.19 -17.33 4.33
N ILE E 44 -8.36 -17.77 5.56
CA ILE E 44 -8.58 -16.89 6.70
C ILE E 44 -7.43 -17.13 7.66
N TYR E 45 -6.55 -16.14 7.78
CA TYR E 45 -5.45 -16.26 8.73
C TYR E 45 -6.00 -16.45 10.13
N ALA E 46 -5.38 -17.36 10.88
CA ALA E 46 -5.85 -17.67 12.22
C ALA E 46 -5.81 -16.45 13.13
N SER E 47 -5.00 -15.45 12.79
CA SER E 47 -5.01 -14.22 13.55
C SER E 47 -6.30 -13.44 13.31
N SER E 48 -6.89 -13.57 12.12
CA SER E 48 -8.18 -12.97 11.87
C SER E 48 -9.28 -13.75 12.56
N LEU E 49 -9.22 -15.07 12.48
CA LEU E 49 -10.19 -15.91 13.17
C LEU E 49 -10.18 -15.64 14.67
N LYS E 50 -9.00 -15.75 15.28
CA LYS E 50 -8.92 -15.63 16.73
C LYS E 50 -9.42 -14.28 17.20
N GLY E 51 -8.97 -13.21 16.56
CA GLY E 51 -9.35 -11.88 17.01
C GLY E 51 -10.82 -11.60 16.81
N ALA E 52 -11.40 -12.13 15.74
CA ALA E 52 -12.82 -11.93 15.50
C ALA E 52 -13.65 -12.75 16.47
N ILE E 53 -13.28 -14.01 16.67
CA ILE E 53 -14.04 -14.86 17.59
C ILE E 53 -13.84 -14.40 19.02
N LYS E 54 -12.61 -14.05 19.40
CA LYS E 54 -12.37 -13.58 20.76
C LYS E 54 -13.17 -12.33 21.07
N SER E 55 -13.24 -11.39 20.11
CA SER E 55 -14.01 -10.18 20.34
C SER E 55 -15.50 -10.48 20.40
N PHE E 56 -15.96 -11.49 19.67
CA PHE E 56 -17.34 -11.90 19.74
C PHE E 56 -17.68 -12.46 21.12
N LEU E 57 -16.87 -13.42 21.58
CA LEU E 57 -17.15 -14.08 22.86
C LEU E 57 -17.15 -13.09 24.01
N LEU E 58 -16.26 -12.09 23.96
CA LEU E 58 -16.13 -11.16 25.08
C LEU E 58 -17.40 -10.36 25.32
N LYS E 59 -18.26 -10.22 24.32
CA LYS E 59 -19.52 -9.50 24.49
C LYS E 59 -20.74 -10.40 24.50
N GLU E 60 -20.63 -11.62 23.99
CA GLU E 60 -21.76 -12.53 24.07
C GLU E 60 -21.82 -13.25 25.42
N PHE E 61 -20.66 -13.53 25.99
CA PHE E 61 -20.60 -14.18 27.28
C PHE E 61 -19.93 -13.24 28.27
N PRO E 62 -20.58 -12.14 28.66
CA PRO E 62 -19.89 -11.12 29.45
C PRO E 62 -19.51 -11.57 30.84
N ASP E 63 -19.95 -12.74 31.29
CA ASP E 63 -19.54 -13.25 32.59
C ASP E 63 -18.42 -14.26 32.52
N LYS E 64 -18.17 -14.83 31.34
CA LYS E 64 -17.09 -15.80 31.15
C LYS E 64 -15.80 -15.14 30.70
N ARG E 65 -15.59 -13.88 31.05
CA ARG E 65 -14.37 -13.17 30.67
C ARG E 65 -13.14 -13.98 31.03
N ASP E 66 -13.01 -14.33 32.31
CA ASP E 66 -11.84 -15.04 32.79
C ASP E 66 -11.68 -16.40 32.11
N VAL E 67 -12.78 -17.05 31.74
CA VAL E 67 -12.66 -18.32 31.04
C VAL E 67 -12.20 -18.10 29.61
N ILE E 68 -12.62 -17.00 28.98
CA ILE E 68 -12.17 -16.71 27.63
C ILE E 68 -10.74 -16.19 27.66
N TYR E 69 -10.40 -15.39 28.65
CA TYR E 69 -9.06 -14.80 28.71
C TYR E 69 -7.99 -15.86 28.92
N LYS E 70 -8.30 -16.92 29.68
CA LYS E 70 -7.32 -17.99 29.83
C LYS E 70 -7.12 -18.72 28.51
N VAL E 71 -8.20 -19.06 27.82
CA VAL E 71 -8.05 -19.87 26.63
C VAL E 71 -7.62 -19.03 25.43
N LEU E 72 -7.98 -17.75 25.39
CA LEU E 72 -7.66 -16.92 24.25
C LEU E 72 -6.71 -15.77 24.58
N GLY E 73 -6.17 -15.72 25.79
CA GLY E 73 -5.15 -14.74 26.10
C GLY E 73 -5.70 -13.42 26.61
N GLU E 74 -5.07 -12.87 27.64
CA GLU E 74 -5.49 -11.60 28.18
C GLU E 74 -5.25 -10.49 27.16
N ASP E 75 -5.75 -9.31 27.47
CA ASP E 75 -5.59 -8.16 26.59
C ASP E 75 -4.87 -7.00 27.25
N GLU E 76 -5.03 -6.80 28.57
CA GLU E 76 -4.41 -5.66 29.22
C GLU E 76 -2.95 -5.95 29.59
N ASN E 77 -2.73 -6.94 30.44
CA ASN E 77 -1.39 -7.28 30.93
C ASN E 77 -1.20 -8.78 30.78
N PRO E 78 -0.77 -9.23 29.62
CA PRO E 78 -0.67 -10.66 29.35
C PRO E 78 0.52 -11.33 30.04
N GLU E 79 0.34 -11.73 31.29
CA GLU E 79 1.41 -12.35 32.05
C GLU E 79 1.68 -13.79 31.65
N GLU E 80 1.01 -14.32 30.63
CA GLU E 80 1.25 -15.71 30.22
C GLU E 80 0.63 -15.91 28.85
N ALA E 81 0.84 -17.12 28.32
CA ALA E 81 0.36 -17.47 27.00
C ALA E 81 -1.06 -18.00 27.06
N SER E 82 -1.79 -17.81 25.96
CA SER E 82 -3.12 -18.37 25.85
C SER E 82 -3.05 -19.89 25.71
N LEU E 83 -4.14 -20.55 26.07
CA LEU E 83 -4.19 -22.00 26.06
C LEU E 83 -4.83 -22.58 24.81
N GLY E 84 -5.58 -21.78 24.07
CA GLY E 84 -6.26 -22.23 22.88
C GLY E 84 -5.59 -21.70 21.63
N THR E 85 -5.55 -22.52 20.58
CA THR E 85 -4.97 -22.13 19.31
C THR E 85 -6.01 -22.26 18.21
N PHE E 86 -5.96 -21.36 17.25
CA PHE E 86 -6.69 -21.50 16.01
C PHE E 86 -5.73 -21.88 14.89
N LEU E 87 -6.24 -22.60 13.93
CA LEU E 87 -5.48 -22.91 12.73
C LEU E 87 -6.02 -22.10 11.57
N ASP E 88 -5.14 -21.74 10.64
CA ASP E 88 -5.56 -21.00 9.45
C ASP E 88 -6.68 -21.75 8.75
N ALA E 89 -7.76 -21.04 8.44
CA ALA E 89 -8.91 -21.65 7.80
C ALA E 89 -8.59 -22.00 6.36
N ILE E 90 -8.52 -23.28 6.06
CA ILE E 90 -8.28 -23.74 4.70
C ILE E 90 -9.59 -23.68 3.93
N LEU E 91 -9.53 -23.21 2.69
CA LEU E 91 -10.70 -23.22 1.84
C LEU E 91 -11.14 -24.65 1.58
N PHE E 92 -12.31 -25.03 2.07
CA PHE E 92 -12.75 -26.41 1.87
C PHE E 92 -13.48 -26.58 0.55
N ALA E 93 -14.49 -25.75 0.29
CA ALA E 93 -15.27 -25.82 -0.94
C ALA E 93 -15.86 -24.45 -1.21
N ILE E 94 -15.91 -24.08 -2.49
CA ILE E 94 -16.39 -22.76 -2.89
C ILE E 94 -17.60 -22.95 -3.81
N PRO E 95 -18.63 -22.14 -3.69
CA PRO E 95 -19.79 -22.29 -4.58
C PRO E 95 -19.45 -21.86 -6.00
N SER E 96 -19.75 -22.72 -6.95
CA SER E 96 -19.47 -22.45 -8.35
C SER E 96 -20.77 -22.52 -9.14
N ARG E 97 -20.84 -21.73 -10.20
CA ARG E 97 -21.97 -21.77 -11.11
C ARG E 97 -21.74 -22.85 -12.14
N ILE E 98 -22.81 -23.55 -12.51
CA ILE E 98 -22.70 -24.76 -13.31
C ILE E 98 -23.69 -24.71 -14.46
N ILE E 99 -23.31 -25.35 -15.56
CA ILE E 99 -24.22 -25.62 -16.68
C ILE E 99 -24.37 -27.14 -16.76
N GLU E 100 -25.56 -27.63 -16.39
CA GLU E 100 -25.80 -29.05 -16.18
C GLU E 100 -26.08 -29.72 -17.52
N ILE E 101 -25.02 -29.89 -18.32
CA ILE E 101 -25.11 -30.62 -19.56
C ILE E 101 -24.88 -32.10 -19.27
N ASP E 102 -25.28 -32.95 -20.20
CA ASP E 102 -25.22 -34.40 -20.06
C ASP E 102 -25.97 -34.89 -18.83
N SER E 103 -27.05 -34.19 -18.48
CA SER E 103 -27.97 -34.64 -17.44
C SER E 103 -29.26 -33.85 -17.58
N ALA E 104 -30.32 -34.38 -16.97
CA ALA E 104 -31.62 -33.73 -16.96
C ALA E 104 -32.06 -33.31 -15.57
N LYS E 105 -31.23 -33.56 -14.55
CA LYS E 105 -31.52 -33.11 -13.19
C LYS E 105 -30.79 -31.80 -12.97
N PRO E 106 -31.47 -30.66 -13.02
CA PRO E 106 -30.76 -29.38 -13.15
C PRO E 106 -30.35 -28.75 -11.84
N TYR E 107 -29.08 -28.39 -11.73
CA TYR E 107 -28.57 -27.59 -10.63
C TYR E 107 -28.22 -26.20 -11.16
N VAL E 108 -28.40 -25.19 -10.31
CA VAL E 108 -27.98 -23.85 -10.69
C VAL E 108 -26.54 -23.59 -10.26
N TRP E 109 -26.15 -24.01 -9.06
CA TRP E 109 -24.78 -23.91 -8.61
C TRP E 109 -24.36 -25.24 -8.01
N VAL E 110 -23.11 -25.28 -7.52
CA VAL E 110 -22.51 -26.52 -7.06
C VAL E 110 -21.32 -26.17 -6.19
N TYR E 111 -20.96 -27.08 -5.30
CA TYR E 111 -19.77 -26.91 -4.48
C TYR E 111 -18.58 -27.51 -5.20
N VAL E 112 -17.49 -26.76 -5.30
CA VAL E 112 -16.31 -27.18 -6.01
C VAL E 112 -15.12 -27.13 -5.07
N THR E 113 -14.38 -28.24 -4.98
CA THR E 113 -13.14 -28.30 -4.24
C THR E 113 -12.13 -29.03 -5.10
N THR E 114 -10.88 -29.00 -4.68
CA THR E 114 -9.81 -29.66 -5.41
C THR E 114 -9.05 -30.60 -4.47
N TYR E 115 -8.10 -31.33 -5.04
CA TYR E 115 -7.38 -32.34 -4.27
C TYR E 115 -6.34 -31.71 -3.36
N GLU E 116 -5.64 -30.68 -3.83
CA GLU E 116 -4.68 -30.01 -2.97
C GLU E 116 -5.36 -29.37 -1.78
N LEU E 117 -6.60 -28.90 -1.94
CA LEU E 117 -7.33 -28.36 -0.81
C LEU E 117 -7.69 -29.44 0.19
N LEU E 118 -7.88 -30.67 -0.28
CA LEU E 118 -8.20 -31.76 0.62
C LEU E 118 -6.97 -32.28 1.32
N LYS E 119 -5.83 -32.31 0.61
CA LYS E 119 -4.59 -32.77 1.23
C LYS E 119 -4.23 -31.90 2.43
N LYS E 120 -4.48 -30.60 2.34
CA LYS E 120 -4.24 -29.74 3.50
C LYS E 120 -5.23 -29.99 4.62
N VAL E 121 -6.39 -30.58 4.32
CA VAL E 121 -7.32 -30.95 5.36
C VAL E 121 -6.95 -32.29 5.97
N LYS E 122 -6.44 -33.22 5.17
CA LYS E 122 -5.87 -34.44 5.72
C LYS E 122 -4.72 -34.13 6.66
N LEU E 123 -3.83 -33.22 6.26
CA LEU E 123 -2.71 -32.85 7.11
C LEU E 123 -3.18 -32.29 8.43
N TYR E 124 -4.17 -31.41 8.41
CA TYR E 124 -4.69 -30.86 9.65
C TYR E 124 -5.30 -31.94 10.52
N LEU E 125 -5.88 -32.97 9.91
CA LEU E 125 -6.52 -34.02 10.68
C LEU E 125 -5.51 -35.04 11.18
N ASP E 126 -4.51 -35.38 10.35
CA ASP E 126 -3.49 -36.31 10.78
C ASP E 126 -2.68 -35.75 11.94
N SER E 127 -2.32 -34.47 11.87
CA SER E 127 -1.51 -33.87 12.91
C SER E 127 -2.25 -33.86 14.24
N ILE E 128 -3.40 -33.18 14.29
CA ILE E 128 -4.12 -33.01 15.55
C ILE E 128 -4.73 -34.30 16.06
N SER E 129 -4.73 -35.37 15.27
CA SER E 129 -5.12 -36.66 15.81
C SER E 129 -3.99 -37.31 16.59
N GLN E 130 -2.78 -36.74 16.55
CA GLN E 130 -1.66 -37.18 17.36
C GLN E 130 -1.41 -36.28 18.54
N LEU E 131 -1.57 -34.99 18.38
CA LEU E 131 -1.43 -34.06 19.48
C LEU E 131 -2.64 -34.06 20.38
N SER E 132 -3.55 -34.99 20.16
CA SER E 132 -4.71 -35.16 21.02
C SER E 132 -5.20 -36.59 20.88
N ASN E 133 -5.93 -37.06 21.89
CA ASN E 133 -6.51 -38.39 21.80
C ASN E 133 -7.67 -38.42 20.81
N ALA E 134 -8.31 -37.28 20.59
CA ALA E 134 -9.44 -37.20 19.69
C ALA E 134 -9.06 -37.68 18.29
N SER E 135 -9.85 -38.62 17.77
CA SER E 135 -9.73 -39.07 16.40
C SER E 135 -10.97 -38.66 15.63
N PHE E 136 -10.81 -38.52 14.31
CA PHE E 136 -11.86 -38.06 13.42
C PHE E 136 -12.00 -39.02 12.25
N SER E 137 -12.10 -40.31 12.58
CA SER E 137 -12.06 -41.36 11.57
C SER E 137 -13.19 -41.19 10.55
N ASN E 138 -14.36 -40.78 11.00
CA ASN E 138 -15.46 -40.59 10.07
C ASN E 138 -15.15 -39.50 9.06
N LEU E 139 -14.42 -38.47 9.47
CA LEU E 139 -14.01 -37.44 8.53
C LEU E 139 -12.73 -37.81 7.81
N LYS E 140 -11.77 -38.41 8.51
CA LYS E 140 -10.51 -38.78 7.89
C LYS E 140 -10.67 -39.90 6.87
N ASN E 141 -11.74 -40.69 6.96
CA ASN E 141 -11.93 -41.78 6.01
C ASN E 141 -12.74 -41.35 4.80
N LYS E 142 -13.66 -40.39 4.97
CA LYS E 142 -14.26 -39.75 3.81
C LYS E 142 -13.19 -39.12 2.94
N ILE E 143 -12.34 -38.30 3.55
CA ILE E 143 -11.34 -37.55 2.79
C ILE E 143 -10.37 -38.51 2.11
N ASP E 144 -9.99 -39.58 2.80
CA ASP E 144 -9.03 -40.50 2.21
C ASP E 144 -9.66 -41.34 1.11
N THR E 145 -10.95 -41.66 1.23
CA THR E 145 -11.65 -42.31 0.13
C THR E 145 -11.64 -41.43 -1.11
N ILE E 146 -11.79 -40.11 -0.92
CA ILE E 146 -11.78 -39.20 -2.05
C ILE E 146 -10.38 -39.11 -2.65
N LEU E 147 -9.37 -39.00 -1.80
CA LEU E 147 -8.01 -38.82 -2.28
C LEU E 147 -7.50 -40.02 -3.05
N ALA E 148 -8.10 -41.20 -2.87
CA ALA E 148 -7.71 -42.35 -3.67
C ALA E 148 -7.99 -42.09 -5.15
N LYS E 149 -9.09 -41.41 -5.45
CA LYS E 149 -9.44 -41.08 -6.83
C LYS E 149 -8.80 -39.77 -7.28
N GLU E 150 -7.50 -39.65 -7.09
CA GLU E 150 -6.79 -38.47 -7.53
C GLU E 150 -6.31 -38.66 -8.97
N GLY E 151 -6.16 -37.54 -9.68
CA GLY E 151 -5.92 -37.60 -11.09
C GLY E 151 -7.18 -37.72 -11.92
N LYS E 152 -8.30 -37.24 -11.40
CA LYS E 152 -9.59 -37.37 -12.05
C LYS E 152 -10.59 -36.45 -11.36
N ASN E 153 -11.47 -35.84 -12.13
CA ASN E 153 -12.54 -35.02 -11.57
C ASN E 153 -13.69 -35.92 -11.16
N ILE E 154 -14.05 -35.90 -9.89
CA ILE E 154 -15.10 -36.77 -9.37
C ILE E 154 -16.18 -35.91 -8.74
N THR E 155 -17.40 -36.44 -8.75
CA THR E 155 -18.54 -35.84 -8.08
C THR E 155 -19.06 -36.82 -7.04
N LEU E 156 -19.35 -36.32 -5.84
CA LEU E 156 -19.66 -37.24 -4.74
C LEU E 156 -21.13 -37.66 -4.76
N ASP E 157 -22.02 -36.73 -4.46
CA ASP E 157 -23.45 -37.03 -4.38
C ASP E 157 -24.19 -36.52 -5.61
N SER E 158 -23.85 -37.08 -6.77
CA SER E 158 -24.48 -36.63 -8.00
C SER E 158 -24.32 -37.68 -9.08
N ASP E 159 -24.97 -37.42 -10.21
CA ASP E 159 -24.79 -38.16 -11.46
C ASP E 159 -24.80 -37.11 -12.57
N LEU E 160 -23.62 -36.58 -12.88
CA LEU E 160 -23.50 -35.46 -13.80
C LEU E 160 -22.80 -35.83 -15.11
N LYS E 161 -21.62 -36.43 -15.02
CA LYS E 161 -20.85 -36.93 -16.16
C LYS E 161 -20.27 -35.79 -16.99
N SER E 162 -20.66 -34.56 -16.70
CA SER E 162 -20.22 -33.39 -17.46
C SER E 162 -20.81 -32.14 -16.83
N ALA E 163 -20.17 -31.01 -17.11
CA ALA E 163 -20.58 -29.72 -16.58
C ALA E 163 -19.71 -28.64 -17.22
N ILE E 164 -20.17 -27.41 -17.11
CA ILE E 164 -19.41 -26.23 -17.53
C ILE E 164 -19.41 -25.30 -16.33
N LEU E 165 -18.34 -25.32 -15.55
CA LEU E 165 -18.29 -24.56 -14.32
C LEU E 165 -17.85 -23.13 -14.58
N ASN E 166 -18.53 -22.19 -13.92
CA ASN E 166 -18.25 -20.76 -14.05
C ASN E 166 -18.12 -20.35 -15.51
N GLU E 167 -19.05 -20.82 -16.33
CA GLU E 167 -19.28 -20.33 -17.68
C GLU E 167 -18.15 -20.65 -18.66
N ASP E 168 -17.06 -21.23 -18.19
CA ASP E 168 -15.91 -21.36 -19.08
C ASP E 168 -15.29 -22.75 -19.07
N PHE E 169 -15.41 -23.47 -17.96
CA PHE E 169 -14.54 -24.60 -17.69
C PHE E 169 -15.31 -25.90 -17.80
N TYR E 170 -14.95 -26.69 -18.79
CA TYR E 170 -15.58 -27.98 -19.02
C TYR E 170 -14.89 -29.06 -18.19
N VAL E 171 -15.70 -29.91 -17.57
CA VAL E 171 -15.18 -31.00 -16.73
C VAL E 171 -15.92 -32.28 -17.08
N GLU E 172 -15.17 -33.37 -17.22
CA GLU E 172 -15.74 -34.70 -17.39
C GLU E 172 -15.66 -35.39 -16.02
N LEU E 173 -16.78 -35.39 -15.31
CA LEU E 173 -16.81 -35.93 -13.96
C LEU E 173 -17.07 -37.44 -13.99
N GLU E 174 -16.34 -38.15 -13.15
CA GLU E 174 -16.59 -39.57 -12.90
C GLU E 174 -17.12 -39.70 -11.49
N ALA E 175 -18.36 -40.17 -11.37
CA ALA E 175 -18.97 -40.33 -10.06
C ALA E 175 -18.11 -41.25 -9.19
N LEU E 176 -18.21 -41.06 -7.88
CA LEU E 176 -17.42 -41.86 -6.97
C LEU E 176 -17.85 -43.32 -7.05
N ASN E 177 -16.98 -44.20 -6.51
CA ASN E 177 -17.17 -45.63 -6.66
C ASN E 177 -18.59 -46.06 -6.28
N ASN E 178 -18.97 -45.87 -5.03
CA ASN E 178 -20.35 -46.13 -4.62
C ASN E 178 -21.06 -44.87 -4.16
N LYS E 179 -20.59 -44.21 -3.11
CA LYS E 179 -21.21 -43.01 -2.56
C LYS E 179 -20.38 -42.55 -1.37
N ILE E 180 -20.58 -41.29 -1.01
CA ILE E 180 -20.05 -40.74 0.24
C ILE E 180 -21.14 -39.90 0.89
N PRO E 181 -21.40 -40.09 2.18
CA PRO E 181 -22.57 -39.45 2.80
C PRO E 181 -22.46 -37.95 2.99
N SER E 182 -22.19 -37.20 1.91
CA SER E 182 -22.42 -35.75 1.86
C SER E 182 -21.68 -35.03 2.99
N ILE E 183 -20.34 -35.02 2.86
CA ILE E 183 -19.43 -34.40 3.82
C ILE E 183 -19.99 -33.09 4.34
N ILE E 184 -20.43 -32.22 3.43
CA ILE E 184 -21.12 -30.99 3.77
C ILE E 184 -22.58 -31.18 3.41
N ASN E 185 -23.40 -31.44 4.41
CA ASN E 185 -24.77 -31.90 4.18
C ASN E 185 -25.59 -30.81 3.50
N ALA E 186 -26.01 -31.08 2.28
CA ALA E 186 -26.87 -30.21 1.49
C ALA E 186 -27.27 -30.96 0.23
N GLY E 187 -28.42 -30.58 -0.33
CA GLY E 187 -28.85 -31.18 -1.58
C GLY E 187 -27.93 -30.90 -2.74
N VAL E 188 -27.12 -29.85 -2.65
CA VAL E 188 -26.21 -29.46 -3.72
C VAL E 188 -25.01 -30.39 -3.72
N PRO E 189 -24.59 -30.89 -4.88
CA PRO E 189 -23.48 -31.83 -4.92
C PRO E 189 -22.13 -31.14 -4.76
N LEU E 190 -21.10 -31.97 -4.57
CA LEU E 190 -19.73 -31.51 -4.40
C LEU E 190 -18.86 -32.12 -5.47
N LEU E 191 -18.15 -31.29 -6.21
CA LEU E 191 -17.21 -31.76 -7.21
C LEU E 191 -15.80 -31.60 -6.69
N VAL E 192 -14.97 -32.61 -6.94
CA VAL E 192 -13.56 -32.57 -6.59
C VAL E 192 -12.78 -32.56 -7.89
N LEU E 193 -12.10 -31.47 -8.17
CA LEU E 193 -11.44 -31.27 -9.44
C LEU E 193 -9.93 -31.38 -9.29
N GLU E 194 -9.27 -31.68 -10.40
CA GLU E 194 -7.84 -31.49 -10.47
C GLU E 194 -7.51 -30.02 -10.23
N ASP E 195 -6.30 -29.77 -9.76
CA ASP E 195 -5.98 -28.42 -9.31
C ASP E 195 -5.63 -27.48 -10.45
N SER E 196 -5.22 -28.02 -11.60
CA SER E 196 -5.05 -27.17 -12.77
C SER E 196 -6.36 -26.49 -13.15
N ILE E 197 -7.44 -27.28 -13.22
CA ILE E 197 -8.75 -26.69 -13.51
C ILE E 197 -9.29 -25.97 -12.30
N GLY E 198 -9.17 -26.60 -11.13
CA GLY E 198 -9.72 -26.02 -9.92
C GLY E 198 -9.15 -24.65 -9.60
N ARG E 199 -7.88 -24.43 -9.93
CA ARG E 199 -7.29 -23.11 -9.71
C ARG E 199 -8.04 -22.04 -10.49
N GLU E 200 -8.35 -22.32 -11.75
CA GLU E 200 -9.06 -21.35 -12.57
C GLU E 200 -10.52 -21.24 -12.15
N VAL E 201 -11.17 -22.36 -11.88
CA VAL E 201 -12.57 -22.35 -11.49
C VAL E 201 -12.75 -21.58 -10.19
N ILE E 202 -11.89 -21.81 -9.21
CA ILE E 202 -12.03 -21.15 -7.92
C ILE E 202 -11.78 -19.66 -8.07
N ASN E 203 -10.81 -19.28 -8.90
CA ASN E 203 -10.50 -17.87 -9.07
C ASN E 203 -11.60 -17.14 -9.82
N ARG E 204 -12.24 -17.81 -10.78
CA ARG E 204 -13.39 -17.22 -11.47
C ARG E 204 -14.59 -17.10 -10.55
N SER E 205 -14.63 -17.86 -9.47
CA SER E 205 -15.76 -17.84 -8.56
C SER E 205 -15.67 -16.76 -7.51
N LEU E 206 -14.56 -16.04 -7.44
CA LEU E 206 -14.47 -14.95 -6.49
C LEU E 206 -15.21 -13.73 -7.00
N ILE E 207 -15.55 -12.83 -6.09
CA ILE E 207 -16.39 -11.69 -6.38
C ILE E 207 -15.55 -10.43 -6.27
N ARG E 208 -15.37 -9.75 -7.39
CA ARG E 208 -14.56 -8.54 -7.45
C ARG E 208 -15.47 -7.38 -7.84
N VAL E 209 -15.49 -6.34 -6.99
CA VAL E 209 -16.48 -5.29 -7.07
C VAL E 209 -15.77 -3.94 -6.99
N ARG E 210 -16.08 -3.06 -7.93
CA ARG E 210 -15.61 -1.68 -7.87
C ARG E 210 -16.62 -0.84 -7.12
N ARG E 211 -16.13 0.02 -6.24
CA ARG E 211 -16.96 0.92 -5.48
C ARG E 211 -16.48 2.34 -5.67
N ILE E 212 -17.35 3.30 -5.37
CA ILE E 212 -17.02 4.71 -5.56
C ILE E 212 -17.40 5.47 -4.29
N ARG E 213 -16.89 6.69 -4.21
CA ARG E 213 -17.30 7.64 -3.19
C ARG E 213 -17.78 8.90 -3.88
N ILE E 214 -18.93 9.39 -3.44
CA ILE E 214 -19.60 10.52 -4.09
C ILE E 214 -19.43 11.74 -3.19
N ASP E 215 -19.15 12.88 -3.81
CA ASP E 215 -19.04 14.12 -3.07
C ASP E 215 -20.36 14.44 -2.36
N ARG E 216 -20.25 15.03 -1.18
CA ARG E 216 -21.38 15.16 -0.28
C ARG E 216 -22.34 16.28 -0.65
N ASP E 217 -22.04 17.08 -1.68
CA ASP E 217 -22.90 18.22 -1.98
C ASP E 217 -23.32 18.29 -3.43
N LYS E 218 -22.50 17.80 -4.35
CA LYS E 218 -22.74 17.98 -5.77
C LYS E 218 -23.07 16.68 -6.50
N LYS E 219 -23.20 15.55 -5.80
CA LYS E 219 -23.58 14.28 -6.39
C LYS E 219 -22.67 13.94 -7.57
N VAL E 220 -21.38 13.81 -7.28
CA VAL E 220 -20.41 13.40 -8.28
C VAL E 220 -19.27 12.69 -7.57
N VAL E 221 -18.68 11.71 -8.27
CA VAL E 221 -17.64 10.91 -7.67
C VAL E 221 -16.45 11.81 -7.31
N GLU E 222 -15.78 11.47 -6.21
CA GLU E 222 -14.64 12.24 -5.77
C GLU E 222 -13.46 11.98 -6.68
N THR E 223 -12.34 12.64 -6.37
CA THR E 223 -11.13 12.47 -7.16
C THR E 223 -10.43 11.18 -6.73
N GLY E 224 -10.30 10.25 -7.66
CA GLY E 224 -9.68 8.97 -7.34
C GLY E 224 -10.41 8.17 -6.29
N GLY E 225 -11.66 8.50 -6.02
CA GLY E 225 -12.45 7.75 -5.06
C GLY E 225 -13.17 6.59 -5.71
N LEU E 226 -12.43 5.80 -6.49
CA LEU E 226 -12.95 4.61 -7.15
C LEU E 226 -11.97 3.47 -6.91
N TRP E 227 -12.37 2.51 -6.09
CA TRP E 227 -11.50 1.39 -5.76
C TRP E 227 -12.22 0.08 -5.99
N SER E 228 -11.46 -1.00 -5.98
CA SER E 228 -12.00 -2.33 -6.19
C SER E 228 -11.75 -3.19 -4.97
N GLU E 229 -12.61 -4.19 -4.76
CA GLU E 229 -12.49 -5.10 -3.64
C GLU E 229 -12.74 -6.50 -4.13
N GLU E 230 -12.47 -7.47 -3.25
CA GLU E 230 -12.53 -8.88 -3.61
C GLU E 230 -13.18 -9.62 -2.46
N TYR E 231 -14.34 -10.21 -2.71
CA TYR E 231 -15.06 -10.96 -1.70
C TYR E 231 -15.04 -12.44 -2.02
N VAL E 232 -15.31 -13.24 -1.00
CA VAL E 232 -15.53 -14.68 -1.14
C VAL E 232 -17.03 -14.91 -1.15
N PRO E 233 -17.54 -15.71 -2.08
CA PRO E 233 -19.00 -15.81 -2.23
C PRO E 233 -19.68 -16.37 -1.00
N MET E 234 -20.86 -15.83 -0.72
CA MET E 234 -21.75 -16.45 0.24
C MET E 234 -21.89 -17.93 -0.04
N LYS E 235 -21.98 -18.72 1.03
CA LYS E 235 -22.06 -20.18 1.01
C LYS E 235 -20.71 -20.84 0.77
N THR E 236 -19.61 -20.14 0.99
CA THR E 236 -18.30 -20.75 0.93
C THR E 236 -17.98 -21.42 2.25
N ILE E 237 -17.13 -22.44 2.20
CA ILE E 237 -16.83 -23.25 3.37
C ILE E 237 -15.32 -23.27 3.58
N PHE E 238 -14.89 -22.84 4.76
CA PHE E 238 -13.51 -22.95 5.20
C PHE E 238 -13.40 -23.97 6.32
N PHE E 239 -12.28 -24.66 6.37
CA PHE E 239 -12.04 -25.68 7.39
C PHE E 239 -10.96 -25.20 8.33
N SER E 240 -11.20 -25.29 9.63
CA SER E 240 -10.23 -24.88 10.63
C SER E 240 -10.40 -25.76 11.87
N VAL E 241 -9.47 -25.60 12.81
CA VAL E 241 -9.48 -26.36 14.04
C VAL E 241 -9.25 -25.41 15.21
N LEU E 242 -9.86 -25.72 16.34
CA LEU E 242 -9.68 -24.97 17.58
C LEU E 242 -9.10 -25.93 18.61
N LEU E 243 -7.81 -25.80 18.86
CA LEU E 243 -7.10 -26.69 19.77
C LEU E 243 -6.95 -26.03 21.13
N GLY E 244 -6.82 -26.85 22.16
CA GLY E 244 -6.69 -26.32 23.50
C GLY E 244 -5.95 -27.24 24.44
N LYS E 245 -5.17 -26.68 25.34
CA LYS E 245 -4.47 -27.42 26.37
C LYS E 245 -5.26 -27.39 27.67
N GLU E 246 -5.07 -28.42 28.48
CA GLU E 246 -5.91 -28.59 29.67
C GLU E 246 -5.57 -27.54 30.73
N SER E 247 -6.61 -26.84 31.20
CA SER E 247 -6.42 -25.88 32.28
C SER E 247 -7.56 -25.76 33.26
N LYS E 248 -8.61 -26.59 33.17
CA LYS E 248 -9.87 -26.46 33.91
C LYS E 248 -10.70 -25.30 33.38
N GLU E 249 -10.11 -24.49 32.50
CA GLU E 249 -10.88 -23.54 31.72
C GLU E 249 -11.08 -24.00 30.29
N SER E 250 -10.11 -24.73 29.74
CA SER E 250 -10.30 -25.36 28.45
C SER E 250 -11.49 -26.30 28.47
N ALA E 251 -11.73 -26.95 29.62
CA ALA E 251 -12.88 -27.82 29.75
C ALA E 251 -14.18 -27.03 29.64
N ILE E 252 -14.26 -25.91 30.33
CA ILE E 252 -15.47 -25.07 30.26
C ILE E 252 -15.61 -24.50 28.87
N PHE E 253 -14.52 -23.96 28.32
CA PHE E 253 -14.53 -23.42 26.97
C PHE E 253 -15.10 -24.43 25.98
N ALA E 254 -14.60 -25.66 26.01
CA ALA E 254 -15.08 -26.67 25.07
C ALA E 254 -16.52 -27.06 25.36
N SER E 255 -16.94 -27.02 26.62
CA SER E 255 -18.24 -27.56 27.00
C SER E 255 -19.33 -26.51 27.10
N CYS E 256 -18.98 -25.25 27.32
CA CYS E 256 -19.97 -24.20 27.43
C CYS E 256 -19.94 -23.21 26.30
N ILE E 257 -18.76 -22.79 25.84
CA ILE E 257 -18.68 -21.72 24.86
C ILE E 257 -18.79 -22.27 23.44
N LEU E 258 -18.10 -23.37 23.16
CA LEU E 258 -18.05 -23.88 21.80
C LEU E 258 -19.33 -24.55 21.36
N ARG E 259 -20.32 -24.69 22.24
CA ARG E 259 -21.62 -25.21 21.83
C ARG E 259 -22.65 -24.11 21.67
N ASN E 260 -22.34 -22.89 22.08
CA ASN E 260 -23.19 -21.74 21.85
C ASN E 260 -22.59 -20.81 20.81
N LEU E 261 -21.57 -21.25 20.10
CA LEU E 261 -20.96 -20.50 19.02
C LEU E 261 -21.57 -20.99 17.72
N ARG E 262 -22.52 -20.23 17.18
CA ARG E 262 -23.18 -20.59 15.94
C ARG E 262 -22.86 -19.58 14.84
N TYR E 263 -23.13 -18.31 15.08
CA TYR E 263 -22.92 -17.26 14.09
C TYR E 263 -21.97 -16.23 14.68
N VAL E 264 -20.84 -16.02 14.02
CA VAL E 264 -19.94 -14.92 14.37
C VAL E 264 -19.76 -14.06 13.14
N ILE E 265 -18.97 -13.00 13.25
CA ILE E 265 -18.79 -12.04 12.18
C ILE E 265 -17.30 -11.90 11.92
N LEU E 266 -16.83 -12.41 10.78
CA LEU E 266 -15.43 -12.33 10.41
C LEU E 266 -15.18 -11.11 9.53
N GLY E 267 -13.92 -10.93 9.14
CA GLY E 267 -13.48 -9.98 8.18
C GLY E 267 -13.93 -8.55 8.42
N GLY E 268 -13.88 -7.77 7.35
CA GLY E 268 -14.27 -6.38 7.41
C GLY E 268 -15.48 -6.09 6.54
N LYS E 269 -15.63 -4.83 6.15
CA LYS E 269 -16.79 -4.41 5.37
C LYS E 269 -18.08 -4.79 6.07
N GLU E 270 -18.12 -4.57 7.38
CA GLU E 270 -19.24 -5.09 8.17
C GLU E 270 -20.52 -4.33 7.91
N THR E 271 -20.42 -3.06 7.54
CA THR E 271 -21.60 -2.26 7.26
C THR E 271 -22.17 -2.50 5.88
N ILE E 272 -21.44 -3.24 5.04
CA ILE E 272 -21.98 -3.75 3.79
C ILE E 272 -22.58 -5.14 3.99
N GLY E 273 -22.79 -5.54 5.25
CA GLY E 273 -23.27 -6.87 5.53
C GLY E 273 -22.32 -7.97 5.19
N LYS E 274 -21.05 -7.66 5.00
CA LYS E 274 -20.07 -8.69 4.77
C LYS E 274 -19.65 -9.31 6.09
N GLY E 275 -19.26 -10.59 6.03
CA GLY E 275 -18.56 -11.21 7.12
C GLY E 275 -19.40 -12.02 8.08
N ILE E 276 -20.72 -11.99 7.96
CA ILE E 276 -21.53 -12.88 8.78
C ILE E 276 -21.27 -14.31 8.34
N VAL E 277 -21.03 -15.20 9.30
CA VAL E 277 -20.50 -16.52 9.00
C VAL E 277 -21.02 -17.47 10.06
N GLU E 278 -21.01 -18.76 9.74
CA GLU E 278 -21.58 -19.78 10.62
C GLU E 278 -20.55 -20.86 10.88
N LEU E 279 -20.32 -21.15 12.16
CA LEU E 279 -19.41 -22.21 12.56
C LEU E 279 -20.19 -23.51 12.75
N ARG E 280 -19.75 -24.57 12.08
CA ARG E 280 -20.41 -25.86 12.14
C ARG E 280 -19.37 -26.88 12.58
N TRP E 281 -19.45 -27.31 13.84
CA TRP E 281 -18.43 -28.16 14.42
C TRP E 281 -18.47 -29.55 13.82
N VAL E 282 -17.28 -30.10 13.54
CA VAL E 282 -17.19 -31.43 12.97
C VAL E 282 -17.75 -32.47 13.94
N LYS E 283 -17.62 -32.22 15.24
CA LYS E 283 -18.06 -33.20 16.22
C LYS E 283 -19.55 -33.48 16.12
N ASP E 284 -20.34 -32.52 15.62
CA ASP E 284 -21.77 -32.72 15.46
C ASP E 284 -22.22 -32.53 14.02
N VAL E 285 -21.32 -32.71 13.05
CA VAL E 285 -21.68 -32.55 11.64
C VAL E 285 -22.02 -33.87 10.98
N ILE E 286 -21.78 -34.99 11.66
CA ILE E 286 -22.08 -36.29 11.09
C ILE E 286 -23.55 -36.64 11.34
N PRO F 2 32.49 -42.72 15.71
CA PRO F 2 32.33 -43.10 17.11
C PRO F 2 32.43 -41.92 18.05
N TYR F 3 32.72 -40.74 17.53
CA TYR F 3 32.61 -39.54 18.36
C TYR F 3 31.18 -39.32 18.81
N TYR F 4 30.22 -39.62 17.93
CA TYR F 4 28.80 -39.59 18.27
C TYR F 4 28.30 -41.02 18.33
N ALA F 5 27.59 -41.36 19.42
CA ALA F 5 26.96 -42.66 19.52
C ALA F 5 25.95 -42.87 18.40
N PHE F 6 24.94 -42.02 18.35
CA PHE F 6 23.93 -42.06 17.29
C PHE F 6 23.91 -40.75 16.53
N ALA F 7 23.41 -40.82 15.31
CA ALA F 7 23.31 -39.67 14.42
C ALA F 7 22.02 -39.79 13.65
N GLU F 8 21.10 -38.85 13.87
CA GLU F 8 19.73 -38.93 13.36
C GLU F 8 19.40 -37.73 12.50
N PRO F 9 19.61 -37.82 11.18
CA PRO F 9 19.13 -36.75 10.30
C PRO F 9 17.64 -36.87 10.11
N PHE F 10 16.96 -35.73 10.07
CA PHE F 10 15.52 -35.75 9.92
C PHE F 10 15.09 -34.53 9.14
N PHE F 11 14.01 -34.70 8.39
CA PHE F 11 13.38 -33.58 7.71
C PHE F 11 12.31 -32.99 8.61
N ILE F 12 12.00 -31.73 8.37
CA ILE F 12 11.08 -30.97 9.19
C ILE F 12 10.03 -30.41 8.25
N HIS F 13 8.93 -31.15 8.08
CA HIS F 13 7.85 -30.73 7.21
C HIS F 13 6.88 -29.86 7.99
N ALA F 14 6.64 -28.64 7.51
CA ALA F 14 5.71 -27.74 8.16
C ALA F 14 4.28 -28.13 7.83
N ILE F 15 3.47 -28.32 8.85
CA ILE F 15 2.05 -28.61 8.65
C ILE F 15 1.26 -27.32 8.55
N THR F 16 1.56 -26.36 9.39
CA THR F 16 1.08 -25.00 9.26
C THR F 16 2.26 -24.08 8.99
N HIS F 17 1.97 -22.84 8.60
CA HIS F 17 3.03 -21.86 8.45
C HIS F 17 3.74 -21.70 9.78
N LEU F 18 5.07 -21.78 9.76
CA LEU F 18 5.79 -21.63 11.00
C LEU F 18 6.52 -20.30 11.04
N HIS F 19 6.84 -19.86 12.25
CA HIS F 19 7.49 -18.57 12.44
C HIS F 19 8.41 -18.69 13.66
N VAL F 20 9.69 -18.87 13.41
CA VAL F 20 10.69 -18.75 14.47
C VAL F 20 11.16 -17.31 14.51
N GLY F 21 11.22 -16.76 15.71
CA GLY F 21 11.31 -15.32 15.87
C GLY F 21 12.58 -14.71 15.35
N SER F 22 12.63 -13.38 15.49
CA SER F 22 13.66 -12.57 14.84
C SER F 22 15.06 -13.03 15.20
N GLY F 23 15.42 -12.90 16.48
CA GLY F 23 16.72 -13.31 16.95
C GLY F 23 17.83 -12.30 16.69
N SER F 24 18.09 -12.02 15.41
CA SER F 24 19.27 -11.28 15.01
C SER F 24 19.22 -9.85 15.51
N SER F 25 20.31 -9.13 15.24
CA SER F 25 20.47 -7.75 15.64
C SER F 25 20.47 -6.76 14.48
N VAL F 26 20.65 -7.24 13.25
CA VAL F 26 20.59 -6.37 12.09
C VAL F 26 19.17 -5.85 11.93
N GLU F 27 19.02 -4.54 11.81
CA GLU F 27 17.73 -3.95 11.56
C GLU F 27 17.23 -4.36 10.18
N GLU F 28 15.91 -4.53 10.06
CA GLU F 28 15.32 -5.02 8.83
C GLU F 28 13.94 -4.40 8.67
N GLU F 29 13.40 -4.49 7.46
CA GLU F 29 12.13 -3.85 7.14
C GLU F 29 10.95 -4.53 7.81
N ILE F 30 10.90 -5.86 7.78
CA ILE F 30 9.82 -6.58 8.47
C ILE F 30 9.98 -6.41 9.97
N ASP F 31 8.85 -6.26 10.66
CA ASP F 31 8.89 -5.97 12.09
C ASP F 31 9.32 -7.20 12.87
N LEU F 32 8.69 -8.34 12.62
CA LEU F 32 9.05 -9.62 13.24
C LEU F 32 9.51 -10.56 12.14
N PRO F 33 10.78 -10.53 11.78
CA PRO F 33 11.25 -11.37 10.67
C PRO F 33 11.47 -12.81 11.10
N PHE F 34 11.72 -13.65 10.10
CA PHE F 34 12.03 -15.05 10.28
C PHE F 34 13.54 -15.22 10.46
N GLN F 35 13.92 -16.31 11.12
CA GLN F 35 15.34 -16.59 11.32
C GLN F 35 16.02 -16.84 9.98
N ARG F 36 17.17 -16.19 9.78
CA ARG F 36 17.86 -16.23 8.51
C ARG F 36 19.10 -17.11 8.59
N ASP F 37 19.49 -17.62 7.45
CA ASP F 37 20.72 -18.39 7.29
C ASP F 37 21.90 -17.44 7.18
N GLU F 38 23.05 -17.96 6.79
CA GLU F 38 24.17 -17.11 6.41
C GLU F 38 24.10 -16.70 4.94
N LEU F 39 23.39 -17.48 4.12
CA LEU F 39 23.10 -17.11 2.74
C LEU F 39 21.83 -16.30 2.62
N GLY F 40 21.13 -16.06 3.72
CA GLY F 40 19.89 -15.31 3.71
C GLY F 40 18.65 -16.15 3.60
N TYR F 41 18.77 -17.45 3.41
CA TYR F 41 17.62 -18.33 3.35
C TYR F 41 17.02 -18.50 4.74
N PRO F 42 15.76 -18.92 4.82
CA PRO F 42 15.19 -19.20 6.14
C PRO F 42 15.79 -20.45 6.74
N THR F 43 15.92 -20.44 8.06
CA THR F 43 16.47 -21.57 8.77
C THR F 43 15.93 -21.53 10.20
N ILE F 44 16.24 -22.58 10.95
CA ILE F 44 15.88 -22.67 12.35
C ILE F 44 17.16 -22.88 13.13
N TYR F 45 17.53 -21.90 13.95
CA TYR F 45 18.65 -22.09 14.85
C TYR F 45 18.38 -23.30 15.74
N ALA F 46 19.40 -24.15 15.90
CA ALA F 46 19.25 -25.32 16.73
C ALA F 46 18.89 -24.96 18.17
N SER F 47 19.25 -23.76 18.61
CA SER F 47 18.83 -23.33 19.94
C SER F 47 17.32 -23.26 20.03
N SER F 48 16.64 -23.01 18.92
CA SER F 48 15.19 -23.01 18.87
C SER F 48 14.62 -24.40 18.61
N LEU F 49 15.30 -25.22 17.81
CA LEU F 49 14.93 -26.62 17.72
C LEU F 49 15.00 -27.30 19.07
N LYS F 50 16.11 -27.11 19.78
CA LYS F 50 16.30 -27.84 21.03
C LYS F 50 15.28 -27.41 22.07
N GLY F 51 15.14 -26.11 22.30
CA GLY F 51 14.24 -25.65 23.33
C GLY F 51 12.80 -26.05 23.09
N ALA F 52 12.39 -26.12 21.83
CA ALA F 52 11.02 -26.49 21.52
C ALA F 52 10.82 -27.99 21.64
N ILE F 53 11.73 -28.78 21.07
CA ILE F 53 11.63 -30.22 21.16
C ILE F 53 11.81 -30.68 22.60
N LYS F 54 12.69 -30.01 23.35
CA LYS F 54 12.89 -30.37 24.75
C LYS F 54 11.60 -30.22 25.54
N SER F 55 10.97 -29.04 25.46
CA SER F 55 9.75 -28.81 26.22
C SER F 55 8.61 -29.70 25.73
N PHE F 56 8.64 -30.10 24.47
CA PHE F 56 7.63 -31.03 23.98
C PHE F 56 7.82 -32.40 24.61
N LEU F 57 9.06 -32.88 24.68
CA LEU F 57 9.33 -34.20 25.25
C LEU F 57 9.11 -34.20 26.75
N LEU F 58 9.41 -33.11 27.44
CA LEU F 58 9.14 -33.04 28.86
C LEU F 58 7.66 -33.07 29.18
N LYS F 59 6.80 -33.06 28.18
CA LYS F 59 5.36 -33.20 28.36
C LYS F 59 4.85 -34.55 27.88
N GLU F 60 5.25 -34.99 26.70
CA GLU F 60 4.75 -36.22 26.12
C GLU F 60 5.36 -37.47 26.72
N PHE F 61 6.48 -37.34 27.44
CA PHE F 61 7.13 -38.47 28.09
C PHE F 61 7.49 -38.06 29.51
N PRO F 62 6.48 -37.92 30.38
CA PRO F 62 6.78 -37.50 31.75
C PRO F 62 7.53 -38.54 32.55
N ASP F 63 7.41 -39.82 32.21
CA ASP F 63 8.11 -40.84 32.98
C ASP F 63 9.58 -40.88 32.63
N LYS F 64 9.92 -40.66 31.36
CA LYS F 64 11.31 -40.62 30.91
C LYS F 64 11.92 -39.24 31.06
N ARG F 65 11.40 -38.43 31.98
CA ARG F 65 11.88 -37.07 32.19
C ARG F 65 13.33 -37.00 32.59
N ASP F 66 13.94 -38.13 32.99
CA ASP F 66 15.35 -38.16 33.34
C ASP F 66 16.23 -38.57 32.19
N VAL F 67 15.71 -39.38 31.27
CA VAL F 67 16.45 -39.66 30.04
C VAL F 67 16.55 -38.42 29.18
N ILE F 68 15.54 -37.56 29.23
CA ILE F 68 15.58 -36.33 28.45
C ILE F 68 16.53 -35.33 29.08
N TYR F 69 16.52 -35.22 30.40
CA TYR F 69 17.46 -34.33 31.09
C TYR F 69 18.90 -34.76 30.84
N LYS F 70 19.13 -36.05 30.62
CA LYS F 70 20.47 -36.51 30.30
C LYS F 70 20.86 -36.08 28.90
N VAL F 71 20.07 -36.48 27.90
CA VAL F 71 20.46 -36.25 26.52
C VAL F 71 20.32 -34.79 26.14
N LEU F 72 19.36 -34.07 26.73
CA LEU F 72 19.10 -32.69 26.36
C LEU F 72 19.41 -31.70 27.48
N GLY F 73 20.16 -32.13 28.49
CA GLY F 73 20.64 -31.21 29.49
C GLY F 73 19.62 -30.84 30.54
N GLU F 74 20.07 -30.67 31.77
CA GLU F 74 19.19 -30.22 32.84
C GLU F 74 18.76 -28.78 32.58
N ASP F 75 17.79 -28.32 33.36
CA ASP F 75 17.21 -27.00 33.15
C ASP F 75 17.67 -25.98 34.18
N GLU F 76 17.55 -26.29 35.47
CA GLU F 76 17.68 -25.27 36.50
C GLU F 76 19.07 -25.22 37.13
N ASN F 77 19.74 -26.35 37.28
CA ASN F 77 21.04 -26.39 37.95
C ASN F 77 21.89 -27.49 37.33
N PRO F 78 22.61 -27.18 36.24
CA PRO F 78 23.30 -28.21 35.46
C PRO F 78 24.61 -28.61 36.12
N GLU F 79 24.72 -29.90 36.47
CA GLU F 79 25.99 -30.45 36.91
C GLU F 79 26.88 -30.80 35.73
N GLU F 80 26.28 -31.13 34.58
CA GLU F 80 26.99 -31.79 33.51
C GLU F 80 26.45 -31.29 32.19
N ALA F 81 27.31 -31.31 31.16
CA ALA F 81 26.87 -30.95 29.82
C ALA F 81 25.92 -31.99 29.27
N SER F 82 25.07 -31.56 28.35
CA SER F 82 24.17 -32.51 27.71
C SER F 82 24.93 -33.42 26.77
N LEU F 83 24.24 -34.44 26.28
CA LEU F 83 24.82 -35.42 25.40
C LEU F 83 24.34 -35.33 23.96
N GLY F 84 23.13 -34.82 23.76
CA GLY F 84 22.58 -34.67 22.43
C GLY F 84 22.82 -33.29 21.88
N THR F 85 22.97 -33.21 20.56
CA THR F 85 23.15 -31.95 19.87
C THR F 85 22.14 -31.85 18.73
N PHE F 86 21.70 -30.64 18.47
CA PHE F 86 20.91 -30.32 17.29
C PHE F 86 21.75 -29.49 16.35
N LEU F 87 21.67 -29.79 15.06
CA LEU F 87 22.25 -28.92 14.06
C LEU F 87 21.18 -27.98 13.53
N ASP F 88 21.59 -26.77 13.17
CA ASP F 88 20.66 -25.79 12.62
C ASP F 88 19.93 -26.38 11.41
N ALA F 89 18.63 -26.12 11.35
CA ALA F 89 17.80 -26.71 10.31
C ALA F 89 18.01 -25.96 9.01
N ILE F 90 18.73 -26.59 8.08
CA ILE F 90 18.91 -26.01 6.75
C ILE F 90 17.62 -26.10 5.97
N LEU F 91 17.30 -25.05 5.23
CA LEU F 91 16.16 -25.11 4.33
C LEU F 91 16.45 -26.10 3.22
N PHE F 92 15.61 -27.11 3.08
CA PHE F 92 15.81 -28.13 2.07
C PHE F 92 14.97 -27.90 0.83
N ALA F 93 13.69 -27.58 0.99
CA ALA F 93 12.82 -27.33 -0.15
C ALA F 93 11.66 -26.46 0.31
N ILE F 94 11.27 -25.52 -0.54
CA ILE F 94 10.15 -24.65 -0.23
C ILE F 94 9.12 -24.85 -1.34
N PRO F 95 7.83 -24.77 -1.04
CA PRO F 95 6.82 -24.87 -2.09
C PRO F 95 6.68 -23.56 -2.85
N SER F 96 6.44 -23.67 -4.15
CA SER F 96 6.24 -22.50 -4.98
C SER F 96 5.15 -22.82 -5.99
N ARG F 97 4.16 -21.95 -6.09
CA ARG F 97 3.09 -22.19 -7.04
C ARG F 97 3.64 -22.04 -8.46
N ILE F 98 3.15 -22.90 -9.34
CA ILE F 98 3.72 -23.07 -10.67
C ILE F 98 2.62 -22.95 -11.71
N ILE F 99 2.90 -22.24 -12.78
CA ILE F 99 2.04 -22.27 -13.96
C ILE F 99 2.79 -23.06 -15.03
N GLU F 100 2.55 -24.36 -15.07
CA GLU F 100 3.25 -25.23 -16.00
C GLU F 100 2.76 -24.95 -17.41
N ILE F 101 3.69 -24.60 -18.30
CA ILE F 101 3.33 -24.21 -19.66
C ILE F 101 2.56 -25.33 -20.34
N ASP F 102 3.15 -26.52 -20.38
CA ASP F 102 2.49 -27.67 -21.00
C ASP F 102 3.22 -28.94 -20.62
N SER F 103 2.45 -29.98 -20.31
CA SER F 103 2.93 -31.34 -20.08
C SER F 103 1.71 -32.22 -19.90
N ALA F 104 1.95 -33.53 -19.82
CA ALA F 104 0.84 -34.47 -19.68
C ALA F 104 0.10 -34.25 -18.37
N LYS F 105 0.84 -34.14 -17.27
CA LYS F 105 0.24 -33.90 -15.97
C LYS F 105 0.45 -32.44 -15.58
N PRO F 106 -0.60 -31.66 -15.41
CA PRO F 106 -0.42 -30.27 -14.97
C PRO F 106 -0.23 -30.21 -13.47
N TYR F 107 0.47 -29.17 -13.04
CA TYR F 107 0.85 -29.01 -11.64
C TYR F 107 0.45 -27.64 -11.16
N VAL F 108 0.06 -27.58 -9.90
CA VAL F 108 -0.35 -26.31 -9.28
C VAL F 108 0.72 -25.76 -8.35
N TRP F 109 1.63 -26.60 -7.87
CA TRP F 109 2.74 -26.14 -7.04
C TRP F 109 3.82 -27.20 -7.07
N VAL F 110 5.01 -26.81 -6.64
CA VAL F 110 6.20 -27.63 -6.78
C VAL F 110 7.12 -27.31 -5.61
N TYR F 111 8.04 -28.22 -5.31
CA TYR F 111 9.11 -27.95 -4.37
C TYR F 111 10.28 -27.31 -5.11
N VAL F 112 10.79 -26.21 -4.57
CA VAL F 112 11.93 -25.51 -5.15
C VAL F 112 13.10 -25.60 -4.19
N THR F 113 14.23 -26.07 -4.69
CA THR F 113 15.48 -26.05 -3.94
C THR F 113 16.57 -25.50 -4.83
N THR F 114 17.68 -25.11 -4.21
CA THR F 114 18.81 -24.53 -4.91
C THR F 114 20.05 -25.38 -4.69
N TYR F 115 21.07 -25.13 -5.51
CA TYR F 115 22.30 -25.89 -5.39
C TYR F 115 23.09 -25.50 -4.16
N GLU F 116 23.00 -24.23 -3.75
CA GLU F 116 23.68 -23.81 -2.53
C GLU F 116 23.14 -24.53 -1.31
N LEU F 117 21.83 -24.81 -1.30
CA LEU F 117 21.24 -25.50 -0.16
C LEU F 117 21.64 -26.96 -0.14
N LEU F 118 21.66 -27.61 -1.30
CA LEU F 118 22.09 -29.00 -1.35
C LEU F 118 23.55 -29.18 -0.98
N LYS F 119 24.35 -28.12 -1.13
CA LYS F 119 25.74 -28.22 -0.73
C LYS F 119 25.88 -28.17 0.77
N LYS F 120 25.03 -27.39 1.45
CA LYS F 120 25.07 -27.36 2.90
C LYS F 120 24.60 -28.68 3.48
N VAL F 121 23.63 -29.33 2.83
CA VAL F 121 23.16 -30.63 3.29
C VAL F 121 24.25 -31.66 3.12
N LYS F 122 24.92 -31.65 1.97
CA LYS F 122 26.04 -32.56 1.76
C LYS F 122 27.15 -32.30 2.78
N LEU F 123 27.35 -31.05 3.18
CA LEU F 123 28.33 -30.76 4.22
C LEU F 123 27.92 -31.39 5.55
N TYR F 124 26.64 -31.30 5.89
CA TYR F 124 26.15 -31.97 7.09
C TYR F 124 26.32 -33.47 6.98
N LEU F 125 25.95 -34.04 5.83
CA LEU F 125 25.97 -35.49 5.68
C LEU F 125 27.40 -36.03 5.70
N ASP F 126 28.34 -35.30 5.11
CA ASP F 126 29.71 -35.79 5.06
C ASP F 126 30.36 -35.75 6.44
N SER F 127 30.19 -34.65 7.16
CA SER F 127 30.81 -34.52 8.47
C SER F 127 30.19 -35.47 9.48
N ILE F 128 28.86 -35.55 9.50
CA ILE F 128 28.19 -36.48 10.39
C ILE F 128 28.54 -37.92 10.06
N SER F 129 28.78 -38.20 8.77
CA SER F 129 29.23 -39.54 8.38
C SER F 129 30.58 -39.86 9.00
N GLN F 130 31.47 -38.88 9.06
CA GLN F 130 32.82 -39.14 9.57
C GLN F 130 32.86 -39.12 11.09
N LEU F 131 32.01 -38.31 11.72
CA LEU F 131 31.99 -38.20 13.18
C LEU F 131 31.07 -39.22 13.82
N SER F 132 30.76 -40.31 13.13
CA SER F 132 29.85 -41.31 13.65
C SER F 132 30.03 -42.60 12.87
N ASN F 133 29.35 -43.64 13.34
CA ASN F 133 29.34 -44.91 12.62
C ASN F 133 28.43 -44.88 11.42
N ALA F 134 27.47 -43.95 11.40
CA ALA F 134 26.48 -43.90 10.34
C ALA F 134 27.13 -43.64 8.99
N SER F 135 26.39 -43.98 7.94
CA SER F 135 26.82 -43.69 6.57
C SER F 135 25.56 -43.56 5.74
N PHE F 136 25.14 -42.31 5.50
CA PHE F 136 23.94 -42.03 4.73
C PHE F 136 24.27 -42.02 3.24
N SER F 137 24.79 -43.15 2.77
CA SER F 137 25.18 -43.26 1.37
C SER F 137 23.97 -43.13 0.46
N ASN F 138 22.79 -43.49 0.93
CA ASN F 138 21.60 -43.41 0.08
C ASN F 138 21.29 -41.96 -0.29
N LEU F 139 21.19 -41.09 0.72
CA LEU F 139 21.06 -39.65 0.43
C LEU F 139 22.27 -39.13 -0.30
N LYS F 140 23.46 -39.43 0.20
CA LYS F 140 24.67 -38.84 -0.37
C LYS F 140 24.82 -39.20 -1.84
N ASN F 141 24.50 -40.45 -2.20
CA ASN F 141 24.57 -40.80 -3.62
C ASN F 141 23.54 -40.04 -4.43
N LYS F 142 22.38 -39.73 -3.85
CA LYS F 142 21.38 -38.94 -4.55
C LYS F 142 21.84 -37.51 -4.73
N ILE F 143 22.20 -36.85 -3.63
CA ILE F 143 22.55 -35.44 -3.69
C ILE F 143 23.83 -35.21 -4.48
N ASP F 144 24.75 -36.17 -4.45
CA ASP F 144 25.97 -36.02 -5.24
C ASP F 144 25.73 -36.19 -6.73
N THR F 145 24.57 -36.68 -7.14
CA THR F 145 24.20 -36.69 -8.55
C THR F 145 23.51 -35.39 -8.96
N ILE F 146 22.73 -34.80 -8.06
CA ILE F 146 22.13 -33.50 -8.37
C ILE F 146 23.20 -32.42 -8.40
N LEU F 147 24.17 -32.48 -7.48
CA LEU F 147 25.23 -31.49 -7.46
C LEU F 147 26.19 -31.64 -8.62
N ALA F 148 26.10 -32.71 -9.40
CA ALA F 148 26.92 -32.82 -10.59
C ALA F 148 26.38 -31.97 -11.73
N LYS F 149 25.06 -31.78 -11.77
CA LYS F 149 24.42 -30.96 -12.78
C LYS F 149 24.36 -29.49 -12.40
N GLU F 150 25.26 -29.04 -11.55
CA GLU F 150 25.15 -27.71 -10.97
C GLU F 150 25.24 -26.64 -12.04
N GLY F 151 24.61 -25.50 -11.76
CA GLY F 151 24.58 -24.40 -12.70
C GLY F 151 23.58 -24.56 -13.82
N LYS F 152 22.48 -25.26 -13.57
CA LYS F 152 21.50 -25.53 -14.60
C LYS F 152 20.21 -25.96 -13.94
N ASN F 153 19.12 -25.25 -14.20
CA ASN F 153 17.84 -25.60 -13.62
C ASN F 153 17.43 -27.00 -14.05
N ILE F 154 17.08 -27.84 -13.09
CA ILE F 154 16.68 -29.21 -13.37
C ILE F 154 15.42 -29.55 -12.59
N THR F 155 14.56 -30.35 -13.19
CA THR F 155 13.46 -30.99 -12.49
C THR F 155 13.86 -32.42 -12.19
N LEU F 156 13.54 -32.89 -10.99
CA LEU F 156 14.14 -34.13 -10.52
C LEU F 156 13.62 -35.32 -11.31
N ASP F 157 12.32 -35.57 -11.25
CA ASP F 157 11.77 -36.70 -11.98
C ASP F 157 10.77 -36.29 -13.06
N SER F 158 9.93 -35.31 -12.78
CA SER F 158 8.83 -34.99 -13.69
C SER F 158 9.36 -34.45 -15.01
N ASP F 159 8.45 -34.21 -15.94
CA ASP F 159 8.79 -33.71 -17.27
C ASP F 159 8.08 -32.38 -17.46
N LEU F 160 8.81 -31.28 -17.27
CA LEU F 160 8.22 -29.94 -17.33
C LEU F 160 8.79 -29.12 -18.48
N LYS F 161 10.10 -28.90 -18.51
CA LYS F 161 10.82 -28.24 -19.60
C LYS F 161 10.54 -26.74 -19.67
N SER F 162 9.57 -26.26 -18.91
CA SER F 162 9.18 -24.85 -18.93
C SER F 162 8.15 -24.62 -17.85
N ALA F 163 8.22 -23.46 -17.19
CA ALA F 163 7.27 -23.14 -16.14
C ALA F 163 7.45 -21.69 -15.73
N ILE F 164 6.45 -21.18 -15.02
CA ILE F 164 6.47 -19.83 -14.47
C ILE F 164 6.29 -19.99 -12.97
N LEU F 165 7.37 -19.85 -12.22
CA LEU F 165 7.34 -20.07 -10.79
C LEU F 165 6.95 -18.81 -10.06
N ASN F 166 6.06 -18.95 -9.10
CA ASN F 166 5.63 -17.85 -8.25
C ASN F 166 5.23 -16.63 -9.07
N GLU F 167 4.60 -16.89 -10.20
CA GLU F 167 3.93 -15.93 -11.06
C GLU F 167 4.86 -14.92 -11.72
N ASP F 168 6.17 -14.97 -11.46
CA ASP F 168 7.05 -13.92 -11.94
C ASP F 168 8.33 -14.40 -12.60
N PHE F 169 8.70 -15.67 -12.47
CA PHE F 169 9.98 -16.15 -12.96
C PHE F 169 9.77 -17.30 -13.93
N TYR F 170 10.28 -17.15 -15.14
CA TYR F 170 10.19 -18.18 -16.16
C TYR F 170 11.49 -18.97 -16.15
N VAL F 171 11.38 -20.30 -16.14
CA VAL F 171 12.53 -21.18 -16.11
C VAL F 171 12.32 -22.34 -17.07
N GLU F 172 13.42 -22.83 -17.63
CA GLU F 172 13.43 -24.04 -18.43
C GLU F 172 14.25 -25.09 -17.70
N LEU F 173 13.74 -26.32 -17.67
CA LEU F 173 14.22 -27.33 -16.76
C LEU F 173 14.71 -28.55 -17.54
N GLU F 174 15.90 -29.02 -17.19
CA GLU F 174 16.40 -30.29 -17.70
C GLU F 174 15.88 -31.43 -16.85
N ALA F 175 15.91 -32.64 -17.42
CA ALA F 175 15.59 -33.85 -16.69
C ALA F 175 16.87 -34.55 -16.29
N LEU F 176 16.92 -35.03 -15.05
CA LEU F 176 18.18 -35.56 -14.53
C LEU F 176 18.41 -37.00 -14.99
N ASN F 177 17.58 -37.93 -14.51
CA ASN F 177 17.70 -39.33 -14.93
C ASN F 177 16.38 -40.01 -15.24
N ASN F 178 15.26 -39.52 -14.70
CA ASN F 178 13.95 -40.17 -14.77
C ASN F 178 13.94 -41.55 -14.14
N LYS F 179 15.01 -41.92 -13.42
CA LYS F 179 15.07 -43.22 -12.75
C LYS F 179 15.37 -43.05 -11.27
N ILE F 180 16.06 -41.97 -10.91
CA ILE F 180 16.41 -41.79 -9.49
C ILE F 180 15.15 -41.51 -8.69
N PRO F 181 14.98 -42.12 -7.53
CA PRO F 181 13.76 -41.92 -6.75
C PRO F 181 13.76 -40.56 -6.05
N SER F 182 12.56 -40.12 -5.69
CA SER F 182 12.40 -38.85 -5.01
C SER F 182 13.17 -38.85 -3.69
N ILE F 183 13.59 -37.66 -3.27
CA ILE F 183 14.24 -37.53 -1.97
C ILE F 183 13.23 -37.82 -0.86
N ILE F 184 12.08 -37.18 -0.93
CA ILE F 184 11.03 -37.37 0.06
C ILE F 184 9.86 -38.11 -0.58
N ASN F 185 8.88 -38.50 0.22
CA ASN F 185 7.70 -39.20 -0.27
C ASN F 185 6.67 -38.17 -0.69
N ALA F 186 6.63 -37.88 -2.00
CA ALA F 186 5.70 -36.90 -2.51
C ALA F 186 5.54 -37.11 -4.02
N GLY F 187 4.30 -37.02 -4.49
CA GLY F 187 4.08 -36.96 -5.91
C GLY F 187 4.42 -35.63 -6.55
N VAL F 188 4.60 -34.61 -5.73
CA VAL F 188 4.95 -33.29 -6.23
C VAL F 188 6.41 -33.29 -6.67
N PRO F 189 6.73 -32.80 -7.86
CA PRO F 189 8.12 -32.78 -8.31
C PRO F 189 8.95 -31.81 -7.48
N LEU F 190 10.26 -31.95 -7.62
CA LEU F 190 11.23 -31.08 -6.97
C LEU F 190 12.11 -30.45 -8.04
N LEU F 191 12.14 -29.13 -8.08
CA LEU F 191 13.00 -28.39 -8.99
C LEU F 191 14.23 -27.93 -8.24
N VAL F 192 15.40 -28.23 -8.78
CA VAL F 192 16.66 -27.79 -8.20
C VAL F 192 17.09 -26.60 -9.04
N LEU F 193 16.72 -25.41 -8.60
CA LEU F 193 16.99 -24.20 -9.34
C LEU F 193 18.44 -23.77 -9.18
N GLU F 194 18.90 -22.99 -10.15
CA GLU F 194 20.18 -22.31 -10.01
C GLU F 194 20.07 -21.27 -8.90
N ASP F 195 21.14 -21.14 -8.13
CA ASP F 195 21.08 -20.41 -6.87
C ASP F 195 20.65 -18.96 -7.05
N SER F 196 20.94 -18.35 -8.20
CA SER F 196 20.59 -16.95 -8.40
C SER F 196 19.09 -16.79 -8.59
N ILE F 197 18.50 -17.55 -9.51
CA ILE F 197 17.06 -17.45 -9.71
C ILE F 197 16.33 -18.11 -8.55
N GLY F 198 16.97 -19.04 -7.86
CA GLY F 198 16.33 -19.68 -6.71
C GLY F 198 16.15 -18.74 -5.54
N ARG F 199 17.09 -17.80 -5.36
CA ARG F 199 16.96 -16.85 -4.26
C ARG F 199 15.72 -15.99 -4.42
N GLU F 200 15.42 -15.58 -5.65
CA GLU F 200 14.27 -14.73 -5.87
C GLU F 200 12.97 -15.52 -5.85
N VAL F 201 13.00 -16.74 -6.39
CA VAL F 201 11.84 -17.61 -6.34
C VAL F 201 11.49 -17.95 -4.90
N ILE F 202 12.51 -18.11 -4.05
CA ILE F 202 12.26 -18.49 -2.66
C ILE F 202 11.71 -17.31 -1.87
N ASN F 203 12.25 -16.10 -2.10
CA ASN F 203 11.72 -14.93 -1.41
C ASN F 203 10.26 -14.68 -1.76
N ARG F 204 9.78 -15.20 -2.87
CA ARG F 204 8.38 -15.07 -3.21
C ARG F 204 7.51 -16.04 -2.42
N SER F 205 8.05 -17.20 -2.07
CA SER F 205 7.27 -18.18 -1.31
C SER F 205 7.08 -17.76 0.13
N LEU F 206 7.99 -16.97 0.68
CA LEU F 206 7.82 -16.49 2.04
C LEU F 206 6.53 -15.68 2.15
N ILE F 207 5.97 -15.67 3.35
CA ILE F 207 4.65 -15.12 3.58
C ILE F 207 4.82 -13.89 4.46
N ARG F 208 4.77 -12.72 3.84
CA ARG F 208 4.72 -11.47 4.60
C ARG F 208 3.28 -11.15 4.92
N VAL F 209 3.04 -10.71 6.14
CA VAL F 209 1.68 -10.54 6.66
C VAL F 209 1.64 -9.30 7.52
N ARG F 210 0.65 -8.46 7.30
CA ARG F 210 0.38 -7.32 8.16
C ARG F 210 -0.74 -7.70 9.12
N ARG F 211 -0.52 -7.42 10.41
CA ARG F 211 -1.51 -7.69 11.43
C ARG F 211 -1.77 -6.41 12.21
N ILE F 212 -2.96 -6.30 12.77
CA ILE F 212 -3.35 -5.11 13.52
C ILE F 212 -3.91 -5.54 14.86
N ARG F 213 -3.96 -4.59 15.78
CA ARG F 213 -4.65 -4.75 17.06
C ARG F 213 -5.78 -3.74 17.07
N ILE F 214 -6.99 -4.22 17.10
CA ILE F 214 -8.17 -3.37 17.01
C ILE F 214 -8.56 -2.88 18.40
N ASP F 215 -8.87 -1.59 18.48
CA ASP F 215 -9.49 -1.05 19.68
C ASP F 215 -10.88 -1.64 19.83
N ARG F 216 -11.15 -2.25 20.99
CA ARG F 216 -12.41 -2.95 21.19
C ARG F 216 -13.60 -2.00 21.20
N ASP F 217 -13.39 -0.74 21.58
CA ASP F 217 -14.48 0.20 21.76
C ASP F 217 -14.75 1.06 20.54
N LYS F 218 -13.87 1.02 19.54
CA LYS F 218 -14.10 1.74 18.29
C LYS F 218 -14.02 0.84 17.07
N LYS F 219 -13.55 -0.40 17.21
CA LYS F 219 -13.40 -1.33 16.10
C LYS F 219 -12.56 -0.73 14.99
N VAL F 220 -11.48 -0.04 15.38
CA VAL F 220 -10.50 0.49 14.44
C VAL F 220 -9.12 0.08 14.95
N VAL F 221 -8.12 0.23 14.08
CA VAL F 221 -6.75 -0.06 14.47
C VAL F 221 -6.37 0.83 15.64
N GLU F 222 -5.57 0.28 16.55
CA GLU F 222 -5.08 1.08 17.66
C GLU F 222 -4.03 2.08 17.17
N THR F 223 -3.66 2.99 18.07
CA THR F 223 -2.60 3.95 17.78
C THR F 223 -1.30 3.21 17.51
N GLY F 224 -0.85 3.21 16.26
CA GLY F 224 0.35 2.47 15.91
C GLY F 224 0.25 0.99 16.24
N GLY F 225 -0.92 0.40 16.08
CA GLY F 225 -1.13 -1.00 16.40
C GLY F 225 -1.08 -1.88 15.17
N LEU F 226 -0.27 -1.50 14.20
CA LEU F 226 -0.05 -2.28 12.99
C LEU F 226 1.40 -2.68 12.92
N TRP F 227 1.64 -3.93 12.52
CA TRP F 227 3.00 -4.43 12.39
C TRP F 227 3.00 -5.55 11.38
N SER F 228 4.18 -5.82 10.83
CA SER F 228 4.34 -6.85 9.81
C SER F 228 5.00 -8.08 10.40
N GLU F 229 5.00 -9.16 9.63
CA GLU F 229 5.32 -10.47 10.18
C GLU F 229 5.62 -11.41 9.02
N GLU F 230 6.53 -12.35 9.26
CA GLU F 230 7.09 -13.17 8.21
C GLU F 230 6.94 -14.64 8.59
N TYR F 231 6.29 -15.40 7.73
CA TYR F 231 6.07 -16.82 7.95
C TYR F 231 6.73 -17.63 6.84
N VAL F 232 7.06 -18.87 7.17
CA VAL F 232 7.49 -19.84 6.18
C VAL F 232 6.26 -20.68 5.81
N PRO F 233 6.02 -20.96 4.53
CA PRO F 233 4.78 -21.61 4.13
C PRO F 233 4.61 -23.00 4.73
N MET F 234 3.41 -23.55 4.55
CA MET F 234 3.20 -24.96 4.76
C MET F 234 4.07 -25.76 3.81
N LYS F 235 4.21 -27.05 4.10
CA LYS F 235 4.88 -28.00 3.23
C LYS F 235 6.35 -27.69 3.04
N THR F 236 6.88 -26.67 3.72
CA THR F 236 8.30 -26.40 3.65
C THR F 236 9.09 -27.47 4.39
N ILE F 237 10.16 -27.94 3.77
CA ILE F 237 11.00 -28.99 4.33
C ILE F 237 12.32 -28.39 4.77
N PHE F 238 12.62 -28.51 6.04
CA PHE F 238 13.94 -28.21 6.56
C PHE F 238 14.70 -29.52 6.72
N PHE F 239 15.97 -29.41 7.12
CA PHE F 239 16.79 -30.60 7.32
C PHE F 239 17.74 -30.31 8.46
N SER F 240 17.67 -31.13 9.51
CA SER F 240 18.60 -31.03 10.62
C SER F 240 19.05 -32.42 10.99
N VAL F 241 20.01 -32.49 11.91
CA VAL F 241 20.53 -33.76 12.40
C VAL F 241 20.52 -33.71 13.92
N LEU F 242 20.17 -34.83 14.54
CA LEU F 242 20.27 -35.00 15.98
C LEU F 242 21.42 -35.95 16.26
N LEU F 243 22.32 -35.54 17.14
CA LEU F 243 23.52 -36.31 17.42
C LEU F 243 23.58 -36.60 18.91
N GLY F 244 24.32 -37.64 19.28
CA GLY F 244 24.40 -38.03 20.68
C GLY F 244 25.64 -38.85 20.95
N LYS F 245 26.16 -38.73 22.16
CA LYS F 245 27.31 -39.48 22.62
C LYS F 245 26.89 -40.63 23.52
N GLU F 246 27.76 -41.62 23.65
CA GLU F 246 27.46 -42.84 24.39
C GLU F 246 27.15 -42.52 25.85
N SER F 247 25.92 -42.79 26.28
CA SER F 247 25.61 -42.62 27.70
C SER F 247 24.64 -43.62 28.31
N LYS F 248 24.14 -44.60 27.55
CA LYS F 248 23.10 -45.55 27.99
C LYS F 248 21.75 -44.86 28.11
N GLU F 249 21.71 -43.54 28.03
CA GLU F 249 20.46 -42.82 27.80
C GLU F 249 20.33 -42.36 26.36
N SER F 250 21.45 -42.19 25.66
CA SER F 250 21.40 -41.95 24.23
C SER F 250 20.76 -43.12 23.51
N ALA F 251 21.00 -44.35 24.00
CA ALA F 251 20.41 -45.52 23.38
C ALA F 251 18.92 -45.57 23.64
N ILE F 252 18.47 -45.10 24.79
CA ILE F 252 17.05 -45.07 25.08
C ILE F 252 16.37 -43.95 24.32
N PHE F 253 17.00 -42.78 24.30
CA PHE F 253 16.52 -41.66 23.48
C PHE F 253 16.28 -42.10 22.05
N ALA F 254 17.29 -42.70 21.42
CA ALA F 254 17.16 -43.12 20.03
C ALA F 254 16.15 -44.24 19.85
N SER F 255 15.78 -44.95 20.91
CA SER F 255 14.89 -46.10 20.80
C SER F 255 13.43 -45.71 21.00
N CYS F 256 13.10 -45.11 22.15
CA CYS F 256 11.72 -44.68 22.39
C CYS F 256 11.47 -43.25 21.95
N ILE F 257 12.21 -42.30 22.53
CA ILE F 257 11.86 -40.89 22.37
C ILE F 257 11.83 -40.51 20.90
N LEU F 258 12.89 -40.84 20.17
CA LEU F 258 12.97 -40.43 18.78
C LEU F 258 12.06 -41.25 17.88
N ARG F 259 11.71 -42.46 18.28
CA ARG F 259 10.84 -43.31 17.47
C ARG F 259 9.37 -43.11 17.78
N ASN F 260 9.04 -42.15 18.64
CA ASN F 260 7.67 -41.78 18.90
C ASN F 260 7.46 -40.28 18.70
N LEU F 261 8.44 -39.59 18.14
CA LEU F 261 8.32 -38.19 17.79
C LEU F 261 7.86 -38.09 16.34
N ARG F 262 6.68 -37.56 16.14
CA ARG F 262 6.30 -37.27 14.76
C ARG F 262 5.87 -35.83 14.56
N TYR F 263 5.14 -35.26 15.52
CA TYR F 263 4.66 -33.89 15.42
C TYR F 263 5.15 -33.10 16.61
N VAL F 264 5.68 -31.91 16.36
CA VAL F 264 6.18 -31.02 17.37
C VAL F 264 5.65 -29.63 17.03
N ILE F 265 5.71 -28.72 17.99
CA ILE F 265 5.35 -27.33 17.78
C ILE F 265 6.62 -26.51 17.95
N LEU F 266 7.17 -26.03 16.84
CA LEU F 266 8.32 -25.15 16.84
C LEU F 266 7.88 -23.69 16.83
N GLY F 267 8.86 -22.81 16.95
CA GLY F 267 8.65 -21.40 16.77
C GLY F 267 7.61 -20.77 17.70
N GLY F 268 7.21 -19.56 17.30
CA GLY F 268 6.27 -18.78 18.04
C GLY F 268 4.95 -18.61 17.33
N LYS F 269 4.17 -17.64 17.79
CA LYS F 269 2.84 -17.39 17.27
C LYS F 269 2.03 -18.69 17.29
N GLU F 270 2.11 -19.41 18.40
CA GLU F 270 1.44 -20.69 18.51
C GLU F 270 -0.06 -20.52 18.71
N THR F 271 -0.49 -19.44 19.35
CA THR F 271 -1.91 -19.22 19.55
C THR F 271 -2.66 -19.05 18.24
N ILE F 272 -1.97 -18.68 17.16
CA ILE F 272 -2.57 -18.60 15.85
C ILE F 272 -2.11 -19.77 14.97
N GLY F 273 -1.72 -20.87 15.61
CA GLY F 273 -1.45 -22.10 14.89
C GLY F 273 -0.20 -22.10 14.06
N LYS F 274 0.73 -21.20 14.31
CA LYS F 274 1.92 -21.13 13.46
C LYS F 274 3.09 -21.94 14.01
N GLY F 275 2.89 -23.18 14.41
CA GLY F 275 4.07 -23.93 14.80
C GLY F 275 4.09 -25.42 14.52
N ILE F 276 3.01 -25.97 14.01
CA ILE F 276 2.88 -27.41 13.93
C ILE F 276 3.76 -27.93 12.81
N VAL F 277 4.52 -28.97 13.09
CA VAL F 277 5.54 -29.43 12.17
C VAL F 277 5.69 -30.93 12.33
N GLU F 278 6.14 -31.61 11.29
CA GLU F 278 6.28 -33.05 11.30
C GLU F 278 7.73 -33.43 11.05
N LEU F 279 8.24 -34.38 11.83
CA LEU F 279 9.62 -34.84 11.70
C LEU F 279 9.65 -36.19 11.01
N ARG F 280 10.46 -36.29 9.96
CA ARG F 280 10.60 -37.52 9.20
C ARG F 280 12.06 -37.95 9.24
N TRP F 281 12.34 -39.03 9.97
CA TRP F 281 13.70 -39.47 10.15
C TRP F 281 14.22 -40.18 8.91
N VAL F 282 15.48 -39.91 8.56
CA VAL F 282 16.06 -40.45 7.35
C VAL F 282 16.16 -41.96 7.41
N LYS F 283 16.23 -42.54 8.62
CA LYS F 283 16.13 -43.98 8.75
C LYS F 283 14.86 -44.52 8.10
N ASP F 284 13.81 -43.70 8.05
CA ASP F 284 12.52 -44.11 7.53
C ASP F 284 12.28 -43.66 6.10
N VAL F 285 12.64 -42.42 5.77
CA VAL F 285 12.35 -41.88 4.43
C VAL F 285 13.54 -42.27 3.56
N ILE F 286 13.50 -43.50 3.07
CA ILE F 286 14.51 -44.05 2.18
C ILE F 286 13.88 -45.24 1.44
N PRO G 2 67.20 -26.39 14.92
CA PRO G 2 66.17 -25.34 14.95
C PRO G 2 65.04 -25.68 15.90
N TYR G 3 64.82 -26.98 16.13
CA TYR G 3 63.76 -27.47 16.98
C TYR G 3 62.38 -26.95 16.54
N TYR G 4 62.27 -26.60 15.27
CA TYR G 4 61.00 -26.46 14.57
C TYR G 4 61.12 -27.09 13.19
N ALA G 5 61.58 -28.34 13.17
CA ALA G 5 61.87 -29.07 11.93
C ALA G 5 60.86 -28.81 10.83
N PHE G 6 59.57 -28.83 11.15
CA PHE G 6 58.55 -28.66 10.13
C PHE G 6 57.42 -27.80 10.67
N ALA G 7 56.58 -27.35 9.74
CA ALA G 7 55.39 -26.56 10.05
C ALA G 7 54.29 -26.98 9.09
N GLU G 8 53.09 -27.19 9.61
CA GLU G 8 51.97 -27.70 8.83
C GLU G 8 50.83 -26.70 8.92
N PRO G 9 50.74 -25.75 8.00
CA PRO G 9 49.60 -24.83 8.00
C PRO G 9 48.34 -25.53 7.54
N PHE G 10 47.21 -25.01 7.99
CA PHE G 10 45.92 -25.60 7.66
C PHE G 10 44.85 -24.53 7.66
N PHE G 11 43.77 -24.81 6.95
CA PHE G 11 42.60 -23.94 6.93
C PHE G 11 41.52 -24.55 7.81
N ILE G 12 40.91 -23.72 8.64
CA ILE G 12 39.85 -24.13 9.54
C ILE G 12 38.53 -23.69 8.92
N HIS G 13 37.76 -24.64 8.42
CA HIS G 13 36.58 -24.37 7.61
C HIS G 13 35.33 -24.69 8.43
N ALA G 14 34.56 -23.66 8.77
CA ALA G 14 33.41 -23.82 9.63
C ALA G 14 32.30 -24.58 8.90
N ILE G 15 32.04 -25.82 9.31
CA ILE G 15 30.95 -26.58 8.73
C ILE G 15 29.62 -26.08 9.25
N THR G 16 29.52 -25.84 10.55
CA THR G 16 28.42 -25.13 11.16
C THR G 16 28.93 -23.80 11.69
N HIS G 17 28.03 -22.99 12.24
CA HIS G 17 28.46 -21.77 12.88
C HIS G 17 29.41 -22.09 14.02
N LEU G 18 30.33 -21.18 14.31
CA LEU G 18 31.28 -21.35 15.39
C LEU G 18 30.97 -20.39 16.52
N HIS G 19 31.29 -20.80 17.73
CA HIS G 19 31.32 -19.88 18.86
C HIS G 19 32.45 -20.31 19.78
N VAL G 20 33.59 -19.64 19.65
CA VAL G 20 34.69 -19.76 20.59
C VAL G 20 34.59 -18.56 21.51
N GLY G 21 34.27 -18.80 22.78
CA GLY G 21 33.90 -17.72 23.65
C GLY G 21 35.09 -17.01 24.27
N SER G 22 34.83 -15.80 24.75
CA SER G 22 35.86 -14.98 25.35
C SER G 22 35.35 -14.23 26.57
N GLY G 23 34.34 -14.77 27.24
CA GLY G 23 33.77 -14.06 28.37
C GLY G 23 32.94 -12.90 27.88
N SER G 24 33.22 -11.71 28.39
CA SER G 24 32.51 -10.48 28.04
C SER G 24 33.48 -9.37 27.71
N SER G 25 34.47 -9.67 26.86
CA SER G 25 35.63 -8.79 26.71
C SER G 25 35.34 -7.55 25.88
N VAL G 26 34.37 -7.60 24.96
CA VAL G 26 34.12 -6.49 24.05
C VAL G 26 32.72 -5.94 24.30
N GLU G 27 32.43 -4.81 23.66
CA GLU G 27 31.31 -3.97 24.04
C GLU G 27 30.00 -4.23 23.30
N GLU G 28 30.09 -4.46 21.98
CA GLU G 28 29.15 -3.86 21.04
C GLU G 28 27.72 -3.87 21.57
N GLU G 29 27.08 -5.03 21.61
CA GLU G 29 25.96 -5.29 22.50
C GLU G 29 25.99 -6.74 22.94
N ILE G 30 27.01 -7.46 22.50
CA ILE G 30 27.01 -8.90 22.63
C ILE G 30 27.47 -9.28 24.02
N ASP G 31 26.66 -10.08 24.71
CA ASP G 31 27.00 -10.58 26.04
C ASP G 31 28.05 -11.68 25.99
N LEU G 32 27.94 -12.58 25.00
CA LEU G 32 28.86 -13.69 24.82
C LEU G 32 29.51 -13.54 23.45
N PRO G 33 30.52 -12.69 23.33
CA PRO G 33 31.14 -12.45 22.03
C PRO G 33 32.16 -13.51 21.67
N PHE G 34 32.51 -13.52 20.39
CA PHE G 34 33.55 -14.38 19.87
C PHE G 34 34.92 -13.91 20.36
N GLN G 35 35.92 -14.73 20.16
CA GLN G 35 37.29 -14.35 20.47
C GLN G 35 37.82 -13.40 19.40
N ARG G 36 38.26 -12.23 19.81
CA ARG G 36 38.73 -11.21 18.88
C ARG G 36 40.24 -11.33 18.68
N ASP G 37 40.84 -10.35 18.02
CA ASP G 37 42.28 -10.21 17.95
C ASP G 37 42.63 -8.74 18.20
N GLU G 38 43.88 -8.39 17.91
CA GLU G 38 44.37 -7.06 18.23
C GLU G 38 43.63 -5.97 17.47
N LEU G 39 42.96 -6.30 16.36
CA LEU G 39 42.32 -5.31 15.52
C LEU G 39 40.84 -5.58 15.30
N GLY G 40 40.27 -6.55 16.01
CA GLY G 40 38.83 -6.71 16.06
C GLY G 40 38.25 -7.83 15.24
N TYR G 41 39.06 -8.57 14.52
CA TYR G 41 38.44 -9.65 13.76
C TYR G 41 38.33 -10.90 14.62
N PRO G 42 37.43 -11.81 14.27
CA PRO G 42 37.37 -13.08 14.98
C PRO G 42 38.65 -13.87 14.80
N THR G 43 39.14 -14.44 15.89
CA THR G 43 40.23 -15.39 15.84
C THR G 43 39.90 -16.55 16.76
N ILE G 44 40.64 -17.63 16.61
CA ILE G 44 40.63 -18.73 17.56
C ILE G 44 41.97 -18.70 18.26
N TYR G 45 41.94 -18.55 19.58
CA TYR G 45 43.17 -18.52 20.34
C TYR G 45 43.88 -19.87 20.24
N ALA G 46 45.20 -19.84 20.43
CA ALA G 46 45.97 -21.07 20.32
C ALA G 46 45.67 -22.01 21.47
N SER G 47 45.26 -21.47 22.61
CA SER G 47 44.88 -22.33 23.73
C SER G 47 43.60 -23.08 23.44
N SER G 48 42.58 -22.37 22.93
CA SER G 48 41.32 -23.02 22.60
C SER G 48 41.43 -23.95 21.42
N LEU G 49 42.27 -23.61 20.44
CA LEU G 49 42.40 -24.46 19.27
C LEU G 49 43.18 -25.72 19.59
N LYS G 50 44.18 -25.62 20.46
CA LYS G 50 44.94 -26.81 20.85
C LYS G 50 44.14 -27.67 21.80
N GLY G 51 43.51 -27.05 22.80
CA GLY G 51 42.76 -27.83 23.77
C GLY G 51 41.60 -28.57 23.14
N ALA G 52 40.93 -27.95 22.18
CA ALA G 52 39.83 -28.61 21.51
C ALA G 52 40.32 -29.78 20.67
N ILE G 53 41.42 -29.59 19.95
CA ILE G 53 41.97 -30.67 19.15
C ILE G 53 42.60 -31.74 20.04
N LYS G 54 43.09 -31.35 21.21
CA LYS G 54 43.65 -32.34 22.12
C LYS G 54 42.56 -33.06 22.91
N SER G 55 41.46 -32.39 23.21
CA SER G 55 40.35 -33.08 23.86
C SER G 55 39.69 -34.04 22.90
N PHE G 56 39.36 -33.57 21.71
CA PHE G 56 39.23 -34.46 20.57
C PHE G 56 40.53 -35.25 20.42
N LEU G 57 40.47 -36.31 19.64
CA LEU G 57 41.70 -36.99 19.22
C LEU G 57 42.33 -37.76 20.35
N LEU G 58 41.88 -37.54 21.58
CA LEU G 58 42.14 -38.45 22.68
C LEU G 58 41.01 -39.44 22.86
N LYS G 59 39.80 -39.04 22.48
CA LYS G 59 38.69 -39.98 22.35
C LYS G 59 38.73 -40.70 21.02
N GLU G 60 39.31 -40.07 20.00
CA GLU G 60 39.31 -40.67 18.67
C GLU G 60 40.36 -41.77 18.57
N PHE G 61 41.57 -41.51 19.07
CA PHE G 61 42.67 -42.46 19.03
C PHE G 61 43.14 -42.76 20.45
N PRO G 62 42.31 -43.44 21.24
CA PRO G 62 42.68 -43.68 22.65
C PRO G 62 43.91 -44.54 22.82
N ASP G 63 44.32 -45.29 21.81
CA ASP G 63 45.53 -46.09 21.92
C ASP G 63 46.79 -45.22 21.82
N LYS G 64 46.73 -44.12 21.07
CA LYS G 64 47.87 -43.25 20.86
C LYS G 64 47.90 -42.09 21.85
N ARG G 65 47.37 -42.28 23.05
CA ARG G 65 47.29 -41.19 24.02
C ARG G 65 48.66 -40.65 24.39
N ASP G 66 49.69 -41.50 24.38
CA ASP G 66 51.01 -41.03 24.76
C ASP G 66 51.68 -40.26 23.62
N VAL G 67 51.47 -40.71 22.38
CA VAL G 67 51.98 -39.96 21.23
C VAL G 67 51.41 -38.55 21.22
N ILE G 68 50.14 -38.41 21.61
CA ILE G 68 49.52 -37.09 21.66
C ILE G 68 50.01 -36.33 22.88
N TYR G 69 50.22 -37.01 23.99
CA TYR G 69 50.72 -36.34 25.18
C TYR G 69 52.12 -35.79 24.95
N LYS G 70 52.97 -36.54 24.24
CA LYS G 70 54.31 -36.05 23.95
C LYS G 70 54.28 -34.81 23.09
N VAL G 71 53.37 -34.77 22.11
CA VAL G 71 53.31 -33.65 21.19
C VAL G 71 52.48 -32.51 21.75
N LEU G 72 51.33 -32.81 22.36
CA LEU G 72 50.36 -31.78 22.68
C LEU G 72 50.27 -31.43 24.16
N GLY G 73 51.10 -32.00 25.02
CA GLY G 73 51.19 -31.42 26.34
C GLY G 73 51.27 -32.31 27.56
N GLU G 74 50.66 -33.50 27.55
CA GLU G 74 50.61 -34.36 28.73
C GLU G 74 49.99 -33.59 29.91
N ASP G 75 48.69 -33.33 29.77
CA ASP G 75 47.93 -32.54 30.72
C ASP G 75 48.05 -33.02 32.17
N GLU G 76 48.56 -34.22 32.40
CA GLU G 76 48.77 -34.68 33.77
C GLU G 76 49.88 -33.87 34.43
N ASN G 77 50.12 -34.18 35.70
CA ASN G 77 51.13 -33.50 36.50
C ASN G 77 52.55 -33.67 35.96
N PRO G 78 52.87 -34.74 35.22
CA PRO G 78 54.12 -34.73 34.44
C PRO G 78 54.18 -33.51 33.53
N GLU G 79 55.34 -32.86 33.51
CA GLU G 79 55.53 -31.60 32.78
C GLU G 79 56.78 -31.64 31.92
N GLU G 80 56.93 -32.71 31.14
CA GLU G 80 57.85 -32.66 30.02
C GLU G 80 57.36 -31.62 29.01
N ALA G 81 58.30 -30.96 28.35
CA ALA G 81 57.95 -29.91 27.42
C ALA G 81 57.20 -30.47 26.21
N SER G 82 56.32 -29.66 25.65
CA SER G 82 55.56 -30.09 24.49
C SER G 82 56.41 -30.04 23.24
N LEU G 83 55.94 -30.72 22.19
CA LEU G 83 56.64 -30.77 20.92
C LEU G 83 55.91 -30.07 19.80
N GLY G 84 54.65 -29.71 19.99
CA GLY G 84 53.87 -29.07 18.94
C GLY G 84 53.24 -27.79 19.43
N THR G 85 53.19 -26.80 18.55
CA THR G 85 52.60 -25.52 18.86
C THR G 85 51.61 -25.13 17.78
N PHE G 86 50.44 -24.66 18.21
CA PHE G 86 49.49 -24.03 17.31
C PHE G 86 49.65 -22.52 17.38
N LEU G 87 49.55 -21.87 16.24
CA LEU G 87 49.42 -20.42 16.21
C LEU G 87 47.95 -20.05 16.23
N ASP G 88 47.65 -18.86 16.75
CA ASP G 88 46.29 -18.37 16.75
C ASP G 88 45.70 -18.48 15.35
N ALA G 89 44.46 -18.97 15.26
CA ALA G 89 43.80 -19.06 13.98
C ALA G 89 43.40 -17.66 13.54
N ILE G 90 43.72 -17.32 12.30
CA ILE G 90 43.55 -15.97 11.78
C ILE G 90 42.42 -16.00 10.78
N LEU G 91 41.48 -15.06 10.92
CA LEU G 91 40.38 -14.98 9.97
C LEU G 91 40.92 -14.75 8.57
N PHE G 92 40.66 -15.71 7.68
CA PHE G 92 41.15 -15.62 6.30
C PHE G 92 40.08 -15.10 5.35
N ALA G 93 38.86 -15.63 5.42
CA ALA G 93 37.80 -15.21 4.52
C ALA G 93 36.46 -15.52 5.18
N ILE G 94 35.56 -14.55 5.14
CA ILE G 94 34.23 -14.71 5.73
C ILE G 94 33.21 -14.68 4.59
N PRO G 95 32.19 -15.53 4.61
CA PRO G 95 31.20 -15.50 3.53
C PRO G 95 30.38 -14.23 3.56
N SER G 96 29.99 -13.78 2.38
CA SER G 96 29.21 -12.56 2.26
C SER G 96 28.16 -12.74 1.17
N ARG G 97 26.94 -12.33 1.47
CA ARG G 97 25.89 -12.30 0.46
C ARG G 97 26.23 -11.24 -0.59
N ILE G 98 26.00 -11.57 -1.85
CA ILE G 98 26.37 -10.70 -2.95
C ILE G 98 25.20 -10.57 -3.91
N ILE G 99 24.97 -9.36 -4.39
CA ILE G 99 24.08 -9.09 -5.51
C ILE G 99 24.92 -8.36 -6.55
N GLU G 100 25.22 -9.03 -7.65
CA GLU G 100 26.05 -8.46 -8.71
C GLU G 100 25.16 -8.05 -9.87
N ILE G 101 25.52 -6.97 -10.55
CA ILE G 101 24.63 -6.42 -11.55
C ILE G 101 24.91 -7.17 -12.85
N ASP G 102 24.45 -8.41 -12.87
CA ASP G 102 24.43 -9.40 -13.95
C ASP G 102 25.85 -9.77 -14.38
N SER G 103 26.75 -8.78 -14.43
CA SER G 103 28.17 -8.77 -14.07
C SER G 103 28.95 -10.07 -14.08
N ALA G 104 28.38 -11.19 -14.55
CA ALA G 104 29.02 -12.48 -14.18
C ALA G 104 28.20 -13.66 -14.69
N LYS G 105 28.69 -14.88 -14.50
CA LYS G 105 27.81 -15.98 -14.13
C LYS G 105 27.31 -15.74 -12.71
N PRO G 106 26.01 -15.71 -12.49
CA PRO G 106 25.50 -15.11 -11.25
C PRO G 106 25.87 -15.91 -10.01
N TYR G 107 26.24 -15.18 -8.96
CA TYR G 107 26.55 -15.74 -7.65
C TYR G 107 25.57 -15.18 -6.62
N VAL G 108 25.35 -15.92 -5.55
CA VAL G 108 24.56 -15.44 -4.44
C VAL G 108 25.41 -15.12 -3.22
N TRP G 109 26.57 -15.76 -3.07
CA TRP G 109 27.45 -15.49 -1.95
C TRP G 109 28.89 -15.55 -2.42
N VAL G 110 29.76 -14.89 -1.67
CA VAL G 110 31.14 -14.70 -2.06
C VAL G 110 32.00 -14.71 -0.80
N TYR G 111 33.28 -14.98 -0.97
CA TYR G 111 34.24 -14.89 0.12
C TYR G 111 34.82 -13.49 0.17
N VAL G 112 34.98 -12.94 1.35
CA VAL G 112 35.43 -11.57 1.52
C VAL G 112 36.60 -11.54 2.49
N THR G 113 37.69 -10.92 2.07
CA THR G 113 38.88 -10.70 2.87
C THR G 113 39.19 -9.22 2.87
N THR G 114 40.05 -8.79 3.78
CA THR G 114 40.59 -7.45 3.76
C THR G 114 42.10 -7.54 3.60
N TYR G 115 42.75 -6.38 3.48
CA TYR G 115 44.19 -6.37 3.32
C TYR G 115 44.91 -6.50 4.66
N GLU G 116 44.27 -6.07 5.75
CA GLU G 116 44.82 -6.34 7.07
C GLU G 116 44.90 -7.84 7.32
N LEU G 117 43.82 -8.56 7.04
CA LEU G 117 43.79 -9.99 7.27
C LEU G 117 44.80 -10.72 6.40
N LEU G 118 45.05 -10.23 5.18
CA LEU G 118 45.97 -10.92 4.29
C LEU G 118 47.42 -10.63 4.61
N LYS G 119 47.70 -9.59 5.39
CA LYS G 119 49.06 -9.35 5.84
C LYS G 119 49.46 -10.34 6.90
N LYS G 120 48.57 -10.61 7.86
CA LYS G 120 48.88 -11.58 8.90
C LYS G 120 49.02 -12.98 8.34
N VAL G 121 48.23 -13.32 7.31
CA VAL G 121 48.42 -14.60 6.65
C VAL G 121 49.78 -14.67 5.99
N LYS G 122 50.17 -13.58 5.32
CA LYS G 122 51.50 -13.53 4.71
C LYS G 122 52.59 -13.61 5.78
N LEU G 123 52.38 -12.92 6.91
CA LEU G 123 53.33 -12.98 8.01
C LEU G 123 53.53 -14.41 8.47
N TYR G 124 52.44 -15.17 8.63
CA TYR G 124 52.56 -16.58 8.96
C TYR G 124 53.26 -17.36 7.86
N LEU G 125 53.04 -16.98 6.60
CA LEU G 125 53.55 -17.77 5.50
C LEU G 125 55.05 -17.55 5.30
N ASP G 126 55.50 -16.30 5.41
CA ASP G 126 56.93 -16.04 5.33
C ASP G 126 57.67 -16.73 6.46
N SER G 127 57.10 -16.70 7.66
CA SER G 127 57.83 -17.11 8.85
C SER G 127 58.21 -18.58 8.82
N ILE G 128 57.48 -19.41 8.09
CA ILE G 128 57.75 -20.84 8.06
C ILE G 128 58.33 -21.31 6.74
N SER G 129 58.48 -20.41 5.76
CA SER G 129 59.09 -20.80 4.50
C SER G 129 60.53 -21.24 4.68
N GLN G 130 61.20 -20.77 5.73
CA GLN G 130 62.61 -21.06 5.89
C GLN G 130 62.85 -22.48 6.41
N LEU G 131 61.85 -23.08 7.03
CA LEU G 131 61.97 -24.45 7.51
C LEU G 131 61.15 -25.44 6.72
N SER G 132 60.08 -25.00 6.08
CA SER G 132 59.24 -25.87 5.24
C SER G 132 59.98 -26.12 3.94
N ASN G 133 60.74 -27.22 3.89
CA ASN G 133 61.36 -27.64 2.65
C ASN G 133 60.35 -28.28 1.70
N ALA G 134 59.07 -28.11 1.99
CA ALA G 134 57.97 -28.45 1.09
C ALA G 134 57.36 -27.11 0.67
N SER G 135 58.24 -26.18 0.30
CA SER G 135 57.92 -24.76 0.14
C SER G 135 56.65 -24.56 -0.66
N PHE G 136 55.66 -23.98 0.01
CA PHE G 136 54.35 -23.66 -0.56
C PHE G 136 54.33 -22.26 -1.17
N SER G 137 55.36 -21.95 -1.96
CA SER G 137 55.41 -20.62 -2.57
C SER G 137 54.30 -20.45 -3.61
N ASN G 138 53.73 -21.55 -4.09
CA ASN G 138 52.56 -21.49 -4.94
C ASN G 138 51.42 -20.77 -4.25
N LEU G 139 51.40 -20.76 -2.91
CA LEU G 139 50.39 -20.02 -2.17
C LEU G 139 50.93 -18.71 -1.64
N LYS G 140 52.17 -18.68 -1.18
CA LYS G 140 52.72 -17.43 -0.64
C LYS G 140 52.82 -16.36 -1.71
N ASN G 141 53.08 -16.75 -2.95
CA ASN G 141 53.15 -15.76 -4.03
C ASN G 141 51.80 -15.11 -4.28
N LYS G 142 50.73 -15.90 -4.24
CA LYS G 142 49.40 -15.35 -4.51
C LYS G 142 49.08 -14.21 -3.57
N ILE G 143 49.34 -14.40 -2.27
CA ILE G 143 49.13 -13.30 -1.32
C ILE G 143 50.04 -12.13 -1.64
N ASP G 144 51.25 -12.40 -2.14
CA ASP G 144 52.17 -11.32 -2.45
C ASP G 144 51.65 -10.45 -3.58
N THR G 145 51.11 -11.07 -4.64
CA THR G 145 50.55 -10.28 -5.73
C THR G 145 49.32 -9.51 -5.28
N ILE G 146 48.47 -10.13 -4.47
CA ILE G 146 47.30 -9.43 -3.95
C ILE G 146 47.72 -8.24 -3.12
N LEU G 147 48.69 -8.44 -2.21
CA LEU G 147 49.16 -7.34 -1.39
C LEU G 147 49.84 -6.25 -2.21
N ALA G 148 50.36 -6.61 -3.39
CA ALA G 148 50.92 -5.58 -4.27
C ALA G 148 49.82 -4.66 -4.78
N LYS G 149 48.64 -5.21 -5.05
CA LYS G 149 47.49 -4.44 -5.53
C LYS G 149 46.72 -3.80 -4.38
N GLU G 150 47.33 -3.65 -3.21
CA GLU G 150 46.65 -3.07 -2.07
C GLU G 150 46.22 -1.64 -2.37
N GLY G 151 45.07 -1.26 -1.83
CA GLY G 151 44.53 0.07 -2.00
C GLY G 151 43.30 0.16 -2.88
N LYS G 152 42.60 -0.94 -3.10
CA LYS G 152 41.39 -0.96 -3.90
C LYS G 152 40.74 -2.33 -3.76
N ASN G 153 39.44 -2.38 -3.97
CA ASN G 153 38.73 -3.64 -3.93
C ASN G 153 39.15 -4.51 -5.10
N ILE G 154 39.32 -5.80 -4.85
CA ILE G 154 39.90 -6.73 -5.81
C ILE G 154 39.03 -7.99 -5.87
N THR G 155 38.83 -8.50 -7.08
CA THR G 155 38.31 -9.84 -7.27
C THR G 155 39.37 -10.68 -7.95
N LEU G 156 39.62 -11.88 -7.41
CA LEU G 156 40.77 -12.66 -7.86
C LEU G 156 40.52 -13.33 -9.21
N ASP G 157 39.55 -14.23 -9.27
CA ASP G 157 39.29 -14.95 -10.51
C ASP G 157 37.99 -14.57 -11.18
N SER G 158 36.98 -14.16 -10.42
CA SER G 158 35.74 -13.72 -11.02
C SER G 158 35.94 -12.38 -11.71
N ASP G 159 35.00 -12.04 -12.58
CA ASP G 159 35.03 -10.81 -13.37
C ASP G 159 33.69 -10.11 -13.17
N LEU G 160 33.58 -9.33 -12.11
CA LEU G 160 32.32 -8.71 -11.71
C LEU G 160 32.29 -7.21 -11.93
N LYS G 161 33.28 -6.50 -11.40
CA LYS G 161 33.48 -5.06 -11.58
C LYS G 161 32.46 -4.23 -10.79
N SER G 162 31.46 -4.89 -10.20
CA SER G 162 30.47 -4.20 -9.40
C SER G 162 29.59 -5.23 -8.71
N ALA G 163 29.23 -4.95 -7.47
CA ALA G 163 28.43 -5.90 -6.68
C ALA G 163 27.90 -5.17 -5.45
N ILE G 164 26.96 -5.83 -4.78
CA ILE G 164 26.40 -5.36 -3.52
C ILE G 164 26.66 -6.43 -2.48
N LEU G 165 27.47 -6.12 -1.48
CA LEU G 165 27.87 -7.08 -0.47
C LEU G 165 27.04 -6.88 0.78
N ASN G 166 26.36 -7.94 1.21
CA ASN G 166 25.58 -7.94 2.44
C ASN G 166 24.50 -6.88 2.42
N GLU G 167 23.87 -6.70 1.26
CA GLU G 167 22.68 -5.89 1.08
C GLU G 167 22.86 -4.43 1.46
N ASP G 168 24.08 -4.02 1.79
CA ASP G 168 24.30 -2.67 2.29
C ASP G 168 25.44 -1.92 1.64
N PHE G 169 26.38 -2.59 0.98
CA PHE G 169 27.61 -1.95 0.56
C PHE G 169 27.83 -2.20 -0.92
N TYR G 170 27.84 -1.12 -1.69
CA TYR G 170 28.15 -1.19 -3.12
C TYR G 170 29.64 -1.00 -3.31
N VAL G 171 30.28 -1.94 -3.98
CA VAL G 171 31.71 -1.85 -4.26
C VAL G 171 31.95 -2.17 -5.72
N GLU G 172 32.95 -1.51 -6.28
CA GLU G 172 33.42 -1.79 -7.63
C GLU G 172 34.74 -2.54 -7.55
N LEU G 173 34.85 -3.61 -8.33
CA LEU G 173 35.95 -4.54 -8.19
C LEU G 173 36.85 -4.50 -9.42
N GLU G 174 38.11 -4.83 -9.21
CA GLU G 174 39.13 -4.85 -10.26
C GLU G 174 39.80 -6.20 -10.26
N ALA G 175 40.04 -6.75 -11.45
CA ALA G 175 40.75 -8.02 -11.55
C ALA G 175 42.15 -7.88 -10.95
N LEU G 176 42.75 -9.02 -10.60
CA LEU G 176 44.04 -8.97 -9.92
C LEU G 176 45.07 -8.27 -10.78
N ASN G 177 45.45 -8.90 -11.90
CA ASN G 177 45.92 -8.18 -13.07
C ASN G 177 45.05 -8.52 -14.27
N ASN G 178 44.95 -9.79 -14.61
CA ASN G 178 43.87 -10.35 -15.42
C ASN G 178 43.26 -11.61 -14.80
N LYS G 179 44.08 -12.48 -14.21
CA LYS G 179 43.63 -13.79 -13.75
C LYS G 179 44.69 -14.40 -12.84
N ILE G 180 44.24 -15.32 -11.98
CA ILE G 180 45.12 -16.11 -11.11
C ILE G 180 44.27 -17.23 -10.49
N PRO G 181 44.85 -18.41 -10.25
CA PRO G 181 44.08 -19.47 -9.58
C PRO G 181 43.63 -19.03 -8.20
N SER G 182 42.43 -19.48 -7.82
CA SER G 182 41.91 -19.16 -6.50
C SER G 182 42.44 -20.14 -5.46
N ILE G 183 42.48 -19.68 -4.23
CA ILE G 183 43.02 -20.51 -3.14
C ILE G 183 41.99 -21.56 -2.72
N ILE G 184 40.85 -21.12 -2.22
CA ILE G 184 39.78 -22.03 -1.82
C ILE G 184 39.21 -22.67 -3.07
N ASN G 185 39.28 -24.00 -3.16
CA ASN G 185 38.84 -24.65 -4.39
C ASN G 185 37.33 -24.66 -4.57
N ALA G 186 36.57 -24.12 -3.61
CA ALA G 186 35.15 -23.92 -3.85
C ALA G 186 34.94 -22.97 -5.02
N GLY G 187 33.94 -23.25 -5.84
CA GLY G 187 33.72 -22.46 -7.02
C GLY G 187 33.15 -21.09 -6.69
N VAL G 188 33.81 -20.39 -5.78
CA VAL G 188 33.30 -19.16 -5.20
C VAL G 188 34.38 -18.09 -5.37
N PRO G 189 34.03 -16.89 -5.85
CA PRO G 189 35.03 -15.83 -5.93
C PRO G 189 35.52 -15.42 -4.55
N LEU G 190 36.67 -14.76 -4.53
CA LEU G 190 37.24 -14.21 -3.32
C LEU G 190 37.48 -12.73 -3.55
N LEU G 191 36.84 -11.88 -2.76
CA LEU G 191 37.05 -10.45 -2.84
C LEU G 191 37.96 -10.00 -1.72
N VAL G 192 38.84 -9.06 -2.02
CA VAL G 192 39.72 -8.45 -1.03
C VAL G 192 39.39 -6.97 -1.01
N LEU G 193 38.80 -6.52 0.08
CA LEU G 193 38.31 -5.15 0.17
C LEU G 193 39.29 -4.29 0.95
N GLU G 194 39.12 -2.98 0.80
CA GLU G 194 39.86 -2.04 1.62
C GLU G 194 39.54 -2.29 3.09
N ASP G 195 40.45 -1.88 3.96
CA ASP G 195 40.32 -2.23 5.37
C ASP G 195 39.14 -1.50 6.02
N SER G 196 38.78 -0.33 5.49
CA SER G 196 37.64 0.40 6.04
C SER G 196 36.32 -0.21 5.58
N ILE G 197 36.20 -0.46 4.28
CA ILE G 197 34.97 -1.04 3.75
C ILE G 197 34.85 -2.50 4.15
N GLY G 198 35.97 -3.22 4.17
CA GLY G 198 35.91 -4.63 4.53
C GLY G 198 35.47 -4.85 5.96
N ARG G 199 35.92 -3.98 6.88
CA ARG G 199 35.54 -4.13 8.28
C ARG G 199 34.05 -3.96 8.51
N GLU G 200 33.36 -3.27 7.60
CA GLU G 200 31.91 -3.17 7.69
C GLU G 200 31.23 -4.38 7.06
N VAL G 201 31.73 -4.82 5.90
CA VAL G 201 31.16 -5.99 5.25
C VAL G 201 31.38 -7.23 6.10
N ILE G 202 32.54 -7.34 6.74
CA ILE G 202 32.82 -8.49 7.58
C ILE G 202 31.95 -8.48 8.82
N ASN G 203 31.86 -7.32 9.49
CA ASN G 203 31.00 -7.21 10.65
C ASN G 203 29.54 -7.49 10.34
N ARG G 204 29.15 -7.42 9.08
CA ARG G 204 27.78 -7.73 8.70
C ARG G 204 27.56 -9.21 8.46
N SER G 205 28.63 -9.98 8.24
CA SER G 205 28.50 -11.42 8.12
C SER G 205 28.47 -12.10 9.47
N LEU G 206 29.07 -11.49 10.49
CA LEU G 206 29.03 -12.07 11.82
C LEU G 206 27.60 -12.17 12.32
N ILE G 207 27.25 -13.33 12.86
CA ILE G 207 25.89 -13.60 13.31
C ILE G 207 25.78 -13.19 14.77
N ARG G 208 24.92 -12.22 15.05
CA ARG G 208 24.69 -11.75 16.41
C ARG G 208 23.22 -11.98 16.72
N VAL G 209 22.93 -13.00 17.50
CA VAL G 209 21.55 -13.39 17.80
C VAL G 209 21.24 -13.04 19.24
N ARG G 210 19.96 -12.83 19.50
CA ARG G 210 19.45 -12.84 20.86
C ARG G 210 18.94 -14.24 21.19
N ARG G 211 18.99 -14.60 22.46
CA ARG G 211 18.55 -15.91 22.88
C ARG G 211 17.71 -15.77 24.13
N ILE G 212 16.84 -16.74 24.36
CA ILE G 212 15.73 -16.60 25.28
C ILE G 212 15.64 -17.84 26.15
N ARG G 213 15.36 -17.63 27.43
CA ARG G 213 14.99 -18.69 28.35
C ARG G 213 13.53 -18.52 28.71
N ILE G 214 12.75 -19.57 28.54
CA ILE G 214 11.30 -19.49 28.62
C ILE G 214 10.83 -20.13 29.91
N ASP G 215 9.89 -19.47 30.59
CA ASP G 215 9.17 -20.06 31.72
C ASP G 215 8.30 -21.19 31.21
N ARG G 216 8.68 -22.43 31.53
CA ARG G 216 8.03 -23.58 30.91
C ARG G 216 6.57 -23.71 31.28
N ASP G 217 6.13 -23.10 32.38
CA ASP G 217 4.74 -23.25 32.77
C ASP G 217 3.82 -22.23 32.09
N LYS G 218 4.30 -21.01 31.88
CA LYS G 218 3.49 -20.00 31.21
C LYS G 218 4.00 -19.64 29.82
N LYS G 219 5.06 -20.30 29.35
CA LYS G 219 5.58 -20.15 27.99
C LYS G 219 5.93 -18.71 27.65
N VAL G 220 6.32 -17.92 28.65
CA VAL G 220 6.79 -16.57 28.43
C VAL G 220 8.25 -16.51 28.90
N VAL G 221 8.97 -15.52 28.40
CA VAL G 221 10.36 -15.36 28.76
C VAL G 221 10.48 -14.99 30.24
N GLU G 222 11.53 -15.50 30.88
CA GLU G 222 11.80 -15.18 32.26
C GLU G 222 12.24 -13.73 32.38
N THR G 223 12.43 -13.28 33.62
CA THR G 223 12.98 -11.96 33.87
C THR G 223 14.50 -12.02 33.73
N GLY G 224 15.06 -11.20 32.86
CA GLY G 224 16.47 -11.30 32.56
C GLY G 224 16.85 -12.60 31.89
N GLY G 225 15.91 -13.23 31.19
CA GLY G 225 16.18 -14.47 30.50
C GLY G 225 16.55 -14.22 29.05
N LEU G 226 16.96 -12.99 28.76
CA LEU G 226 17.37 -12.59 27.42
C LEU G 226 18.85 -12.23 27.45
N TRP G 227 19.61 -12.76 26.49
CA TRP G 227 21.01 -12.41 26.35
C TRP G 227 21.36 -12.51 24.88
N SER G 228 22.61 -12.14 24.56
CA SER G 228 23.04 -11.99 23.18
C SER G 228 24.35 -12.73 22.98
N GLU G 229 24.50 -13.34 21.81
CA GLU G 229 25.69 -14.11 21.47
C GLU G 229 26.11 -13.76 20.06
N GLU G 230 27.32 -14.19 19.70
CA GLU G 230 27.89 -13.92 18.40
C GLU G 230 28.47 -15.20 17.83
N TYR G 231 28.10 -15.53 16.60
CA TYR G 231 28.62 -16.71 15.94
C TYR G 231 29.35 -16.31 14.67
N VAL G 232 30.26 -17.18 14.26
CA VAL G 232 31.00 -17.04 13.02
C VAL G 232 30.35 -17.95 11.99
N PRO G 233 29.94 -17.44 10.83
CA PRO G 233 29.03 -18.18 9.95
C PRO G 233 29.63 -19.49 9.44
N MET G 234 28.76 -20.32 8.90
CA MET G 234 29.20 -21.46 8.11
C MET G 234 30.10 -20.98 6.98
N LYS G 235 30.97 -21.87 6.52
CA LYS G 235 31.86 -21.66 5.39
C LYS G 235 32.96 -20.65 5.69
N THR G 236 33.00 -20.07 6.88
CA THR G 236 34.11 -19.20 7.25
C THR G 236 35.41 -19.99 7.24
N ILE G 237 36.52 -19.29 7.01
CA ILE G 237 37.82 -19.93 6.85
C ILE G 237 38.80 -19.24 7.78
N PHE G 238 39.33 -20.00 8.74
CA PHE G 238 40.43 -19.55 9.58
C PHE G 238 41.69 -20.28 9.15
N PHE G 239 42.81 -19.58 9.18
CA PHE G 239 44.09 -20.14 8.79
C PHE G 239 45.01 -20.15 9.99
N SER G 240 45.65 -21.29 10.24
CA SER G 240 46.58 -21.42 11.34
C SER G 240 47.71 -22.35 10.92
N VAL G 241 48.71 -22.46 11.78
CA VAL G 241 49.88 -23.29 11.53
C VAL G 241 50.13 -24.15 12.76
N LEU G 242 50.58 -25.37 12.53
CA LEU G 242 51.01 -26.27 13.60
C LEU G 242 52.51 -26.47 13.46
N LEU G 243 53.26 -25.91 14.41
CA LEU G 243 54.70 -26.01 14.39
C LEU G 243 55.15 -27.19 15.24
N GLY G 244 56.08 -27.97 14.70
CA GLY G 244 56.53 -29.15 15.40
C GLY G 244 58.02 -29.20 15.62
N LYS G 245 58.43 -29.49 16.84
CA LYS G 245 59.85 -29.69 17.10
C LYS G 245 60.29 -31.04 16.53
N GLU G 246 61.60 -31.19 16.39
CA GLU G 246 62.16 -32.40 15.78
C GLU G 246 62.15 -33.53 16.80
N SER G 247 61.41 -34.59 16.50
CA SER G 247 61.32 -35.74 17.39
C SER G 247 60.77 -36.91 16.60
N LYS G 248 60.71 -38.07 17.25
CA LYS G 248 60.15 -39.27 16.64
C LYS G 248 58.66 -39.39 16.87
N GLU G 249 58.14 -38.81 17.95
CA GLU G 249 56.70 -38.81 18.17
C GLU G 249 55.99 -37.93 17.16
N SER G 250 56.57 -36.77 16.84
CA SER G 250 55.96 -35.87 15.87
C SER G 250 55.90 -36.50 14.49
N ALA G 251 56.88 -37.33 14.15
CA ALA G 251 56.83 -38.04 12.87
C ALA G 251 55.60 -38.94 12.79
N ILE G 252 55.28 -39.62 13.90
CA ILE G 252 54.05 -40.39 13.96
C ILE G 252 52.84 -39.46 13.95
N PHE G 253 52.89 -38.43 14.79
CA PHE G 253 51.78 -37.50 14.90
C PHE G 253 51.46 -36.85 13.57
N ALA G 254 52.47 -36.38 12.85
CA ALA G 254 52.23 -35.70 11.59
C ALA G 254 51.83 -36.66 10.48
N SER G 255 52.15 -37.95 10.61
CA SER G 255 51.86 -38.91 9.55
C SER G 255 50.61 -39.71 9.85
N CYS G 256 50.53 -40.27 11.05
CA CYS G 256 49.41 -41.10 11.45
C CYS G 256 48.22 -40.31 11.97
N ILE G 257 48.44 -39.27 12.76
CA ILE G 257 47.35 -38.56 13.40
C ILE G 257 46.80 -37.45 12.52
N LEU G 258 47.66 -36.64 11.93
CA LEU G 258 47.20 -35.49 11.18
C LEU G 258 46.55 -35.84 9.85
N ARG G 259 46.85 -37.02 9.29
CA ARG G 259 46.18 -37.40 8.06
C ARG G 259 44.72 -37.70 8.28
N ASN G 260 44.35 -38.14 9.48
CA ASN G 260 42.99 -38.57 9.75
C ASN G 260 42.13 -37.49 10.38
N LEU G 261 42.71 -36.35 10.75
CA LEU G 261 41.89 -35.22 11.15
C LEU G 261 41.29 -34.57 9.91
N ARG G 262 40.00 -34.77 9.72
CA ARG G 262 39.22 -34.00 8.78
C ARG G 262 38.25 -33.08 9.49
N TYR G 263 37.46 -33.62 10.40
CA TYR G 263 36.49 -32.86 11.17
C TYR G 263 36.84 -32.93 12.64
N VAL G 264 36.76 -31.80 13.31
CA VAL G 264 36.92 -31.69 14.75
C VAL G 264 35.82 -30.77 15.27
N ILE G 265 35.86 -30.49 16.56
CA ILE G 265 34.86 -29.61 17.19
C ILE G 265 35.61 -28.60 18.04
N LEU G 266 35.43 -27.32 17.74
CA LEU G 266 36.07 -26.24 18.46
C LEU G 266 35.02 -25.35 19.12
N GLY G 267 35.45 -24.65 20.15
CA GLY G 267 34.59 -23.69 20.79
C GLY G 267 33.53 -24.34 21.64
N GLY G 268 32.45 -23.61 21.86
CA GLY G 268 31.42 -24.06 22.75
C GLY G 268 30.06 -24.18 22.11
N LYS G 269 29.04 -24.37 22.94
CA LYS G 269 27.65 -24.45 22.49
C LYS G 269 27.46 -25.59 21.50
N GLU G 270 28.06 -26.74 21.81
CA GLU G 270 27.95 -27.89 20.92
C GLU G 270 26.53 -28.43 20.89
N THR G 271 25.76 -28.20 21.96
CA THR G 271 24.37 -28.64 21.96
C THR G 271 23.58 -27.97 20.85
N ILE G 272 23.81 -26.68 20.62
CA ILE G 272 23.28 -25.98 19.45
C ILE G 272 23.96 -26.41 18.17
N GLY G 273 24.94 -27.29 18.24
CA GLY G 273 25.64 -27.70 17.03
C GLY G 273 26.53 -26.60 16.50
N LYS G 274 27.34 -26.01 17.37
CA LYS G 274 28.11 -24.83 17.06
C LYS G 274 29.61 -25.08 17.07
N GLY G 275 30.04 -26.29 16.75
CA GLY G 275 31.47 -26.50 16.78
C GLY G 275 32.05 -27.32 15.64
N ILE G 276 31.20 -27.92 14.82
CA ILE G 276 31.71 -28.81 13.78
C ILE G 276 32.48 -27.98 12.78
N VAL G 277 33.77 -28.25 12.67
CA VAL G 277 34.65 -27.50 11.79
C VAL G 277 35.49 -28.50 11.03
N GLU G 278 36.13 -28.04 9.97
CA GLU G 278 36.88 -28.91 9.08
C GLU G 278 38.26 -28.34 8.83
N LEU G 279 39.28 -29.19 8.97
CA LEU G 279 40.66 -28.83 8.74
C LEU G 279 41.09 -29.33 7.36
N ARG G 280 41.90 -28.54 6.67
CA ARG G 280 42.23 -28.87 5.29
C ARG G 280 43.72 -28.92 4.95
N TRP G 281 44.61 -28.62 5.89
CA TRP G 281 46.00 -29.07 5.77
C TRP G 281 46.68 -28.62 4.49
N VAL G 282 47.12 -27.36 4.42
CA VAL G 282 47.57 -26.85 3.14
C VAL G 282 48.89 -27.55 2.82
N LYS G 283 48.78 -28.77 2.36
CA LYS G 283 49.86 -29.50 1.73
C LYS G 283 49.34 -30.37 0.59
N ASP G 284 48.04 -30.33 0.32
CA ASP G 284 47.41 -31.12 -0.74
C ASP G 284 46.49 -30.22 -1.54
N VAL G 285 45.95 -29.18 -0.90
CA VAL G 285 45.15 -28.18 -1.60
C VAL G 285 46.03 -27.23 -2.37
N ILE G 286 47.35 -27.39 -2.28
CA ILE G 286 48.29 -26.59 -3.04
C ILE G 286 49.05 -27.48 -4.02
N LYS H 2 74.81 -8.10 13.28
CA LYS H 2 75.00 -7.12 14.34
C LYS H 2 73.69 -6.83 15.07
N ARG H 3 72.69 -6.37 14.33
CA ARG H 3 71.38 -6.08 14.90
C ARG H 3 70.43 -7.25 14.65
N VAL H 4 69.61 -7.56 15.66
CA VAL H 4 68.69 -8.68 15.62
C VAL H 4 67.29 -8.16 15.84
N LEU H 5 66.40 -8.41 14.88
CA LEU H 5 64.99 -8.06 15.01
C LEU H 5 64.21 -9.30 15.40
N ILE H 6 63.41 -9.19 16.44
CA ILE H 6 62.57 -10.28 16.92
C ILE H 6 61.13 -9.91 16.57
N LYS H 7 60.56 -10.63 15.60
CA LYS H 7 59.25 -10.30 15.10
C LYS H 7 58.21 -11.21 15.70
N PRO H 8 57.37 -10.74 16.63
CA PRO H 8 56.32 -11.60 17.18
C PRO H 8 55.24 -11.86 16.14
N LEU H 9 54.93 -13.14 15.91
CA LEU H 9 53.90 -13.52 14.97
C LEU H 9 52.51 -13.47 15.57
N GLU H 10 52.40 -13.22 16.86
CA GLU H 10 51.14 -13.32 17.59
C GLU H 10 51.37 -12.73 18.97
N PRO H 11 50.29 -12.33 19.66
CA PRO H 11 50.45 -11.78 21.00
C PRO H 11 51.31 -12.66 21.89
N LEU H 12 52.19 -12.01 22.65
CA LEU H 12 53.12 -12.69 23.54
C LEU H 12 52.75 -12.39 24.99
N MET H 13 53.38 -13.10 25.90
CA MET H 13 53.25 -12.80 27.31
C MET H 13 54.60 -13.05 27.98
N PHE H 14 55.17 -12.01 28.57
CA PHE H 14 56.33 -12.14 29.45
C PHE H 14 55.84 -11.74 30.82
N ARG H 15 55.47 -12.71 31.64
CA ARG H 15 54.89 -12.42 32.94
C ARG H 15 55.98 -12.28 33.98
N SER H 16 55.74 -11.39 34.94
CA SER H 16 56.52 -11.30 36.14
C SER H 16 55.67 -11.84 37.30
N GLN H 17 56.18 -11.70 38.52
CA GLN H 17 55.39 -11.92 39.74
C GLN H 17 55.11 -13.40 40.00
N GLY H 18 55.45 -14.27 39.07
CA GLY H 18 55.42 -15.69 39.34
C GLY H 18 54.07 -16.28 39.75
N GLU H 19 54.03 -17.60 39.93
CA GLU H 19 52.87 -18.29 40.49
C GLU H 19 51.63 -18.05 39.63
N PHE H 20 51.70 -18.58 38.41
CA PHE H 20 50.58 -18.58 37.48
C PHE H 20 50.25 -20.04 37.22
N GLU H 21 49.48 -20.62 38.13
CA GLU H 21 49.05 -22.01 38.05
C GLU H 21 48.04 -22.28 39.16
N PRO H 22 47.12 -23.22 38.96
CA PRO H 22 46.07 -23.42 39.96
C PRO H 22 46.57 -24.11 41.22
N LEU H 23 46.68 -23.36 42.31
CA LEU H 23 47.10 -23.93 43.59
C LEU H 23 45.98 -23.87 44.63
N ILE H 24 45.45 -22.69 44.89
CA ILE H 24 44.36 -22.56 45.86
C ILE H 24 43.06 -23.02 45.21
N THR H 25 42.18 -23.61 46.01
CA THR H 25 40.99 -24.24 45.46
C THR H 25 39.94 -23.21 45.04
N GLY H 26 39.49 -22.39 45.98
CA GLY H 26 38.42 -21.45 45.68
C GLY H 26 38.93 -20.12 45.20
N SER H 27 39.73 -20.10 44.15
CA SER H 27 40.33 -18.87 43.68
C SER H 27 40.85 -19.05 42.27
N HIS H 28 40.69 -18.01 41.45
CA HIS H 28 41.24 -18.00 40.11
C HIS H 28 42.70 -17.59 40.14
N THR H 29 43.38 -17.79 39.01
CA THR H 29 44.73 -17.30 38.82
C THR H 29 44.74 -16.22 37.77
N ALA H 30 45.76 -15.37 37.81
CA ALA H 30 45.86 -14.27 36.88
C ALA H 30 47.31 -13.87 36.73
N ALA H 31 47.66 -13.41 35.54
CA ALA H 31 49.02 -12.96 35.26
C ALA H 31 48.97 -11.83 34.26
N GLN H 32 49.88 -10.88 34.43
CA GLN H 32 50.05 -9.79 33.49
C GLN H 32 51.24 -10.09 32.59
N SER H 33 51.63 -9.11 31.79
CA SER H 33 52.78 -9.26 30.92
C SER H 33 53.63 -8.01 30.98
N LEU H 34 54.93 -8.19 30.88
CA LEU H 34 55.83 -7.06 30.73
C LEU H 34 55.77 -6.53 29.32
N ILE H 35 55.89 -5.21 29.17
CA ILE H 35 55.85 -4.63 27.84
C ILE H 35 57.12 -4.93 27.08
N ILE H 36 58.25 -4.98 27.78
CA ILE H 36 59.55 -5.24 27.20
C ILE H 36 60.10 -6.50 27.86
N PRO H 37 60.49 -7.52 27.10
CA PRO H 37 61.07 -8.72 27.72
C PRO H 37 62.41 -8.43 28.35
N ARG H 38 62.63 -8.99 29.53
CA ARG H 38 63.89 -8.83 30.22
C ARG H 38 65.01 -9.47 29.39
N PRO H 39 66.25 -9.00 29.55
CA PRO H 39 67.34 -9.56 28.77
C PRO H 39 67.60 -11.01 29.04
N SER H 40 67.24 -11.51 30.23
CA SER H 40 67.34 -12.94 30.50
C SER H 40 66.45 -13.73 29.55
N THR H 41 65.27 -13.19 29.22
CA THR H 41 64.40 -13.87 28.28
C THR H 41 65.02 -13.93 26.89
N ILE H 42 65.56 -12.80 26.42
CA ILE H 42 66.15 -12.78 25.09
C ILE H 42 67.42 -13.59 25.05
N ALA H 43 68.20 -13.58 26.12
CA ALA H 43 69.39 -14.41 26.17
C ALA H 43 69.03 -15.88 26.16
N GLY H 44 68.04 -16.27 26.95
CA GLY H 44 67.63 -17.67 26.97
C GLY H 44 67.09 -18.16 25.64
N MET H 45 66.52 -17.26 24.85
CA MET H 45 65.99 -17.66 23.55
C MET H 45 67.12 -18.01 22.59
N LEU H 46 68.09 -17.12 22.42
CA LEU H 46 69.23 -17.42 21.57
C LEU H 46 70.03 -18.58 22.14
N GLY H 47 70.17 -18.63 23.47
CA GLY H 47 70.83 -19.77 24.08
C GLY H 47 70.13 -21.07 23.79
N TYR H 48 68.82 -21.03 23.56
CA TYR H 48 68.09 -22.24 23.23
C TYR H 48 68.45 -22.74 21.84
N ILE H 49 68.61 -21.82 20.90
CA ILE H 49 69.03 -22.22 19.56
C ILE H 49 70.45 -22.77 19.60
N LEU H 50 71.34 -22.06 20.27
CA LEU H 50 72.77 -22.36 20.25
C LEU H 50 73.14 -23.36 21.32
N PHE H 51 72.39 -24.46 21.46
CA PHE H 51 72.56 -25.32 22.62
C PHE H 51 73.32 -26.58 22.26
N ASN H 52 74.36 -26.86 23.02
CA ASN H 52 75.12 -28.09 22.91
C ASN H 52 75.24 -28.70 24.30
N LYS H 53 74.95 -30.00 24.41
CA LYS H 53 74.92 -30.65 25.72
C LYS H 53 76.28 -30.60 26.40
N SER H 54 77.36 -30.63 25.63
CA SER H 54 78.71 -30.62 26.17
C SER H 54 79.04 -29.20 26.64
N SER H 55 78.48 -28.83 27.79
CA SER H 55 78.70 -27.54 28.42
C SER H 55 77.97 -27.51 29.74
N GLY H 56 78.28 -26.49 30.55
CA GLY H 56 77.47 -26.17 31.71
C GLY H 56 77.50 -27.15 32.85
N THR H 57 76.41 -27.91 32.99
CA THR H 57 76.17 -28.80 34.13
C THR H 57 76.06 -27.99 35.42
N GLY H 58 75.05 -27.12 35.44
CA GLY H 58 74.65 -26.46 36.67
C GLY H 58 74.88 -24.97 36.74
N ASP H 59 74.99 -24.31 35.59
CA ASP H 59 75.44 -22.92 35.58
C ASP H 59 74.40 -21.95 35.05
N TRP H 60 73.88 -22.20 33.86
CA TRP H 60 72.84 -21.48 33.14
C TRP H 60 73.25 -20.06 32.78
N LEU H 61 74.36 -19.59 33.28
CA LEU H 61 74.90 -18.35 32.75
C LEU H 61 76.38 -18.48 32.43
N SER H 62 77.13 -19.22 33.25
CA SER H 62 78.42 -19.71 32.80
C SER H 62 78.25 -20.59 31.58
N ASP H 63 77.15 -21.34 31.53
CA ASP H 63 76.81 -22.10 30.34
C ASP H 63 76.26 -21.22 29.24
N LEU H 64 75.52 -20.17 29.62
CA LEU H 64 74.90 -19.30 28.62
C LEU H 64 75.90 -18.35 27.99
N THR H 65 76.76 -17.75 28.81
CA THR H 65 77.74 -16.79 28.30
C THR H 65 78.77 -17.42 27.38
N ASN H 66 78.90 -18.75 27.37
CA ASN H 66 79.81 -19.39 26.44
C ASN H 66 79.26 -19.43 25.03
N LEU H 67 77.96 -19.29 24.87
CA LEU H 67 77.33 -19.38 23.54
C LEU H 67 77.30 -18.02 22.85
N LEU H 68 76.68 -17.03 23.47
CA LEU H 68 76.54 -15.71 22.88
C LEU H 68 77.66 -14.79 23.33
N ALA H 69 78.05 -13.87 22.45
CA ALA H 69 79.19 -13.01 22.75
C ALA H 69 78.79 -11.90 23.70
N THR H 70 77.89 -11.02 23.28
CA THR H 70 77.40 -9.94 24.12
C THR H 70 76.16 -9.33 23.50
N ILE H 71 75.08 -9.22 24.26
CA ILE H 71 73.83 -8.67 23.77
C ILE H 71 73.64 -7.28 24.38
N TYR H 72 73.10 -6.37 23.58
CA TYR H 72 72.79 -5.04 24.06
C TYR H 72 71.27 -4.87 24.18
N GLY H 73 70.88 -3.95 25.05
CA GLY H 73 69.50 -3.83 25.49
C GLY H 73 68.47 -3.71 24.40
N THR H 74 67.20 -3.82 24.78
CA THR H 74 66.12 -4.02 23.83
C THR H 74 65.17 -2.84 23.80
N PHE H 75 64.72 -2.49 22.61
CA PHE H 75 63.71 -1.44 22.42
C PHE H 75 62.82 -1.84 21.25
N ILE H 76 61.97 -0.91 20.83
CA ILE H 76 60.90 -1.18 19.87
C ILE H 76 61.24 -0.56 18.54
N GLU H 77 60.83 -1.21 17.46
CA GLU H 77 60.97 -0.68 16.10
C GLU H 77 59.72 -1.03 15.31
N THR H 78 58.87 -0.04 15.04
CA THR H 78 57.66 -0.30 14.29
C THR H 78 57.90 -0.31 12.79
N ASN H 79 58.26 0.84 12.23
CA ASN H 79 58.40 1.02 10.79
C ASN H 79 59.70 1.77 10.50
N GLY H 80 60.80 1.29 11.06
CA GLY H 80 62.03 2.03 11.02
C GLY H 80 62.14 3.09 12.08
N GLU H 81 61.03 3.50 12.68
CA GLU H 81 61.09 4.32 13.87
C GLU H 81 61.53 3.48 15.05
N TYR H 82 62.14 4.13 16.03
CA TYR H 82 62.58 3.49 17.25
C TYR H 82 61.81 4.08 18.41
N LEU H 83 61.33 3.24 19.30
CA LEU H 83 60.67 3.67 20.52
C LEU H 83 61.40 3.06 21.71
N PHE H 84 61.53 3.85 22.76
CA PHE H 84 62.35 3.43 23.88
C PHE H 84 61.54 3.47 25.17
N PRO H 85 61.74 2.51 26.05
CA PRO H 85 60.99 2.51 27.30
C PRO H 85 61.34 3.74 28.13
N LEU H 86 60.32 4.34 28.72
CA LEU H 86 60.50 5.47 29.62
C LEU H 86 59.65 5.21 30.84
N ARG H 87 60.25 5.32 32.01
CA ARG H 87 59.61 4.90 33.25
C ARG H 87 59.55 6.03 34.24
N MET H 88 58.53 6.00 35.08
CA MET H 88 58.27 7.02 36.09
C MET H 88 57.78 6.30 37.34
N GLY H 89 57.12 7.02 38.23
CA GLY H 89 56.61 6.42 39.44
C GLY H 89 55.46 5.47 39.14
N ASN H 90 55.80 4.32 38.57
CA ASN H 90 54.94 3.22 38.14
C ASN H 90 54.29 3.45 36.79
N HIS H 91 54.51 4.59 36.14
CA HIS H 91 54.08 4.76 34.76
C HIS H 91 55.17 4.30 33.82
N LEU H 92 54.77 3.60 32.77
CA LEU H 92 55.68 3.19 31.72
C LEU H 92 55.19 3.73 30.39
N ALA H 93 56.13 4.20 29.57
CA ALA H 93 55.78 4.79 28.28
C ALA H 93 56.76 4.32 27.22
N LEU H 94 56.28 4.26 25.99
CA LEU H 94 57.10 4.00 24.82
C LEU H 94 57.23 5.31 24.07
N VAL H 95 58.32 6.02 24.30
CA VAL H 95 58.52 7.35 23.73
C VAL H 95 59.50 7.26 22.57
N ASP H 96 59.37 8.19 21.65
CA ASP H 96 60.23 8.24 20.47
C ASP H 96 61.53 8.96 20.78
N GLN H 97 62.56 8.64 20.00
CA GLN H 97 63.93 9.11 20.22
C GLN H 97 64.02 10.61 20.43
N GLN H 98 63.27 11.38 19.65
CA GLN H 98 63.38 12.83 19.63
C GLN H 98 62.93 13.49 20.92
N HIS H 99 62.37 12.73 21.87
CA HIS H 99 61.80 13.33 23.07
C HIS H 99 62.66 13.11 24.31
N LEU H 100 63.76 12.39 24.20
CA LEU H 100 64.65 12.20 25.33
C LEU H 100 65.70 13.29 25.44
N ILE H 101 65.87 14.10 24.40
CA ILE H 101 66.98 15.06 24.35
C ILE H 101 66.87 16.04 25.50
N ASN H 102 65.67 16.58 25.72
CA ASN H 102 65.46 17.61 26.72
C ASN H 102 64.93 17.05 28.03
N LEU H 103 65.31 15.83 28.39
CA LEU H 103 64.94 15.31 29.70
C LEU H 103 65.78 15.89 30.84
N PRO H 104 67.11 15.94 30.75
CA PRO H 104 67.87 16.49 31.90
C PRO H 104 67.50 17.93 32.20
N THR H 105 67.25 18.73 31.15
CA THR H 105 66.77 20.09 31.40
C THR H 105 65.34 20.09 31.92
N LEU H 106 64.54 19.10 31.54
CA LEU H 106 63.17 19.03 32.01
C LEU H 106 63.10 18.67 33.48
N LEU H 107 63.84 17.63 33.88
CA LEU H 107 63.83 17.17 35.26
C LEU H 107 64.41 18.18 36.23
N GLU H 108 64.94 19.29 35.75
CA GLU H 108 65.53 20.31 36.60
C GLU H 108 64.73 21.60 36.60
N LYS H 109 63.66 21.69 35.80
CA LYS H 109 62.89 22.92 35.73
C LYS H 109 62.22 23.22 37.06
N GLU H 110 61.55 24.36 37.11
CA GLU H 110 60.81 24.72 38.30
C GLU H 110 59.68 23.71 38.53
N TYR H 111 59.07 23.80 39.70
CA TYR H 111 58.07 22.83 40.10
C TYR H 111 56.97 22.68 39.05
N GLU H 112 56.28 23.77 38.76
CA GLU H 112 55.09 23.67 37.91
C GLU H 112 55.46 23.37 36.47
N ARG H 113 56.58 23.89 35.99
CA ARG H 113 57.00 23.61 34.62
C ARG H 113 57.54 22.20 34.45
N ARG H 114 57.99 21.58 35.54
CA ARG H 114 58.47 20.20 35.47
C ARG H 114 57.29 19.24 35.33
N GLU H 115 56.28 19.40 36.18
CA GLU H 115 55.13 18.51 36.15
C GLU H 115 54.46 18.52 34.78
N LYS H 116 54.25 19.72 34.22
CA LYS H 116 53.58 19.80 32.93
C LYS H 116 54.38 19.10 31.85
N GLY H 117 55.70 19.30 31.83
CA GLY H 117 56.51 18.64 30.82
C GLY H 117 56.50 17.13 30.97
N ILE H 118 56.62 16.65 32.21
CA ILE H 118 56.59 15.22 32.47
C ILE H 118 55.21 14.65 32.13
N TYR H 119 54.16 15.32 32.58
CA TYR H 119 52.80 14.84 32.34
C TYR H 119 52.55 14.63 30.86
N GLU H 120 53.00 15.57 30.02
CA GLU H 120 52.73 15.47 28.60
C GLU H 120 53.57 14.39 27.91
N LEU H 121 54.62 13.89 28.58
CA LEU H 121 55.40 12.81 27.99
C LEU H 121 54.70 11.47 28.13
N PHE H 122 54.12 11.21 29.30
CA PHE H 122 53.51 9.92 29.57
C PHE H 122 52.06 9.83 29.15
N TYR H 123 51.46 10.95 28.72
CA TYR H 123 50.08 10.96 28.29
C TYR H 123 49.91 11.33 26.83
N ASP H 124 50.46 12.47 26.41
CA ASP H 124 50.28 12.90 25.03
C ASP H 124 51.34 12.34 24.10
N LYS H 125 52.60 12.46 24.49
CA LYS H 125 53.71 12.01 23.65
C LYS H 125 54.07 10.54 23.89
N ASN H 126 53.35 9.86 24.78
CA ASN H 126 53.54 8.44 25.01
C ASN H 126 52.87 7.68 23.89
N LYS H 127 53.66 6.97 23.08
CA LYS H 127 53.17 6.25 21.92
C LYS H 127 53.03 4.76 22.19
N LEU H 128 52.80 4.38 23.45
CA LEU H 128 52.71 2.97 23.79
C LEU H 128 51.39 2.38 23.31
N PHE H 129 50.28 3.00 23.69
CA PHE H 129 48.96 2.42 23.43
C PHE H 129 48.52 2.56 21.99
N GLN H 130 49.26 3.29 21.17
CA GLN H 130 49.04 3.21 19.73
C GLN H 130 49.72 2.01 19.11
N ILE H 131 50.49 1.25 19.89
CA ILE H 131 51.36 0.21 19.35
C ILE H 131 51.10 -1.13 20.01
N ILE H 132 50.64 -1.09 21.26
CA ILE H 132 50.50 -2.30 22.06
C ILE H 132 49.20 -2.24 22.85
N ASN H 133 48.40 -3.29 22.76
CA ASN H 133 47.17 -3.42 23.51
C ASN H 133 47.26 -4.64 24.42
N HIS H 134 46.63 -4.54 25.59
CA HIS H 134 46.58 -5.66 26.53
C HIS H 134 45.40 -6.54 26.16
N GLN H 135 45.68 -7.65 25.50
CA GLN H 135 44.64 -8.62 25.17
C GLN H 135 44.47 -9.53 26.36
N ASP H 136 43.40 -9.32 27.12
CA ASP H 136 43.20 -10.02 28.39
C ASP H 136 42.52 -11.35 28.11
N ARG H 137 43.32 -12.32 27.65
CA ARG H 137 42.81 -13.65 27.39
C ARG H 137 42.46 -14.35 28.70
N ILE H 138 41.38 -15.11 28.68
CA ILE H 138 40.95 -15.89 29.83
C ILE H 138 40.88 -17.35 29.41
N GLY H 139 41.51 -18.22 30.21
CA GLY H 139 41.59 -19.62 29.90
C GLY H 139 40.84 -20.45 30.93
N ILE H 140 40.74 -21.75 30.66
CA ILE H 140 39.88 -22.63 31.42
C ILE H 140 40.36 -24.05 31.24
N SER H 141 40.24 -24.85 32.29
CA SER H 141 40.54 -26.27 32.26
C SER H 141 39.25 -27.05 32.41
N ILE H 142 39.01 -27.99 31.51
CA ILE H 142 37.78 -28.76 31.45
C ILE H 142 38.06 -30.16 31.96
N ASP H 143 37.20 -30.67 32.84
CA ASP H 143 37.28 -32.06 33.26
C ASP H 143 36.38 -32.89 32.35
N LYS H 144 36.95 -33.91 31.72
CA LYS H 144 36.20 -34.70 30.76
C LYS H 144 35.07 -35.49 31.40
N SER H 145 35.00 -35.54 32.73
CA SER H 145 33.90 -36.21 33.40
C SER H 145 32.59 -35.49 33.16
N THR H 146 32.50 -34.26 33.64
CA THR H 146 31.31 -33.44 33.47
C THR H 146 31.32 -32.63 32.20
N ARG H 147 32.46 -32.53 31.53
CA ARG H 147 32.62 -31.76 30.30
C ARG H 147 32.28 -30.29 30.51
N THR H 148 32.45 -29.81 31.74
CA THR H 148 32.32 -28.40 32.08
C THR H 148 33.66 -27.91 32.64
N VAL H 149 33.67 -26.71 33.16
CA VAL H 149 34.89 -26.18 33.78
C VAL H 149 35.10 -26.85 35.12
N LYS H 150 36.36 -27.03 35.49
CA LYS H 150 36.71 -27.66 36.76
C LYS H 150 36.42 -26.69 37.91
N GLU H 151 36.80 -27.08 39.11
CA GLU H 151 36.57 -26.24 40.27
C GLU H 151 37.48 -25.03 40.23
N HIS H 152 37.00 -23.93 39.65
CA HIS H 152 37.71 -22.65 39.65
C HIS H 152 39.03 -22.71 38.91
N TYR H 153 39.15 -23.60 37.92
CA TYR H 153 40.35 -23.64 37.09
C TYR H 153 40.22 -22.66 35.93
N LEU H 154 40.12 -21.39 36.30
CA LEU H 154 39.99 -20.28 35.37
C LEU H 154 41.12 -19.31 35.62
N TYR H 155 41.73 -18.83 34.54
CA TYR H 155 42.87 -17.93 34.66
C TYR H 155 42.76 -16.82 33.62
N SER H 156 43.15 -15.62 34.01
CA SER H 156 43.22 -14.47 33.12
C SER H 156 44.68 -14.14 32.85
N ALA H 157 45.04 -14.04 31.58
CA ALA H 157 46.40 -13.72 31.18
C ALA H 157 46.35 -12.54 30.23
N ARG H 158 46.78 -11.38 30.70
CA ARG H 158 46.86 -10.20 29.83
C ARG H 158 48.04 -10.37 28.90
N TYR H 159 47.76 -10.76 27.67
CA TYR H 159 48.80 -10.93 26.67
C TYR H 159 49.27 -9.56 26.19
N LEU H 160 50.15 -9.56 25.21
CA LEU H 160 50.71 -8.35 24.62
C LEU H 160 50.30 -8.32 23.16
N ALA H 161 49.17 -7.69 22.87
CA ALA H 161 48.69 -7.57 21.51
C ALA H 161 49.34 -6.38 20.83
N PHE H 162 49.73 -6.57 19.57
CA PHE H 162 50.45 -5.56 18.81
C PHE H 162 49.54 -5.02 17.71
N LYS H 163 49.14 -3.75 17.85
CA LYS H 163 48.26 -3.15 16.86
C LYS H 163 48.97 -2.97 15.51
N LYS H 164 50.27 -2.74 15.53
CA LYS H 164 51.04 -2.52 14.32
C LYS H 164 52.09 -3.61 14.18
N GLU H 165 52.95 -3.47 13.17
CA GLU H 165 54.09 -4.36 13.04
C GLU H 165 55.20 -3.87 13.94
N VAL H 166 55.68 -4.74 14.81
CA VAL H 166 56.60 -4.37 15.88
C VAL H 166 57.71 -5.42 15.93
N ASN H 167 58.93 -4.96 16.16
CA ASN H 167 60.04 -5.86 16.41
C ASN H 167 60.74 -5.41 17.69
N TYR H 168 61.36 -6.37 18.36
CA TYR H 168 62.25 -6.07 19.47
C TYR H 168 63.67 -6.03 18.93
N VAL H 169 64.41 -4.99 19.30
CA VAL H 169 65.71 -4.70 18.71
C VAL H 169 66.78 -4.97 19.74
N ILE H 170 67.76 -5.78 19.37
CA ILE H 170 68.96 -5.99 20.17
C ILE H 170 70.16 -5.98 19.24
N PHE H 171 71.34 -5.87 19.83
CA PHE H 171 72.58 -5.94 19.07
C PHE H 171 73.50 -6.96 19.73
N ILE H 172 74.28 -7.64 18.91
CA ILE H 172 75.23 -8.65 19.37
C ILE H 172 76.62 -8.28 18.88
N ASP H 173 77.61 -8.44 19.76
CA ASP H 173 79.00 -8.24 19.36
C ASP H 173 79.44 -9.26 18.32
N ASN H 174 78.93 -10.49 18.41
CA ASN H 174 79.32 -11.54 17.50
C ASN H 174 78.81 -11.25 16.09
N ASP H 175 79.55 -11.76 15.11
CA ASP H 175 79.12 -11.73 13.72
C ASP H 175 79.08 -13.10 13.06
N ALA H 176 79.82 -14.09 13.57
CA ALA H 176 79.59 -15.47 13.20
C ALA H 176 78.24 -15.97 13.65
N ILE H 177 77.48 -15.15 14.37
CA ILE H 177 76.18 -15.54 14.89
C ILE H 177 75.07 -15.35 13.85
N SER H 178 75.30 -14.52 12.83
CA SER H 178 74.26 -14.13 11.90
C SER H 178 73.60 -15.32 11.21
N ASP H 179 74.36 -16.05 10.40
CA ASP H 179 73.81 -17.14 9.62
C ASP H 179 73.37 -18.34 10.46
N LYS H 180 73.51 -18.27 11.78
CA LYS H 180 72.95 -19.30 12.64
C LYS H 180 71.56 -18.92 13.12
N ILE H 181 71.45 -17.79 13.82
CA ILE H 181 70.14 -17.28 14.25
C ILE H 181 69.70 -16.26 13.20
N ASN H 182 69.06 -16.77 12.15
CA ASN H 182 68.48 -15.90 11.13
C ASN H 182 67.37 -16.65 10.43
N GLY H 183 66.24 -15.98 10.25
CA GLY H 183 65.08 -16.64 9.70
C GLY H 183 64.55 -17.76 10.55
N LYS H 184 65.00 -17.85 11.80
CA LYS H 184 64.65 -18.95 12.68
C LYS H 184 63.34 -18.67 13.38
N ILE H 185 62.48 -19.68 13.44
CA ILE H 185 61.27 -19.62 14.23
C ILE H 185 61.61 -19.98 15.67
N VAL H 186 61.39 -19.05 16.59
CA VAL H 186 61.73 -19.28 17.98
C VAL H 186 60.47 -19.30 18.82
N ASN H 187 60.58 -19.94 19.97
CA ASN H 187 59.51 -20.00 20.95
C ASN H 187 59.69 -18.89 21.98
N PHE H 188 59.60 -17.66 21.51
CA PHE H 188 59.90 -16.48 22.31
C PHE H 188 59.13 -16.48 23.62
N GLY H 189 59.87 -16.53 24.73
CA GLY H 189 59.36 -16.89 26.03
C GLY H 189 57.98 -16.40 26.41
N GLY H 190 57.15 -17.31 26.90
CA GLY H 190 55.80 -16.96 27.30
C GLY H 190 54.90 -18.18 27.44
N GLU H 191 53.66 -18.08 26.98
CA GLU H 191 52.74 -19.21 27.02
C GLU H 191 52.82 -20.03 25.74
N ASN H 192 54.03 -20.48 25.40
CA ASN H 192 54.27 -21.27 24.19
C ASN H 192 53.96 -20.48 22.93
N ARG H 193 54.43 -19.23 22.88
CA ARG H 193 54.19 -18.35 21.76
C ARG H 193 55.39 -18.39 20.81
N ILE H 194 55.28 -17.68 19.69
CA ILE H 194 56.22 -17.83 18.58
C ILE H 194 56.60 -16.45 18.05
N ALA H 195 57.89 -16.25 17.82
CA ALA H 195 58.41 -15.08 17.13
C ALA H 195 59.40 -15.53 16.07
N LYS H 196 59.73 -14.61 15.16
CA LYS H 196 60.69 -14.88 14.11
C LYS H 196 61.91 -13.99 14.29
N LEU H 197 63.08 -14.53 13.96
CA LEU H 197 64.34 -13.81 14.12
C LEU H 197 64.84 -13.30 12.77
N GLU H 198 65.53 -12.16 12.82
CA GLU H 198 66.05 -11.54 11.61
C GLU H 198 67.28 -10.74 11.98
N VAL H 199 68.37 -10.97 11.24
CA VAL H 199 69.65 -10.33 11.49
C VAL H 199 70.00 -9.45 10.32
N ASP H 200 70.37 -8.20 10.60
CA ASP H 200 70.95 -7.31 9.61
C ASP H 200 71.99 -6.44 10.31
N ASP H 201 72.92 -5.91 9.51
CA ASP H 201 73.98 -5.10 10.08
C ASP H 201 73.46 -3.72 10.44
N TYR H 202 74.08 -3.13 11.46
CA TYR H 202 73.66 -1.83 11.96
C TYR H 202 74.78 -1.24 12.80
N LYS H 203 75.26 -0.07 12.43
CA LYS H 203 76.42 0.53 13.06
C LYS H 203 75.96 1.48 14.18
N VAL H 204 76.35 1.17 15.41
CA VAL H 204 76.08 2.02 16.57
C VAL H 204 77.32 2.05 17.46
N ASP H 205 77.38 3.07 18.30
CA ASP H 205 78.51 3.26 19.19
C ASP H 205 78.58 2.15 20.24
N THR H 206 79.77 1.98 20.82
CA THR H 206 79.99 0.96 21.85
C THR H 206 80.27 1.53 23.23
N SER H 207 80.76 2.77 23.33
CA SER H 207 81.12 3.32 24.63
C SER H 207 81.14 4.83 24.53
N ILE H 208 80.53 5.48 25.52
CA ILE H 208 80.26 6.92 25.48
C ILE H 208 80.39 7.52 26.87
N GLU H 209 80.23 8.84 26.97
CA GLU H 209 80.25 9.55 28.24
C GLU H 209 79.26 10.70 28.19
N GLU H 210 78.24 10.64 29.04
CA GLU H 210 77.29 11.73 29.23
C GLU H 210 76.94 11.79 30.71
N GLU H 211 76.15 12.78 31.08
CA GLU H 211 75.73 12.98 32.45
C GLU H 211 74.37 12.40 32.76
N TYR H 212 73.68 11.87 31.75
CA TYR H 212 72.38 11.25 31.95
C TYR H 212 72.22 10.14 30.92
N TYR H 213 72.00 8.93 31.39
CA TYR H 213 71.78 7.77 30.54
C TYR H 213 70.35 7.28 30.69
N LEU H 214 69.87 6.59 29.67
CA LEU H 214 68.65 5.82 29.75
C LEU H 214 69.00 4.37 30.00
N ALA H 215 68.21 3.71 30.84
CA ALA H 215 68.41 2.30 31.14
C ALA H 215 67.62 1.49 30.11
N LEU H 216 68.30 1.01 29.08
CA LEU H 216 67.65 0.16 28.09
C LEU H 216 67.55 -1.28 28.54
N SER H 217 67.79 -1.56 29.81
CA SER H 217 67.73 -2.90 30.37
C SER H 217 67.87 -2.77 31.88
N PRO H 218 67.34 -3.70 32.65
CA PRO H 218 67.46 -3.61 34.11
C PRO H 218 68.91 -3.53 34.55
N ILE H 219 69.22 -2.52 35.36
CA ILE H 219 70.55 -2.35 35.92
C ILE H 219 70.58 -3.07 37.27
N LEU H 220 71.33 -4.16 37.33
CA LEU H 220 71.36 -4.98 38.52
C LEU H 220 72.17 -4.31 39.62
N ILE H 221 71.61 -4.29 40.82
CA ILE H 221 72.28 -3.73 42.00
C ILE H 221 72.80 -4.90 42.84
N PRO H 222 74.08 -4.90 43.22
CA PRO H 222 74.72 -6.14 43.66
C PRO H 222 74.35 -6.62 45.06
N ASP H 223 73.31 -6.05 45.66
CA ASP H 223 72.73 -6.55 46.90
C ASP H 223 73.62 -6.29 48.10
N GLU H 224 74.84 -5.81 47.87
CA GLU H 224 75.74 -5.42 48.94
C GLU H 224 75.84 -3.91 49.08
N ALA H 225 75.74 -3.19 47.97
CA ALA H 225 75.61 -1.74 47.98
C ALA H 225 74.18 -1.28 48.19
N LEU H 226 73.24 -2.22 48.27
CA LEU H 226 71.82 -1.87 48.34
C LEU H 226 71.54 -0.86 49.45
N ASP H 227 72.24 -0.97 50.57
CA ASP H 227 71.99 -0.06 51.67
C ASP H 227 72.57 1.32 51.39
N ASN H 228 73.86 1.38 51.03
CA ASN H 228 74.50 2.64 50.69
C ASN H 228 73.96 3.24 49.40
N PHE H 229 73.08 2.54 48.69
CA PHE H 229 72.48 3.01 47.45
C PHE H 229 71.07 3.53 47.64
N LEU H 230 70.23 2.78 48.37
CA LEU H 230 68.83 3.17 48.51
C LEU H 230 68.68 4.39 49.42
N ASP H 231 69.53 4.50 50.45
CA ASP H 231 69.41 5.63 51.37
C ASP H 231 69.58 6.96 50.67
N ASN H 232 70.41 6.99 49.62
CA ASN H 232 70.58 8.16 48.77
C ASN H 232 70.33 7.73 47.33
N ILE H 233 69.05 7.71 46.94
CA ILE H 233 68.67 7.26 45.62
C ILE H 233 68.66 8.40 44.62
N SER H 234 68.42 9.64 45.07
CA SER H 234 68.38 10.77 44.15
C SER H 234 69.74 11.07 43.54
N ASP H 235 70.82 10.62 44.16
CA ASP H 235 72.15 10.82 43.60
C ASP H 235 72.40 9.93 42.39
N TYR H 236 71.57 8.93 42.15
CA TYR H 236 71.86 7.93 41.13
C TYR H 236 70.77 7.80 40.07
N VAL H 237 69.51 7.93 40.44
CA VAL H 237 68.40 7.76 39.51
C VAL H 237 67.63 9.06 39.44
N ALA H 238 67.50 9.62 38.24
CA ALA H 238 66.75 10.85 38.07
C ALA H 238 65.26 10.58 38.07
N MET H 239 64.82 9.58 37.31
CA MET H 239 63.44 9.15 37.33
C MET H 239 63.36 7.72 36.82
N GLY H 240 62.38 7.00 37.28
CA GLY H 240 62.22 5.61 36.89
C GLY H 240 61.63 4.81 38.05
N LYS H 241 62.04 3.55 38.12
CA LYS H 241 61.46 2.64 39.09
C LYS H 241 62.51 1.61 39.52
N VAL H 242 62.64 1.43 40.83
CA VAL H 242 63.53 0.44 41.41
C VAL H 242 62.68 -0.60 42.11
N ASP H 243 63.01 -1.87 41.89
CA ASP H 243 62.27 -2.94 42.53
C ASP H 243 63.10 -4.21 42.49
N LYS H 244 62.69 -5.18 43.29
CA LYS H 244 63.36 -6.48 43.33
C LYS H 244 62.74 -7.39 42.28
N ILE H 245 63.59 -7.94 41.42
CA ILE H 245 63.15 -8.79 40.32
C ILE H 245 63.86 -10.12 40.41
N SER H 246 63.21 -11.15 39.88
CA SER H 246 63.86 -12.44 39.69
C SER H 246 64.42 -12.51 38.28
N LEU H 247 65.62 -13.07 38.16
CA LEU H 247 66.26 -13.09 36.84
C LEU H 247 65.64 -14.09 35.89
N GLY H 248 64.59 -14.80 36.28
CA GLY H 248 63.92 -15.68 35.36
C GLY H 248 63.79 -17.11 35.84
N PHE H 249 63.85 -18.04 34.90
CA PHE H 249 63.63 -19.45 35.18
C PHE H 249 64.50 -20.23 34.20
N ASP H 250 65.45 -21.02 34.71
CA ASP H 250 66.39 -21.69 33.84
C ASP H 250 65.86 -23.06 33.40
N ILE H 251 66.06 -23.37 32.13
CA ILE H 251 65.46 -24.54 31.53
C ILE H 251 66.19 -25.80 31.95
N ALA H 252 67.52 -25.80 31.85
CA ALA H 252 68.29 -27.02 32.06
C ALA H 252 68.13 -27.58 33.46
N ASN H 253 67.75 -26.76 34.44
CA ASN H 253 67.59 -27.24 35.80
C ASN H 253 66.17 -27.08 36.35
N THR H 254 65.28 -26.41 35.64
CA THR H 254 63.91 -26.15 36.07
C THR H 254 63.90 -25.54 37.47
N LYS H 255 64.59 -24.42 37.60
CA LYS H 255 64.64 -23.69 38.86
C LYS H 255 64.48 -22.21 38.58
N ARG H 256 63.81 -21.51 39.48
CA ARG H 256 63.73 -20.06 39.36
C ARG H 256 65.09 -19.45 39.68
N LYS H 257 65.52 -18.53 38.83
CA LYS H 257 66.82 -17.91 38.99
C LYS H 257 66.82 -16.96 40.18
N GLU H 258 67.96 -16.29 40.38
CA GLU H 258 68.16 -15.46 41.55
C GLU H 258 67.16 -14.31 41.58
N MET H 259 67.11 -13.63 42.72
CA MET H 259 66.25 -12.47 42.90
C MET H 259 67.08 -11.35 43.49
N LEU H 260 67.32 -10.30 42.73
CA LEU H 260 68.13 -9.19 43.22
C LEU H 260 67.56 -7.88 42.70
N THR H 261 67.77 -6.83 43.48
CA THR H 261 67.21 -5.53 43.16
C THR H 261 67.79 -5.00 41.86
N ALA H 262 66.95 -4.35 41.06
CA ALA H 262 67.38 -3.81 39.78
C ALA H 262 66.72 -2.46 39.56
N ILE H 263 67.29 -1.69 38.65
CA ILE H 263 66.72 -0.44 38.19
C ILE H 263 66.04 -0.72 36.85
N LEU H 264 64.73 -0.61 36.82
CA LEU H 264 63.96 -1.13 35.70
C LEU H 264 64.24 -0.36 34.43
N GLU H 265 64.13 -1.06 33.30
CA GLU H 265 64.44 -0.47 32.01
C GLU H 265 63.49 0.68 31.71
N GLY H 266 64.05 1.75 31.14
CA GLY H 266 63.31 2.97 30.95
C GLY H 266 63.57 4.02 32.00
N SER H 267 64.35 3.71 33.02
CA SER H 267 64.71 4.70 34.02
C SER H 267 65.80 5.61 33.48
N ILE H 268 65.98 6.74 34.15
CA ILE H 268 66.99 7.72 33.79
C ILE H 268 68.03 7.73 34.90
N VAL H 269 69.18 7.13 34.63
CA VAL H 269 70.25 7.00 35.61
C VAL H 269 71.28 8.09 35.36
N LYS H 270 71.73 8.73 36.43
CA LYS H 270 72.75 9.75 36.31
C LYS H 270 74.12 9.10 36.13
N ARG H 271 75.10 9.92 35.72
CA ARG H 271 76.45 9.41 35.54
C ARG H 271 77.01 8.84 36.84
N SER H 272 76.55 9.35 37.98
CA SER H 272 77.02 8.88 39.27
C SER H 272 76.76 7.40 39.50
N ILE H 273 75.93 6.76 38.67
CA ILE H 273 75.64 5.34 38.87
C ILE H 273 76.75 4.45 38.32
N ILE H 274 77.52 4.92 37.35
CA ILE H 274 78.55 4.08 36.75
C ILE H 274 79.69 3.84 37.73
N ASP H 275 80.34 4.93 38.17
CA ASP H 275 81.46 4.79 39.08
C ASP H 275 81.03 4.22 40.43
N PHE H 276 79.81 4.53 40.88
CA PHE H 276 79.34 3.98 42.15
C PHE H 276 79.32 2.47 42.11
N ILE H 277 78.79 1.89 41.03
CA ILE H 277 78.74 0.43 40.92
C ILE H 277 80.14 -0.16 40.96
N LYS H 278 81.03 0.37 40.11
CA LYS H 278 82.40 -0.14 40.06
C LYS H 278 83.07 -0.07 41.44
N ASN H 279 82.88 1.03 42.14
CA ASN H 279 83.50 1.22 43.45
C ASN H 279 82.70 0.58 44.58
N GLU H 280 81.70 -0.22 44.25
CA GLU H 280 80.96 -0.99 45.23
C GLU H 280 80.95 -2.48 44.96
N ILE H 281 81.04 -2.89 43.69
CA ILE H 281 81.08 -4.30 43.36
C ILE H 281 82.49 -4.82 43.57
N LYS H 282 82.61 -5.96 44.24
CA LYS H 282 83.89 -6.57 44.53
C LYS H 282 84.18 -7.68 43.53
N ASN H 283 85.48 -7.96 43.34
CA ASN H 283 85.87 -8.93 42.32
C ASN H 283 85.39 -10.33 42.63
N ASP H 284 84.96 -10.59 43.87
CA ASP H 284 84.25 -11.83 44.16
C ASP H 284 83.02 -11.97 43.29
N LEU H 285 82.31 -10.86 43.06
CA LEU H 285 81.10 -10.85 42.25
C LEU H 285 81.28 -10.17 40.91
N ARG H 286 82.34 -9.40 40.72
CA ARG H 286 82.56 -8.74 39.43
C ARG H 286 82.64 -9.77 38.31
N TYR H 287 83.26 -10.92 38.58
CA TYR H 287 83.27 -11.99 37.59
C TYR H 287 81.86 -12.48 37.29
N ARG H 288 80.98 -12.46 38.30
CA ARG H 288 79.58 -12.82 38.07
C ARG H 288 78.86 -11.72 37.29
N PHE H 289 78.86 -10.50 37.84
CA PHE H 289 78.15 -9.41 37.21
C PHE H 289 78.66 -9.08 35.82
N SER H 290 79.89 -9.50 35.50
CA SER H 290 80.37 -9.38 34.12
C SER H 290 79.56 -10.25 33.18
N LYS H 291 79.20 -11.45 33.63
CA LYS H 291 78.34 -12.32 32.83
C LYS H 291 76.95 -11.70 32.67
N TYR H 292 76.37 -11.24 33.78
CA TYR H 292 75.08 -10.56 33.73
C TYR H 292 75.05 -9.46 32.68
N GLU H 293 76.19 -8.82 32.44
CA GLU H 293 76.25 -7.80 31.40
C GLU H 293 76.35 -8.41 30.02
N LYS H 294 76.92 -9.60 29.89
CA LYS H 294 77.02 -10.21 28.58
C LYS H 294 75.66 -10.60 28.04
N ILE H 295 74.79 -11.13 28.90
CA ILE H 295 73.45 -11.47 28.45
C ILE H 295 72.60 -10.23 28.23
N GLY H 296 73.02 -9.07 28.74
CA GLY H 296 72.41 -7.83 28.32
C GLY H 296 71.75 -7.00 29.40
N TYR H 297 72.23 -7.07 30.64
CA TYR H 297 71.48 -6.43 31.71
C TYR H 297 71.90 -4.97 31.91
N ASN H 298 73.17 -4.71 32.22
CA ASN H 298 73.58 -3.34 32.50
C ASN H 298 73.87 -2.62 31.18
N THR H 299 72.80 -2.29 30.48
CA THR H 299 72.88 -1.62 29.19
C THR H 299 72.34 -0.21 29.33
N LEU H 300 73.16 0.77 28.95
CA LEU H 300 72.78 2.17 29.01
C LEU H 300 72.72 2.75 27.61
N MET H 301 71.95 3.82 27.48
CA MET H 301 71.78 4.51 26.21
C MET H 301 71.87 6.01 26.45
N SER H 302 72.52 6.71 25.52
CA SER H 302 72.62 8.16 25.61
C SER H 302 71.31 8.81 25.19
N LEU H 303 70.91 9.84 25.93
CA LEU H 303 69.74 10.61 25.54
C LEU H 303 69.99 11.40 24.26
N CYS H 304 71.26 11.60 23.89
CA CYS H 304 71.59 12.15 22.57
C CYS H 304 71.04 11.28 21.45
N LYS H 305 71.56 10.06 21.34
CA LYS H 305 71.51 9.32 20.10
C LYS H 305 71.68 7.84 20.44
N LEU H 306 71.49 7.00 19.43
CA LEU H 306 71.56 5.56 19.66
C LEU H 306 72.99 5.13 19.89
N ALA H 307 73.54 5.48 21.04
CA ALA H 307 74.88 5.07 21.45
C ALA H 307 74.75 4.21 22.69
N LEU H 308 75.21 2.97 22.60
CA LEU H 308 74.98 1.97 23.63
C LEU H 308 76.24 1.79 24.45
N ARG H 309 76.19 2.18 25.71
CA ARG H 309 77.28 1.98 26.65
C ARG H 309 77.08 0.67 27.40
N LYS H 310 77.86 0.46 28.45
CA LYS H 310 77.63 -0.58 29.43
C LYS H 310 78.02 0.00 30.78
N ILE H 311 78.15 -0.85 31.80
CA ILE H 311 78.59 -0.34 33.09
C ILE H 311 79.92 -0.97 33.46
N LEU H 312 79.95 -2.30 33.60
CA LEU H 312 81.23 -2.97 33.81
C LEU H 312 82.06 -3.04 32.53
N SER H 313 81.45 -2.75 31.39
CA SER H 313 82.17 -2.70 30.12
C SER H 313 81.91 -1.36 29.43
N ALA I 2 -46.46 -23.78 -26.59
CA ALA I 2 -46.73 -24.86 -27.53
C ALA I 2 -47.24 -24.32 -28.85
N ILE I 3 -47.15 -25.13 -29.90
CA ILE I 3 -47.70 -24.72 -31.19
C ILE I 3 -49.21 -24.58 -31.10
N ASP I 4 -49.85 -25.38 -30.24
CA ASP I 4 -51.27 -25.20 -29.97
C ASP I 4 -51.55 -23.89 -29.25
N PHE I 5 -50.53 -23.23 -28.72
CA PHE I 5 -50.69 -21.97 -28.03
C PHE I 5 -50.56 -20.78 -28.97
N LEU I 6 -49.72 -20.90 -30.01
CA LEU I 6 -49.49 -19.79 -30.92
C LEU I 6 -50.63 -19.62 -31.90
N VAL I 7 -51.15 -20.74 -32.43
CA VAL I 7 -52.27 -20.67 -33.35
C VAL I 7 -53.48 -19.98 -32.73
N ASN I 8 -53.54 -19.91 -31.40
CA ASN I 8 -54.63 -19.26 -30.71
C ASN I 8 -54.28 -17.85 -30.24
N ILE I 9 -53.10 -17.35 -30.59
CA ILE I 9 -52.65 -16.09 -30.02
C ILE I 9 -53.40 -14.92 -30.62
N LEU I 10 -53.87 -15.03 -31.85
CA LEU I 10 -54.55 -13.92 -32.50
C LEU I 10 -55.95 -13.73 -31.94
N GLU I 11 -56.63 -14.83 -31.61
CA GLU I 11 -57.92 -14.73 -30.95
C GLU I 11 -57.79 -14.06 -29.59
N LEU I 12 -56.65 -14.24 -28.91
CA LEU I 12 -56.48 -13.62 -27.61
C LEU I 12 -56.45 -12.11 -27.70
N ILE I 13 -55.97 -11.56 -28.81
CA ILE I 13 -55.89 -10.12 -28.94
C ILE I 13 -57.28 -9.51 -29.01
N LYS I 14 -58.14 -10.05 -29.87
CA LYS I 14 -59.46 -9.49 -30.10
C LYS I 14 -60.46 -9.78 -29.00
N GLU I 15 -60.08 -10.55 -27.98
CA GLU I 15 -61.00 -10.85 -26.88
C GLU I 15 -60.61 -10.16 -25.58
N LYS I 16 -59.50 -9.43 -25.54
CA LYS I 16 -59.06 -8.74 -24.34
C LYS I 16 -59.05 -7.23 -24.51
N GLN I 17 -58.40 -6.73 -25.56
CA GLN I 17 -58.49 -5.35 -26.03
C GLN I 17 -57.77 -4.36 -25.13
N CYS I 18 -57.42 -4.74 -23.93
CA CYS I 18 -56.43 -3.99 -23.16
C CYS I 18 -55.65 -4.86 -22.18
N ASN I 19 -55.86 -6.17 -22.17
CA ASN I 19 -55.48 -7.00 -21.04
C ASN I 19 -54.49 -8.09 -21.34
N ILE I 20 -54.16 -8.32 -22.61
CA ILE I 20 -53.00 -9.15 -22.91
C ILE I 20 -51.74 -8.31 -22.76
N ASN I 21 -50.61 -8.98 -22.67
CA ASN I 21 -49.33 -8.30 -22.76
C ASN I 21 -49.08 -8.06 -24.23
N LEU I 22 -49.29 -6.83 -24.68
CA LEU I 22 -49.17 -6.54 -26.11
C LEU I 22 -47.76 -6.80 -26.61
N PHE I 23 -46.76 -6.54 -25.76
CA PHE I 23 -45.38 -6.79 -26.16
C PHE I 23 -45.17 -8.26 -26.49
N SER I 24 -45.54 -9.14 -25.57
CA SER I 24 -45.35 -10.57 -25.81
C SER I 24 -46.32 -11.10 -26.83
N ALA I 25 -47.51 -10.51 -26.93
CA ALA I 25 -48.48 -10.97 -27.92
C ALA I 25 -48.01 -10.69 -29.33
N ILE I 26 -47.41 -9.52 -29.56
CA ILE I 26 -46.88 -9.22 -30.88
C ILE I 26 -45.69 -10.10 -31.21
N SER I 27 -44.81 -10.31 -30.22
CA SER I 27 -43.64 -11.15 -30.45
C SER I 27 -44.04 -12.57 -30.80
N LEU I 28 -45.04 -13.10 -30.13
CA LEU I 28 -45.50 -14.44 -30.45
C LEU I 28 -46.16 -14.48 -31.83
N THR I 29 -46.92 -13.44 -32.17
CA THR I 29 -47.51 -13.35 -33.49
C THR I 29 -46.45 -13.42 -34.57
N SER I 30 -45.32 -12.75 -34.35
CA SER I 30 -44.24 -12.75 -35.33
C SER I 30 -43.75 -14.15 -35.66
N ILE I 31 -43.98 -15.12 -34.78
CA ILE I 31 -43.62 -16.49 -35.13
C ILE I 31 -44.56 -17.04 -36.17
N VAL I 32 -45.82 -16.57 -36.18
CA VAL I 32 -46.75 -17.00 -37.21
C VAL I 32 -46.56 -16.20 -38.48
N TYR I 33 -46.36 -14.89 -38.35
CA TYR I 33 -46.14 -14.05 -39.52
C TYR I 33 -44.89 -14.47 -40.29
N ASN I 34 -43.89 -15.01 -39.59
CA ASN I 34 -42.66 -15.41 -40.24
C ASN I 34 -42.70 -16.85 -40.73
N ASN I 35 -43.55 -17.69 -40.15
CA ASN I 35 -43.81 -19.03 -40.66
C ASN I 35 -45.18 -19.10 -41.31
N PHE I 36 -45.61 -18.01 -41.95
CA PHE I 36 -46.96 -17.92 -42.48
C PHE I 36 -47.22 -19.03 -43.49
N GLY I 37 -46.30 -19.26 -44.41
CA GLY I 37 -46.46 -20.35 -45.35
C GLY I 37 -46.60 -21.69 -44.66
N GLU I 38 -45.93 -21.87 -43.52
CA GLU I 38 -45.95 -23.15 -42.83
C GLU I 38 -47.22 -23.34 -42.03
N PHE I 39 -47.68 -22.29 -41.34
CA PHE I 39 -48.90 -22.39 -40.56
C PHE I 39 -50.14 -22.56 -41.41
N LEU I 40 -50.00 -22.61 -42.73
CA LEU I 40 -51.13 -22.73 -43.63
C LEU I 40 -51.24 -24.11 -44.29
N SER I 41 -50.26 -24.98 -44.11
CA SER I 41 -50.19 -26.19 -44.93
C SER I 41 -51.39 -27.10 -44.72
N ASN I 42 -51.47 -27.75 -43.56
CA ASN I 42 -52.65 -28.51 -43.18
C ASN I 42 -52.90 -28.39 -41.68
N ASN I 43 -52.76 -27.19 -41.14
CA ASN I 43 -52.80 -26.99 -39.69
C ASN I 43 -54.22 -26.64 -39.27
N GLN I 44 -55.06 -27.67 -39.25
CA GLN I 44 -56.45 -27.56 -38.80
C GLN I 44 -56.53 -27.64 -37.28
N SER I 45 -57.73 -27.91 -36.76
CA SER I 45 -58.06 -27.78 -35.34
C SER I 45 -58.14 -26.31 -34.94
N TYR I 46 -58.48 -25.47 -35.90
CA TYR I 46 -58.66 -24.04 -35.67
C TYR I 46 -60.11 -23.76 -35.33
N SER I 47 -60.33 -22.86 -34.38
CA SER I 47 -61.67 -22.54 -33.94
C SER I 47 -62.43 -21.75 -35.02
N THR I 48 -63.71 -21.52 -34.75
CA THR I 48 -64.50 -20.63 -35.59
C THR I 48 -63.95 -19.21 -35.54
N ASN I 49 -63.47 -18.79 -34.37
CA ASN I 49 -62.87 -17.48 -34.19
C ASN I 49 -61.53 -17.36 -34.88
N ASN I 50 -60.97 -18.46 -35.39
CA ASN I 50 -59.60 -18.45 -35.86
C ASN I 50 -59.45 -17.60 -37.11
N PRO I 51 -58.49 -16.69 -37.15
CA PRO I 51 -58.29 -15.83 -38.33
C PRO I 51 -57.33 -16.38 -39.37
N LEU I 52 -56.93 -17.65 -39.30
CA LEU I 52 -56.08 -18.24 -40.32
C LEU I 52 -56.85 -19.02 -41.37
N LEU I 53 -58.09 -19.42 -41.07
CA LEU I 53 -58.92 -20.04 -42.10
C LEU I 53 -59.09 -19.11 -43.29
N LYS I 54 -59.20 -17.81 -43.02
CA LYS I 54 -59.41 -16.83 -44.09
C LYS I 54 -58.42 -17.00 -45.23
N TYR I 55 -57.18 -17.31 -44.90
CA TYR I 55 -56.16 -17.47 -45.93
C TYR I 55 -56.12 -18.86 -46.54
N HIS I 56 -56.86 -19.82 -45.95
CA HIS I 56 -57.14 -21.06 -46.66
C HIS I 56 -58.22 -20.85 -47.69
N ILE I 57 -59.34 -20.25 -47.28
CA ILE I 57 -60.46 -20.00 -48.18
C ILE I 57 -60.04 -19.07 -49.31
N ILE I 58 -59.51 -17.89 -48.95
CA ILE I 58 -59.13 -16.92 -49.96
C ILE I 58 -58.02 -17.49 -50.84
N ILE I 59 -57.87 -16.90 -52.02
CA ILE I 59 -56.88 -17.35 -52.98
C ILE I 59 -56.57 -16.21 -53.94
N LEU I 60 -55.28 -15.94 -54.18
CA LEU I 60 -54.87 -14.78 -54.93
C LEU I 60 -54.07 -15.10 -56.19
N ASN I 61 -53.37 -16.24 -56.23
CA ASN I 61 -52.67 -16.67 -57.42
C ASN I 61 -52.98 -18.13 -57.68
N ASP I 62 -52.73 -18.55 -58.91
CA ASP I 62 -53.06 -19.92 -59.30
C ASP I 62 -51.86 -20.63 -59.91
N LYS I 63 -51.03 -19.88 -60.65
CA LYS I 63 -49.89 -20.50 -61.30
C LYS I 63 -48.76 -20.79 -60.32
N ASN I 64 -48.80 -20.18 -59.13
CA ASN I 64 -47.73 -20.32 -58.16
C ASN I 64 -48.30 -20.63 -56.80
N LYS I 65 -47.87 -21.75 -56.21
CA LYS I 65 -48.15 -21.98 -54.79
C LYS I 65 -47.50 -20.89 -53.94
N THR I 66 -46.27 -20.52 -54.27
CA THR I 66 -45.54 -19.56 -53.45
C THR I 66 -46.11 -18.16 -53.60
N LYS I 67 -46.15 -17.63 -54.82
CA LYS I 67 -46.65 -16.27 -55.03
C LYS I 67 -48.06 -16.08 -54.50
N ASP I 68 -48.82 -17.16 -54.36
CA ASP I 68 -50.09 -17.08 -53.65
C ASP I 68 -49.88 -16.77 -52.18
N VAL I 69 -48.78 -17.25 -51.60
CA VAL I 69 -48.57 -17.10 -50.16
C VAL I 69 -48.01 -15.71 -49.84
N GLU I 70 -46.99 -15.26 -50.58
CA GLU I 70 -46.39 -13.98 -50.23
C GLU I 70 -47.39 -12.84 -50.37
N GLU I 71 -48.40 -13.00 -51.22
CA GLU I 71 -49.48 -12.02 -51.24
C GLU I 71 -50.35 -12.14 -50.00
N LYS I 72 -50.62 -13.38 -49.58
CA LYS I 72 -51.41 -13.58 -48.37
C LYS I 72 -50.69 -13.05 -47.14
N ARG I 73 -49.35 -13.10 -47.15
CA ARG I 73 -48.60 -12.62 -46.00
C ARG I 73 -48.65 -11.11 -45.89
N ASN I 74 -48.60 -10.41 -47.03
CA ASN I 74 -48.75 -8.96 -47.01
C ASN I 74 -50.09 -8.56 -46.43
N ILE I 75 -51.15 -9.29 -46.79
CA ILE I 75 -52.46 -8.99 -46.24
C ILE I 75 -52.49 -9.33 -44.75
N PHE I 76 -51.90 -10.45 -44.37
CA PHE I 76 -51.88 -10.84 -42.97
C PHE I 76 -51.21 -9.77 -42.11
N LYS I 77 -50.11 -9.21 -42.61
CA LYS I 77 -49.44 -8.14 -41.86
C LYS I 77 -50.35 -6.93 -41.72
N ARG I 78 -50.96 -6.50 -42.82
CA ARG I 78 -51.90 -5.39 -42.76
C ARG I 78 -53.06 -5.71 -41.83
N GLU I 79 -53.52 -6.96 -41.84
CA GLU I 79 -54.60 -7.36 -40.94
C GLU I 79 -54.15 -7.32 -39.48
N VAL I 80 -52.92 -7.76 -39.20
CA VAL I 80 -52.42 -7.75 -37.83
C VAL I 80 -52.34 -6.31 -37.33
N ALA I 81 -51.80 -5.41 -38.16
CA ALA I 81 -51.73 -4.02 -37.77
C ALA I 81 -53.10 -3.44 -37.49
N GLU I 82 -54.14 -3.94 -38.17
CA GLU I 82 -55.49 -3.46 -37.92
C GLU I 82 -56.08 -4.08 -36.67
N LEU I 83 -55.70 -5.32 -36.35
CA LEU I 83 -56.15 -5.94 -35.10
C LEU I 83 -55.61 -5.17 -33.90
N ILE I 84 -54.31 -4.93 -33.88
CA ILE I 84 -53.69 -4.23 -32.75
C ILE I 84 -54.30 -2.86 -32.57
N SER I 85 -54.38 -2.10 -33.66
CA SER I 85 -54.86 -0.73 -33.57
C SER I 85 -56.34 -0.67 -33.23
N ARG I 86 -57.12 -1.66 -33.66
CA ARG I 86 -58.55 -1.66 -33.39
C ARG I 86 -58.89 -2.24 -32.02
N ASN I 87 -58.26 -3.36 -31.65
CA ASN I 87 -58.60 -4.01 -30.40
C ASN I 87 -57.89 -3.37 -29.23
N PHE I 88 -56.57 -3.32 -29.27
CA PHE I 88 -55.80 -2.75 -28.16
C PHE I 88 -56.06 -1.26 -28.08
N LYS I 89 -56.89 -0.86 -27.14
CA LYS I 89 -57.21 0.55 -26.94
C LYS I 89 -56.86 0.96 -25.52
N LEU I 90 -56.58 2.25 -25.35
CA LEU I 90 -55.99 2.74 -24.12
C LEU I 90 -56.99 2.75 -22.98
N ASP I 91 -56.59 2.18 -21.85
CA ASP I 91 -57.29 2.34 -20.57
C ASP I 91 -56.37 3.16 -19.69
N GLY I 92 -56.70 4.43 -19.48
CA GLY I 92 -55.82 5.34 -18.80
C GLY I 92 -56.14 5.58 -17.35
N GLU I 93 -56.89 4.68 -16.73
CA GLU I 93 -57.16 4.84 -15.30
C GLU I 93 -55.98 4.37 -14.46
N LYS I 94 -55.32 3.30 -14.87
CA LYS I 94 -54.14 2.84 -14.15
C LYS I 94 -52.97 3.81 -14.27
N VAL I 95 -52.95 4.64 -15.32
CA VAL I 95 -51.92 5.66 -15.43
C VAL I 95 -52.22 6.83 -14.52
N ARG I 96 -53.48 7.26 -14.47
CA ARG I 96 -53.83 8.36 -13.58
C ARG I 96 -53.62 7.98 -12.13
N ASN I 97 -53.99 6.75 -11.76
CA ASN I 97 -53.69 6.28 -10.42
C ASN I 97 -52.18 6.20 -10.19
N TYR I 98 -51.42 5.93 -11.26
CA TYR I 98 -49.97 5.88 -11.13
C TYR I 98 -49.39 7.26 -10.92
N PHE I 99 -49.71 8.19 -11.82
CA PHE I 99 -49.13 9.53 -11.73
C PHE I 99 -49.61 10.28 -10.50
N ASP I 100 -50.83 10.00 -10.05
CA ASP I 100 -51.31 10.66 -8.83
C ASP I 100 -50.63 10.09 -7.60
N SER I 101 -50.31 8.80 -7.61
CA SER I 101 -49.56 8.22 -6.51
C SER I 101 -48.12 8.70 -6.54
N LEU I 102 -47.50 8.73 -7.72
CA LEU I 102 -46.13 9.24 -7.83
C LEU I 102 -46.06 10.69 -7.39
N LYS I 103 -47.01 11.52 -7.84
CA LYS I 103 -46.97 12.93 -7.50
C LYS I 103 -47.06 13.15 -6.01
N GLU I 104 -47.80 12.29 -5.30
CA GLU I 104 -47.85 12.41 -3.85
C GLU I 104 -46.53 12.00 -3.23
N VAL I 105 -45.86 11.00 -3.80
CA VAL I 105 -44.54 10.60 -3.33
C VAL I 105 -43.57 11.77 -3.43
N LEU I 106 -43.54 12.43 -4.59
CA LEU I 106 -42.59 13.53 -4.79
C LEU I 106 -42.90 14.71 -3.89
N LYS I 107 -44.15 14.86 -3.47
CA LYS I 107 -44.45 15.89 -2.48
C LYS I 107 -43.89 15.51 -1.11
N SER I 108 -44.04 14.24 -0.74
CA SER I 108 -43.40 13.74 0.47
C SER I 108 -41.91 14.02 0.46
N LEU I 109 -41.26 13.83 -0.69
CA LEU I 109 -39.84 14.15 -0.84
C LEU I 109 -39.59 15.64 -1.01
N LYS I 110 -40.63 16.46 -0.99
CA LYS I 110 -40.51 17.92 -0.98
C LYS I 110 -39.93 18.46 -2.28
N TYR I 111 -40.39 17.93 -3.41
CA TYR I 111 -40.06 18.50 -4.70
C TYR I 111 -41.12 19.50 -5.12
N THR I 112 -40.83 20.26 -6.17
CA THR I 112 -41.82 21.09 -6.82
C THR I 112 -42.16 20.40 -8.13
N ILE I 113 -43.36 19.93 -8.24
CA ILE I 113 -43.76 19.10 -9.37
C ILE I 113 -44.39 19.96 -10.45
N VAL I 114 -44.17 19.57 -11.70
CA VAL I 114 -44.77 20.22 -12.85
C VAL I 114 -45.48 19.15 -13.65
N ASP I 115 -46.79 19.01 -13.43
CA ASP I 115 -47.58 18.08 -14.21
C ASP I 115 -47.82 18.64 -15.59
N VAL I 116 -47.64 17.80 -16.60
CA VAL I 116 -47.72 18.23 -17.99
C VAL I 116 -48.50 17.21 -18.80
N GLU I 117 -49.52 17.67 -19.50
CA GLU I 117 -50.25 16.85 -20.47
C GLU I 117 -49.99 17.40 -21.85
N ILE I 118 -49.47 16.55 -22.73
CA ILE I 118 -49.27 16.90 -24.12
C ILE I 118 -50.19 16.00 -24.94
N THR I 119 -50.79 16.56 -25.98
CA THR I 119 -51.76 15.84 -26.79
C THR I 119 -51.21 15.65 -28.19
N THR I 120 -51.33 14.43 -28.69
CA THR I 120 -50.89 14.14 -30.04
C THR I 120 -51.78 14.87 -31.04
N ARG I 121 -51.16 15.63 -31.94
CA ARG I 121 -51.91 16.32 -32.99
C ARG I 121 -51.97 15.50 -34.26
N THR I 122 -50.82 15.01 -34.73
CA THR I 122 -50.73 14.15 -35.88
C THR I 122 -50.08 12.83 -35.48
N ARG I 123 -50.25 11.82 -36.31
CA ARG I 123 -49.77 10.48 -36.01
C ARG I 123 -48.30 10.50 -35.61
N ALA I 124 -48.04 10.15 -34.35
CA ALA I 124 -46.71 10.25 -33.78
C ALA I 124 -45.93 8.95 -33.97
N LEU I 125 -44.62 9.06 -33.84
CA LEU I 125 -43.71 7.92 -33.97
C LEU I 125 -42.58 8.11 -32.98
N ILE I 126 -42.71 7.50 -31.81
CA ILE I 126 -41.70 7.58 -30.76
C ILE I 126 -41.04 6.22 -30.63
N GLY I 127 -39.70 6.22 -30.59
CA GLY I 127 -38.98 4.97 -30.46
C GLY I 127 -39.08 4.08 -31.67
N VAL I 128 -39.08 4.68 -32.87
CA VAL I 128 -39.30 3.92 -34.10
C VAL I 128 -38.28 2.81 -34.27
N SER I 129 -37.15 2.89 -33.59
CA SER I 129 -36.12 1.87 -33.74
C SER I 129 -36.06 0.91 -32.57
N THR I 130 -37.04 0.98 -31.66
CA THR I 130 -37.13 0.02 -30.56
C THR I 130 -37.76 -1.27 -31.07
N SER I 131 -38.11 -2.17 -30.16
CA SER I 131 -38.51 -3.53 -30.51
C SER I 131 -39.97 -3.75 -30.11
N LEU I 132 -40.89 -3.41 -30.99
CA LEU I 132 -42.30 -3.71 -30.79
C LEU I 132 -42.93 -3.77 -32.19
N GLY I 133 -43.16 -4.98 -32.67
CA GLY I 133 -43.46 -5.17 -34.07
C GLY I 133 -42.24 -5.12 -34.95
N LYS I 134 -41.05 -4.93 -34.38
CA LYS I 134 -39.82 -5.00 -35.14
C LYS I 134 -39.75 -6.28 -35.95
N LEU I 135 -40.19 -7.39 -35.36
CA LEU I 135 -40.16 -8.68 -36.03
C LEU I 135 -41.31 -8.87 -37.00
N ILE I 136 -42.25 -7.93 -37.06
CA ILE I 136 -43.32 -7.94 -38.05
C ILE I 136 -43.21 -6.75 -38.98
N PHE I 137 -43.27 -5.54 -38.43
CA PHE I 137 -43.37 -4.33 -39.24
C PHE I 137 -42.04 -3.74 -39.64
N GLY I 138 -40.95 -4.14 -39.01
CA GLY I 138 -39.66 -3.53 -39.25
C GLY I 138 -39.42 -2.27 -38.47
N SER I 139 -40.46 -1.64 -37.94
CA SER I 139 -40.35 -0.50 -37.06
C SER I 139 -40.86 -0.89 -35.68
N GLY I 140 -40.73 0.04 -34.74
CA GLY I 140 -41.20 -0.21 -33.38
C GLY I 140 -41.82 1.04 -32.78
N ILE I 141 -42.27 0.90 -31.55
CA ILE I 141 -42.75 2.01 -30.74
C ILE I 141 -42.22 1.81 -29.33
N SER I 142 -41.79 2.90 -28.69
CA SER I 142 -41.37 2.81 -27.31
C SER I 142 -42.52 2.28 -26.48
N PHE I 143 -42.39 1.05 -25.98
CA PHE I 143 -43.48 0.37 -25.31
C PHE I 143 -43.00 -0.10 -23.95
N ASP I 144 -43.76 0.23 -22.93
CA ASP I 144 -43.48 -0.24 -21.58
C ASP I 144 -44.20 -1.56 -21.36
N PRO I 145 -43.50 -2.70 -21.41
CA PRO I 145 -44.20 -3.99 -21.38
C PRO I 145 -44.85 -4.31 -20.05
N TYR I 146 -44.67 -3.48 -19.02
CA TYR I 146 -45.28 -3.73 -17.73
C TYR I 146 -46.41 -2.77 -17.40
N MET I 147 -46.34 -1.53 -17.89
CA MET I 147 -47.53 -0.71 -17.98
C MET I 147 -48.39 -1.09 -19.17
N ASN I 148 -47.85 -1.89 -20.10
CA ASN I 148 -48.56 -2.33 -21.29
C ASN I 148 -49.08 -1.14 -22.08
N LEU I 149 -48.19 -0.19 -22.34
CA LEU I 149 -48.57 1.06 -22.98
C LEU I 149 -47.38 1.62 -23.72
N PRO I 150 -47.60 2.32 -24.83
CA PRO I 150 -46.52 3.11 -25.42
C PRO I 150 -46.12 4.22 -24.47
N TYR I 151 -44.94 4.78 -24.68
CA TYR I 151 -44.50 5.85 -23.82
C TYR I 151 -43.39 6.63 -24.49
N ILE I 152 -43.12 7.81 -23.97
CA ILE I 152 -42.03 8.66 -24.42
C ILE I 152 -40.96 8.65 -23.33
N PRO I 153 -39.74 8.22 -23.63
CA PRO I 153 -38.72 8.14 -22.57
C PRO I 153 -38.40 9.52 -22.01
N ALA I 154 -38.22 9.56 -20.69
CA ALA I 154 -37.83 10.81 -20.05
C ALA I 154 -36.51 11.31 -20.58
N SER I 155 -35.62 10.40 -21.00
CA SER I 155 -34.37 10.81 -21.60
C SER I 155 -34.59 11.54 -22.91
N GLU I 156 -35.65 11.19 -23.63
CA GLU I 156 -35.94 11.86 -24.89
C GLU I 156 -36.54 13.24 -24.67
N ILE I 157 -37.46 13.37 -23.72
CA ILE I 157 -38.02 14.67 -23.41
C ILE I 157 -36.96 15.58 -22.81
N LYS I 158 -36.13 15.04 -21.91
CA LYS I 158 -35.05 15.83 -21.35
C LYS I 158 -34.05 16.23 -22.43
N GLY I 159 -33.82 15.34 -23.40
CA GLY I 159 -32.87 15.64 -24.45
C GLY I 159 -33.42 16.60 -25.48
N ILE I 160 -34.73 16.63 -25.67
CA ILE I 160 -35.33 17.57 -26.61
C ILE I 160 -35.43 18.95 -25.99
N VAL I 161 -35.89 19.01 -24.75
CA VAL I 161 -35.97 20.29 -24.04
C VAL I 161 -34.59 20.93 -23.92
N ARG I 162 -33.58 20.12 -23.61
CA ARG I 162 -32.24 20.67 -23.41
C ARG I 162 -31.68 21.24 -24.71
N SER I 163 -31.95 20.60 -25.84
CA SER I 163 -31.48 21.13 -27.11
C SER I 163 -32.12 22.46 -27.44
N TYR I 164 -33.32 22.71 -26.92
CA TYR I 164 -33.97 23.99 -27.17
C TYR I 164 -33.45 25.08 -26.26
N ILE I 165 -33.12 24.75 -25.01
CA ILE I 165 -32.53 25.75 -24.13
C ILE I 165 -31.07 26.01 -24.50
N GLU I 166 -30.33 24.94 -24.82
CA GLU I 166 -28.95 25.12 -25.24
C GLU I 166 -28.86 25.93 -26.52
N GLY I 167 -29.87 25.83 -27.39
CA GLY I 167 -29.90 26.63 -28.58
C GLY I 167 -30.37 28.04 -28.34
N LYS I 168 -31.35 28.20 -27.45
CA LYS I 168 -31.88 29.53 -27.14
C LYS I 168 -31.02 30.25 -26.11
N LEU I 169 -30.90 29.67 -24.91
CA LEU I 169 -30.24 30.34 -23.79
C LEU I 169 -28.75 30.08 -23.74
N GLY I 170 -28.15 29.62 -24.82
CA GLY I 170 -26.72 29.40 -24.83
C GLY I 170 -26.32 28.11 -24.14
N GLU I 171 -25.02 27.99 -23.92
CA GLU I 171 -24.44 26.77 -23.37
C GLU I 171 -24.36 26.79 -21.85
N GLN I 172 -23.80 27.86 -21.28
CA GLN I 172 -23.60 27.92 -19.85
C GLN I 172 -24.92 27.91 -19.07
N GLU I 173 -25.99 28.40 -19.68
CA GLU I 173 -27.28 28.34 -19.00
C GLU I 173 -27.84 26.93 -19.00
N ALA I 174 -27.64 26.19 -20.10
CA ALA I 174 -28.10 24.81 -20.14
C ALA I 174 -27.36 23.96 -19.12
N GLU I 175 -26.03 23.94 -19.18
CA GLU I 175 -25.24 23.16 -18.24
C GLU I 175 -25.37 23.65 -16.82
N GLU I 176 -26.10 24.74 -16.58
CA GLU I 176 -26.47 25.15 -15.24
C GLU I 176 -27.85 24.66 -14.83
N ILE I 177 -28.61 24.10 -15.77
CA ILE I 177 -29.91 23.50 -15.47
C ILE I 177 -29.87 21.99 -15.63
N PHE I 178 -29.15 21.50 -16.63
CA PHE I 178 -29.07 20.07 -16.89
C PHE I 178 -27.70 19.47 -16.55
N GLY I 179 -26.77 20.28 -16.08
CA GLY I 179 -25.49 19.76 -15.63
C GLY I 179 -24.63 19.23 -16.76
N ASN I 180 -23.45 18.74 -16.35
CA ASN I 180 -22.47 18.19 -17.27
C ASN I 180 -21.71 17.09 -16.53
N GLU I 181 -20.55 16.71 -17.05
CA GLU I 181 -19.80 15.61 -16.45
C GLU I 181 -19.19 15.97 -15.10
N GLU I 182 -19.37 17.18 -14.60
CA GLU I 182 -18.86 17.55 -13.29
C GLU I 182 -19.89 18.26 -12.43
N ARG I 183 -21.12 18.42 -12.91
CA ARG I 183 -22.23 18.90 -12.10
C ARG I 183 -23.45 18.06 -12.41
N GLU I 184 -24.17 17.66 -11.36
CA GLU I 184 -25.42 16.96 -11.55
C GLU I 184 -26.45 17.89 -12.17
N GLY I 185 -27.40 17.31 -12.89
CA GLY I 185 -28.53 18.09 -13.37
C GLY I 185 -29.44 18.52 -12.24
N ASN I 186 -30.22 19.55 -12.50
CA ASN I 186 -31.13 20.09 -11.49
C ASN I 186 -32.59 19.89 -11.86
N VAL I 187 -32.87 19.10 -12.89
CA VAL I 187 -34.24 18.84 -13.33
C VAL I 187 -34.36 17.37 -13.67
N ASN I 188 -35.34 16.70 -13.07
CA ASN I 188 -35.64 15.32 -13.40
C ASN I 188 -36.91 15.24 -14.21
N PHE I 189 -36.97 14.28 -15.12
CA PHE I 189 -38.13 14.05 -15.95
C PHE I 189 -38.64 12.64 -15.73
N THR I 190 -39.89 12.41 -16.09
CA THR I 190 -40.52 11.11 -16.02
C THR I 190 -40.95 10.70 -17.41
N ASP I 191 -41.04 9.40 -17.65
CA ASP I 191 -41.61 8.95 -18.91
C ASP I 191 -43.01 9.49 -19.09
N ALA I 192 -43.44 9.61 -20.34
CA ALA I 192 -44.75 10.14 -20.68
C ALA I 192 -45.65 8.98 -21.08
N TYR I 193 -46.73 8.80 -20.35
CA TYR I 193 -47.63 7.72 -20.64
C TYR I 193 -48.97 8.26 -21.14
N PRO I 194 -49.65 7.53 -22.02
CA PRO I 194 -50.95 8.00 -22.51
C PRO I 194 -52.01 7.86 -21.43
N THR I 195 -52.79 8.92 -21.25
CA THR I 195 -53.85 8.92 -20.25
C THR I 195 -55.25 9.00 -20.83
N ARG I 196 -55.41 9.47 -22.05
CA ARG I 196 -56.72 9.51 -22.66
C ARG I 196 -56.56 9.67 -24.16
N SER I 197 -57.38 8.96 -24.91
CA SER I 197 -57.46 9.08 -26.36
C SER I 197 -58.91 9.35 -26.74
N LYS I 198 -59.11 9.79 -27.98
CA LYS I 198 -60.48 9.94 -28.44
C LYS I 198 -61.08 8.59 -28.79
N ASP I 199 -60.56 7.94 -29.82
CA ASP I 199 -61.00 6.59 -30.14
C ASP I 199 -59.87 5.57 -30.10
N PHE I 200 -58.78 5.82 -30.81
CA PHE I 200 -57.72 4.83 -30.97
C PHE I 200 -56.47 5.22 -30.19
N LEU I 201 -55.60 4.23 -30.02
CA LEU I 201 -54.28 4.44 -29.43
C LEU I 201 -53.17 4.18 -30.43
N PHE I 202 -53.23 3.05 -31.13
CA PHE I 202 -52.34 2.77 -32.24
C PHE I 202 -53.13 2.88 -33.54
N VAL I 203 -52.39 3.05 -34.63
CA VAL I 203 -52.99 3.31 -35.94
C VAL I 203 -52.01 2.86 -37.01
N PRO I 204 -52.45 2.12 -38.01
CA PRO I 204 -51.52 1.65 -39.04
C PRO I 204 -51.10 2.79 -39.94
N ASP I 205 -49.94 2.63 -40.56
CA ASP I 205 -49.42 3.59 -41.51
C ASP I 205 -48.52 2.87 -42.49
N VAL I 206 -47.95 3.63 -43.42
CA VAL I 206 -47.11 3.06 -44.46
C VAL I 206 -46.03 4.06 -44.83
N ILE I 207 -44.87 3.54 -45.21
CA ILE I 207 -43.79 4.30 -45.81
C ILE I 207 -43.34 3.52 -47.03
N THR I 208 -43.45 4.12 -48.20
CA THR I 208 -43.16 3.45 -49.47
C THR I 208 -42.06 4.21 -50.19
N PRO I 209 -40.80 3.95 -49.87
CA PRO I 209 -39.71 4.60 -50.61
C PRO I 209 -39.58 4.03 -52.01
N HIS I 210 -39.46 4.92 -52.99
CA HIS I 210 -39.16 4.57 -54.37
C HIS I 210 -37.71 4.86 -54.72
N TYR I 211 -37.25 6.07 -54.44
CA TYR I 211 -35.91 6.53 -54.79
C TYR I 211 -35.15 6.81 -53.50
N ASN I 212 -34.53 5.78 -52.96
CA ASN I 212 -33.68 5.91 -51.78
C ASN I 212 -32.49 5.00 -51.97
N GLY I 213 -31.29 5.57 -52.05
CA GLY I 213 -30.15 4.80 -52.47
C GLY I 213 -30.29 4.27 -53.87
N LYS I 214 -30.98 5.00 -54.74
CA LYS I 214 -31.21 4.60 -56.11
C LYS I 214 -30.38 5.48 -57.03
N LYS I 215 -29.67 4.86 -57.97
CA LYS I 215 -28.81 5.63 -58.86
C LYS I 215 -29.61 6.41 -59.88
N SER I 216 -30.60 5.77 -60.49
CA SER I 216 -31.32 6.33 -61.63
C SER I 216 -32.80 5.99 -61.48
N GLU I 217 -33.55 6.16 -62.57
CA GLU I 217 -34.92 5.69 -62.61
C GLU I 217 -35.03 4.19 -62.82
N ALA I 218 -33.95 3.54 -63.26
CA ALA I 218 -34.03 2.12 -63.58
C ALA I 218 -34.10 1.27 -62.32
N ASP I 219 -33.32 1.62 -61.30
CA ASP I 219 -33.28 0.83 -60.07
C ASP I 219 -34.40 1.21 -59.10
N ALA I 220 -35.34 2.04 -59.53
CA ALA I 220 -36.42 2.49 -58.66
C ALA I 220 -37.56 1.48 -58.65
N GLU I 221 -38.09 1.23 -57.46
CA GLU I 221 -39.23 0.35 -57.27
C GLU I 221 -39.75 0.54 -55.85
N PRO I 222 -41.06 0.61 -55.66
CA PRO I 222 -41.59 0.86 -54.32
C PRO I 222 -41.36 -0.33 -53.39
N ARG I 223 -41.03 -0.02 -52.13
CA ARG I 223 -40.92 -1.00 -51.05
C ARG I 223 -41.86 -0.56 -49.94
N PRO I 224 -43.11 -1.03 -49.94
CA PRO I 224 -44.04 -0.59 -48.90
C PRO I 224 -43.68 -1.17 -47.55
N VAL I 225 -43.87 -0.37 -46.51
CA VAL I 225 -43.52 -0.74 -45.14
C VAL I 225 -44.71 -0.37 -44.26
N ILE I 226 -45.59 -1.34 -44.02
CA ILE I 226 -46.64 -1.15 -43.03
C ILE I 226 -46.02 -1.10 -41.64
N HIS I 227 -46.59 -0.28 -40.77
CA HIS I 227 -46.10 -0.20 -39.40
C HIS I 227 -47.21 0.42 -38.55
N LEU I 228 -46.92 0.57 -37.26
CA LEU I 228 -47.86 1.15 -36.32
C LEU I 228 -47.36 2.52 -35.87
N THR I 229 -48.29 3.45 -35.74
CA THR I 229 -48.00 4.77 -35.19
C THR I 229 -49.01 5.08 -34.11
N ILE I 230 -48.71 6.09 -33.31
CA ILE I 230 -49.62 6.52 -32.26
C ILE I 230 -50.67 7.42 -32.88
N ALA I 231 -51.95 7.14 -32.57
CA ALA I 231 -53.05 7.84 -33.19
C ALA I 231 -53.05 9.31 -32.78
N PRO I 232 -53.71 10.16 -33.55
CA PRO I 232 -53.87 11.56 -33.14
C PRO I 232 -54.84 11.68 -31.98
N LYS I 233 -54.77 12.81 -31.29
CA LYS I 233 -55.64 13.14 -30.16
C LYS I 233 -55.50 12.12 -29.04
N VAL I 234 -54.25 11.84 -28.70
CA VAL I 234 -53.89 10.96 -27.59
C VAL I 234 -53.05 11.78 -26.61
N THR I 235 -53.48 11.84 -25.37
CA THR I 235 -52.86 12.70 -24.38
C THR I 235 -51.81 11.93 -23.60
N PHE I 236 -50.58 12.43 -23.60
CA PHE I 236 -49.48 11.86 -22.84
C PHE I 236 -49.21 12.73 -21.63
N ARG I 237 -49.22 12.13 -20.46
CA ARG I 237 -48.93 12.83 -19.21
C ARG I 237 -47.54 12.45 -18.71
N PHE I 238 -46.79 13.44 -18.26
CA PHE I 238 -45.50 13.17 -17.63
C PHE I 238 -45.24 14.24 -16.58
N LEU I 239 -44.19 14.04 -15.81
CA LEU I 239 -43.86 14.92 -14.70
C LEU I 239 -42.49 15.54 -14.87
N ILE I 240 -42.32 16.72 -14.30
CA ILE I 240 -41.03 17.39 -14.18
C ILE I 240 -40.92 17.89 -12.75
N TYR I 241 -39.86 17.50 -12.06
CA TYR I 241 -39.70 17.89 -10.67
C TYR I 241 -38.27 18.31 -10.43
N TYR I 242 -38.10 19.19 -9.45
CA TYR I 242 -36.81 19.81 -9.15
C TYR I 242 -36.90 20.41 -7.76
N LYS I 243 -35.79 20.98 -7.32
CA LYS I 243 -35.74 21.60 -6.00
C LYS I 243 -35.45 23.09 -6.03
N ARG I 244 -34.69 23.58 -7.00
CA ARG I 244 -34.39 25.01 -7.09
C ARG I 244 -35.47 25.71 -7.90
N GLU I 245 -36.10 26.72 -7.29
CA GLU I 245 -37.00 27.59 -8.05
C GLU I 245 -36.27 28.22 -9.23
N ASP I 246 -34.95 28.36 -9.12
CA ASP I 246 -34.08 28.87 -10.17
C ASP I 246 -34.39 28.27 -11.54
N VAL I 247 -34.71 26.97 -11.58
CA VAL I 247 -34.94 26.28 -12.83
C VAL I 247 -36.40 26.15 -13.18
N GLY I 248 -37.30 26.76 -12.39
CA GLY I 248 -38.71 26.62 -12.67
C GLY I 248 -39.16 27.41 -13.88
N LYS I 249 -38.59 28.61 -14.07
CA LYS I 249 -39.04 29.46 -15.17
C LYS I 249 -38.62 28.92 -16.53
N PRO I 250 -37.35 28.58 -16.79
CA PRO I 250 -36.97 28.18 -18.15
C PRO I 250 -37.62 26.89 -18.63
N ILE I 251 -38.22 26.11 -17.75
CA ILE I 251 -38.92 24.90 -18.17
C ILE I 251 -40.36 25.18 -18.52
N CYS I 252 -41.07 25.89 -17.64
CA CYS I 252 -42.43 26.32 -17.95
C CYS I 252 -42.48 27.21 -19.18
N ASP I 253 -41.39 27.93 -19.44
CA ASP I 253 -41.30 28.72 -20.66
C ASP I 253 -41.13 27.84 -21.89
N SER I 254 -40.13 26.95 -21.86
CA SER I 254 -39.74 26.24 -23.06
C SER I 254 -40.80 25.24 -23.52
N MET I 255 -41.51 24.63 -22.58
CA MET I 255 -42.39 23.51 -22.87
C MET I 255 -43.34 23.78 -24.03
N PRO I 256 -44.19 24.82 -23.97
CA PRO I 256 -45.18 24.99 -25.06
C PRO I 256 -44.56 25.13 -26.44
N ILE I 257 -43.40 25.76 -26.54
CA ILE I 257 -42.78 25.96 -27.86
C ILE I 257 -42.28 24.64 -28.41
N ILE I 258 -41.64 23.83 -27.56
CA ILE I 258 -40.92 22.66 -28.06
C ILE I 258 -41.88 21.60 -28.57
N LEU I 259 -43.10 21.55 -28.02
CA LEU I 259 -44.05 20.51 -28.41
C LEU I 259 -44.58 20.72 -29.83
N ILE I 260 -44.82 21.98 -30.20
CA ILE I 260 -45.40 22.24 -31.52
C ILE I 260 -44.45 21.85 -32.63
N ARG I 261 -43.15 21.79 -32.35
CA ARG I 261 -42.19 21.22 -33.29
C ARG I 261 -42.17 19.71 -33.10
N GLY I 262 -41.19 19.04 -33.69
CA GLY I 262 -41.15 17.59 -33.60
C GLY I 262 -40.83 17.12 -32.19
N LEU I 263 -41.47 16.02 -31.81
CA LEU I 263 -41.17 15.33 -30.55
C LEU I 263 -41.09 13.83 -30.81
N GLY I 264 -40.34 13.45 -31.84
CA GLY I 264 -40.22 12.04 -32.15
C GLY I 264 -39.54 11.83 -33.49
N ALA I 265 -39.91 10.75 -34.14
CA ALA I 265 -39.28 10.37 -35.39
C ALA I 265 -40.05 10.92 -36.58
N ARG I 266 -39.32 11.20 -37.65
CA ARG I 266 -39.89 11.57 -38.94
C ARG I 266 -40.73 12.84 -38.84
N SER I 267 -40.33 13.76 -37.95
CA SER I 267 -41.05 15.01 -37.80
C SER I 267 -40.69 16.03 -38.86
N SER I 268 -39.71 15.73 -39.71
CA SER I 268 -39.45 16.61 -40.84
C SER I 268 -40.61 16.59 -41.83
N VAL I 269 -41.31 15.46 -41.92
CA VAL I 269 -42.50 15.38 -42.76
C VAL I 269 -43.77 15.52 -41.92
N GLY I 270 -43.67 16.08 -40.73
CA GLY I 270 -44.83 16.40 -39.92
C GLY I 270 -45.58 15.21 -39.38
N TYR I 271 -44.92 14.32 -38.65
CA TYR I 271 -45.60 13.21 -38.00
C TYR I 271 -45.84 13.46 -36.51
N SER I 272 -44.79 13.63 -35.72
CA SER I 272 -44.93 13.65 -34.27
C SER I 272 -44.93 15.10 -33.78
N LEU I 273 -46.06 15.76 -33.98
CA LEU I 273 -46.29 17.10 -33.49
C LEU I 273 -47.31 17.05 -32.37
N PHE I 274 -47.05 17.79 -31.30
CA PHE I 274 -47.82 17.67 -30.08
C PHE I 274 -48.52 18.99 -29.77
N GLU I 275 -49.13 19.05 -28.60
CA GLU I 275 -49.96 20.20 -28.23
C GLU I 275 -50.02 20.28 -26.72
N LEU I 276 -49.51 21.36 -26.14
CA LEU I 276 -49.56 21.52 -24.70
C LEU I 276 -51.00 21.58 -24.24
N ARG I 277 -51.47 20.54 -23.55
CA ARG I 277 -52.85 20.50 -23.11
C ARG I 277 -53.05 21.18 -21.76
N LYS I 278 -52.12 21.00 -20.83
CA LYS I 278 -52.26 21.60 -19.51
C LYS I 278 -50.91 21.57 -18.81
N ILE I 279 -50.70 22.54 -17.93
CA ILE I 279 -49.52 22.59 -17.06
C ILE I 279 -49.97 22.91 -15.66
N GLU I 280 -49.65 22.02 -14.72
CA GLU I 280 -49.94 22.22 -13.30
C GLU I 280 -48.63 22.33 -12.55
N VAL I 281 -48.53 23.30 -11.65
CA VAL I 281 -47.30 23.57 -10.92
C VAL I 281 -47.63 23.49 -9.44
N ILE I 282 -47.13 22.46 -8.77
CA ILE I 282 -47.35 22.26 -7.35
C ILE I 282 -46.06 22.66 -6.64
N LYS I 283 -46.00 23.90 -6.17
CA LYS I 283 -44.84 24.36 -5.43
C LYS I 283 -44.65 23.53 -4.17
N ALA I 284 -43.39 23.32 -3.80
CA ALA I 284 -43.07 22.48 -2.64
C ALA I 284 -43.62 23.06 -1.35
N ALA I 285 -43.10 24.22 -0.94
CA ALA I 285 -43.46 24.83 0.32
C ALA I 285 -42.90 26.24 0.43
N GLU J 2 -35.50 27.99 -35.42
CA GLU J 2 -36.46 27.58 -36.44
C GLU J 2 -37.50 28.66 -36.69
N GLU J 3 -37.91 28.82 -37.95
CA GLU J 3 -38.89 29.84 -38.28
C GLU J 3 -39.57 29.47 -39.59
N LEU J 4 -40.79 29.98 -39.77
CA LEU J 4 -41.59 29.63 -40.93
C LEU J 4 -41.03 30.29 -42.18
N LEU J 5 -40.68 29.48 -43.18
CA LEU J 5 -40.09 30.03 -44.39
C LEU J 5 -41.16 30.62 -45.31
N MET J 6 -42.18 29.83 -45.65
CA MET J 6 -43.24 30.29 -46.53
C MET J 6 -44.45 29.39 -46.33
N SER J 7 -45.56 29.79 -46.97
CA SER J 7 -46.82 29.06 -46.86
C SER J 7 -47.46 29.04 -48.24
N LEU J 8 -47.96 27.87 -48.63
CA LEU J 8 -48.51 27.69 -49.99
C LEU J 8 -49.91 27.11 -49.86
N LYS J 9 -50.92 27.97 -49.94
CA LYS J 9 -52.30 27.49 -49.97
C LYS J 9 -52.58 26.96 -51.37
N LEU J 10 -52.64 25.65 -51.49
CA LEU J 10 -52.86 24.99 -52.77
C LEU J 10 -54.19 24.24 -52.75
N LYS J 11 -54.58 23.74 -53.91
CA LYS J 11 -55.69 22.81 -54.02
C LYS J 11 -55.28 21.68 -54.94
N ALA J 12 -55.91 20.52 -54.74
CA ALA J 12 -55.66 19.35 -55.56
C ALA J 12 -56.96 18.95 -56.25
N LEU J 13 -56.84 18.53 -57.51
CA LEU J 13 -58.00 18.16 -58.31
C LEU J 13 -58.11 16.65 -58.36
N TYR J 14 -59.12 16.11 -57.70
CA TYR J 14 -59.38 14.67 -57.65
C TYR J 14 -58.15 13.87 -57.23
N PRO J 15 -57.56 14.18 -56.07
CA PRO J 15 -56.35 13.46 -55.67
C PRO J 15 -56.68 12.03 -55.27
N LEU J 16 -55.77 11.12 -55.60
CA LEU J 16 -55.91 9.71 -55.27
C LEU J 16 -54.85 9.29 -54.25
N THR J 17 -54.64 10.16 -53.26
CA THR J 17 -53.69 9.86 -52.19
C THR J 17 -53.99 8.51 -51.57
N GLY J 18 -52.94 7.74 -51.30
CA GLY J 18 -53.06 6.41 -50.77
C GLY J 18 -52.81 6.35 -49.27
N GLY J 19 -52.62 5.13 -48.80
CA GLY J 19 -52.38 4.90 -47.40
C GLY J 19 -51.91 3.48 -47.20
N TYR J 20 -52.08 2.99 -45.97
CA TYR J 20 -51.67 1.61 -45.70
C TYR J 20 -52.54 0.63 -46.47
N ASN J 21 -53.78 1.00 -46.78
CA ASN J 21 -54.69 0.17 -47.55
C ASN J 21 -54.77 0.59 -49.00
N ARG J 22 -53.91 1.52 -49.42
CA ARG J 22 -53.86 2.10 -50.76
C ARG J 22 -55.05 2.98 -51.08
N HIS J 23 -55.76 3.48 -50.07
CA HIS J 23 -56.86 4.40 -50.27
C HIS J 23 -56.69 5.62 -49.38
N SER J 24 -57.45 6.67 -49.68
CA SER J 24 -57.33 7.90 -48.93
C SER J 24 -58.05 7.85 -47.59
N ILE J 25 -58.87 6.83 -47.37
CA ILE J 25 -59.60 6.68 -46.11
C ILE J 25 -59.51 5.23 -45.68
N ASN J 26 -59.56 5.01 -44.37
CA ASN J 26 -59.41 3.69 -43.79
C ASN J 26 -60.17 3.66 -42.47
N PRO J 27 -60.38 2.48 -41.90
CA PRO J 27 -61.18 2.40 -40.67
C PRO J 27 -60.70 3.26 -39.52
N PHE J 28 -59.56 3.92 -39.64
CA PHE J 28 -58.95 4.63 -38.51
C PHE J 28 -58.84 6.13 -38.70
N TYR J 29 -58.56 6.59 -39.92
CA TYR J 29 -58.38 8.02 -40.16
C TYR J 29 -58.55 8.28 -41.64
N GLU J 30 -58.33 9.52 -42.04
CA GLU J 30 -58.41 9.93 -43.43
C GLU J 30 -57.32 10.96 -43.70
N GLU J 31 -56.55 10.72 -44.77
CA GLU J 31 -55.61 11.71 -45.27
C GLU J 31 -55.80 11.83 -46.77
N LEU J 32 -56.29 12.98 -47.21
CA LEU J 32 -56.34 13.28 -48.63
C LEU J 32 -55.03 13.84 -49.14
N VAL J 33 -54.14 14.26 -48.24
CA VAL J 33 -52.84 14.79 -48.59
C VAL J 33 -51.82 14.23 -47.61
N ARG J 34 -50.83 13.49 -48.13
CA ARG J 34 -49.79 12.94 -47.28
C ARG J 34 -48.57 13.84 -47.34
N PRO J 35 -48.18 14.50 -46.25
CA PRO J 35 -46.97 15.32 -46.28
C PRO J 35 -45.71 14.53 -46.58
N THR J 36 -45.78 13.20 -46.55
CA THR J 36 -44.64 12.39 -46.95
C THR J 36 -44.53 12.28 -48.46
N GLU J 37 -45.66 12.31 -49.16
CA GLU J 37 -45.62 12.28 -50.62
C GLU J 37 -45.14 13.61 -51.19
N ILE J 38 -45.47 14.72 -50.54
CA ILE J 38 -44.97 16.02 -50.97
C ILE J 38 -43.45 16.04 -50.89
N LYS J 39 -42.91 15.69 -49.73
CA LYS J 39 -41.46 15.65 -49.57
C LYS J 39 -40.82 14.67 -50.55
N GLY J 40 -41.50 13.56 -50.83
CA GLY J 40 -40.93 12.60 -51.76
C GLY J 40 -41.00 13.06 -53.19
N LEU J 41 -42.06 13.77 -53.56
CA LEU J 41 -42.18 14.28 -54.92
C LEU J 41 -41.37 15.54 -55.12
N TRP J 42 -41.33 16.40 -54.10
CA TRP J 42 -40.44 17.56 -54.15
C TRP J 42 -39.01 17.14 -54.44
N ARG J 43 -38.56 16.06 -53.80
CA ARG J 43 -37.22 15.55 -54.09
C ARG J 43 -37.14 14.97 -55.49
N TRP J 44 -38.22 14.38 -55.99
CA TRP J 44 -38.20 13.84 -57.34
C TRP J 44 -38.21 14.95 -58.37
N TRP J 45 -38.92 16.04 -58.09
CA TRP J 45 -38.92 17.19 -58.99
C TRP J 45 -37.72 18.09 -58.77
N ASN J 46 -36.82 17.74 -57.86
CA ASN J 46 -35.56 18.43 -57.72
C ASN J 46 -34.46 17.73 -58.51
N ARG J 47 -34.44 16.40 -58.47
CA ARG J 47 -33.50 15.64 -59.29
C ARG J 47 -33.82 15.75 -60.77
N VAL J 48 -35.02 16.19 -61.12
CA VAL J 48 -35.37 16.42 -62.52
C VAL J 48 -34.97 17.81 -62.96
N LEU J 49 -35.35 18.83 -62.18
CA LEU J 49 -35.01 20.19 -62.54
C LEU J 49 -33.49 20.39 -62.53
N PHE J 50 -32.80 19.75 -61.60
CA PHE J 50 -31.35 19.90 -61.55
C PHE J 50 -30.69 19.34 -62.80
N ASN J 51 -31.10 18.13 -63.21
CA ASN J 51 -30.57 17.57 -64.44
C ASN J 51 -31.04 18.33 -65.67
N THR J 52 -32.07 19.16 -65.54
CA THR J 52 -32.44 20.07 -66.62
C THR J 52 -31.47 21.24 -66.69
N LEU J 53 -31.16 21.82 -65.53
CA LEU J 53 -30.13 22.84 -65.46
C LEU J 53 -28.76 22.32 -65.84
N ALA J 54 -28.56 21.00 -65.83
CA ALA J 54 -27.29 20.41 -66.19
C ALA J 54 -27.25 19.89 -67.62
N TYR J 55 -28.40 19.78 -68.27
CA TYR J 55 -28.45 19.48 -69.70
C TYR J 55 -28.79 20.72 -70.52
N SER J 56 -28.52 21.89 -69.97
CA SER J 56 -28.65 23.15 -70.70
C SER J 56 -27.45 24.06 -70.50
N THR J 57 -26.54 23.72 -69.60
CA THR J 57 -25.34 24.51 -69.37
C THR J 57 -24.07 23.68 -69.35
N LYS J 58 -24.14 22.36 -69.25
CA LYS J 58 -22.95 21.53 -69.26
C LYS J 58 -23.06 20.32 -70.18
N GLY J 59 -24.23 20.02 -70.73
CA GLY J 59 -24.39 18.80 -71.49
C GLY J 59 -24.10 17.55 -70.70
N LYS J 60 -24.39 17.57 -69.40
CA LYS J 60 -24.09 16.47 -68.49
C LYS J 60 -25.35 16.03 -67.77
N LEU J 61 -25.37 14.76 -67.39
CA LEU J 61 -26.46 14.19 -66.60
C LEU J 61 -25.86 13.52 -65.37
N TYR J 62 -26.53 13.63 -64.24
CA TYR J 62 -25.99 13.17 -62.98
C TYR J 62 -26.99 12.24 -62.29
N THR J 63 -26.47 11.18 -61.69
CA THR J 63 -27.30 10.16 -61.08
C THR J 63 -28.10 10.72 -59.91
N TYR J 64 -29.16 10.00 -59.54
CA TYR J 64 -30.01 10.45 -58.45
C TYR J 64 -29.30 10.36 -57.11
N GLU J 65 -28.54 9.28 -56.88
CA GLU J 65 -27.90 9.09 -55.59
C GLU J 65 -26.82 10.11 -55.30
N SER J 66 -26.44 10.93 -56.28
CA SER J 66 -25.48 12.00 -56.06
C SER J 66 -26.11 13.38 -56.07
N ILE J 67 -27.21 13.57 -56.79
CA ILE J 67 -27.90 14.85 -56.74
C ILE J 67 -28.45 15.10 -55.34
N ASP J 68 -29.06 14.09 -54.74
CA ASP J 68 -29.55 14.25 -53.37
C ASP J 68 -28.38 14.31 -52.39
N ARG J 69 -27.31 13.56 -52.67
CA ARG J 69 -26.08 13.74 -51.91
C ARG J 69 -25.58 15.17 -52.01
N LEU J 70 -25.79 15.81 -53.16
CA LEU J 70 -25.46 17.21 -53.31
C LEU J 70 -26.41 18.09 -52.51
N PHE J 71 -27.68 17.74 -52.48
CA PHE J 71 -28.69 18.55 -51.81
C PHE J 71 -29.01 18.07 -50.39
N GLU J 72 -28.31 17.04 -49.91
CA GLU J 72 -28.62 16.51 -48.59
C GLU J 72 -28.48 17.56 -47.49
N ASP J 73 -27.80 18.66 -47.77
CA ASP J 73 -27.76 19.77 -46.82
C ASP J 73 -29.03 20.62 -46.86
N VAL J 74 -30.03 20.19 -47.63
CA VAL J 74 -31.33 20.85 -47.68
C VAL J 74 -32.46 19.88 -47.32
N PHE J 75 -32.53 18.76 -48.04
CA PHE J 75 -33.57 17.77 -47.82
C PHE J 75 -33.17 16.72 -46.79
N GLY J 76 -31.91 16.62 -46.42
CA GLY J 76 -31.45 15.65 -45.45
C GLY J 76 -31.10 14.32 -46.09
N SER J 77 -30.37 13.50 -45.32
CA SER J 77 -29.99 12.16 -45.77
C SER J 77 -29.64 11.34 -44.53
N GLU J 78 -29.00 10.19 -44.76
CA GLU J 78 -28.54 9.36 -43.65
C GLU J 78 -27.55 10.08 -42.75
N ASN J 79 -26.95 11.16 -43.23
CA ASN J 79 -25.90 11.86 -42.49
C ASN J 79 -26.33 13.21 -41.96
N LYS J 80 -27.54 13.66 -42.25
CA LYS J 80 -27.95 14.99 -41.86
C LYS J 80 -29.47 15.07 -41.87
N LYS J 81 -30.04 15.61 -40.80
CA LYS J 81 -31.47 15.82 -40.77
C LYS J 81 -31.87 16.84 -41.83
N SER J 82 -33.13 16.79 -42.23
CA SER J 82 -33.62 17.76 -43.20
C SER J 82 -33.57 19.16 -42.64
N ALA J 83 -33.26 20.12 -43.50
CA ALA J 83 -33.25 21.52 -43.11
C ALA J 83 -34.62 22.15 -43.24
N VAL J 84 -35.40 21.73 -44.22
CA VAL J 84 -36.79 22.15 -44.35
C VAL J 84 -37.65 21.03 -43.79
N ARG J 85 -38.73 21.42 -43.11
CA ARG J 85 -39.70 20.46 -42.62
C ARG J 85 -41.08 20.89 -43.06
N LEU J 86 -41.79 20.01 -43.74
CA LEU J 86 -43.11 20.33 -44.24
C LEU J 86 -44.16 20.16 -43.15
N GLU J 87 -45.26 20.88 -43.31
CA GLU J 87 -46.41 20.70 -42.45
C GLU J 87 -47.65 20.99 -43.26
N VAL J 88 -48.40 19.95 -43.60
CA VAL J 88 -49.64 20.10 -44.33
C VAL J 88 -50.76 20.22 -43.31
N ILE J 89 -51.58 21.25 -43.45
CA ILE J 89 -52.78 21.42 -42.64
C ILE J 89 -53.93 21.45 -43.62
N THR J 90 -54.50 20.28 -43.89
CA THR J 90 -55.63 20.20 -44.81
C THR J 90 -56.87 20.77 -44.13
N ASP J 91 -57.75 21.36 -44.93
CA ASP J 91 -58.92 22.01 -44.36
C ASP J 91 -59.91 20.98 -43.84
N GLU J 92 -60.84 21.44 -43.00
CA GLU J 92 -61.92 20.68 -42.38
C GLU J 92 -61.42 19.74 -41.28
N GLY J 93 -60.10 19.57 -41.16
CA GLY J 93 -59.45 19.10 -39.96
C GLY J 93 -60.18 18.09 -39.09
N ASN J 94 -60.89 17.14 -39.69
CA ASN J 94 -61.73 16.25 -38.91
C ASN J 94 -61.05 14.92 -38.63
N ASP J 95 -61.79 13.99 -38.02
CA ASP J 95 -61.32 12.63 -37.85
C ASP J 95 -61.78 11.77 -39.03
N ASN J 96 -63.09 11.67 -39.22
CA ASN J 96 -63.70 11.15 -40.45
C ASN J 96 -63.06 9.85 -40.91
N ARG J 97 -63.15 8.83 -40.07
CA ARG J 97 -62.74 7.50 -40.51
C ARG J 97 -63.85 6.85 -41.32
N PHE J 98 -63.49 5.75 -41.99
CA PHE J 98 -64.49 4.99 -42.72
C PHE J 98 -65.13 3.96 -41.80
N GLU J 99 -66.42 4.13 -41.53
CA GLU J 99 -67.17 3.20 -40.70
C GLU J 99 -68.24 2.54 -41.56
N LEU J 100 -68.28 1.21 -41.52
CA LEU J 100 -69.30 0.43 -42.20
C LEU J 100 -70.31 -0.01 -41.15
N SER J 101 -71.45 0.68 -41.10
CA SER J 101 -72.44 0.42 -40.06
C SER J 101 -72.93 -1.03 -40.12
N TYR J 102 -73.59 -1.39 -41.22
CA TYR J 102 -74.03 -2.77 -41.38
C TYR J 102 -73.96 -3.14 -42.86
N VAL J 103 -73.77 -4.43 -43.11
CA VAL J 103 -73.81 -4.96 -44.46
C VAL J 103 -74.59 -6.27 -44.46
N GLU J 104 -75.85 -6.21 -44.88
CA GLU J 104 -76.75 -7.35 -44.82
C GLU J 104 -76.45 -8.27 -46.01
N LEU J 105 -75.48 -9.16 -45.82
CA LEU J 105 -75.12 -10.12 -46.86
C LEU J 105 -74.94 -11.47 -46.20
N ASP J 106 -75.94 -12.33 -46.34
CA ASP J 106 -75.81 -13.73 -45.92
C ASP J 106 -76.43 -14.69 -46.90
N LYS J 107 -77.06 -14.20 -47.97
CA LYS J 107 -77.48 -15.09 -49.04
C LYS J 107 -76.31 -15.41 -49.95
N VAL J 108 -75.54 -14.40 -50.33
CA VAL J 108 -74.34 -14.64 -51.14
C VAL J 108 -73.39 -15.58 -50.42
N ILE J 109 -73.41 -15.56 -49.08
CA ILE J 109 -72.71 -16.59 -48.33
C ILE J 109 -73.26 -17.96 -48.70
N ASP J 110 -74.57 -18.11 -48.61
CA ASP J 110 -75.20 -19.38 -48.96
C ASP J 110 -75.10 -19.66 -50.44
N CYS J 111 -74.84 -18.66 -51.26
CA CYS J 111 -74.57 -18.88 -52.68
C CYS J 111 -73.14 -19.35 -52.93
N LEU J 112 -72.33 -19.52 -51.88
CA LEU J 112 -70.90 -19.76 -52.04
C LEU J 112 -70.42 -20.98 -51.28
N ARG J 113 -71.28 -21.95 -51.03
CA ARG J 113 -70.86 -23.16 -50.34
C ARG J 113 -70.42 -24.20 -51.35
N ASN J 114 -69.40 -24.98 -50.98
CA ASN J 114 -68.94 -26.12 -51.76
C ASN J 114 -68.57 -25.74 -53.19
N TYR J 115 -68.13 -24.51 -53.40
CA TYR J 115 -67.82 -24.05 -54.74
C TYR J 115 -66.66 -23.06 -54.69
N LYS J 116 -65.89 -23.02 -55.77
CA LYS J 116 -64.79 -22.07 -55.93
C LYS J 116 -65.22 -21.06 -56.99
N ARG J 117 -65.92 -20.03 -56.55
CA ARG J 117 -66.29 -18.91 -57.41
C ARG J 117 -65.41 -17.71 -57.10
N LYS J 118 -65.73 -16.57 -57.69
CA LYS J 118 -65.06 -15.32 -57.34
C LYS J 118 -66.10 -14.21 -57.28
N VAL J 119 -66.29 -13.65 -56.08
CA VAL J 119 -67.21 -12.53 -55.93
C VAL J 119 -66.63 -11.32 -56.64
N SER J 120 -67.52 -10.47 -57.15
CA SER J 120 -67.11 -9.23 -57.78
C SER J 120 -68.15 -8.16 -57.48
N LEU J 121 -67.70 -6.99 -57.09
CA LEU J 121 -68.59 -5.90 -56.72
C LEU J 121 -68.71 -4.89 -57.84
N ASP J 122 -69.93 -4.42 -58.05
CA ASP J 122 -70.22 -3.37 -59.02
C ASP J 122 -71.26 -2.46 -58.40
N PHE J 123 -71.14 -1.17 -58.65
CA PHE J 123 -72.01 -0.18 -58.02
C PHE J 123 -73.00 0.33 -59.07
N ILE J 124 -74.13 -0.37 -59.18
CA ILE J 124 -75.12 -0.11 -60.21
C ILE J 124 -76.25 0.71 -59.58
N ASP J 125 -76.28 2.00 -59.92
CA ASP J 125 -77.38 2.90 -59.57
C ASP J 125 -77.57 2.96 -58.05
N ASN J 126 -76.53 3.45 -57.39
CA ASN J 126 -76.54 3.70 -55.95
C ASN J 126 -76.70 2.41 -55.16
N THR J 127 -76.68 1.27 -55.83
CA THR J 127 -76.76 -0.03 -55.18
C THR J 127 -75.63 -0.90 -55.71
N LEU J 128 -75.01 -1.66 -54.82
CA LEU J 128 -73.92 -2.55 -55.19
C LEU J 128 -74.42 -3.98 -55.29
N ILE J 129 -73.77 -4.76 -56.15
CA ILE J 129 -74.21 -6.12 -56.46
C ILE J 129 -73.01 -7.05 -56.35
N ALA J 130 -73.24 -8.21 -55.73
CA ALA J 130 -72.21 -9.23 -55.62
C ALA J 130 -72.26 -10.07 -56.90
N GLU J 131 -71.50 -9.64 -57.90
CA GLU J 131 -71.50 -10.36 -59.16
C GLU J 131 -70.72 -11.67 -59.02
N ILE J 132 -71.39 -12.72 -58.58
CA ILE J 132 -70.81 -14.05 -58.64
C ILE J 132 -70.72 -14.45 -60.10
N GLU J 133 -69.50 -14.61 -60.60
CA GLU J 133 -69.32 -14.88 -62.03
C GLU J 133 -70.01 -16.17 -62.46
N GLY J 134 -70.44 -16.99 -61.49
CA GLY J 134 -71.30 -18.11 -61.78
C GLY J 134 -72.76 -17.69 -61.86
N SER J 135 -72.99 -16.52 -62.46
CA SER J 135 -74.33 -16.01 -62.78
C SER J 135 -75.21 -15.87 -61.52
N THR J 136 -74.79 -14.95 -60.66
CA THR J 136 -75.67 -14.54 -59.57
C THR J 136 -75.31 -13.10 -59.23
N LYS J 137 -76.09 -12.16 -59.76
CA LYS J 137 -75.88 -10.73 -59.51
C LYS J 137 -76.79 -10.27 -58.37
N ILE J 138 -76.63 -10.92 -57.22
CA ILE J 138 -77.43 -10.65 -56.04
C ILE J 138 -77.07 -9.28 -55.48
N PRO J 139 -78.03 -8.51 -54.99
CA PRO J 139 -77.71 -7.20 -54.40
C PRO J 139 -77.34 -7.32 -52.93
N ILE J 140 -76.90 -6.18 -52.38
CA ILE J 140 -76.53 -6.08 -50.97
C ILE J 140 -77.06 -4.75 -50.44
N SER J 141 -77.57 -4.77 -49.22
CA SER J 141 -78.08 -3.59 -48.54
C SER J 141 -77.09 -3.20 -47.44
N PHE J 142 -76.14 -2.34 -47.77
CA PHE J 142 -75.18 -1.83 -46.82
C PHE J 142 -75.56 -0.44 -46.35
N LYS J 143 -74.83 0.06 -45.36
CA LYS J 143 -75.03 1.41 -44.86
C LYS J 143 -73.74 1.86 -44.22
N SER J 144 -73.15 2.93 -44.73
CA SER J 144 -71.82 3.35 -44.31
C SER J 144 -71.78 4.87 -44.27
N ASN J 145 -70.56 5.39 -44.17
CA ASN J 145 -70.29 6.83 -44.18
C ASN J 145 -69.96 7.29 -45.60
N LEU J 146 -69.34 8.46 -45.70
CA LEU J 146 -68.59 9.00 -46.84
C LEU J 146 -69.47 9.41 -48.02
N ASP J 147 -70.76 9.05 -47.98
CA ASP J 147 -71.75 9.63 -48.87
C ASP J 147 -71.32 9.73 -50.31
N ILE J 148 -71.09 8.60 -50.98
CA ILE J 148 -70.76 8.63 -52.40
C ILE J 148 -71.93 9.29 -53.13
N ASP J 149 -71.69 10.49 -53.68
CA ASP J 149 -72.84 11.32 -54.09
C ASP J 149 -73.63 10.72 -55.25
N LYS J 150 -73.17 10.99 -56.46
CA LYS J 150 -73.44 10.18 -57.65
C LYS J 150 -72.24 10.32 -58.57
N ILE J 151 -71.55 11.45 -58.41
CA ILE J 151 -70.60 11.92 -59.40
C ILE J 151 -69.41 10.99 -59.48
N ILE J 152 -68.88 10.56 -58.33
CA ILE J 152 -67.75 9.66 -58.34
C ILE J 152 -68.15 8.32 -58.97
N LYS J 153 -69.33 7.81 -58.63
CA LYS J 153 -69.82 6.62 -59.30
C LYS J 153 -69.85 6.81 -60.81
N ASP J 154 -70.26 7.99 -61.26
CA ASP J 154 -70.12 8.34 -62.67
C ASP J 154 -68.64 8.43 -63.04
N LEU J 155 -67.91 9.30 -62.36
CA LEU J 155 -66.52 9.58 -62.71
C LEU J 155 -65.67 8.33 -62.73
N VAL J 156 -65.91 7.39 -61.81
CA VAL J 156 -65.12 6.17 -61.80
C VAL J 156 -65.51 5.26 -62.97
N HIS J 157 -66.82 5.05 -63.15
CA HIS J 157 -67.26 4.14 -64.21
C HIS J 157 -66.97 4.71 -65.60
N ASN J 158 -66.94 6.03 -65.74
CA ASN J 158 -66.75 6.65 -67.04
C ASN J 158 -65.29 6.87 -67.38
N ASN J 159 -64.38 6.74 -66.42
CA ASN J 159 -62.95 6.88 -66.66
C ASN J 159 -62.35 5.49 -66.80
N LYS J 160 -61.86 5.17 -68.00
CA LYS J 160 -61.34 3.83 -68.26
C LYS J 160 -60.08 3.53 -67.47
N LEU J 161 -59.40 4.56 -66.95
CA LEU J 161 -58.21 4.32 -66.13
C LEU J 161 -58.61 3.96 -64.71
N LEU J 162 -59.47 4.77 -64.09
CA LEU J 162 -59.94 4.47 -62.75
C LEU J 162 -60.64 3.11 -62.70
N SER J 163 -61.55 2.87 -63.64
CA SER J 163 -62.24 1.59 -63.67
C SER J 163 -61.28 0.44 -63.88
N PHE J 164 -60.15 0.68 -64.53
CA PHE J 164 -59.17 -0.38 -64.74
C PHE J 164 -58.43 -0.71 -63.46
N GLU J 165 -58.15 0.29 -62.62
CA GLU J 165 -57.48 0.02 -61.37
C GLU J 165 -58.43 -0.52 -60.30
N LEU J 166 -59.73 -0.40 -60.50
CA LEU J 166 -60.67 -1.08 -59.63
C LEU J 166 -60.56 -2.59 -59.73
N LEU J 167 -60.05 -3.10 -60.86
CA LEU J 167 -59.98 -4.54 -61.08
C LEU J 167 -59.24 -5.27 -59.97
N GLY J 168 -58.49 -4.55 -59.15
CA GLY J 168 -57.86 -5.15 -57.99
C GLY J 168 -58.76 -5.08 -56.76
N PHE J 169 -59.29 -3.90 -56.48
CA PHE J 169 -60.01 -3.66 -55.25
C PHE J 169 -61.44 -4.18 -55.27
N LYS J 170 -61.86 -4.88 -56.31
CA LYS J 170 -63.27 -5.21 -56.46
C LYS J 170 -63.61 -6.68 -56.36
N SER J 171 -62.67 -7.59 -56.64
CA SER J 171 -63.01 -8.99 -56.76
C SER J 171 -61.99 -9.85 -56.04
N VAL J 172 -62.41 -11.07 -55.69
CA VAL J 172 -61.56 -12.04 -55.04
C VAL J 172 -62.22 -13.41 -55.18
N GLU J 173 -61.40 -14.43 -55.43
CA GLU J 173 -61.93 -15.78 -55.44
C GLU J 173 -62.19 -16.26 -54.02
N ILE J 174 -63.04 -17.26 -53.90
CA ILE J 174 -63.37 -17.87 -52.62
C ILE J 174 -63.44 -19.38 -52.81
N ASP J 175 -62.45 -20.09 -52.32
CA ASP J 175 -62.46 -21.55 -52.34
C ASP J 175 -63.34 -22.07 -51.21
N ALA J 176 -64.29 -22.93 -51.55
CA ALA J 176 -65.19 -23.49 -50.55
C ALA J 176 -65.46 -24.98 -50.74
N THR J 177 -64.82 -25.64 -51.72
CA THR J 177 -64.97 -27.08 -51.86
C THR J 177 -64.54 -27.80 -50.59
N LYS J 178 -63.46 -27.34 -49.97
CA LYS J 178 -63.00 -27.89 -48.70
C LYS J 178 -63.83 -27.30 -47.57
N ILE J 179 -63.37 -27.47 -46.33
CA ILE J 179 -64.08 -26.96 -45.17
C ILE J 179 -64.33 -25.46 -45.32
N SER J 180 -65.58 -25.06 -45.05
CA SER J 180 -66.00 -23.67 -45.15
C SER J 180 -66.68 -23.27 -43.84
N ASP J 181 -67.10 -22.02 -43.79
CA ASP J 181 -67.76 -21.45 -42.63
C ASP J 181 -68.63 -20.29 -43.09
N LYS J 182 -69.23 -19.60 -42.12
CA LYS J 182 -69.94 -18.35 -42.35
C LYS J 182 -69.30 -17.21 -41.58
N LYS J 183 -68.99 -17.43 -40.30
CA LYS J 183 -68.24 -16.45 -39.53
C LYS J 183 -66.93 -16.10 -40.19
N ILE J 184 -66.38 -17.01 -40.99
CA ILE J 184 -65.18 -16.73 -41.76
C ILE J 184 -65.51 -16.09 -43.09
N LEU J 185 -66.56 -16.57 -43.76
CA LEU J 185 -66.96 -15.97 -45.03
C LEU J 185 -67.61 -14.61 -44.82
N LYS J 186 -68.33 -14.43 -43.72
CA LYS J 186 -68.92 -13.13 -43.44
C LYS J 186 -67.86 -12.07 -43.17
N GLU J 187 -66.65 -12.46 -42.82
CA GLU J 187 -65.57 -11.50 -42.60
C GLU J 187 -64.66 -11.35 -43.80
N ILE J 188 -64.56 -12.37 -44.66
CA ILE J 188 -63.90 -12.19 -45.95
C ILE J 188 -64.69 -11.19 -46.79
N LEU J 189 -65.98 -11.44 -46.94
CA LEU J 189 -66.81 -10.56 -47.77
C LEU J 189 -66.96 -9.19 -47.14
N ARG J 190 -66.91 -9.09 -45.81
CA ARG J 190 -67.15 -7.79 -45.18
C ARG J 190 -66.04 -6.81 -45.49
N ASP J 191 -64.78 -7.25 -45.45
CA ASP J 191 -63.69 -6.35 -45.79
C ASP J 191 -63.62 -6.08 -47.28
N LEU J 192 -63.98 -7.07 -48.10
CA LEU J 192 -64.08 -6.85 -49.54
C LEU J 192 -64.98 -5.68 -49.87
N ILE J 193 -66.01 -5.45 -49.07
CA ILE J 193 -66.83 -4.24 -49.24
C ILE J 193 -66.03 -3.02 -48.86
N THR J 194 -65.39 -3.04 -47.70
CA THR J 194 -64.67 -1.86 -47.22
C THR J 194 -63.56 -1.46 -48.18
N ASN J 195 -62.74 -2.43 -48.58
CA ASN J 195 -61.69 -2.14 -49.55
C ASN J 195 -62.23 -1.72 -50.90
N TYR J 196 -63.54 -1.81 -51.11
CA TYR J 196 -64.18 -1.35 -52.33
C TYR J 196 -64.79 0.04 -52.19
N LEU J 197 -65.58 0.26 -51.14
CA LEU J 197 -66.21 1.56 -50.97
C LEU J 197 -65.19 2.64 -50.66
N GLU J 198 -64.08 2.28 -50.01
CA GLU J 198 -63.06 3.27 -49.71
C GLU J 198 -62.41 3.79 -50.97
N TYR J 199 -62.50 3.05 -52.07
CA TYR J 199 -61.98 3.53 -53.34
C TYR J 199 -62.81 4.69 -53.85
N PHE J 200 -64.00 4.89 -53.28
CA PHE J 200 -64.90 5.94 -53.72
C PHE J 200 -64.88 7.15 -52.82
N ASN J 201 -63.89 7.26 -51.94
CA ASN J 201 -63.72 8.48 -51.15
C ASN J 201 -62.90 9.48 -51.95
N ILE J 202 -63.31 9.73 -53.19
CA ILE J 202 -62.63 10.66 -54.07
C ILE J 202 -63.32 12.01 -53.96
N LYS J 203 -62.52 13.07 -54.00
CA LYS J 203 -63.05 14.42 -53.90
C LYS J 203 -62.29 15.32 -54.86
N GLN J 204 -63.02 16.15 -55.60
CA GLN J 204 -62.37 17.26 -56.25
C GLN J 204 -62.21 18.40 -55.27
N GLU J 205 -61.29 19.31 -55.57
CA GLU J 205 -61.10 20.52 -54.79
C GLU J 205 -60.79 20.18 -53.32
N VAL J 206 -59.63 19.54 -53.13
CA VAL J 206 -59.09 19.33 -51.80
C VAL J 206 -58.16 20.49 -51.50
N THR J 207 -58.63 21.42 -50.67
CA THR J 207 -57.87 22.61 -50.36
C THR J 207 -57.05 22.39 -49.10
N PHE J 208 -55.73 22.58 -49.21
CA PHE J 208 -54.84 22.38 -48.10
C PHE J 208 -53.72 23.43 -48.16
N THR J 209 -53.08 23.64 -47.03
CA THR J 209 -51.94 24.53 -46.94
C THR J 209 -50.67 23.70 -46.77
N LEU J 210 -49.55 24.25 -47.23
CA LEU J 210 -48.25 23.59 -47.17
C LEU J 210 -47.25 24.56 -46.54
N ASN J 211 -47.18 24.55 -45.22
CA ASN J 211 -46.20 25.37 -44.52
C ASN J 211 -44.84 24.71 -44.59
N ILE J 212 -43.81 25.52 -44.85
CA ILE J 212 -42.45 25.03 -44.97
C ILE J 212 -41.59 25.82 -44.00
N TYR J 213 -40.91 25.11 -43.10
CA TYR J 213 -40.13 25.74 -42.05
C TYR J 213 -38.65 25.60 -42.35
N LEU J 214 -37.88 26.57 -41.86
CA LEU J 214 -36.44 26.50 -41.87
C LEU J 214 -35.94 26.53 -40.43
N ASP J 215 -34.74 26.01 -40.22
CA ASP J 215 -34.21 25.86 -38.87
C ASP J 215 -33.28 26.99 -38.45
N LYS J 216 -32.74 27.76 -39.40
CA LYS J 216 -31.80 28.85 -39.12
C LYS J 216 -30.57 28.37 -38.37
N SER J 217 -30.29 27.07 -38.41
CA SER J 217 -29.11 26.50 -37.78
C SER J 217 -28.20 25.81 -38.78
N ARG J 218 -28.49 25.95 -40.08
CA ARG J 218 -27.68 25.34 -41.14
C ARG J 218 -26.73 26.41 -41.65
N GLU J 219 -25.54 26.46 -41.07
CA GLU J 219 -24.51 27.38 -41.55
C GLU J 219 -24.27 27.16 -43.04
N HIS J 220 -23.94 28.24 -43.73
CA HIS J 220 -23.84 28.21 -45.19
C HIS J 220 -22.59 27.43 -45.57
N LYS J 221 -22.73 26.11 -45.72
CA LYS J 221 -21.60 25.25 -45.97
C LYS J 221 -20.91 25.62 -47.28
N GLN J 222 -21.59 25.37 -48.41
CA GLN J 222 -21.06 25.76 -49.71
C GLN J 222 -22.02 26.67 -50.46
N ASN J 223 -23.28 26.28 -50.61
CA ASN J 223 -24.28 27.11 -51.28
C ASN J 223 -25.62 26.99 -50.58
N PHE J 224 -25.63 26.92 -49.25
CA PHE J 224 -26.88 26.68 -48.54
C PHE J 224 -27.94 27.70 -48.94
N GLU J 225 -27.66 28.99 -48.78
CA GLU J 225 -28.57 30.03 -49.22
C GLU J 225 -28.88 29.92 -50.71
N ASP J 226 -28.05 29.24 -51.48
CA ASP J 226 -28.26 29.08 -52.92
C ASP J 226 -28.84 27.72 -53.27
N LYS J 227 -28.40 26.65 -52.59
CA LYS J 227 -29.05 25.36 -52.74
C LYS J 227 -30.52 25.44 -52.34
N LEU J 228 -30.80 26.13 -51.23
CA LEU J 228 -32.17 26.20 -50.74
C LEU J 228 -33.08 26.90 -51.74
N LYS J 229 -32.72 28.12 -52.15
CA LYS J 229 -33.57 28.86 -53.07
C LYS J 229 -33.65 28.21 -54.44
N PHE J 230 -32.76 27.27 -54.76
CA PHE J 230 -32.98 26.44 -55.94
C PHE J 230 -34.00 25.37 -55.66
N ALA J 231 -34.06 24.86 -54.43
CA ALA J 231 -35.05 23.84 -54.10
C ALA J 231 -36.45 24.42 -54.15
N LEU J 232 -36.61 25.67 -53.74
CA LEU J 232 -37.91 26.33 -53.86
C LEU J 232 -38.35 26.37 -55.32
N TYR J 233 -37.40 26.61 -56.24
CA TYR J 233 -37.73 26.56 -57.65
C TYR J 233 -38.26 25.19 -58.05
N SER J 234 -37.54 24.13 -57.66
CA SER J 234 -38.01 22.79 -57.97
C SER J 234 -39.34 22.48 -57.29
N LEU J 235 -39.70 23.24 -56.25
CA LEU J 235 -40.98 23.03 -55.61
C LEU J 235 -42.10 23.68 -56.40
N LEU J 236 -41.85 24.86 -56.97
CA LEU J 236 -42.85 25.51 -57.83
C LEU J 236 -43.12 24.68 -59.08
N VAL J 237 -42.06 24.22 -59.74
CA VAL J 237 -42.28 23.41 -60.93
C VAL J 237 -42.94 22.10 -60.56
N PHE J 238 -42.73 21.62 -59.33
CA PHE J 238 -43.48 20.48 -58.84
C PHE J 238 -44.96 20.82 -58.74
N ILE J 239 -45.27 21.98 -58.17
CA ILE J 239 -46.66 22.42 -58.10
C ILE J 239 -47.22 22.70 -59.48
N LEU J 240 -46.41 23.29 -60.35
CA LEU J 240 -46.90 23.75 -61.64
C LEU J 240 -46.90 22.68 -62.72
N LEU J 241 -46.16 21.58 -62.54
CA LEU J 241 -46.14 20.51 -63.52
C LEU J 241 -46.59 19.16 -63.00
N GLY J 242 -46.51 18.92 -61.69
CA GLY J 242 -46.87 17.65 -61.12
C GLY J 242 -48.00 17.80 -60.12
N GLY J 243 -48.55 16.65 -59.72
CA GLY J 243 -49.58 16.59 -58.71
C GLY J 243 -49.24 15.58 -57.63
N ILE J 244 -50.04 15.60 -56.58
CA ILE J 244 -49.88 14.68 -55.48
C ILE J 244 -50.76 13.47 -55.72
N GLY J 245 -50.38 12.34 -55.11
CA GLY J 245 -51.23 11.16 -55.17
C GLY J 245 -50.87 10.19 -56.26
N ARG J 246 -51.87 9.47 -56.75
CA ARG J 246 -51.66 8.37 -57.67
C ARG J 246 -52.13 8.77 -59.07
N LYS J 247 -51.46 8.21 -60.08
CA LYS J 247 -51.76 8.48 -61.48
C LYS J 247 -51.72 9.98 -61.79
N THR J 248 -50.75 10.66 -61.18
CA THR J 248 -50.55 12.07 -61.49
C THR J 248 -50.08 12.29 -62.91
N SER J 249 -49.48 11.27 -63.52
CA SER J 249 -49.13 11.33 -64.93
C SER J 249 -50.33 11.33 -65.85
N ARG J 250 -51.54 11.26 -65.30
CA ARG J 250 -52.77 11.28 -66.10
C ARG J 250 -53.74 12.33 -65.60
N GLY J 251 -53.25 13.36 -64.93
CA GLY J 251 -54.06 14.50 -64.56
C GLY J 251 -54.59 14.47 -63.15
N PHE J 252 -54.73 13.30 -62.55
CA PHE J 252 -55.28 13.22 -61.21
C PHE J 252 -54.36 13.89 -60.20
N GLY J 253 -54.95 14.35 -59.11
CA GLY J 253 -54.19 15.01 -58.08
C GLY J 253 -53.49 16.28 -58.52
N SER J 254 -53.90 16.87 -59.64
CA SER J 254 -53.25 18.06 -60.14
C SER J 254 -53.34 19.20 -59.15
N LEU J 255 -52.24 19.91 -58.97
CA LEU J 255 -52.13 20.95 -57.97
C LEU J 255 -52.34 22.33 -58.59
N SER J 256 -52.86 23.25 -57.79
CA SER J 256 -53.04 24.63 -58.19
C SER J 256 -52.42 25.55 -57.14
N ILE J 257 -52.63 26.85 -57.27
CA ILE J 257 -52.15 27.82 -56.29
C ILE J 257 -53.29 28.78 -55.98
N ILE J 258 -53.67 28.86 -54.71
CA ILE J 258 -54.73 29.77 -54.31
C ILE J 258 -54.16 31.09 -53.80
N ASP J 259 -53.17 31.04 -52.92
CA ASP J 259 -52.48 32.25 -52.48
C ASP J 259 -51.18 31.85 -51.79
N VAL J 260 -50.11 32.55 -52.13
CA VAL J 260 -48.78 32.26 -51.62
C VAL J 260 -48.34 33.40 -50.72
N LYS J 261 -47.99 33.09 -49.48
CA LYS J 261 -47.36 34.03 -48.58
C LYS J 261 -45.90 33.65 -48.40
N CYS J 262 -45.13 34.55 -47.81
CA CYS J 262 -43.77 34.25 -47.43
C CYS J 262 -43.39 35.06 -46.21
N TYR J 263 -42.29 34.66 -45.57
CA TYR J 263 -41.90 35.26 -44.30
C TYR J 263 -40.40 35.52 -44.21
N ASP J 264 -39.65 35.31 -45.29
CA ASP J 264 -38.23 35.65 -45.33
C ASP J 264 -37.95 36.19 -46.74
N ASN J 265 -38.05 37.52 -46.88
CA ASN J 265 -37.93 38.13 -48.20
C ASN J 265 -36.57 37.86 -48.84
N SER J 266 -35.54 37.67 -48.02
CA SER J 266 -34.18 37.53 -48.53
C SER J 266 -33.96 36.27 -49.34
N ILE J 267 -34.90 35.33 -49.30
CA ILE J 267 -34.72 34.03 -49.96
C ILE J 267 -35.87 33.79 -50.92
N CYS J 268 -37.09 33.88 -50.41
CA CYS J 268 -38.29 33.57 -51.17
C CYS J 268 -38.66 34.63 -52.19
N LYS J 269 -37.87 35.70 -52.29
CA LYS J 269 -38.29 36.89 -53.03
C LYS J 269 -38.79 36.54 -54.42
N LYS J 270 -37.91 36.00 -55.26
CA LYS J 270 -38.32 35.67 -56.62
C LYS J 270 -39.32 34.53 -56.64
N ILE J 271 -39.22 33.61 -55.67
CA ILE J 271 -40.08 32.43 -55.69
C ILE J 271 -41.54 32.82 -55.50
N GLU J 272 -41.83 33.62 -54.48
CA GLU J 272 -43.20 34.06 -54.27
C GLU J 272 -43.70 34.89 -55.44
N ASP J 273 -42.83 35.73 -56.00
CA ASP J 273 -43.21 36.54 -57.16
C ASP J 273 -43.54 35.66 -58.35
N LEU J 274 -42.64 34.75 -58.71
CA LEU J 274 -42.94 33.81 -59.78
C LEU J 274 -44.16 32.96 -59.45
N ALA J 275 -44.41 32.73 -58.16
CA ALA J 275 -45.61 32.01 -57.77
C ALA J 275 -46.83 32.92 -57.75
N LYS J 276 -46.63 34.21 -57.51
CA LYS J 276 -47.74 35.15 -57.56
C LYS J 276 -48.35 35.25 -58.94
N ASN J 277 -47.60 34.90 -59.99
CA ASN J 277 -48.04 35.07 -61.36
C ASN J 277 -49.01 33.99 -61.82
N PHE J 278 -49.57 33.20 -60.91
CA PHE J 278 -50.51 32.15 -61.30
C PHE J 278 -51.86 32.29 -60.61
N LEU J 279 -52.06 33.30 -59.77
CA LEU J 279 -53.34 33.48 -59.11
C LEU J 279 -54.39 34.03 -60.06
N LYS J 280 -53.99 34.64 -61.17
CA LYS J 280 -54.91 35.30 -62.08
C LYS J 280 -54.57 34.99 -63.54
N ILE J 281 -54.28 33.73 -63.84
CA ILE J 281 -54.10 33.33 -65.23
C ILE J 281 -55.38 33.61 -66.00
N SER J 282 -55.24 34.12 -67.23
CA SER J 282 -56.39 34.59 -67.98
C SER J 282 -56.40 34.15 -69.44
N SER J 283 -55.45 33.36 -69.89
CA SER J 283 -55.41 32.94 -71.30
C SER J 283 -54.51 31.73 -71.44
N GLY J 284 -54.92 30.80 -72.30
CA GLY J 284 -54.20 29.57 -72.53
C GLY J 284 -52.73 29.78 -72.90
N ASN J 285 -52.48 30.38 -74.05
CA ASN J 285 -51.12 30.67 -74.47
C ASN J 285 -50.46 31.74 -73.61
N GLU J 286 -51.21 32.44 -72.76
CA GLU J 286 -50.60 33.34 -71.79
C GLU J 286 -49.91 32.56 -70.68
N LEU J 287 -50.50 31.44 -70.28
CA LEU J 287 -49.85 30.56 -69.31
C LEU J 287 -48.71 29.78 -69.95
N LYS J 288 -48.88 29.41 -71.23
CA LYS J 288 -47.78 28.81 -71.98
C LYS J 288 -46.55 29.71 -71.96
N SER J 289 -46.76 31.02 -71.87
CA SER J 289 -45.64 31.93 -71.67
C SER J 289 -45.11 31.84 -70.24
N LYS J 290 -46.03 31.79 -69.26
CA LYS J 290 -45.59 31.72 -67.87
C LYS J 290 -44.87 30.42 -67.57
N ILE J 291 -45.40 29.30 -68.10
CA ILE J 291 -44.70 28.02 -67.96
C ILE J 291 -43.27 28.15 -68.44
N GLU J 292 -43.06 28.86 -69.56
CA GLU J 292 -41.71 29.09 -70.05
C GLU J 292 -41.03 30.22 -69.30
N SER J 293 -41.79 31.17 -68.77
CA SER J 293 -41.19 32.26 -67.99
C SER J 293 -40.56 31.72 -66.71
N ILE J 294 -41.27 30.83 -66.03
CA ILE J 294 -40.73 30.24 -64.80
C ILE J 294 -39.51 29.39 -65.12
N LEU J 295 -39.55 28.68 -66.25
CA LEU J 295 -38.52 27.70 -66.55
C LEU J 295 -37.21 28.38 -66.88
N ASP J 296 -37.23 29.40 -67.74
CA ASP J 296 -36.01 30.02 -68.20
C ASP J 296 -35.32 30.80 -67.09
N CYS J 297 -36.08 31.37 -66.16
CA CYS J 297 -35.49 32.04 -65.00
C CYS J 297 -34.73 31.07 -64.11
N ILE J 298 -34.83 29.77 -64.35
CA ILE J 298 -34.06 28.76 -63.64
C ILE J 298 -32.88 28.37 -64.52
N LYS J 299 -33.06 28.54 -65.84
CA LYS J 299 -31.98 28.40 -66.81
C LYS J 299 -31.22 29.71 -66.90
N ASN J 300 -30.54 29.93 -68.03
CA ASN J 300 -29.55 30.99 -68.22
C ASN J 300 -29.90 32.33 -67.58
N SER J 301 -31.18 32.65 -67.46
CA SER J 301 -31.59 33.87 -66.77
C SER J 301 -31.64 33.63 -65.27
N CYS J 302 -31.07 34.57 -64.51
CA CYS J 302 -30.96 34.45 -63.06
C CYS J 302 -30.38 33.09 -62.65
N ILE J 303 -29.14 32.82 -63.04
CA ILE J 303 -28.53 31.51 -62.83
C ILE J 303 -28.18 31.35 -61.36
N ASP J 304 -28.96 30.52 -60.65
CA ASP J 304 -28.87 30.43 -59.20
C ASP J 304 -27.60 29.69 -58.81
N THR J 305 -26.47 30.38 -59.01
CA THR J 305 -25.15 30.09 -58.48
C THR J 305 -24.49 28.87 -59.14
N LEU J 306 -25.29 28.04 -59.81
CA LEU J 306 -24.83 27.01 -60.76
C LEU J 306 -23.45 26.45 -60.42
N TYR J 307 -23.27 26.05 -59.17
CA TYR J 307 -22.00 25.44 -58.79
C TYR J 307 -22.02 23.94 -59.02
N ILE J 308 -21.83 23.56 -60.29
CA ILE J 308 -21.73 22.17 -60.68
C ILE J 308 -20.30 21.66 -60.49
N GLU J 309 -19.33 22.58 -60.47
CA GLU J 309 -17.92 22.23 -60.31
C GLU J 309 -17.65 21.85 -58.85
N ASN J 310 -18.16 20.68 -58.48
CA ASN J 310 -18.00 20.17 -57.14
C ASN J 310 -17.84 18.66 -57.21
N ASN J 311 -17.01 18.11 -56.32
CA ASN J 311 -16.72 16.69 -56.34
C ASN J 311 -17.74 15.90 -55.52
N ILE J 312 -19.02 16.12 -55.80
CA ILE J 312 -20.10 15.36 -55.18
C ILE J 312 -20.86 14.63 -56.28
N LEU J 313 -20.93 15.24 -57.45
CA LEU J 313 -21.75 14.71 -58.53
C LEU J 313 -21.08 13.50 -59.17
N SER J 314 -21.80 12.88 -60.10
CA SER J 314 -21.30 11.70 -60.80
C SER J 314 -22.05 11.56 -62.12
N GLU J 315 -21.34 11.68 -63.23
CA GLU J 315 -21.96 11.50 -64.53
C GLU J 315 -22.54 10.10 -64.65
N ILE J 316 -23.67 9.99 -65.33
CA ILE J 316 -24.38 8.73 -65.44
C ILE J 316 -23.73 7.87 -66.52
N ASP J 317 -24.10 6.59 -66.56
CA ASP J 317 -23.77 5.73 -67.68
C ASP J 317 -25.02 5.55 -68.51
N PRO J 318 -25.06 6.04 -69.75
CA PRO J 318 -26.31 6.01 -70.53
C PRO J 318 -26.80 4.60 -70.81
N LYS J 319 -25.92 3.61 -70.90
CA LYS J 319 -26.33 2.25 -71.17
C LYS J 319 -26.82 1.51 -69.94
N LYS J 320 -26.72 2.11 -68.75
CA LYS J 320 -27.16 1.46 -67.53
C LYS J 320 -27.88 2.37 -66.57
N ASN J 321 -28.11 3.63 -66.91
CA ASN J 321 -28.82 4.56 -66.06
C ASN J 321 -29.93 5.25 -66.85
N VAL J 322 -30.93 5.74 -66.12
CA VAL J 322 -32.05 6.46 -66.72
C VAL J 322 -32.32 7.71 -65.88
N VAL J 323 -32.51 8.83 -66.55
CA VAL J 323 -32.70 10.11 -65.87
C VAL J 323 -33.74 10.91 -66.62
N TYR J 324 -34.64 11.54 -65.88
CA TYR J 324 -35.70 12.34 -66.44
C TYR J 324 -35.40 13.82 -66.21
N PHE J 325 -35.50 14.61 -67.26
CA PHE J 325 -35.30 16.05 -67.13
C PHE J 325 -36.26 16.76 -68.07
N ILE J 326 -36.35 18.06 -67.92
CA ILE J 326 -37.39 18.85 -68.56
C ILE J 326 -36.88 19.36 -69.90
N ASN J 327 -37.53 18.93 -70.98
CA ASN J 327 -37.31 19.49 -72.31
C ASN J 327 -38.23 20.70 -72.45
N SER J 328 -37.65 21.90 -72.39
CA SER J 328 -38.39 23.15 -72.30
C SER J 328 -39.29 23.43 -73.49
N ASP J 329 -39.31 22.56 -74.48
CA ASP J 329 -40.01 22.81 -75.74
C ASP J 329 -41.35 22.09 -75.83
N LEU J 330 -41.41 20.85 -75.35
CA LEU J 330 -42.63 20.05 -75.40
C LEU J 330 -43.55 20.52 -74.28
N PHE J 331 -44.33 21.55 -74.55
CA PHE J 331 -45.27 22.08 -73.58
C PHE J 331 -46.46 22.67 -74.33
N GLU J 332 -47.66 22.38 -73.84
CA GLU J 332 -48.88 22.76 -74.54
C GLU J 332 -49.96 23.09 -73.51
N VAL J 333 -50.52 24.29 -73.61
CA VAL J 333 -51.53 24.76 -72.66
C VAL J 333 -52.80 25.05 -73.45
N LYS J 334 -53.77 24.16 -73.34
CA LYS J 334 -55.08 24.36 -73.91
C LYS J 334 -56.02 24.92 -72.85
N ARG J 335 -57.31 25.00 -73.18
CA ARG J 335 -58.32 25.42 -72.23
C ARG J 335 -59.45 24.39 -72.20
N ILE J 336 -60.05 24.24 -71.03
CA ILE J 336 -61.09 23.25 -70.80
C ILE J 336 -62.15 23.83 -69.88
N ASN J 337 -63.34 23.25 -69.94
CA ASN J 337 -64.43 23.64 -69.05
C ASN J 337 -65.15 22.45 -68.44
N ASP J 338 -64.77 21.23 -68.77
CA ASP J 338 -65.29 20.01 -68.14
C ASP J 338 -64.07 19.21 -67.70
N LYS J 339 -63.62 19.44 -66.46
CA LYS J 339 -62.49 18.69 -65.93
C LYS J 339 -62.75 17.20 -65.99
N GLU J 340 -63.94 16.77 -65.58
CA GLU J 340 -64.27 15.35 -65.57
C GLU J 340 -64.21 14.75 -66.96
N LYS J 341 -64.58 15.51 -67.98
CA LYS J 341 -64.56 14.99 -69.34
C LYS J 341 -63.14 14.70 -69.79
N VAL J 342 -62.26 15.70 -69.72
CA VAL J 342 -60.88 15.50 -70.13
C VAL J 342 -60.18 14.50 -69.22
N LEU J 343 -60.52 14.51 -67.93
CA LEU J 343 -59.95 13.54 -67.00
C LEU J 343 -60.26 12.13 -67.47
N ALA J 344 -61.43 11.92 -68.07
CA ALA J 344 -61.79 10.65 -68.68
C ALA J 344 -61.37 10.56 -70.14
N ASN J 345 -61.04 11.68 -70.77
CA ASN J 345 -60.61 11.66 -72.16
C ASN J 345 -59.17 11.20 -72.31
N ILE J 346 -58.32 11.46 -71.31
CA ILE J 346 -56.90 11.14 -71.42
C ILE J 346 -56.68 9.67 -71.77
N TYR J 347 -57.62 8.81 -71.41
CA TYR J 347 -57.53 7.42 -71.81
C TYR J 347 -57.54 7.28 -73.33
N LYS J 348 -58.23 8.18 -74.03
CA LYS J 348 -58.20 8.16 -75.49
C LYS J 348 -56.80 8.40 -76.05
N ALA J 349 -55.92 9.01 -75.28
CA ALA J 349 -54.62 9.45 -75.76
C ALA J 349 -53.45 8.58 -75.29
N VAL J 350 -53.68 7.62 -74.41
CA VAL J 350 -52.58 6.87 -73.83
C VAL J 350 -52.77 5.38 -74.07
N SER J 351 -53.95 4.99 -74.55
CA SER J 351 -54.23 3.59 -74.83
C SER J 351 -53.91 3.26 -76.27
N SER J 352 -53.40 2.04 -76.50
CA SER J 352 -53.01 1.65 -77.85
C SER J 352 -54.19 1.37 -78.76
N GLU J 353 -55.42 1.65 -78.32
CA GLU J 353 -56.58 1.55 -79.17
C GLU J 353 -57.54 2.72 -79.02
N GLY J 354 -57.25 3.70 -78.17
CA GLY J 354 -58.15 4.81 -77.97
C GLY J 354 -58.19 5.75 -79.15
N CYS J 355 -59.31 6.46 -79.27
CA CYS J 355 -59.57 7.26 -80.46
C CYS J 355 -58.90 8.63 -80.41
N CYS J 356 -57.61 8.65 -80.06
CA CYS J 356 -56.77 9.82 -80.31
C CYS J 356 -55.43 9.51 -80.94
N ILE J 357 -54.82 8.37 -80.66
CA ILE J 357 -53.58 7.99 -81.34
C ILE J 357 -53.79 6.94 -82.39
N LYS J 358 -54.99 6.39 -82.50
CA LYS J 358 -55.35 5.66 -83.71
C LYS J 358 -55.62 6.59 -84.87
N SER J 359 -55.54 7.90 -84.61
CA SER J 359 -55.63 8.92 -85.64
C SER J 359 -54.27 9.56 -85.91
N ILE J 360 -53.57 10.02 -84.86
CA ILE J 360 -52.32 10.73 -85.03
C ILE J 360 -51.25 9.79 -85.57
N ILE J 361 -50.92 8.77 -84.80
CA ILE J 361 -49.95 7.75 -85.24
C ILE J 361 -50.79 6.59 -85.77
N THR J 362 -51.11 6.66 -87.05
CA THR J 362 -52.10 5.76 -87.63
C THR J 362 -51.45 4.49 -88.17
N ASP J 363 -51.01 3.63 -87.25
CA ASP J 363 -50.65 2.26 -87.60
C ASP J 363 -50.66 1.41 -86.34
N LYS J 364 -50.11 0.20 -86.43
CA LYS J 364 -49.90 -0.60 -85.23
C LYS J 364 -48.58 -0.24 -84.56
N TYR J 365 -47.49 -0.31 -85.32
CA TYR J 365 -46.17 -0.37 -84.70
C TYR J 365 -45.65 0.99 -84.26
N VAL J 366 -45.67 2.00 -85.15
CA VAL J 366 -45.24 3.33 -84.73
C VAL J 366 -46.14 3.83 -83.61
N ARG J 367 -47.36 3.30 -83.52
CA ARG J 367 -48.26 3.63 -82.43
C ARG J 367 -47.78 3.03 -81.12
N LYS J 368 -47.69 1.70 -81.07
CA LYS J 368 -47.30 1.01 -79.85
C LYS J 368 -45.90 1.42 -79.42
N SER J 369 -44.93 1.31 -80.33
CA SER J 369 -43.54 1.65 -80.04
C SER J 369 -43.41 3.07 -79.49
N PHE J 370 -44.32 3.96 -79.90
CA PHE J 370 -44.35 5.29 -79.30
C PHE J 370 -44.72 5.21 -77.83
N LEU J 371 -45.79 4.49 -77.51
CA LEU J 371 -46.20 4.34 -76.12
C LEU J 371 -45.15 3.60 -75.31
N ILE J 372 -44.61 2.52 -75.88
CA ILE J 372 -43.57 1.74 -75.19
C ILE J 372 -42.44 2.64 -74.73
N ALA J 373 -42.12 3.67 -75.50
CA ALA J 373 -41.05 4.58 -75.13
C ALA J 373 -41.54 5.83 -74.39
N PHE J 374 -42.82 6.13 -74.44
CA PHE J 374 -43.33 7.35 -73.82
C PHE J 374 -44.42 7.10 -72.80
N GLY J 375 -45.34 6.18 -73.06
CA GLY J 375 -46.45 5.95 -72.15
C GLY J 375 -46.10 5.07 -70.98
N GLY J 376 -44.93 5.30 -70.38
CA GLY J 376 -44.53 4.47 -69.27
C GLY J 376 -44.30 3.04 -69.69
N TYR J 377 -44.60 2.12 -68.77
CA TYR J 377 -44.45 0.69 -69.03
C TYR J 377 -45.73 0.13 -69.59
N ARG J 378 -45.63 -0.58 -70.71
CA ARG J 378 -46.78 -1.18 -71.37
C ARG J 378 -46.63 -2.69 -71.35
N LYS J 379 -47.74 -3.38 -71.08
CA LYS J 379 -47.75 -4.84 -71.10
C LYS J 379 -47.70 -5.32 -72.54
N VAL J 380 -46.51 -5.62 -73.04
CA VAL J 380 -46.31 -6.12 -74.39
C VAL J 380 -45.90 -7.59 -74.29
N GLU J 381 -46.72 -8.46 -74.87
CA GLU J 381 -46.52 -9.90 -74.77
C GLU J 381 -45.76 -10.38 -76.00
N LYS J 382 -44.46 -10.63 -75.83
CA LYS J 382 -43.60 -11.06 -76.92
C LYS J 382 -43.70 -12.57 -77.16
N ASP J 383 -44.93 -13.04 -77.33
CA ASP J 383 -45.19 -14.43 -77.70
C ASP J 383 -45.82 -14.56 -79.07
N LYS J 384 -46.25 -13.46 -79.68
CA LYS J 384 -46.87 -13.45 -80.99
C LYS J 384 -45.78 -13.25 -82.05
N GLY J 385 -46.17 -12.90 -83.27
CA GLY J 385 -45.24 -12.90 -84.38
C GLY J 385 -44.30 -11.71 -84.42
N LEU J 386 -44.14 -11.13 -85.61
CA LEU J 386 -43.13 -10.08 -85.80
C LEU J 386 -43.39 -8.85 -84.94
N ASP J 387 -44.54 -8.78 -84.27
CA ASP J 387 -44.85 -7.59 -83.48
C ASP J 387 -44.16 -7.62 -82.12
N ILE J 388 -42.87 -7.94 -82.13
CA ILE J 388 -41.97 -7.61 -81.03
C ILE J 388 -40.72 -7.02 -81.67
N GLY J 389 -40.47 -7.39 -82.92
CA GLY J 389 -39.31 -6.92 -83.64
C GLY J 389 -39.64 -5.73 -84.50
N PHE J 390 -40.83 -5.75 -85.12
CA PHE J 390 -41.26 -4.61 -85.91
C PHE J 390 -41.57 -3.41 -85.04
N ILE J 391 -41.78 -3.62 -83.75
CA ILE J 391 -41.78 -2.48 -82.82
C ILE J 391 -40.36 -2.24 -82.30
N LYS J 392 -39.53 -3.29 -82.26
CA LYS J 392 -38.12 -3.12 -81.96
C LYS J 392 -37.43 -2.30 -83.04
N ASN J 393 -37.82 -2.54 -84.30
CA ASN J 393 -37.24 -1.84 -85.45
C ASN J 393 -37.46 -0.34 -85.36
N TYR J 394 -38.44 0.09 -84.55
CA TYR J 394 -38.61 1.50 -84.27
C TYR J 394 -37.82 1.98 -83.08
N LEU J 395 -37.40 1.07 -82.21
CA LEU J 395 -36.77 1.43 -80.95
C LEU J 395 -35.32 0.97 -80.86
N CYS J 396 -34.76 0.45 -81.94
CA CYS J 396 -33.35 0.10 -81.99
C CYS J 396 -32.48 1.31 -81.66
N GLU J 397 -31.24 1.04 -81.26
CA GLU J 397 -30.28 2.13 -81.10
C GLU J 397 -29.91 2.71 -82.46
N THR J 398 -29.57 1.84 -83.40
CA THR J 398 -29.32 2.28 -84.78
C THR J 398 -29.79 1.20 -85.73
N CYS J 399 -30.76 1.54 -86.56
CA CYS J 399 -31.27 0.68 -87.63
C CYS J 399 -32.08 1.54 -88.58
N GLU J 400 -32.83 0.89 -89.48
CA GLU J 400 -33.69 1.60 -90.41
C GLU J 400 -34.84 2.23 -89.64
N THR J 401 -34.78 3.55 -89.46
CA THR J 401 -35.78 4.30 -88.70
C THR J 401 -36.51 5.26 -89.61
N VAL J 402 -37.83 5.16 -89.63
CA VAL J 402 -38.65 6.21 -90.24
C VAL J 402 -39.05 7.26 -89.19
N SER J 403 -39.18 6.86 -87.93
CA SER J 403 -39.46 7.78 -86.84
C SER J 403 -38.37 7.67 -85.78
N SER J 404 -38.05 8.81 -85.16
CA SER J 404 -36.91 8.92 -84.27
C SER J 404 -37.31 8.52 -82.86
N PHE J 405 -37.33 7.22 -82.63
CA PHE J 405 -37.59 6.64 -81.31
C PHE J 405 -36.45 5.70 -80.93
N ASN J 406 -35.21 6.15 -81.10
CA ASN J 406 -34.07 5.29 -80.85
C ASN J 406 -33.59 5.42 -79.41
N ILE J 407 -33.26 4.28 -78.82
CA ILE J 407 -32.89 4.17 -77.42
C ILE J 407 -31.39 3.90 -77.33
N VAL J 408 -30.77 4.40 -76.25
CA VAL J 408 -29.32 4.66 -76.24
C VAL J 408 -28.51 3.39 -76.57
N ASP J 409 -28.95 2.23 -76.07
CA ASP J 409 -28.24 0.99 -76.35
C ASP J 409 -29.19 -0.14 -76.71
N PHE J 410 -30.38 0.18 -77.16
CA PHE J 410 -31.36 -0.83 -77.54
C PHE J 410 -30.91 -1.50 -78.83
N LEU J 411 -30.31 -2.68 -78.71
CA LEU J 411 -29.84 -3.41 -79.88
C LEU J 411 -30.83 -4.50 -80.25
N LEU J 412 -30.82 -4.87 -81.53
CA LEU J 412 -31.58 -6.01 -81.98
C LEU J 412 -30.74 -7.28 -81.88
N SER J 413 -31.41 -8.42 -82.05
CA SER J 413 -30.77 -9.74 -81.99
C SER J 413 -30.18 -10.04 -80.62
N GLU J 414 -30.37 -9.14 -79.66
CA GLU J 414 -29.87 -9.34 -78.30
C GLU J 414 -30.47 -8.27 -77.40
N GLY J 415 -30.39 -8.50 -76.10
CA GLY J 415 -30.93 -7.58 -75.13
C GLY J 415 -29.88 -6.97 -74.21
N SER J 416 -29.72 -5.65 -74.28
CA SER J 416 -28.87 -4.93 -73.35
C SER J 416 -29.69 -4.57 -72.11
N PHE J 417 -29.15 -3.69 -71.26
CA PHE J 417 -29.85 -3.31 -70.04
C PHE J 417 -31.13 -2.55 -70.35
N MET J 418 -31.07 -1.58 -71.26
CA MET J 418 -32.29 -0.86 -71.60
C MET J 418 -33.26 -1.73 -72.38
N SER J 419 -32.75 -2.73 -73.11
CA SER J 419 -33.63 -3.58 -73.89
C SER J 419 -34.65 -4.28 -73.01
N ASP J 420 -34.22 -4.77 -71.84
CA ASP J 420 -35.16 -5.34 -70.89
C ASP J 420 -35.91 -4.26 -70.13
N TYR J 421 -35.22 -3.20 -69.74
CA TYR J 421 -35.83 -2.15 -68.92
C TYR J 421 -37.02 -1.53 -69.63
N ILE J 422 -36.82 -1.03 -70.86
CA ILE J 422 -37.91 -0.43 -71.62
C ILE J 422 -38.99 -1.44 -71.98
N LEU J 423 -38.74 -2.73 -71.79
CA LEU J 423 -39.71 -3.75 -72.17
C LEU J 423 -40.27 -4.51 -70.98
N GLN J 424 -39.42 -4.96 -70.06
CA GLN J 424 -39.87 -5.75 -68.91
C GLN J 424 -39.35 -5.10 -67.63
N TYR J 425 -40.08 -4.09 -67.16
CA TYR J 425 -39.83 -3.51 -65.84
C TYR J 425 -41.13 -2.83 -65.41
N GLU J 426 -41.90 -3.50 -64.56
CA GLU J 426 -43.30 -3.12 -64.40
C GLU J 426 -43.49 -1.79 -63.70
N HIS J 427 -42.44 -1.05 -63.37
CA HIS J 427 -42.55 0.25 -62.72
C HIS J 427 -41.72 1.26 -63.49
N ARG J 428 -42.30 1.85 -64.55
CA ARG J 428 -41.63 2.87 -65.33
C ARG J 428 -42.60 4.03 -65.53
N ASN J 429 -42.24 5.19 -65.01
CA ASN J 429 -43.08 6.37 -65.15
C ASN J 429 -43.31 6.69 -66.62
N SER J 430 -44.32 7.52 -66.87
CA SER J 430 -44.68 7.92 -68.22
C SER J 430 -44.07 9.28 -68.53
N LEU J 431 -43.30 9.36 -69.60
CA LEU J 431 -42.76 10.64 -70.03
C LEU J 431 -43.85 11.57 -70.51
N LEU J 432 -44.91 11.04 -71.11
CA LEU J 432 -46.05 11.84 -71.53
C LEU J 432 -46.97 12.05 -70.34
N ARG J 433 -47.18 13.30 -69.96
CA ARG J 433 -47.90 13.64 -68.74
C ARG J 433 -48.93 14.72 -69.01
N PHE J 434 -49.91 14.81 -68.11
CA PHE J 434 -50.97 15.79 -68.21
C PHE J 434 -51.22 16.41 -66.85
N LYS J 435 -51.76 17.62 -66.83
CA LYS J 435 -52.04 18.30 -65.58
C LYS J 435 -53.05 19.40 -65.82
N LEU J 436 -54.11 19.44 -65.03
CA LEU J 436 -55.11 20.48 -65.11
C LEU J 436 -54.88 21.51 -64.01
N ILE J 437 -54.84 22.78 -64.39
CA ILE J 437 -54.41 23.85 -63.49
C ILE J 437 -55.31 25.05 -63.68
N SER J 438 -55.76 25.64 -62.56
CA SER J 438 -56.41 26.95 -62.55
C SER J 438 -56.77 27.32 -61.12
N ASP J 439 -57.05 28.61 -60.92
CA ASP J 439 -57.56 29.14 -59.66
C ASP J 439 -58.02 30.58 -59.81
N ASN J 440 -59.15 30.91 -59.17
CA ASN J 440 -59.65 32.28 -59.04
C ASN J 440 -60.20 32.83 -60.34
N SER J 441 -60.05 32.08 -61.43
CA SER J 441 -60.51 32.52 -62.73
C SER J 441 -61.54 31.60 -63.35
N ASN J 442 -61.74 30.41 -62.78
CA ASN J 442 -62.65 29.40 -63.32
C ASN J 442 -62.25 28.99 -64.73
N ASN J 443 -61.00 29.25 -65.12
CA ASN J 443 -60.52 29.00 -66.48
C ASN J 443 -59.53 27.86 -66.40
N SER J 444 -60.03 26.63 -66.45
CA SER J 444 -59.16 25.46 -66.35
C SER J 444 -58.35 25.28 -67.62
N TYR J 445 -57.05 25.08 -67.46
CA TYR J 445 -56.13 24.89 -68.58
C TYR J 445 -55.46 23.52 -68.46
N LEU J 446 -55.73 22.65 -69.42
CA LEU J 446 -54.97 21.41 -69.49
C LEU J 446 -53.54 21.71 -69.90
N ILE J 447 -52.60 20.97 -69.31
CA ILE J 447 -51.18 21.11 -69.63
C ILE J 447 -50.67 19.74 -70.05
N GLY J 448 -49.99 19.71 -71.18
CA GLY J 448 -49.37 18.48 -71.67
C GLY J 448 -47.90 18.72 -71.91
N TYR J 449 -47.08 17.73 -71.58
CA TYR J 449 -45.65 17.86 -71.78
C TYR J 449 -45.04 16.47 -71.83
N ILE J 450 -43.77 16.43 -72.21
CA ILE J 450 -43.01 15.20 -72.34
C ILE J 450 -41.70 15.39 -71.59
N LEU J 451 -41.50 14.63 -70.53
CA LEU J 451 -40.22 14.67 -69.84
C LEU J 451 -39.13 14.08 -70.71
N HIS J 452 -37.99 14.74 -70.76
CA HIS J 452 -36.86 14.28 -71.56
C HIS J 452 -36.09 13.23 -70.76
N SER J 453 -35.94 12.04 -71.33
CA SER J 453 -35.21 11.00 -70.64
C SER J 453 -33.78 10.94 -71.15
N SER J 454 -32.98 10.08 -70.52
CA SER J 454 -31.59 9.90 -70.88
C SER J 454 -31.37 8.68 -71.78
N TYR J 455 -32.29 7.72 -71.77
CA TYR J 455 -32.10 6.54 -72.59
C TYR J 455 -32.35 6.82 -74.06
N PHE J 456 -32.90 7.98 -74.40
CA PHE J 456 -33.17 8.31 -75.79
C PHE J 456 -31.87 8.65 -76.51
N LYS J 457 -31.62 7.95 -77.62
CA LYS J 457 -30.51 8.33 -78.49
C LYS J 457 -30.68 9.77 -78.95
N LYS J 458 -31.80 10.06 -79.60
CA LYS J 458 -32.20 11.42 -79.94
C LYS J 458 -33.65 11.37 -80.41
N ILE J 459 -34.36 12.48 -80.19
CA ILE J 459 -35.78 12.57 -80.52
C ILE J 459 -35.97 13.74 -81.48
N ASP J 460 -36.70 13.50 -82.57
CA ASP J 460 -37.12 14.59 -83.44
C ASP J 460 -38.11 15.44 -82.68
N ILE J 461 -37.69 16.67 -82.33
CA ILE J 461 -38.46 17.51 -81.43
C ILE J 461 -39.82 17.82 -82.04
N LYS J 462 -39.84 18.50 -83.18
CA LYS J 462 -41.08 19.06 -83.69
C LYS J 462 -42.05 17.97 -84.12
N TYR J 463 -41.56 16.83 -84.61
CA TYR J 463 -42.44 15.73 -84.96
C TYR J 463 -43.22 15.25 -83.74
N VAL J 464 -42.51 14.73 -82.73
CA VAL J 464 -43.17 14.26 -81.52
C VAL J 464 -43.83 15.40 -80.77
N ARG J 465 -43.51 16.65 -81.11
CA ARG J 465 -44.25 17.76 -80.53
C ARG J 465 -45.64 17.86 -81.14
N CYS J 466 -45.73 17.83 -82.47
CA CYS J 466 -47.04 17.97 -83.08
C CYS J 466 -47.79 16.64 -83.07
N ILE J 467 -47.13 15.57 -82.62
CA ILE J 467 -47.87 14.43 -82.11
C ILE J 467 -48.55 14.81 -80.81
N LEU J 468 -47.76 15.34 -79.87
CA LEU J 468 -48.31 15.86 -78.62
C LEU J 468 -49.29 16.98 -78.86
N GLU J 469 -49.10 17.76 -79.94
CA GLU J 469 -50.02 18.86 -80.22
C GLU J 469 -51.41 18.34 -80.55
N LYS J 470 -51.51 17.45 -81.53
CA LYS J 470 -52.80 16.85 -81.84
C LYS J 470 -53.34 16.06 -80.65
N LEU J 471 -52.45 15.52 -79.82
CA LEU J 471 -52.87 14.82 -78.62
C LEU J 471 -53.70 15.73 -77.71
N THR J 472 -53.10 16.82 -77.25
CA THR J 472 -53.80 17.76 -76.38
C THR J 472 -55.01 18.40 -77.04
N TYR J 473 -55.22 18.18 -78.33
CA TYR J 473 -56.35 18.79 -79.02
C TYR J 473 -57.60 17.93 -78.92
N CYS J 474 -57.46 16.64 -79.23
CA CYS J 474 -58.59 15.71 -79.14
C CYS J 474 -58.80 15.17 -77.74
N VAL J 475 -57.93 15.51 -76.79
CA VAL J 475 -58.18 15.16 -75.39
C VAL J 475 -59.27 16.04 -74.80
N ILE J 476 -59.72 17.05 -75.54
CA ILE J 476 -60.83 17.88 -75.12
C ILE J 476 -62.01 17.62 -76.05
N GLU K 9 63.23 24.26 77.30
CA GLU K 9 62.42 25.47 77.39
C GLU K 9 60.94 25.11 77.45
N PHE K 10 60.26 25.64 78.48
CA PHE K 10 58.84 25.37 78.71
C PHE K 10 58.05 26.44 77.98
N LEU K 11 57.66 26.16 76.74
CA LEU K 11 56.85 27.12 76.00
C LEU K 11 55.38 26.97 76.34
N ASP K 12 54.74 25.88 75.92
CA ASP K 12 53.34 25.55 76.20
C ASP K 12 52.42 26.76 76.15
N TYR K 13 52.67 27.70 75.24
CA TYR K 13 51.89 28.92 75.12
C TYR K 13 50.79 28.81 74.07
N LYS K 14 50.45 27.60 73.66
CA LYS K 14 49.41 27.41 72.66
C LYS K 14 48.01 27.42 73.26
N ILE K 15 47.87 27.10 74.56
CA ILE K 15 46.57 27.23 75.20
C ILE K 15 46.14 28.69 75.27
N ILE K 16 47.10 29.60 75.39
CA ILE K 16 46.78 31.02 75.27
C ILE K 16 46.24 31.32 73.89
N ALA K 17 46.69 30.57 72.88
CA ALA K 17 46.20 30.76 71.52
C ALA K 17 44.88 30.03 71.29
N LEU K 18 44.74 28.82 71.85
CA LEU K 18 43.51 28.06 71.63
C LEU K 18 42.30 28.68 72.30
N LEU K 19 42.49 29.67 73.18
CA LEU K 19 41.38 30.36 73.82
C LEU K 19 41.44 31.88 73.64
N HIS K 20 42.40 32.40 72.87
CA HIS K 20 42.53 33.84 72.71
C HIS K 20 41.25 34.50 72.19
N ASP K 21 40.39 33.72 71.56
CA ASP K 21 39.13 34.22 71.03
C ASP K 21 38.03 33.22 71.35
N PRO K 22 37.13 33.54 72.27
CA PRO K 22 36.17 32.54 72.75
C PRO K 22 35.21 32.16 71.65
N PRO K 23 34.55 31.01 71.77
CA PRO K 23 33.54 30.63 70.77
C PRO K 23 32.25 31.41 70.97
N ASN K 24 32.38 32.70 71.24
CA ASN K 24 31.25 33.60 71.42
C ASN K 24 31.53 34.95 70.78
N LYS K 25 32.57 35.06 69.97
CA LYS K 25 33.03 36.35 69.48
C LYS K 25 31.91 37.11 68.78
N ALA K 26 31.33 36.51 67.74
CA ALA K 26 30.37 37.23 66.91
C ALA K 26 29.15 37.71 67.69
N TRP K 27 28.85 37.09 68.82
CA TRP K 27 27.80 37.61 69.68
C TRP K 27 28.34 38.62 70.69
N VAL K 28 29.57 38.43 71.16
CA VAL K 28 30.18 39.43 72.02
C VAL K 28 30.66 40.62 71.22
N ILE K 29 31.23 40.38 70.04
CA ILE K 29 31.65 41.46 69.16
C ILE K 29 30.41 41.94 68.40
N THR K 30 30.26 43.25 68.31
CA THR K 30 29.02 43.86 67.82
C THR K 30 27.83 43.24 68.54
N GLY K 31 27.84 43.44 69.86
CA GLY K 31 27.09 42.63 70.81
C GLY K 31 25.62 42.38 70.61
N ARG K 32 25.19 41.15 70.90
CA ARG K 32 23.79 40.77 70.95
C ARG K 32 23.22 40.78 72.37
N ALA K 33 23.85 40.04 73.27
CA ALA K 33 23.47 40.04 74.67
C ALA K 33 24.14 41.19 75.43
N ARG K 34 25.45 41.34 75.22
CA ARG K 34 26.25 42.45 75.73
C ARG K 34 26.20 42.58 77.26
N ASN K 35 25.64 41.60 77.96
CA ASN K 35 25.59 41.64 79.41
C ASN K 35 26.46 40.60 80.09
N LEU K 36 26.84 39.52 79.40
CA LEU K 36 27.82 38.62 79.98
C LEU K 36 29.21 39.23 80.02
N THR K 37 29.43 40.27 79.22
CA THR K 37 30.57 41.17 79.43
C THR K 37 30.28 42.20 80.49
N GLN K 38 29.01 42.52 80.73
CA GLN K 38 28.65 43.36 81.86
C GLN K 38 28.78 42.57 83.17
N GLN K 39 28.18 41.38 83.23
CA GLN K 39 28.12 40.66 84.48
C GLN K 39 29.41 39.90 84.77
N LEU K 40 30.54 40.56 84.58
CA LEU K 40 31.76 40.24 85.31
C LEU K 40 32.56 41.48 85.73
N SER K 41 32.38 42.62 85.08
CA SER K 41 33.20 43.79 85.29
C SER K 41 32.46 45.06 84.89
N ARG K 47 38.97 47.41 74.74
CA ARG K 47 38.82 46.00 74.39
C ARG K 47 37.56 45.42 75.05
N LYS K 48 36.79 44.67 74.27
CA LYS K 48 35.52 44.12 74.73
C LYS K 48 35.48 42.60 74.66
N HIS K 49 35.82 42.02 73.51
CA HIS K 49 35.76 40.57 73.35
C HIS K 49 36.94 39.85 73.98
N GLU K 50 38.06 40.54 74.22
CA GLU K 50 39.16 39.90 74.93
C GLU K 50 38.84 39.74 76.41
N LYS K 51 37.91 40.54 76.94
CA LYS K 51 37.52 40.40 78.34
C LYS K 51 36.81 39.07 78.56
N VAL K 52 35.78 38.78 77.77
CA VAL K 52 35.16 37.47 77.84
C VAL K 52 36.13 36.38 77.41
N ALA K 53 37.15 36.75 76.65
CA ALA K 53 38.22 35.81 76.34
C ALA K 53 39.12 35.58 77.53
N LYS K 54 39.40 36.64 78.29
CA LYS K 54 40.27 36.51 79.46
C LYS K 54 39.56 35.81 80.60
N TYR K 55 38.27 36.11 80.79
CA TYR K 55 37.55 35.55 81.94
C TYR K 55 37.51 34.04 81.90
N ILE K 56 37.27 33.45 80.72
CA ILE K 56 37.19 32.01 80.62
C ILE K 56 38.55 31.35 80.82
N ILE K 57 39.63 32.14 80.76
CA ILE K 57 40.96 31.61 81.10
C ILE K 57 41.11 31.79 82.61
N ASN K 58 40.57 30.83 83.34
CA ASN K 58 40.67 30.80 84.79
C ASN K 58 41.36 29.57 85.32
N GLN K 59 41.67 28.60 84.46
CA GLN K 59 42.36 27.39 84.92
C GLN K 59 43.81 27.67 85.27
N LEU K 60 44.50 28.45 84.45
CA LEU K 60 45.96 28.56 84.54
C LEU K 60 46.38 29.93 84.05
N PHE K 61 47.65 30.04 83.65
CA PHE K 61 48.26 31.25 83.11
C PHE K 61 47.30 32.04 82.22
N GLY K 62 47.28 33.35 82.42
CA GLY K 62 46.40 34.23 81.68
C GLY K 62 46.97 34.70 80.37
N LYS K 63 46.18 35.51 79.66
CA LYS K 63 46.49 35.89 78.30
C LYS K 63 47.63 36.89 78.24
N ASN K 64 48.57 36.68 77.31
CA ASN K 64 49.69 37.58 77.12
C ASN K 64 49.41 38.51 75.94
N TYR K 65 49.40 39.82 76.22
CA TYR K 65 49.18 40.83 75.19
C TYR K 65 50.48 41.21 74.49
N SER K 66 51.15 40.18 73.98
CA SER K 66 52.47 40.30 73.36
C SER K 66 52.55 39.24 72.28
N GLU K 67 53.78 38.89 71.89
CA GLU K 67 53.98 37.96 70.79
C GLU K 67 53.53 36.56 71.20
N LYS K 68 52.22 36.42 71.44
CA LYS K 68 51.60 35.12 71.67
C LYS K 68 50.30 34.93 70.92
N VAL K 69 49.60 36.00 70.56
CA VAL K 69 48.42 35.89 69.69
C VAL K 69 48.59 36.81 68.49
N ASP K 70 49.03 38.04 68.76
CA ASP K 70 49.04 39.11 67.76
C ASP K 70 49.64 38.64 66.44
N ASN K 71 50.89 38.21 66.46
CA ASN K 71 51.54 37.80 65.23
C ASN K 71 51.00 36.46 64.74
N ALA K 72 50.67 35.57 65.66
CA ALA K 72 50.12 34.27 65.26
C ALA K 72 48.75 34.42 64.63
N ASP K 73 47.87 35.22 65.25
CA ASP K 73 46.55 35.44 64.71
C ASP K 73 46.59 36.12 63.34
N LYS K 74 47.69 36.80 63.02
CA LYS K 74 47.79 37.44 61.72
C LYS K 74 48.10 36.43 60.63
N LEU K 75 49.11 35.60 60.84
CA LEU K 75 49.50 34.59 59.87
C LEU K 75 48.61 33.36 59.90
N ALA K 76 47.73 33.24 60.90
CA ALA K 76 46.85 32.08 60.97
C ALA K 76 45.91 32.02 59.79
N SER K 77 45.23 33.13 59.51
CA SER K 77 44.21 33.17 58.47
C SER K 77 44.42 34.41 57.60
N SER K 78 43.87 34.36 56.40
CA SER K 78 43.98 35.48 55.48
C SER K 78 42.94 36.56 55.74
N ILE K 79 42.25 36.51 56.87
CA ILE K 79 41.23 37.51 57.18
C ILE K 79 41.90 38.76 57.74
N ASP K 80 43.22 38.77 57.72
CA ASP K 80 43.95 40.01 57.98
C ASP K 80 44.43 40.65 56.70
N ARG K 81 44.52 39.87 55.62
CA ARG K 81 44.83 40.43 54.31
C ARG K 81 43.57 40.81 53.56
N TYR K 82 42.58 39.91 53.54
CA TYR K 82 41.34 40.16 52.82
C TYR K 82 40.70 41.47 53.25
N LEU K 83 40.36 41.58 54.52
CA LEU K 83 39.64 42.73 55.05
C LEU K 83 40.56 43.67 55.82
N GLY K 84 41.79 43.84 55.34
CA GLY K 84 42.68 44.84 55.89
C GLY K 84 43.30 44.45 57.21
N SER K 85 44.48 45.01 57.50
CA SER K 85 45.20 44.63 58.71
C SER K 85 44.69 45.38 59.93
N ILE K 86 44.41 46.67 59.79
CA ILE K 86 44.06 47.47 60.96
C ILE K 86 42.56 47.46 61.24
N VAL K 87 41.73 47.23 60.21
CA VAL K 87 40.30 47.12 60.43
C VAL K 87 39.91 45.70 60.84
N TYR K 88 40.79 44.72 60.62
CA TYR K 88 40.59 43.40 61.22
C TYR K 88 40.61 43.50 62.74
N LYS K 89 41.66 44.11 63.28
CA LYS K 89 41.82 44.27 64.73
C LYS K 89 41.00 45.41 65.29
N GLU K 90 39.98 45.86 64.56
CA GLU K 90 39.28 47.08 64.90
C GLU K 90 37.81 46.88 65.29
N ARG K 91 37.15 45.87 64.72
CA ARG K 91 35.76 45.49 65.06
C ARG K 91 34.79 46.62 64.81
N SER K 92 35.32 47.74 64.33
CA SER K 92 34.65 49.01 64.12
C SER K 92 34.11 49.10 62.70
N LEU K 93 34.15 50.32 62.18
CA LEU K 93 33.40 50.86 61.05
C LEU K 93 32.85 49.88 60.02
N PHE K 94 33.63 48.89 59.57
CA PHE K 94 33.05 47.92 58.66
C PHE K 94 32.23 46.91 59.45
N GLU K 95 31.26 47.42 60.20
CA GLU K 95 30.41 46.58 61.01
C GLU K 95 29.35 45.89 60.16
N ASN K 96 28.76 44.84 60.72
CA ASN K 96 27.56 44.24 60.18
C ASN K 96 26.92 43.41 61.28
N ARG K 97 25.72 43.82 61.69
CA ARG K 97 25.04 43.19 62.82
C ARG K 97 24.18 42.02 62.35
N SER K 98 24.82 41.11 61.62
CA SER K 98 24.16 39.88 61.16
C SER K 98 25.22 38.80 61.03
N ILE K 99 25.11 37.77 61.88
CA ILE K 99 26.09 36.69 61.93
C ILE K 99 25.72 35.61 60.93
N PHE K 100 26.17 35.76 59.70
CA PHE K 100 26.13 34.68 58.73
C PHE K 100 27.39 33.84 58.87
N LEU K 101 27.29 32.58 58.44
CA LEU K 101 28.44 31.68 58.40
C LEU K 101 28.58 31.18 56.97
N LYS K 102 29.63 31.63 56.29
CA LYS K 102 29.82 31.31 54.89
C LYS K 102 30.74 30.12 54.73
N ASN K 103 30.45 29.29 53.74
CA ASN K 103 31.36 28.20 53.40
C ASN K 103 32.73 28.77 53.04
N ILE K 104 33.74 27.92 53.07
CA ILE K 104 35.09 28.39 52.76
C ILE K 104 35.45 28.14 51.31
N LEU K 105 34.98 27.03 50.73
CA LEU K 105 35.24 26.76 49.33
C LEU K 105 34.29 27.55 48.44
N LEU K 106 33.00 27.49 48.74
CA LEU K 106 32.02 28.37 48.12
C LEU K 106 31.74 29.57 49.01
N SER K 107 31.15 30.58 48.39
CA SER K 107 30.72 31.76 49.11
C SER K 107 29.28 32.13 48.84
N ASN K 108 28.64 31.51 47.86
CA ASN K 108 27.21 31.69 47.62
C ASN K 108 26.35 30.84 48.54
N ILE K 109 26.96 30.11 49.47
CA ILE K 109 26.23 29.32 50.45
C ILE K 109 26.53 29.86 51.84
N GLN K 110 25.49 30.09 52.61
CA GLN K 110 25.64 30.57 53.98
C GLN K 110 24.59 29.91 54.86
N ARG K 111 24.90 29.86 56.15
CA ARG K 111 23.91 29.57 57.18
C ARG K 111 23.70 30.85 57.98
N ASP K 112 22.72 30.83 58.86
CA ASP K 112 22.44 32.00 59.68
C ASP K 112 22.41 31.58 61.14
N ILE K 113 23.07 32.37 61.99
CA ILE K 113 23.60 31.91 63.27
C ILE K 113 23.00 32.73 64.41
N GLY K 114 21.72 33.08 64.30
CA GLY K 114 21.13 34.12 65.13
C GLY K 114 21.46 34.16 66.61
N ASN K 115 21.00 33.19 67.41
CA ASN K 115 21.35 33.21 68.83
C ASN K 115 21.18 31.81 69.44
N LEU K 116 22.29 31.10 69.59
CA LEU K 116 22.43 29.99 70.55
C LEU K 116 23.86 30.05 71.08
N PHE K 117 24.00 30.53 72.32
CA PHE K 117 25.31 30.77 72.90
C PHE K 117 25.11 31.10 74.36
N PRO K 118 26.15 30.95 75.18
CA PRO K 118 26.06 31.45 76.56
C PRO K 118 25.87 32.95 76.58
N LYS K 119 24.70 33.41 77.01
CA LYS K 119 24.34 34.82 76.97
C LYS K 119 24.58 35.54 78.29
N ASP K 120 24.43 34.84 79.41
CA ASP K 120 24.70 35.39 80.73
C ASP K 120 25.76 34.54 81.42
N LYS K 121 26.37 35.09 82.47
CA LYS K 121 27.29 34.30 83.27
C LYS K 121 26.57 33.12 83.92
N SER K 122 25.27 33.25 84.15
CA SER K 122 24.49 32.10 84.62
C SER K 122 24.62 30.93 83.66
N LYS K 123 24.56 31.20 82.36
CA LYS K 123 24.76 30.19 81.34
C LYS K 123 26.21 30.05 80.90
N LEU K 124 27.03 31.09 81.07
CA LEU K 124 28.41 31.03 80.62
C LEU K 124 29.21 30.03 81.45
N ASP K 125 29.19 30.20 82.77
CA ASP K 125 29.90 29.28 83.66
C ASP K 125 29.28 27.89 83.68
N ASN K 126 28.13 27.70 83.03
CA ASN K 126 27.51 26.38 83.01
C ASN K 126 28.37 25.38 82.25
N LEU K 127 29.18 25.84 81.30
CA LEU K 127 30.09 24.98 80.58
C LEU K 127 31.52 25.05 81.11
N ILE K 128 31.91 26.16 81.72
CA ILE K 128 33.24 26.24 82.33
C ILE K 128 33.36 25.21 83.46
N LEU K 129 32.26 24.94 84.16
CA LEU K 129 32.27 23.86 85.13
C LEU K 129 32.42 22.50 84.44
N GLU K 130 31.97 22.39 83.18
CA GLU K 130 32.15 21.14 82.45
C GLU K 130 33.57 21.02 81.90
N TYR K 131 34.12 22.11 81.35
CA TYR K 131 35.53 22.11 80.97
C TYR K 131 36.41 21.73 82.15
N LYS K 132 36.16 22.32 83.31
CA LYS K 132 37.01 22.07 84.47
C LYS K 132 36.78 20.68 85.04
N LYS K 133 35.52 20.24 85.12
CA LYS K 133 35.24 18.90 85.63
C LYS K 133 35.77 17.80 84.73
N LEU K 134 36.28 18.14 83.55
CA LEU K 134 36.94 17.18 82.68
C LEU K 134 38.45 17.22 82.79
N LEU K 135 39.02 18.39 83.08
CA LEU K 135 40.46 18.54 83.27
C LEU K 135 40.86 18.57 84.74
N ASN K 136 39.88 18.53 85.65
CA ASN K 136 40.19 18.45 87.08
C ASN K 136 40.82 17.13 87.46
N VAL K 137 40.71 16.11 86.61
CA VAL K 137 41.23 14.78 86.92
C VAL K 137 42.70 14.63 86.52
N ILE K 138 43.20 15.48 85.65
CA ILE K 138 44.61 15.43 85.26
C ILE K 138 45.44 16.14 86.31
N ASN K 139 46.49 15.46 86.78
CA ASN K 139 47.41 16.10 87.71
C ASN K 139 48.01 17.34 87.09
N LYS K 140 48.02 18.44 87.85
CA LYS K 140 48.40 19.73 87.30
C LYS K 140 49.83 19.75 86.79
N THR K 141 50.67 18.82 87.25
CA THR K 141 52.02 18.72 86.69
C THR K 141 52.02 18.15 85.28
N ASN K 142 50.96 17.44 84.89
CA ASN K 142 50.88 16.81 83.58
C ASN K 142 50.10 17.70 82.63
N LEU K 143 50.69 18.85 82.32
CA LEU K 143 50.02 19.81 81.44
C LEU K 143 49.79 19.23 80.05
N ILE K 144 50.62 18.29 79.62
CA ILE K 144 50.50 17.75 78.27
C ILE K 144 49.20 16.97 78.12
N LEU K 145 48.67 16.41 79.20
CA LEU K 145 47.35 15.81 79.15
C LEU K 145 46.25 16.85 79.21
N LYS K 146 46.49 17.96 79.90
CA LYS K 146 45.51 19.04 79.92
C LYS K 146 45.31 19.62 78.52
N TYR K 147 46.40 19.79 77.77
CA TYR K 147 46.28 20.31 76.43
C TYR K 147 45.70 19.26 75.48
N GLN K 148 46.23 18.04 75.52
CA GLN K 148 45.76 16.99 74.64
C GLN K 148 44.26 16.76 74.81
N LEU K 149 43.81 16.61 76.05
CA LEU K 149 42.40 16.39 76.30
C LEU K 149 41.56 17.57 75.85
N PHE K 150 41.92 18.77 76.29
CA PHE K 150 41.17 19.96 75.92
C PHE K 150 41.15 20.15 74.41
N TYR K 151 42.24 19.77 73.73
CA TYR K 151 42.32 19.93 72.29
C TYR K 151 41.15 19.26 71.59
N LEU K 152 40.86 18.01 71.96
CA LEU K 152 39.81 17.26 71.29
C LEU K 152 38.42 17.63 71.82
N ILE K 153 38.29 17.83 73.14
CA ILE K 153 36.98 18.06 73.73
C ILE K 153 36.57 19.52 73.71
N TYR K 154 37.41 20.42 73.18
CA TYR K 154 37.04 21.83 73.13
C TYR K 154 35.72 22.02 72.40
N GLU K 155 35.69 21.68 71.12
CA GLU K 155 34.47 21.83 70.34
C GLU K 155 33.46 20.74 70.61
N LEU K 156 33.87 19.62 71.23
CA LEU K 156 32.92 18.57 71.55
C LEU K 156 31.95 18.99 72.64
N VAL K 157 32.48 19.41 73.80
CA VAL K 157 31.63 19.92 74.87
C VAL K 157 30.89 21.18 74.46
N TRP K 158 31.33 21.83 73.39
CA TRP K 158 30.60 22.98 72.87
C TRP K 158 29.46 22.55 71.97
N ILE K 159 29.58 21.39 71.32
CA ILE K 159 28.49 20.89 70.50
C ILE K 159 27.44 20.21 71.37
N ASP K 160 27.87 19.50 72.41
CA ASP K 160 26.92 18.89 73.33
C ASP K 160 26.00 19.94 73.95
N SER K 161 26.58 20.95 74.58
CA SER K 161 25.82 22.12 75.01
C SER K 161 25.42 22.88 73.76
N LYS K 162 24.17 22.70 73.33
CA LYS K 162 23.82 22.90 71.92
C LYS K 162 23.91 24.37 71.52
N TYR K 163 25.05 24.75 70.95
CA TYR K 163 25.35 26.11 70.56
C TYR K 163 25.66 26.16 69.08
N GLU K 164 25.10 27.14 68.39
CA GLU K 164 25.39 27.32 66.97
C GLU K 164 26.85 27.70 66.77
N ASN K 165 27.44 27.19 65.69
CA ASN K 165 28.82 27.49 65.35
C ASN K 165 28.90 28.83 64.65
N THR K 166 29.86 29.66 65.08
CA THR K 166 29.94 31.03 64.62
C THR K 166 31.23 31.28 63.86
N PRO K 167 31.20 32.18 62.87
CA PRO K 167 32.42 32.44 62.10
C PRO K 167 33.45 33.21 62.90
N SER K 168 34.70 33.10 62.43
CA SER K 168 35.81 33.80 63.07
C SER K 168 35.74 35.31 62.89
N ASP K 169 34.90 35.80 61.98
CA ASP K 169 34.75 37.24 61.78
C ASP K 169 33.45 37.48 61.04
N THR K 170 32.63 38.37 61.58
CA THR K 170 31.35 38.66 60.94
C THR K 170 31.52 39.34 59.59
N ARG K 171 32.65 40.00 59.36
CA ARG K 171 32.89 40.63 58.07
C ARG K 171 33.14 39.58 57.00
N ASN K 172 34.20 38.78 57.15
CA ASN K 172 34.47 37.66 56.27
C ASN K 172 34.05 36.39 57.00
N PRO K 173 32.84 35.89 56.79
CA PRO K 173 32.35 34.78 57.61
C PRO K 173 32.75 33.41 57.08
N THR K 174 33.73 33.36 56.19
CA THR K 174 34.14 32.08 55.61
C THR K 174 35.23 31.41 56.42
N HIS K 175 35.04 31.32 57.74
CA HIS K 175 36.00 30.64 58.61
C HIS K 175 35.32 30.40 59.95
N THR K 176 35.13 29.13 60.31
CA THR K 176 34.55 28.83 61.61
C THR K 176 35.52 29.20 62.72
N ILE K 177 34.99 29.77 63.80
CA ILE K 177 35.85 30.27 64.87
C ILE K 177 36.65 29.14 65.48
N PHE K 178 36.07 27.94 65.58
CA PHE K 178 36.81 26.83 66.16
C PHE K 178 37.98 26.43 65.29
N ASP K 179 37.80 26.48 63.98
CA ASP K 179 38.89 26.15 63.08
C ASP K 179 39.97 27.22 63.11
N HIS K 180 39.58 28.49 63.09
CA HIS K 180 40.58 29.56 63.17
C HIS K 180 41.33 29.54 64.48
N LEU K 181 40.66 29.12 65.56
CA LEU K 181 41.34 28.97 66.84
C LEU K 181 42.42 27.90 66.76
N TYR K 182 42.07 26.73 66.24
CA TYR K 182 43.06 25.68 66.06
C TYR K 182 44.14 26.10 65.08
N ALA K 183 43.82 26.98 64.14
CA ALA K 183 44.79 27.41 63.15
C ALA K 183 45.89 28.25 63.80
N THR K 184 45.51 29.26 64.59
CA THR K 184 46.50 30.10 65.23
C THR K 184 47.30 29.34 66.28
N ALA K 185 46.76 28.26 66.83
CA ALA K 185 47.54 27.44 67.75
C ALA K 185 48.55 26.58 67.02
N ALA K 186 48.26 26.21 65.77
CA ALA K 186 49.22 25.45 64.97
C ALA K 186 50.35 26.34 64.47
N MET K 187 50.01 27.54 64.00
CA MET K 187 51.02 28.52 63.64
C MET K 187 51.81 28.99 64.86
N MET K 188 51.28 28.76 66.06
CA MET K 188 51.96 29.20 67.28
C MET K 188 53.32 28.53 67.43
N ASN K 189 53.49 27.32 66.89
CA ASN K 189 54.79 26.66 66.98
C ASN K 189 55.86 27.40 66.19
N TRP K 190 55.47 28.11 65.14
CA TRP K 190 56.43 28.92 64.41
C TRP K 190 56.75 30.20 65.19
N ILE K 191 55.71 30.97 65.51
CA ILE K 191 55.90 32.24 66.23
C ILE K 191 56.77 32.04 67.46
N LEU K 192 56.47 31.02 68.25
CA LEU K 192 57.22 30.79 69.48
C LEU K 192 58.68 30.49 69.18
N SER K 193 58.95 29.49 68.35
CA SER K 193 60.32 29.10 68.08
C SER K 193 61.10 30.15 67.28
N LEU K 194 60.42 31.15 66.73
CA LEU K 194 61.11 32.24 66.06
C LEU K 194 61.38 33.42 66.99
N GLU K 195 60.52 33.62 67.98
CA GLU K 195 60.83 34.57 69.05
C GLU K 195 62.14 34.20 69.74
N LYS K 196 62.34 32.90 69.96
CA LYS K 196 63.62 32.41 70.46
C LYS K 196 64.60 32.31 69.31
N GLU K 197 65.70 31.59 69.51
CA GLU K 197 66.64 31.33 68.44
C GLU K 197 65.90 30.66 67.30
N ALA K 198 65.77 31.38 66.19
CA ALA K 198 64.71 31.09 65.23
C ALA K 198 65.00 29.86 64.39
N LYS K 199 64.02 28.97 64.31
CA LYS K 199 63.93 27.93 63.29
C LYS K 199 62.56 27.30 63.37
N GLY K 200 61.95 27.07 62.21
CA GLY K 200 60.65 26.45 62.15
C GLY K 200 60.47 25.67 60.88
N TYR K 201 59.90 24.47 60.97
CA TYR K 201 59.85 23.55 59.84
C TYR K 201 58.42 23.21 59.48
N LEU K 202 58.21 22.88 58.21
CA LEU K 202 57.00 22.26 57.72
C LEU K 202 57.36 20.85 57.28
N LEU K 203 57.31 19.92 58.22
CA LEU K 203 57.65 18.54 57.91
C LEU K 203 56.47 17.86 57.23
N GLY K 204 56.79 16.94 56.32
CA GLY K 204 55.77 16.19 55.63
C GLY K 204 56.18 14.75 55.40
N ILE K 205 55.27 13.81 55.58
CA ILE K 205 55.54 12.40 55.39
C ILE K 205 54.61 11.86 54.31
N ASP K 206 55.10 10.85 53.59
CA ASP K 206 54.32 10.20 52.55
C ASP K 206 54.65 8.73 52.55
N THR K 207 53.70 7.91 52.15
CA THR K 207 53.87 6.47 52.09
C THR K 207 54.00 6.06 50.63
N ILE K 208 55.14 5.47 50.28
CA ILE K 208 55.42 5.09 48.91
C ILE K 208 54.64 3.83 48.57
N GLY K 209 53.74 3.93 47.60
CA GLY K 209 53.03 2.77 47.10
C GLY K 209 52.08 2.14 48.10
N VAL K 210 51.08 2.91 48.53
CA VAL K 210 50.05 2.35 49.41
C VAL K 210 49.24 1.30 48.66
N ALA K 211 48.72 1.66 47.50
CA ALA K 211 47.86 0.75 46.73
C ALA K 211 48.56 -0.58 46.46
N ASP K 212 49.86 -0.54 46.18
CA ASP K 212 50.58 -1.78 45.95
C ASP K 212 50.71 -2.59 47.23
N PHE K 213 50.74 -1.93 48.39
CA PHE K 213 50.78 -2.66 49.64
C PHE K 213 49.41 -3.25 49.98
N ILE K 214 48.34 -2.50 49.73
CA ILE K 214 47.00 -3.02 49.96
C ILE K 214 46.74 -4.22 49.08
N SER K 215 47.17 -4.14 47.83
CA SER K 215 46.83 -5.16 46.85
C SER K 215 47.52 -6.45 47.06
N LYS K 216 48.26 -6.66 48.13
CA LYS K 216 48.98 -7.91 48.37
C LYS K 216 48.24 -8.68 49.44
N GLY K 217 47.33 -9.57 49.01
CA GLY K 217 46.59 -10.41 49.92
C GLY K 217 45.60 -11.30 49.22
N ARG K 218 45.54 -12.57 49.62
CA ARG K 218 44.54 -13.47 49.05
C ARG K 218 43.15 -13.10 49.54
N LYS K 219 43.00 -12.83 50.82
CA LYS K 219 41.71 -12.65 51.45
C LYS K 219 41.45 -11.18 51.70
N THR K 220 40.28 -10.88 52.25
CA THR K 220 39.99 -9.50 52.62
C THR K 220 40.58 -9.17 53.97
N ARG K 221 40.72 -10.16 54.85
CA ARG K 221 41.41 -9.92 56.11
C ARG K 221 42.86 -9.55 55.89
N ASP K 222 43.45 -10.02 54.77
CA ASP K 222 44.76 -9.51 54.37
C ASP K 222 44.65 -8.08 53.90
N LEU K 223 43.68 -7.80 53.03
CA LEU K 223 43.46 -6.44 52.58
C LEU K 223 43.19 -5.51 53.75
N TRP K 224 42.38 -5.96 54.71
CA TRP K 224 42.01 -5.10 55.83
C TRP K 224 43.20 -4.87 56.75
N ILE K 225 44.00 -5.90 56.99
CA ILE K 225 45.14 -5.73 57.89
C ILE K 225 46.23 -4.91 57.22
N SER K 226 46.61 -5.29 56.00
CA SER K 226 47.62 -4.51 55.28
C SER K 226 47.19 -3.07 55.10
N SER K 227 45.89 -2.82 55.04
CA SER K 227 45.39 -1.46 55.03
C SER K 227 45.35 -0.85 56.41
N TYR K 228 45.43 -1.66 57.46
CA TYR K 228 45.49 -1.13 58.81
C TYR K 228 46.92 -0.83 59.22
N LEU K 229 47.89 -1.59 58.69
CA LEU K 229 49.29 -1.33 58.98
C LEU K 229 49.71 0.03 58.47
N VAL K 230 49.20 0.42 57.29
CA VAL K 230 49.52 1.74 56.74
C VAL K 230 49.14 2.83 57.73
N SER K 231 47.99 2.68 58.37
CA SER K 231 47.55 3.68 59.33
C SER K 231 48.29 3.56 60.65
N ALA K 232 48.50 2.34 61.13
CA ALA K 232 49.16 2.15 62.41
C ALA K 232 50.61 2.61 62.35
N LEU K 233 51.35 2.14 61.35
CA LEU K 233 52.76 2.49 61.24
C LEU K 233 52.97 3.99 61.14
N LEU K 234 52.05 4.70 60.49
CA LEU K 234 52.15 6.15 60.43
C LEU K 234 51.66 6.79 61.73
N TRP K 235 50.70 6.17 62.40
CA TRP K 235 50.22 6.73 63.66
C TRP K 235 51.27 6.57 64.75
N TYR K 236 51.99 5.45 64.74
CA TYR K 236 53.04 5.25 65.73
C TYR K 236 54.14 6.29 65.59
N VAL K 237 54.33 6.83 64.38
CA VAL K 237 55.29 7.90 64.20
C VAL K 237 54.77 9.19 64.80
N ILE K 238 53.64 9.67 64.28
CA ILE K 238 53.15 11.00 64.65
C ILE K 238 52.64 11.06 66.08
N THR K 239 52.49 9.92 66.74
CA THR K 239 52.18 9.98 68.17
C THR K 239 53.36 10.47 68.98
N TRP K 240 54.58 10.33 68.45
CA TRP K 240 55.74 10.88 69.12
C TRP K 240 55.68 12.40 69.16
N PHE K 241 55.29 13.01 68.03
CA PHE K 241 55.06 14.45 68.03
C PHE K 241 53.90 14.84 68.92
N ILE K 242 52.87 14.00 69.00
CA ILE K 242 51.78 14.24 69.94
C ILE K 242 52.29 14.25 71.36
N GLU K 243 53.28 13.43 71.65
CA GLU K 243 53.80 13.38 73.02
C GLU K 243 54.79 14.49 73.30
N GLU K 244 55.49 14.97 72.28
CA GLU K 244 56.55 15.95 72.48
C GLU K 244 56.02 17.38 72.50
N TYR K 245 55.24 17.76 71.51
CA TYR K 245 54.74 19.12 71.40
C TYR K 245 53.22 19.17 71.47
N GLY K 246 52.59 18.10 71.97
CA GLY K 246 51.16 18.04 72.02
C GLY K 246 50.54 18.00 70.64
N PRO K 247 49.24 18.15 70.57
CA PRO K 247 48.57 18.30 69.27
C PRO K 247 48.87 19.67 68.69
N ASP K 248 48.21 20.01 67.59
CA ASP K 248 48.35 21.26 66.84
C ASP K 248 49.63 21.26 66.01
N VAL K 249 50.49 20.25 66.13
CA VAL K 249 51.63 20.10 65.24
C VAL K 249 51.28 19.25 64.03
N ILE K 250 50.03 18.81 63.93
CA ILE K 250 49.56 18.02 62.80
C ILE K 250 48.50 18.83 62.06
N LEU K 251 48.83 19.26 60.86
CA LEU K 251 47.83 19.91 60.01
C LEU K 251 47.01 18.90 59.23
N PHE K 252 47.65 17.87 58.69
CA PHE K 252 46.95 16.79 58.02
C PHE K 252 47.47 15.47 58.57
N PRO K 253 46.60 14.57 59.03
CA PRO K 253 45.16 14.80 59.13
C PRO K 253 44.79 15.59 60.37
N SER K 254 43.71 16.36 60.30
CA SER K 254 43.27 17.14 61.45
C SER K 254 42.96 16.20 62.61
N LEU K 255 43.46 16.54 63.79
CA LEU K 255 43.26 15.69 64.94
C LEU K 255 41.92 15.89 65.60
N ARG K 256 41.27 17.04 65.37
CA ARG K 256 40.09 17.35 66.15
C ARG K 256 38.88 16.52 65.75
N PHE K 257 39.04 15.56 64.83
CA PHE K 257 37.98 14.58 64.59
C PHE K 257 38.50 13.18 64.32
N ASN K 258 39.76 12.88 64.58
CA ASN K 258 40.27 11.54 64.31
C ASN K 258 39.63 10.51 65.24
N GLN K 259 39.29 9.36 64.66
CA GLN K 259 38.95 8.19 65.44
C GLN K 259 40.18 7.52 66.02
N PHE K 260 41.35 7.73 65.40
CA PHE K 260 42.58 7.16 65.93
C PHE K 260 43.09 7.95 67.12
N TYR K 261 42.96 9.27 67.06
CA TYR K 261 43.42 10.10 68.17
C TYR K 261 42.59 9.85 69.43
N ALA K 262 41.26 9.99 69.31
CA ALA K 262 40.39 9.82 70.46
C ALA K 262 40.63 8.49 71.15
N PHE K 263 40.76 7.42 70.37
CA PHE K 263 41.05 6.11 70.94
C PHE K 263 42.36 6.13 71.72
N TYR K 264 43.41 6.70 71.11
CA TYR K 264 44.68 6.85 71.81
C TYR K 264 44.53 7.77 73.02
N LEU K 265 43.65 8.76 72.92
CA LEU K 265 43.48 9.71 74.01
C LEU K 265 42.87 9.04 75.23
N LEU K 266 41.92 8.13 75.01
CA LEU K 266 41.29 7.43 76.13
C LEU K 266 42.30 6.54 76.86
N GLU K 267 43.04 5.73 76.10
CA GLU K 267 43.98 4.81 76.74
C GLU K 267 45.09 5.56 77.47
N LYS K 268 45.29 6.85 77.19
CA LYS K 268 46.16 7.65 78.03
C LYS K 268 45.51 7.93 79.38
N LEU K 269 44.22 8.27 79.37
CA LEU K 269 43.51 8.46 80.62
C LEU K 269 43.39 7.15 81.39
N ARG K 270 43.12 6.05 80.69
CA ARG K 270 43.11 4.75 81.34
C ARG K 270 44.45 4.45 81.98
N LYS K 271 45.54 4.82 81.31
CA LYS K 271 46.86 4.78 81.92
C LYS K 271 46.94 5.81 83.03
N GLU K 272 47.93 5.65 83.91
CA GLU K 272 48.30 6.58 84.97
C GLU K 272 47.13 6.92 85.89
N GLY K 273 46.00 6.23 85.73
CA GLY K 273 44.87 6.43 86.60
C GLY K 273 44.06 7.68 86.30
N VAL K 274 42.74 7.56 86.36
CA VAL K 274 41.85 8.70 86.19
C VAL K 274 40.48 8.29 86.69
N SER K 275 39.64 9.28 87.03
CA SER K 275 38.30 9.00 87.53
C SER K 275 37.51 8.15 86.54
N GLU K 276 36.97 7.04 87.04
CA GLU K 276 36.28 6.07 86.20
C GLU K 276 35.01 6.63 85.57
N ASP K 277 34.42 7.68 86.14
CA ASP K 277 33.28 8.32 85.50
C ASP K 277 33.67 9.69 84.99
N VAL K 278 34.96 9.88 84.73
CA VAL K 278 35.44 10.97 83.88
C VAL K 278 36.03 10.44 82.60
N ILE K 279 36.84 9.38 82.69
CA ILE K 279 37.18 8.59 81.50
C ILE K 279 35.90 8.12 80.83
N ASP K 280 34.83 7.93 81.60
CA ASP K 280 33.52 7.66 81.03
C ASP K 280 32.79 8.93 80.65
N GLU K 281 32.81 9.95 81.52
CA GLU K 281 32.22 11.24 81.20
C GLU K 281 32.69 11.76 79.85
N ILE K 282 33.93 11.43 79.47
CA ILE K 282 34.50 11.84 78.20
C ILE K 282 34.29 10.80 77.11
N LYS K 283 33.81 9.61 77.45
CA LYS K 283 33.63 8.55 76.46
C LYS K 283 32.26 8.57 75.79
N GLU K 284 31.26 9.22 76.38
CA GLU K 284 30.04 9.45 75.62
C GLU K 284 30.19 10.63 74.67
N LEU K 285 31.04 11.59 75.00
CA LEU K 285 31.36 12.65 74.04
C LEU K 285 32.01 12.05 72.80
N ILE K 286 33.01 11.19 72.99
CA ILE K 286 33.73 10.62 71.87
C ILE K 286 32.82 9.71 71.05
N THR K 287 32.03 8.87 71.72
CA THR K 287 31.15 7.97 70.98
C THR K 287 30.08 8.71 70.21
N LYS K 288 29.62 9.84 70.74
CA LYS K 288 28.53 10.57 70.07
C LYS K 288 29.03 11.37 68.88
N TYR K 289 30.26 11.87 68.93
CA TYR K 289 30.73 12.80 67.92
C TYR K 289 31.92 12.30 67.13
N ILE K 290 32.99 11.85 67.80
CA ILE K 290 34.14 11.32 67.07
C ILE K 290 33.73 10.09 66.28
N PHE K 291 33.07 9.15 66.93
CA PHE K 291 32.35 8.09 66.26
C PHE K 291 30.92 8.56 66.07
N ASN K 292 30.02 7.67 65.66
CA ASN K 292 28.60 8.00 65.61
C ASN K 292 27.82 6.90 66.33
N GLY K 293 27.71 7.04 67.65
CA GLY K 293 26.96 6.12 68.46
C GLY K 293 27.36 4.66 68.27
N ASP K 294 28.61 4.43 67.92
CA ASP K 294 29.12 3.07 67.71
C ASP K 294 30.30 2.86 68.66
N ASP K 295 30.03 2.26 69.81
CA ASP K 295 31.07 1.87 70.74
C ASP K 295 31.68 0.53 70.39
N LEU K 296 31.54 0.11 69.13
CA LEU K 296 32.14 -1.13 68.67
C LEU K 296 33.63 -1.16 68.92
N PHE K 297 34.29 0.00 68.87
CA PHE K 297 35.72 0.05 69.19
C PHE K 297 35.98 -0.33 70.63
N GLU K 298 35.07 0.01 71.54
CA GLU K 298 35.23 -0.36 72.94
C GLU K 298 35.21 -1.87 73.12
N ASN K 299 34.39 -2.57 72.32
CA ASN K 299 34.38 -4.02 72.37
C ASN K 299 35.51 -4.60 71.55
N LEU K 300 35.83 -3.98 70.42
CA LEU K 300 36.95 -4.44 69.59
C LEU K 300 38.29 -4.11 70.22
N LYS K 301 38.34 -3.11 71.09
CA LYS K 301 39.54 -2.61 71.75
C LYS K 301 40.50 -1.94 70.77
N ILE K 302 40.10 -1.79 69.51
CA ILE K 302 40.84 -1.01 68.52
C ILE K 302 39.88 -0.21 67.68
N PRO K 303 40.32 0.92 67.14
CA PRO K 303 39.49 1.65 66.19
C PRO K 303 39.11 0.78 65.02
N PRO K 304 37.81 0.65 64.73
CA PRO K 304 37.39 -0.36 63.76
C PRO K 304 37.86 -0.09 62.34
N TYR K 305 37.94 1.17 61.93
CA TYR K 305 38.18 1.52 60.54
C TYR K 305 39.59 2.03 60.36
N PRO K 306 40.37 1.44 59.46
CA PRO K 306 41.72 1.93 59.22
C PRO K 306 41.73 3.22 58.42
N ILE K 307 41.56 4.35 59.09
CA ILE K 307 41.59 5.63 58.40
C ILE K 307 43.03 5.90 57.95
N ILE K 308 43.23 5.94 56.64
CA ILE K 308 44.57 6.13 56.07
C ILE K 308 44.78 7.60 55.75
N PRO K 309 45.52 8.35 56.56
CA PRO K 309 45.88 9.71 56.15
C PRO K 309 46.73 9.71 54.91
N GLY K 310 47.70 8.79 54.83
CA GLY K 310 48.57 8.69 53.68
C GLY K 310 49.60 9.81 53.57
N ARG K 311 49.11 11.05 53.51
CA ARG K 311 49.95 12.23 53.39
C ARG K 311 49.80 13.07 54.65
N ILE K 312 50.81 13.02 55.51
CA ILE K 312 50.82 13.76 56.78
C ILE K 312 51.76 14.92 56.65
N THR K 313 51.29 16.11 57.04
CA THR K 313 52.12 17.30 57.04
C THR K 313 52.09 17.93 58.42
N LEU K 314 53.27 18.13 59.01
CA LEU K 314 53.40 18.73 60.31
C LEU K 314 53.85 20.17 60.17
N ILE K 315 53.72 20.93 61.26
CA ILE K 315 54.26 22.28 61.35
C ILE K 315 55.01 22.33 62.68
N LEU K 316 56.25 22.11 62.63
CA LEU K 316 57.03 21.90 63.84
C LEU K 316 57.77 23.16 64.25
N PRO K 317 58.01 23.33 65.54
CA PRO K 317 58.95 24.35 66.00
C PRO K 317 60.37 23.82 65.97
N GLY K 318 61.32 24.75 65.93
CA GLY K 318 62.71 24.38 65.90
C GLY K 318 63.28 24.10 67.27
N LEU K 319 62.52 23.41 68.11
CA LEU K 319 62.93 23.12 69.47
C LEU K 319 62.86 21.61 69.70
N ILE K 320 63.92 21.05 70.27
CA ILE K 320 64.02 19.62 70.49
C ILE K 320 64.26 19.36 71.97
N ARG K 321 63.76 18.22 72.44
CA ARG K 321 63.93 17.79 73.82
C ARG K 321 65.24 16.99 73.93
N GLU K 322 65.36 16.18 74.97
CA GLU K 322 66.53 15.41 75.43
C GLU K 322 67.45 16.26 76.29
N GLY K 323 67.17 17.55 76.44
CA GLY K 323 67.81 18.34 77.49
C GLY K 323 66.96 18.31 78.74
N GLU K 324 66.08 17.30 78.81
CA GLU K 324 65.04 17.13 79.83
C GLU K 324 63.94 18.14 79.59
N GLU K 325 64.18 19.07 78.67
CA GLU K 325 63.24 20.07 78.22
C GLU K 325 63.79 20.66 76.93
N TYR K 326 62.98 21.48 76.28
CA TYR K 326 63.25 21.84 74.89
C TYR K 326 64.41 22.81 74.78
N LYS K 327 65.17 22.68 73.70
CA LYS K 327 66.36 23.48 73.44
C LYS K 327 66.30 23.92 71.98
N LYS K 328 67.42 24.43 71.48
CA LYS K 328 67.52 24.69 70.04
C LYS K 328 67.85 23.39 69.32
N VAL K 329 67.25 23.22 68.14
CA VAL K 329 67.49 22.01 67.36
C VAL K 329 68.95 21.96 66.93
N GLN K 330 69.57 20.79 67.08
CA GLN K 330 70.98 20.64 66.74
C GLN K 330 71.24 20.89 65.26
N ASP K 331 70.67 20.06 64.40
CA ASP K 331 70.85 20.16 62.96
C ASP K 331 69.49 19.99 62.30
N ASP K 332 69.39 20.41 61.04
CA ASP K 332 68.11 20.34 60.35
C ASP K 332 67.66 18.90 60.13
N ASN K 333 68.60 17.98 59.92
CA ASN K 333 68.26 16.58 59.70
C ASN K 333 67.78 15.89 60.98
N CYS K 334 67.68 16.60 62.10
CA CYS K 334 67.24 15.99 63.34
C CYS K 334 65.79 15.53 63.28
N PHE K 335 65.01 15.99 62.31
CA PHE K 335 63.61 15.60 62.18
C PHE K 335 63.39 14.51 61.15
N ILE K 336 64.12 14.53 60.04
CA ILE K 336 63.99 13.46 59.05
C ILE K 336 64.49 12.14 59.63
N SER K 337 65.69 12.16 60.21
CA SER K 337 66.25 10.95 60.79
C SER K 337 65.39 10.42 61.93
N LYS K 338 64.81 11.34 62.71
CA LYS K 338 63.98 10.92 63.83
C LYS K 338 62.75 10.16 63.37
N VAL K 339 62.13 10.58 62.27
CA VAL K 339 60.95 9.88 61.78
C VAL K 339 61.34 8.54 61.17
N LYS K 340 62.38 8.52 60.34
CA LYS K 340 62.79 7.29 59.67
C LYS K 340 63.08 6.19 60.68
N GLU K 341 63.67 6.53 61.83
CA GLU K 341 63.92 5.53 62.85
C GLU K 341 62.68 5.28 63.71
N ARG K 342 61.87 6.31 63.95
CA ARG K 342 60.63 6.11 64.67
C ARG K 342 59.66 5.24 63.86
N TYR K 343 59.82 5.23 62.55
CA TYR K 343 58.96 4.40 61.70
C TYR K 343 59.38 2.95 61.73
N ASN K 344 60.68 2.67 61.65
CA ASN K 344 61.14 1.30 61.71
C ASN K 344 61.01 0.71 63.10
N GLU K 345 60.96 1.53 64.14
CA GLU K 345 60.70 1.02 65.49
C GLU K 345 59.36 0.32 65.53
N GLY K 346 58.32 0.95 64.99
CA GLY K 346 56.99 0.36 65.03
C GLY K 346 56.94 -1.00 64.38
N TRP K 347 57.65 -1.17 63.25
CA TRP K 347 57.71 -2.48 62.63
C TRP K 347 58.42 -3.48 63.53
N ARG K 348 59.52 -3.05 64.17
CA ARG K 348 60.21 -3.92 65.11
C ARG K 348 59.31 -4.23 66.31
N LYS K 349 58.69 -3.20 66.89
CA LYS K 349 57.86 -3.41 68.06
C LYS K 349 56.61 -4.23 67.75
N LEU K 350 56.26 -4.37 66.47
CA LEU K 350 55.16 -5.24 66.11
C LEU K 350 55.64 -6.66 65.86
N ILE K 351 56.84 -6.82 65.30
CA ILE K 351 57.45 -8.15 65.24
C ILE K 351 57.75 -8.65 66.64
N GLU K 352 58.16 -7.74 67.53
CA GLU K 352 58.36 -8.12 68.93
C GLU K 352 57.08 -8.69 69.52
N GLY K 353 56.02 -7.89 69.52
CA GLY K 353 54.76 -8.36 70.10
C GLY K 353 54.23 -9.62 69.44
N LEU K 354 54.39 -9.72 68.13
CA LEU K 354 53.93 -10.93 67.44
C LEU K 354 54.75 -12.14 67.87
N ARG K 355 56.05 -11.96 68.09
CA ARG K 355 56.86 -13.04 68.62
C ARG K 355 56.41 -13.43 70.02
N CYS K 356 56.30 -12.44 70.90
CA CYS K 356 55.85 -12.69 72.27
C CYS K 356 54.50 -13.38 72.29
N TYR K 357 53.51 -12.80 71.59
CA TYR K 357 52.16 -13.35 71.63
C TYR K 357 52.11 -14.75 71.07
N SER K 358 52.86 -15.02 69.99
CA SER K 358 52.81 -16.34 69.37
C SER K 358 53.39 -17.41 70.29
N GLU K 359 54.37 -17.05 71.12
CA GLU K 359 54.90 -18.01 72.07
C GLU K 359 53.99 -18.16 73.28
N ARG K 360 53.30 -17.10 73.67
CA ARG K 360 52.26 -17.22 74.69
C ARG K 360 51.27 -18.31 74.30
N LYS K 361 50.77 -18.25 73.07
CA LYS K 361 49.98 -19.34 72.51
C LYS K 361 50.85 -20.30 71.70
N ARG K 362 51.90 -20.82 72.33
CA ARG K 362 52.80 -21.75 71.64
C ARG K 362 52.04 -22.96 71.13
N GLU K 363 51.02 -23.37 71.86
CA GLU K 363 50.11 -24.44 71.43
C GLU K 363 49.04 -23.84 70.52
N ASP K 364 47.98 -24.60 70.29
CA ASP K 364 46.76 -24.21 69.57
C ASP K 364 46.93 -24.24 68.06
N GLY K 365 48.11 -24.55 67.55
CA GLY K 365 48.29 -24.65 66.11
C GLY K 365 48.27 -23.31 65.41
N PHE K 366 48.97 -23.22 64.28
CA PHE K 366 49.07 -22.02 63.45
C PHE K 366 49.93 -20.97 64.16
N TRP K 367 50.25 -21.19 65.41
CA TRP K 367 51.17 -20.32 66.12
C TRP K 367 52.50 -20.99 66.40
N ASN K 368 52.50 -22.29 66.69
CA ASN K 368 53.73 -23.06 66.60
C ASN K 368 54.31 -22.98 65.20
N LEU K 369 53.49 -22.62 64.21
CA LEU K 369 53.99 -22.32 62.88
C LEU K 369 54.52 -20.90 62.80
N VAL K 370 53.74 -19.94 63.30
CA VAL K 370 54.17 -18.55 63.28
C VAL K 370 55.43 -18.37 64.12
N CYS K 371 55.52 -19.08 65.24
CA CYS K 371 56.76 -19.09 66.00
C CYS K 371 57.91 -19.60 65.16
N ARG K 372 57.68 -20.67 64.41
CA ARG K 372 58.76 -21.31 63.67
C ARG K 372 59.28 -20.43 62.53
N VAL K 373 58.50 -19.46 62.06
CA VAL K 373 58.94 -18.58 60.98
C VAL K 373 59.38 -17.23 61.51
N LEU K 374 58.72 -16.71 62.56
CA LEU K 374 59.19 -15.47 63.17
C LEU K 374 60.60 -15.60 63.73
N LYS K 375 61.07 -16.83 63.91
CA LYS K 375 62.43 -17.12 64.34
C LYS K 375 63.34 -17.51 63.19
N LEU K 376 62.80 -18.21 62.19
CA LEU K 376 63.61 -18.63 61.06
C LEU K 376 63.96 -17.47 60.13
N THR K 377 63.18 -16.39 60.15
CA THR K 377 63.33 -15.27 59.23
C THR K 377 63.45 -13.96 59.99
N GLU K 378 64.32 -13.93 61.00
CA GLU K 378 64.53 -12.70 61.75
C GLU K 378 65.11 -11.60 60.87
N ASP K 379 66.14 -11.94 60.09
CA ASP K 379 66.81 -10.95 59.27
C ASP K 379 65.88 -10.32 58.23
N LEU K 380 65.01 -11.14 57.63
CA LEU K 380 64.08 -10.61 56.65
C LEU K 380 63.08 -9.66 57.29
N LEU K 381 62.48 -10.06 58.40
CA LEU K 381 61.45 -9.26 59.06
C LEU K 381 62.00 -8.02 59.72
N GLN K 382 63.30 -7.78 59.67
CA GLN K 382 63.84 -6.51 60.15
C GLN K 382 63.33 -5.34 59.34
N THR K 383 63.07 -5.56 58.06
CA THR K 383 62.75 -4.50 57.14
C THR K 383 61.25 -4.21 57.15
N THR K 384 60.90 -2.94 57.31
CA THR K 384 59.51 -2.54 57.18
C THR K 384 59.04 -2.82 55.75
N PRO K 385 57.82 -3.31 55.58
CA PRO K 385 57.35 -3.59 54.22
C PRO K 385 56.62 -2.42 53.57
N LEU K 386 56.77 -1.21 54.12
CA LEU K 386 55.93 -0.12 53.66
C LEU K 386 56.71 1.08 53.13
N ASN K 387 57.84 1.41 53.76
CA ASN K 387 58.82 2.32 53.17
C ASN K 387 58.24 3.71 52.88
N ILE K 388 58.01 4.45 53.96
CA ILE K 388 57.58 5.85 53.84
C ILE K 388 58.71 6.73 53.30
N ARG K 389 58.37 7.97 52.96
CA ARG K 389 59.32 8.96 52.47
C ARG K 389 59.04 10.30 53.15
N VAL K 390 60.08 10.93 53.67
CA VAL K 390 59.93 12.14 54.47
C VAL K 390 60.62 13.30 53.76
N LYS K 391 60.07 14.49 53.93
CA LYS K 391 60.61 15.72 53.36
C LYS K 391 60.49 16.83 54.39
N GLN K 392 61.12 17.97 54.10
CA GLN K 392 61.16 19.03 55.09
C GLN K 392 61.58 20.34 54.45
N VAL K 393 60.96 21.43 54.89
CA VAL K 393 61.40 22.79 54.58
C VAL K 393 61.61 23.52 55.89
N SER K 394 62.05 24.77 55.83
CA SER K 394 62.34 25.50 57.05
C SER K 394 62.08 26.99 56.85
N VAL K 395 61.95 27.70 57.98
CA VAL K 395 61.77 29.14 57.99
C VAL K 395 62.77 29.73 58.97
N THR K 396 63.00 31.03 58.85
CA THR K 396 63.90 31.75 59.72
C THR K 396 63.25 33.05 60.17
N GLU K 397 63.86 33.68 61.18
CA GLU K 397 63.39 34.98 61.64
C GLU K 397 63.49 36.03 60.52
N ASP K 398 64.49 35.88 59.64
CA ASP K 398 64.65 36.83 58.54
C ASP K 398 63.41 36.86 57.65
N GLU K 399 62.90 35.69 57.29
CA GLU K 399 61.79 35.62 56.36
C GLU K 399 60.46 36.06 56.96
N ILE K 400 60.40 36.32 58.26
CA ILE K 400 59.12 36.62 58.90
C ILE K 400 59.12 37.90 59.70
N PHE K 401 60.26 38.43 60.15
CA PHE K 401 60.27 39.59 61.04
C PHE K 401 61.07 40.72 60.42
N ASN K 402 60.77 41.94 60.87
CA ASN K 402 61.58 43.10 60.52
C ASN K 402 62.63 43.36 61.61
N ASN K 403 62.17 43.67 62.83
CA ASN K 403 63.03 43.63 64.00
C ASN K 403 62.48 42.69 65.07
N ASN K 404 61.24 42.90 65.50
CA ASN K 404 60.53 41.95 66.33
C ASN K 404 59.06 41.83 65.95
N LYS K 405 58.62 42.55 64.92
CA LYS K 405 57.27 42.50 64.41
C LYS K 405 57.27 41.90 63.01
N LEU K 406 56.09 41.46 62.58
CA LEU K 406 55.94 40.91 61.24
C LEU K 406 56.35 41.93 60.18
N ARG K 407 56.93 41.43 59.10
CA ARG K 407 57.28 42.26 57.96
C ARG K 407 56.17 42.22 56.92
N SER K 408 56.20 43.19 56.01
CA SER K 408 55.31 43.13 54.85
C SER K 408 55.63 41.89 54.03
N ASP K 409 54.60 41.39 53.33
CA ASP K 409 54.63 40.20 52.47
C ASP K 409 54.97 38.94 53.23
N SER K 410 55.04 39.02 54.55
CA SER K 410 55.26 37.83 55.36
C SER K 410 54.06 36.91 55.29
N TRP K 411 52.87 37.47 55.05
CA TRP K 411 51.63 36.70 55.02
C TRP K 411 51.65 35.60 53.96
N LYS K 412 52.60 35.62 53.04
CA LYS K 412 52.71 34.61 52.01
C LYS K 412 53.83 33.61 52.28
N ILE K 413 54.52 33.72 53.42
CA ILE K 413 55.61 32.79 53.71
C ILE K 413 55.09 31.36 53.82
N TYR K 414 54.03 31.17 54.60
CA TYR K 414 53.50 29.83 54.78
C TYR K 414 53.07 29.23 53.46
N ASP K 415 52.37 30.02 52.63
CA ASP K 415 51.96 29.55 51.32
C ASP K 415 53.15 29.13 50.48
N ASN K 416 54.19 29.98 50.45
CA ASN K 416 55.37 29.64 49.65
C ASN K 416 56.14 28.49 50.27
N LYS K 417 56.20 28.41 51.60
CA LYS K 417 56.90 27.30 52.24
C LYS K 417 56.20 25.99 51.97
N TYR K 418 54.87 25.96 52.07
CA TYR K 418 54.14 24.74 51.74
C TYR K 418 54.25 24.41 50.26
N ARG K 419 54.46 25.44 49.42
CA ARG K 419 54.67 25.19 47.99
C ARG K 419 55.91 24.35 47.76
N GLN K 420 57.03 24.73 48.38
CA GLN K 420 58.26 23.97 48.21
C GLN K 420 58.10 22.55 48.72
N LEU K 421 57.38 22.38 49.82
CA LEU K 421 57.17 21.05 50.38
C LEU K 421 56.45 20.15 49.39
N VAL K 422 55.36 20.65 48.81
CA VAL K 422 54.62 19.87 47.81
C VAL K 422 55.53 19.52 46.64
N SER K 423 56.27 20.51 46.14
CA SER K 423 57.14 20.25 45.00
C SER K 423 58.17 19.18 45.32
N GLU K 424 58.74 19.22 46.53
CA GLU K 424 59.76 18.24 46.87
C GLU K 424 59.20 16.82 46.91
N PHE K 425 57.92 16.68 47.26
CA PHE K 425 57.28 15.37 47.18
C PHE K 425 57.14 14.93 45.73
N LYS K 426 56.47 15.74 44.91
CA LYS K 426 56.29 15.39 43.51
C LYS K 426 57.62 15.23 42.80
N LYS K 427 58.65 15.94 43.27
CA LYS K 427 59.99 15.75 42.71
C LYS K 427 60.50 14.34 42.99
N SER K 428 60.27 13.83 44.20
CA SER K 428 60.77 12.51 44.56
C SER K 428 59.87 11.40 44.05
N LYS K 429 58.60 11.67 43.81
CA LYS K 429 57.72 10.66 43.24
C LYS K 429 58.12 10.23 41.84
N LEU K 430 59.13 10.86 41.27
CA LEU K 430 59.62 10.45 39.95
C LEU K 430 60.27 9.08 40.01
N VAL K 431 60.88 8.73 41.13
CA VAL K 431 61.53 7.44 41.31
C VAL K 431 60.69 6.60 42.25
N LYS K 432 60.23 5.46 41.77
CA LYS K 432 59.40 4.55 42.54
C LYS K 432 60.28 3.40 43.01
N VAL K 433 60.51 3.32 44.32
CA VAL K 433 61.32 2.26 44.91
C VAL K 433 60.39 1.39 45.73
N THR K 434 60.11 0.20 45.22
CA THR K 434 59.24 -0.72 45.94
C THR K 434 59.94 -1.21 47.21
N PRO K 435 59.20 -1.44 48.29
CA PRO K 435 59.84 -1.85 49.55
C PRO K 435 60.53 -3.20 49.48
N GLU K 436 60.20 -4.02 48.48
CA GLU K 436 60.87 -5.31 48.34
C GLU K 436 62.32 -5.17 47.94
N SER K 437 62.69 -4.03 47.36
CA SER K 437 64.05 -3.85 46.87
C SER K 437 65.04 -3.75 48.01
N ARG K 438 64.59 -3.35 49.20
CA ARG K 438 65.49 -3.22 50.33
C ARG K 438 65.97 -4.59 50.82
N LEU K 439 65.18 -5.64 50.60
CA LEU K 439 65.55 -6.96 51.08
C LEU K 439 66.82 -7.45 50.41
N LYS K 440 67.44 -8.44 51.04
CA LYS K 440 68.66 -9.08 50.53
C LYS K 440 68.32 -10.54 50.27
N LEU K 441 68.13 -10.89 49.00
CA LEU K 441 67.66 -12.22 48.64
C LEU K 441 68.54 -12.92 47.61
N PHE K 442 69.71 -12.37 47.29
CA PHE K 442 70.53 -12.97 46.25
C PHE K 442 71.01 -14.36 46.64
N GLU K 443 71.74 -14.45 47.75
CA GLU K 443 72.27 -15.74 48.19
C GLU K 443 71.18 -16.65 48.76
N LEU K 444 70.04 -16.09 49.17
CA LEU K 444 68.95 -16.93 49.66
C LEU K 444 68.23 -17.65 48.55
N THR K 445 68.39 -17.22 47.30
CA THR K 445 67.76 -17.88 46.17
C THR K 445 68.74 -18.56 45.24
N LYS K 446 69.97 -18.05 45.11
CA LYS K 446 70.95 -18.73 44.28
C LYS K 446 71.36 -20.05 44.91
N PHE K 447 71.62 -20.04 46.21
CA PHE K 447 71.89 -21.24 46.98
C PHE K 447 70.68 -21.53 47.85
N ASP K 448 70.31 -22.79 47.98
CA ASP K 448 69.07 -23.10 48.69
C ASP K 448 69.26 -22.88 50.19
N LYS K 449 69.34 -21.62 50.60
CA LYS K 449 69.38 -21.26 52.01
C LYS K 449 68.06 -20.68 52.49
N LEU K 450 67.09 -20.54 51.61
CA LEU K 450 65.80 -20.00 52.00
C LEU K 450 65.09 -20.97 52.92
N PRO K 451 64.69 -20.57 54.12
CA PRO K 451 63.95 -21.47 55.00
C PRO K 451 62.54 -21.73 54.49
N GLN K 452 62.24 -22.95 54.07
CA GLN K 452 60.94 -23.32 53.53
C GLN K 452 60.27 -24.31 54.47
N ILE K 453 59.46 -23.78 55.39
CA ILE K 453 58.65 -24.64 56.25
C ILE K 453 57.47 -25.16 55.45
N GLY K 454 57.43 -26.47 55.22
CA GLY K 454 56.38 -27.10 54.45
C GLY K 454 56.97 -27.92 53.31
N GLU K 455 56.30 -27.85 52.16
CA GLU K 455 56.78 -28.54 50.99
C GLU K 455 58.15 -28.01 50.59
N LYS K 456 58.82 -28.75 49.73
CA LYS K 456 60.08 -28.32 49.14
C LYS K 456 59.85 -27.98 47.69
N SER K 457 60.26 -26.79 47.29
CA SER K 457 60.05 -26.33 45.92
C SER K 457 60.77 -27.24 44.93
N LYS K 458 60.00 -27.93 44.09
CA LYS K 458 60.63 -28.71 43.03
C LYS K 458 61.31 -27.85 41.99
N ARG K 459 61.19 -26.52 42.10
CA ARG K 459 61.62 -25.63 41.03
C ARG K 459 62.29 -24.37 41.56
N GLY K 460 62.98 -24.45 42.70
CA GLY K 460 63.58 -23.24 43.22
C GLY K 460 63.01 -22.80 44.56
N TYR K 461 62.20 -21.73 44.55
CA TYR K 461 61.74 -21.17 45.81
C TYR K 461 60.25 -20.85 45.90
N GLU K 462 59.47 -20.99 44.82
CA GLU K 462 58.02 -20.89 44.95
C GLU K 462 57.51 -19.55 45.47
N PHE K 463 57.47 -18.52 44.62
CA PHE K 463 56.97 -17.20 45.01
C PHE K 463 55.72 -17.22 45.87
N CYS K 464 55.57 -16.20 46.72
CA CYS K 464 54.38 -16.07 47.54
C CYS K 464 53.13 -15.95 46.68
N THR K 465 52.00 -16.40 47.22
CA THR K 465 50.73 -16.30 46.50
C THR K 465 50.01 -14.99 46.76
N SER K 466 50.36 -14.28 47.82
CA SER K 466 49.78 -12.97 48.08
C SER K 466 50.58 -11.88 47.36
N CYS K 467 51.86 -11.74 47.71
CA CYS K 467 52.71 -10.79 47.01
C CYS K 467 52.87 -11.16 45.54
N GLY K 468 53.48 -12.31 45.29
CA GLY K 468 53.98 -12.63 43.98
C GLY K 468 55.44 -12.27 43.76
N VAL K 469 55.98 -11.36 44.55
CA VAL K 469 57.36 -10.93 44.35
C VAL K 469 58.33 -11.72 45.23
N LEU K 470 58.04 -11.86 46.51
CA LEU K 470 58.99 -12.52 47.39
C LEU K 470 58.83 -14.03 47.34
N PRO K 471 59.91 -14.78 47.58
CA PRO K 471 59.78 -16.23 47.71
C PRO K 471 58.99 -16.58 48.96
N ALA K 472 58.45 -17.79 48.96
CA ALA K 472 57.61 -18.21 50.06
C ALA K 472 58.42 -18.95 51.11
N VAL K 473 58.01 -18.80 52.36
CA VAL K 473 58.58 -19.53 53.47
C VAL K 473 57.67 -20.65 53.95
N VAL K 474 56.36 -20.48 53.88
CA VAL K 474 55.40 -21.47 54.33
C VAL K 474 54.68 -21.97 53.08
N ILE K 475 55.18 -23.04 52.50
CA ILE K 475 54.50 -23.70 51.39
C ILE K 475 53.45 -24.64 51.96
N MET K 476 52.34 -24.80 51.22
CA MET K 476 51.23 -25.57 51.69
C MET K 476 50.88 -26.67 50.70
N PRO K 477 50.63 -27.89 51.17
CA PRO K 477 50.27 -28.97 50.24
C PRO K 477 48.86 -28.79 49.71
N LYS K 478 48.60 -29.45 48.59
CA LYS K 478 47.30 -29.36 47.94
C LYS K 478 46.32 -30.26 48.68
N GLU K 479 45.11 -30.42 48.15
CA GLU K 479 44.05 -31.18 48.80
C GLU K 479 44.03 -32.64 48.34
N ASP K 480 45.18 -33.18 47.96
CA ASP K 480 45.35 -34.62 47.95
C ASP K 480 44.84 -35.19 49.27
N GLU K 481 45.48 -34.78 50.36
CA GLU K 481 44.98 -34.88 51.73
C GLU K 481 45.97 -34.11 52.59
N LEU K 482 45.49 -33.47 53.65
CA LEU K 482 46.36 -32.58 54.39
C LEU K 482 47.00 -33.25 55.59
N GLU K 483 46.21 -33.99 56.38
CA GLU K 483 46.69 -34.59 57.62
C GLU K 483 47.98 -35.39 57.39
N LYS K 484 47.90 -36.44 56.57
CA LYS K 484 49.07 -37.28 56.35
C LYS K 484 50.20 -36.53 55.63
N LYS K 485 49.94 -35.33 55.12
CA LYS K 485 50.98 -34.49 54.56
C LYS K 485 51.30 -33.29 55.42
N LEU K 486 50.47 -32.96 56.40
CA LEU K 486 50.79 -31.90 57.35
C LEU K 486 51.65 -32.43 58.49
N ILE K 487 51.26 -33.57 59.07
CA ILE K 487 51.86 -34.02 60.32
C ILE K 487 53.25 -34.60 60.08
N ASP K 488 53.45 -35.29 58.95
CA ASP K 488 54.78 -35.82 58.67
C ASP K 488 55.79 -34.70 58.48
N LEU K 489 55.48 -33.75 57.61
CA LEU K 489 56.31 -32.57 57.47
C LEU K 489 56.31 -31.77 58.77
N GLY K 490 57.27 -30.86 58.87
CA GLY K 490 57.40 -30.06 60.08
C GLY K 490 56.23 -29.14 60.36
N ILE K 491 55.33 -28.96 59.38
CA ILE K 491 54.23 -28.00 59.54
C ILE K 491 53.43 -28.33 60.79
N ALA K 492 52.80 -29.49 60.79
CA ALA K 492 51.93 -29.90 61.89
C ALA K 492 52.69 -30.81 62.82
N ARG K 493 52.61 -30.52 64.12
CA ARG K 493 53.20 -31.38 65.13
C ARG K 493 52.32 -32.60 65.39
N ASP K 494 51.02 -32.47 65.18
CA ASP K 494 50.05 -33.52 65.45
C ASP K 494 48.91 -33.36 64.45
N GLU K 495 47.75 -33.95 64.74
CA GLU K 495 46.58 -33.78 63.89
C GLU K 495 45.63 -32.70 64.37
N LYS K 496 45.49 -32.51 65.69
CA LYS K 496 44.53 -31.55 66.21
C LYS K 496 44.81 -30.14 65.73
N ASP K 497 46.08 -29.80 65.51
CA ASP K 497 46.44 -28.45 65.06
C ASP K 497 46.12 -28.21 63.60
N VAL K 498 45.87 -29.28 62.83
CA VAL K 498 45.66 -29.11 61.39
C VAL K 498 44.40 -28.28 61.13
N ARG K 499 43.28 -28.68 61.73
CA ARG K 499 42.05 -27.90 61.55
C ARG K 499 42.17 -26.49 62.09
N SER K 500 43.21 -26.21 62.88
CA SER K 500 43.47 -24.84 63.31
C SER K 500 44.42 -24.12 62.37
N ILE K 501 45.30 -24.84 61.68
CA ILE K 501 46.14 -24.23 60.66
C ILE K 501 45.32 -23.93 59.41
N LYS K 502 44.59 -24.94 58.92
CA LYS K 502 43.70 -24.76 57.78
C LYS K 502 42.76 -23.58 57.98
N ASN K 503 42.38 -23.31 59.23
CA ASN K 503 41.47 -22.21 59.51
C ASN K 503 42.08 -20.87 59.11
N MET K 504 43.40 -20.78 59.08
CA MET K 504 44.08 -19.53 58.76
C MET K 504 44.88 -19.56 57.48
N ILE K 505 45.27 -20.73 57.00
CA ILE K 505 46.02 -20.86 55.77
C ILE K 505 45.35 -21.92 54.90
N SER K 506 45.03 -21.58 53.68
CA SER K 506 44.37 -22.51 52.79
C SER K 506 45.37 -23.52 52.23
N PRO K 507 44.93 -24.74 51.94
CA PRO K 507 45.81 -25.70 51.28
C PRO K 507 46.24 -25.22 49.90
N GLY K 508 47.53 -25.30 49.64
CA GLY K 508 48.10 -24.82 48.40
C GLY K 508 48.66 -23.42 48.48
N GLU K 509 48.36 -22.70 49.56
CA GLU K 509 48.73 -21.29 49.66
C GLU K 509 50.17 -21.16 50.15
N ARG K 510 51.02 -20.57 49.33
CA ARG K 510 52.38 -20.23 49.73
C ARG K 510 52.39 -18.84 50.35
N LEU K 511 53.28 -18.63 51.32
CA LEU K 511 53.33 -17.37 52.05
C LEU K 511 54.76 -16.94 52.26
N CYS K 512 55.01 -15.65 52.07
CA CYS K 512 56.29 -15.03 52.36
C CYS K 512 56.31 -14.53 53.79
N PRO K 513 57.48 -14.17 54.32
CA PRO K 513 57.52 -13.68 55.71
C PRO K 513 56.64 -12.47 55.95
N TRP K 514 56.62 -11.52 55.03
CA TRP K 514 55.80 -10.33 55.19
C TRP K 514 54.32 -10.68 55.19
N CYS K 515 53.90 -11.55 54.27
CA CYS K 515 52.48 -11.86 54.14
C CYS K 515 51.98 -12.71 55.30
N LEU K 516 52.82 -13.59 55.84
CA LEU K 516 52.41 -14.34 57.02
C LEU K 516 52.22 -13.40 58.20
N VAL K 517 53.04 -12.36 58.31
CA VAL K 517 52.80 -11.35 59.33
C VAL K 517 51.46 -10.68 59.11
N LYS K 518 51.07 -10.49 57.85
CA LYS K 518 49.73 -9.99 57.58
C LYS K 518 48.68 -11.00 58.00
N ARG K 519 48.95 -12.29 57.77
CA ARG K 519 47.99 -13.31 58.16
C ARG K 519 47.95 -13.49 59.66
N ALA K 520 49.10 -13.40 60.32
CA ALA K 520 49.13 -13.55 61.78
C ALA K 520 48.38 -12.41 62.45
N LEU K 521 48.66 -11.17 62.06
CA LEU K 521 47.88 -10.05 62.57
C LEU K 521 46.42 -10.15 62.13
N GLY K 522 46.16 -10.81 61.01
CA GLY K 522 44.79 -11.05 60.60
C GLY K 522 44.07 -12.05 61.49
N ALA K 523 44.81 -12.92 62.18
CA ALA K 523 44.21 -13.81 63.15
C ALA K 523 44.05 -13.15 64.50
N GLU K 524 44.73 -12.03 64.75
CA GLU K 524 44.63 -11.33 66.02
C GLU K 524 44.87 -9.85 65.78
N PRO K 525 43.82 -9.10 65.46
CA PRO K 525 43.99 -7.67 65.16
C PRO K 525 44.22 -6.80 66.37
N ARG K 526 43.96 -7.29 67.58
CA ARG K 526 44.22 -6.46 68.76
C ARG K 526 45.71 -6.22 68.97
N LEU K 527 46.56 -7.02 68.32
CA LEU K 527 48.00 -6.79 68.39
C LEU K 527 48.38 -5.44 67.79
N MET K 528 47.54 -4.87 66.94
CA MET K 528 47.78 -3.53 66.41
C MET K 528 47.84 -2.47 67.50
N ARG K 529 47.40 -2.78 68.72
CA ARG K 529 47.46 -1.81 69.80
C ARG K 529 48.89 -1.37 70.07
N ILE K 530 49.86 -2.22 69.75
CA ILE K 530 51.27 -1.86 69.94
C ILE K 530 51.58 -0.57 69.21
N LEU K 531 51.12 -0.46 67.97
CA LEU K 531 51.35 0.75 67.19
C LEU K 531 50.33 1.82 67.52
N LEU K 532 49.10 1.42 67.84
CA LEU K 532 48.04 2.39 68.11
C LEU K 532 48.41 3.31 69.26
N LEU K 533 48.82 2.74 70.40
CA LEU K 533 49.12 3.59 71.55
C LEU K 533 50.54 4.15 71.47
N GLY K 534 51.54 3.29 71.56
CA GLY K 534 52.90 3.73 71.33
C GLY K 534 53.51 4.36 72.57
N ASP K 535 54.60 3.76 73.07
CA ASP K 535 55.34 4.31 74.21
C ASP K 535 54.46 4.57 75.43
N LEU K 536 53.25 4.02 75.44
CA LEU K 536 52.36 4.12 76.59
C LEU K 536 52.43 2.88 77.47
N TYR K 537 52.20 1.72 76.89
CA TYR K 537 52.32 0.45 77.56
C TYR K 537 53.54 -0.28 77.04
N SER K 538 54.19 -1.04 77.92
CA SER K 538 55.25 -1.93 77.47
C SER K 538 54.65 -3.04 76.60
N VAL K 539 55.44 -3.50 75.63
CA VAL K 539 54.95 -4.49 74.67
C VAL K 539 54.35 -5.68 75.39
N GLU K 540 54.92 -6.05 76.53
CA GLU K 540 54.41 -7.21 77.25
C GLU K 540 53.05 -6.94 77.87
N LYS K 541 52.83 -5.73 78.39
CA LYS K 541 51.54 -5.40 78.96
C LYS K 541 50.46 -5.40 77.89
N ILE K 542 50.79 -4.95 76.68
CA ILE K 542 49.84 -5.00 75.57
C ILE K 542 49.44 -6.44 75.27
N VAL K 543 50.43 -7.32 75.17
CA VAL K 543 50.16 -8.71 74.81
C VAL K 543 49.33 -9.39 75.89
N ASN K 544 49.58 -9.03 77.16
CA ASN K 544 48.92 -9.72 78.27
C ASN K 544 47.41 -9.56 78.19
N GLU K 545 46.93 -8.34 77.96
CA GLU K 545 45.49 -8.13 77.83
C GLU K 545 44.91 -8.89 76.64
N ILE K 546 45.73 -9.26 75.66
CA ILE K 546 45.21 -10.00 74.51
C ILE K 546 45.08 -11.48 74.85
N VAL K 547 46.02 -12.03 75.62
CA VAL K 547 45.87 -13.40 76.07
C VAL K 547 44.99 -13.49 77.32
N SER K 548 44.72 -12.36 77.98
CA SER K 548 43.79 -12.31 79.09
C SER K 548 42.35 -12.10 78.63
N ARG K 549 42.05 -12.41 77.37
CA ARG K 549 40.71 -12.27 76.84
C ARG K 549 40.56 -13.29 75.71
N ASP K 550 39.36 -13.36 75.14
CA ASP K 550 39.09 -14.29 74.06
C ASP K 550 38.34 -13.61 72.93
N VAL K 551 38.60 -12.33 72.69
CA VAL K 551 37.96 -11.61 71.60
C VAL K 551 38.21 -12.34 70.29
N LYS K 552 37.15 -12.60 69.55
CA LYS K 552 37.24 -13.27 68.25
C LYS K 552 36.65 -12.34 67.21
N ILE K 553 37.52 -11.76 66.38
CA ILE K 553 37.14 -10.76 65.40
C ILE K 553 37.11 -11.44 64.04
N GLU K 554 35.91 -11.73 63.54
CA GLU K 554 35.75 -12.38 62.25
C GLU K 554 35.54 -11.31 61.19
N ILE K 555 36.34 -11.38 60.13
CA ILE K 555 36.32 -10.39 59.05
C ILE K 555 35.67 -11.03 57.82
N PRO K 556 34.80 -10.31 57.13
CA PRO K 556 34.16 -10.89 55.94
C PRO K 556 35.17 -11.24 54.87
N SER K 557 34.71 -12.04 53.91
CA SER K 557 35.48 -12.33 52.72
C SER K 557 34.63 -12.02 51.50
N THR K 558 35.24 -12.07 50.32
CA THR K 558 34.50 -11.76 49.11
C THR K 558 33.37 -12.74 48.85
N SER K 559 33.41 -13.92 49.48
CA SER K 559 32.28 -14.83 49.39
C SER K 559 31.17 -14.44 50.35
N ASP K 560 31.52 -13.80 51.48
CA ASP K 560 30.50 -13.32 52.39
C ASP K 560 29.76 -12.12 51.81
N ILE K 561 30.48 -11.20 51.18
CA ILE K 561 29.85 -10.03 50.57
C ILE K 561 28.94 -10.45 49.43
N ALA K 562 29.32 -11.48 48.69
CA ALA K 562 28.49 -11.98 47.60
C ALA K 562 27.30 -12.79 48.08
N SER K 563 27.02 -12.80 49.37
CA SER K 563 25.93 -13.58 49.92
C SER K 563 25.01 -12.77 50.82
N ILE K 564 25.09 -11.44 50.77
CA ILE K 564 24.28 -10.60 51.65
C ILE K 564 22.80 -10.86 51.40
N LYS K 565 22.36 -10.70 50.16
CA LYS K 565 20.94 -10.85 49.86
C LYS K 565 20.47 -12.28 50.12
N THR K 566 21.37 -13.25 50.03
CA THR K 566 20.99 -14.62 50.37
C THR K 566 20.89 -14.80 51.89
N PHE K 567 21.93 -14.39 52.62
CA PHE K 567 21.85 -14.41 54.07
C PHE K 567 20.64 -13.61 54.56
N GLU K 568 20.47 -12.40 54.04
CA GLU K 568 19.36 -11.55 54.45
C GLU K 568 18.00 -12.08 54.01
N GLU K 569 17.98 -13.08 53.12
CA GLU K 569 16.71 -13.69 52.73
C GLU K 569 16.38 -14.89 53.60
N MET K 570 17.34 -15.79 53.81
CA MET K 570 17.14 -16.89 54.73
C MET K 570 17.13 -16.43 56.19
N ILE K 571 17.37 -15.16 56.44
CA ILE K 571 17.32 -14.64 57.81
C ILE K 571 15.93 -14.17 58.20
N GLU K 572 15.04 -14.01 57.23
CA GLU K 572 13.65 -13.68 57.48
C GLU K 572 12.71 -14.79 57.01
N LYS K 573 13.26 -15.85 56.43
CA LYS K 573 12.56 -17.11 56.22
C LYS K 573 13.19 -18.18 57.09
N LYS K 574 13.59 -17.80 58.30
CA LYS K 574 14.38 -18.67 59.17
C LYS K 574 13.67 -19.97 59.48
N ASN K 575 12.52 -19.88 60.17
CA ASN K 575 11.85 -21.09 60.66
C ASN K 575 11.57 -22.07 59.54
N GLU K 576 11.16 -21.56 58.37
CA GLU K 576 10.86 -22.43 57.24
C GLU K 576 12.13 -23.11 56.72
N ILE K 577 13.18 -22.31 56.51
CA ILE K 577 14.45 -22.82 56.00
C ILE K 577 15.18 -23.59 57.09
N CYS K 578 14.55 -23.72 58.26
CA CYS K 578 15.32 -24.19 59.40
C CYS K 578 15.19 -25.68 59.65
N GLU K 579 13.97 -26.22 59.63
CA GLU K 579 13.78 -27.62 59.99
C GLU K 579 14.58 -28.55 59.10
N ASP K 580 14.56 -28.30 57.79
CA ASP K 580 15.14 -29.24 56.84
C ASP K 580 16.61 -29.48 57.10
N LEU K 581 17.36 -28.42 57.44
CA LEU K 581 18.80 -28.62 57.64
C LEU K 581 19.08 -29.11 59.06
N LYS K 582 18.84 -28.27 60.06
CA LYS K 582 18.85 -28.62 61.47
C LYS K 582 20.23 -29.07 61.94
N GLU K 583 21.15 -29.27 61.00
CA GLU K 583 22.45 -29.85 61.29
C GLU K 583 23.58 -29.23 60.49
N GLU K 584 23.30 -28.29 59.61
CA GLU K 584 24.26 -27.83 58.62
C GLU K 584 24.88 -26.48 58.99
N GLU K 585 24.80 -26.10 60.26
CA GLU K 585 25.34 -24.86 60.82
C GLU K 585 24.66 -23.63 60.25
N VAL K 586 23.66 -23.80 59.38
CA VAL K 586 22.86 -22.66 58.94
C VAL K 586 21.85 -22.29 60.02
N CYS K 587 21.18 -23.29 60.59
CA CYS K 587 20.37 -23.11 61.79
C CYS K 587 21.14 -23.37 63.08
N GLU K 588 22.46 -23.28 63.04
CA GLU K 588 23.16 -23.37 64.31
C GLU K 588 22.87 -22.11 65.13
N LYS K 589 22.97 -22.23 66.43
CA LYS K 589 22.73 -21.08 67.26
C LYS K 589 24.06 -20.44 67.63
N PRO K 590 24.18 -19.11 67.57
CA PRO K 590 25.44 -18.48 67.97
C PRO K 590 25.92 -18.98 69.32
N SER K 591 27.03 -19.70 69.30
CA SER K 591 27.58 -20.31 70.50
C SER K 591 28.61 -19.42 71.19
N GLU K 592 28.91 -18.27 70.61
CA GLU K 592 29.87 -17.34 71.20
C GLU K 592 29.31 -15.94 71.14
N SER K 593 30.14 -14.95 71.41
CA SER K 593 29.78 -13.54 71.30
C SER K 593 30.82 -12.81 70.46
N VAL K 594 31.18 -13.41 69.32
CA VAL K 594 32.18 -12.80 68.46
C VAL K 594 31.62 -11.52 67.85
N LEU K 595 32.52 -10.69 67.33
CA LEU K 595 32.16 -9.40 66.79
C LEU K 595 33.01 -9.10 65.57
N SER K 596 32.68 -7.98 64.92
CA SER K 596 33.32 -7.62 63.67
C SER K 596 33.23 -6.13 63.47
N MET K 597 34.18 -5.57 62.73
CA MET K 597 34.06 -4.17 62.33
C MET K 597 32.98 -3.98 61.28
N TRP K 598 32.52 -5.06 60.66
CA TRP K 598 31.50 -5.03 59.62
C TRP K 598 30.15 -4.74 60.26
N GLN K 599 29.65 -3.52 60.06
CA GLN K 599 28.38 -3.16 60.70
C GLN K 599 27.20 -3.67 59.88
N TRP K 600 27.28 -4.89 59.44
CA TRP K 600 26.16 -5.70 58.98
C TRP K 600 26.18 -7.07 59.62
N PHE K 601 27.36 -7.64 59.81
CA PHE K 601 27.50 -8.87 60.56
C PHE K 601 27.13 -8.65 62.03
N ASN K 602 27.71 -7.62 62.65
CA ASN K 602 27.29 -7.24 63.99
C ASN K 602 25.80 -6.99 64.04
N LYS K 603 25.26 -6.33 63.00
CA LYS K 603 23.89 -5.87 63.09
C LYS K 603 22.90 -7.02 63.15
N ASN K 604 23.16 -8.13 62.46
CA ASN K 604 22.23 -9.21 62.67
C ASN K 604 22.75 -10.21 63.69
N TYR K 605 23.61 -11.13 63.25
CA TYR K 605 24.33 -12.08 64.09
C TYR K 605 23.44 -12.82 65.09
N TYR K 606 22.16 -12.47 65.14
CA TYR K 606 21.28 -12.89 66.22
C TYR K 606 19.92 -13.25 65.69
N ASN K 607 19.90 -13.97 64.58
CA ASN K 607 18.67 -14.51 64.02
C ASN K 607 18.85 -15.98 63.73
N GLY K 608 19.45 -16.70 64.68
CA GLY K 608 19.68 -18.13 64.59
C GLY K 608 20.22 -18.57 63.25
N ILE K 609 20.98 -17.70 62.60
CA ILE K 609 21.40 -17.94 61.22
C ILE K 609 22.88 -18.22 61.09
N ASN K 610 23.72 -17.88 62.07
CA ASN K 610 25.12 -18.27 62.10
C ASN K 610 25.86 -17.75 60.86
N LEU K 611 25.99 -16.43 60.81
CA LEU K 611 26.62 -15.75 59.69
C LEU K 611 28.11 -16.05 59.59
N THR K 612 28.62 -16.96 60.42
CA THR K 612 30.02 -17.32 60.41
C THR K 612 30.34 -18.42 59.40
N ILE K 613 29.33 -19.06 58.83
CA ILE K 613 29.56 -20.20 57.95
C ILE K 613 30.27 -19.73 56.68
N ASP K 614 31.32 -20.45 56.30
CA ASP K 614 32.05 -20.17 55.09
C ASP K 614 31.23 -20.58 53.88
N PRO K 615 30.71 -19.63 53.09
CA PRO K 615 29.82 -20.00 51.98
C PRO K 615 30.45 -20.92 50.96
N GLU K 616 31.77 -21.11 50.99
CA GLU K 616 32.44 -22.01 50.07
C GLU K 616 32.38 -23.46 50.52
N GLU K 617 31.73 -23.75 51.65
CA GLU K 617 31.35 -25.11 52.03
C GLU K 617 29.84 -25.27 51.95
N TYR K 618 29.20 -24.43 51.16
CA TYR K 618 27.76 -24.22 51.08
C TYR K 618 27.49 -23.80 49.65
N TRP K 619 26.43 -23.03 49.42
CA TRP K 619 25.98 -22.68 48.08
C TRP K 619 27.11 -22.34 47.10
N PHE K 620 28.27 -21.90 47.61
CA PHE K 620 29.41 -21.63 46.77
C PHE K 620 30.41 -22.78 46.75
N SER K 621 30.00 -23.97 47.18
CA SER K 621 30.89 -25.12 47.19
C SER K 621 30.63 -26.00 45.96
N GLU K 622 31.31 -27.13 45.92
CA GLU K 622 31.19 -28.10 44.84
C GLU K 622 30.59 -29.41 45.28
N LYS K 623 30.95 -29.90 46.47
CA LYS K 623 30.28 -31.07 47.02
C LYS K 623 28.88 -30.74 47.53
N ARG K 624 28.54 -29.46 47.67
CA ARG K 624 27.27 -29.07 48.28
C ARG K 624 26.51 -28.05 47.45
N ARG K 625 26.91 -27.81 46.19
CA ARG K 625 26.25 -26.79 45.39
C ARG K 625 24.82 -27.17 45.08
N ARG K 626 24.62 -28.35 44.46
CA ARG K 626 23.28 -28.74 44.05
C ARG K 626 22.34 -28.92 45.24
N TYR K 627 22.89 -29.34 46.38
CA TYR K 627 22.08 -29.48 47.58
C TYR K 627 21.41 -28.15 47.93
N TYR K 628 22.22 -27.13 48.20
CA TYR K 628 21.66 -25.84 48.61
C TYR K 628 20.97 -25.12 47.47
N PHE K 629 21.20 -25.53 46.23
CA PHE K 629 20.33 -25.08 45.15
C PHE K 629 18.92 -25.63 45.36
N SER K 630 18.82 -26.92 45.68
CA SER K 630 17.52 -27.50 45.95
C SER K 630 16.91 -26.94 47.21
N VAL K 631 17.71 -26.78 48.27
CA VAL K 631 17.21 -26.18 49.51
C VAL K 631 16.64 -24.80 49.22
N PHE K 632 17.41 -23.96 48.54
CA PHE K 632 16.91 -22.64 48.16
C PHE K 632 15.76 -22.73 47.18
N ARG K 633 15.69 -23.83 46.42
CA ARG K 633 14.63 -23.98 45.43
C ARG K 633 13.27 -24.07 46.10
N ARG K 634 13.14 -24.95 47.10
CA ARG K 634 11.84 -25.20 47.70
C ARG K 634 11.31 -24.00 48.46
N HIS K 635 12.19 -23.10 48.91
CA HIS K 635 11.79 -22.02 49.78
C HIS K 635 11.75 -20.67 49.07
N ARG K 636 11.70 -20.68 47.74
CA ARG K 636 11.63 -19.46 46.93
C ARG K 636 12.79 -18.52 47.23
N ILE K 637 13.93 -19.07 47.61
CA ILE K 637 15.14 -18.30 47.89
C ILE K 637 16.01 -18.35 46.64
N THR K 638 16.35 -17.17 46.11
CA THR K 638 17.13 -17.11 44.89
C THR K 638 18.59 -17.48 45.16
N PHE K 639 19.13 -18.35 44.31
CA PHE K 639 20.52 -18.76 44.45
C PHE K 639 21.42 -17.53 44.29
N PRO K 640 22.45 -17.39 45.11
CA PRO K 640 23.25 -16.17 45.10
C PRO K 640 24.13 -16.06 43.87
N SER K 641 24.54 -14.83 43.58
CA SER K 641 25.49 -14.56 42.52
C SER K 641 26.89 -14.43 43.10
N PRO K 642 27.89 -14.97 42.41
CA PRO K 642 29.26 -14.96 42.94
C PRO K 642 29.96 -13.61 42.86
N TYR K 643 29.26 -12.53 42.52
CA TYR K 643 29.90 -11.26 42.23
C TYR K 643 29.66 -10.27 43.36
N TYR K 644 30.71 -9.55 43.72
CA TYR K 644 30.62 -8.40 44.59
C TYR K 644 31.12 -7.18 43.83
N ALA K 645 31.12 -6.03 44.49
CA ALA K 645 31.54 -4.80 43.87
C ALA K 645 32.64 -4.17 44.72
N LEU K 646 33.81 -3.96 44.12
CA LEU K 646 34.90 -3.29 44.80
C LEU K 646 34.83 -1.81 44.45
N VAL K 647 34.34 -1.00 45.39
CA VAL K 647 34.13 0.42 45.18
C VAL K 647 35.31 1.17 45.76
N ARG K 648 35.88 2.08 44.97
CA ARG K 648 37.04 2.86 45.39
C ARG K 648 36.81 4.31 45.02
N ALA K 649 36.58 5.14 46.03
CA ALA K 649 36.38 6.56 45.81
C ALA K 649 37.66 7.33 46.08
N ASP K 650 37.85 8.41 45.35
CA ASP K 650 38.96 9.31 45.60
C ASP K 650 38.57 10.69 45.08
N SER K 651 38.89 11.71 45.87
CA SER K 651 38.53 13.06 45.49
C SER K 651 39.47 13.58 44.40
N ASP K 652 39.00 14.59 43.68
CA ASP K 652 39.70 15.10 42.51
C ASP K 652 40.42 16.40 42.86
N TYR K 653 41.73 16.42 42.65
CA TYR K 653 42.54 17.63 42.79
C TYR K 653 42.50 18.16 44.22
N LEU K 654 42.40 17.25 45.19
CA LEU K 654 42.39 17.68 46.59
C LEU K 654 43.75 18.21 47.01
N GLY K 655 44.79 17.40 46.83
CA GLY K 655 46.13 17.88 47.08
C GLY K 655 46.46 19.10 46.23
N ASP K 656 45.90 19.15 45.01
CA ASP K 656 46.00 20.34 44.19
C ASP K 656 45.19 21.49 44.76
N LEU K 657 44.14 21.20 45.51
CA LEU K 657 43.38 22.24 46.18
C LEU K 657 44.10 22.78 47.40
N LEU K 658 44.86 21.94 48.09
CA LEU K 658 45.63 22.41 49.24
C LEU K 658 46.67 23.45 48.85
N GLU K 659 47.08 23.47 47.59
CA GLU K 659 47.94 24.52 47.07
C GLU K 659 47.17 25.79 46.74
N GLY K 660 45.87 25.83 47.03
CA GLY K 660 45.07 26.98 46.70
C GLY K 660 44.70 27.11 45.24
N LYS K 661 45.05 26.13 44.41
CA LYS K 661 44.78 26.23 42.98
C LYS K 661 43.29 26.12 42.72
N LEU K 662 42.91 26.35 41.46
CA LEU K 662 41.51 26.37 41.06
C LEU K 662 41.13 25.20 40.18
N THR K 663 42.02 24.22 40.01
CA THR K 663 41.66 23.05 39.22
C THR K 663 40.48 22.27 39.78
N PRO K 664 40.30 22.12 41.11
CA PRO K 664 39.10 21.42 41.57
C PRO K 664 37.82 22.11 41.17
N TYR K 665 37.84 23.44 41.01
CA TYR K 665 36.67 24.16 40.53
C TYR K 665 36.44 23.86 39.06
N LEU K 666 37.40 24.25 38.23
CA LEU K 666 37.29 24.10 36.78
C LEU K 666 38.02 22.86 36.31
N ALA K 667 37.55 21.70 36.76
CA ALA K 667 38.20 20.45 36.42
C ALA K 667 38.09 20.19 34.93
N GLY K 668 39.22 20.12 34.26
CA GLY K 668 39.25 19.91 32.82
C GLY K 668 39.33 21.15 31.98
N ILE K 669 38.60 22.19 32.37
CA ILE K 669 38.70 23.47 31.67
C ILE K 669 40.07 24.08 31.87
N ILE K 670 40.56 24.05 33.11
CA ILE K 670 41.96 24.29 33.41
C ILE K 670 42.49 23.05 34.10
N ASP K 671 43.69 22.63 33.72
CA ASP K 671 44.31 21.47 34.32
C ASP K 671 45.53 21.89 35.12
N SER K 672 46.01 20.97 35.97
CA SER K 672 47.17 21.25 36.79
C SER K 672 48.33 21.77 35.96
N GLY K 673 48.45 21.30 34.72
CA GLY K 673 49.51 21.79 33.85
C GLY K 673 49.38 23.25 33.50
N ASP K 674 48.15 23.79 33.54
CA ASP K 674 47.95 25.18 33.17
C ASP K 674 48.62 26.14 34.14
N TYR K 675 48.92 25.71 35.36
CA TYR K 675 49.53 26.61 36.33
C TYR K 675 51.00 26.87 36.07
N ALA K 676 51.59 26.21 35.08
CA ALA K 676 52.90 26.62 34.60
C ALA K 676 52.84 27.95 33.88
N ASN K 677 51.67 28.34 33.39
CA ASN K 677 51.47 29.66 32.80
C ASN K 677 49.98 29.99 32.98
N ILE K 678 49.66 30.74 34.02
CA ILE K 678 48.26 31.00 34.32
C ILE K 678 47.67 32.06 33.39
N SER K 679 48.53 32.83 32.72
CA SER K 679 48.04 33.87 31.83
C SER K 679 47.27 33.31 30.64
N GLU K 680 47.51 32.04 30.29
CA GLU K 680 46.79 31.46 29.15
C GLU K 680 45.33 31.24 29.50
N LYS K 681 45.03 31.06 30.78
CA LYS K 681 43.66 30.91 31.27
C LYS K 681 43.24 32.12 32.09
N LYS K 682 43.82 33.29 31.79
CA LYS K 682 43.58 34.48 32.59
C LYS K 682 42.12 34.88 32.61
N GLU K 683 41.37 34.55 31.55
CA GLU K 683 39.99 35.03 31.45
C GLU K 683 39.10 34.29 32.44
N GLU K 684 39.36 33.00 32.68
CA GLU K 684 38.51 32.19 33.53
C GLU K 684 38.98 32.16 34.98
N VAL K 685 40.28 32.01 35.20
CA VAL K 685 40.81 31.99 36.56
C VAL K 685 40.47 33.27 37.29
N ASN K 686 40.28 34.36 36.54
CA ASN K 686 39.90 35.62 37.17
C ASN K 686 38.40 35.69 37.41
N LYS K 687 37.60 35.20 36.45
CA LYS K 687 36.15 35.22 36.62
C LYS K 687 35.73 34.49 37.88
N LEU K 688 36.44 33.41 38.21
CA LEU K 688 36.15 32.67 39.43
C LEU K 688 36.71 33.38 40.66
N LEU K 689 37.99 33.75 40.61
CA LEU K 689 38.63 34.36 41.76
C LEU K 689 37.96 35.68 42.13
N GLU K 690 37.63 36.50 41.13
CA GLU K 690 36.88 37.71 41.40
C GLU K 690 35.53 37.38 42.03
N GLU K 691 34.93 36.26 41.64
CA GLU K 691 33.63 35.89 42.21
C GLU K 691 33.78 35.37 43.63
N TYR K 692 34.84 34.62 43.91
CA TYR K 692 35.04 34.10 45.25
C TYR K 692 35.30 35.22 46.24
N LEU K 693 36.07 36.23 45.83
CA LEU K 693 36.44 37.28 46.76
C LEU K 693 35.26 38.18 47.09
N VAL K 694 34.45 38.54 46.09
CA VAL K 694 33.35 39.45 46.34
C VAL K 694 32.28 38.80 47.20
N ASN K 695 31.98 37.52 46.94
CA ASN K 695 30.94 36.86 47.69
C ASN K 695 31.38 36.56 49.11
N ALA K 696 32.63 36.15 49.29
CA ALA K 696 33.19 36.10 50.63
C ALA K 696 33.28 37.51 51.20
N GLY K 697 33.18 37.62 52.51
CA GLY K 697 33.26 38.92 53.13
C GLY K 697 32.09 39.81 52.76
N SER K 698 30.90 39.45 53.22
CA SER K 698 29.70 40.22 52.94
C SER K 698 29.43 41.22 54.07
N GLY K 699 28.65 42.26 53.73
CA GLY K 699 28.38 43.32 54.67
C GLY K 699 28.65 44.68 54.05
N SER K 700 29.08 45.65 54.87
CA SER K 700 29.49 46.93 54.32
C SER K 700 30.83 46.83 53.60
N ILE K 701 31.58 45.76 53.85
CA ILE K 701 32.92 45.63 53.29
C ILE K 701 32.88 45.27 51.82
N VAL K 702 31.83 44.59 51.36
CA VAL K 702 31.85 44.01 50.01
C VAL K 702 31.96 45.11 48.96
N ASP K 703 31.19 46.18 49.10
CA ASP K 703 31.26 47.25 48.11
C ASP K 703 32.61 47.93 48.09
N TYR K 704 33.38 47.82 49.18
CA TYR K 704 34.75 48.32 49.17
C TYR K 704 35.64 47.46 48.28
N VAL K 705 35.63 46.15 48.50
CA VAL K 705 36.47 45.26 47.70
C VAL K 705 35.92 45.12 46.29
N LYS K 706 34.61 45.30 46.11
CA LYS K 706 34.03 45.28 44.78
C LYS K 706 34.69 46.32 43.87
N THR K 707 35.13 47.44 44.46
CA THR K 707 35.80 48.47 43.68
C THR K 707 37.29 48.24 43.57
N VAL K 708 37.88 47.49 44.51
CA VAL K 708 39.30 47.18 44.40
C VAL K 708 39.56 46.19 43.29
N LEU K 709 38.69 45.19 43.11
CA LEU K 709 38.86 44.27 41.99
C LEU K 709 38.45 44.90 40.67
N LYS K 710 37.64 45.95 40.72
CA LYS K 710 37.29 46.68 39.51
C LYS K 710 38.54 47.32 38.90
N CYS K 711 39.33 48.02 39.71
CA CYS K 711 40.48 48.77 39.22
C CYS K 711 41.72 47.88 39.10
N ILE K 712 41.53 46.71 38.49
CA ILE K 712 42.65 45.83 38.21
C ILE K 712 42.63 45.36 36.75
N ARG K 713 41.43 45.04 36.26
CA ARG K 713 41.19 44.03 35.22
C ARG K 713 42.22 43.97 34.09
N GLU K 714 42.35 45.04 33.30
CA GLU K 714 43.33 45.06 32.21
C GLU K 714 44.54 45.91 32.60
N ASN K 715 45.37 45.37 33.48
CA ASN K 715 46.60 46.03 33.93
C ASN K 715 46.32 47.49 34.30
N LEU K 716 45.48 47.65 35.31
CA LEU K 716 44.92 48.94 35.64
C LEU K 716 45.83 49.73 36.58
N ASN K 717 45.23 50.69 37.26
CA ASN K 717 45.83 51.86 37.90
C ASN K 717 47.22 51.74 38.50
N LYS K 718 47.60 50.57 39.02
CA LYS K 718 48.92 50.44 39.65
C LYS K 718 49.02 51.41 40.82
N CYS K 719 48.24 51.16 41.86
CA CYS K 719 48.14 51.94 43.11
C CYS K 719 47.37 53.23 42.90
N SER K 720 47.01 53.57 41.66
CA SER K 720 46.19 54.77 41.43
C SER K 720 44.72 54.42 41.46
N CYS K 721 44.32 53.70 42.50
CA CYS K 721 42.95 53.25 42.68
C CYS K 721 42.44 53.70 44.04
N ALA K 722 43.38 54.08 44.91
CA ALA K 722 43.04 54.66 46.21
C ALA K 722 41.89 55.63 46.02
N GLU K 723 42.03 56.51 45.03
CA GLU K 723 41.01 57.53 44.75
C GLU K 723 39.62 56.92 44.78
N LYS K 724 39.41 55.80 44.09
CA LYS K 724 38.11 55.16 44.11
C LYS K 724 37.83 54.49 45.44
N ILE K 725 38.85 54.00 46.13
CA ILE K 725 38.65 53.20 47.33
C ILE K 725 39.04 53.93 48.60
N TYR K 726 39.88 54.95 48.52
CA TYR K 726 40.09 55.83 49.67
C TYR K 726 38.76 56.40 50.15
N SER K 727 37.98 56.97 49.22
CA SER K 727 36.64 57.43 49.53
C SER K 727 35.85 56.35 50.25
N ASN K 728 36.01 55.10 49.82
CA ASN K 728 35.33 54.00 50.51
C ASN K 728 35.80 53.89 51.95
N GLU K 729 37.11 53.95 52.17
CA GLU K 729 37.67 53.72 53.50
C GLU K 729 37.69 54.99 54.35
N VAL K 730 38.16 56.12 53.80
CA VAL K 730 38.31 57.30 54.64
C VAL K 730 36.96 57.85 55.06
N ALA K 731 35.96 57.79 54.18
CA ALA K 731 34.62 58.14 54.59
C ALA K 731 34.00 57.10 55.50
N LYS K 732 34.76 56.06 55.85
CA LYS K 732 34.31 55.03 56.77
C LYS K 732 35.08 55.05 58.09
N VAL K 733 36.33 55.48 58.07
CA VAL K 733 37.16 55.42 59.28
C VAL K 733 36.68 56.40 60.34
N MET K 734 35.91 57.41 59.94
CA MET K 734 35.40 58.37 60.92
C MET K 734 34.16 57.85 61.63
N PHE K 735 33.66 56.68 61.27
CA PHE K 735 32.52 56.10 61.98
C PHE K 735 32.85 55.78 63.43
N ARG K 736 34.12 55.85 63.81
CA ARG K 736 34.53 55.70 65.20
C ARG K 736 35.86 56.41 65.41
N VAL K 737 35.95 57.20 66.47
CA VAL K 737 37.14 58.03 66.72
C VAL K 737 38.10 57.16 67.54
N ASN K 738 38.81 56.28 66.84
CA ASN K 738 39.87 55.50 67.47
C ASN K 738 41.05 55.25 66.53
N VAL K 739 41.05 55.83 65.32
CA VAL K 739 42.08 55.55 64.33
C VAL K 739 43.43 55.99 64.87
N GLU K 740 44.34 55.04 65.07
CA GLU K 740 45.63 55.36 65.68
C GLU K 740 46.60 55.96 64.67
N LYS K 741 47.06 55.16 63.71
CA LYS K 741 47.93 55.65 62.66
C LYS K 741 47.60 54.95 61.34
N ALA K 742 46.32 54.86 61.03
CA ALA K 742 45.90 54.15 59.81
C ALA K 742 46.21 54.98 58.57
N ASN K 743 47.37 54.72 57.96
CA ASN K 743 47.76 55.44 56.75
C ASN K 743 46.94 54.90 55.58
N VAL K 744 45.77 55.50 55.35
CA VAL K 744 44.81 54.95 54.41
C VAL K 744 45.42 54.78 53.03
N GLU K 745 46.36 55.65 52.65
CA GLU K 745 47.01 55.51 51.35
C GLU K 745 47.87 54.28 51.27
N GLU K 746 48.26 53.71 52.41
CA GLU K 746 48.98 52.44 52.43
C GLU K 746 48.04 51.27 52.67
N GLU K 747 47.04 51.46 53.53
CA GLU K 747 46.09 50.39 53.82
C GLU K 747 45.41 49.88 52.55
N VAL K 748 44.89 50.80 51.74
CA VAL K 748 44.23 50.38 50.51
C VAL K 748 45.26 49.86 49.51
N LYS K 749 46.52 50.25 49.66
CA LYS K 749 47.57 49.72 48.80
C LYS K 749 47.87 48.26 49.16
N ASN K 750 48.08 47.98 50.44
CA ASN K 750 48.36 46.62 50.87
C ASN K 750 47.22 45.68 50.49
N SER K 751 45.98 46.13 50.63
CA SER K 751 44.85 45.34 50.15
C SER K 751 44.93 45.15 48.65
N LEU K 752 45.23 46.23 47.92
CA LEU K 752 45.43 46.09 46.48
C LEU K 752 46.63 45.22 46.16
N GLU K 753 47.64 45.23 47.03
CA GLU K 753 48.77 44.33 46.84
C GLU K 753 48.36 42.88 47.09
N TYR K 754 47.47 42.66 48.04
CA TYR K 754 47.01 41.31 48.34
C TYR K 754 46.29 40.70 47.15
N PHE K 755 45.17 41.31 46.74
CA PHE K 755 44.38 40.76 45.64
C PHE K 755 45.19 40.65 44.36
N GLU K 756 46.17 41.53 44.17
CA GLU K 756 47.02 41.44 43.00
C GLU K 756 47.71 40.09 42.94
N THR K 757 48.39 39.71 44.02
CA THR K 757 49.07 38.41 44.05
C THR K 757 48.09 37.26 43.86
N ILE K 758 46.88 37.40 44.40
CA ILE K 758 45.87 36.36 44.21
C ILE K 758 45.55 36.19 42.73
N LEU K 759 45.26 37.29 42.04
CA LEU K 759 44.87 37.21 40.64
C LEU K 759 46.07 36.96 39.74
N ASN K 760 47.25 37.41 40.13
CA ASN K 760 48.45 37.11 39.34
C ASN K 760 48.80 35.64 39.41
N GLU K 761 48.81 35.07 40.61
CA GLU K 761 49.11 33.66 40.78
C GLU K 761 47.95 32.77 40.37
N GLY K 762 46.76 33.33 40.22
CA GLY K 762 45.61 32.53 39.85
C GLY K 762 45.25 31.46 40.85
N ARG K 763 45.48 31.71 42.14
CA ARG K 763 45.21 30.70 43.15
C ARG K 763 45.09 31.38 44.51
N ILE K 764 44.25 30.81 45.36
CA ILE K 764 44.08 31.34 46.70
C ILE K 764 45.38 31.24 47.47
N ILE K 765 45.74 32.31 48.17
CA ILE K 765 46.93 32.28 49.02
C ILE K 765 46.62 31.42 50.24
N VAL K 766 47.38 30.33 50.39
CA VAL K 766 47.07 29.32 51.39
C VAL K 766 47.63 29.75 52.74
N THR K 767 46.78 29.69 53.76
CA THR K 767 47.17 29.95 55.14
C THR K 767 46.91 28.68 55.95
N PRO K 768 47.35 28.63 57.21
CA PRO K 768 46.99 27.45 58.03
C PRO K 768 45.49 27.25 58.16
N ALA K 769 44.73 28.31 58.38
CA ALA K 769 43.29 28.16 58.56
C ALA K 769 42.64 27.56 57.32
N TRP K 770 43.16 27.90 56.13
CA TRP K 770 42.67 27.28 54.92
C TRP K 770 42.92 25.77 54.94
N HIS K 771 44.06 25.35 55.50
CA HIS K 771 44.35 23.94 55.59
C HIS K 771 43.55 23.26 56.69
N VAL K 772 43.60 23.81 57.90
CA VAL K 772 42.92 23.19 59.03
C VAL K 772 41.43 23.03 58.76
N SER K 773 40.83 23.97 58.04
CA SER K 773 39.42 23.85 57.72
C SER K 773 39.17 22.73 56.72
N ILE K 774 39.94 22.72 55.63
CA ILE K 774 39.82 21.63 54.66
C ILE K 774 40.14 20.30 55.32
N SER K 775 41.13 20.29 56.20
CA SER K 775 41.53 19.05 56.85
C SER K 775 40.44 18.54 57.79
N SER K 776 39.89 19.41 58.62
CA SER K 776 38.87 18.98 59.56
C SER K 776 37.62 18.54 58.82
N ALA K 777 37.17 19.33 57.84
CA ALA K 777 36.04 18.92 57.02
C ALA K 777 36.28 17.58 56.37
N LEU K 778 37.52 17.34 55.93
CA LEU K 778 37.88 16.05 55.37
C LEU K 778 37.73 14.92 56.38
N ASN K 779 37.83 15.21 57.67
CA ASN K 779 37.62 14.21 58.70
C ASN K 779 36.15 14.06 59.07
N ARG K 780 35.37 15.13 58.93
CA ARG K 780 33.93 15.01 59.16
C ARG K 780 33.25 14.31 58.00
N GLY K 781 33.68 14.60 56.77
CA GLY K 781 33.18 13.86 55.63
C GLY K 781 33.54 12.39 55.70
N LEU K 782 34.63 12.07 56.38
CA LEU K 782 34.97 10.67 56.61
C LEU K 782 33.93 9.98 57.48
N LEU K 783 33.42 10.69 58.48
CA LEU K 783 32.42 10.10 59.37
C LEU K 783 31.16 9.74 58.60
N VAL K 784 30.60 10.69 57.87
CA VAL K 784 29.38 10.43 57.13
C VAL K 784 29.61 9.38 56.05
N GLU K 785 30.83 9.31 55.52
CA GLU K 785 31.13 8.30 54.52
C GLU K 785 31.12 6.89 55.10
N LEU K 786 31.42 6.74 56.38
CA LEU K 786 31.41 5.41 56.99
C LEU K 786 30.00 4.93 57.27
N GLU K 787 29.10 5.84 57.67
CA GLU K 787 27.72 5.44 57.87
C GLU K 787 27.08 4.98 56.57
N LEU K 788 27.47 5.59 55.45
CA LEU K 788 26.91 5.21 54.16
C LEU K 788 27.37 3.82 53.74
N VAL K 789 28.63 3.49 53.99
CA VAL K 789 29.09 2.16 53.64
C VAL K 789 28.49 1.11 54.56
N ASN K 790 28.11 1.50 55.78
CA ASN K 790 27.41 0.57 56.65
C ASN K 790 25.93 0.49 56.27
N LYS K 791 25.33 1.62 55.91
CA LYS K 791 23.93 1.63 55.51
C LYS K 791 23.69 0.73 54.30
N HIS K 792 24.65 0.66 53.39
CA HIS K 792 24.53 -0.15 52.18
C HIS K 792 25.19 -1.51 52.33
N LYS K 793 25.30 -2.00 53.57
CA LYS K 793 25.73 -3.37 53.85
C LYS K 793 27.10 -3.67 53.28
N GLY K 794 27.96 -2.66 53.20
CA GLY K 794 29.29 -2.82 52.67
C GLY K 794 30.33 -3.04 53.74
N PHE K 795 31.57 -3.23 53.29
CA PHE K 795 32.71 -3.51 54.16
C PHE K 795 33.83 -2.54 53.83
N VAL K 796 34.14 -1.64 54.76
CA VAL K 796 35.17 -0.62 54.53
C VAL K 796 36.54 -1.27 54.68
N ILE K 797 37.38 -1.09 53.67
CA ILE K 797 38.75 -1.56 53.70
C ILE K 797 39.71 -0.47 54.14
N TYR K 798 39.49 0.76 53.68
CA TYR K 798 40.08 1.94 54.27
C TYR K 798 39.32 3.15 53.75
N ALA K 799 39.31 4.21 54.54
CA ALA K 799 38.46 5.35 54.20
C ALA K 799 39.13 6.69 54.47
N GLY K 800 40.43 6.71 54.72
CA GLY K 800 41.08 7.92 55.22
C GLY K 800 40.92 9.17 54.38
N GLY K 801 40.12 10.11 54.89
CA GLY K 801 39.98 11.41 54.29
C GLY K 801 39.22 11.43 52.98
N ASP K 802 39.91 11.78 51.90
CA ASP K 802 39.29 11.83 50.58
C ASP K 802 39.15 10.44 49.96
N ASP K 803 40.09 9.55 50.25
CA ASP K 803 40.09 8.23 49.66
C ASP K 803 39.02 7.37 50.31
N LEU K 804 38.80 6.20 49.71
CA LEU K 804 37.87 5.22 50.26
C LEU K 804 38.03 3.94 49.47
N LEU K 805 37.96 2.81 50.18
CA LEU K 805 37.96 1.50 49.54
C LEU K 805 36.98 0.63 50.30
N ALA K 806 36.00 0.09 49.59
CA ALA K 806 34.96 -0.72 50.22
C ALA K 806 34.61 -1.86 49.30
N MET K 807 33.89 -2.83 49.86
CA MET K 807 33.36 -3.96 49.09
C MET K 807 31.86 -3.98 49.33
N LEU K 808 31.11 -3.52 48.37
CA LEU K 808 29.67 -3.51 48.42
C LEU K 808 29.13 -4.73 47.70
N PRO K 809 27.90 -5.13 47.97
CA PRO K 809 27.23 -6.05 47.05
C PRO K 809 26.84 -5.31 45.78
N VAL K 810 26.72 -6.09 44.69
CA VAL K 810 26.43 -5.50 43.40
C VAL K 810 25.10 -4.76 43.37
N ASP K 811 24.28 -4.96 44.39
CA ASP K 811 22.93 -4.40 44.45
C ASP K 811 22.92 -2.98 44.96
N GLU K 812 23.61 -2.72 46.07
CA GLU K 812 23.62 -1.42 46.70
C GLU K 812 24.73 -0.52 46.18
N VAL K 813 25.32 -0.85 45.04
CA VAL K 813 26.47 -0.10 44.58
C VAL K 813 26.06 1.20 43.89
N LEU K 814 24.97 1.17 43.13
CA LEU K 814 24.58 2.37 42.38
C LEU K 814 24.06 3.46 43.31
N ASP K 815 23.16 3.10 44.22
CA ASP K 815 22.63 4.08 45.14
C ASP K 815 23.64 4.49 46.20
N PHE K 816 24.66 3.69 46.43
CA PHE K 816 25.76 4.13 47.29
C PHE K 816 26.49 5.31 46.64
N ILE K 817 26.90 5.14 45.40
CA ILE K 817 27.57 6.22 44.67
C ILE K 817 26.70 7.47 44.65
N LYS K 818 25.39 7.29 44.49
CA LYS K 818 24.49 8.44 44.46
C LYS K 818 24.52 9.20 45.77
N GLU K 819 24.35 8.50 46.89
CA GLU K 819 24.33 9.18 48.18
C GLU K 819 25.72 9.64 48.58
N SER K 820 26.74 8.81 48.33
CA SER K 820 28.09 9.17 48.74
C SER K 820 28.58 10.41 48.01
N ARG K 821 28.30 10.50 46.71
CA ARG K 821 28.75 11.66 45.95
C ARG K 821 28.09 12.94 46.47
N ARG K 822 26.79 12.87 46.77
CA ARG K 822 26.10 14.06 47.26
C ARG K 822 26.47 14.35 48.71
N ALA K 823 26.59 13.32 49.54
CA ALA K 823 27.00 13.54 50.91
C ALA K 823 28.38 14.18 50.99
N PHE K 824 29.25 13.87 50.03
CA PHE K 824 30.55 14.54 49.99
C PHE K 824 30.39 16.02 49.74
N ALA K 825 29.39 16.40 48.95
CA ALA K 825 29.12 17.80 48.64
C ALA K 825 28.25 18.46 49.70
N GLY K 826 28.00 17.80 50.83
CA GLY K 826 27.23 18.41 51.90
C GLY K 826 25.74 18.24 51.75
N PHE K 827 25.27 18.15 50.51
CA PHE K 827 23.86 17.90 50.27
C PHE K 827 23.52 16.45 50.62
N GLY K 828 22.32 16.25 51.13
CA GLY K 828 21.93 14.91 51.49
C GLY K 828 20.58 14.90 52.17
N THR K 829 20.04 13.70 52.26
CA THR K 829 18.77 13.40 52.90
C THR K 829 19.07 13.03 54.36
N GLU K 830 18.19 12.27 55.01
CA GLU K 830 18.15 12.01 56.45
C GLU K 830 19.53 11.82 57.08
N LYS K 831 19.67 12.27 58.32
CA LYS K 831 20.93 12.13 59.04
C LYS K 831 21.42 10.70 59.03
N LEU K 832 22.73 10.53 59.14
CA LEU K 832 23.34 9.21 59.17
C LEU K 832 23.72 8.79 60.59
N GLY K 833 24.56 9.58 61.24
CA GLY K 833 24.86 9.35 62.64
C GLY K 833 24.18 10.39 63.49
N ASN K 834 24.98 11.22 64.15
CA ASN K 834 24.48 12.38 64.86
C ASN K 834 24.74 13.68 64.11
N MET K 835 24.75 13.60 62.78
CA MET K 835 25.07 14.73 61.92
C MET K 835 24.17 14.70 60.69
N CYS K 836 23.69 15.85 60.28
CA CYS K 836 22.84 15.99 59.11
C CYS K 836 23.59 16.67 57.97
N LEU K 837 23.01 16.60 56.78
CA LEU K 837 23.61 17.13 55.56
C LEU K 837 22.72 18.25 55.04
N GLU K 838 23.18 19.49 55.20
CA GLU K 838 22.36 20.67 54.91
C GLU K 838 23.00 21.50 53.80
N ASN K 839 22.74 21.10 52.55
CA ASN K 839 23.11 21.87 51.35
C ASN K 839 24.52 22.44 51.45
N GLY K 840 25.48 21.55 51.58
CA GLY K 840 26.87 21.96 51.69
C GLY K 840 27.28 22.38 53.07
N PHE K 841 26.63 21.84 54.10
CA PHE K 841 26.96 22.19 55.47
C PHE K 841 26.56 21.02 56.36
N VAL K 842 27.53 20.21 56.78
CA VAL K 842 27.25 19.17 57.74
C VAL K 842 26.97 19.83 59.09
N ARG K 843 25.88 19.41 59.73
CA ARG K 843 25.40 20.03 60.96
C ARG K 843 25.34 18.98 62.05
N ILE K 844 26.01 19.26 63.18
CA ILE K 844 26.00 18.38 64.33
C ILE K 844 25.39 19.18 65.48
N ASN K 845 24.09 18.99 65.72
CA ASN K 845 23.40 19.61 66.86
C ASN K 845 23.55 21.13 66.83
N ASN K 846 22.97 21.73 65.80
CA ASN K 846 22.90 23.18 65.62
C ASN K 846 24.25 23.77 65.24
N ALA K 847 25.31 22.96 65.27
CA ALA K 847 26.64 23.42 64.91
C ALA K 847 26.87 23.14 63.43
N TYR K 848 26.98 24.19 62.64
CA TYR K 848 27.16 24.07 61.19
C TYR K 848 28.64 24.04 60.84
N TYR K 849 29.02 23.05 60.04
CA TYR K 849 30.39 22.89 59.61
C TYR K 849 30.44 22.82 58.08
N PRO K 850 31.43 23.45 57.46
CA PRO K 850 31.53 23.41 56.01
C PRO K 850 31.98 22.04 55.51
N SER K 851 31.56 21.72 54.29
CA SER K 851 31.98 20.52 53.59
C SER K 851 32.70 20.93 52.31
N LEU K 852 32.96 19.96 51.45
CA LEU K 852 33.66 20.25 50.20
C LEU K 852 32.71 20.10 49.02
N PRO K 853 31.90 21.11 48.71
CA PRO K 853 30.91 20.95 47.64
C PRO K 853 31.53 21.01 46.25
N ILE K 854 32.58 21.83 46.10
CA ILE K 854 33.18 22.05 44.79
C ILE K 854 34.03 20.87 44.37
N VAL K 855 34.66 20.19 45.33
CA VAL K 855 35.65 19.17 45.00
C VAL K 855 34.96 18.01 44.30
N GLY K 856 35.39 17.70 43.09
CA GLY K 856 34.93 16.50 42.45
C GLY K 856 35.39 15.27 43.18
N ARG K 857 34.67 14.18 42.97
CA ARG K 857 34.99 12.91 43.61
C ARG K 857 34.69 11.80 42.62
N SER K 858 35.72 11.18 42.09
CA SER K 858 35.53 10.11 41.12
C SER K 858 35.34 8.78 41.82
N TYR K 859 34.66 7.87 41.15
CA TYR K 859 34.42 6.54 41.67
C TYR K 859 34.90 5.51 40.68
N SER K 860 35.17 4.32 41.19
CA SER K 860 35.69 3.24 40.37
C SER K 860 35.09 1.96 40.91
N VAL K 861 34.20 1.34 40.14
CA VAL K 861 33.49 0.15 40.57
C VAL K 861 33.95 -1.01 39.72
N ILE K 862 34.61 -1.98 40.36
CA ILE K 862 34.95 -3.24 39.73
C ILE K 862 33.95 -4.27 40.23
N ILE K 863 33.18 -4.84 39.32
CA ILE K 863 32.32 -5.97 39.63
C ILE K 863 33.14 -7.23 39.39
N ALA K 864 33.53 -7.90 40.46
CA ALA K 864 34.48 -9.00 40.40
C ALA K 864 33.88 -10.26 40.99
N HIS K 865 34.22 -11.39 40.38
CA HIS K 865 33.90 -12.68 40.98
C HIS K 865 34.59 -12.81 42.32
N TYR K 866 33.93 -13.48 43.27
CA TYR K 866 34.53 -13.65 44.59
C TYR K 866 35.83 -14.42 44.52
N ALA K 867 36.05 -15.18 43.45
CA ALA K 867 37.22 -16.01 43.30
C ALA K 867 38.33 -15.33 42.50
N ASP K 868 38.11 -14.10 42.06
CA ASP K 868 39.14 -13.41 41.30
C ASP K 868 40.29 -13.02 42.21
N PRO K 869 41.54 -13.08 41.74
CA PRO K 869 42.68 -12.74 42.59
C PRO K 869 42.61 -11.28 43.02
N LEU K 870 42.60 -11.07 44.34
CA LEU K 870 42.46 -9.73 44.87
C LEU K 870 43.63 -8.83 44.52
N PHE K 871 44.74 -9.38 44.04
CA PHE K 871 45.85 -8.53 43.64
C PHE K 871 45.52 -7.78 42.37
N PHE K 872 44.93 -8.45 41.38
CA PHE K 872 44.63 -7.83 40.10
C PHE K 872 43.32 -7.08 40.11
N VAL K 873 42.45 -7.33 41.08
CA VAL K 873 41.24 -6.52 41.20
C VAL K 873 41.57 -5.16 41.79
N ILE K 874 42.46 -5.13 42.79
CA ILE K 874 42.86 -3.85 43.37
C ILE K 874 43.76 -3.09 42.41
N ASN K 875 44.63 -3.81 41.70
CA ASN K 875 45.48 -3.15 40.71
C ASN K 875 44.65 -2.47 39.63
N ASP K 876 43.70 -3.20 39.06
CA ASP K 876 42.83 -2.59 38.06
C ASP K 876 42.14 -1.34 38.60
N SER K 877 41.59 -1.42 39.81
CA SER K 877 40.92 -0.26 40.38
C SER K 877 41.84 0.95 40.52
N TYR K 878 43.15 0.74 40.57
CA TYR K 878 44.10 1.83 40.59
C TYR K 878 44.78 2.06 39.26
N ASN K 879 44.44 1.24 38.25
CA ASN K 879 44.91 1.45 36.89
C ASN K 879 43.74 1.46 35.90
N LEU K 880 42.51 1.37 36.41
CA LEU K 880 41.31 1.72 35.67
C LEU K 880 40.92 3.17 35.87
N LEU K 881 41.04 3.66 37.09
CA LEU K 881 40.74 5.06 37.37
C LEU K 881 41.99 5.93 37.26
N GLU K 882 42.99 5.67 38.11
CA GLU K 882 44.05 6.65 38.31
C GLU K 882 44.83 6.91 37.04
N GLU K 883 44.68 6.07 36.02
CA GLU K 883 45.19 6.36 34.69
C GLU K 883 44.11 6.26 33.63
N GLY K 884 42.86 6.01 34.02
CA GLY K 884 41.75 6.05 33.09
C GLY K 884 40.87 7.25 33.34
N LYS K 885 40.73 7.63 34.60
CA LYS K 885 40.09 8.87 34.99
C LYS K 885 40.88 10.09 34.56
N GLU K 886 42.16 9.90 34.24
CA GLU K 886 43.05 10.98 33.83
C GLU K 886 42.89 11.34 32.36
N ILE K 887 42.08 10.59 31.62
CA ILE K 887 42.07 10.72 30.17
C ILE K 887 40.65 10.86 29.65
N ILE K 888 39.67 10.81 30.53
CA ILE K 888 38.27 10.82 30.14
C ILE K 888 37.76 12.26 30.15
N ARG K 889 37.26 12.71 29.00
CA ARG K 889 36.67 14.04 28.86
C ARG K 889 35.22 13.92 28.45
N TYR K 890 34.38 14.79 28.98
CA TYR K 890 32.99 14.89 28.58
C TYR K 890 32.60 16.35 28.40
N ARG K 891 31.49 16.57 27.71
CA ARG K 891 31.04 17.91 27.37
C ARG K 891 30.28 18.49 28.55
N VAL K 892 30.90 19.43 29.23
CA VAL K 892 30.32 20.04 30.42
C VAL K 892 29.74 21.40 30.03
N MET K 893 28.75 21.84 30.78
CA MET K 893 28.10 23.12 30.57
C MET K 893 28.81 24.16 31.42
N TYR K 894 29.54 25.06 30.78
CA TYR K 894 30.34 26.06 31.49
C TYR K 894 29.93 27.45 31.04
N ASN K 895 29.23 28.17 31.91
CA ASN K 895 28.92 29.59 31.70
C ASN K 895 28.25 29.81 30.34
N GLY K 896 27.26 28.98 30.04
CA GLY K 896 26.57 29.04 28.77
C GLY K 896 27.27 28.32 27.63
N GLU K 897 28.59 28.20 27.70
CA GLU K 897 29.34 27.48 26.69
C GLU K 897 29.27 25.97 26.98
N TYR K 898 29.89 25.19 26.10
CA TYR K 898 29.98 23.75 26.24
C TYR K 898 31.45 23.36 26.14
N LYS K 899 32.09 23.24 27.30
CA LYS K 899 33.50 22.91 27.38
C LYS K 899 33.67 21.42 27.62
N ASP K 900 34.92 21.02 27.84
CA ASP K 900 35.30 19.62 27.99
C ASP K 900 35.95 19.42 29.35
N ALA K 901 35.18 18.91 30.30
CA ALA K 901 35.69 18.63 31.62
C ALA K 901 36.36 17.27 31.66
N LYS K 902 37.22 17.06 32.65
CA LYS K 902 37.79 15.75 32.87
C LYS K 902 38.06 15.55 34.36
N LYS K 903 37.02 15.08 35.06
CA LYS K 903 37.09 14.52 36.41
C LYS K 903 35.71 14.02 36.80
N ASP K 904 35.59 13.41 37.97
CA ASP K 904 34.30 13.16 38.62
C ASP K 904 33.40 12.30 37.71
N VAL K 905 33.84 11.06 37.48
CA VAL K 905 33.29 10.30 36.36
C VAL K 905 32.65 8.97 36.74
N ALA K 906 33.01 8.41 37.90
CA ALA K 906 32.36 7.18 38.36
C ALA K 906 32.44 6.04 37.34
N ILE K 907 33.63 5.53 37.08
CA ILE K 907 33.83 4.48 36.08
C ILE K 907 33.31 3.16 36.60
N PHE K 908 32.71 2.37 35.72
CA PHE K 908 32.25 1.02 36.01
C PHE K 908 32.98 0.02 35.13
N ARG K 909 33.20 -1.17 35.65
CA ARG K 909 33.91 -2.18 34.89
C ARG K 909 33.44 -3.57 35.29
N TYR K 910 33.19 -4.41 34.28
CA TYR K 910 32.82 -5.81 34.51
C TYR K 910 33.48 -6.63 33.42
N GLN K 911 34.67 -7.13 33.71
CA GLN K 911 35.46 -8.02 32.85
C GLN K 911 35.37 -7.63 31.38
N GLY K 912 35.80 -6.41 31.08
CA GLY K 912 35.87 -5.98 29.70
C GLY K 912 34.89 -4.88 29.36
N LEU K 913 33.67 -4.97 29.88
CA LEU K 913 32.72 -3.89 29.72
C LEU K 913 33.09 -2.73 30.63
N THR K 914 33.07 -1.53 30.08
CA THR K 914 33.41 -0.33 30.84
C THR K 914 32.36 0.73 30.60
N SER K 915 32.08 1.51 31.63
CA SER K 915 31.07 2.56 31.56
C SER K 915 31.55 3.74 32.38
N VAL K 916 31.16 4.94 31.95
CA VAL K 916 31.55 6.18 32.60
C VAL K 916 30.31 7.05 32.73
N ILE K 917 29.98 7.44 33.95
CA ILE K 917 28.79 8.21 34.24
C ILE K 917 29.20 9.49 34.95
N PRO K 918 29.31 10.61 34.23
CA PRO K 918 29.70 11.86 34.87
C PRO K 918 28.72 12.22 35.97
N LEU K 919 29.23 12.85 37.02
CA LEU K 919 28.41 13.20 38.16
C LEU K 919 28.10 14.68 38.26
N SER K 920 28.68 15.52 37.40
CA SER K 920 28.52 16.96 37.53
C SER K 920 27.77 17.58 36.35
N LEU K 921 28.28 17.44 35.13
CA LEU K 921 27.69 18.06 33.94
C LEU K 921 27.66 19.58 34.02
N LYS K 922 28.22 20.16 35.08
CA LYS K 922 28.31 21.59 35.26
C LYS K 922 29.67 21.87 35.87
N ARG K 923 30.44 22.77 35.27
CA ARG K 923 31.85 22.69 35.61
C ARG K 923 32.17 23.25 36.99
N PRO K 924 31.76 24.46 37.35
CA PRO K 924 31.76 24.78 38.78
C PRO K 924 30.64 23.98 39.41
N ILE K 925 31.01 22.89 40.09
CA ILE K 925 30.04 21.85 40.41
C ILE K 925 28.88 22.41 41.20
N VAL K 926 29.16 23.31 42.13
CA VAL K 926 28.13 24.03 42.87
C VAL K 926 28.51 25.50 42.86
N SER K 927 27.60 26.35 42.38
CA SER K 927 27.76 27.79 42.46
C SER K 927 26.58 28.45 43.16
N SER K 928 25.59 27.67 43.59
CA SER K 928 24.39 28.14 44.26
C SER K 928 23.73 26.95 44.91
N VAL K 929 22.90 27.21 45.92
CA VAL K 929 22.29 26.13 46.68
C VAL K 929 21.39 25.27 45.82
N SER K 930 20.93 25.78 44.68
CA SER K 930 20.13 25.01 43.75
C SER K 930 20.95 24.05 42.91
N ASP K 931 22.27 24.08 43.04
CA ASP K 931 23.14 23.19 42.27
C ASP K 931 23.26 21.80 42.86
N PHE K 932 22.73 21.58 44.06
CA PHE K 932 22.97 20.32 44.74
C PHE K 932 22.09 19.19 44.22
N ASN K 933 20.80 19.46 44.03
CA ASN K 933 19.84 18.43 43.69
C ASN K 933 20.03 17.83 42.31
N GLU K 934 21.06 18.22 41.56
CA GLU K 934 21.38 17.57 40.29
C GLU K 934 22.78 17.00 40.26
N ILE K 935 23.47 16.96 41.41
CA ILE K 935 24.70 16.19 41.51
C ILE K 935 24.36 14.70 41.47
N ALA K 936 25.12 13.94 40.69
CA ALA K 936 24.84 12.52 40.46
C ALA K 936 23.42 12.31 39.96
N SER K 937 22.92 13.28 39.17
CA SER K 937 21.56 13.19 38.64
C SER K 937 21.41 12.13 37.58
N ILE K 938 22.51 11.66 36.99
CA ILE K 938 22.42 10.55 36.05
C ILE K 938 22.30 9.21 36.77
N ILE K 939 22.68 9.14 38.04
CA ILE K 939 22.70 7.86 38.73
C ILE K 939 21.28 7.39 38.99
N ASP K 940 20.43 8.26 39.54
CA ASP K 940 19.05 7.88 39.76
C ASP K 940 18.29 7.67 38.46
N VAL K 941 18.78 8.25 37.35
CA VAL K 941 18.24 7.91 36.05
C VAL K 941 18.52 6.45 35.74
N ILE K 942 19.70 5.97 36.11
CA ILE K 942 19.98 4.53 36.02
C ILE K 942 19.27 3.79 37.13
N LEU K 943 19.11 4.40 38.30
CA LEU K 943 18.44 3.72 39.40
C LEU K 943 16.95 3.53 39.11
N GLU K 944 16.30 4.60 38.65
CA GLU K 944 14.90 4.48 38.25
C GLU K 944 14.73 3.50 37.12
N LEU K 945 15.59 3.56 36.11
CA LEU K 945 15.52 2.61 34.99
C LEU K 945 15.67 1.19 35.48
N LYS K 946 16.69 0.94 36.32
CA LYS K 946 16.89 -0.40 36.86
C LYS K 946 15.69 -0.85 37.68
N LYS K 947 15.06 0.09 38.39
CA LYS K 947 13.89 -0.25 39.19
C LYS K 947 12.74 -0.74 38.32
N ARG K 948 12.45 -0.03 37.25
CA ARG K 948 11.33 -0.39 36.38
C ARG K 948 11.59 -1.68 35.60
N ILE K 949 12.82 -2.16 35.54
CA ILE K 949 13.09 -3.39 34.80
C ILE K 949 12.78 -4.61 35.63
N ASP K 950 13.28 -4.66 36.87
CA ASP K 950 13.07 -5.85 37.70
C ASP K 950 11.61 -6.02 38.10
N GLU K 951 10.81 -4.96 38.04
CA GLU K 951 9.38 -5.08 38.24
C GLU K 951 8.65 -5.46 36.96
N GLY K 952 9.37 -5.85 35.92
CA GLY K 952 8.73 -6.21 34.68
C GLY K 952 8.00 -5.09 33.97
N ARG K 953 8.14 -3.85 34.45
CA ARG K 953 7.52 -2.73 33.77
C ARG K 953 8.25 -2.37 32.49
N ILE K 954 9.52 -2.78 32.38
CA ILE K 954 10.30 -2.62 31.16
C ILE K 954 11.10 -3.89 30.96
N SER K 955 11.12 -4.41 29.73
CA SER K 955 11.90 -5.60 29.45
C SER K 955 13.38 -5.28 29.49
N VAL K 956 14.19 -6.30 29.74
CA VAL K 956 15.64 -6.09 29.72
C VAL K 956 16.12 -5.91 28.29
N SER K 957 15.29 -6.22 27.30
CA SER K 957 15.62 -5.95 25.91
C SER K 957 15.80 -4.46 25.64
N LEU K 958 15.38 -3.61 26.58
CA LEU K 958 15.66 -2.19 26.47
C LEU K 958 17.13 -1.92 26.25
N LEU K 959 17.98 -2.68 26.94
CA LEU K 959 19.43 -2.50 26.82
C LEU K 959 19.95 -3.00 25.49
N TYR K 960 19.22 -3.87 24.81
CA TYR K 960 19.70 -4.46 23.57
C TYR K 960 19.17 -3.78 22.33
N ASP K 961 18.07 -3.02 22.45
CA ASP K 961 17.52 -2.32 21.31
C ASP K 961 18.09 -0.93 21.13
N TYR K 962 18.71 -0.36 22.17
CA TYR K 962 19.16 1.03 22.09
C TYR K 962 20.10 1.27 20.93
N GLU K 963 20.77 0.23 20.44
CA GLU K 963 21.78 0.41 19.39
C GLU K 963 21.17 1.08 18.17
N LYS K 964 19.97 0.67 17.75
CA LYS K 964 19.38 1.22 16.54
C LYS K 964 18.83 2.63 16.78
N TYR K 965 18.30 2.90 17.96
CA TYR K 965 17.86 4.25 18.27
C TYR K 965 19.03 5.19 18.52
N LYS K 966 20.24 4.66 18.73
CA LYS K 966 21.34 5.50 19.17
C LYS K 966 21.78 6.46 18.09
N HIS K 967 21.93 5.98 16.85
CA HIS K 967 22.44 6.83 15.79
C HIS K 967 21.53 8.02 15.53
N LEU K 968 20.22 7.85 15.71
CA LEU K 968 19.31 8.97 15.55
C LEU K 968 19.40 9.91 16.75
N ILE K 969 19.45 9.37 17.96
CA ILE K 969 19.54 10.22 19.14
C ILE K 969 20.87 10.96 19.14
N VAL K 970 21.91 10.38 18.53
CA VAL K 970 23.18 11.08 18.42
C VAL K 970 23.07 12.22 17.42
N ALA K 971 22.68 11.90 16.19
CA ALA K 971 22.67 12.90 15.12
C ALA K 971 21.62 13.99 15.34
N SER K 972 20.63 13.75 16.19
CA SER K 972 19.57 14.72 16.39
C SER K 972 20.02 15.79 17.39
N ASP K 973 20.00 17.04 16.94
CA ASP K 973 20.43 18.16 17.77
C ASP K 973 19.27 19.02 18.22
N GLU K 974 18.04 18.61 17.96
CA GLU K 974 16.85 19.35 18.37
C GLU K 974 16.19 18.58 19.50
N LYS K 975 16.23 19.13 20.70
CA LYS K 975 15.91 18.36 21.90
C LYS K 975 14.44 17.95 21.95
N TYR K 976 13.56 18.71 21.29
CA TYR K 976 12.17 18.29 21.22
C TYR K 976 12.01 16.99 20.43
N LEU K 977 12.97 16.68 19.57
CA LEU K 977 12.92 15.47 18.76
C LEU K 977 13.54 14.28 19.48
N THR K 978 14.59 14.52 20.28
CA THR K 978 15.20 13.42 21.02
C THR K 978 14.32 13.00 22.19
N GLU K 979 13.63 13.94 22.83
CA GLU K 979 12.73 13.56 23.91
C GLU K 979 11.56 12.71 23.43
N PHE K 980 11.44 12.52 22.12
CA PHE K 980 10.47 11.58 21.56
C PHE K 980 11.11 10.28 21.10
N LEU K 981 12.39 10.31 20.75
CA LEU K 981 13.07 9.09 20.34
C LEU K 981 13.34 8.19 21.53
N VAL K 982 13.70 8.77 22.67
CA VAL K 982 13.88 7.96 23.86
C VAL K 982 12.55 7.58 24.46
N LYS K 983 11.53 8.43 24.30
CA LYS K 983 10.18 8.05 24.71
C LYS K 983 9.68 6.89 23.87
N ASP K 984 10.10 6.82 22.61
CA ASP K 984 9.72 5.71 21.75
C ASP K 984 10.54 4.47 22.07
N TRP K 985 11.86 4.63 22.20
CA TRP K 985 12.71 3.50 22.53
C TRP K 985 12.34 2.87 23.85
N ILE K 986 11.81 3.66 24.78
CA ILE K 986 11.39 3.11 26.06
C ILE K 986 10.09 2.33 25.91
N LYS K 987 9.09 2.92 25.25
CA LYS K 987 7.78 2.28 25.18
C LYS K 987 7.73 1.11 24.23
N ARG K 988 8.63 1.04 23.25
CA ARG K 988 8.62 -0.09 22.33
C ARG K 988 8.86 -1.39 23.08
N ASN K 989 10.05 -1.54 23.64
CA ASN K 989 10.38 -2.70 24.46
C ASN K 989 10.09 -2.43 25.93
N SER K 990 8.87 -1.97 26.16
CA SER K 990 8.27 -1.95 27.49
C SER K 990 7.26 -3.09 27.57
N LEU K 991 7.07 -3.62 28.79
CA LEU K 991 6.22 -4.78 28.99
C LEU K 991 4.86 -4.42 29.55
N ARG K 992 4.52 -3.14 29.62
CA ARG K 992 3.23 -2.71 30.12
C ARG K 992 2.73 -1.56 29.26
N LYS K 993 1.71 -0.86 29.75
CA LYS K 993 1.13 0.26 29.01
C LYS K 993 0.93 1.49 29.89
N HIS K 994 1.54 1.51 31.07
CA HIS K 994 1.45 2.68 31.94
C HIS K 994 2.80 2.98 32.59
N VAL K 995 3.87 2.90 31.81
CA VAL K 995 5.20 3.27 32.28
C VAL K 995 5.59 4.56 31.57
N GLU K 996 5.70 5.64 32.34
CA GLU K 996 6.06 6.95 31.80
C GLU K 996 7.37 7.36 32.45
N PHE K 997 8.46 6.89 31.86
CA PHE K 997 9.81 7.08 32.39
C PHE K 997 10.51 8.13 31.57
N THR K 998 10.89 9.23 32.21
CA THR K 998 11.52 10.34 31.53
C THR K 998 13.03 10.33 31.72
N ILE K 999 13.71 11.05 30.83
CA ILE K 999 15.13 11.33 30.97
C ILE K 999 15.30 12.84 31.04
N ASP K 1000 16.09 13.30 32.01
CA ASP K 1000 16.11 14.68 32.49
C ASP K 1000 16.23 15.72 31.38
N GLU K 1001 16.61 15.29 30.18
CA GLU K 1001 16.65 16.07 28.95
C GLU K 1001 17.85 17.03 28.92
N LYS K 1002 18.59 17.19 30.01
CA LYS K 1002 19.90 17.81 29.97
C LYS K 1002 20.98 16.80 29.67
N LEU K 1003 20.61 15.55 29.41
CA LEU K 1003 21.53 14.46 29.15
C LEU K 1003 21.60 14.11 27.67
N TYR K 1004 21.09 14.98 26.80
CA TYR K 1004 21.06 14.72 25.36
C TYR K 1004 22.30 15.36 24.75
N GLY K 1005 23.34 14.56 24.59
CA GLY K 1005 24.59 15.04 24.04
C GLY K 1005 25.59 15.30 25.16
N VAL K 1006 26.49 14.35 25.38
CA VAL K 1006 27.56 14.53 26.34
C VAL K 1006 28.88 14.22 25.64
N ARG K 1007 28.90 13.14 24.86
CA ARG K 1007 30.04 12.81 24.00
C ARG K 1007 31.32 12.62 24.81
N LEU K 1008 31.27 11.59 25.65
CA LEU K 1008 32.45 11.22 26.43
C LEU K 1008 33.51 10.64 25.50
N THR K 1009 34.67 11.28 25.45
CA THR K 1009 35.77 10.82 24.60
C THR K 1009 36.88 10.25 25.47
N ILE K 1010 37.89 9.71 24.80
CA ILE K 1010 39.05 9.13 25.48
C ILE K 1010 40.20 9.08 24.50
N GLU K 1011 41.39 9.49 24.97
CA GLU K 1011 42.55 9.71 24.11
C GLU K 1011 43.36 8.42 24.01
N ASN K 1012 43.20 7.70 22.90
CA ASN K 1012 44.07 6.60 22.51
C ASN K 1012 44.44 5.69 23.68
N TYR K 1013 43.42 5.03 24.22
CA TYR K 1013 43.63 4.22 25.40
C TYR K 1013 43.01 2.85 25.23
N PRO K 1014 43.54 1.82 25.91
CA PRO K 1014 42.89 0.51 25.87
C PRO K 1014 41.64 0.45 26.73
N ILE K 1015 40.78 1.46 26.59
CA ILE K 1015 39.45 1.48 27.19
C ILE K 1015 38.50 2.05 26.16
N LYS K 1016 37.52 1.26 25.77
CA LYS K 1016 36.55 1.66 24.75
C LYS K 1016 35.28 2.11 25.46
N ILE K 1017 34.99 3.40 25.38
CA ILE K 1017 33.84 4.02 26.00
C ILE K 1017 32.91 4.49 24.89
N PRO K 1018 31.62 4.19 24.94
CA PRO K 1018 30.69 4.77 23.97
C PRO K 1018 30.70 6.28 24.09
N ASN K 1019 30.70 6.95 22.94
CA ASN K 1019 30.85 8.41 22.92
C ASN K 1019 29.52 9.13 23.01
N ASP K 1020 28.70 8.75 23.98
CA ASP K 1020 27.47 9.44 24.27
C ASP K 1020 26.93 8.92 25.59
N LEU K 1021 26.21 9.79 26.31
CA LEU K 1021 25.86 9.48 27.69
C LEU K 1021 24.82 8.38 27.77
N ILE K 1022 23.76 8.47 26.97
CA ILE K 1022 22.68 7.50 27.07
C ILE K 1022 23.20 6.09 26.79
N SER K 1023 24.19 5.96 25.92
CA SER K 1023 24.79 4.65 25.71
C SER K 1023 25.53 4.18 26.94
N ASN K 1024 26.19 5.10 27.65
CA ASN K 1024 26.87 4.72 28.88
C ASN K 1024 25.89 4.32 29.96
N ILE K 1025 24.68 4.86 29.93
CA ILE K 1025 23.66 4.45 30.88
C ILE K 1025 23.22 3.02 30.59
N VAL K 1026 23.23 2.62 29.32
CA VAL K 1026 22.88 1.26 28.96
C VAL K 1026 23.98 0.29 29.37
N TYR K 1027 25.24 0.66 29.15
CA TYR K 1027 26.34 -0.22 29.55
C TYR K 1027 26.44 -0.34 31.05
N THR K 1028 26.12 0.72 31.78
CA THR K 1028 26.16 0.65 33.24
C THR K 1028 25.16 -0.36 33.76
N LEU K 1029 24.00 -0.46 33.12
CA LEU K 1029 23.00 -1.43 33.53
C LEU K 1029 23.42 -2.84 33.16
N ARG K 1030 24.02 -3.02 31.98
CA ARG K 1030 24.51 -4.34 31.60
C ARG K 1030 25.59 -4.80 32.56
N ILE K 1031 26.38 -3.88 33.09
CA ILE K 1031 27.42 -4.23 34.04
C ILE K 1031 26.81 -4.59 35.39
N ILE K 1032 25.85 -3.79 35.85
CA ILE K 1032 25.16 -4.08 37.10
C ILE K 1032 24.39 -5.39 36.98
N TYR K 1033 23.76 -5.63 35.83
CA TYR K 1033 23.01 -6.86 35.65
C TYR K 1033 23.91 -8.03 35.30
N GLY K 1034 25.08 -7.77 34.71
CA GLY K 1034 26.02 -8.84 34.47
C GLY K 1034 26.57 -9.41 35.76
N GLY K 1035 26.65 -8.60 36.81
CA GLY K 1035 27.12 -9.05 38.09
C GLY K 1035 26.00 -9.49 39.02
N GLU K 1036 24.94 -10.04 38.45
CA GLU K 1036 23.86 -10.64 39.21
C GLU K 1036 23.39 -11.94 38.57
N LYS K 1037 24.27 -12.58 37.81
CA LYS K 1037 23.95 -13.84 37.16
C LYS K 1037 25.23 -14.64 36.89
N SER M 2 -3.28 -66.60 15.74
CA SER M 2 -2.91 -65.20 15.51
C SER M 2 -2.14 -65.06 14.21
N THR M 3 -0.86 -64.71 14.31
CA THR M 3 -0.01 -64.57 13.13
C THR M 3 1.42 -64.90 13.54
N GLN M 4 1.91 -66.04 13.08
CA GLN M 4 3.22 -66.55 13.49
C GLN M 4 4.28 -65.97 12.57
N ARG M 5 4.89 -64.88 13.02
CA ARG M 5 5.97 -64.22 12.29
C ARG M 5 7.28 -64.44 13.03
N GLU M 6 8.26 -64.97 12.33
CA GLU M 6 9.55 -65.33 12.92
C GLU M 6 10.59 -64.26 12.60
N TYR M 7 11.53 -64.10 13.51
CA TYR M 7 12.57 -63.06 13.42
C TYR M 7 13.91 -63.73 13.19
N VAL M 8 14.49 -63.52 12.02
CA VAL M 8 15.80 -64.05 11.67
C VAL M 8 16.75 -62.89 11.49
N PHE M 9 17.70 -62.76 12.40
CA PHE M 9 18.69 -61.69 12.31
C PHE M 9 19.71 -61.99 11.22
N ILE M 10 20.28 -60.94 10.66
CA ILE M 10 21.25 -61.08 9.57
C ILE M 10 22.62 -60.55 10.00
N PRO M 11 23.39 -61.30 10.78
CA PRO M 11 24.81 -60.97 10.94
C PRO M 11 25.69 -61.72 9.95
N ILE M 12 26.99 -61.45 10.01
CA ILE M 12 27.99 -62.18 9.25
C ILE M 12 28.32 -63.44 10.06
N THR M 13 27.59 -64.51 9.79
CA THR M 13 27.72 -65.74 10.58
C THR M 13 27.60 -66.93 9.64
N ASN M 14 28.16 -68.07 10.06
CA ASN M 14 28.11 -69.29 9.27
C ASN M 14 26.81 -70.05 9.46
N SER M 15 26.39 -70.24 10.71
CA SER M 15 25.11 -70.89 11.01
C SER M 15 23.93 -69.99 10.74
N ILE M 16 24.18 -68.78 10.22
CA ILE M 16 23.12 -67.80 10.01
C ILE M 16 22.23 -68.13 8.82
N THR M 17 22.55 -69.17 8.06
CA THR M 17 21.91 -69.41 6.78
C THR M 17 20.39 -69.47 6.89
N ILE M 18 19.87 -70.49 7.57
CA ILE M 18 18.43 -70.54 7.78
C ILE M 18 18.11 -70.87 9.25
N ASP M 19 18.65 -71.99 9.75
CA ASP M 19 18.25 -72.58 11.03
C ASP M 19 16.75 -72.72 11.15
N VAL M 20 16.06 -72.80 10.01
CA VAL M 20 14.60 -72.79 9.94
C VAL M 20 14.19 -73.75 8.82
N LYS M 21 13.04 -74.39 9.00
CA LYS M 21 12.49 -75.29 8.00
C LYS M 21 11.10 -74.83 7.55
N ILE M 22 10.83 -73.53 7.65
CA ILE M 22 9.51 -72.99 7.35
C ILE M 22 9.65 -71.70 6.55
N THR M 23 8.60 -71.37 5.83
CA THR M 23 8.52 -70.14 5.03
C THR M 23 7.12 -69.58 5.21
N ILE M 24 6.72 -68.69 4.31
CA ILE M 24 5.49 -67.89 4.40
C ILE M 24 4.31 -68.71 4.87
N GLY M 25 4.09 -69.86 4.23
CA GLY M 25 2.94 -70.68 4.56
C GLY M 25 1.64 -70.06 4.08
N GLY M 26 1.37 -68.85 4.54
CA GLY M 26 0.19 -68.09 4.14
C GLY M 26 0.49 -67.10 3.04
N SER M 27 -0.07 -65.91 3.17
CA SER M 27 0.08 -64.84 2.18
C SER M 27 0.34 -63.51 2.87
N ASP M 28 1.27 -63.49 3.82
CA ASP M 28 1.55 -62.29 4.59
C ASP M 28 3.04 -62.17 4.85
N HIS M 29 3.48 -60.94 5.11
CA HIS M 29 4.85 -60.64 5.49
C HIS M 29 4.87 -59.25 6.12
N ILE M 30 6.00 -58.91 6.73
CA ILE M 30 6.25 -57.56 7.21
C ILE M 30 7.39 -56.91 6.45
N THR M 31 8.59 -57.47 6.54
CA THR M 31 9.71 -56.91 5.80
C THR M 31 9.53 -57.17 4.31
N ASN M 32 9.77 -56.15 3.50
CA ASN M 32 9.60 -56.26 2.06
C ASN M 32 10.74 -55.53 1.37
N ILE M 33 10.95 -55.90 0.11
CA ILE M 33 11.96 -55.27 -0.75
C ILE M 33 11.24 -54.87 -2.02
N ASP M 34 11.12 -53.56 -2.26
CA ASP M 34 10.40 -53.09 -3.45
C ASP M 34 11.06 -51.80 -3.93
N GLU M 35 12.01 -51.94 -4.86
CA GLU M 35 12.54 -50.88 -5.72
C GLU M 35 13.02 -49.67 -4.93
N ARG M 36 13.04 -49.77 -3.60
CA ARG M 36 13.59 -48.73 -2.74
C ARG M 36 14.46 -49.28 -1.62
N GLY M 37 14.47 -50.60 -1.40
CA GLY M 37 15.22 -51.18 -0.32
C GLY M 37 14.37 -52.02 0.60
N ILE M 38 14.89 -52.34 1.78
CA ILE M 38 14.19 -53.16 2.75
C ILE M 38 13.12 -52.29 3.39
N HIS M 39 12.17 -52.91 4.11
CA HIS M 39 11.14 -52.15 4.80
C HIS M 39 10.79 -52.85 6.11
N ASN M 40 10.44 -52.05 7.10
CA ASN M 40 9.92 -52.55 8.39
C ASN M 40 10.90 -53.53 9.04
N VAL M 41 12.19 -53.20 9.01
CA VAL M 41 13.20 -54.01 9.67
C VAL M 41 12.99 -53.93 11.18
N LEU M 42 13.04 -55.08 11.84
CA LEU M 42 12.92 -55.12 13.28
C LEU M 42 14.27 -54.86 13.94
N VAL M 43 14.22 -54.26 15.12
CA VAL M 43 15.42 -54.02 15.92
C VAL M 43 15.10 -54.38 17.36
N ILE M 44 15.79 -55.37 17.90
CA ILE M 44 15.64 -55.78 19.28
C ILE M 44 16.80 -55.19 20.08
N THR M 45 16.50 -54.28 20.99
CA THR M 45 17.52 -53.61 21.78
C THR M 45 17.58 -54.22 23.17
N GLY M 46 18.79 -54.27 23.72
CA GLY M 46 19.04 -54.94 24.97
C GLY M 46 19.55 -56.35 24.82
N TYR M 47 19.83 -56.80 23.61
CA TYR M 47 20.32 -58.14 23.35
C TYR M 47 21.59 -58.06 22.53
N ALA M 48 22.33 -59.15 22.49
CA ALA M 48 23.52 -59.28 21.67
C ALA M 48 23.52 -60.63 20.99
N VAL M 49 24.39 -60.78 19.99
CA VAL M 49 24.49 -62.00 19.21
C VAL M 49 25.72 -62.76 19.66
N ASP M 50 25.57 -64.07 19.81
CA ASP M 50 26.71 -64.98 19.95
C ASP M 50 26.92 -65.64 18.60
N GLU M 51 27.99 -65.27 17.91
CA GLU M 51 28.21 -65.78 16.56
C GLU M 51 28.33 -67.30 16.55
N LYS M 52 28.97 -67.87 17.57
CA LYS M 52 28.92 -69.31 17.78
C LYS M 52 27.48 -69.71 18.07
N ASN M 53 26.85 -70.42 17.12
CA ASN M 53 25.43 -70.74 17.20
C ASN M 53 24.61 -69.47 17.32
N GLY M 54 24.63 -68.70 16.22
CA GLY M 54 24.01 -67.39 16.14
C GLY M 54 22.66 -67.29 16.80
N ARG M 55 22.56 -66.47 17.84
CA ARG M 55 21.40 -66.46 18.70
C ARG M 55 21.46 -65.24 19.60
N LEU M 56 20.29 -64.71 19.95
CA LEU M 56 20.20 -63.52 20.79
C LEU M 56 20.44 -63.92 22.24
N VAL M 57 21.40 -63.27 22.88
CA VAL M 57 21.69 -63.47 24.30
C VAL M 57 21.24 -62.24 25.05
N PRO M 58 20.39 -62.36 26.06
CA PRO M 58 19.85 -61.19 26.75
C PRO M 58 20.86 -60.57 27.69
N THR M 59 21.41 -59.43 27.30
CA THR M 59 22.10 -58.58 28.25
C THR M 59 21.10 -57.56 28.78
N LEU M 60 21.59 -56.61 29.58
CA LEU M 60 20.74 -55.54 30.08
C LEU M 60 21.14 -54.19 29.51
N ASP M 61 22.16 -54.16 28.67
CA ASP M 61 22.65 -52.92 28.10
C ASP M 61 21.69 -52.44 27.01
N PRO M 62 21.08 -51.26 27.14
CA PRO M 62 20.27 -50.76 26.03
C PRO M 62 21.07 -50.41 24.79
N CYS M 63 22.39 -50.28 24.93
CA CYS M 63 23.21 -50.01 23.75
C CYS M 63 23.38 -51.23 22.86
N ASP M 64 23.15 -52.42 23.41
CA ASP M 64 23.26 -53.64 22.62
C ASP M 64 21.97 -53.88 21.86
N TYR M 65 22.09 -54.06 20.54
CA TYR M 65 20.92 -54.29 19.72
C TYR M 65 21.30 -55.18 18.55
N VAL M 66 20.29 -55.79 17.95
CA VAL M 66 20.45 -56.62 16.76
C VAL M 66 19.35 -56.27 15.78
N LYS M 67 19.72 -55.78 14.61
CA LYS M 67 18.76 -55.52 13.54
C LYS M 67 18.57 -56.78 12.71
N GLY M 68 17.32 -57.17 12.52
CA GLY M 68 16.99 -58.33 11.71
C GLY M 68 15.64 -58.15 11.07
N ILE M 69 15.27 -59.11 10.25
CA ILE M 69 14.03 -59.05 9.49
C ILE M 69 12.98 -59.93 10.16
N LEU M 70 11.72 -59.59 9.93
CA LEU M 70 10.59 -60.39 10.39
C LEU M 70 10.03 -61.16 9.20
N VAL M 71 10.34 -62.43 9.14
CA VAL M 71 9.84 -63.34 8.11
C VAL M 71 8.58 -64.00 8.65
N ALA M 72 7.64 -64.32 7.76
CA ALA M 72 6.45 -65.05 8.14
C ALA M 72 6.75 -66.55 8.20
N GLY M 73 6.31 -67.19 9.27
CA GLY M 73 6.52 -68.61 9.45
C GLY M 73 6.62 -68.98 10.92
N THR M 74 6.31 -70.24 11.20
CA THR M 74 6.38 -70.80 12.53
C THR M 74 7.85 -70.96 12.95
N PRO M 75 8.14 -71.08 14.24
CA PRO M 75 9.53 -71.23 14.65
C PRO M 75 10.13 -72.59 14.30
N GLN M 76 10.01 -72.98 13.04
CA GLN M 76 10.69 -74.16 12.48
C GLN M 76 10.15 -75.47 13.05
N GLN M 77 9.30 -75.36 14.08
CA GLN M 77 8.60 -76.48 14.71
C GLN M 77 9.43 -77.75 14.85
N ALA M 78 10.72 -77.62 15.19
CA ALA M 78 11.52 -78.77 15.57
C ALA M 78 12.11 -78.63 16.97
N GLN M 79 12.81 -77.52 17.24
CA GLN M 79 13.39 -77.31 18.56
C GLN M 79 12.35 -76.73 19.51
N SER M 80 11.83 -75.55 19.20
CA SER M 80 10.73 -74.90 19.91
C SER M 80 11.04 -74.62 21.37
N ASN M 81 12.32 -74.65 21.78
CA ASN M 81 12.65 -74.36 23.16
C ASN M 81 13.73 -73.28 23.24
N ASP M 82 14.61 -73.24 22.24
CA ASP M 82 15.62 -72.20 22.14
C ASP M 82 15.12 -70.95 21.45
N PHE M 83 13.80 -70.76 21.40
CA PHE M 83 13.18 -69.62 20.75
C PHE M 83 12.27 -68.91 21.75
N LEU M 84 12.53 -67.62 21.96
CA LEU M 84 11.64 -66.82 22.80
C LEU M 84 10.37 -66.49 22.03
N THR M 85 9.24 -66.64 22.70
CA THR M 85 7.92 -66.44 22.09
C THR M 85 7.21 -65.28 22.78
N LEU M 86 6.76 -64.32 21.99
CA LEU M 86 6.08 -63.15 22.51
C LEU M 86 4.84 -62.82 21.69
N LYS M 87 3.76 -62.47 22.37
CA LYS M 87 2.56 -61.95 21.73
C LYS M 87 2.53 -60.45 21.95
N LEU M 88 2.83 -59.70 20.90
CA LEU M 88 3.03 -58.26 21.04
C LEU M 88 2.11 -57.48 20.12
N PRO M 89 1.62 -56.33 20.55
CA PRO M 89 0.96 -55.41 19.62
C PRO M 89 1.96 -54.84 18.62
N ALA M 90 1.42 -54.16 17.61
CA ALA M 90 2.28 -53.55 16.61
C ALA M 90 3.01 -52.33 17.16
N ASN M 91 2.31 -51.48 17.91
CA ASN M 91 2.93 -50.28 18.45
C ASN M 91 4.05 -50.59 19.43
N LYS M 92 4.24 -51.85 19.81
CA LYS M 92 5.36 -52.24 20.66
C LYS M 92 6.61 -52.59 19.88
N LEU M 93 6.48 -52.89 18.59
CA LEU M 93 7.64 -53.17 17.77
C LEU M 93 8.47 -51.91 17.59
N TYR M 94 9.79 -52.09 17.59
CA TYR M 94 10.74 -51.02 17.27
C TYR M 94 11.22 -51.28 15.85
N LEU M 95 10.45 -50.79 14.89
CA LEU M 95 10.69 -51.02 13.47
C LEU M 95 11.56 -49.92 12.89
N ILE M 96 12.22 -50.26 11.78
CA ILE M 96 13.08 -49.35 11.06
C ILE M 96 12.66 -49.34 9.61
N ARG M 97 12.65 -48.15 9.00
CA ARG M 97 12.38 -47.99 7.58
C ARG M 97 10.98 -48.48 7.26
N LYS M 98 10.02 -47.94 8.00
CA LYS M 98 8.66 -48.44 7.97
C LYS M 98 7.97 -48.11 6.65
N LYS M 99 7.10 -49.02 6.22
CA LYS M 99 6.32 -48.85 5.00
C LYS M 99 4.83 -48.74 5.31
N GLY M 100 4.27 -49.72 6.01
CA GLY M 100 2.86 -49.71 6.33
C GLY M 100 2.61 -50.46 7.62
N ASN M 101 1.61 -50.01 8.37
CA ASN M 101 1.38 -50.55 9.70
C ASN M 101 0.99 -52.02 9.65
N ILE M 102 0.91 -52.63 10.83
CA ILE M 102 0.85 -54.09 10.94
C ILE M 102 -0.49 -54.52 11.52
N SER M 103 -0.69 -55.83 11.65
CA SER M 103 -1.95 -56.41 12.13
C SER M 103 -2.27 -56.08 13.58
N ASP M 104 -1.45 -55.27 14.25
CA ASP M 104 -1.68 -54.73 15.59
C ASP M 104 -1.63 -55.79 16.69
N ASP M 105 -1.44 -57.06 16.35
CA ASP M 105 -1.27 -58.11 17.35
C ASP M 105 -0.46 -59.22 16.72
N LEU M 106 0.72 -59.51 17.27
CA LEU M 106 1.67 -60.38 16.61
C LEU M 106 2.01 -61.58 17.48
N LYS M 107 2.86 -62.45 16.93
CA LYS M 107 3.40 -63.61 17.63
C LYS M 107 4.84 -63.75 17.15
N ILE M 108 5.77 -63.23 17.92
CA ILE M 108 7.17 -63.14 17.51
C ILE M 108 7.91 -64.37 18.01
N TYR M 109 8.75 -64.92 17.16
CA TYR M 109 9.63 -66.03 17.51
C TYR M 109 11.05 -65.62 17.19
N ILE M 110 11.87 -65.44 18.21
CA ILE M 110 13.26 -65.02 18.01
C ILE M 110 14.20 -66.11 18.52
N PRO M 111 15.34 -66.32 17.88
CA PRO M 111 16.31 -67.27 18.42
C PRO M 111 16.94 -66.75 19.70
N TYR M 112 16.55 -67.33 20.83
CA TYR M 112 16.94 -66.85 22.14
C TYR M 112 17.85 -67.86 22.81
N SER M 113 18.91 -67.37 23.45
CA SER M 113 19.82 -68.24 24.19
C SER M 113 19.82 -67.86 25.67
N SER M 114 20.42 -68.73 26.48
CA SER M 114 20.54 -68.45 27.90
C SER M 114 21.53 -67.32 28.12
N PRO M 115 21.35 -66.55 29.19
CA PRO M 115 22.33 -65.50 29.53
C PRO M 115 23.75 -66.02 29.68
N ASP M 116 23.92 -67.30 30.01
CA ASP M 116 25.25 -67.94 30.05
C ASP M 116 26.18 -67.23 31.02
N ALA M 117 25.84 -67.35 32.30
CA ALA M 117 26.59 -66.69 33.37
C ALA M 117 28.03 -67.20 33.49
N ARG M 118 28.44 -68.08 32.58
CA ARG M 118 29.81 -68.59 32.60
C ARG M 118 30.84 -67.47 32.56
N ASN M 119 30.86 -66.70 31.48
CA ASN M 119 31.85 -65.66 31.29
C ASN M 119 31.20 -64.29 31.33
N SER M 120 32.00 -63.29 31.70
CA SER M 120 31.51 -61.92 31.68
C SER M 120 31.19 -61.49 30.27
N MET M 121 30.14 -60.67 30.13
CA MET M 121 29.71 -60.24 28.81
C MET M 121 30.59 -59.11 28.30
N LYS M 122 30.70 -59.05 26.98
CA LYS M 122 31.43 -57.99 26.30
C LYS M 122 31.03 -57.99 24.83
N THR M 123 30.63 -56.84 24.31
CA THR M 123 30.03 -56.76 22.99
C THR M 123 30.84 -55.82 22.10
N LYS M 124 30.96 -56.19 20.82
CA LYS M 124 31.70 -55.40 19.85
C LYS M 124 30.75 -54.98 18.73
N PRO M 125 30.51 -53.69 18.54
CA PRO M 125 29.71 -53.26 17.39
C PRO M 125 30.40 -53.59 16.08
N VAL M 126 29.78 -54.45 15.28
CA VAL M 126 30.39 -54.94 14.05
C VAL M 126 29.34 -54.89 12.94
N SER M 127 29.65 -54.16 11.87
CA SER M 127 28.72 -54.03 10.76
C SER M 127 28.85 -55.23 9.83
N ILE M 128 28.13 -55.16 8.71
CA ILE M 128 28.00 -56.31 7.82
C ILE M 128 28.47 -55.93 6.41
N SER M 129 29.45 -55.02 6.32
CA SER M 129 29.88 -54.55 5.01
C SER M 129 30.38 -55.70 4.15
N ASP M 130 31.53 -56.28 4.52
CA ASP M 130 31.93 -57.65 4.20
C ASP M 130 31.41 -58.16 2.86
N ASP M 131 31.78 -57.51 1.76
CA ASP M 131 31.30 -57.92 0.44
C ASP M 131 31.52 -59.39 0.16
N THR M 132 32.55 -60.00 0.78
CA THR M 132 32.76 -61.43 0.65
C THR M 132 31.65 -62.24 1.32
N ILE M 133 30.86 -61.62 2.20
CA ILE M 133 29.84 -62.32 2.95
C ILE M 133 28.43 -61.85 2.61
N VAL M 134 28.26 -60.67 2.01
CA VAL M 134 26.91 -60.22 1.67
C VAL M 134 26.35 -61.05 0.53
N ASN M 135 27.16 -61.35 -0.48
CA ASN M 135 26.70 -62.17 -1.59
C ASN M 135 26.29 -63.57 -1.14
N ASN M 136 26.74 -63.99 0.04
CA ASN M 136 26.28 -65.25 0.61
C ASN M 136 24.85 -65.11 1.12
N ILE M 137 24.61 -64.13 1.99
CA ILE M 137 23.29 -63.99 2.59
C ILE M 137 22.25 -63.55 1.56
N ILE M 138 22.65 -62.73 0.58
CA ILE M 138 21.77 -62.45 -0.56
C ILE M 138 21.24 -63.75 -1.13
N LYS M 139 22.13 -64.72 -1.30
CA LYS M 139 21.73 -66.05 -1.74
C LYS M 139 20.98 -66.80 -0.64
N GLU M 140 21.47 -66.73 0.60
CA GLU M 140 21.00 -67.63 1.63
C GLU M 140 19.70 -67.14 2.28
N VAL M 141 19.75 -66.00 2.98
CA VAL M 141 18.63 -65.62 3.82
C VAL M 141 17.51 -65.00 2.97
N PHE M 142 17.84 -63.97 2.19
CA PHE M 142 16.81 -63.24 1.48
C PHE M 142 16.22 -64.07 0.35
N ASP M 143 17.06 -64.63 -0.51
CA ASP M 143 16.57 -65.34 -1.69
C ASP M 143 15.69 -66.52 -1.29
N LYS M 144 16.13 -67.31 -0.31
CA LYS M 144 15.29 -68.41 0.16
C LYS M 144 13.94 -67.92 0.63
N ILE M 145 13.90 -66.78 1.32
CA ILE M 145 12.64 -66.19 1.76
C ILE M 145 12.02 -65.37 0.65
N TYR M 146 12.73 -64.32 0.22
CA TYR M 146 12.27 -63.46 -0.87
C TYR M 146 12.95 -63.92 -2.15
N ASN M 147 12.44 -65.00 -2.73
CA ASN M 147 12.80 -65.34 -4.10
C ASN M 147 12.46 -64.20 -5.05
N ILE M 148 11.50 -63.35 -4.67
CA ILE M 148 11.03 -62.26 -5.52
C ILE M 148 12.18 -61.41 -6.05
N THR M 149 13.30 -61.39 -5.34
CA THR M 149 14.48 -60.65 -5.80
C THR M 149 14.91 -61.14 -7.18
N GLN M 150 15.18 -62.43 -7.32
CA GLN M 150 15.68 -62.98 -8.58
C GLN M 150 14.57 -63.52 -9.48
N LYS M 151 13.36 -62.96 -9.38
CA LYS M 151 12.27 -63.37 -10.26
C LYS M 151 11.80 -62.25 -11.18
N GLU M 152 11.42 -61.10 -10.62
CA GLU M 152 10.92 -60.00 -11.42
C GLU M 152 11.42 -58.64 -10.93
N LYS M 153 12.42 -58.62 -10.05
CA LYS M 153 12.76 -57.45 -9.25
C LYS M 153 14.23 -57.11 -9.45
N VAL M 154 14.60 -56.84 -10.71
CA VAL M 154 15.99 -56.68 -11.17
C VAL M 154 16.83 -55.82 -10.25
N LYS M 155 16.19 -55.10 -9.33
CA LYS M 155 16.93 -54.29 -8.36
C LYS M 155 17.66 -55.17 -7.35
N ILE M 156 18.66 -55.91 -7.81
CA ILE M 156 19.44 -56.78 -6.92
C ILE M 156 20.54 -56.01 -6.21
N GLU M 157 21.19 -55.08 -6.89
CA GLU M 157 22.23 -54.30 -6.23
C GLU M 157 21.65 -53.43 -5.12
N LYS M 158 20.39 -53.00 -5.27
CA LYS M 158 19.79 -52.17 -4.23
C LYS M 158 19.66 -52.94 -2.92
N VAL M 159 19.00 -54.10 -2.94
CA VAL M 159 18.95 -54.92 -1.73
C VAL M 159 20.35 -55.30 -1.29
N LYS M 160 21.29 -55.39 -2.24
CA LYS M 160 22.69 -55.54 -1.86
C LYS M 160 23.26 -54.22 -1.34
N GLU M 161 22.68 -53.09 -1.75
CA GLU M 161 23.16 -51.79 -1.27
C GLU M 161 22.77 -51.53 0.17
N ASP M 162 21.58 -51.98 0.57
CA ASP M 162 21.03 -51.58 1.87
C ASP M 162 21.37 -52.57 2.97
N ILE M 163 21.68 -53.82 2.61
CA ILE M 163 22.16 -54.76 3.63
C ILE M 163 23.42 -54.23 4.30
N LYS M 164 24.35 -53.72 3.51
CA LYS M 164 25.59 -53.18 4.06
C LYS M 164 25.38 -51.88 4.83
N GLU M 165 24.17 -51.34 4.84
CA GLU M 165 23.89 -50.07 5.47
C GLU M 165 22.86 -50.14 6.59
N LEU M 166 21.90 -51.05 6.52
CA LEU M 166 20.85 -51.13 7.52
C LEU M 166 21.25 -52.00 8.71
N PHE M 167 21.58 -53.26 8.47
CA PHE M 167 21.81 -54.21 9.55
C PHE M 167 23.21 -54.01 10.12
N SER M 168 23.28 -53.72 11.41
CA SER M 168 24.55 -53.52 12.10
C SER M 168 24.36 -54.01 13.53
N TYR M 169 24.71 -55.27 13.77
CA TYR M 169 24.40 -55.93 15.02
C TYR M 169 25.53 -55.76 16.04
N TYR M 170 25.24 -56.17 17.27
CA TYR M 170 26.24 -56.27 18.32
C TYR M 170 26.49 -57.74 18.60
N ALA M 171 27.76 -58.10 18.75
CA ALA M 171 28.14 -59.50 18.93
C ALA M 171 29.00 -59.65 20.17
N LEU M 172 29.04 -60.86 20.69
CA LEU M 172 29.92 -61.19 21.81
C LEU M 172 31.35 -61.47 21.36
N GLU M 173 31.51 -61.97 20.14
CA GLU M 173 32.81 -62.25 19.53
C GLU M 173 33.63 -63.21 20.40
N GLN M 174 33.08 -64.41 20.58
CA GLN M 174 33.70 -65.45 21.38
C GLN M 174 33.49 -66.83 20.76
N SER N 2 29.67 -17.02 -50.20
CA SER N 2 29.91 -18.06 -49.20
C SER N 2 28.87 -19.15 -49.28
N THR N 3 27.95 -19.17 -48.32
CA THR N 3 26.88 -20.17 -48.30
C THR N 3 25.82 -19.83 -49.35
N GLN N 4 25.96 -20.41 -50.54
CA GLN N 4 24.98 -20.15 -51.60
C GLN N 4 23.69 -20.90 -51.30
N ARG N 5 22.56 -20.22 -51.47
CA ARG N 5 21.25 -20.81 -51.24
C ARG N 5 20.29 -20.33 -52.31
N GLU N 6 19.21 -21.09 -52.51
CA GLU N 6 18.24 -20.77 -53.54
C GLU N 6 16.85 -21.19 -53.08
N TYR N 7 15.84 -20.70 -53.79
CA TYR N 7 14.45 -20.88 -53.38
C TYR N 7 13.74 -21.85 -54.32
N VAL N 8 13.12 -22.86 -53.75
CA VAL N 8 12.24 -23.78 -54.46
C VAL N 8 11.03 -24.04 -53.57
N PHE N 9 9.84 -23.84 -54.11
CA PHE N 9 8.63 -23.85 -53.30
C PHE N 9 7.69 -24.97 -53.74
N ILE N 10 6.50 -24.99 -53.16
CA ILE N 10 5.59 -26.12 -53.26
C ILE N 10 4.30 -25.72 -53.96
N PRO N 11 4.28 -25.58 -55.28
CA PRO N 11 3.01 -25.37 -55.99
C PRO N 11 2.44 -26.67 -56.51
N ILE N 12 1.30 -26.59 -57.20
CA ILE N 12 0.76 -27.74 -57.91
C ILE N 12 1.54 -28.04 -59.17
N THR N 13 2.26 -27.05 -59.71
CA THR N 13 2.89 -27.16 -61.01
C THR N 13 3.99 -28.22 -61.03
N ASN N 14 4.46 -28.52 -62.24
CA ASN N 14 5.54 -29.48 -62.44
C ASN N 14 6.89 -28.81 -62.73
N SER N 15 6.89 -27.60 -63.27
CA SER N 15 8.14 -26.87 -63.54
C SER N 15 8.96 -26.65 -62.27
N ILE N 16 8.37 -26.90 -61.10
CA ILE N 16 9.06 -26.74 -59.83
C ILE N 16 9.74 -28.03 -59.39
N THR N 17 9.83 -29.02 -60.29
CA THR N 17 10.28 -30.35 -59.92
C THR N 17 11.61 -30.31 -59.16
N ILE N 18 12.67 -29.80 -59.78
CA ILE N 18 13.84 -29.38 -59.02
C ILE N 18 14.20 -27.94 -59.39
N ASP N 19 13.96 -27.57 -60.66
CA ASP N 19 13.98 -26.19 -61.12
C ASP N 19 15.35 -25.52 -61.02
N VAL N 20 16.31 -26.21 -60.40
CA VAL N 20 17.61 -25.65 -60.09
C VAL N 20 18.57 -26.81 -59.93
N LYS N 21 19.76 -26.69 -60.52
CA LYS N 21 20.68 -27.81 -60.57
C LYS N 21 21.29 -28.08 -59.19
N ILE N 22 22.29 -28.94 -59.17
CA ILE N 22 22.71 -29.72 -58.01
C ILE N 22 22.83 -28.86 -56.76
N THR N 23 22.48 -29.45 -55.61
CA THR N 23 22.57 -28.77 -54.33
C THR N 23 24.02 -28.39 -54.02
N ILE N 24 24.19 -27.65 -52.92
CA ILE N 24 25.49 -27.13 -52.51
C ILE N 24 26.55 -28.21 -52.49
N GLY N 25 26.17 -29.44 -52.13
CA GLY N 25 27.11 -30.48 -51.82
C GLY N 25 27.47 -30.53 -50.35
N GLY N 26 27.36 -29.40 -49.64
CA GLY N 26 27.58 -29.38 -48.21
C GLY N 26 26.37 -29.86 -47.43
N SER N 27 26.61 -30.14 -46.15
CA SER N 27 25.60 -30.72 -45.27
C SER N 27 24.64 -29.68 -44.68
N ASP N 28 24.72 -28.43 -45.11
CA ASP N 28 23.92 -27.36 -44.54
C ASP N 28 22.62 -27.19 -45.32
N HIS N 29 21.52 -27.02 -44.59
CA HIS N 29 20.24 -26.61 -45.15
C HIS N 29 19.57 -25.66 -44.16
N ILE N 30 18.40 -25.15 -44.57
CA ILE N 30 17.67 -24.24 -43.72
C ILE N 30 16.50 -24.94 -43.02
N THR N 31 15.97 -26.00 -43.61
CA THR N 31 14.69 -26.57 -43.19
C THR N 31 14.90 -27.99 -42.67
N ASN N 32 14.44 -28.23 -41.44
CA ASN N 32 14.43 -29.56 -40.87
C ASN N 32 13.21 -30.34 -41.36
N ILE N 33 13.34 -31.67 -41.35
CA ILE N 33 12.30 -32.55 -41.88
C ILE N 33 11.97 -33.71 -40.96
N ASP N 34 12.55 -33.76 -39.76
CA ASP N 34 12.65 -35.02 -39.04
C ASP N 34 11.46 -35.32 -38.11
N GLU N 35 11.22 -34.47 -37.11
CA GLU N 35 10.33 -34.83 -36.01
C GLU N 35 8.90 -34.34 -36.22
N ARG N 36 8.70 -33.03 -36.31
CA ARG N 36 7.38 -32.45 -36.48
C ARG N 36 7.04 -32.22 -37.95
N GLY N 37 7.56 -33.07 -38.83
CA GLY N 37 7.37 -32.85 -40.25
C GLY N 37 8.33 -31.80 -40.74
N ILE N 38 7.82 -30.84 -41.49
CA ILE N 38 8.65 -29.80 -42.09
C ILE N 38 8.84 -28.68 -41.08
N HIS N 39 10.03 -28.08 -41.09
CA HIS N 39 10.36 -26.96 -40.21
C HIS N 39 10.99 -25.86 -41.05
N ASN N 40 10.84 -24.62 -40.55
CA ASN N 40 11.45 -23.45 -41.15
C ASN N 40 11.03 -23.29 -42.61
N VAL N 41 9.73 -23.36 -42.86
CA VAL N 41 9.21 -23.08 -44.20
C VAL N 41 9.30 -21.58 -44.46
N LEU N 42 9.95 -21.21 -45.56
CA LEU N 42 10.04 -19.81 -45.93
C LEU N 42 8.72 -19.32 -46.50
N VAL N 43 8.35 -18.09 -46.15
CA VAL N 43 7.18 -17.43 -46.69
C VAL N 43 7.60 -16.10 -47.27
N ILE N 44 7.40 -15.92 -48.57
CA ILE N 44 7.68 -14.66 -49.26
C ILE N 44 6.35 -14.04 -49.64
N THR N 45 6.21 -12.74 -49.38
CA THR N 45 4.97 -12.03 -49.59
C THR N 45 5.08 -11.11 -50.81
N GLY N 46 3.94 -10.92 -51.48
CA GLY N 46 3.90 -10.06 -52.64
C GLY N 46 4.32 -10.71 -53.94
N TYR N 47 4.10 -12.02 -54.08
CA TYR N 47 4.50 -12.72 -55.29
C TYR N 47 3.52 -13.86 -55.54
N ALA N 48 3.36 -14.22 -56.82
CA ALA N 48 2.50 -15.30 -57.23
C ALA N 48 3.27 -16.20 -58.20
N VAL N 49 2.71 -17.39 -58.45
CA VAL N 49 3.46 -18.45 -59.14
C VAL N 49 3.11 -18.59 -60.62
N ASP N 50 1.99 -18.03 -61.07
CA ASP N 50 1.62 -18.00 -62.48
C ASP N 50 1.27 -19.38 -63.04
N GLU N 51 0.78 -20.28 -62.19
CA GLU N 51 0.15 -21.56 -62.56
C GLU N 51 1.04 -22.45 -63.43
N LYS N 52 2.27 -22.02 -63.67
CA LYS N 52 3.24 -22.67 -64.53
C LYS N 52 4.51 -21.85 -64.46
N ASN N 53 5.64 -22.48 -64.73
CA ASN N 53 6.91 -21.78 -64.72
C ASN N 53 7.11 -21.07 -63.39
N GLY N 54 7.32 -21.89 -62.35
CA GLY N 54 7.06 -21.46 -60.99
C GLY N 54 8.00 -20.36 -60.55
N ARG N 55 7.80 -19.18 -61.15
CA ARG N 55 8.58 -17.99 -60.84
C ARG N 55 7.67 -16.94 -60.22
N LEU N 56 8.28 -16.01 -59.51
CA LEU N 56 7.57 -15.09 -58.62
C LEU N 56 7.57 -13.70 -59.22
N VAL N 57 6.44 -13.32 -59.81
CA VAL N 57 6.27 -11.96 -60.33
C VAL N 57 5.90 -11.04 -59.17
N PRO N 58 6.58 -9.91 -59.00
CA PRO N 58 6.30 -9.04 -57.85
C PRO N 58 4.95 -8.35 -57.99
N THR N 59 4.06 -8.66 -57.05
CA THR N 59 2.83 -7.90 -56.90
C THR N 59 3.08 -6.78 -55.89
N LEU N 60 2.02 -6.14 -55.42
CA LEU N 60 2.13 -5.05 -54.47
C LEU N 60 1.41 -5.29 -53.16
N ASP N 61 0.29 -6.01 -53.17
CA ASP N 61 -0.50 -6.27 -51.99
C ASP N 61 0.21 -7.26 -51.06
N PRO N 62 0.10 -7.05 -49.75
CA PRO N 62 0.74 -7.97 -48.79
C PRO N 62 0.04 -9.32 -48.65
N CYS N 63 -1.02 -9.60 -49.43
CA CYS N 63 -1.77 -10.82 -49.23
C CYS N 63 -1.20 -12.01 -49.99
N ASP N 64 -0.28 -11.82 -50.92
CA ASP N 64 0.11 -12.89 -51.81
C ASP N 64 1.29 -13.65 -51.22
N TYR N 65 1.12 -14.96 -51.07
CA TYR N 65 2.12 -15.80 -50.44
C TYR N 65 2.75 -16.75 -51.45
N VAL N 66 4.02 -17.06 -51.23
CA VAL N 66 4.65 -18.21 -51.86
C VAL N 66 5.43 -18.96 -50.79
N LYS N 67 4.80 -19.97 -50.20
CA LYS N 67 5.40 -20.72 -49.11
C LYS N 67 6.22 -21.86 -49.69
N GLY N 68 7.50 -21.92 -49.34
CA GLY N 68 8.35 -22.95 -49.88
C GLY N 68 9.58 -23.18 -49.02
N ILE N 69 10.39 -24.12 -49.48
CA ILE N 69 11.61 -24.52 -48.77
C ILE N 69 12.79 -23.92 -49.53
N LEU N 70 13.32 -22.81 -49.01
CA LEU N 70 14.55 -22.27 -49.55
C LEU N 70 15.72 -23.11 -49.08
N VAL N 71 16.54 -23.55 -50.03
CA VAL N 71 17.59 -24.53 -49.77
C VAL N 71 18.90 -23.98 -50.33
N ALA N 72 19.99 -24.69 -50.05
CA ALA N 72 21.32 -24.26 -50.47
C ALA N 72 21.59 -24.69 -51.91
N GLY N 73 21.96 -23.73 -52.74
CA GLY N 73 22.31 -24.02 -54.12
C GLY N 73 22.28 -22.77 -54.97
N THR N 74 22.72 -22.95 -56.22
CA THR N 74 22.76 -21.90 -57.23
C THR N 74 21.87 -22.29 -58.40
N PRO N 75 21.26 -21.32 -59.10
CA PRO N 75 20.19 -21.62 -60.05
C PRO N 75 20.69 -22.17 -61.38
N GLN N 76 20.50 -23.46 -61.59
CA GLN N 76 20.56 -24.17 -62.87
C GLN N 76 21.93 -24.19 -63.52
N GLN N 77 22.95 -23.56 -62.92
CA GLN N 77 24.25 -23.38 -63.56
C GLN N 77 24.09 -22.98 -65.03
N ALA N 78 23.28 -21.96 -65.24
CA ALA N 78 22.88 -21.55 -66.58
C ALA N 78 22.64 -20.04 -66.57
N GLN N 79 21.92 -19.56 -67.58
CA GLN N 79 21.60 -18.14 -67.68
C GLN N 79 21.04 -17.58 -66.38
N SER N 80 21.67 -16.54 -65.87
CA SER N 80 21.16 -15.83 -64.69
C SER N 80 20.29 -14.65 -65.09
N ASN N 81 19.32 -14.94 -65.97
CA ASN N 81 18.37 -13.93 -66.43
C ASN N 81 17.10 -13.91 -65.60
N ASP N 82 17.01 -14.77 -64.58
CA ASP N 82 15.76 -15.01 -63.87
C ASP N 82 15.85 -14.70 -62.39
N PHE N 83 16.83 -15.26 -61.69
CA PHE N 83 16.76 -15.35 -60.24
C PHE N 83 17.26 -14.09 -59.56
N LEU N 84 16.75 -13.87 -58.34
CA LEU N 84 16.95 -12.59 -57.67
C LEU N 84 18.42 -12.35 -57.34
N THR N 85 19.13 -13.38 -56.89
CA THR N 85 20.51 -13.25 -56.42
C THR N 85 20.58 -12.22 -55.29
N LEU N 86 19.94 -12.58 -54.17
CA LEU N 86 19.77 -11.70 -53.04
C LEU N 86 20.60 -12.18 -51.86
N LYS N 87 21.18 -11.23 -51.13
CA LYS N 87 21.93 -11.49 -49.91
C LYS N 87 21.25 -10.78 -48.76
N LEU N 88 21.11 -11.48 -47.63
CA LEU N 88 20.47 -10.89 -46.46
C LEU N 88 20.98 -11.61 -45.21
N PRO N 89 20.98 -10.92 -44.06
CA PRO N 89 21.61 -11.49 -42.85
C PRO N 89 20.80 -12.56 -42.13
N ALA N 90 19.79 -13.13 -42.78
CA ALA N 90 18.94 -14.21 -42.27
C ALA N 90 18.06 -13.79 -41.11
N ASN N 91 18.20 -12.57 -40.61
CA ASN N 91 17.21 -11.97 -39.74
C ASN N 91 16.20 -11.15 -40.52
N LYS N 92 16.14 -11.34 -41.83
CA LYS N 92 15.26 -10.55 -42.68
C LYS N 92 14.53 -11.41 -43.70
N LEU N 93 14.30 -12.68 -43.40
CA LEU N 93 13.43 -13.52 -44.21
C LEU N 93 12.42 -14.18 -43.29
N TYR N 94 11.14 -14.04 -43.63
CA TYR N 94 10.05 -14.46 -42.76
C TYR N 94 9.90 -15.97 -42.84
N LEU N 95 10.44 -16.67 -41.84
CA LEU N 95 10.24 -18.11 -41.72
C LEU N 95 9.01 -18.40 -40.87
N ILE N 96 8.43 -19.58 -41.10
CA ILE N 96 7.40 -20.12 -40.23
C ILE N 96 7.86 -21.49 -39.75
N ARG N 97 7.30 -21.92 -38.63
CA ARG N 97 7.70 -23.17 -37.97
C ARG N 97 9.20 -23.16 -37.70
N LYS N 98 9.66 -22.07 -37.07
CA LYS N 98 11.09 -21.87 -36.88
C LYS N 98 11.68 -22.91 -35.94
N LYS N 99 12.91 -23.31 -36.23
CA LYS N 99 13.67 -24.29 -35.46
C LYS N 99 15.09 -23.77 -35.39
N GLY N 100 16.04 -24.66 -35.07
CA GLY N 100 17.41 -24.29 -34.74
C GLY N 100 17.94 -23.09 -35.50
N ASN N 101 18.39 -22.09 -34.74
CA ASN N 101 18.45 -20.72 -35.24
C ASN N 101 19.55 -20.55 -36.28
N ILE N 102 19.22 -19.81 -37.34
CA ILE N 102 20.22 -19.36 -38.30
C ILE N 102 20.97 -18.17 -37.70
N SER N 103 22.24 -18.03 -38.07
CA SER N 103 23.10 -17.04 -37.43
C SER N 103 23.96 -16.23 -38.39
N ASP N 104 24.06 -16.61 -39.66
CA ASP N 104 24.94 -15.95 -40.62
C ASP N 104 24.13 -15.27 -41.71
N ASP N 105 24.83 -14.52 -42.54
CA ASP N 105 24.22 -13.94 -43.72
C ASP N 105 23.98 -15.02 -44.77
N LEU N 106 22.86 -14.92 -45.47
CA LEU N 106 22.43 -15.97 -46.40
C LEU N 106 22.17 -15.37 -47.77
N LYS N 107 23.10 -15.60 -48.70
CA LYS N 107 22.87 -15.24 -50.09
C LYS N 107 21.90 -16.23 -50.70
N ILE N 108 20.78 -15.74 -51.21
CA ILE N 108 19.70 -16.61 -51.68
C ILE N 108 19.31 -16.23 -53.09
N TYR N 109 18.79 -17.21 -53.83
CA TYR N 109 18.30 -17.03 -55.18
C TYR N 109 16.83 -17.39 -55.21
N ILE N 110 16.03 -16.56 -55.86
CA ILE N 110 14.58 -16.72 -55.87
C ILE N 110 14.09 -16.74 -57.31
N PRO N 111 13.16 -17.62 -57.67
CA PRO N 111 12.67 -17.66 -59.05
C PRO N 111 11.86 -16.42 -59.40
N TYR N 112 12.56 -15.35 -59.78
CA TYR N 112 11.93 -14.07 -60.05
C TYR N 112 11.57 -13.95 -61.53
N SER N 113 10.33 -13.55 -61.81
CA SER N 113 9.91 -13.10 -63.12
C SER N 113 9.71 -11.60 -63.12
N SER N 114 9.74 -11.01 -64.30
CA SER N 114 9.47 -9.59 -64.42
C SER N 114 8.01 -9.33 -64.08
N PRO N 115 7.65 -8.07 -63.82
CA PRO N 115 6.21 -7.76 -63.63
C PRO N 115 5.32 -8.21 -64.76
N ASP N 116 5.84 -8.31 -65.99
CA ASP N 116 5.08 -8.82 -67.12
C ASP N 116 3.81 -7.99 -67.33
N ALA N 117 4.02 -6.74 -67.73
CA ALA N 117 2.94 -5.77 -67.85
C ALA N 117 2.12 -5.99 -69.12
N ARG N 118 1.60 -7.21 -69.25
CA ARG N 118 0.73 -7.50 -70.40
C ARG N 118 -0.71 -7.08 -70.10
N ASN N 119 -1.21 -7.41 -68.91
CA ASN N 119 -2.56 -7.03 -68.50
C ASN N 119 -2.61 -7.02 -66.98
N SER N 120 -3.82 -6.95 -66.44
CA SER N 120 -4.00 -6.96 -64.99
C SER N 120 -3.52 -8.27 -64.39
N MET N 121 -3.02 -8.20 -63.16
CA MET N 121 -2.63 -9.37 -62.39
C MET N 121 -3.62 -9.52 -61.24
N LYS N 122 -4.55 -10.46 -61.39
CA LYS N 122 -5.53 -10.78 -60.35
C LYS N 122 -5.16 -12.13 -59.78
N THR N 123 -4.64 -12.14 -58.55
CA THR N 123 -4.13 -13.36 -57.97
C THR N 123 -5.26 -14.29 -57.55
N LYS N 124 -4.98 -15.58 -57.58
CA LYS N 124 -5.97 -16.62 -57.29
C LYS N 124 -5.39 -17.56 -56.24
N PRO N 125 -5.90 -17.54 -55.01
CA PRO N 125 -5.33 -18.38 -53.94
C PRO N 125 -5.44 -19.86 -54.30
N VAL N 126 -4.29 -20.52 -54.34
CA VAL N 126 -4.20 -21.93 -54.70
C VAL N 126 -3.85 -22.71 -53.45
N SER N 127 -4.85 -23.37 -52.86
CA SER N 127 -4.57 -24.31 -51.79
C SER N 127 -4.14 -25.64 -52.37
N ILE N 128 -3.44 -26.43 -51.56
CA ILE N 128 -2.89 -27.70 -51.99
C ILE N 128 -3.79 -28.83 -51.54
N SER N 129 -4.10 -29.73 -52.46
CA SER N 129 -4.99 -30.86 -52.26
C SER N 129 -4.52 -31.96 -53.21
N ASP N 130 -5.42 -32.90 -53.55
CA ASP N 130 -5.20 -33.84 -54.64
C ASP N 130 -4.01 -34.76 -54.33
N ASP N 131 -4.26 -35.64 -53.35
CA ASP N 131 -3.30 -36.55 -52.75
C ASP N 131 -2.32 -37.19 -53.73
N THR N 132 -2.77 -37.47 -54.95
CA THR N 132 -1.88 -38.08 -55.93
C THR N 132 -0.63 -37.22 -56.16
N ILE N 133 -0.79 -35.91 -56.29
CA ILE N 133 0.37 -35.05 -56.41
C ILE N 133 1.02 -34.82 -55.06
N VAL N 134 0.25 -34.93 -53.98
CA VAL N 134 0.79 -34.78 -52.63
C VAL N 134 1.97 -35.72 -52.42
N ASN N 135 1.87 -36.94 -52.96
CA ASN N 135 3.01 -37.85 -52.95
C ASN N 135 3.98 -37.53 -54.07
N ASN N 136 3.46 -37.12 -55.24
CA ASN N 136 4.32 -36.73 -56.34
C ASN N 136 5.23 -35.58 -55.94
N ILE N 137 4.69 -34.62 -55.18
CA ILE N 137 5.52 -33.51 -54.70
C ILE N 137 6.68 -34.03 -53.87
N ILE N 138 6.38 -34.94 -52.92
CA ILE N 138 7.46 -35.60 -52.19
C ILE N 138 8.32 -36.42 -53.14
N LYS N 139 7.69 -37.05 -54.13
CA LYS N 139 8.42 -37.90 -55.06
C LYS N 139 9.33 -37.11 -55.98
N GLU N 140 8.97 -35.85 -56.28
CA GLU N 140 9.78 -35.05 -57.19
C GLU N 140 10.62 -33.99 -56.49
N VAL N 141 10.30 -33.64 -55.24
CA VAL N 141 11.03 -32.57 -54.57
C VAL N 141 11.67 -33.07 -53.28
N PHE N 142 10.84 -33.50 -52.34
CA PHE N 142 11.32 -33.70 -50.97
C PHE N 142 12.29 -34.87 -50.90
N ASP N 143 12.02 -35.95 -51.62
CA ASP N 143 12.84 -37.15 -51.51
C ASP N 143 14.26 -36.94 -52.04
N LYS N 144 14.50 -35.90 -52.83
CA LYS N 144 15.80 -35.66 -53.42
C LYS N 144 16.62 -34.62 -52.66
N ILE N 145 15.97 -33.60 -52.10
CA ILE N 145 16.69 -32.50 -51.47
C ILE N 145 17.51 -33.00 -50.29
N TYR N 146 17.07 -34.06 -49.62
CA TYR N 146 17.80 -34.66 -48.51
C TYR N 146 18.22 -36.09 -48.80
N ASN N 147 17.31 -36.88 -49.36
CA ASN N 147 17.42 -38.33 -49.59
C ASN N 147 17.39 -39.12 -48.29
N ILE N 148 17.40 -38.44 -47.13
CA ILE N 148 17.07 -39.12 -45.87
C ILE N 148 15.59 -39.41 -45.77
N THR N 149 14.80 -39.01 -46.77
CA THR N 149 13.39 -39.31 -46.88
C THR N 149 13.16 -40.19 -48.10
N GLN N 150 12.03 -40.90 -48.07
CA GLN N 150 11.60 -41.97 -49.00
C GLN N 150 12.49 -43.19 -48.89
N LYS N 151 13.52 -43.16 -48.07
CA LYS N 151 14.49 -44.24 -47.91
C LYS N 151 14.48 -44.86 -46.53
N GLU N 152 14.45 -44.03 -45.48
CA GLU N 152 14.53 -44.51 -44.11
C GLU N 152 13.43 -43.93 -43.22
N LYS N 153 12.46 -43.21 -43.79
CA LYS N 153 11.45 -42.52 -43.02
C LYS N 153 10.15 -43.31 -43.01
N VAL N 154 9.66 -43.63 -41.80
CA VAL N 154 8.22 -43.84 -41.62
C VAL N 154 7.50 -42.53 -41.46
N LYS N 155 8.24 -41.43 -41.32
CA LYS N 155 7.70 -40.08 -41.24
C LYS N 155 7.23 -39.55 -42.59
N ILE N 156 7.23 -40.38 -43.62
CA ILE N 156 6.66 -39.99 -44.90
C ILE N 156 5.20 -39.61 -44.75
N GLU N 157 4.50 -40.27 -43.81
CA GLU N 157 3.10 -39.94 -43.56
C GLU N 157 2.91 -38.47 -43.26
N LYS N 158 3.80 -37.89 -42.46
CA LYS N 158 3.64 -36.48 -42.08
C LYS N 158 3.94 -35.56 -43.26
N VAL N 159 4.95 -35.91 -44.07
CA VAL N 159 5.25 -35.11 -45.25
C VAL N 159 4.07 -35.13 -46.23
N LYS N 160 3.24 -36.17 -46.18
CA LYS N 160 2.01 -36.15 -46.96
C LYS N 160 1.02 -35.12 -46.43
N GLU N 161 1.12 -34.77 -45.15
CA GLU N 161 0.12 -33.91 -44.54
C GLU N 161 0.54 -32.45 -44.49
N ASP N 162 1.84 -32.19 -44.29
CA ASP N 162 2.30 -30.81 -44.16
C ASP N 162 2.11 -30.03 -45.45
N ILE N 163 2.24 -30.70 -46.60
CA ILE N 163 2.02 -30.02 -47.87
C ILE N 163 0.59 -29.50 -47.94
N LYS N 164 -0.38 -30.35 -47.57
CA LYS N 164 -1.78 -29.94 -47.50
C LYS N 164 -2.10 -29.17 -46.24
N GLU N 165 -1.10 -28.78 -45.45
CA GLU N 165 -1.35 -28.01 -44.24
C GLU N 165 -0.52 -26.74 -44.17
N LEU N 166 0.72 -26.75 -44.66
CA LEU N 166 1.61 -25.60 -44.56
C LEU N 166 1.56 -24.74 -45.82
N PHE N 167 1.90 -25.31 -46.97
CA PHE N 167 2.06 -24.53 -48.19
C PHE N 167 0.70 -24.20 -48.79
N SER N 168 0.44 -22.91 -48.99
CA SER N 168 -0.76 -22.42 -49.65
C SER N 168 -0.45 -21.03 -50.17
N TYR N 169 -0.68 -20.81 -51.46
CA TYR N 169 -0.10 -19.66 -52.15
C TYR N 169 -1.15 -19.05 -53.07
N TYR N 170 -0.67 -18.15 -53.94
CA TYR N 170 -1.49 -17.48 -54.93
C TYR N 170 -0.89 -17.69 -56.31
N ALA N 171 -1.70 -17.47 -57.33
CA ALA N 171 -1.26 -17.66 -58.71
C ALA N 171 -2.06 -16.74 -59.62
N LEU N 172 -1.40 -16.25 -60.67
CA LEU N 172 -2.08 -15.39 -61.63
C LEU N 172 -3.03 -16.20 -62.49
N GLU N 173 -2.59 -17.38 -62.92
CA GLU N 173 -3.34 -18.27 -63.82
C GLU N 173 -3.61 -17.63 -65.17
N GLN N 174 -2.79 -16.65 -65.54
CA GLN N 174 -2.95 -15.95 -66.81
C GLN N 174 -1.59 -15.45 -67.30
N SER O 2 -22.35 -58.69 -33.50
CA SER O 2 -23.21 -57.53 -33.39
C SER O 2 -24.64 -57.86 -33.82
N THR O 3 -25.60 -57.17 -33.21
CA THR O 3 -27.00 -57.41 -33.47
C THR O 3 -27.48 -56.65 -34.70
N GLN O 4 -28.30 -57.32 -35.50
CA GLN O 4 -28.91 -56.72 -36.68
C GLN O 4 -30.38 -56.42 -36.41
N ARG O 5 -30.87 -55.35 -37.03
CA ARG O 5 -32.21 -54.87 -36.76
C ARG O 5 -32.97 -54.67 -38.06
N GLU O 6 -34.29 -54.60 -37.95
CA GLU O 6 -35.17 -54.34 -39.07
C GLU O 6 -35.96 -53.07 -38.80
N TYR O 7 -36.68 -52.61 -39.83
CA TYR O 7 -37.36 -51.32 -39.80
C TYR O 7 -38.81 -51.51 -40.22
N VAL O 8 -39.71 -51.49 -39.25
CA VAL O 8 -41.13 -51.44 -39.52
C VAL O 8 -41.65 -50.07 -39.08
N PHE O 9 -42.77 -49.66 -39.65
CA PHE O 9 -43.35 -48.37 -39.31
C PHE O 9 -44.83 -48.48 -38.96
N ILE O 10 -45.48 -47.34 -38.81
CA ILE O 10 -46.89 -47.30 -38.44
C ILE O 10 -47.64 -46.57 -39.56
N PRO O 11 -48.09 -47.28 -40.58
CA PRO O 11 -48.79 -46.64 -41.69
C PRO O 11 -50.30 -46.65 -41.52
N ILE O 12 -50.97 -45.80 -42.31
CA ILE O 12 -52.41 -45.90 -42.42
C ILE O 12 -52.80 -47.25 -43.01
N THR O 13 -52.00 -47.74 -43.94
CA THR O 13 -52.19 -49.06 -44.51
C THR O 13 -51.70 -50.13 -43.53
N ASN O 14 -51.73 -51.39 -43.96
CA ASN O 14 -51.23 -52.49 -43.14
C ASN O 14 -50.46 -53.52 -43.96
N SER O 15 -49.90 -53.12 -45.10
CA SER O 15 -49.23 -54.05 -46.00
C SER O 15 -47.85 -54.47 -45.52
N ILE O 16 -47.50 -54.16 -44.27
CA ILE O 16 -46.20 -54.51 -43.71
C ILE O 16 -46.40 -55.37 -42.48
N THR O 17 -47.43 -56.24 -42.52
CA THR O 17 -48.01 -56.88 -41.34
C THR O 17 -46.97 -57.31 -40.31
N ILE O 18 -46.10 -58.25 -40.64
CA ILE O 18 -44.85 -58.34 -39.90
C ILE O 18 -43.70 -58.48 -40.89
N ASP O 19 -43.97 -59.10 -42.04
CA ASP O 19 -43.03 -59.22 -43.15
C ASP O 19 -41.65 -59.74 -42.77
N VAL O 20 -41.48 -60.23 -41.55
CA VAL O 20 -40.14 -60.51 -41.02
C VAL O 20 -40.26 -61.40 -39.79
N LYS O 21 -39.18 -62.08 -39.45
CA LYS O 21 -39.02 -62.64 -38.11
C LYS O 21 -38.51 -61.52 -37.21
N ILE O 22 -39.40 -60.99 -36.37
CA ILE O 22 -39.12 -59.74 -35.65
C ILE O 22 -38.13 -59.91 -34.51
N THR O 23 -37.63 -61.12 -34.27
CA THR O 23 -36.69 -61.35 -33.18
C THR O 23 -35.46 -62.05 -33.71
N ILE O 24 -34.29 -61.65 -33.18
CA ILE O 24 -33.00 -62.18 -33.61
C ILE O 24 -32.42 -63.15 -32.58
N GLY O 25 -33.21 -63.52 -31.57
CA GLY O 25 -32.69 -64.21 -30.40
C GLY O 25 -32.33 -63.28 -29.27
N GLY O 26 -32.24 -61.97 -29.52
CA GLY O 26 -32.00 -60.98 -28.50
C GLY O 26 -33.09 -59.94 -28.49
N SER O 27 -33.68 -59.70 -27.32
CA SER O 27 -34.85 -58.84 -27.18
C SER O 27 -34.47 -57.36 -27.06
N ASP O 28 -33.28 -56.98 -27.49
CA ASP O 28 -32.89 -55.57 -27.48
C ASP O 28 -33.69 -54.80 -28.52
N HIS O 29 -33.98 -53.54 -28.20
CA HIS O 29 -34.78 -52.68 -29.06
C HIS O 29 -34.28 -51.25 -28.96
N ILE O 30 -34.09 -50.60 -30.10
CA ILE O 30 -33.74 -49.18 -30.10
C ILE O 30 -34.95 -48.32 -29.81
N THR O 31 -36.04 -48.53 -30.55
CA THR O 31 -37.24 -47.71 -30.44
C THR O 31 -37.93 -48.05 -29.11
N ASN O 32 -37.41 -47.48 -28.04
CA ASN O 32 -37.90 -47.78 -26.70
C ASN O 32 -39.15 -46.97 -26.40
N ILE O 33 -40.16 -47.65 -25.84
CA ILE O 33 -41.45 -47.03 -25.58
C ILE O 33 -41.73 -47.13 -24.08
N ASP O 34 -40.68 -47.05 -23.28
CA ASP O 34 -40.81 -47.28 -21.84
C ASP O 34 -41.31 -46.05 -21.10
N GLU O 35 -40.54 -44.96 -21.14
CA GLU O 35 -40.71 -43.88 -20.17
C GLU O 35 -41.98 -43.07 -20.41
N ARG O 36 -42.05 -42.37 -21.54
CA ARG O 36 -43.13 -41.41 -21.75
C ARG O 36 -43.67 -41.46 -23.17
N GLY O 37 -43.41 -42.54 -23.91
CA GLY O 37 -43.85 -42.61 -25.29
C GLY O 37 -42.81 -43.23 -26.19
N ILE O 38 -43.10 -43.31 -27.48
CA ILE O 38 -42.13 -43.86 -28.43
C ILE O 38 -40.91 -42.96 -28.47
N HIS O 39 -39.72 -43.57 -28.40
CA HIS O 39 -38.47 -42.85 -28.47
C HIS O 39 -37.59 -43.45 -29.55
N ASN O 40 -36.62 -42.67 -30.00
CA ASN O 40 -35.61 -43.10 -30.97
C ASN O 40 -36.24 -43.51 -32.29
N VAL O 41 -37.44 -43.02 -32.59
CA VAL O 41 -38.12 -43.41 -33.82
C VAL O 41 -37.34 -42.88 -35.02
N LEU O 42 -36.95 -43.79 -35.91
CA LEU O 42 -36.19 -43.41 -37.09
C LEU O 42 -37.10 -42.77 -38.13
N VAL O 43 -36.60 -41.71 -38.76
CA VAL O 43 -37.27 -41.04 -39.85
C VAL O 43 -36.43 -41.24 -41.10
N ILE O 44 -37.06 -41.68 -42.18
CA ILE O 44 -36.39 -41.91 -43.45
C ILE O 44 -36.84 -40.83 -44.43
N THR O 45 -35.88 -40.18 -45.08
CA THR O 45 -36.13 -39.01 -45.89
C THR O 45 -36.04 -39.37 -47.37
N GLY O 46 -36.97 -38.85 -48.16
CA GLY O 46 -36.96 -39.08 -49.58
C GLY O 46 -37.64 -40.35 -50.03
N TYR O 47 -38.62 -40.84 -49.27
CA TYR O 47 -39.25 -42.12 -49.56
C TYR O 47 -40.75 -42.03 -49.35
N ALA O 48 -41.47 -42.87 -50.09
CA ALA O 48 -42.91 -43.03 -49.96
C ALA O 48 -43.24 -44.51 -49.90
N VAL O 49 -44.47 -44.84 -49.50
CA VAL O 49 -44.83 -46.22 -49.19
C VAL O 49 -45.73 -46.89 -50.24
N ASP O 50 -46.28 -46.12 -51.18
CA ASP O 50 -47.12 -46.63 -52.27
C ASP O 50 -48.49 -47.10 -51.81
N GLU O 51 -48.72 -47.11 -50.49
CA GLU O 51 -49.98 -47.59 -49.87
C GLU O 51 -50.43 -48.93 -50.46
N LYS O 52 -49.49 -49.69 -51.02
CA LYS O 52 -49.76 -50.99 -51.60
C LYS O 52 -48.43 -51.69 -51.76
N ASN O 53 -48.27 -52.86 -51.15
CA ASN O 53 -46.95 -53.46 -50.94
C ASN O 53 -46.04 -52.44 -50.28
N GLY O 54 -46.40 -52.11 -49.04
CA GLY O 54 -45.93 -50.89 -48.41
C GLY O 54 -44.45 -50.87 -48.13
N ARG O 55 -43.67 -51.08 -49.18
CA ARG O 55 -42.24 -50.86 -49.16
C ARG O 55 -41.95 -49.45 -49.67
N LEU O 56 -40.69 -49.04 -49.55
CA LEU O 56 -40.34 -47.64 -49.72
C LEU O 56 -39.85 -47.37 -51.13
N VAL O 57 -40.29 -46.25 -51.70
CA VAL O 57 -39.86 -45.79 -53.02
C VAL O 57 -38.84 -44.68 -52.80
N PRO O 58 -37.58 -44.86 -53.20
CA PRO O 58 -36.63 -43.76 -53.12
C PRO O 58 -37.02 -42.63 -54.05
N THR O 59 -37.03 -41.41 -53.51
CA THR O 59 -37.41 -40.24 -54.28
C THR O 59 -36.35 -39.17 -54.11
N LEU O 60 -36.08 -38.42 -55.19
CA LEU O 60 -35.10 -37.36 -55.12
C LEU O 60 -35.58 -36.17 -54.31
N ASP O 61 -36.88 -36.05 -54.08
CA ASP O 61 -37.39 -34.97 -53.24
C ASP O 61 -37.01 -35.23 -51.79
N PRO O 62 -36.29 -34.32 -51.14
CA PRO O 62 -36.02 -34.48 -49.70
C PRO O 62 -37.22 -34.18 -48.82
N CYS O 63 -38.31 -33.68 -49.39
CA CYS O 63 -39.52 -33.43 -48.62
C CYS O 63 -40.43 -34.65 -48.54
N ASP O 64 -39.97 -35.80 -49.03
CA ASP O 64 -40.71 -37.04 -48.81
C ASP O 64 -40.40 -37.59 -47.43
N TYR O 65 -41.41 -38.19 -46.82
CA TYR O 65 -41.45 -38.29 -45.36
C TYR O 65 -42.00 -39.65 -44.97
N VAL O 66 -41.16 -40.51 -44.42
CA VAL O 66 -41.59 -41.78 -43.83
C VAL O 66 -40.76 -42.04 -42.57
N LYS O 67 -41.43 -42.50 -41.52
CA LYS O 67 -40.75 -42.76 -40.26
C LYS O 67 -41.28 -44.04 -39.64
N GLY O 68 -40.39 -44.80 -39.03
CA GLY O 68 -40.79 -46.02 -38.37
C GLY O 68 -39.93 -46.40 -37.18
N ILE O 69 -40.24 -47.54 -36.58
CA ILE O 69 -39.54 -48.01 -35.40
C ILE O 69 -38.44 -48.98 -35.81
N LEU O 70 -37.44 -49.14 -34.95
CA LEU O 70 -36.34 -50.05 -35.20
C LEU O 70 -36.45 -51.24 -34.25
N VAL O 71 -36.56 -52.44 -34.83
CA VAL O 71 -36.67 -53.68 -34.08
C VAL O 71 -35.60 -54.63 -34.56
N ALA O 72 -35.08 -55.44 -33.64
CA ALA O 72 -33.96 -56.35 -33.91
C ALA O 72 -34.48 -57.74 -34.22
N GLY O 73 -34.27 -58.20 -35.45
CA GLY O 73 -34.65 -59.54 -35.85
C GLY O 73 -33.85 -60.04 -37.03
N THR O 74 -34.27 -61.14 -37.65
CA THR O 74 -33.64 -61.60 -38.87
C THR O 74 -34.56 -61.30 -40.05
N PRO O 75 -34.02 -60.74 -41.14
CA PRO O 75 -34.84 -60.09 -42.17
C PRO O 75 -35.48 -61.03 -43.18
N GLN O 76 -36.09 -62.10 -42.69
CA GLN O 76 -36.74 -63.11 -43.54
C GLN O 76 -35.78 -63.57 -44.63
N GLN O 77 -34.70 -64.22 -44.18
CA GLN O 77 -33.58 -64.58 -45.05
C GLN O 77 -34.02 -65.29 -46.32
N ALA O 78 -35.20 -65.91 -46.33
CA ALA O 78 -35.74 -66.47 -47.57
C ALA O 78 -35.96 -65.38 -48.61
N GLN O 79 -36.83 -64.42 -48.29
CA GLN O 79 -37.15 -63.32 -49.21
C GLN O 79 -36.11 -62.21 -49.05
N SER O 80 -34.99 -62.38 -49.75
CA SER O 80 -33.95 -61.37 -49.80
C SER O 80 -34.18 -60.35 -50.92
N ASN O 81 -35.41 -60.26 -51.43
CA ASN O 81 -35.76 -59.32 -52.49
C ASN O 81 -36.64 -58.19 -51.98
N ASP O 82 -36.60 -57.92 -50.69
CA ASP O 82 -37.54 -57.00 -50.05
C ASP O 82 -36.88 -55.82 -49.36
N PHE O 83 -35.55 -55.75 -49.34
CA PHE O 83 -34.84 -54.71 -48.59
C PHE O 83 -33.61 -54.30 -49.38
N LEU O 84 -32.75 -53.49 -48.75
CA LEU O 84 -31.44 -53.17 -49.33
C LEU O 84 -30.28 -53.28 -48.35
N THR O 85 -30.54 -53.55 -47.07
CA THR O 85 -29.53 -54.05 -46.12
C THR O 85 -28.33 -53.10 -46.02
N LEU O 86 -28.58 -51.92 -45.48
CA LEU O 86 -27.51 -50.96 -45.27
C LEU O 86 -26.71 -51.32 -44.01
N LYS O 87 -25.68 -50.52 -43.72
CA LYS O 87 -24.87 -50.69 -42.52
C LYS O 87 -24.25 -49.33 -42.19
N LEU O 88 -24.84 -48.63 -41.23
CA LEU O 88 -24.38 -47.29 -40.88
C LEU O 88 -23.91 -47.25 -39.43
N PRO O 89 -23.02 -46.30 -39.07
CA PRO O 89 -22.37 -46.36 -37.75
C PRO O 89 -23.25 -45.91 -36.60
N ALA O 90 -24.57 -45.83 -36.83
CA ALA O 90 -25.58 -45.41 -35.87
C ALA O 90 -25.53 -43.92 -35.57
N ASN O 91 -24.58 -43.18 -36.14
CA ASN O 91 -24.57 -41.74 -36.04
C ASN O 91 -24.96 -41.07 -37.34
N LYS O 92 -25.28 -41.85 -38.37
CA LYS O 92 -25.62 -41.33 -39.70
C LYS O 92 -27.08 -41.59 -40.07
N LEU O 93 -27.94 -41.86 -39.09
CA LEU O 93 -29.36 -42.00 -39.33
C LEU O 93 -30.12 -41.02 -38.45
N TYR O 94 -31.24 -40.53 -38.96
CA TYR O 94 -31.95 -39.40 -38.39
C TYR O 94 -33.07 -39.91 -37.48
N LEU O 95 -32.83 -39.87 -36.17
CA LEU O 95 -33.77 -40.35 -35.18
C LEU O 95 -34.54 -39.18 -34.57
N ILE O 96 -35.49 -39.52 -33.69
CA ILE O 96 -36.39 -38.54 -33.11
C ILE O 96 -36.71 -38.97 -31.68
N ARG O 97 -36.80 -38.00 -30.77
CA ARG O 97 -36.99 -38.28 -29.34
C ARG O 97 -35.91 -39.20 -28.83
N LYS O 98 -34.67 -38.92 -29.21
CA LYS O 98 -33.56 -39.83 -28.95
C LYS O 98 -33.37 -40.04 -27.46
N LYS O 99 -32.59 -41.07 -27.14
CA LYS O 99 -32.26 -41.47 -25.78
C LYS O 99 -30.74 -41.51 -25.65
N GLY O 100 -30.25 -42.13 -24.58
CA GLY O 100 -28.83 -42.38 -24.42
C GLY O 100 -28.19 -42.83 -25.72
N ASN O 101 -27.15 -42.10 -26.13
CA ASN O 101 -26.62 -42.22 -27.49
C ASN O 101 -26.11 -43.62 -27.78
N ILE O 102 -26.08 -43.96 -29.06
CA ILE O 102 -25.56 -45.23 -29.56
C ILE O 102 -24.53 -44.90 -30.63
N SER O 103 -23.29 -45.35 -30.41
CA SER O 103 -22.15 -44.93 -31.22
C SER O 103 -21.37 -46.14 -31.72
N ASP O 104 -22.06 -47.12 -32.28
CA ASP O 104 -21.41 -48.30 -32.86
C ASP O 104 -22.18 -48.73 -34.09
N ASP O 105 -21.48 -49.42 -34.99
CA ASP O 105 -22.05 -49.78 -36.28
C ASP O 105 -23.27 -50.69 -36.11
N LEU O 106 -24.15 -50.64 -37.10
CA LEU O 106 -25.38 -51.43 -37.06
C LEU O 106 -25.74 -51.84 -38.49
N LYS O 107 -26.49 -52.93 -38.60
CA LYS O 107 -27.05 -53.37 -39.87
C LYS O 107 -28.56 -53.29 -39.79
N ILE O 108 -29.18 -52.67 -40.79
CA ILE O 108 -30.60 -52.37 -40.76
C ILE O 108 -31.24 -52.81 -42.08
N TYR O 109 -32.47 -53.29 -41.99
CA TYR O 109 -33.26 -53.68 -43.15
C TYR O 109 -34.53 -52.86 -43.20
N ILE O 110 -34.80 -52.29 -44.37
CA ILE O 110 -35.94 -51.40 -44.56
C ILE O 110 -36.72 -51.85 -45.79
N PRO O 111 -38.04 -51.92 -45.72
CA PRO O 111 -38.82 -52.43 -46.86
C PRO O 111 -38.67 -51.58 -48.11
N TYR O 112 -38.04 -52.14 -49.14
CA TYR O 112 -37.75 -51.39 -50.36
C TYR O 112 -38.40 -52.08 -51.54
N SER O 113 -39.20 -51.34 -52.29
CA SER O 113 -39.77 -51.79 -53.55
C SER O 113 -39.23 -50.91 -54.66
N SER O 114 -38.82 -51.53 -55.76
CA SER O 114 -38.13 -50.85 -56.84
C SER O 114 -38.98 -49.73 -57.41
N PRO O 115 -38.36 -48.77 -58.12
CA PRO O 115 -39.16 -47.77 -58.85
C PRO O 115 -40.31 -48.35 -59.65
N ASP O 116 -40.06 -49.35 -60.50
CA ASP O 116 -41.10 -50.00 -61.31
C ASP O 116 -41.80 -48.97 -62.19
N ALA O 117 -41.02 -48.45 -63.14
CA ALA O 117 -41.44 -47.29 -63.94
C ALA O 117 -42.59 -47.68 -64.87
N ARG O 118 -43.81 -47.36 -64.45
CA ARG O 118 -44.96 -47.36 -65.35
C ARG O 118 -45.78 -46.09 -65.28
N ASN O 119 -45.75 -45.35 -64.18
CA ASN O 119 -46.41 -44.06 -64.07
C ASN O 119 -45.47 -43.08 -63.39
N SER O 120 -45.91 -41.83 -63.31
CA SER O 120 -45.13 -40.78 -62.66
C SER O 120 -45.58 -40.63 -61.21
N MET O 121 -44.62 -40.42 -60.33
CA MET O 121 -44.90 -40.36 -58.89
C MET O 121 -45.39 -38.97 -58.52
N LYS O 122 -46.49 -38.92 -57.77
CA LYS O 122 -47.05 -37.69 -57.21
C LYS O 122 -47.36 -37.98 -55.75
N THR O 123 -46.38 -37.76 -54.88
CA THR O 123 -46.51 -38.12 -53.48
C THR O 123 -47.38 -37.10 -52.75
N LYS O 124 -48.09 -37.57 -51.73
CA LYS O 124 -49.00 -36.74 -50.96
C LYS O 124 -48.91 -37.09 -49.49
N PRO O 125 -49.22 -36.15 -48.60
CA PRO O 125 -49.04 -36.39 -47.17
C PRO O 125 -50.24 -37.07 -46.52
N VAL O 126 -49.94 -38.01 -45.63
CA VAL O 126 -50.96 -38.69 -44.85
C VAL O 126 -50.57 -38.65 -43.38
N SER O 127 -51.46 -38.12 -42.55
CA SER O 127 -51.32 -38.22 -41.10
C SER O 127 -51.81 -39.60 -40.68
N ILE O 128 -52.03 -39.80 -39.39
CA ILE O 128 -52.67 -41.02 -38.88
C ILE O 128 -53.94 -40.62 -38.15
N SER O 129 -55.06 -41.10 -38.67
CA SER O 129 -56.41 -40.84 -38.18
C SER O 129 -57.22 -42.09 -38.46
N ASP O 130 -58.55 -41.97 -38.48
CA ASP O 130 -59.43 -43.10 -38.77
C ASP O 130 -59.25 -44.21 -37.72
N ASP O 131 -59.74 -43.89 -36.52
CA ASP O 131 -59.54 -44.67 -35.29
C ASP O 131 -59.83 -46.16 -35.47
N THR O 132 -60.48 -46.54 -36.57
CA THR O 132 -60.69 -47.94 -36.90
C THR O 132 -59.40 -48.74 -36.82
N ILE O 133 -58.27 -48.13 -37.17
CA ILE O 133 -56.97 -48.78 -37.16
C ILE O 133 -56.04 -48.17 -36.12
N VAL O 134 -56.41 -47.04 -35.53
CA VAL O 134 -55.57 -46.36 -34.55
C VAL O 134 -55.65 -47.16 -33.25
N ASN O 135 -56.38 -48.27 -33.28
CA ASN O 135 -56.33 -49.24 -32.20
C ASN O 135 -56.00 -50.66 -32.67
N ASN O 136 -56.51 -51.08 -33.84
CA ASN O 136 -56.46 -52.50 -34.18
C ASN O 136 -55.03 -52.95 -34.50
N ILE O 137 -54.44 -52.40 -35.57
CA ILE O 137 -53.08 -52.79 -35.91
C ILE O 137 -52.08 -52.11 -34.98
N ILE O 138 -52.50 -51.03 -34.31
CA ILE O 138 -51.75 -50.53 -33.17
C ILE O 138 -51.46 -51.66 -32.19
N LYS O 139 -52.41 -52.58 -32.01
CA LYS O 139 -52.13 -53.77 -31.23
C LYS O 139 -51.21 -54.72 -31.98
N GLU O 140 -51.53 -55.01 -33.25
CA GLU O 140 -50.82 -56.03 -34.01
C GLU O 140 -49.33 -55.78 -34.10
N VAL O 141 -48.93 -54.65 -34.70
CA VAL O 141 -47.51 -54.32 -34.80
C VAL O 141 -46.88 -54.20 -33.42
N PHE O 142 -47.67 -53.83 -32.41
CA PHE O 142 -47.14 -53.79 -31.06
C PHE O 142 -47.15 -55.16 -30.39
N ASP O 143 -48.12 -56.02 -30.75
CA ASP O 143 -48.34 -57.26 -30.00
C ASP O 143 -47.09 -58.11 -29.89
N LYS O 144 -46.09 -57.89 -30.75
CA LYS O 144 -44.79 -58.48 -30.51
C LYS O 144 -44.15 -57.92 -29.24
N ILE O 145 -44.49 -56.69 -28.86
CA ILE O 145 -43.95 -56.06 -27.65
C ILE O 145 -45.08 -55.44 -26.84
N TYR O 146 -46.33 -55.77 -27.18
CA TYR O 146 -47.49 -55.20 -26.50
C TYR O 146 -48.06 -56.11 -25.42
N ASN O 147 -47.90 -57.42 -25.56
CA ASN O 147 -48.31 -58.30 -24.47
C ASN O 147 -47.40 -58.15 -23.26
N ILE O 148 -46.19 -57.64 -23.45
CA ILE O 148 -45.40 -57.13 -22.34
C ILE O 148 -45.97 -55.79 -21.87
N THR O 149 -46.35 -54.94 -22.82
CA THR O 149 -46.98 -53.66 -22.54
C THR O 149 -48.33 -53.81 -21.82
N GLN O 150 -48.82 -55.05 -21.67
CA GLN O 150 -50.06 -55.27 -20.93
C GLN O 150 -50.03 -54.65 -19.54
N LYS O 151 -48.83 -54.42 -19.01
CA LYS O 151 -48.72 -53.62 -17.80
C LYS O 151 -48.41 -52.16 -18.11
N GLU O 152 -47.80 -51.90 -19.28
CA GLU O 152 -47.44 -50.55 -19.66
C GLU O 152 -48.51 -49.85 -20.47
N LYS O 153 -49.56 -50.56 -20.89
CA LYS O 153 -50.65 -49.91 -21.60
C LYS O 153 -51.88 -49.68 -20.72
N VAL O 154 -52.07 -50.47 -19.67
CA VAL O 154 -53.25 -50.30 -18.81
C VAL O 154 -53.18 -48.96 -18.09
N LYS O 155 -52.11 -48.77 -17.32
CA LYS O 155 -51.96 -47.59 -16.47
C LYS O 155 -51.01 -46.55 -17.01
N ILE O 156 -50.25 -46.85 -18.06
CA ILE O 156 -49.27 -45.92 -18.61
C ILE O 156 -49.72 -45.59 -20.03
N GLU O 157 -51.04 -45.55 -20.24
CA GLU O 157 -51.61 -45.35 -21.56
C GLU O 157 -51.47 -43.91 -22.03
N LYS O 158 -50.42 -43.63 -22.81
CA LYS O 158 -50.26 -42.33 -23.46
C LYS O 158 -49.93 -42.52 -24.93
N VAL O 159 -49.36 -43.68 -25.25
CA VAL O 159 -48.80 -43.91 -26.59
C VAL O 159 -49.85 -44.04 -27.68
N LYS O 160 -51.13 -44.12 -27.31
CA LYS O 160 -52.17 -44.04 -28.34
C LYS O 160 -52.27 -42.63 -28.91
N GLU O 161 -51.97 -41.62 -28.10
CA GLU O 161 -51.88 -40.26 -28.61
C GLU O 161 -50.49 -39.92 -29.11
N ASP O 162 -49.49 -40.77 -28.87
CA ASP O 162 -48.17 -40.58 -29.46
C ASP O 162 -48.16 -40.99 -30.92
N ILE O 163 -48.93 -42.03 -31.27
CA ILE O 163 -49.07 -42.41 -32.67
C ILE O 163 -49.70 -41.26 -33.47
N LYS O 164 -50.58 -40.49 -32.82
CA LYS O 164 -51.29 -39.44 -33.53
C LYS O 164 -50.36 -38.35 -34.01
N GLU O 165 -49.27 -38.10 -33.29
CA GLU O 165 -48.40 -36.95 -33.56
C GLU O 165 -47.21 -37.31 -34.46
N LEU O 166 -46.38 -38.26 -34.02
CA LEU O 166 -45.13 -38.55 -34.70
C LEU O 166 -45.34 -39.05 -36.13
N PHE O 167 -45.96 -40.21 -36.26
CA PHE O 167 -45.97 -40.93 -37.53
C PHE O 167 -46.94 -40.26 -38.48
N SER O 168 -46.40 -39.34 -39.28
CA SER O 168 -47.13 -38.58 -40.29
C SER O 168 -46.46 -38.75 -41.63
N TYR O 169 -46.19 -40.01 -41.99
CA TYR O 169 -45.42 -40.36 -43.18
C TYR O 169 -46.09 -39.92 -44.47
N TYR O 170 -45.41 -40.14 -45.58
CA TYR O 170 -45.94 -39.79 -46.90
C TYR O 170 -46.27 -41.08 -47.65
N ALA O 171 -47.54 -41.27 -47.95
CA ALA O 171 -47.97 -42.32 -48.86
C ALA O 171 -47.92 -41.79 -50.28
N LEU O 172 -47.41 -42.60 -51.21
CA LEU O 172 -47.26 -42.12 -52.58
C LEU O 172 -48.62 -41.83 -53.20
N GLU O 173 -49.63 -42.63 -52.89
CA GLU O 173 -51.01 -42.43 -53.33
C GLU O 173 -51.09 -42.27 -54.85
N GLN O 174 -50.61 -43.29 -55.55
CA GLN O 174 -50.64 -43.33 -57.00
C GLN O 174 -52.01 -43.76 -57.50
N SER P 2 38.50 33.23 -13.61
CA SER P 2 37.52 33.59 -14.62
C SER P 2 38.07 33.39 -16.02
N THR P 3 38.42 32.15 -16.35
CA THR P 3 38.98 31.86 -17.66
C THR P 3 37.93 31.98 -18.74
N GLN P 4 38.38 32.35 -19.94
CA GLN P 4 37.50 32.57 -21.07
C GLN P 4 37.04 31.25 -21.68
N ARG P 5 35.82 31.26 -22.21
CA ARG P 5 35.30 30.09 -22.92
C ARG P 5 34.00 30.37 -23.67
N GLU P 6 33.96 29.97 -24.93
CA GLU P 6 32.79 30.11 -25.77
C GLU P 6 31.88 28.90 -25.62
N TYR P 7 30.60 29.09 -25.91
CA TYR P 7 29.61 28.03 -25.90
C TYR P 7 29.13 27.84 -27.33
N VAL P 8 29.62 26.79 -27.98
CA VAL P 8 29.32 26.53 -29.38
C VAL P 8 28.24 25.45 -29.42
N PHE P 9 27.00 25.89 -29.65
CA PHE P 9 25.88 25.01 -29.89
C PHE P 9 26.10 24.18 -31.15
N ILE P 10 25.38 23.07 -31.25
CA ILE P 10 25.46 22.21 -32.43
C ILE P 10 24.06 21.85 -32.92
N PRO P 11 23.44 22.69 -33.75
CA PRO P 11 22.17 22.33 -34.39
C PRO P 11 22.37 21.69 -35.75
N ILE P 12 21.27 21.29 -36.40
CA ILE P 12 21.33 20.80 -37.80
C ILE P 12 21.08 22.00 -38.69
N THR P 13 22.15 22.78 -38.91
CA THR P 13 22.11 23.96 -39.77
C THR P 13 23.49 24.14 -40.40
N ASN P 14 23.61 25.23 -41.17
CA ASN P 14 24.90 25.65 -41.70
C ASN P 14 25.17 27.12 -41.44
N SER P 15 24.33 27.76 -40.61
CA SER P 15 24.65 29.05 -40.01
C SER P 15 25.61 28.89 -38.84
N ILE P 16 26.24 27.72 -38.75
CA ILE P 16 27.07 27.32 -37.62
C ILE P 16 28.44 26.90 -38.15
N THR P 17 28.86 27.53 -39.24
CA THR P 17 30.11 27.18 -39.91
C THR P 17 31.28 27.22 -38.95
N ILE P 18 31.66 28.42 -38.50
CA ILE P 18 32.62 28.54 -37.41
C ILE P 18 32.04 29.43 -36.32
N ASP P 19 31.69 30.66 -36.69
CA ASP P 19 31.11 31.68 -35.81
C ASP P 19 31.72 31.65 -34.41
N VAL P 20 33.05 31.57 -34.37
CA VAL P 20 33.78 31.60 -33.11
C VAL P 20 35.18 32.15 -33.39
N LYS P 21 35.83 32.63 -32.33
CA LYS P 21 37.12 33.29 -32.43
C LYS P 21 38.08 32.54 -31.51
N ILE P 22 39.17 33.22 -31.13
CA ILE P 22 40.46 32.64 -30.75
C ILE P 22 40.32 31.34 -29.97
N THR P 23 41.14 30.36 -30.32
CA THR P 23 41.03 29.02 -29.75
C THR P 23 41.66 28.97 -28.37
N ILE P 24 41.92 27.76 -27.89
CA ILE P 24 42.54 27.48 -26.61
C ILE P 24 43.71 28.40 -26.29
N GLY P 25 44.64 28.57 -27.23
CA GLY P 25 45.87 29.26 -26.91
C GLY P 25 46.75 28.38 -26.04
N GLY P 26 46.20 27.95 -24.91
CA GLY P 26 46.75 26.83 -24.17
C GLY P 26 46.23 25.55 -24.79
N SER P 27 45.67 24.65 -23.97
CA SER P 27 45.02 23.46 -24.49
C SER P 27 43.74 23.08 -23.77
N ASP P 28 43.35 23.80 -22.72
CA ASP P 28 42.22 23.38 -21.90
C ASP P 28 40.91 23.47 -22.67
N HIS P 29 40.16 22.38 -22.65
CA HIS P 29 38.83 22.32 -23.26
C HIS P 29 37.90 21.60 -22.30
N ILE P 30 36.94 22.33 -21.72
CA ILE P 30 35.97 21.71 -20.82
C ILE P 30 35.31 20.52 -21.49
N THR P 31 34.78 20.72 -22.68
CA THR P 31 34.23 19.62 -23.47
C THR P 31 35.40 18.87 -24.07
N ASN P 32 35.73 17.72 -23.49
CA ASN P 32 36.87 16.93 -23.94
C ASN P 32 36.39 15.56 -24.41
N ILE P 33 36.84 15.16 -25.58
CA ILE P 33 36.38 13.94 -26.25
C ILE P 33 37.59 13.07 -26.50
N ASP P 34 37.87 12.13 -25.60
CA ASP P 34 39.03 11.26 -25.74
C ASP P 34 38.63 9.80 -25.91
N GLU P 35 37.89 9.22 -24.97
CA GLU P 35 37.68 7.78 -24.94
C GLU P 35 36.22 7.38 -25.17
N ARG P 36 35.31 7.82 -24.31
CA ARG P 36 33.90 7.45 -24.40
C ARG P 36 33.11 8.53 -25.12
N GLY P 37 33.56 8.89 -26.32
CA GLY P 37 32.93 9.98 -27.03
C GLY P 37 33.09 11.29 -26.29
N ILE P 38 32.05 12.09 -26.30
CA ILE P 38 32.11 13.45 -25.82
C ILE P 38 31.83 13.47 -24.31
N HIS P 39 32.50 14.38 -23.62
CA HIS P 39 32.32 14.57 -22.19
C HIS P 39 32.04 16.03 -21.90
N ASN P 40 31.37 16.26 -20.76
CA ASN P 40 31.18 17.60 -20.21
C ASN P 40 30.41 18.51 -21.17
N VAL P 41 29.39 17.96 -21.82
CA VAL P 41 28.53 18.75 -22.68
C VAL P 41 27.67 19.65 -21.80
N LEU P 42 27.56 20.92 -22.19
CA LEU P 42 26.73 21.86 -21.44
C LEU P 42 25.32 21.87 -22.01
N VAL P 43 24.34 22.10 -21.13
CA VAL P 43 22.95 22.21 -21.49
C VAL P 43 22.41 23.51 -20.93
N ILE P 44 21.80 24.33 -21.77
CA ILE P 44 21.25 25.61 -21.39
C ILE P 44 19.74 25.53 -21.55
N THR P 45 19.01 25.73 -20.46
CA THR P 45 17.57 25.54 -20.45
C THR P 45 16.84 26.87 -20.57
N GLY P 46 15.66 26.81 -21.19
CA GLY P 46 14.87 28.01 -21.42
C GLY P 46 15.42 28.91 -22.51
N TYR P 47 15.90 28.34 -23.61
CA TYR P 47 16.49 29.11 -24.69
C TYR P 47 16.28 28.36 -26.00
N ALA P 48 15.47 28.91 -26.88
CA ALA P 48 15.41 28.42 -28.25
C ALA P 48 16.62 28.95 -29.04
N VAL P 49 16.78 28.43 -30.26
CA VAL P 49 17.93 28.79 -31.09
C VAL P 49 17.51 29.55 -32.35
N ASP P 50 16.36 29.19 -32.93
CA ASP P 50 15.75 29.87 -34.08
C ASP P 50 16.50 29.59 -35.39
N GLU P 51 17.69 29.01 -35.30
CA GLU P 51 18.40 28.45 -36.46
C GLU P 51 18.75 29.50 -37.51
N LYS P 52 18.36 30.75 -37.27
CA LYS P 52 18.65 31.87 -38.17
C LYS P 52 19.39 32.91 -37.34
N ASN P 53 20.70 33.03 -37.56
CA ASN P 53 21.58 33.61 -36.56
C ASN P 53 21.33 32.90 -35.22
N GLY P 54 21.68 31.62 -35.22
CA GLY P 54 21.16 30.69 -34.23
C GLY P 54 21.66 30.97 -32.84
N ARG P 55 21.38 32.16 -32.35
CA ARG P 55 21.74 32.53 -30.99
C ARG P 55 20.60 32.19 -30.05
N LEU P 56 20.95 31.99 -28.78
CA LEU P 56 19.99 31.50 -27.81
C LEU P 56 18.97 32.57 -27.46
N VAL P 57 17.83 32.55 -28.15
CA VAL P 57 16.77 33.51 -27.84
C VAL P 57 16.12 33.11 -26.52
N PRO P 58 16.01 34.02 -25.56
CA PRO P 58 15.56 33.63 -24.22
C PRO P 58 14.05 33.42 -24.18
N THR P 59 13.65 32.22 -23.80
CA THR P 59 12.26 31.89 -23.52
C THR P 59 12.11 31.67 -22.02
N LEU P 60 10.87 31.58 -21.56
CA LEU P 60 10.55 31.23 -20.19
C LEU P 60 9.88 29.86 -20.12
N ASP P 61 10.32 28.94 -20.96
CA ASP P 61 9.77 27.59 -21.00
C ASP P 61 10.84 26.60 -20.58
N PRO P 62 10.70 25.92 -19.44
CA PRO P 62 11.73 24.95 -19.02
C PRO P 62 11.95 23.84 -20.02
N CYS P 63 10.97 23.54 -20.86
CA CYS P 63 11.17 22.54 -21.91
C CYS P 63 11.76 23.17 -23.16
N ASP P 64 12.86 23.93 -23.01
CA ASP P 64 13.47 24.61 -24.15
C ASP P 64 14.98 24.51 -24.09
N TYR P 65 15.50 23.35 -23.71
CA TYR P 65 16.93 23.18 -23.60
C TYR P 65 17.60 23.28 -24.96
N VAL P 66 18.82 23.80 -24.96
CA VAL P 66 19.71 23.76 -26.11
C VAL P 66 21.08 23.38 -25.61
N LYS P 67 21.63 22.30 -26.14
CA LYS P 67 22.91 21.77 -25.69
C LYS P 67 24.02 22.16 -26.66
N GLY P 68 25.24 22.16 -26.14
CA GLY P 68 26.38 22.48 -26.96
C GLY P 68 27.67 22.18 -26.22
N ILE P 69 28.78 22.59 -26.82
CA ILE P 69 30.10 22.32 -26.28
C ILE P 69 30.66 23.61 -25.69
N LEU P 70 31.78 23.48 -24.98
CA LEU P 70 32.49 24.63 -24.42
C LEU P 70 33.91 24.65 -24.97
N VAL P 71 34.28 25.77 -25.57
CA VAL P 71 35.60 25.97 -26.15
C VAL P 71 36.13 27.31 -25.66
N ALA P 72 37.42 27.34 -25.31
CA ALA P 72 38.01 28.56 -24.78
C ALA P 72 38.18 29.60 -25.89
N GLY P 73 37.77 30.84 -25.60
CA GLY P 73 37.84 31.86 -26.62
C GLY P 73 37.31 33.24 -26.25
N THR P 74 36.52 33.83 -27.15
CA THR P 74 36.03 35.19 -26.97
C THR P 74 34.76 35.35 -27.77
N PRO P 75 33.84 36.23 -27.35
CA PRO P 75 32.59 36.44 -28.11
C PRO P 75 32.80 37.24 -29.38
N GLN P 76 33.46 36.60 -30.36
CA GLN P 76 33.68 37.11 -31.70
C GLN P 76 34.64 38.29 -31.70
N GLN P 77 35.00 38.78 -30.51
CA GLN P 77 35.89 39.94 -30.33
C GLN P 77 35.41 41.17 -31.12
N ALA P 78 34.17 41.12 -31.60
CA ALA P 78 33.61 42.25 -32.35
C ALA P 78 32.24 42.64 -31.80
N GLN P 79 31.52 41.67 -31.25
CA GLN P 79 30.15 41.86 -30.79
C GLN P 79 30.08 41.58 -29.30
N SER P 80 30.20 42.63 -28.49
CA SER P 80 30.14 42.46 -27.04
C SER P 80 28.71 42.27 -26.55
N ASN P 81 27.76 43.02 -27.12
CA ASN P 81 26.36 42.93 -26.74
C ASN P 81 25.57 41.93 -27.59
N ASP P 82 26.27 40.99 -28.23
CA ASP P 82 25.64 39.84 -28.87
C ASP P 82 25.84 38.57 -28.06
N PHE P 83 26.46 38.67 -26.89
CA PHE P 83 26.75 37.53 -26.03
C PHE P 83 26.66 38.00 -24.59
N LEU P 84 26.14 37.13 -23.72
CA LEU P 84 25.82 37.57 -22.37
C LEU P 84 27.07 37.72 -21.51
N THR P 85 28.05 36.83 -21.66
CA THR P 85 29.32 36.91 -20.96
C THR P 85 29.12 36.92 -19.44
N LEU P 86 28.63 35.79 -18.95
CA LEU P 86 28.39 35.60 -17.53
C LEU P 86 29.68 35.26 -16.80
N LYS P 87 29.66 35.47 -15.48
CA LYS P 87 30.68 34.96 -14.58
C LYS P 87 30.02 33.95 -13.66
N LEU P 88 30.50 32.71 -13.68
CA LEU P 88 29.78 31.61 -13.05
C LEU P 88 30.70 30.72 -12.22
N PRO P 89 30.26 30.32 -11.03
CA PRO P 89 31.11 29.47 -10.17
C PRO P 89 31.32 28.06 -10.68
N ALA P 90 30.80 27.72 -11.87
CA ALA P 90 31.00 26.43 -12.53
C ALA P 90 30.31 25.28 -11.80
N ASN P 91 29.75 25.54 -10.63
CA ASN P 91 28.83 24.59 -10.02
C ASN P 91 27.39 24.84 -10.43
N LYS P 92 27.09 26.04 -10.91
CA LYS P 92 25.76 26.40 -11.37
C LYS P 92 25.51 26.00 -12.82
N LEU P 93 26.40 25.21 -13.40
CA LEU P 93 26.28 24.79 -14.80
C LEU P 93 25.64 23.41 -14.88
N TYR P 94 24.77 23.23 -15.87
CA TYR P 94 24.17 21.93 -16.14
C TYR P 94 25.03 21.15 -17.13
N LEU P 95 26.27 20.92 -16.73
CA LEU P 95 27.16 20.06 -17.48
C LEU P 95 26.70 18.61 -17.33
N ILE P 96 26.70 17.88 -18.45
CA ILE P 96 26.30 16.48 -18.44
C ILE P 96 27.47 15.62 -18.87
N ARG P 97 27.35 14.33 -18.62
CA ARG P 97 28.45 13.37 -18.84
C ARG P 97 29.72 13.87 -18.16
N LYS P 98 29.56 14.31 -16.91
CA LYS P 98 30.64 14.98 -16.20
C LYS P 98 31.79 14.02 -15.92
N LYS P 99 33.01 14.57 -16.00
CA LYS P 99 34.22 13.89 -15.53
C LYS P 99 34.89 14.84 -14.54
N GLY P 100 36.15 14.57 -14.18
CA GLY P 100 36.85 15.33 -13.16
C GLY P 100 36.53 16.80 -13.18
N ASN P 101 35.96 17.28 -12.08
CA ASN P 101 35.18 18.51 -12.10
C ASN P 101 36.06 19.75 -12.08
N ILE P 102 35.66 20.75 -12.86
CA ILE P 102 36.26 22.07 -12.81
C ILE P 102 35.61 22.84 -11.68
N SER P 103 36.43 23.45 -10.82
CA SER P 103 35.96 24.05 -9.58
C SER P 103 36.53 25.46 -9.39
N ASP P 104 36.46 26.27 -10.45
CA ASP P 104 36.86 27.67 -10.32
C ASP P 104 35.80 28.58 -10.92
N ASP P 105 36.10 29.87 -11.00
CA ASP P 105 35.21 30.81 -11.68
C ASP P 105 35.37 30.67 -13.19
N LEU P 106 34.26 30.85 -13.90
CA LEU P 106 34.24 30.71 -15.35
C LEU P 106 33.71 31.97 -16.00
N LYS P 107 34.25 32.27 -17.18
CA LYS P 107 33.80 33.39 -18.01
C LYS P 107 33.22 32.76 -19.27
N ILE P 108 31.92 32.51 -19.25
CA ILE P 108 31.24 31.82 -20.33
C ILE P 108 30.81 32.84 -21.37
N TYR P 109 30.84 32.44 -22.64
CA TYR P 109 30.31 33.24 -23.73
C TYR P 109 29.24 32.42 -24.45
N ILE P 110 28.03 32.97 -24.53
CA ILE P 110 26.93 32.26 -25.16
C ILE P 110 26.33 33.12 -26.27
N PRO P 111 26.03 32.55 -27.43
CA PRO P 111 25.42 33.33 -28.50
C PRO P 111 24.01 33.76 -28.16
N TYR P 112 23.83 35.04 -27.86
CA TYR P 112 22.56 35.57 -27.41
C TYR P 112 21.96 36.50 -28.45
N SER P 113 20.64 36.45 -28.59
CA SER P 113 19.87 37.44 -29.31
C SER P 113 18.57 37.66 -28.56
N SER P 114 18.21 38.93 -28.35
CA SER P 114 16.95 39.24 -27.70
C SER P 114 15.80 38.65 -28.52
N PRO P 115 14.67 38.35 -27.86
CA PRO P 115 13.57 37.68 -28.58
C PRO P 115 13.08 38.41 -29.80
N ASP P 116 13.08 39.75 -29.78
CA ASP P 116 12.61 40.55 -30.91
C ASP P 116 11.16 40.18 -31.25
N ALA P 117 10.27 40.54 -30.31
CA ALA P 117 8.90 40.04 -30.34
C ALA P 117 8.08 40.65 -31.47
N ARG P 118 8.52 40.43 -32.71
CA ARG P 118 7.70 40.75 -33.86
C ARG P 118 6.42 39.94 -33.86
N ASN P 119 6.48 38.70 -33.40
CA ASN P 119 5.34 37.81 -33.30
C ASN P 119 5.56 36.93 -32.07
N SER P 120 4.82 35.84 -31.97
CA SER P 120 4.97 34.90 -30.87
C SER P 120 6.05 33.88 -31.18
N MET P 121 6.64 33.32 -30.12
CA MET P 121 7.70 32.34 -30.22
C MET P 121 7.11 30.96 -29.99
N LYS P 122 7.02 30.16 -31.04
CA LYS P 122 6.46 28.81 -30.96
C LYS P 122 7.54 27.84 -31.39
N THR P 123 8.41 27.47 -30.45
CA THR P 123 9.53 26.60 -30.77
C THR P 123 9.07 25.15 -30.91
N LYS P 124 9.80 24.41 -31.74
CA LYS P 124 9.57 22.99 -31.98
C LYS P 124 10.81 22.21 -31.61
N PRO P 125 10.69 21.14 -30.83
CA PRO P 125 11.88 20.35 -30.49
C PRO P 125 12.40 19.59 -31.70
N VAL P 126 13.51 20.06 -32.26
CA VAL P 126 14.16 19.41 -33.38
C VAL P 126 15.45 18.77 -32.89
N SER P 127 15.57 17.47 -33.10
CA SER P 127 16.78 16.75 -32.76
C SER P 127 17.71 16.73 -33.97
N ILE P 128 18.74 15.90 -33.94
CA ILE P 128 19.74 15.82 -35.01
C ILE P 128 19.64 14.46 -35.69
N SER P 129 19.81 14.47 -37.01
CA SER P 129 19.64 13.29 -37.86
C SER P 129 20.59 13.43 -39.04
N ASP P 130 20.27 12.71 -40.13
CA ASP P 130 20.84 12.91 -41.48
C ASP P 130 22.35 13.13 -41.47
N ASP P 131 23.09 12.06 -41.23
CA ASP P 131 24.55 12.04 -41.14
C ASP P 131 25.23 12.93 -42.17
N THR P 132 24.56 13.16 -43.30
CA THR P 132 24.98 14.18 -44.26
C THR P 132 25.46 15.46 -43.58
N ILE P 133 24.78 15.89 -42.52
CA ILE P 133 25.13 17.16 -41.89
C ILE P 133 26.14 17.01 -40.75
N VAL P 134 26.21 15.86 -40.10
CA VAL P 134 27.19 15.71 -39.03
C VAL P 134 28.60 15.69 -39.61
N ASN P 135 28.73 15.32 -40.88
CA ASN P 135 30.02 15.41 -41.54
C ASN P 135 30.42 16.86 -41.79
N ASN P 136 29.47 17.78 -41.69
CA ASN P 136 29.82 19.19 -41.69
C ASN P 136 30.30 19.65 -40.32
N ILE P 137 29.68 19.14 -39.26
CA ILE P 137 30.04 19.57 -37.91
C ILE P 137 31.41 19.07 -37.53
N ILE P 138 31.60 17.74 -37.52
CA ILE P 138 32.90 17.17 -37.17
C ILE P 138 34.00 17.80 -38.00
N LYS P 139 33.71 18.06 -39.28
CA LYS P 139 34.65 18.80 -40.12
C LYS P 139 34.88 20.20 -39.59
N GLU P 140 33.82 20.99 -39.48
CA GLU P 140 33.97 22.40 -39.13
C GLU P 140 34.08 22.63 -37.63
N VAL P 141 33.95 21.59 -36.80
CA VAL P 141 34.07 21.76 -35.35
C VAL P 141 35.11 20.81 -34.77
N PHE P 142 34.87 19.50 -34.89
CA PHE P 142 35.60 18.53 -34.08
C PHE P 142 37.03 18.31 -34.53
N ASP P 143 37.41 18.74 -35.73
CA ASP P 143 38.81 18.87 -36.10
C ASP P 143 39.11 20.29 -36.56
N LYS P 144 38.30 21.24 -36.10
CA LYS P 144 38.51 22.67 -36.28
C LYS P 144 38.60 23.42 -34.97
N ILE P 145 37.75 23.10 -33.99
CA ILE P 145 38.00 23.54 -32.63
C ILE P 145 39.10 22.71 -31.98
N TYR P 146 39.42 21.55 -32.57
CA TYR P 146 40.35 20.60 -31.98
C TYR P 146 41.55 20.35 -32.88
N ASN P 147 41.33 20.10 -34.17
CA ASN P 147 42.30 19.66 -35.16
C ASN P 147 42.87 18.29 -34.81
N ILE P 148 42.36 17.66 -33.75
CA ILE P 148 42.92 16.42 -33.24
C ILE P 148 42.11 15.21 -33.72
N THR P 149 40.79 15.35 -33.81
CA THR P 149 39.96 14.20 -34.18
C THR P 149 40.16 13.86 -35.65
N GLN P 150 39.87 12.60 -35.97
CA GLN P 150 40.09 11.94 -37.26
C GLN P 150 41.58 11.77 -37.52
N LYS P 151 42.40 12.30 -36.61
CA LYS P 151 43.85 12.15 -36.68
C LYS P 151 44.44 11.38 -35.50
N GLU P 152 43.75 11.30 -34.37
CA GLU P 152 44.20 10.49 -33.25
C GLU P 152 43.09 9.63 -32.67
N LYS P 153 41.88 9.73 -33.19
CA LYS P 153 40.73 8.97 -32.68
C LYS P 153 40.12 8.19 -33.82
N VAL P 154 40.45 6.89 -33.90
CA VAL P 154 39.70 5.98 -34.77
C VAL P 154 38.31 5.74 -34.21
N LYS P 155 38.03 6.25 -33.02
CA LYS P 155 36.81 6.17 -32.23
C LYS P 155 35.68 6.97 -32.82
N ILE P 156 35.78 7.43 -34.08
CA ILE P 156 34.75 8.29 -34.64
C ILE P 156 33.39 7.60 -34.62
N GLU P 157 33.36 6.26 -34.62
CA GLU P 157 32.09 5.57 -34.47
C GLU P 157 31.48 5.84 -33.09
N LYS P 158 32.32 5.93 -32.06
CA LYS P 158 31.86 6.43 -30.77
C LYS P 158 31.43 7.88 -30.88
N VAL P 159 32.05 8.63 -31.80
CA VAL P 159 31.59 9.98 -32.07
C VAL P 159 30.35 9.96 -32.94
N LYS P 160 30.29 9.03 -33.90
CA LYS P 160 29.13 8.97 -34.80
C LYS P 160 27.84 8.64 -34.07
N GLU P 161 27.93 8.11 -32.86
CA GLU P 161 26.71 7.72 -32.15
C GLU P 161 26.17 8.83 -31.26
N ASP P 162 27.05 9.59 -30.62
CA ASP P 162 26.60 10.59 -29.66
C ASP P 162 26.18 11.89 -30.31
N ILE P 163 26.90 12.33 -31.35
CA ILE P 163 26.58 13.57 -32.04
C ILE P 163 25.14 13.55 -32.53
N LYS P 164 24.61 12.36 -32.82
CA LYS P 164 23.26 12.19 -33.32
C LYS P 164 22.25 11.94 -32.23
N GLU P 165 22.68 11.87 -30.97
CA GLU P 165 21.78 11.72 -29.84
C GLU P 165 22.03 12.68 -28.70
N LEU P 166 23.24 13.24 -28.58
CA LEU P 166 23.54 14.13 -27.47
C LEU P 166 22.96 15.52 -27.70
N PHE P 167 23.22 16.10 -28.86
CA PHE P 167 22.94 17.52 -29.10
C PHE P 167 21.56 17.70 -29.74
N SER P 168 20.54 17.27 -29.00
CA SER P 168 19.18 17.66 -29.33
C SER P 168 18.89 19.03 -28.73
N TYR P 169 17.94 19.75 -29.32
CA TYR P 169 17.71 21.13 -28.91
C TYR P 169 16.30 21.55 -29.32
N TYR P 170 16.05 22.85 -29.23
CA TYR P 170 14.79 23.45 -29.63
C TYR P 170 15.08 24.63 -30.55
N ALA P 171 14.21 24.85 -31.53
CA ALA P 171 14.36 25.94 -32.47
C ALA P 171 13.03 26.67 -32.62
N LEU P 172 13.10 27.99 -32.74
CA LEU P 172 11.89 28.81 -32.80
C LEU P 172 10.98 28.36 -33.93
N GLU P 173 11.56 27.92 -35.06
CA GLU P 173 10.81 27.54 -36.25
C GLU P 173 9.90 28.67 -36.71
N GLN P 174 10.51 29.79 -37.06
CA GLN P 174 9.80 30.93 -37.61
C GLN P 174 10.69 31.58 -38.66
N SER Q 2 -40.42 51.09 -3.08
CA SER Q 2 -39.61 49.87 -2.93
C SER Q 2 -38.23 50.06 -3.54
N THR Q 3 -37.63 48.96 -3.98
CA THR Q 3 -36.33 48.98 -4.64
C THR Q 3 -36.56 48.78 -6.14
N GLN Q 4 -36.55 49.87 -6.90
CA GLN Q 4 -36.98 49.85 -8.29
C GLN Q 4 -35.80 49.73 -9.24
N ARG Q 5 -36.05 49.04 -10.36
CA ARG Q 5 -35.00 48.71 -11.32
C ARG Q 5 -35.43 49.14 -12.72
N GLU Q 6 -34.49 49.05 -13.65
CA GLU Q 6 -34.70 49.40 -15.04
C GLU Q 6 -34.17 48.32 -15.96
N TYR Q 7 -34.94 48.01 -17.00
CA TYR Q 7 -34.56 47.00 -17.99
C TYR Q 7 -33.91 47.65 -19.20
N VAL Q 8 -32.60 47.47 -19.33
CA VAL Q 8 -31.86 47.97 -20.48
C VAL Q 8 -31.65 46.81 -21.45
N PHE Q 9 -32.08 47.00 -22.69
CA PHE Q 9 -32.06 45.96 -23.70
C PHE Q 9 -30.75 46.00 -24.49
N ILE Q 10 -30.39 44.86 -25.08
CA ILE Q 10 -29.13 44.73 -25.82
C ILE Q 10 -29.37 44.06 -27.17
N PRO Q 11 -29.93 44.78 -28.15
CA PRO Q 11 -29.99 44.25 -29.52
C PRO Q 11 -28.74 44.59 -30.31
N ILE Q 12 -28.77 44.32 -31.63
CA ILE Q 12 -27.77 44.88 -32.52
C ILE Q 12 -27.65 46.39 -32.33
N THR Q 13 -28.78 47.08 -32.15
CA THR Q 13 -28.74 48.51 -31.91
C THR Q 13 -28.04 48.80 -30.59
N ASN Q 14 -26.80 49.28 -30.69
CA ASN Q 14 -26.01 49.67 -29.54
C ASN Q 14 -26.26 51.14 -29.27
N SER Q 15 -26.68 51.82 -30.33
CA SER Q 15 -26.55 53.26 -30.51
C SER Q 15 -26.93 54.10 -29.31
N ILE Q 16 -28.19 54.02 -28.87
CA ILE Q 16 -28.83 55.18 -28.26
C ILE Q 16 -28.04 55.69 -27.07
N THR Q 17 -28.23 55.11 -25.89
CA THR Q 17 -27.26 54.83 -24.83
C THR Q 17 -28.08 54.62 -23.56
N ILE Q 18 -27.42 54.65 -22.40
CA ILE Q 18 -28.15 54.79 -21.13
C ILE Q 18 -28.70 56.21 -20.96
N ASP Q 19 -28.64 57.05 -22.00
CA ASP Q 19 -28.90 58.50 -22.00
C ASP Q 19 -30.00 58.99 -21.05
N VAL Q 20 -31.19 58.42 -21.19
CA VAL Q 20 -32.35 58.73 -20.35
C VAL Q 20 -31.97 58.46 -18.89
N LYS Q 21 -32.87 58.76 -17.96
CA LYS Q 21 -32.61 58.46 -16.55
C LYS Q 21 -32.66 56.94 -16.42
N ILE Q 22 -33.00 56.35 -15.28
CA ILE Q 22 -32.14 55.43 -14.53
C ILE Q 22 -30.69 55.35 -15.00
N THR Q 23 -29.77 55.09 -14.06
CA THR Q 23 -28.66 55.92 -13.58
C THR Q 23 -29.09 56.73 -12.35
N ILE Q 24 -29.76 56.04 -11.42
CA ILE Q 24 -30.20 56.60 -10.14
C ILE Q 24 -29.11 57.39 -9.42
N GLY Q 25 -27.88 56.86 -9.34
CA GLY Q 25 -26.86 57.38 -8.46
C GLY Q 25 -26.54 56.47 -7.28
N GLY Q 26 -27.32 55.41 -7.10
CA GLY Q 26 -27.00 54.39 -6.12
C GLY Q 26 -26.16 53.27 -6.73
N SER Q 27 -25.79 52.32 -5.87
CA SER Q 27 -24.86 51.26 -6.23
C SER Q 27 -25.38 49.90 -5.80
N ASP Q 28 -26.65 49.63 -6.08
CA ASP Q 28 -27.25 48.31 -5.90
C ASP Q 28 -27.84 47.89 -7.24
N HIS Q 29 -27.06 47.13 -8.01
CA HIS Q 29 -27.40 46.76 -9.37
C HIS Q 29 -27.65 45.26 -9.43
N ILE Q 30 -28.89 44.87 -9.69
CA ILE Q 30 -29.27 43.46 -9.68
C ILE Q 30 -28.58 42.66 -10.78
N THR Q 31 -27.88 43.30 -11.70
CA THR Q 31 -27.17 42.61 -12.78
C THR Q 31 -25.68 42.84 -12.63
N ASN Q 32 -25.02 41.99 -11.84
CA ASN Q 32 -23.58 42.04 -11.69
C ASN Q 32 -22.90 41.48 -12.93
N ILE Q 33 -21.85 42.18 -13.37
CA ILE Q 33 -21.11 41.80 -14.57
C ILE Q 33 -19.66 41.58 -14.16
N ASP Q 34 -19.46 41.20 -12.90
CA ASP Q 34 -18.13 41.26 -12.29
C ASP Q 34 -17.26 40.05 -12.63
N GLU Q 35 -17.68 38.86 -12.18
CA GLU Q 35 -16.70 37.80 -11.92
C GLU Q 35 -16.49 36.85 -13.10
N ARG Q 36 -17.53 36.12 -13.48
CA ARG Q 36 -17.43 35.05 -14.47
C ARG Q 36 -18.20 35.40 -15.73
N GLY Q 37 -18.15 36.66 -16.13
CA GLY Q 37 -18.90 37.13 -17.27
C GLY Q 37 -20.11 37.94 -16.85
N ILE Q 38 -21.28 37.56 -17.35
CA ILE Q 38 -22.51 38.29 -17.08
C ILE Q 38 -23.44 37.38 -16.31
N HIS Q 39 -24.29 37.98 -15.49
CA HIS Q 39 -25.23 37.24 -14.67
C HIS Q 39 -26.56 38.00 -14.63
N ASN Q 40 -27.59 37.33 -14.13
CA ASN Q 40 -28.91 37.91 -13.89
C ASN Q 40 -29.44 38.65 -15.12
N VAL Q 41 -29.63 37.89 -16.19
CA VAL Q 41 -30.17 38.41 -17.44
C VAL Q 41 -31.65 38.08 -17.49
N LEU Q 42 -32.48 39.11 -17.65
CA LEU Q 42 -33.92 38.89 -17.80
C LEU Q 42 -34.26 38.57 -19.24
N VAL Q 43 -35.11 37.58 -19.44
CA VAL Q 43 -35.51 37.13 -20.78
C VAL Q 43 -37.04 37.26 -20.85
N ILE Q 44 -37.50 38.38 -21.37
CA ILE Q 44 -38.93 38.63 -21.46
C ILE Q 44 -39.48 37.94 -22.69
N THR Q 45 -40.65 37.33 -22.55
CA THR Q 45 -41.27 36.53 -23.61
C THR Q 45 -42.37 37.31 -24.30
N GLY Q 46 -42.39 37.25 -25.63
CA GLY Q 46 -43.40 37.94 -26.40
C GLY Q 46 -43.24 39.44 -26.42
N TYR Q 47 -42.02 39.91 -26.71
CA TYR Q 47 -41.75 41.35 -26.68
C TYR Q 47 -40.61 41.63 -27.65
N ALA Q 48 -40.95 42.15 -28.82
CA ALA Q 48 -39.96 42.50 -29.83
C ALA Q 48 -39.45 43.91 -29.59
N VAL Q 49 -38.24 44.18 -30.08
CA VAL Q 49 -37.55 45.42 -29.74
C VAL Q 49 -38.10 46.60 -30.54
N ASP Q 50 -38.44 46.38 -31.81
CA ASP Q 50 -38.90 47.37 -32.78
C ASP Q 50 -37.75 48.30 -33.22
N GLU Q 51 -36.65 48.27 -32.48
CA GLU Q 51 -35.35 48.83 -32.87
C GLU Q 51 -35.47 50.22 -33.52
N LYS Q 52 -36.51 50.97 -33.14
CA LYS Q 52 -36.73 52.35 -33.55
C LYS Q 52 -37.06 53.08 -32.26
N ASN Q 53 -36.05 53.51 -31.53
CA ASN Q 53 -36.21 53.86 -30.12
C ASN Q 53 -36.83 52.66 -29.39
N GLY Q 54 -36.02 51.61 -29.33
CA GLY Q 54 -36.53 50.26 -29.20
C GLY Q 54 -37.16 49.91 -27.87
N ARG Q 55 -38.29 50.53 -27.57
CA ARG Q 55 -39.14 50.08 -26.48
C ARG Q 55 -39.83 48.79 -26.90
N LEU Q 56 -39.96 47.86 -25.95
CA LEU Q 56 -40.43 46.53 -26.29
C LEU Q 56 -41.92 46.55 -26.61
N VAL Q 57 -42.27 46.03 -27.77
CA VAL Q 57 -43.66 45.99 -28.22
C VAL Q 57 -44.30 44.70 -27.71
N PRO Q 58 -45.56 44.75 -27.29
CA PRO Q 58 -46.20 43.55 -26.73
C PRO Q 58 -46.71 42.64 -27.84
N THR Q 59 -46.10 41.47 -27.98
CA THR Q 59 -46.56 40.44 -28.89
C THR Q 59 -46.99 39.23 -28.10
N LEU Q 60 -48.03 38.55 -28.58
CA LEU Q 60 -48.55 37.36 -27.91
C LEU Q 60 -47.93 36.08 -28.43
N ASP Q 61 -46.69 36.13 -28.92
CA ASP Q 61 -46.00 34.97 -29.43
C ASP Q 61 -45.04 34.44 -28.37
N PRO Q 62 -45.24 33.22 -27.87
CA PRO Q 62 -44.25 32.65 -26.94
C PRO Q 62 -42.90 32.37 -27.60
N CYS Q 63 -42.86 32.20 -28.92
CA CYS Q 63 -41.58 32.01 -29.60
C CYS Q 63 -40.73 33.26 -29.58
N ASP Q 64 -41.36 34.44 -29.49
CA ASP Q 64 -40.62 35.69 -29.47
C ASP Q 64 -40.16 36.02 -28.07
N TYR Q 65 -38.96 36.59 -27.96
CA TYR Q 65 -38.37 36.90 -26.67
C TYR Q 65 -37.26 37.91 -26.90
N VAL Q 66 -36.86 38.57 -25.82
CA VAL Q 66 -35.73 39.49 -25.83
C VAL Q 66 -35.03 39.42 -24.49
N LYS Q 67 -33.71 39.59 -24.52
CA LYS Q 67 -32.89 39.52 -23.32
C LYS Q 67 -32.17 40.84 -23.12
N GLY Q 68 -32.13 41.31 -21.88
CA GLY Q 68 -31.50 42.58 -21.56
C GLY Q 68 -30.73 42.59 -20.27
N ILE Q 69 -30.61 43.76 -19.64
CA ILE Q 69 -29.83 43.96 -18.43
C ILE Q 69 -30.59 44.90 -17.52
N LEU Q 70 -30.50 44.66 -16.21
CA LEU Q 70 -31.35 45.35 -15.23
C LEU Q 70 -30.49 46.23 -14.31
N VAL Q 71 -30.68 47.54 -14.41
CA VAL Q 71 -30.07 48.50 -13.50
C VAL Q 71 -31.15 49.20 -12.69
N ALA Q 72 -30.74 50.06 -11.77
CA ALA Q 72 -31.65 50.61 -10.74
C ALA Q 72 -31.84 52.11 -10.91
N GLY Q 73 -33.09 52.57 -10.86
CA GLY Q 73 -33.36 54.00 -10.90
C GLY Q 73 -34.81 54.34 -11.21
N THR Q 74 -35.01 55.56 -11.75
CA THR Q 74 -36.33 56.05 -12.14
C THR Q 74 -36.25 56.91 -13.41
N PRO Q 75 -37.13 56.67 -14.41
CA PRO Q 75 -36.98 57.34 -15.72
C PRO Q 75 -37.52 58.76 -15.87
N GLN Q 76 -36.60 59.73 -15.92
CA GLN Q 76 -36.76 61.03 -16.59
C GLN Q 76 -37.98 61.82 -16.14
N GLN Q 77 -38.68 61.32 -15.11
CA GLN Q 77 -39.74 62.04 -14.43
C GLN Q 77 -40.93 62.33 -15.33
N ALA Q 78 -40.82 61.99 -16.62
CA ALA Q 78 -41.85 62.35 -17.59
C ALA Q 78 -42.22 61.25 -18.57
N GLN Q 79 -41.36 60.27 -18.83
CA GLN Q 79 -41.67 59.23 -19.81
C GLN Q 79 -42.39 58.07 -19.15
N SER Q 80 -43.45 58.37 -18.41
CA SER Q 80 -44.17 57.35 -17.65
C SER Q 80 -45.10 56.56 -18.54
N ASN Q 81 -45.77 57.22 -19.47
CA ASN Q 81 -46.63 56.58 -20.45
C ASN Q 81 -45.85 56.00 -21.63
N ASP Q 82 -44.54 55.83 -21.48
CA ASP Q 82 -43.71 55.14 -22.45
C ASP Q 82 -42.97 53.97 -21.82
N PHE Q 83 -43.31 53.61 -20.58
CA PHE Q 83 -42.72 52.47 -19.90
C PHE Q 83 -43.85 51.56 -19.41
N LEU Q 84 -43.52 50.55 -18.60
CA LEU Q 84 -44.53 49.59 -18.17
C LEU Q 84 -44.67 49.47 -16.65
N THR Q 85 -43.64 49.82 -15.88
CA THR Q 85 -43.76 50.06 -14.43
C THR Q 85 -44.31 48.82 -13.70
N LEU Q 86 -43.49 47.77 -13.71
CA LEU Q 86 -43.88 46.51 -13.10
C LEU Q 86 -43.74 46.56 -11.57
N LYS Q 87 -44.23 45.51 -10.93
CA LYS Q 87 -44.09 45.31 -9.48
C LYS Q 87 -44.01 43.81 -9.25
N LEU Q 88 -42.80 43.27 -9.16
CA LEU Q 88 -42.66 41.84 -9.13
C LEU Q 88 -42.09 41.35 -7.80
N PRO Q 89 -42.48 40.16 -7.36
CA PRO Q 89 -41.97 39.64 -6.08
C PRO Q 89 -40.61 38.97 -6.18
N ALA Q 90 -39.87 39.25 -7.26
CA ALA Q 90 -38.51 38.78 -7.49
C ALA Q 90 -38.46 37.29 -7.83
N ASN Q 91 -39.60 36.62 -7.75
CA ASN Q 91 -39.68 35.23 -8.21
C ASN Q 91 -40.11 35.16 -9.67
N LYS Q 92 -40.94 36.09 -10.12
CA LYS Q 92 -41.41 36.11 -11.49
C LYS Q 92 -40.29 36.39 -12.49
N LEU Q 93 -39.11 36.76 -12.03
CA LEU Q 93 -38.05 37.24 -12.91
C LEU Q 93 -37.38 36.06 -13.61
N TYR Q 94 -37.46 36.05 -14.93
CA TYR Q 94 -36.77 35.06 -15.75
C TYR Q 94 -35.29 35.44 -15.84
N LEU Q 95 -34.62 35.34 -14.70
CA LEU Q 95 -33.19 35.63 -14.64
C LEU Q 95 -32.40 34.39 -14.99
N ILE Q 96 -31.55 34.48 -16.01
CA ILE Q 96 -30.68 33.39 -16.38
C ILE Q 96 -29.26 33.73 -15.95
N ARG Q 97 -28.42 32.71 -15.89
CA ARG Q 97 -27.07 32.83 -15.34
C ARG Q 97 -27.11 33.50 -13.97
N LYS Q 98 -28.04 33.03 -13.13
CA LYS Q 98 -28.34 33.70 -11.87
C LYS Q 98 -27.14 33.70 -10.93
N LYS Q 99 -27.20 34.62 -9.98
CA LYS Q 99 -26.21 34.75 -8.92
C LYS Q 99 -26.98 35.05 -7.63
N GLY Q 100 -26.26 35.55 -6.62
CA GLY Q 100 -26.85 35.85 -5.32
C GLY Q 100 -28.26 36.39 -5.35
N ASN Q 101 -29.18 35.69 -4.67
CA ASN Q 101 -30.60 35.92 -4.82
C ASN Q 101 -31.06 37.16 -4.07
N ILE Q 102 -32.11 37.78 -4.59
CA ILE Q 102 -32.77 38.92 -3.95
C ILE Q 102 -34.15 38.47 -3.51
N SER Q 103 -34.51 38.77 -2.27
CA SER Q 103 -35.71 38.21 -1.65
C SER Q 103 -36.83 39.22 -1.43
N ASP Q 104 -36.60 40.50 -1.67
CA ASP Q 104 -37.66 41.49 -1.49
C ASP Q 104 -38.55 41.54 -2.73
N ASP Q 105 -39.49 42.47 -2.75
CA ASP Q 105 -40.35 42.71 -3.91
C ASP Q 105 -39.83 43.93 -4.66
N LEU Q 106 -39.79 43.84 -5.98
CA LEU Q 106 -39.14 44.85 -6.80
C LEU Q 106 -40.16 45.72 -7.54
N LYS Q 107 -39.62 46.66 -8.30
CA LYS Q 107 -40.41 47.62 -9.07
C LYS Q 107 -39.65 47.84 -10.38
N ILE Q 108 -40.00 47.07 -11.41
CA ILE Q 108 -39.19 46.99 -12.62
C ILE Q 108 -39.79 47.91 -13.67
N TYR Q 109 -38.92 48.59 -14.43
CA TYR Q 109 -39.31 49.53 -15.46
C TYR Q 109 -38.78 49.01 -16.80
N ILE Q 110 -39.70 48.63 -17.68
CA ILE Q 110 -39.34 48.14 -19.01
C ILE Q 110 -39.74 49.20 -20.04
N PRO Q 111 -38.85 49.55 -20.97
CA PRO Q 111 -39.27 50.46 -22.06
C PRO Q 111 -40.35 49.80 -22.91
N TYR Q 112 -41.56 50.32 -22.85
CA TYR Q 112 -42.71 49.71 -23.52
C TYR Q 112 -43.14 50.60 -24.68
N SER Q 113 -43.48 49.95 -25.79
CA SER Q 113 -43.91 50.64 -27.00
C SER Q 113 -45.33 50.20 -27.37
N SER Q 114 -46.13 51.15 -27.83
CA SER Q 114 -47.48 50.83 -28.28
C SER Q 114 -47.40 49.79 -29.40
N PRO Q 115 -48.44 48.95 -29.53
CA PRO Q 115 -48.46 48.01 -30.66
C PRO Q 115 -48.46 48.72 -32.01
N ASP Q 116 -49.38 49.66 -32.21
CA ASP Q 116 -49.48 50.44 -33.45
C ASP Q 116 -49.67 49.51 -34.65
N ALA Q 117 -50.81 48.83 -34.63
CA ALA Q 117 -51.11 47.78 -35.60
C ALA Q 117 -51.64 48.33 -36.92
N ARG Q 118 -50.92 49.28 -37.53
CA ARG Q 118 -51.20 49.64 -38.90
C ARG Q 118 -50.82 48.50 -39.84
N ASN Q 119 -49.90 47.64 -39.41
CA ASN Q 119 -49.48 46.48 -40.19
C ASN Q 119 -49.39 45.25 -39.29
N SER Q 120 -48.86 44.16 -39.82
CA SER Q 120 -48.63 42.95 -39.05
C SER Q 120 -47.18 42.90 -38.58
N MET Q 121 -46.98 42.26 -37.42
CA MET Q 121 -45.64 42.03 -36.91
C MET Q 121 -45.02 40.86 -37.67
N LYS Q 122 -43.85 41.09 -38.27
CA LYS Q 122 -43.06 40.02 -38.87
C LYS Q 122 -41.71 40.03 -38.19
N THR Q 123 -41.63 39.35 -37.03
CA THR Q 123 -40.40 39.30 -36.29
C THR Q 123 -39.42 38.32 -36.91
N LYS Q 124 -38.19 38.35 -36.44
CA LYS Q 124 -37.12 37.55 -37.01
C LYS Q 124 -36.00 37.40 -36.00
N PRO Q 125 -35.46 36.20 -35.80
CA PRO Q 125 -34.38 36.02 -34.84
C PRO Q 125 -33.15 36.82 -35.25
N VAL Q 126 -32.40 37.26 -34.24
CA VAL Q 126 -31.20 38.07 -34.45
C VAL Q 126 -30.13 37.61 -33.46
N SER Q 127 -28.87 37.73 -33.86
CA SER Q 127 -27.72 37.43 -33.01
C SER Q 127 -26.80 38.65 -32.93
N ILE Q 128 -25.66 38.46 -32.28
CA ILE Q 128 -24.62 39.48 -32.19
C ILE Q 128 -23.41 38.93 -32.95
N SER Q 129 -23.29 39.31 -34.22
CA SER Q 129 -22.31 38.73 -35.12
C SER Q 129 -21.04 39.55 -35.22
N ASP Q 130 -21.16 40.82 -35.62
CA ASP Q 130 -19.99 41.62 -35.95
C ASP Q 130 -19.11 41.84 -34.74
N ASP Q 131 -17.83 42.13 -34.99
CA ASP Q 131 -16.91 42.49 -33.90
C ASP Q 131 -16.88 43.99 -33.66
N THR Q 132 -17.21 44.80 -34.66
CA THR Q 132 -17.37 46.23 -34.42
C THR Q 132 -18.67 46.53 -33.68
N ILE Q 133 -19.54 45.53 -33.56
CA ILE Q 133 -20.81 45.72 -32.87
C ILE Q 133 -20.74 45.21 -31.44
N VAL Q 134 -19.94 44.17 -31.20
CA VAL Q 134 -19.76 43.65 -29.85
C VAL Q 134 -19.23 44.73 -28.91
N ASN Q 135 -18.15 45.39 -29.32
CA ASN Q 135 -17.48 46.36 -28.46
C ASN Q 135 -18.30 47.61 -28.23
N ASN Q 136 -19.41 47.79 -28.95
CA ASN Q 136 -20.21 48.99 -28.80
C ASN Q 136 -21.31 48.84 -27.76
N ILE Q 137 -21.69 47.63 -27.39
CA ILE Q 137 -22.42 47.45 -26.14
C ILE Q 137 -21.51 47.74 -24.96
N ILE Q 138 -20.20 47.59 -25.15
CA ILE Q 138 -19.24 47.85 -24.09
C ILE Q 138 -18.93 49.34 -23.99
N LYS Q 139 -18.76 50.02 -25.13
CA LYS Q 139 -18.36 51.42 -25.11
C LYS Q 139 -19.54 52.37 -24.94
N GLU Q 140 -20.78 51.91 -25.19
CA GLU Q 140 -21.94 52.78 -25.05
C GLU Q 140 -22.95 52.26 -24.03
N VAL Q 141 -22.78 51.05 -23.50
CA VAL Q 141 -23.67 50.57 -22.45
C VAL Q 141 -22.88 50.10 -21.24
N PHE Q 142 -22.00 49.13 -21.44
CA PHE Q 142 -21.29 48.53 -20.31
C PHE Q 142 -20.41 49.55 -19.60
N ASP Q 143 -19.64 50.33 -20.37
CA ASP Q 143 -18.82 51.39 -19.79
C ASP Q 143 -19.70 52.56 -19.34
N LYS Q 144 -21.00 52.46 -19.55
CA LYS Q 144 -21.94 53.49 -19.16
C LYS Q 144 -22.88 53.08 -18.04
N ILE Q 145 -23.25 51.80 -17.96
CA ILE Q 145 -24.13 51.37 -16.88
C ILE Q 145 -23.44 51.50 -15.53
N TYR Q 146 -22.20 51.03 -15.42
CA TYR Q 146 -21.43 51.18 -14.20
C TYR Q 146 -20.13 51.93 -14.43
N ASN Q 147 -19.38 51.56 -15.46
CA ASN Q 147 -18.00 51.97 -15.73
C ASN Q 147 -17.07 51.51 -14.62
N ILE Q 148 -17.60 50.79 -13.62
CA ILE Q 148 -16.75 50.04 -12.71
C ILE Q 148 -15.90 49.04 -13.49
N THR Q 149 -16.44 48.50 -14.59
CA THR Q 149 -15.66 47.75 -15.57
C THR Q 149 -14.46 48.58 -15.99
N GLN Q 150 -13.41 47.92 -16.46
CA GLN Q 150 -12.08 48.47 -16.75
C GLN Q 150 -11.24 48.61 -15.47
N LYS Q 151 -11.77 48.34 -14.29
CA LYS Q 151 -11.03 48.70 -13.09
C LYS Q 151 -10.52 47.52 -12.26
N GLU Q 152 -11.37 46.57 -11.87
CA GLU Q 152 -11.00 45.68 -10.76
C GLU Q 152 -10.53 44.29 -11.18
N LYS Q 153 -11.38 43.50 -11.87
CA LYS Q 153 -11.15 42.08 -12.04
C LYS Q 153 -11.14 41.69 -13.52
N VAL Q 154 -11.06 40.38 -13.78
CA VAL Q 154 -11.05 39.86 -15.14
C VAL Q 154 -12.37 40.19 -15.82
N LYS Q 155 -12.28 40.64 -17.07
CA LYS Q 155 -13.38 41.33 -17.74
C LYS Q 155 -13.31 41.14 -19.24
N ILE Q 156 -13.80 42.15 -19.97
CA ILE Q 156 -14.31 42.08 -21.34
C ILE Q 156 -13.55 41.08 -22.22
N GLU Q 157 -12.24 40.95 -22.03
CA GLU Q 157 -11.57 39.91 -22.80
C GLU Q 157 -12.07 38.51 -22.44
N LYS Q 158 -12.99 38.40 -21.48
CA LYS Q 158 -13.86 37.25 -21.31
C LYS Q 158 -15.35 37.64 -21.39
N VAL Q 159 -15.71 38.86 -20.97
CA VAL Q 159 -17.10 39.26 -20.87
C VAL Q 159 -17.68 39.75 -22.19
N LYS Q 160 -16.93 39.67 -23.28
CA LYS Q 160 -17.53 39.92 -24.59
C LYS Q 160 -17.69 38.66 -25.42
N GLU Q 161 -17.15 37.53 -24.95
CA GLU Q 161 -17.37 36.27 -25.65
C GLU Q 161 -18.73 35.67 -25.31
N ASP Q 162 -19.35 36.13 -24.22
CA ASP Q 162 -20.66 35.62 -23.85
C ASP Q 162 -21.81 36.43 -24.41
N ILE Q 163 -21.61 37.73 -24.68
CA ILE Q 163 -22.70 38.51 -25.25
C ILE Q 163 -23.01 38.04 -26.67
N LYS Q 164 -22.01 37.54 -27.39
CA LYS Q 164 -22.20 37.05 -28.75
C LYS Q 164 -22.86 35.68 -28.80
N GLU Q 165 -23.17 35.09 -27.65
CA GLU Q 165 -23.82 33.79 -27.58
C GLU Q 165 -24.98 33.75 -26.61
N LEU Q 166 -25.21 34.81 -25.85
CA LEU Q 166 -26.29 34.85 -24.86
C LEU Q 166 -27.41 35.80 -25.20
N PHE Q 167 -27.10 36.94 -25.81
CA PHE Q 167 -28.11 37.99 -26.06
C PHE Q 167 -28.74 37.88 -27.44
N SER Q 168 -29.25 36.71 -27.78
CA SER Q 168 -30.11 36.62 -28.95
C SER Q 168 -31.50 37.13 -28.61
N TYR Q 169 -32.27 37.48 -29.63
CA TYR Q 169 -33.57 38.12 -29.42
C TYR Q 169 -34.35 38.06 -30.72
N TYR Q 170 -35.49 38.76 -30.73
CA TYR Q 170 -36.35 38.85 -31.89
C TYR Q 170 -36.68 40.31 -32.14
N ALA Q 171 -36.48 40.78 -33.37
CA ALA Q 171 -36.71 42.16 -33.73
C ALA Q 171 -37.88 42.25 -34.71
N LEU Q 172 -38.54 43.41 -34.72
CA LEU Q 172 -39.70 43.60 -35.58
C LEU Q 172 -39.32 43.59 -37.06
N GLU Q 173 -38.11 44.03 -37.38
CA GLU Q 173 -37.56 43.93 -38.75
C GLU Q 173 -38.44 44.64 -39.78
N GLN Q 174 -39.22 45.63 -39.35
CA GLN Q 174 -40.04 46.39 -40.28
C GLN Q 174 -39.94 47.89 -39.99
N SER R 2 -58.75 16.73 -108.90
CA SER R 2 -58.87 15.45 -108.20
C SER R 2 -60.22 15.35 -107.51
N THR R 3 -60.30 15.88 -106.29
CA THR R 3 -61.51 15.85 -105.48
C THR R 3 -61.86 17.26 -105.05
N GLN R 4 -63.11 17.44 -104.66
CA GLN R 4 -63.64 18.71 -104.17
C GLN R 4 -64.39 18.50 -102.88
N ARG R 5 -64.22 19.40 -101.93
CA ARG R 5 -64.90 19.31 -100.63
C ARG R 5 -65.26 20.71 -100.16
N GLU R 6 -66.19 20.76 -99.20
CA GLU R 6 -66.67 22.01 -98.67
C GLU R 6 -67.02 21.79 -97.20
N TYR R 7 -66.87 22.85 -96.41
CA TYR R 7 -66.87 22.74 -94.95
C TYR R 7 -68.26 22.96 -94.38
N VAL R 8 -68.68 22.05 -93.49
CA VAL R 8 -69.91 22.23 -92.73
C VAL R 8 -69.64 21.85 -91.27
N PHE R 9 -69.42 22.84 -90.43
CA PHE R 9 -69.22 22.60 -89.02
C PHE R 9 -70.57 22.55 -88.32
N ILE R 10 -70.57 22.52 -86.98
CA ILE R 10 -71.81 22.39 -86.23
C ILE R 10 -71.85 23.42 -85.10
N PRO R 11 -72.37 24.62 -85.35
CA PRO R 11 -72.72 25.51 -84.24
C PRO R 11 -74.17 25.31 -83.84
N ILE R 12 -74.64 26.08 -82.86
CA ILE R 12 -76.05 26.10 -82.51
C ILE R 12 -76.77 27.28 -83.15
N THR R 13 -76.08 28.04 -83.99
CA THR R 13 -76.59 29.31 -84.50
C THR R 13 -77.63 29.07 -85.60
N ASN R 14 -78.04 30.15 -86.26
CA ASN R 14 -79.06 30.12 -87.30
C ASN R 14 -78.49 30.47 -88.67
N SER R 15 -77.22 30.16 -88.91
CA SER R 15 -76.57 30.42 -90.19
C SER R 15 -76.05 29.14 -90.85
N ILE R 16 -76.76 28.03 -90.66
CA ILE R 16 -76.37 26.75 -91.24
C ILE R 16 -77.54 26.23 -92.07
N THR R 17 -78.29 27.14 -92.68
CA THR R 17 -79.59 26.76 -93.22
C THR R 17 -79.49 25.69 -94.31
N ILE R 18 -79.07 26.03 -95.53
CA ILE R 18 -78.51 25.06 -96.47
C ILE R 18 -77.30 25.67 -97.15
N ASP R 19 -77.54 26.75 -97.90
CA ASP R 19 -76.55 27.54 -98.63
C ASP R 19 -75.42 26.67 -99.19
N VAL R 20 -75.80 25.66 -99.98
CA VAL R 20 -74.81 24.76 -100.56
C VAL R 20 -75.22 24.38 -101.98
N LYS R 21 -74.24 24.30 -102.86
CA LYS R 21 -74.39 23.89 -104.25
C LYS R 21 -74.24 22.36 -104.31
N ILE R 22 -73.98 21.83 -105.51
CA ILE R 22 -74.07 20.43 -105.88
C ILE R 22 -73.47 19.50 -104.83
N THR R 23 -74.07 18.33 -104.69
CA THR R 23 -73.64 17.33 -103.72
C THR R 23 -72.35 16.69 -104.22
N ILE R 24 -71.97 15.56 -103.60
CA ILE R 24 -70.68 14.90 -103.84
C ILE R 24 -70.37 14.85 -105.33
N GLY R 25 -71.39 14.71 -106.15
CA GLY R 25 -71.23 14.36 -107.55
C GLY R 25 -71.30 12.86 -107.64
N GLY R 26 -70.53 12.18 -106.80
CA GLY R 26 -70.73 10.78 -106.53
C GLY R 26 -71.44 10.59 -105.20
N SER R 27 -70.88 9.77 -104.31
CA SER R 27 -71.48 9.55 -103.01
C SER R 27 -70.46 9.46 -101.88
N ASP R 28 -69.23 9.90 -102.12
CA ASP R 28 -68.13 9.72 -101.18
C ASP R 28 -67.80 11.06 -100.51
N HIS R 29 -68.06 11.14 -99.21
CA HIS R 29 -67.69 12.32 -98.43
C HIS R 29 -66.29 12.13 -97.84
N ILE R 30 -65.83 13.14 -97.10
CA ILE R 30 -64.57 13.01 -96.37
C ILE R 30 -64.71 12.13 -95.14
N THR R 31 -65.93 11.77 -94.75
CA THR R 31 -66.21 11.01 -93.56
C THR R 31 -66.75 9.62 -93.93
N ASN R 32 -67.14 8.86 -92.91
CA ASN R 32 -67.79 7.57 -93.09
C ASN R 32 -68.71 7.33 -91.90
N ILE R 33 -69.46 6.22 -91.96
CA ILE R 33 -70.21 5.74 -90.81
C ILE R 33 -70.01 4.22 -90.72
N ASP R 34 -69.24 3.80 -89.73
CA ASP R 34 -68.94 2.38 -89.56
C ASP R 34 -69.19 1.94 -88.13
N GLU R 35 -69.02 2.85 -87.19
CA GLU R 35 -69.43 2.69 -85.80
C GLU R 35 -70.64 3.58 -85.54
N ARG R 36 -71.17 3.49 -84.32
CA ARG R 36 -72.34 4.28 -83.95
C ARG R 36 -71.89 5.73 -83.75
N GLY R 37 -71.73 6.41 -84.86
CA GLY R 37 -71.30 7.80 -84.85
C GLY R 37 -70.47 8.11 -86.07
N ILE R 38 -70.30 9.42 -86.32
CA ILE R 38 -69.51 9.86 -87.46
C ILE R 38 -68.02 9.67 -87.19
N HIS R 39 -67.23 9.74 -88.25
CA HIS R 39 -65.78 9.71 -88.16
C HIS R 39 -65.21 10.82 -89.04
N ASN R 40 -63.88 10.95 -89.03
CA ASN R 40 -63.16 11.80 -89.98
C ASN R 40 -63.61 13.25 -89.90
N VAL R 41 -63.75 13.76 -88.68
CA VAL R 41 -64.10 15.16 -88.51
C VAL R 41 -62.85 16.01 -88.67
N LEU R 42 -63.00 17.17 -89.29
CA LEU R 42 -61.87 18.03 -89.62
C LEU R 42 -61.79 19.18 -88.62
N VAL R 43 -60.58 19.64 -88.36
CA VAL R 43 -60.32 20.67 -87.36
C VAL R 43 -59.48 21.77 -87.97
N ILE R 44 -59.89 23.02 -87.78
CA ILE R 44 -59.10 24.19 -88.12
C ILE R 44 -58.84 24.95 -86.83
N THR R 45 -57.56 25.23 -86.56
CA THR R 45 -57.15 25.85 -85.31
C THR R 45 -56.87 27.33 -85.55
N GLY R 46 -57.58 28.20 -84.83
CA GLY R 46 -57.42 29.63 -85.00
C GLY R 46 -58.58 30.27 -85.76
N TYR R 47 -59.77 29.70 -85.63
CA TYR R 47 -60.94 30.21 -86.31
C TYR R 47 -62.15 30.14 -85.39
N ALA R 48 -63.02 31.14 -85.47
CA ALA R 48 -64.28 31.18 -84.73
C ALA R 48 -65.44 31.26 -85.72
N VAL R 49 -66.66 31.36 -85.19
CA VAL R 49 -67.86 31.19 -86.00
C VAL R 49 -68.65 32.46 -86.20
N ASP R 50 -68.38 33.52 -85.43
CA ASP R 50 -69.03 34.83 -85.57
C ASP R 50 -70.51 34.82 -85.21
N GLU R 51 -71.06 33.63 -84.94
CA GLU R 51 -72.40 33.41 -84.39
C GLU R 51 -73.51 34.08 -85.21
N LYS R 52 -73.16 34.60 -86.37
CA LYS R 52 -74.09 35.23 -87.31
C LYS R 52 -73.33 35.45 -88.60
N ASN R 53 -73.99 35.19 -89.74
CA ASN R 53 -73.30 35.08 -91.03
C ASN R 53 -72.19 34.02 -90.90
N GLY R 54 -72.64 32.78 -90.79
CA GLY R 54 -71.84 31.71 -90.22
C GLY R 54 -70.69 31.26 -91.08
N ARG R 55 -69.71 32.14 -91.26
CA ARG R 55 -68.42 31.80 -91.83
C ARG R 55 -67.37 31.87 -90.72
N LEU R 56 -66.18 31.36 -91.03
CA LEU R 56 -65.11 31.23 -90.03
C LEU R 56 -64.05 32.29 -90.28
N VAL R 57 -63.91 33.22 -89.34
CA VAL R 57 -62.91 34.28 -89.42
C VAL R 57 -61.60 33.80 -88.81
N PRO R 58 -60.48 33.97 -89.50
CA PRO R 58 -59.20 33.51 -88.94
C PRO R 58 -58.78 34.33 -87.74
N THR R 59 -58.46 33.64 -86.66
CA THR R 59 -57.74 34.20 -85.53
C THR R 59 -56.34 33.60 -85.48
N LEU R 60 -55.52 34.14 -84.59
CA LEU R 60 -54.15 33.68 -84.43
C LEU R 60 -53.91 33.23 -83.00
N ASP R 61 -54.89 32.55 -82.41
CA ASP R 61 -54.73 31.86 -81.14
C ASP R 61 -54.77 30.37 -81.40
N PRO R 62 -53.74 29.61 -81.03
CA PRO R 62 -53.83 28.15 -81.16
C PRO R 62 -54.95 27.53 -80.34
N CYS R 63 -55.47 28.25 -79.34
CA CYS R 63 -56.62 27.80 -78.57
C CYS R 63 -57.88 28.40 -79.18
N ASP R 64 -58.28 27.86 -80.32
CA ASP R 64 -59.50 28.25 -81.00
C ASP R 64 -60.03 27.04 -81.75
N TYR R 65 -61.26 26.65 -81.46
CA TYR R 65 -61.79 25.36 -81.88
C TYR R 65 -62.93 25.54 -82.86
N VAL R 66 -62.96 24.67 -83.87
CA VAL R 66 -64.11 24.49 -84.75
C VAL R 66 -63.93 23.15 -85.44
N LYS R 67 -65.01 22.43 -85.65
CA LYS R 67 -64.89 21.11 -86.26
C LYS R 67 -66.22 20.69 -86.85
N GLY R 68 -66.14 19.93 -87.92
CA GLY R 68 -67.32 19.39 -88.58
C GLY R 68 -66.91 18.33 -89.57
N ILE R 69 -67.73 18.16 -90.59
CA ILE R 69 -67.47 17.20 -91.66
C ILE R 69 -67.39 17.98 -92.97
N LEU R 70 -66.55 17.51 -93.87
CA LEU R 70 -66.32 18.19 -95.14
C LEU R 70 -67.22 17.55 -96.19
N VAL R 71 -68.21 18.31 -96.63
CA VAL R 71 -69.13 17.89 -97.69
C VAL R 71 -68.46 18.17 -99.03
N ALA R 72 -68.70 17.30 -100.00
CA ALA R 72 -68.09 17.45 -101.32
C ALA R 72 -68.91 18.37 -102.20
N GLY R 73 -68.21 19.18 -102.99
CA GLY R 73 -68.83 20.07 -103.94
C GLY R 73 -68.35 21.50 -103.78
N THR R 74 -68.82 22.36 -104.68
CA THR R 74 -68.49 23.77 -104.74
C THR R 74 -69.57 24.60 -104.04
N PRO R 75 -69.23 25.80 -103.59
CA PRO R 75 -70.27 26.73 -103.07
C PRO R 75 -70.83 27.69 -104.12
N GLN R 76 -71.51 27.12 -105.12
CA GLN R 76 -72.31 27.87 -106.08
C GLN R 76 -71.50 28.82 -106.96
N GLN R 77 -70.18 28.88 -106.73
CA GLN R 77 -69.22 29.63 -107.55
C GLN R 77 -69.61 31.10 -107.70
N ALA R 78 -70.62 31.54 -106.95
CA ALA R 78 -70.99 32.95 -106.87
C ALA R 78 -70.42 33.62 -105.63
N GLN R 79 -70.34 32.89 -104.52
CA GLN R 79 -69.58 33.32 -103.35
C GLN R 79 -68.16 32.81 -103.45
N SER R 80 -67.51 33.18 -104.57
CA SER R 80 -66.16 32.74 -104.93
C SER R 80 -65.08 33.36 -104.08
N ASN R 81 -65.45 34.09 -103.02
CA ASN R 81 -64.49 34.68 -102.11
C ASN R 81 -64.71 34.30 -100.66
N ASP R 82 -65.84 33.69 -100.31
CA ASP R 82 -66.12 33.29 -98.94
C ASP R 82 -65.42 31.99 -98.54
N PHE R 83 -64.56 31.45 -99.41
CA PHE R 83 -63.99 30.13 -99.17
C PHE R 83 -62.51 30.14 -99.53
N LEU R 84 -61.77 29.20 -98.93
CA LEU R 84 -60.33 29.20 -99.04
C LEU R 84 -59.85 28.52 -100.32
N THR R 85 -60.43 27.34 -100.62
CA THR R 85 -60.02 26.52 -101.76
C THR R 85 -58.54 26.17 -101.68
N LEU R 86 -58.22 25.41 -100.64
CA LEU R 86 -56.88 24.84 -100.50
C LEU R 86 -56.75 23.61 -101.40
N LYS R 87 -55.52 23.09 -101.47
CA LYS R 87 -55.25 21.89 -102.26
C LYS R 87 -54.06 21.16 -101.64
N LEU R 88 -54.36 20.15 -100.82
CA LEU R 88 -53.37 19.45 -100.01
C LEU R 88 -53.66 17.96 -100.05
N PRO R 89 -52.65 17.13 -99.77
CA PRO R 89 -52.87 15.67 -99.81
C PRO R 89 -53.40 15.13 -98.49
N ALA R 90 -53.91 16.01 -97.63
CA ALA R 90 -54.57 15.71 -96.35
C ALA R 90 -53.60 15.20 -95.29
N ASN R 91 -52.33 15.01 -95.61
CA ASN R 91 -51.35 14.70 -94.57
C ASN R 91 -51.03 15.92 -93.72
N LYS R 92 -51.32 17.12 -94.23
CA LYS R 92 -51.28 18.36 -93.46
C LYS R 92 -52.65 18.74 -92.93
N LEU R 93 -53.46 17.77 -92.56
CA LEU R 93 -54.86 17.99 -92.20
C LEU R 93 -55.17 17.25 -90.91
N TYR R 94 -55.35 18.00 -89.82
CA TYR R 94 -55.71 17.40 -88.54
C TYR R 94 -57.11 16.81 -88.65
N LEU R 95 -57.17 15.48 -88.72
CA LEU R 95 -58.42 14.75 -88.86
C LEU R 95 -58.56 13.78 -87.70
N ILE R 96 -59.75 13.72 -87.11
CA ILE R 96 -60.01 12.91 -85.92
C ILE R 96 -60.92 11.75 -86.30
N ARG R 97 -60.62 10.57 -85.74
CA ARG R 97 -61.28 9.32 -86.09
C ARG R 97 -61.05 8.98 -87.56
N LYS R 98 -59.80 9.07 -87.98
CA LYS R 98 -59.43 8.74 -89.35
C LYS R 98 -59.66 7.25 -89.61
N LYS R 99 -60.46 6.95 -90.63
CA LYS R 99 -60.76 5.57 -91.00
C LYS R 99 -60.31 5.22 -92.40
N GLY R 100 -59.78 6.18 -93.16
CA GLY R 100 -59.32 5.90 -94.51
C GLY R 100 -58.01 6.58 -94.79
N ASN R 101 -57.27 5.98 -95.73
CA ASN R 101 -56.01 6.55 -96.19
C ASN R 101 -56.30 7.45 -97.39
N ILE R 102 -55.98 8.73 -97.25
CA ILE R 102 -56.31 9.74 -98.25
C ILE R 102 -55.00 10.17 -98.90
N SER R 103 -54.63 9.51 -99.99
CA SER R 103 -53.39 9.82 -100.70
C SER R 103 -53.59 10.86 -101.80
N ASP R 104 -54.79 10.98 -102.35
CA ASP R 104 -55.07 11.98 -103.37
C ASP R 104 -55.08 13.38 -102.73
N ASP R 105 -55.38 14.38 -103.55
CA ASP R 105 -55.40 15.75 -103.08
C ASP R 105 -56.84 16.24 -102.90
N LEU R 106 -57.00 17.28 -102.10
CA LEU R 106 -58.30 17.72 -101.61
C LEU R 106 -58.49 19.21 -101.89
N LYS R 107 -59.49 19.54 -102.70
CA LYS R 107 -60.04 20.89 -102.72
C LYS R 107 -61.06 20.99 -101.61
N ILE R 108 -60.78 21.82 -100.60
CA ILE R 108 -61.68 22.02 -99.47
C ILE R 108 -62.05 23.50 -99.41
N TYR R 109 -63.33 23.78 -99.31
CA TYR R 109 -63.85 25.14 -99.32
C TYR R 109 -64.47 25.43 -97.96
N ILE R 110 -63.89 26.39 -97.24
CA ILE R 110 -64.23 26.68 -95.86
C ILE R 110 -64.85 28.07 -95.81
N PRO R 111 -66.06 28.24 -95.25
CA PRO R 111 -66.64 29.58 -95.13
C PRO R 111 -65.69 30.56 -94.45
N TYR R 112 -65.19 31.53 -95.21
CA TYR R 112 -64.13 32.43 -94.80
C TYR R 112 -64.68 33.82 -94.52
N SER R 113 -63.85 34.65 -93.89
CA SER R 113 -64.20 36.03 -93.59
C SER R 113 -62.91 36.75 -93.19
N SER R 114 -63.06 37.98 -92.72
CA SER R 114 -61.97 38.76 -92.16
C SER R 114 -62.54 39.61 -91.04
N PRO R 115 -61.69 40.05 -90.10
CA PRO R 115 -62.23 40.81 -88.96
C PRO R 115 -62.87 42.14 -89.35
N ASP R 116 -62.18 42.95 -90.16
CA ASP R 116 -62.55 44.35 -90.36
C ASP R 116 -62.78 45.02 -89.02
N ALA R 117 -61.87 44.75 -88.09
CA ALA R 117 -62.12 44.94 -86.66
C ALA R 117 -62.26 46.42 -86.33
N ARG R 118 -63.48 46.84 -86.02
CA ARG R 118 -63.71 48.14 -85.40
C ARG R 118 -63.39 48.14 -83.91
N ASN R 119 -63.35 46.96 -83.29
CA ASN R 119 -63.13 46.82 -81.86
C ASN R 119 -62.31 45.56 -81.62
N SER R 120 -62.25 45.11 -80.37
CA SER R 120 -61.52 43.91 -80.02
C SER R 120 -62.33 42.67 -80.38
N MET R 121 -61.75 41.49 -80.15
CA MET R 121 -62.38 40.23 -80.53
C MET R 121 -61.85 39.15 -79.60
N LYS R 122 -62.64 38.78 -78.59
CA LYS R 122 -62.25 37.77 -77.61
C LYS R 122 -63.21 36.59 -77.70
N THR R 123 -62.76 35.53 -78.36
CA THR R 123 -63.58 34.36 -78.63
C THR R 123 -63.93 33.64 -77.32
N LYS R 124 -65.09 32.97 -77.31
CA LYS R 124 -65.60 32.31 -76.12
C LYS R 124 -65.88 30.85 -76.40
N PRO R 125 -65.44 29.93 -75.55
CA PRO R 125 -65.68 28.49 -75.79
C PRO R 125 -67.01 27.99 -75.25
N VAL R 126 -67.87 27.48 -76.13
CA VAL R 126 -69.15 26.89 -75.72
C VAL R 126 -69.44 25.71 -76.64
N SER R 127 -69.76 24.56 -76.05
CA SER R 127 -70.09 23.36 -76.81
C SER R 127 -71.61 23.20 -76.89
N ILE R 128 -72.04 22.09 -77.49
CA ILE R 128 -73.46 21.85 -77.76
C ILE R 128 -74.07 21.03 -76.63
N SER R 129 -75.29 21.41 -76.27
CA SER R 129 -76.10 20.73 -75.26
C SER R 129 -77.56 20.98 -75.63
N ASP R 130 -78.47 20.85 -74.65
CA ASP R 130 -79.85 21.28 -74.81
C ASP R 130 -80.54 20.48 -75.92
N ASP R 131 -80.80 19.21 -75.59
CA ASP R 131 -81.25 18.16 -76.51
C ASP R 131 -82.17 18.65 -77.62
N THR R 132 -83.05 19.61 -77.31
CA THR R 132 -83.87 20.24 -78.34
C THR R 132 -83.03 20.69 -79.54
N ILE R 133 -81.75 21.02 -79.29
CA ILE R 133 -80.86 21.41 -80.36
C ILE R 133 -80.25 20.20 -81.07
N VAL R 134 -80.00 19.11 -80.33
CA VAL R 134 -79.26 17.99 -80.89
C VAL R 134 -80.07 17.29 -81.98
N ASN R 135 -81.34 16.97 -81.69
CA ASN R 135 -82.18 16.40 -82.74
C ASN R 135 -82.63 17.46 -83.74
N ASN R 136 -82.34 18.73 -83.47
CA ASN R 136 -82.62 19.79 -84.43
C ASN R 136 -81.55 19.83 -85.53
N ILE R 137 -80.30 19.60 -85.16
CA ILE R 137 -79.23 19.62 -86.14
C ILE R 137 -79.14 18.29 -86.89
N ILE R 138 -79.68 17.21 -86.33
CA ILE R 138 -79.68 15.93 -87.02
C ILE R 138 -80.64 15.90 -88.18
N LYS R 139 -81.52 16.90 -88.29
CA LYS R 139 -82.55 16.89 -89.33
C LYS R 139 -82.25 17.84 -90.49
N GLU R 140 -81.53 18.93 -90.25
CA GLU R 140 -81.19 19.86 -91.32
C GLU R 140 -79.72 19.80 -91.72
N VAL R 141 -78.91 18.99 -91.04
CA VAL R 141 -77.51 18.79 -91.43
C VAL R 141 -77.23 17.34 -91.79
N PHE R 142 -77.83 16.39 -91.08
CA PHE R 142 -77.40 14.99 -91.17
C PHE R 142 -78.30 14.11 -92.02
N ASP R 143 -79.58 14.45 -92.21
CA ASP R 143 -80.33 13.64 -93.18
C ASP R 143 -79.95 13.94 -94.60
N LYS R 144 -79.06 14.91 -94.85
CA LYS R 144 -78.68 15.29 -96.20
C LYS R 144 -77.29 14.80 -96.61
N ILE R 145 -76.43 14.47 -95.64
CA ILE R 145 -75.07 14.07 -95.99
C ILE R 145 -75.05 12.68 -96.62
N TYR R 146 -75.56 11.68 -95.89
CA TYR R 146 -75.42 10.29 -96.30
C TYR R 146 -76.67 9.71 -96.94
N ASN R 147 -77.81 10.41 -96.85
CA ASN R 147 -79.09 9.92 -97.38
C ASN R 147 -79.41 8.54 -96.81
N ILE R 148 -79.07 8.33 -95.54
CA ILE R 148 -79.20 7.03 -94.90
C ILE R 148 -79.94 7.10 -93.58
N THR R 149 -80.28 8.28 -93.09
CA THR R 149 -80.77 8.45 -91.73
C THR R 149 -82.22 8.01 -91.58
N GLN R 150 -82.56 7.51 -90.40
CA GLN R 150 -83.91 7.19 -89.95
C GLN R 150 -84.75 6.47 -91.01
N LYS R 151 -84.10 5.64 -91.82
CA LYS R 151 -84.80 4.74 -92.74
C LYS R 151 -84.53 3.28 -92.45
N GLU R 152 -83.27 2.93 -92.17
CA GLU R 152 -82.91 1.58 -91.73
C GLU R 152 -81.87 1.60 -90.62
N LYS R 153 -81.59 2.76 -90.04
CA LYS R 153 -80.49 2.91 -89.10
C LYS R 153 -80.79 2.24 -87.77
N VAL R 154 -79.74 2.08 -86.97
CA VAL R 154 -79.84 1.66 -85.58
C VAL R 154 -78.97 2.61 -84.75
N LYS R 155 -78.41 3.62 -85.41
CA LYS R 155 -77.34 4.43 -84.86
C LYS R 155 -77.74 5.86 -84.53
N ILE R 156 -78.71 6.42 -85.25
CA ILE R 156 -78.91 7.87 -85.24
C ILE R 156 -79.17 8.39 -83.83
N GLU R 157 -79.94 7.64 -83.03
CA GLU R 157 -80.27 8.14 -81.69
C GLU R 157 -79.04 8.17 -80.80
N LYS R 158 -78.06 7.32 -81.05
CA LYS R 158 -76.82 7.35 -80.30
C LYS R 158 -75.82 8.35 -80.88
N VAL R 159 -75.92 8.62 -82.19
CA VAL R 159 -75.09 9.66 -82.78
C VAL R 159 -75.37 11.00 -82.12
N LYS R 160 -76.60 11.23 -81.67
CA LYS R 160 -76.90 12.42 -80.89
C LYS R 160 -75.98 12.51 -79.67
N GLU R 161 -75.78 11.39 -78.98
CA GLU R 161 -74.76 11.34 -77.94
C GLU R 161 -73.37 11.49 -78.53
N ASP R 162 -73.15 10.96 -79.74
CA ASP R 162 -71.85 11.06 -80.37
C ASP R 162 -71.56 12.49 -80.83
N ILE R 163 -72.59 13.20 -81.32
CA ILE R 163 -72.39 14.58 -81.73
C ILE R 163 -72.15 15.48 -80.51
N LYS R 164 -72.77 15.14 -79.37
CA LYS R 164 -72.65 15.97 -78.18
C LYS R 164 -71.19 16.09 -77.73
N GLU R 165 -70.53 14.95 -77.55
CA GLU R 165 -69.21 14.91 -76.92
C GLU R 165 -68.07 15.12 -77.92
N LEU R 166 -68.35 15.06 -79.22
CA LEU R 166 -67.30 15.21 -80.21
C LEU R 166 -67.15 16.65 -80.67
N PHE R 167 -68.22 17.23 -81.23
CA PHE R 167 -68.14 18.53 -81.89
C PHE R 167 -68.16 19.64 -80.84
N SER R 168 -67.04 20.33 -80.71
CA SER R 168 -66.90 21.47 -79.81
C SER R 168 -66.38 22.66 -80.61
N TYR R 169 -67.08 23.78 -80.52
CA TYR R 169 -66.75 24.96 -81.31
C TYR R 169 -66.49 26.16 -80.40
N TYR R 170 -65.55 27.00 -80.82
CA TYR R 170 -65.37 28.30 -80.21
C TYR R 170 -66.25 29.33 -80.91
N ALA R 171 -66.53 30.44 -80.22
CA ALA R 171 -67.44 31.43 -80.74
C ALA R 171 -67.03 32.82 -80.28
N LEU R 172 -67.15 33.78 -81.19
CA LEU R 172 -66.86 35.17 -80.84
C LEU R 172 -67.80 35.67 -79.76
N GLU R 173 -69.10 35.41 -79.93
CA GLU R 173 -70.14 35.85 -79.00
C GLU R 173 -70.06 37.36 -78.78
N GLN R 174 -70.13 38.09 -79.89
CA GLN R 174 -70.01 39.55 -79.88
C GLN R 174 -71.19 40.22 -80.57
N SER S 2 -97.13 -24.34 -42.11
CA SER S 2 -97.34 -23.97 -43.51
C SER S 2 -98.56 -23.06 -43.66
N THR S 3 -98.51 -21.91 -43.00
CA THR S 3 -99.59 -20.95 -43.09
C THR S 3 -99.38 -20.03 -44.30
N GLN S 4 -100.37 -19.18 -44.56
CA GLN S 4 -100.31 -18.30 -45.71
C GLN S 4 -99.54 -17.03 -45.38
N ARG S 5 -99.01 -16.39 -46.42
CA ARG S 5 -98.27 -15.16 -46.30
C ARG S 5 -98.47 -14.33 -47.56
N GLU S 6 -98.26 -13.03 -47.46
CA GLU S 6 -98.40 -12.16 -48.62
C GLU S 6 -97.36 -11.05 -48.55
N TYR S 7 -96.89 -10.63 -49.72
CA TYR S 7 -95.83 -9.65 -49.85
C TYR S 7 -96.46 -8.27 -50.08
N VAL S 8 -96.74 -7.57 -48.99
CA VAL S 8 -97.31 -6.23 -49.04
C VAL S 8 -96.14 -5.25 -49.09
N PHE S 9 -95.64 -5.00 -50.29
CA PHE S 9 -94.45 -4.18 -50.48
C PHE S 9 -94.73 -2.72 -50.07
N ILE S 10 -93.65 -1.98 -49.90
CA ILE S 10 -93.72 -0.60 -49.41
C ILE S 10 -93.17 0.34 -50.47
N PRO S 11 -93.96 0.71 -51.48
CA PRO S 11 -93.46 1.62 -52.51
C PRO S 11 -93.71 3.09 -52.17
N ILE S 12 -93.35 3.97 -53.09
CA ILE S 12 -93.64 5.40 -52.94
C ILE S 12 -94.91 5.78 -53.72
N THR S 13 -95.71 4.79 -54.12
CA THR S 13 -96.91 5.02 -54.92
C THR S 13 -98.15 5.06 -54.05
N ASN S 14 -99.10 5.91 -54.42
CA ASN S 14 -100.34 6.06 -53.66
C ASN S 14 -101.34 4.93 -53.91
N SER S 15 -101.04 4.00 -54.82
CA SER S 15 -101.98 2.92 -55.13
C SER S 15 -101.86 1.78 -54.13
N ILE S 16 -101.93 2.10 -52.84
CA ILE S 16 -101.84 1.12 -51.76
C ILE S 16 -103.02 1.36 -50.83
N THR S 17 -104.05 0.52 -50.93
CA THR S 17 -105.06 0.52 -49.87
C THR S 17 -104.58 -0.34 -48.71
N ILE S 18 -104.49 -1.65 -48.95
CA ILE S 18 -103.52 -2.54 -48.32
C ILE S 18 -103.02 -3.42 -49.45
N ASP S 19 -103.72 -3.32 -50.59
CA ASP S 19 -103.48 -3.90 -51.90
C ASP S 19 -103.78 -5.40 -51.97
N VAL S 20 -104.00 -6.10 -50.86
CA VAL S 20 -104.49 -7.46 -50.96
C VAL S 20 -105.71 -7.69 -50.07
N LYS S 21 -105.54 -7.64 -48.75
CA LYS S 21 -106.55 -8.19 -47.86
C LYS S 21 -106.25 -7.91 -46.39
N ILE S 22 -107.20 -8.25 -45.52
CA ILE S 22 -107.21 -7.96 -44.09
C ILE S 22 -106.06 -8.64 -43.36
N THR S 23 -105.88 -8.28 -42.10
CA THR S 23 -104.85 -8.82 -41.24
C THR S 23 -105.01 -10.34 -41.12
N ILE S 24 -104.05 -10.95 -40.40
CA ILE S 24 -103.81 -12.39 -40.47
C ILE S 24 -105.07 -13.19 -40.21
N GLY S 25 -105.63 -13.04 -39.01
CA GLY S 25 -106.52 -14.02 -38.44
C GLY S 25 -105.82 -15.02 -37.54
N GLY S 26 -104.50 -15.17 -37.68
CA GLY S 26 -103.66 -15.91 -36.78
C GLY S 26 -102.89 -14.99 -35.86
N SER S 27 -101.69 -15.41 -35.47
CA SER S 27 -100.91 -14.64 -34.51
C SER S 27 -99.41 -14.59 -34.81
N ASP S 28 -98.97 -15.01 -35.99
CA ASP S 28 -97.55 -15.04 -36.31
C ASP S 28 -97.20 -13.94 -37.30
N HIS S 29 -96.06 -13.27 -37.07
CA HIS S 29 -95.62 -12.18 -37.92
C HIS S 29 -94.10 -12.27 -38.05
N ILE S 30 -93.63 -12.50 -39.27
CA ILE S 30 -92.18 -12.58 -39.48
C ILE S 30 -91.56 -11.20 -39.50
N THR S 31 -92.23 -10.22 -40.11
CA THR S 31 -91.73 -8.85 -40.19
C THR S 31 -92.01 -8.16 -38.86
N ASN S 32 -91.15 -8.41 -37.89
CA ASN S 32 -91.34 -7.92 -36.53
C ASN S 32 -90.90 -6.46 -36.43
N ILE S 33 -90.97 -5.91 -35.22
CA ILE S 33 -90.60 -4.53 -34.96
C ILE S 33 -89.70 -4.48 -33.72
N ASP S 34 -89.20 -5.64 -33.31
CA ASP S 34 -88.56 -5.81 -32.01
C ASP S 34 -87.35 -4.91 -31.78
N GLU S 35 -86.27 -5.12 -32.54
CA GLU S 35 -84.98 -4.54 -32.16
C GLU S 35 -84.97 -3.03 -32.15
N ARG S 36 -85.05 -2.41 -33.33
CA ARG S 36 -85.12 -0.95 -33.42
C ARG S 36 -86.01 -0.45 -34.55
N GLY S 37 -86.66 -1.33 -35.30
CA GLY S 37 -87.44 -0.93 -36.45
C GLY S 37 -87.93 -2.10 -37.26
N ILE S 38 -87.91 -1.98 -38.59
CA ILE S 38 -88.37 -3.06 -39.45
C ILE S 38 -87.33 -4.17 -39.45
N HIS S 39 -87.81 -5.42 -39.55
CA HIS S 39 -86.92 -6.57 -39.59
C HIS S 39 -87.52 -7.63 -40.51
N ASN S 40 -86.64 -8.47 -41.05
CA ASN S 40 -87.03 -9.63 -41.87
C ASN S 40 -87.75 -9.20 -43.15
N VAL S 41 -87.13 -8.26 -43.87
CA VAL S 41 -87.68 -7.81 -45.14
C VAL S 41 -87.29 -8.79 -46.24
N LEU S 42 -88.09 -8.83 -47.31
CA LEU S 42 -87.80 -9.63 -48.48
C LEU S 42 -87.51 -8.73 -49.67
N VAL S 43 -86.42 -9.03 -50.37
CA VAL S 43 -85.86 -8.15 -51.39
C VAL S 43 -85.76 -8.89 -52.73
N ILE S 44 -86.75 -9.73 -53.00
CA ILE S 44 -86.77 -10.54 -54.22
C ILE S 44 -86.45 -9.68 -55.44
N THR S 45 -85.73 -10.27 -56.39
CA THR S 45 -85.14 -9.53 -57.48
C THR S 45 -85.90 -9.75 -58.79
N GLY S 46 -85.77 -8.75 -59.68
CA GLY S 46 -86.37 -8.81 -61.01
C GLY S 46 -87.84 -8.50 -61.05
N TYR S 47 -88.24 -7.33 -60.54
CA TYR S 47 -89.65 -6.98 -60.44
C TYR S 47 -89.79 -5.45 -60.43
N ALA S 48 -91.02 -4.99 -60.29
CA ALA S 48 -91.35 -3.57 -60.19
C ALA S 48 -92.78 -3.42 -59.71
N VAL S 49 -93.13 -2.20 -59.27
CA VAL S 49 -94.43 -1.97 -58.65
C VAL S 49 -95.51 -1.52 -59.62
N ASP S 50 -95.14 -1.23 -60.88
CA ASP S 50 -96.08 -0.84 -61.93
C ASP S 50 -96.62 0.58 -61.69
N GLU S 51 -96.27 1.17 -60.55
CA GLU S 51 -96.62 2.54 -60.17
C GLU S 51 -98.13 2.74 -59.99
N LYS S 52 -98.90 1.68 -60.23
CA LYS S 52 -100.34 1.68 -60.13
C LYS S 52 -100.81 0.24 -60.26
N ASN S 53 -101.81 -0.14 -59.46
CA ASN S 53 -102.30 -1.52 -59.42
C ASN S 53 -101.15 -2.46 -59.07
N GLY S 54 -100.74 -2.35 -57.80
CA GLY S 54 -99.44 -2.81 -57.37
C GLY S 54 -99.25 -4.32 -57.34
N ARG S 55 -99.20 -4.93 -58.52
CA ARG S 55 -98.64 -6.25 -58.66
C ARG S 55 -97.13 -6.11 -58.90
N LEU S 56 -96.47 -7.18 -59.32
CA LEU S 56 -95.05 -7.15 -59.65
C LEU S 56 -94.86 -7.69 -61.06
N VAL S 57 -94.30 -6.87 -61.93
CA VAL S 57 -93.97 -7.29 -63.30
C VAL S 57 -92.58 -7.91 -63.26
N PRO S 58 -92.41 -9.16 -63.68
CA PRO S 58 -91.10 -9.79 -63.63
C PRO S 58 -90.18 -9.32 -64.75
N THR S 59 -88.90 -9.56 -64.56
CA THR S 59 -87.86 -9.18 -65.51
C THR S 59 -86.74 -10.19 -65.43
N LEU S 60 -86.00 -10.33 -66.53
CA LEU S 60 -84.84 -11.22 -66.59
C LEU S 60 -83.57 -10.53 -66.11
N ASP S 61 -83.70 -9.47 -65.31
CA ASP S 61 -82.56 -8.75 -64.79
C ASP S 61 -82.44 -9.02 -63.30
N PRO S 62 -81.34 -9.61 -62.82
CA PRO S 62 -81.19 -9.84 -61.39
C PRO S 62 -80.80 -8.58 -60.65
N CYS S 63 -80.83 -7.44 -61.34
CA CYS S 63 -80.49 -6.15 -60.75
C CYS S 63 -81.71 -5.28 -60.47
N ASP S 64 -82.91 -5.76 -60.79
CA ASP S 64 -84.14 -5.05 -60.47
C ASP S 64 -84.70 -5.57 -59.15
N TYR S 65 -85.01 -4.67 -58.23
CA TYR S 65 -85.36 -5.06 -56.87
C TYR S 65 -86.66 -4.43 -56.44
N VAL S 66 -87.40 -5.18 -55.62
CA VAL S 66 -88.53 -4.67 -54.88
C VAL S 66 -88.40 -5.14 -53.43
N LYS S 67 -88.69 -4.24 -52.50
CA LYS S 67 -88.61 -4.53 -51.08
C LYS S 67 -89.98 -4.33 -50.45
N GLY S 68 -90.04 -4.43 -49.13
CA GLY S 68 -91.26 -4.17 -48.39
C GLY S 68 -91.58 -5.29 -47.42
N ILE S 69 -92.52 -4.97 -46.52
CA ILE S 69 -92.94 -5.90 -45.50
C ILE S 69 -93.69 -7.08 -46.13
N LEU S 70 -93.46 -8.28 -45.60
CA LEU S 70 -94.22 -9.46 -45.99
C LEU S 70 -94.99 -9.94 -44.78
N VAL S 71 -96.32 -10.03 -44.93
CA VAL S 71 -97.22 -10.34 -43.84
C VAL S 71 -98.12 -11.50 -44.28
N ALA S 72 -98.84 -12.08 -43.32
CA ALA S 72 -99.67 -13.24 -43.60
C ALA S 72 -101.07 -12.82 -44.00
N GLY S 73 -101.89 -13.81 -44.34
CA GLY S 73 -103.27 -13.60 -44.76
C GLY S 73 -103.55 -14.28 -46.07
N THR S 74 -104.71 -13.96 -46.64
CA THR S 74 -105.22 -14.60 -47.85
C THR S 74 -105.25 -13.60 -49.01
N PRO S 75 -105.20 -14.09 -50.25
CA PRO S 75 -105.08 -13.21 -51.43
C PRO S 75 -106.42 -12.63 -51.90
N GLN S 76 -107.07 -11.87 -51.02
CA GLN S 76 -108.20 -11.01 -51.37
C GLN S 76 -109.46 -11.76 -51.77
N GLN S 77 -109.36 -13.08 -51.95
CA GLN S 77 -110.49 -13.90 -52.40
C GLN S 77 -111.22 -13.27 -53.57
N ALA S 78 -110.51 -12.50 -54.39
CA ALA S 78 -111.12 -11.78 -55.49
C ALA S 78 -110.33 -11.97 -56.77
N GLN S 79 -109.03 -12.25 -56.63
CA GLN S 79 -108.15 -12.41 -57.79
C GLN S 79 -107.16 -13.52 -57.48
N SER S 80 -107.40 -14.71 -58.02
CA SER S 80 -106.50 -15.84 -57.89
C SER S 80 -105.91 -16.24 -59.25
N ASN S 81 -105.80 -15.27 -60.15
CA ASN S 81 -105.22 -15.49 -61.47
C ASN S 81 -103.98 -14.65 -61.71
N ASP S 82 -103.52 -13.89 -60.71
CA ASP S 82 -102.30 -13.10 -60.81
C ASP S 82 -101.42 -13.29 -59.59
N PHE S 83 -101.73 -14.24 -58.71
CA PHE S 83 -100.95 -14.50 -57.52
C PHE S 83 -100.32 -15.87 -57.62
N LEU S 84 -99.13 -16.01 -57.02
CA LEU S 84 -98.30 -17.18 -57.29
C LEU S 84 -98.83 -18.41 -56.56
N THR S 85 -99.10 -18.28 -55.26
CA THR S 85 -99.39 -19.41 -54.37
C THR S 85 -98.19 -20.36 -54.33
N LEU S 86 -97.09 -19.84 -53.80
CA LEU S 86 -95.85 -20.59 -53.67
C LEU S 86 -95.87 -21.46 -52.42
N LYS S 87 -94.72 -22.08 -52.14
CA LYS S 87 -94.49 -22.77 -50.87
C LYS S 87 -92.99 -22.78 -50.64
N LEU S 88 -92.53 -21.95 -49.70
CA LEU S 88 -91.08 -21.91 -49.61
C LEU S 88 -90.59 -22.70 -48.40
N PRO S 89 -89.50 -23.45 -48.55
CA PRO S 89 -89.00 -24.28 -47.44
C PRO S 89 -88.31 -23.47 -46.35
N ALA S 90 -88.46 -22.15 -46.41
CA ALA S 90 -87.94 -21.21 -45.41
C ALA S 90 -86.42 -21.14 -45.43
N ASN S 91 -85.78 -21.95 -46.27
CA ASN S 91 -84.34 -21.88 -46.48
C ASN S 91 -83.97 -21.15 -47.77
N LYS S 92 -84.82 -21.25 -48.79
CA LYS S 92 -84.51 -20.76 -50.13
C LYS S 92 -85.24 -19.47 -50.46
N LEU S 93 -85.35 -18.55 -49.51
CA LEU S 93 -85.84 -17.21 -49.77
C LEU S 93 -84.84 -16.21 -49.19
N TYR S 94 -84.89 -14.98 -49.72
CA TYR S 94 -83.90 -13.96 -49.42
C TYR S 94 -84.48 -12.97 -48.41
N LEU S 95 -83.76 -12.76 -47.32
CA LEU S 95 -84.21 -11.92 -46.21
C LEU S 95 -83.19 -10.83 -45.94
N ILE S 96 -83.59 -9.85 -45.14
CA ILE S 96 -82.71 -8.78 -44.69
C ILE S 96 -83.08 -8.43 -43.26
N ARG S 97 -82.08 -8.09 -42.45
CA ARG S 97 -82.26 -7.90 -41.01
C ARG S 97 -82.86 -9.15 -40.38
N LYS S 98 -82.31 -10.31 -40.73
CA LYS S 98 -82.84 -11.57 -40.26
C LYS S 98 -82.83 -11.63 -38.74
N LYS S 99 -83.79 -12.35 -38.19
CA LYS S 99 -84.00 -12.45 -36.75
C LYS S 99 -84.01 -13.92 -36.37
N GLY S 100 -84.47 -14.24 -35.16
CA GLY S 100 -84.66 -15.62 -34.75
C GLY S 100 -85.23 -16.45 -35.88
N ASN S 101 -84.52 -17.53 -36.23
CA ASN S 101 -84.80 -18.24 -37.47
C ASN S 101 -86.23 -18.76 -37.51
N ILE S 102 -86.78 -18.78 -38.72
CA ILE S 102 -88.08 -19.38 -39.00
C ILE S 102 -87.81 -20.58 -39.89
N SER S 103 -87.77 -21.77 -39.30
CA SER S 103 -87.41 -22.99 -40.01
C SER S 103 -88.62 -23.84 -40.37
N ASP S 104 -89.77 -23.20 -40.60
CA ASP S 104 -90.96 -23.90 -41.05
C ASP S 104 -91.45 -23.24 -42.33
N ASP S 105 -92.03 -24.05 -43.21
CA ASP S 105 -92.39 -23.57 -44.55
C ASP S 105 -93.61 -22.66 -44.48
N LEU S 106 -93.75 -21.85 -45.53
CA LEU S 106 -94.88 -20.93 -45.67
C LEU S 106 -95.36 -20.98 -47.12
N LYS S 107 -96.66 -20.77 -47.29
CA LYS S 107 -97.26 -20.63 -48.62
C LYS S 107 -97.56 -19.15 -48.84
N ILE S 108 -96.56 -18.44 -49.34
CA ILE S 108 -96.62 -17.00 -49.48
C ILE S 108 -97.35 -16.66 -50.77
N TYR S 109 -97.98 -15.49 -50.80
CA TYR S 109 -98.71 -14.99 -51.95
C TYR S 109 -98.07 -13.70 -52.45
N ILE S 110 -97.98 -13.55 -53.76
CA ILE S 110 -97.27 -12.44 -54.38
C ILE S 110 -98.15 -11.77 -55.43
N PRO S 111 -98.34 -10.46 -55.37
CA PRO S 111 -99.05 -9.76 -56.45
C PRO S 111 -98.20 -9.68 -57.70
N TYR S 112 -98.59 -10.40 -58.75
CA TYR S 112 -97.80 -10.51 -59.97
C TYR S 112 -98.68 -10.33 -61.19
N SER S 113 -98.46 -9.24 -61.93
CA SER S 113 -99.08 -9.04 -63.22
C SER S 113 -98.11 -9.55 -64.28
N SER S 114 -98.61 -10.38 -65.19
CA SER S 114 -97.79 -10.97 -66.24
C SER S 114 -97.04 -9.87 -66.99
N PRO S 115 -95.88 -10.19 -67.58
CA PRO S 115 -95.06 -9.15 -68.21
C PRO S 115 -95.80 -8.32 -69.25
N ASP S 116 -96.42 -8.98 -70.23
CA ASP S 116 -97.27 -8.32 -71.21
C ASP S 116 -96.50 -7.22 -71.96
N ALA S 117 -95.56 -7.67 -72.79
CA ALA S 117 -94.59 -6.76 -73.39
C ALA S 117 -95.26 -5.81 -74.37
N ARG S 118 -96.12 -4.94 -73.84
CA ARG S 118 -96.62 -3.82 -74.62
C ARG S 118 -95.49 -2.88 -75.01
N ASN S 119 -94.70 -2.45 -74.02
CA ASN S 119 -93.55 -1.59 -74.20
C ASN S 119 -92.28 -2.36 -73.84
N SER S 120 -91.16 -1.66 -73.86
CA SER S 120 -89.89 -2.20 -73.39
C SER S 120 -89.64 -1.70 -71.97
N MET S 121 -89.24 -2.60 -71.08
CA MET S 121 -89.11 -2.27 -69.67
C MET S 121 -87.81 -1.53 -69.44
N LYS S 122 -87.89 -0.20 -69.32
CA LYS S 122 -86.77 0.61 -68.88
C LYS S 122 -86.92 0.89 -67.39
N THR S 123 -86.81 -0.18 -66.61
CA THR S 123 -87.02 -0.07 -65.16
C THR S 123 -86.01 0.88 -64.56
N LYS S 124 -86.48 1.73 -63.66
CA LYS S 124 -85.63 2.73 -63.04
C LYS S 124 -85.78 2.68 -61.52
N PRO S 125 -84.69 2.91 -60.79
CA PRO S 125 -84.73 2.77 -59.33
C PRO S 125 -85.21 4.02 -58.62
N VAL S 126 -85.81 3.80 -57.46
CA VAL S 126 -86.21 4.89 -56.58
C VAL S 126 -86.30 4.33 -55.16
N SER S 127 -85.74 5.04 -54.20
CA SER S 127 -85.86 4.67 -52.80
C SER S 127 -86.99 5.45 -52.15
N ILE S 128 -87.42 4.97 -50.98
CA ILE S 128 -88.55 5.59 -50.31
C ILE S 128 -88.19 7.00 -49.87
N SER S 129 -89.01 7.96 -50.27
CA SER S 129 -88.77 9.36 -50.02
C SER S 129 -90.13 10.00 -49.76
N ASP S 130 -90.21 11.33 -49.88
CA ASP S 130 -91.48 12.05 -49.78
C ASP S 130 -92.13 11.83 -48.41
N ASP S 131 -91.48 12.41 -47.39
CA ASP S 131 -91.92 12.36 -46.00
C ASP S 131 -93.42 12.56 -45.83
N THR S 132 -94.06 13.27 -46.75
CA THR S 132 -95.52 13.29 -46.78
C THR S 132 -96.08 11.89 -46.99
N ILE S 133 -95.52 11.15 -47.94
CA ILE S 133 -96.06 9.84 -48.32
C ILE S 133 -95.54 8.71 -47.44
N VAL S 134 -94.49 8.93 -46.66
CA VAL S 134 -94.04 7.87 -45.76
C VAL S 134 -95.07 7.63 -44.67
N ASN S 135 -95.66 8.70 -44.13
CA ASN S 135 -96.73 8.55 -43.15
C ASN S 135 -98.00 8.05 -43.81
N ASN S 136 -98.17 8.31 -45.11
CA ASN S 136 -99.30 7.76 -45.86
C ASN S 136 -99.31 6.24 -45.78
N ILE S 137 -98.23 5.61 -46.24
CA ILE S 137 -98.13 4.15 -46.19
C ILE S 137 -97.89 3.63 -44.78
N ILE S 138 -97.55 4.52 -43.84
CA ILE S 138 -97.49 4.11 -42.44
C ILE S 138 -98.89 3.96 -41.89
N LYS S 139 -99.77 4.92 -42.19
CA LYS S 139 -101.13 4.89 -41.64
C LYS S 139 -101.93 3.76 -42.27
N GLU S 140 -102.01 3.72 -43.60
CA GLU S 140 -102.83 2.71 -44.26
C GLU S 140 -102.33 1.29 -44.05
N VAL S 141 -101.10 1.10 -43.55
CA VAL S 141 -100.57 -0.24 -43.38
C VAL S 141 -100.21 -0.47 -41.91
N PHE S 142 -99.24 0.28 -41.39
CA PHE S 142 -98.72 -0.01 -40.06
C PHE S 142 -99.78 0.24 -38.99
N ASP S 143 -100.49 1.36 -39.09
CA ASP S 143 -101.60 1.62 -38.18
C ASP S 143 -102.74 0.63 -38.41
N LYS S 144 -102.86 0.10 -39.62
CA LYS S 144 -103.96 -0.80 -39.96
C LYS S 144 -103.55 -2.26 -39.77
N ILE S 145 -102.52 -2.72 -40.49
CA ILE S 145 -102.15 -4.13 -40.45
C ILE S 145 -101.54 -4.52 -39.10
N TYR S 146 -101.07 -3.55 -38.33
CA TYR S 146 -100.42 -3.84 -37.06
C TYR S 146 -101.03 -3.06 -35.90
N ASN S 147 -101.42 -1.81 -36.11
CA ASN S 147 -101.84 -0.91 -35.03
C ASN S 147 -100.78 -0.85 -33.94
N ILE S 148 -99.52 -0.83 -34.36
CA ILE S 148 -98.39 -0.76 -33.44
C ILE S 148 -97.65 0.57 -33.51
N THR S 149 -97.85 1.34 -34.57
CA THR S 149 -97.16 2.60 -34.76
C THR S 149 -98.09 3.77 -34.44
N GLN S 150 -97.46 4.95 -34.30
CA GLN S 150 -98.16 6.23 -34.27
C GLN S 150 -99.05 6.40 -33.05
N LYS S 151 -99.19 5.34 -32.24
CA LYS S 151 -100.05 5.39 -31.06
C LYS S 151 -99.44 4.81 -29.80
N GLU S 152 -98.47 3.89 -29.89
CA GLU S 152 -97.89 3.29 -28.70
C GLU S 152 -96.38 3.12 -28.76
N LYS S 153 -95.74 3.49 -29.86
CA LYS S 153 -94.28 3.37 -30.00
C LYS S 153 -93.76 4.74 -30.46
N VAL S 154 -93.37 5.57 -29.50
CA VAL S 154 -92.82 6.89 -29.80
C VAL S 154 -91.48 6.79 -30.50
N LYS S 155 -90.83 5.63 -30.48
CA LYS S 155 -89.59 5.41 -31.22
C LYS S 155 -89.77 5.47 -32.72
N ILE S 156 -90.99 5.72 -33.20
CA ILE S 156 -91.22 5.85 -34.64
C ILE S 156 -90.31 6.92 -35.25
N GLU S 157 -89.98 7.96 -34.48
CA GLU S 157 -89.07 8.98 -34.97
C GLU S 157 -87.70 8.42 -35.34
N LYS S 158 -87.39 7.21 -34.88
CA LYS S 158 -86.30 6.42 -35.41
C LYS S 158 -86.76 5.40 -36.44
N VAL S 159 -87.93 4.79 -36.23
CA VAL S 159 -88.48 3.83 -37.19
C VAL S 159 -88.93 4.53 -38.46
N LYS S 160 -89.21 5.83 -38.41
CA LYS S 160 -89.49 6.57 -39.64
C LYS S 160 -88.32 6.50 -40.60
N GLU S 161 -87.11 6.76 -40.10
CA GLU S 161 -85.94 6.68 -40.97
C GLU S 161 -85.58 5.24 -41.29
N ASP S 162 -85.90 4.30 -40.39
CA ASP S 162 -85.74 2.88 -40.70
C ASP S 162 -86.44 2.52 -41.99
N ILE S 163 -87.57 3.17 -42.29
CA ILE S 163 -88.21 2.99 -43.58
C ILE S 163 -87.34 3.56 -44.69
N LYS S 164 -86.75 4.74 -44.46
CA LYS S 164 -85.92 5.38 -45.47
C LYS S 164 -84.63 4.59 -45.72
N GLU S 165 -84.19 3.82 -44.73
CA GLU S 165 -82.93 3.10 -44.89
C GLU S 165 -83.06 1.95 -45.89
N LEU S 166 -83.94 0.99 -45.59
CA LEU S 166 -83.94 -0.26 -46.35
C LEU S 166 -84.70 -0.11 -47.66
N PHE S 167 -85.99 0.23 -47.59
CA PHE S 167 -86.91 0.06 -48.70
C PHE S 167 -86.50 0.94 -49.88
N SER S 168 -86.03 0.31 -50.95
CA SER S 168 -85.66 0.97 -52.18
C SER S 168 -85.95 0.02 -53.32
N TYR S 169 -87.03 0.27 -54.05
CA TYR S 169 -87.49 -0.62 -55.10
C TYR S 169 -87.16 -0.05 -56.47
N TYR S 170 -87.47 -0.83 -57.50
CA TYR S 170 -87.38 -0.38 -58.88
C TYR S 170 -88.77 -0.28 -59.49
N ALA S 171 -88.91 0.62 -60.46
CA ALA S 171 -90.17 0.84 -61.13
C ALA S 171 -89.91 1.09 -62.60
N LEU S 172 -90.96 0.97 -63.42
CA LEU S 172 -90.84 1.22 -64.85
C LEU S 172 -91.05 2.68 -65.21
N GLU S 173 -91.60 3.48 -64.28
CA GLU S 173 -92.01 4.86 -64.54
C GLU S 173 -92.99 4.94 -65.71
N GLN S 174 -93.80 3.89 -65.90
CA GLN S 174 -94.76 3.83 -66.98
C GLN S 174 -96.15 3.47 -66.45
N SER T 2 22.92 77.49 51.01
CA SER T 2 23.55 76.39 51.73
C SER T 2 24.82 76.85 52.43
N THR T 3 25.74 75.91 52.66
CA THR T 3 27.03 76.22 53.25
C THR T 3 28.07 76.28 52.14
N GLN T 4 28.15 77.45 51.51
CA GLN T 4 29.08 77.63 50.39
C GLN T 4 30.52 77.49 50.86
N ARG T 5 31.30 76.70 50.14
CA ARG T 5 32.64 76.35 50.55
C ARG T 5 33.65 76.73 49.49
N GLU T 6 34.76 77.33 49.93
CA GLU T 6 35.85 77.73 49.07
C GLU T 6 37.10 76.97 49.48
N TYR T 7 37.96 76.67 48.52
CA TYR T 7 39.02 75.69 48.70
C TYR T 7 40.39 76.31 48.50
N VAL T 8 41.34 75.89 49.33
CA VAL T 8 42.73 76.32 49.24
C VAL T 8 43.56 75.06 48.93
N PHE T 9 44.84 75.26 48.63
CA PHE T 9 45.74 74.16 48.33
C PHE T 9 47.18 74.60 48.61
N ILE T 10 48.10 73.65 48.53
CA ILE T 10 49.50 73.90 48.89
C ILE T 10 50.42 73.60 47.73
N PRO T 11 50.71 74.57 46.86
CA PRO T 11 51.69 74.34 45.80
C PRO T 11 53.12 74.69 46.20
N ILE T 12 54.04 74.61 45.25
CA ILE T 12 55.42 75.06 45.42
C ILE T 12 55.65 76.18 44.41
N THR T 13 54.60 76.93 44.11
CA THR T 13 54.59 77.98 43.11
C THR T 13 54.71 79.34 43.80
N ASN T 14 54.54 80.43 43.04
CA ASN T 14 54.39 81.76 43.60
C ASN T 14 52.94 82.25 43.59
N SER T 15 52.00 81.37 43.25
CA SER T 15 50.58 81.72 43.25
C SER T 15 49.87 80.93 44.33
N ILE T 16 50.45 80.91 45.53
CA ILE T 16 50.02 80.02 46.61
C ILE T 16 49.08 80.71 47.57
N THR T 17 49.55 81.78 48.21
CA THR T 17 49.12 82.19 49.54
C THR T 17 47.61 82.17 49.76
N ILE T 18 46.86 83.04 49.09
CA ILE T 18 45.42 83.11 49.32
C ILE T 18 44.63 83.06 48.01
N ASP T 19 44.93 83.97 47.08
CA ASP T 19 44.14 84.20 45.87
C ASP T 19 42.67 84.48 46.18
N VAL T 20 42.35 84.75 47.46
CA VAL T 20 40.99 84.95 47.92
C VAL T 20 41.02 86.07 48.95
N LYS T 21 39.90 86.75 49.12
CA LYS T 21 39.80 87.92 50.00
C LYS T 21 38.69 87.68 51.01
N ILE T 22 38.18 88.77 51.61
CA ILE T 22 37.56 88.82 52.94
C ILE T 22 36.74 87.58 53.29
N THR T 23 36.87 87.16 54.54
CA THR T 23 36.61 85.81 55.03
C THR T 23 35.12 85.49 55.19
N ILE T 24 34.86 84.42 55.94
CA ILE T 24 33.55 83.80 56.14
C ILE T 24 32.43 84.81 56.29
N GLY T 25 32.64 85.81 57.16
CA GLY T 25 31.57 86.66 57.61
C GLY T 25 30.69 86.02 58.67
N GLY T 26 30.87 84.73 58.95
CA GLY T 26 30.16 84.03 60.01
C GLY T 26 31.12 83.36 60.97
N SER T 27 30.72 82.23 61.54
CA SER T 27 31.53 81.55 62.55
C SER T 27 31.52 80.04 62.35
N ASP T 28 31.67 79.59 61.09
CA ASP T 28 31.58 78.17 60.79
C ASP T 28 32.58 77.78 59.72
N HIS T 29 33.09 76.55 59.82
CA HIS T 29 33.96 75.95 58.81
C HIS T 29 34.01 74.45 59.06
N ILE T 30 34.50 73.71 58.06
CA ILE T 30 34.55 72.26 58.13
C ILE T 30 35.97 71.73 58.27
N THR T 31 36.96 72.37 57.66
CA THR T 31 38.33 71.88 57.73
C THR T 31 38.89 72.13 59.13
N ASN T 32 38.41 71.36 60.10
CA ASN T 32 38.78 71.61 61.49
C ASN T 32 40.23 71.22 61.75
N ILE T 33 40.89 72.04 62.57
CA ILE T 33 42.25 71.75 63.02
C ILE T 33 42.19 71.70 64.55
N ASP T 34 41.07 71.21 65.07
CA ASP T 34 40.86 71.23 66.52
C ASP T 34 41.87 70.34 67.25
N GLU T 35 41.85 69.04 66.97
CA GLU T 35 42.66 68.08 67.70
C GLU T 35 43.63 67.37 66.77
N ARG T 36 44.90 67.37 67.15
CA ARG T 36 45.94 66.55 66.54
C ARG T 36 46.09 66.83 65.04
N GLY T 37 46.42 68.08 64.74
CA GLY T 37 46.86 68.44 63.41
C GLY T 37 45.74 68.80 62.45
N ILE T 38 46.13 68.84 61.17
CA ILE T 38 45.21 69.19 60.10
C ILE T 38 44.27 68.01 59.81
N HIS T 39 43.07 68.33 59.31
CA HIS T 39 42.05 67.32 59.05
C HIS T 39 41.21 67.76 57.86
N ASN T 40 40.45 66.80 57.32
CA ASN T 40 39.45 67.07 56.29
C ASN T 40 40.03 67.78 55.07
N VAL T 41 41.25 67.42 54.70
CA VAL T 41 41.88 68.00 53.52
C VAL T 41 41.23 67.36 52.29
N LEU T 42 40.27 68.06 51.68
CA LEU T 42 39.50 67.49 50.59
C LEU T 42 40.42 67.14 49.44
N VAL T 43 40.39 65.88 49.02
CA VAL T 43 41.29 65.41 47.98
C VAL T 43 40.55 65.46 46.66
N ILE T 44 41.29 65.81 45.61
CA ILE T 44 40.73 65.87 44.26
C ILE T 44 41.74 65.27 43.29
N THR T 45 41.26 64.36 42.46
CA THR T 45 42.08 63.56 41.57
C THR T 45 41.78 63.92 40.13
N GLY T 46 42.70 63.56 39.24
CA GLY T 46 42.55 63.93 37.85
C GLY T 46 42.70 65.40 37.60
N TYR T 47 43.44 66.10 38.46
CA TYR T 47 43.69 67.53 38.30
C TYR T 47 45.12 67.82 38.72
N ALA T 48 45.55 69.06 38.53
CA ALA T 48 46.95 69.42 38.74
C ALA T 48 47.01 70.77 39.46
N VAL T 49 48.18 71.39 39.42
CA VAL T 49 48.43 72.63 40.14
C VAL T 49 48.65 73.83 39.22
N ASP T 50 49.06 73.59 37.98
CA ASP T 50 49.28 74.58 36.92
C ASP T 50 50.55 75.40 37.11
N GLU T 51 51.10 75.44 38.34
CA GLU T 51 52.41 76.01 38.68
C GLU T 51 52.71 77.31 37.91
N LYS T 52 51.66 77.95 37.40
CA LYS T 52 51.78 79.11 36.50
C LYS T 52 50.43 79.82 36.57
N ASN T 53 50.37 80.91 37.33
CA ASN T 53 49.12 81.41 37.89
C ASN T 53 48.23 80.24 38.29
N GLY T 54 48.77 79.46 39.22
CA GLY T 54 48.42 78.06 39.39
C GLY T 54 47.11 77.71 40.06
N ARG T 55 46.00 77.87 39.34
CA ARG T 55 44.74 77.28 39.74
C ARG T 55 44.72 75.84 39.26
N LEU T 56 43.57 75.17 39.33
CA LEU T 56 43.51 73.75 39.00
C LEU T 56 43.60 73.54 37.49
N VAL T 57 44.00 72.33 37.10
CA VAL T 57 44.17 71.95 35.70
C VAL T 57 43.46 70.63 35.42
N PRO T 58 42.68 70.52 34.34
CA PRO T 58 42.04 69.24 34.01
C PRO T 58 43.06 68.30 33.38
N THR T 59 43.28 67.15 34.02
CA THR T 59 44.25 66.17 33.57
C THR T 59 43.61 64.79 33.63
N LEU T 60 43.52 64.13 32.48
CA LEU T 60 42.92 62.79 32.45
C LEU T 60 43.74 61.78 33.25
N ASP T 61 45.00 62.10 33.57
CA ASP T 61 45.84 61.24 34.38
C ASP T 61 45.13 60.87 35.69
N PRO T 62 44.90 59.59 35.96
CA PRO T 62 44.35 59.22 37.27
C PRO T 62 45.36 59.28 38.40
N CYS T 63 46.65 59.36 38.10
CA CYS T 63 47.69 59.39 39.12
C CYS T 63 47.98 60.82 39.57
N ASP T 64 46.95 61.54 39.97
CA ASP T 64 47.08 62.89 40.49
C ASP T 64 46.43 62.97 41.86
N TYR T 65 47.11 63.61 42.81
CA TYR T 65 46.64 63.73 44.19
C TYR T 65 46.70 65.21 44.56
N VAL T 66 45.66 65.95 44.22
CA VAL T 66 45.55 67.36 44.56
C VAL T 66 44.65 67.49 45.78
N LYS T 67 45.05 68.36 46.70
CA LYS T 67 44.40 68.39 48.00
C LYS T 67 44.78 69.67 48.72
N GLY T 68 43.87 70.16 49.56
CA GLY T 68 44.12 71.38 50.28
C GLY T 68 43.07 71.63 51.34
N ILE T 69 43.02 72.87 51.79
CA ILE T 69 42.14 73.26 52.89
C ILE T 69 40.86 73.85 52.30
N LEU T 70 39.71 73.39 52.80
CA LEU T 70 38.42 73.91 52.36
C LEU T 70 37.90 74.88 53.41
N VAL T 71 37.47 76.05 52.97
CA VAL T 71 36.93 77.08 53.84
C VAL T 71 35.56 77.46 53.31
N ALA T 72 34.84 78.29 54.07
CA ALA T 72 33.53 78.74 53.64
C ALA T 72 33.61 80.14 53.03
N GLY T 73 32.47 80.66 52.58
CA GLY T 73 32.42 81.97 51.97
C GLY T 73 32.37 81.95 50.46
N THR T 74 32.91 82.98 49.82
CA THR T 74 32.93 83.10 48.36
C THR T 74 34.29 83.63 47.92
N PRO T 75 34.84 83.10 46.83
CA PRO T 75 36.20 83.49 46.42
C PRO T 75 36.29 84.86 45.77
N GLN T 76 36.39 85.90 46.59
CA GLN T 76 36.55 87.30 46.23
C GLN T 76 35.27 87.93 45.69
N GLN T 77 34.21 87.14 45.44
CA GLN T 77 32.88 87.66 45.11
C GLN T 77 32.87 88.44 43.79
N ALA T 78 34.03 88.56 43.15
CA ALA T 78 34.13 89.33 41.92
C ALA T 78 34.77 88.56 40.76
N GLN T 79 35.34 87.38 41.02
CA GLN T 79 35.94 86.57 39.96
C GLN T 79 34.94 85.47 39.59
N SER T 80 34.18 85.72 38.52
CA SER T 80 33.24 84.75 37.97
C SER T 80 33.73 84.20 36.64
N ASN T 81 35.04 83.99 36.53
CA ASN T 81 35.66 83.56 35.28
C ASN T 81 36.28 82.17 35.35
N ASP T 82 37.14 81.92 36.32
CA ASP T 82 38.03 80.76 36.31
C ASP T 82 37.89 79.94 37.59
N PHE T 83 36.65 79.62 37.94
CA PHE T 83 36.39 78.68 39.03
C PHE T 83 35.49 77.56 38.51
N LEU T 84 35.01 76.69 39.40
CA LEU T 84 34.24 75.53 38.96
C LEU T 84 32.75 75.65 39.21
N THR T 85 32.33 76.34 40.29
CA THR T 85 30.92 76.62 40.56
C THR T 85 30.09 75.33 40.62
N LEU T 86 30.37 74.51 41.63
CA LEU T 86 29.70 73.21 41.78
C LEU T 86 28.96 73.14 43.11
N LYS T 87 28.44 71.96 43.40
CA LYS T 87 27.67 71.67 44.61
C LYS T 87 27.64 70.16 44.80
N LEU T 88 27.76 69.70 46.04
CA LEU T 88 27.68 68.27 46.34
C LEU T 88 27.06 68.09 47.72
N PRO T 89 26.44 66.92 47.98
CA PRO T 89 25.70 66.71 49.22
C PRO T 89 26.52 66.29 50.43
N ALA T 90 27.84 66.52 50.40
CA ALA T 90 28.70 66.42 51.58
C ALA T 90 28.93 64.98 52.04
N ASN T 91 28.23 64.03 51.43
CA ASN T 91 28.56 62.62 51.55
C ASN T 91 28.96 62.02 50.21
N LYS T 92 28.63 62.69 49.10
CA LYS T 92 29.11 62.35 47.77
C LYS T 92 30.55 62.81 47.55
N LEU T 93 31.14 63.46 48.54
CA LEU T 93 32.50 63.97 48.41
C LEU T 93 33.52 62.85 48.53
N TYR T 94 34.78 63.25 48.55
CA TYR T 94 35.90 62.34 48.77
C TYR T 94 36.92 63.09 49.61
N LEU T 95 36.95 62.81 50.91
CA LEU T 95 37.73 63.55 51.88
C LEU T 95 39.04 62.84 52.19
N ILE T 96 39.75 63.36 53.20
CA ILE T 96 40.88 62.66 53.80
C ILE T 96 40.87 62.99 55.28
N ARG T 97 41.32 62.04 56.09
CA ARG T 97 41.36 62.16 57.55
C ARG T 97 40.07 62.80 58.06
N LYS T 98 38.96 62.11 57.77
CA LYS T 98 37.63 62.68 57.94
C LYS T 98 37.37 63.06 59.40
N LYS T 99 36.31 63.85 59.58
CA LYS T 99 35.89 64.31 60.90
C LYS T 99 34.37 64.26 60.93
N GLY T 100 33.76 64.97 61.89
CA GLY T 100 32.34 64.95 62.13
C GLY T 100 31.45 64.96 60.89
N ASN T 101 30.37 64.18 60.92
CA ASN T 101 29.51 64.00 59.76
C ASN T 101 28.39 65.03 59.73
N ILE T 102 28.12 65.55 58.54
CA ILE T 102 27.04 66.49 58.29
C ILE T 102 26.37 66.11 56.98
N SER T 103 25.04 65.98 56.99
CA SER T 103 24.29 65.57 55.81
C SER T 103 23.76 66.76 55.01
N ASP T 104 24.46 67.89 55.06
CA ASP T 104 24.07 69.07 54.31
C ASP T 104 24.52 68.94 52.86
N ASP T 105 24.42 70.05 52.12
CA ASP T 105 24.98 70.15 50.79
C ASP T 105 26.12 71.16 50.81
N LEU T 106 27.10 70.95 49.93
CA LEU T 106 28.33 71.74 49.94
C LEU T 106 28.50 72.43 48.59
N LYS T 107 28.43 73.76 48.60
CA LYS T 107 28.71 74.57 47.41
C LYS T 107 30.21 74.79 47.36
N ILE T 108 30.92 73.93 46.65
CA ILE T 108 32.37 73.94 46.65
C ILE T 108 32.89 74.98 45.66
N TYR T 109 33.91 75.72 46.07
CA TYR T 109 34.55 76.75 45.23
C TYR T 109 36.06 76.52 45.23
N ILE T 110 36.50 75.68 44.31
CA ILE T 110 37.92 75.42 44.06
C ILE T 110 38.36 76.29 42.89
N PRO T 111 39.51 76.95 42.97
CA PRO T 111 39.99 77.75 41.81
C PRO T 111 40.50 76.84 40.71
N TYR T 112 39.94 77.03 39.51
CA TYR T 112 40.24 76.12 38.39
C TYR T 112 40.10 76.91 37.09
N SER T 113 41.22 77.16 36.42
CA SER T 113 41.20 77.98 35.22
C SER T 113 40.83 77.14 34.00
N SER T 114 40.56 77.84 32.89
CA SER T 114 40.23 77.23 31.60
C SER T 114 41.38 77.48 30.64
N PRO T 115 42.37 76.58 30.57
CA PRO T 115 43.52 76.83 29.70
C PRO T 115 43.21 76.70 28.21
N ASP T 116 42.49 75.66 27.82
CA ASP T 116 42.36 75.26 26.42
C ASP T 116 43.75 75.09 25.80
N ALA T 117 44.50 74.14 26.37
CA ALA T 117 45.93 74.07 26.14
C ALA T 117 46.28 73.81 24.69
N ARG T 118 47.28 74.54 24.19
CA ARG T 118 47.89 74.24 22.90
C ARG T 118 49.11 73.35 23.05
N ASN T 119 49.76 73.37 24.21
CA ASN T 119 50.85 72.47 24.53
C ASN T 119 50.35 71.38 25.47
N SER T 120 50.88 70.17 25.32
CA SER T 120 50.41 69.05 26.11
C SER T 120 50.77 69.22 27.58
N MET T 121 49.80 68.91 28.44
CA MET T 121 50.03 69.00 29.87
C MET T 121 51.02 67.92 30.32
N LYS T 122 52.17 68.35 30.82
CA LYS T 122 53.16 67.45 31.37
C LYS T 122 52.98 67.33 32.87
N THR T 123 53.47 66.23 33.44
CA THR T 123 53.27 65.89 34.84
C THR T 123 54.61 65.82 35.56
N LYS T 124 54.66 66.36 36.77
CA LYS T 124 55.89 66.36 37.55
C LYS T 124 55.61 66.03 39.02
N PRO T 125 56.34 65.07 39.61
CA PRO T 125 56.13 64.76 41.03
C PRO T 125 56.81 65.80 41.92
N VAL T 126 56.05 66.30 42.90
CA VAL T 126 56.55 67.32 43.82
C VAL T 126 56.05 67.02 45.23
N SER T 127 56.94 66.60 46.11
CA SER T 127 56.64 66.43 47.51
C SER T 127 57.08 67.69 48.26
N ILE T 128 57.06 67.62 49.58
CA ILE T 128 57.35 68.79 50.41
C ILE T 128 58.86 69.01 50.47
N SER T 129 59.28 70.20 50.07
CA SER T 129 60.68 70.60 50.10
C SER T 129 60.81 71.94 50.80
N ASP T 130 62.03 72.25 51.24
CA ASP T 130 62.35 73.55 51.83
C ASP T 130 61.41 73.86 53.00
N ASP T 131 61.58 73.11 54.08
CA ASP T 131 60.73 73.17 55.26
C ASP T 131 60.45 74.60 55.71
N THR T 132 61.34 75.54 55.36
CA THR T 132 61.08 76.95 55.63
C THR T 132 60.03 77.53 54.70
N ILE T 133 59.82 76.93 53.53
CA ILE T 133 58.90 77.51 52.55
C ILE T 133 57.48 77.51 53.09
N VAL T 134 57.15 76.55 53.96
CA VAL T 134 55.78 76.45 54.45
C VAL T 134 55.54 77.44 55.60
N ASN T 135 56.60 77.89 56.27
CA ASN T 135 56.46 78.92 57.30
C ASN T 135 55.74 80.15 56.78
N ASN T 136 55.84 80.42 55.48
CA ASN T 136 55.00 81.44 54.87
C ASN T 136 53.54 81.00 54.87
N ILE T 137 53.29 79.79 54.37
CA ILE T 137 51.92 79.34 54.11
C ILE T 137 51.19 78.83 55.35
N ILE T 138 51.91 78.41 56.39
CA ILE T 138 51.22 78.03 57.62
C ILE T 138 50.57 79.25 58.26
N LYS T 139 51.16 80.43 58.08
CA LYS T 139 50.50 81.69 58.40
C LYS T 139 49.57 82.15 57.29
N GLU T 140 49.46 81.40 56.20
CA GLU T 140 48.54 81.72 55.11
C GLU T 140 47.41 80.70 54.99
N VAL T 141 47.27 79.80 55.95
CA VAL T 141 46.23 78.79 55.91
C VAL T 141 45.34 78.86 57.15
N PHE T 142 45.93 78.58 58.32
CA PHE T 142 45.19 78.65 59.57
C PHE T 142 45.56 79.87 60.40
N ASP T 143 46.57 80.64 59.97
CA ASP T 143 46.82 81.95 60.55
C ASP T 143 46.54 83.08 59.55
N LYS T 144 45.77 82.79 58.51
CA LYS T 144 45.22 83.80 57.62
C LYS T 144 43.74 84.01 57.84
N ILE T 145 42.96 82.94 57.96
CA ILE T 145 41.52 83.02 58.13
C ILE T 145 41.08 82.40 59.46
N TYR T 146 41.72 81.32 59.89
CA TYR T 146 41.44 80.76 61.21
C TYR T 146 42.16 81.55 62.30
N ASN T 147 43.37 82.03 62.00
CA ASN T 147 44.18 82.98 62.79
C ASN T 147 44.08 82.80 64.30
N ILE T 148 44.19 81.55 64.76
CA ILE T 148 44.40 81.29 66.19
C ILE T 148 45.84 80.93 66.51
N THR T 149 46.67 80.69 65.49
CA THR T 149 48.03 80.22 65.64
C THR T 149 48.95 81.39 66.01
N GLN T 150 50.17 81.04 66.44
CA GLN T 150 51.25 81.96 66.74
C GLN T 150 51.00 82.80 67.99
N LYS T 151 50.10 82.38 68.88
CA LYS T 151 49.89 83.09 70.13
C LYS T 151 50.26 82.25 71.35
N GLU T 152 49.62 81.10 71.57
CA GLU T 152 49.99 80.24 72.69
C GLU T 152 49.81 78.76 72.33
N LYS T 153 49.96 78.41 71.06
CA LYS T 153 49.75 77.02 70.67
C LYS T 153 51.07 76.24 70.78
N VAL T 154 50.94 74.92 70.89
CA VAL T 154 52.10 74.05 71.01
C VAL T 154 52.24 73.09 69.83
N LYS T 155 51.19 72.83 69.06
CA LYS T 155 51.27 71.88 67.96
C LYS T 155 52.14 72.36 66.80
N ILE T 156 52.85 73.49 66.91
CA ILE T 156 53.69 73.99 65.83
C ILE T 156 54.79 72.97 65.54
N GLU T 157 54.97 72.03 66.47
CA GLU T 157 55.80 70.85 66.21
C GLU T 157 55.03 69.73 65.53
N LYS T 158 53.74 69.57 65.84
CA LYS T 158 52.90 68.67 65.06
C LYS T 158 52.48 69.30 63.74
N VAL T 159 52.42 70.63 63.70
CA VAL T 159 52.17 71.34 62.45
C VAL T 159 53.33 71.12 61.48
N LYS T 160 54.53 70.87 61.99
CA LYS T 160 55.63 70.43 61.15
C LYS T 160 55.26 69.09 60.51
N GLU T 161 55.04 68.05 61.34
CA GLU T 161 54.68 66.76 60.79
C GLU T 161 53.35 66.78 60.04
N ASP T 162 52.57 67.83 60.19
CA ASP T 162 51.40 68.02 59.32
C ASP T 162 51.83 68.07 57.86
N ILE T 163 53.01 68.64 57.58
CA ILE T 163 53.48 68.70 56.20
C ILE T 163 54.83 67.99 56.01
N LYS T 164 55.47 67.53 57.09
CA LYS T 164 56.69 66.76 56.97
C LYS T 164 56.52 65.57 56.04
N GLU T 165 55.34 64.95 56.02
CA GLU T 165 55.14 63.73 55.26
C GLU T 165 53.90 63.75 54.38
N LEU T 166 52.86 64.49 54.79
CA LEU T 166 51.53 64.30 54.22
C LEU T 166 51.47 64.75 52.77
N PHE T 167 51.67 66.05 52.52
CA PHE T 167 51.35 66.63 51.23
C PHE T 167 52.33 66.14 50.15
N SER T 168 51.83 65.34 49.21
CA SER T 168 52.60 64.87 48.07
C SER T 168 51.72 64.98 46.82
N TYR T 169 51.73 66.14 46.18
CA TYR T 169 50.94 66.38 44.99
C TYR T 169 51.84 66.36 43.75
N TYR T 170 51.26 66.67 42.59
CA TYR T 170 51.98 66.63 41.34
C TYR T 170 51.97 68.00 40.68
N ALA T 171 52.95 68.21 39.80
CA ALA T 171 53.17 69.50 39.15
C ALA T 171 53.17 69.35 37.63
N LEU T 172 53.59 70.38 36.91
CA LEU T 172 53.61 70.36 35.45
C LEU T 172 54.99 70.23 34.84
N GLU T 173 55.99 70.88 35.43
CA GLU T 173 57.27 71.11 34.77
C GLU T 173 57.05 71.84 33.44
N GLN T 174 56.51 73.04 33.55
CA GLN T 174 56.25 73.88 32.39
C GLN T 174 57.18 75.10 32.40
N SER U 2 0.86 40.29 75.70
CA SER U 2 -0.27 39.51 75.22
C SER U 2 -0.64 39.91 73.80
N THR U 3 0.29 39.73 72.87
CA THR U 3 0.04 40.01 71.46
C THR U 3 -0.49 38.73 70.82
N GLN U 4 -1.71 38.80 70.27
CA GLN U 4 -2.40 37.63 69.74
C GLN U 4 -1.71 37.22 68.45
N ARG U 5 -0.61 36.49 68.61
CA ARG U 5 0.31 36.22 67.53
C ARG U 5 -0.11 35.00 66.72
N GLU U 6 0.47 34.87 65.53
CA GLU U 6 0.26 33.75 64.64
C GLU U 6 1.58 33.42 63.97
N TYR U 7 1.63 32.24 63.34
CA TYR U 7 2.87 31.72 62.74
C TYR U 7 2.51 31.06 61.41
N VAL U 8 2.61 31.82 60.33
CA VAL U 8 2.43 31.28 58.99
C VAL U 8 3.82 30.88 58.49
N PHE U 9 4.06 29.58 58.40
CA PHE U 9 5.37 29.08 58.01
C PHE U 9 5.51 29.05 56.49
N ILE U 10 6.74 28.84 56.04
CA ILE U 10 7.10 29.06 54.63
C ILE U 10 7.63 27.78 53.99
N PRO U 11 6.79 26.79 53.71
CA PRO U 11 7.20 25.66 52.87
C PRO U 11 6.81 25.89 51.41
N ILE U 12 7.23 24.95 50.56
CA ILE U 12 6.87 25.00 49.15
C ILE U 12 5.43 24.58 48.89
N THR U 13 4.75 24.06 49.91
CA THR U 13 3.43 23.48 49.72
C THR U 13 2.43 24.51 49.22
N ASN U 14 1.47 24.05 48.42
CA ASN U 14 0.30 24.86 48.07
C ASN U 14 -0.83 24.59 49.07
N SER U 15 -0.48 24.66 50.36
CA SER U 15 -1.43 24.40 51.43
C SER U 15 -1.32 25.45 52.53
N ILE U 16 -0.55 26.51 52.34
CA ILE U 16 -0.38 27.57 53.33
C ILE U 16 -1.11 28.80 52.83
N THR U 17 -2.18 28.58 52.06
CA THR U 17 -2.89 29.68 51.41
C THR U 17 -3.36 30.71 52.43
N ILE U 18 -4.24 30.31 53.34
CA ILE U 18 -4.69 31.25 54.36
C ILE U 18 -4.41 30.71 55.76
N ASP U 19 -5.14 29.66 56.18
CA ASP U 19 -4.99 29.01 57.47
C ASP U 19 -5.21 30.01 58.62
N VAL U 20 -5.50 31.26 58.28
CA VAL U 20 -5.64 32.35 59.25
C VAL U 20 -6.72 33.30 58.76
N LYS U 21 -6.97 34.34 59.54
CA LYS U 21 -8.05 35.28 59.27
C LYS U 21 -7.62 36.65 59.79
N ILE U 22 -8.61 37.51 60.09
CA ILE U 22 -8.45 38.95 60.26
C ILE U 22 -7.35 39.32 61.26
N THR U 23 -6.91 40.58 61.18
CA THR U 23 -5.61 41.07 61.63
C THR U 23 -5.35 40.96 63.14
N ILE U 24 -4.14 41.37 63.54
CA ILE U 24 -3.58 41.22 64.88
C ILE U 24 -4.55 41.70 65.96
N GLY U 25 -5.23 42.80 65.67
CA GLY U 25 -5.70 43.70 66.71
C GLY U 25 -4.83 44.92 66.84
N GLY U 26 -3.98 45.18 65.85
CA GLY U 26 -3.07 46.31 65.91
C GLY U 26 -2.15 46.26 64.71
N SER U 27 -1.02 46.96 64.81
CA SER U 27 -0.05 46.93 63.72
C SER U 27 1.39 46.84 64.25
N ASP U 28 1.57 46.21 65.41
CA ASP U 28 2.92 45.95 65.94
C ASP U 28 3.32 44.56 65.46
N HIS U 29 3.73 44.49 64.20
CA HIS U 29 4.01 43.24 63.52
C HIS U 29 5.46 42.84 63.68
N ILE U 30 5.86 41.80 62.95
CA ILE U 30 7.24 41.32 62.95
C ILE U 30 7.83 41.27 61.55
N THR U 31 7.06 41.57 60.51
CA THR U 31 7.58 41.67 59.15
C THR U 31 8.40 42.95 59.06
N ASN U 32 9.63 42.88 59.56
CA ASN U 32 10.52 44.04 59.65
C ASN U 32 11.35 44.18 58.37
N ILE U 33 10.64 44.24 57.25
CA ILE U 33 11.26 44.27 55.93
C ILE U 33 11.61 45.69 55.54
N ASP U 34 11.52 46.61 56.50
CA ASP U 34 11.80 48.02 56.21
C ASP U 34 13.26 48.24 55.81
N GLU U 35 14.19 47.58 56.49
CA GLU U 35 15.61 47.90 56.28
C GLU U 35 16.18 47.17 55.07
N ARG U 36 16.27 45.83 55.14
CA ARG U 36 17.01 45.07 54.14
C ARG U 36 16.29 43.76 53.78
N GLY U 37 14.98 43.71 53.91
CA GLY U 37 14.25 42.49 53.65
C GLY U 37 13.75 41.81 54.91
N ILE U 38 13.43 40.53 54.78
CA ILE U 38 12.78 39.80 55.86
C ILE U 38 13.68 39.78 57.09
N HIS U 39 13.18 40.31 58.19
CA HIS U 39 13.87 40.35 59.47
C HIS U 39 13.07 39.62 60.53
N ASN U 40 13.75 39.24 61.61
CA ASN U 40 13.15 38.64 62.80
C ASN U 40 12.40 37.36 62.44
N VAL U 41 13.19 36.37 61.99
CA VAL U 41 12.65 35.06 61.62
C VAL U 41 12.32 34.26 62.89
N LEU U 42 11.44 33.28 62.72
CA LEU U 42 11.08 32.35 63.77
C LEU U 42 11.27 30.92 63.28
N VAL U 43 11.95 30.10 64.08
CA VAL U 43 12.22 28.69 63.75
C VAL U 43 11.82 27.83 64.94
N ILE U 44 10.78 27.02 64.76
CA ILE U 44 10.45 26.02 65.77
C ILE U 44 11.48 24.90 65.72
N THR U 45 11.89 24.42 66.89
CA THR U 45 12.82 23.31 67.02
C THR U 45 12.04 22.03 67.33
N GLY U 46 12.28 20.99 66.54
CA GLY U 46 11.71 19.69 66.81
C GLY U 46 10.35 19.43 66.22
N TYR U 47 10.05 19.96 65.04
CA TYR U 47 8.75 19.79 64.41
C TYR U 47 8.93 19.36 62.96
N ALA U 48 7.89 18.72 62.43
CA ALA U 48 7.81 18.38 61.02
C ALA U 48 6.97 19.42 60.31
N VAL U 49 6.72 19.18 59.02
CA VAL U 49 5.92 20.08 58.21
C VAL U 49 4.83 19.28 57.52
N ASP U 50 5.00 17.96 57.48
CA ASP U 50 4.00 16.96 57.10
C ASP U 50 3.72 16.94 55.59
N GLU U 51 4.35 17.81 54.79
CA GLU U 51 4.38 17.76 53.32
C GLU U 51 2.98 17.81 52.70
N LYS U 52 1.96 17.96 53.54
CA LYS U 52 0.55 17.83 53.22
C LYS U 52 -0.19 18.13 54.50
N ASN U 53 -1.47 18.51 54.39
CA ASN U 53 -2.26 18.92 55.55
C ASN U 53 -1.51 20.02 56.30
N GLY U 54 -1.49 21.20 55.67
CA GLY U 54 -0.45 22.17 55.92
C GLY U 54 -0.44 22.77 57.32
N ARG U 55 -0.30 21.89 58.30
CA ARG U 55 -0.03 22.24 59.70
C ARG U 55 1.30 21.60 60.10
N LEU U 56 1.63 21.68 61.38
CA LEU U 56 2.90 21.17 61.88
C LEU U 56 2.69 20.00 62.83
N VAL U 57 3.65 19.07 62.81
CA VAL U 57 3.63 17.88 63.65
C VAL U 57 4.93 17.85 64.45
N PRO U 58 4.88 17.63 65.76
CA PRO U 58 6.12 17.53 66.54
C PRO U 58 6.73 16.15 66.47
N THR U 59 8.06 16.11 66.37
CA THR U 59 8.85 14.89 66.52
C THR U 59 9.98 15.19 67.50
N LEU U 60 10.25 14.24 68.40
CA LEU U 60 10.92 14.56 69.66
C LEU U 60 12.43 14.59 69.55
N ASP U 61 13.00 14.79 68.37
CA ASP U 61 14.44 15.03 68.37
C ASP U 61 14.73 16.51 68.18
N PRO U 62 15.61 17.09 68.98
CA PRO U 62 15.99 18.50 68.85
C PRO U 62 16.92 18.73 67.65
N CYS U 63 16.51 18.22 66.49
CA CYS U 63 17.31 18.28 65.28
C CYS U 63 16.60 18.97 64.13
N ASP U 64 15.30 19.25 64.26
CA ASP U 64 14.48 19.74 63.16
C ASP U 64 14.33 21.25 63.22
N TYR U 65 14.12 21.84 62.06
CA TYR U 65 13.88 23.28 61.92
C TYR U 65 12.62 23.49 61.09
N VAL U 66 11.67 24.23 61.65
CA VAL U 66 10.49 24.67 60.92
C VAL U 66 10.45 26.18 61.02
N LYS U 67 10.62 26.85 59.88
CA LYS U 67 10.85 28.29 59.86
C LYS U 67 9.68 29.01 59.21
N GLY U 68 9.55 30.28 59.55
CA GLY U 68 8.45 31.10 59.10
C GLY U 68 8.32 32.33 59.96
N ILE U 69 7.65 33.34 59.41
CA ILE U 69 7.55 34.65 60.06
C ILE U 69 6.32 34.68 60.96
N LEU U 70 6.49 35.28 62.13
CA LEU U 70 5.40 35.50 63.07
C LEU U 70 4.63 36.75 62.64
N VAL U 71 3.67 36.54 61.75
CA VAL U 71 2.67 37.56 61.44
C VAL U 71 1.39 37.17 62.17
N ALA U 72 0.96 38.03 63.08
CA ALA U 72 -0.21 37.74 63.89
C ALA U 72 -1.48 37.87 63.06
N GLY U 73 -2.62 37.70 63.71
CA GLY U 73 -3.90 37.74 63.04
C GLY U 73 -4.97 37.02 63.84
N THR U 74 -5.69 36.10 63.19
CA THR U 74 -6.74 35.37 63.87
C THR U 74 -6.72 33.94 63.34
N PRO U 75 -6.74 32.93 64.21
CA PRO U 75 -6.72 31.54 63.75
C PRO U 75 -8.03 31.09 63.12
N GLN U 76 -8.37 31.62 61.95
CA GLN U 76 -9.60 31.32 61.23
C GLN U 76 -10.85 31.64 62.04
N GLN U 77 -10.69 32.42 63.11
CA GLN U 77 -11.76 32.81 64.04
C GLN U 77 -12.45 31.63 64.69
N ALA U 78 -11.91 30.42 64.58
CA ALA U 78 -12.65 29.25 65.02
C ALA U 78 -11.88 28.34 65.96
N GLN U 79 -10.57 28.13 65.71
CA GLN U 79 -9.85 27.07 66.37
C GLN U 79 -9.36 27.50 67.75
N SER U 80 -9.40 26.55 68.68
CA SER U 80 -8.76 26.68 69.99
C SER U 80 -7.82 25.52 70.29
N ASN U 81 -8.17 24.31 69.88
CA ASN U 81 -7.34 23.14 70.15
C ASN U 81 -6.25 22.94 69.10
N ASP U 82 -6.40 23.53 67.92
CA ASP U 82 -5.45 23.44 66.82
C ASP U 82 -4.15 24.20 67.09
N PHE U 83 -3.99 24.71 68.31
CA PHE U 83 -2.85 25.55 68.66
C PHE U 83 -2.49 25.28 70.12
N LEU U 84 -1.27 25.67 70.48
CA LEU U 84 -0.73 25.30 71.79
C LEU U 84 -1.23 26.19 72.90
N THR U 85 -1.79 27.36 72.58
CA THR U 85 -2.43 28.26 73.56
C THR U 85 -1.46 28.62 74.69
N LEU U 86 -0.24 28.98 74.31
CA LEU U 86 0.82 29.26 75.28
C LEU U 86 1.03 30.77 75.40
N LYS U 87 1.89 31.14 76.37
CA LYS U 87 2.13 32.56 76.68
C LYS U 87 3.64 32.78 76.83
N LEU U 88 4.27 33.27 75.77
CA LEU U 88 5.71 33.45 75.80
C LEU U 88 6.09 34.84 76.27
N PRO U 89 7.19 34.95 77.04
CA PRO U 89 7.68 36.27 77.47
C PRO U 89 8.66 36.88 76.48
N ALA U 90 8.68 36.37 75.25
CA ALA U 90 9.48 36.86 74.12
C ALA U 90 10.97 36.54 74.25
N ASN U 91 11.41 35.91 75.32
CA ASN U 91 12.83 35.61 75.52
C ASN U 91 13.11 34.11 75.57
N LYS U 92 12.22 33.29 75.03
CA LYS U 92 12.35 31.84 75.07
C LYS U 92 12.07 31.23 73.70
N LEU U 93 12.62 31.82 72.64
CA LEU U 93 12.41 31.32 71.29
C LEU U 93 13.75 31.10 70.60
N TYR U 94 13.65 30.48 69.42
CA TYR U 94 14.76 30.33 68.49
C TYR U 94 14.52 31.33 67.37
N LEU U 95 15.22 32.46 67.41
CA LEU U 95 14.97 33.54 66.47
C LEU U 95 16.20 33.80 65.60
N ILE U 96 15.98 34.50 64.50
CA ILE U 96 17.02 34.84 63.54
C ILE U 96 16.80 36.27 63.09
N ARG U 97 17.89 37.04 62.93
CA ARG U 97 17.82 38.42 62.49
C ARG U 97 17.01 39.27 63.48
N LYS U 98 17.39 39.18 64.74
CA LYS U 98 16.68 39.89 65.79
C LYS U 98 17.13 41.35 65.86
N LYS U 99 16.18 42.23 66.14
CA LYS U 99 16.44 43.65 66.31
C LYS U 99 16.53 43.95 67.80
N GLY U 100 16.51 45.25 68.15
CA GLY U 100 16.47 45.68 69.54
C GLY U 100 15.51 44.86 70.37
N ASN U 101 15.95 44.44 71.55
CA ASN U 101 15.21 43.45 72.32
C ASN U 101 13.80 43.95 72.66
N ILE U 102 12.83 43.07 72.45
CA ILE U 102 11.43 43.34 72.76
C ILE U 102 11.07 42.50 73.99
N SER U 103 10.96 43.17 75.15
CA SER U 103 10.78 42.50 76.43
C SER U 103 9.32 42.36 76.83
N ASP U 104 8.41 42.27 75.88
CA ASP U 104 6.99 42.11 76.19
C ASP U 104 6.65 40.61 76.30
N ASP U 105 5.36 40.30 76.42
CA ASP U 105 4.88 38.93 76.44
C ASP U 105 3.81 38.77 75.37
N LEU U 106 3.51 37.52 75.02
CA LEU U 106 2.82 37.22 73.77
C LEU U 106 1.62 36.30 74.01
N LYS U 107 0.87 36.10 72.92
CA LYS U 107 -0.12 35.04 72.77
C LYS U 107 0.41 34.06 71.72
N ILE U 108 0.10 32.78 71.88
CA ILE U 108 0.68 31.73 71.05
C ILE U 108 -0.44 30.94 70.37
N TYR U 109 -0.50 31.03 69.04
CA TYR U 109 -1.26 30.11 68.19
C TYR U 109 -0.32 29.60 67.11
N ILE U 110 0.05 28.33 67.19
CA ILE U 110 0.97 27.72 66.24
C ILE U 110 0.22 26.63 65.45
N PRO U 111 0.17 26.72 64.12
CA PRO U 111 -0.56 25.71 63.33
C PRO U 111 -0.11 24.30 63.63
N TYR U 112 -1.01 23.52 64.23
CA TYR U 112 -0.69 22.21 64.78
C TYR U 112 -1.49 21.14 64.05
N SER U 113 -0.80 20.11 63.56
CA SER U 113 -1.44 18.89 63.13
C SER U 113 -1.20 17.81 64.18
N SER U 114 -2.16 16.90 64.30
CA SER U 114 -2.01 15.83 65.28
C SER U 114 -0.79 14.99 64.95
N PRO U 115 -0.13 14.42 65.96
CA PRO U 115 0.98 13.50 65.67
C PRO U 115 0.53 12.29 64.85
N ASP U 116 -0.60 11.69 65.23
CA ASP U 116 -1.36 10.72 64.43
C ASP U 116 -0.45 9.81 63.61
N ALA U 117 0.43 9.09 64.31
CA ALA U 117 1.33 8.20 63.60
C ALA U 117 0.59 6.93 63.18
N ARG U 118 -0.50 7.09 62.45
CA ARG U 118 -1.04 5.98 61.67
C ARG U 118 0.02 5.42 60.74
N ASN U 119 0.87 6.29 60.20
CA ASN U 119 2.07 5.95 59.47
C ASN U 119 3.28 6.08 60.38
N SER U 120 4.47 5.93 59.82
CA SER U 120 5.70 6.20 60.53
C SER U 120 6.15 7.62 60.25
N MET U 121 6.74 8.27 61.25
CA MET U 121 7.17 9.65 61.12
C MET U 121 8.63 9.69 60.64
N LYS U 122 8.87 10.43 59.57
CA LYS U 122 10.23 10.65 59.09
C LYS U 122 10.46 12.12 58.83
N THR U 123 11.74 12.49 58.76
CA THR U 123 12.17 13.85 58.51
C THR U 123 12.82 13.93 57.13
N LYS U 124 12.37 14.88 56.33
CA LYS U 124 12.85 15.02 54.95
C LYS U 124 13.38 16.43 54.74
N PRO U 125 14.69 16.60 54.55
CA PRO U 125 15.22 17.95 54.31
C PRO U 125 14.73 18.52 52.99
N VAL U 126 14.44 19.82 52.99
CA VAL U 126 13.84 20.48 51.84
C VAL U 126 13.95 21.98 52.03
N SER U 127 14.05 22.70 50.91
CA SER U 127 14.13 24.15 50.92
C SER U 127 13.39 24.68 49.70
N ILE U 128 13.65 25.95 49.36
CA ILE U 128 12.92 26.63 48.30
C ILE U 128 13.89 27.04 47.20
N SER U 129 13.48 26.81 45.96
CA SER U 129 14.20 27.15 44.74
C SER U 129 13.16 27.42 43.66
N ASP U 130 13.56 27.35 42.39
CA ASP U 130 12.59 27.21 41.30
C ASP U 130 11.61 28.38 41.19
N ASP U 131 12.06 29.48 40.59
CA ASP U 131 11.40 30.79 40.63
C ASP U 131 9.88 30.74 40.76
N THR U 132 9.20 29.85 40.03
CA THR U 132 7.76 29.71 40.24
C THR U 132 7.43 29.25 41.66
N ILE U 133 8.33 28.48 42.29
CA ILE U 133 8.10 27.98 43.64
C ILE U 133 8.30 29.09 44.67
N VAL U 134 8.97 30.19 44.30
CA VAL U 134 8.91 31.39 45.12
C VAL U 134 7.87 32.37 44.59
N ASN U 135 7.44 32.22 43.33
CA ASN U 135 6.43 33.10 42.77
C ASN U 135 5.06 32.84 43.39
N ASN U 136 4.83 31.60 43.84
CA ASN U 136 3.49 31.23 44.31
C ASN U 136 3.19 31.86 45.66
N ILE U 137 3.98 31.53 46.68
CA ILE U 137 3.54 31.71 48.06
C ILE U 137 3.73 33.15 48.54
N ILE U 138 4.83 33.81 48.15
CA ILE U 138 5.04 35.17 48.64
C ILE U 138 4.00 36.12 48.08
N LYS U 139 3.38 35.77 46.96
CA LYS U 139 2.26 36.54 46.45
C LYS U 139 0.95 36.10 47.08
N GLU U 140 0.87 34.84 47.53
CA GLU U 140 -0.34 34.36 48.18
C GLU U 140 -0.69 35.20 49.39
N VAL U 141 0.23 35.32 50.34
CA VAL U 141 -0.07 35.91 51.63
C VAL U 141 0.81 37.11 51.93
N PHE U 142 2.13 36.89 51.96
CA PHE U 142 3.02 37.81 52.65
C PHE U 142 3.17 39.14 51.92
N ASP U 143 3.02 39.16 50.60
CA ASP U 143 3.03 40.43 49.88
C ASP U 143 1.85 41.30 50.27
N LYS U 144 0.80 40.71 50.85
CA LYS U 144 -0.39 41.44 51.26
C LYS U 144 -0.33 41.91 52.71
N ILE U 145 0.74 41.59 53.43
CA ILE U 145 0.95 42.15 54.77
C ILE U 145 0.93 43.67 54.69
N TYR U 146 1.56 44.23 53.67
CA TYR U 146 1.48 45.65 53.35
C TYR U 146 0.73 45.88 52.04
N ASN U 147 1.16 45.20 50.98
CA ASN U 147 0.79 45.46 49.58
C ASN U 147 1.37 46.81 49.16
N ILE U 148 1.97 47.52 50.11
CA ILE U 148 2.89 48.59 49.77
C ILE U 148 4.22 48.01 49.31
N THR U 149 4.57 46.81 49.78
CA THR U 149 5.53 45.98 49.06
C THR U 149 4.95 45.63 47.69
N GLN U 150 5.82 45.54 46.70
CA GLN U 150 5.44 45.30 45.31
C GLN U 150 4.74 46.54 44.74
N LYS U 151 4.50 47.52 45.60
CA LYS U 151 4.00 48.83 45.19
C LYS U 151 5.17 49.78 44.94
N GLU U 152 5.98 50.03 45.97
CA GLU U 152 7.17 50.86 45.87
C GLU U 152 8.41 50.16 46.36
N LYS U 153 8.31 48.89 46.75
CA LYS U 153 9.40 48.20 47.43
C LYS U 153 10.65 48.15 46.55
N VAL U 154 11.67 48.91 46.96
CA VAL U 154 12.93 48.92 46.21
C VAL U 154 13.84 47.77 46.59
N LYS U 155 13.39 46.86 47.45
CA LYS U 155 14.14 45.68 47.85
C LYS U 155 13.44 44.41 47.41
N ILE U 156 12.86 44.43 46.21
CA ILE U 156 12.21 43.22 45.69
C ILE U 156 13.25 42.13 45.43
N GLU U 157 14.39 42.51 44.85
CA GLU U 157 15.45 41.54 44.59
C GLU U 157 16.05 40.99 45.89
N LYS U 158 15.88 41.69 47.01
CA LYS U 158 16.41 41.26 48.29
C LYS U 158 15.43 40.43 49.10
N VAL U 159 14.15 40.82 49.13
CA VAL U 159 13.17 40.05 49.88
C VAL U 159 12.93 38.69 49.22
N LYS U 160 13.03 38.63 47.88
CA LYS U 160 12.77 37.39 47.17
C LYS U 160 13.76 36.30 47.53
N GLU U 161 14.96 36.67 47.99
CA GLU U 161 15.99 35.67 48.28
C GLU U 161 15.85 35.07 49.67
N ASP U 162 15.35 35.83 50.64
CA ASP U 162 15.24 35.33 52.01
C ASP U 162 14.26 34.17 52.13
N ILE U 163 13.51 33.88 51.06
CA ILE U 163 12.72 32.65 51.04
C ILE U 163 13.62 31.46 50.83
N LYS U 164 14.59 31.58 49.92
CA LYS U 164 15.55 30.53 49.65
C LYS U 164 16.81 30.64 50.49
N GLU U 165 16.95 31.70 51.30
CA GLU U 165 18.11 31.89 52.15
C GLU U 165 17.86 31.49 53.59
N LEU U 166 16.68 31.79 54.13
CA LEU U 166 16.41 31.65 55.56
C LEU U 166 15.55 30.44 55.87
N PHE U 167 14.36 30.35 55.27
CA PHE U 167 13.35 29.39 55.68
C PHE U 167 13.66 28.04 55.04
N SER U 168 14.29 27.15 55.80
CA SER U 168 14.54 25.78 55.39
C SER U 168 13.87 24.85 56.40
N TYR U 169 12.89 24.08 55.93
CA TYR U 169 12.06 23.24 56.78
C TYR U 169 12.38 21.77 56.56
N TYR U 170 11.71 20.91 57.33
CA TYR U 170 11.96 19.47 57.30
C TYR U 170 10.64 18.77 57.00
N ALA U 171 10.56 18.11 55.85
CA ALA U 171 9.32 17.52 55.36
C ALA U 171 9.07 16.18 56.05
N LEU U 172 8.09 15.43 55.54
CA LEU U 172 7.61 14.22 56.20
C LEU U 172 8.12 12.92 55.58
N GLU U 173 8.34 12.90 54.27
CA GLU U 173 8.80 11.72 53.53
C GLU U 173 7.80 10.57 53.62
N GLN U 174 6.54 10.86 53.89
CA GLN U 174 5.50 9.83 53.92
C GLN U 174 4.55 10.04 52.74
N SER V 2 -6.86 3.62 -69.41
CA SER V 2 -6.39 3.86 -68.04
C SER V 2 -5.48 5.07 -67.96
N THR V 3 -4.95 5.33 -66.77
CA THR V 3 -3.92 6.34 -66.55
C THR V 3 -2.63 5.62 -66.16
N GLN V 4 -1.55 5.95 -66.85
CA GLN V 4 -0.24 5.39 -66.52
C GLN V 4 0.31 6.14 -65.32
N ARG V 5 0.31 5.51 -64.16
CA ARG V 5 0.63 6.16 -62.90
C ARG V 5 2.01 5.74 -62.40
N GLU V 6 2.67 6.67 -61.72
CA GLU V 6 4.02 6.46 -61.23
C GLU V 6 4.05 6.75 -59.75
N TYR V 7 4.96 6.08 -59.05
CA TYR V 7 4.97 6.05 -57.58
C TYR V 7 6.20 6.80 -57.07
N VAL V 8 6.01 8.05 -56.68
CA VAL V 8 7.09 8.86 -56.12
C VAL V 8 7.10 8.64 -54.62
N PHE V 9 7.98 7.76 -54.16
CA PHE V 9 8.15 7.58 -52.73
C PHE V 9 8.72 8.84 -52.11
N ILE V 10 8.57 8.97 -50.80
CA ILE V 10 8.99 10.19 -50.12
C ILE V 10 10.02 9.83 -49.04
N PRO V 11 11.30 9.74 -49.37
CA PRO V 11 12.32 9.62 -48.33
C PRO V 11 12.85 10.99 -47.94
N ILE V 12 13.72 11.04 -46.92
CA ILE V 12 14.28 12.32 -46.51
C ILE V 12 15.15 12.91 -47.61
N THR V 13 15.79 12.08 -48.40
CA THR V 13 16.75 12.57 -49.38
C THR V 13 16.05 13.13 -50.61
N ASN V 14 16.75 14.03 -51.29
CA ASN V 14 16.33 14.51 -52.60
C ASN V 14 16.74 13.56 -53.71
N SER V 15 17.05 12.30 -53.35
CA SER V 15 17.28 11.27 -54.35
C SER V 15 16.04 11.04 -55.20
N ILE V 16 14.90 11.60 -54.79
CA ILE V 16 13.70 11.59 -55.61
C ILE V 16 13.99 12.36 -56.89
N THR V 17 14.33 13.64 -56.77
CA THR V 17 14.82 14.47 -57.88
C THR V 17 14.06 14.17 -59.17
N ILE V 18 12.77 14.49 -59.14
CA ILE V 18 11.68 13.59 -59.53
C ILE V 18 12.11 12.56 -60.56
N ASP V 19 12.78 12.99 -61.62
CA ASP V 19 13.41 12.07 -62.59
C ASP V 19 12.37 11.16 -63.24
N VAL V 20 11.16 11.69 -63.39
CA VAL V 20 10.10 11.00 -64.13
C VAL V 20 9.44 12.04 -65.00
N LYS V 21 8.40 11.66 -65.73
CA LYS V 21 7.86 12.53 -66.77
C LYS V 21 6.66 13.36 -66.33
N ILE V 22 5.99 13.97 -67.31
CA ILE V 22 5.00 15.02 -67.12
C ILE V 22 3.80 14.44 -66.37
N THR V 23 2.90 15.32 -65.93
CA THR V 23 1.78 14.95 -65.07
C THR V 23 0.74 14.15 -65.86
N ILE V 24 -0.43 13.98 -65.23
CA ILE V 24 -1.41 12.93 -65.51
C ILE V 24 -1.58 12.63 -66.99
N GLY V 25 -1.72 13.66 -67.82
CA GLY V 25 -2.25 13.45 -69.15
C GLY V 25 -3.74 13.22 -69.17
N GLY V 26 -4.38 13.17 -68.01
CA GLY V 26 -5.82 13.12 -67.90
C GLY V 26 -6.32 14.25 -67.03
N SER V 27 -7.02 13.93 -65.94
CA SER V 27 -7.51 14.96 -65.03
C SER V 27 -7.39 14.61 -63.55
N ASP V 28 -6.90 13.42 -63.21
CA ASP V 28 -6.99 12.94 -61.83
C ASP V 28 -5.68 12.30 -61.41
N HIS V 29 -5.13 12.78 -60.29
CA HIS V 29 -4.05 12.09 -59.62
C HIS V 29 -4.66 10.98 -58.75
N ILE V 30 -3.85 10.39 -57.89
CA ILE V 30 -4.32 9.49 -56.85
C ILE V 30 -4.06 10.07 -55.47
N THR V 31 -2.85 10.58 -55.24
CA THR V 31 -2.43 11.05 -53.92
C THR V 31 -2.89 12.50 -53.75
N ASN V 32 -4.19 12.64 -53.45
CA ASN V 32 -4.77 13.96 -53.27
C ASN V 32 -4.25 14.61 -52.01
N ILE V 33 -4.27 15.95 -51.99
CA ILE V 33 -3.84 16.72 -50.83
C ILE V 33 -4.93 17.75 -50.51
N ASP V 34 -6.13 17.53 -51.04
CA ASP V 34 -7.11 18.60 -51.16
C ASP V 34 -7.48 19.31 -49.86
N GLU V 35 -8.18 18.66 -48.95
CA GLU V 35 -8.64 19.46 -47.81
C GLU V 35 -8.37 18.82 -46.46
N ARG V 36 -8.49 17.49 -46.34
CA ARG V 36 -8.23 16.78 -45.09
C ARG V 36 -6.79 16.31 -44.97
N GLY V 37 -5.90 16.81 -45.80
CA GLY V 37 -4.53 16.36 -45.82
C GLY V 37 -4.21 15.53 -47.04
N ILE V 38 -3.12 14.76 -46.93
CA ILE V 38 -2.79 13.83 -48.00
C ILE V 38 -3.78 12.66 -47.99
N HIS V 39 -3.94 12.03 -49.15
CA HIS V 39 -4.93 10.98 -49.30
C HIS V 39 -4.43 9.91 -50.26
N ASN V 40 -4.99 8.72 -50.11
CA ASN V 40 -4.72 7.59 -51.00
C ASN V 40 -3.23 7.29 -51.09
N VAL V 41 -2.53 7.42 -49.97
CA VAL V 41 -1.09 7.17 -49.95
C VAL V 41 -0.85 5.67 -50.12
N LEU V 42 -0.13 5.32 -51.17
CA LEU V 42 0.20 3.93 -51.44
C LEU V 42 1.30 3.46 -50.50
N VAL V 43 1.28 2.17 -50.18
CA VAL V 43 2.30 1.55 -49.34
C VAL V 43 2.81 0.30 -50.04
N ILE V 44 4.13 0.18 -50.15
CA ILE V 44 4.78 -1.00 -50.68
C ILE V 44 5.48 -1.70 -49.52
N THR V 45 5.49 -3.03 -49.56
CA THR V 45 6.09 -3.81 -48.48
C THR V 45 7.12 -4.76 -49.04
N GLY V 46 8.17 -5.03 -48.25
CA GLY V 46 9.27 -5.84 -48.70
C GLY V 46 10.25 -5.12 -49.61
N TYR V 47 10.43 -3.81 -49.40
CA TYR V 47 11.28 -3.00 -50.25
C TYR V 47 11.89 -1.89 -49.40
N ALA V 48 13.13 -1.51 -49.73
CA ALA V 48 13.81 -0.41 -49.06
C ALA V 48 14.39 0.53 -50.10
N VAL V 49 14.29 1.84 -49.86
CA VAL V 49 14.60 2.81 -50.90
C VAL V 49 16.10 3.06 -50.98
N ASP V 50 16.78 3.15 -49.83
CA ASP V 50 18.24 3.15 -49.71
C ASP V 50 18.87 4.47 -50.15
N GLU V 51 18.07 5.35 -50.76
CA GLU V 51 18.42 6.74 -51.07
C GLU V 51 19.81 6.95 -51.65
N LYS V 52 20.38 5.92 -52.28
CA LYS V 52 21.55 6.08 -53.14
C LYS V 52 21.03 5.93 -54.58
N ASN V 53 20.51 7.04 -55.10
CA ASN V 53 19.56 7.00 -56.20
C ASN V 53 18.45 5.99 -55.86
N GLY V 54 17.74 6.30 -54.78
CA GLY V 54 16.73 5.43 -54.22
C GLY V 54 15.80 4.80 -55.21
N ARG V 55 15.81 3.46 -55.29
CA ARG V 55 15.01 2.75 -56.27
C ARG V 55 14.40 1.48 -55.70
N LEU V 56 14.13 1.46 -54.40
CA LEU V 56 13.35 0.39 -53.76
C LEU V 56 13.94 -0.99 -54.06
N VAL V 57 15.16 -1.20 -53.55
CA VAL V 57 15.80 -2.50 -53.67
C VAL V 57 14.89 -3.56 -53.07
N PRO V 58 14.52 -4.59 -53.83
CA PRO V 58 13.52 -5.55 -53.33
C PRO V 58 14.05 -6.45 -52.23
N THR V 59 13.61 -6.21 -51.00
CA THR V 59 13.93 -7.09 -49.89
C THR V 59 12.88 -8.20 -49.84
N LEU V 60 13.06 -9.13 -48.90
CA LEU V 60 12.06 -10.16 -48.64
C LEU V 60 11.48 -10.08 -47.25
N ASP V 61 12.04 -9.28 -46.37
CA ASP V 61 11.49 -9.12 -45.03
C ASP V 61 10.21 -8.29 -45.11
N PRO V 62 9.06 -8.85 -44.73
CA PRO V 62 7.82 -8.07 -44.80
C PRO V 62 7.82 -6.85 -43.89
N CYS V 63 8.67 -6.81 -42.87
CA CYS V 63 8.72 -5.67 -41.97
C CYS V 63 9.33 -4.44 -42.60
N ASP V 64 9.83 -4.53 -43.84
CA ASP V 64 10.35 -3.36 -44.54
C ASP V 64 9.30 -2.82 -45.49
N TYR V 65 9.02 -1.53 -45.38
CA TYR V 65 8.00 -0.91 -46.20
C TYR V 65 8.49 0.45 -46.66
N VAL V 66 7.87 0.95 -47.72
CA VAL V 66 8.12 2.28 -48.25
C VAL V 66 6.79 2.88 -48.65
N LYS V 67 6.50 4.07 -48.15
CA LYS V 67 5.27 4.76 -48.51
C LYS V 67 5.55 5.68 -49.70
N GLY V 68 4.60 6.55 -50.03
CA GLY V 68 4.81 7.45 -51.14
C GLY V 68 3.55 7.77 -51.92
N ILE V 69 3.70 8.60 -52.94
CA ILE V 69 2.57 9.14 -53.69
C ILE V 69 2.47 8.45 -55.04
N LEU V 70 1.23 8.33 -55.54
CA LEU V 70 0.97 7.79 -56.86
C LEU V 70 0.44 8.91 -57.74
N VAL V 71 1.27 9.37 -58.67
CA VAL V 71 0.89 10.37 -59.65
C VAL V 71 1.04 9.75 -61.03
N ALA V 72 0.18 10.17 -61.96
CA ALA V 72 0.19 9.59 -63.29
C ALA V 72 1.28 10.24 -64.15
N GLY V 73 2.22 9.42 -64.61
CA GLY V 73 3.31 9.86 -65.46
C GLY V 73 3.91 8.68 -66.18
N THR V 74 4.95 8.95 -66.97
CA THR V 74 5.54 7.89 -67.76
C THR V 74 6.99 7.67 -67.35
N PRO V 75 7.49 6.43 -67.45
CA PRO V 75 8.80 6.06 -66.88
C PRO V 75 10.00 6.65 -67.62
N GLN V 76 10.14 7.98 -67.51
CA GLN V 76 11.37 8.67 -67.90
C GLN V 76 11.74 8.41 -69.37
N GLN V 77 10.90 8.93 -70.26
CA GLN V 77 11.15 8.97 -71.70
C GLN V 77 11.68 7.65 -72.25
N ALA V 78 10.86 6.60 -72.16
CA ALA V 78 11.12 5.26 -72.70
C ALA V 78 12.22 4.51 -71.95
N GLN V 79 12.87 5.13 -70.97
CA GLN V 79 13.85 4.42 -70.14
C GLN V 79 13.06 3.58 -69.14
N SER V 80 12.56 2.44 -69.64
CA SER V 80 11.63 1.60 -68.91
C SER V 80 12.31 0.58 -68.02
N ASN V 81 13.58 0.80 -67.68
CA ASN V 81 14.30 -0.09 -66.79
C ASN V 81 14.62 0.54 -65.44
N ASP V 82 14.40 1.84 -65.29
CA ASP V 82 14.47 2.47 -63.98
C ASP V 82 13.33 2.04 -63.07
N PHE V 83 12.34 1.33 -63.61
CA PHE V 83 11.12 1.03 -62.88
C PHE V 83 10.78 -0.46 -62.94
N LEU V 84 9.59 -0.82 -62.45
CA LEU V 84 9.09 -2.18 -62.52
C LEU V 84 8.06 -2.36 -63.62
N THR V 85 7.09 -1.44 -63.72
CA THR V 85 6.07 -1.47 -64.76
C THR V 85 5.23 -2.75 -64.68
N LEU V 86 4.45 -2.83 -63.63
CA LEU V 86 3.41 -3.86 -63.51
C LEU V 86 2.06 -3.28 -63.90
N LYS V 87 1.07 -4.16 -64.00
CA LYS V 87 -0.30 -3.76 -64.32
C LYS V 87 -1.24 -4.59 -63.45
N LEU V 88 -2.02 -3.92 -62.62
CA LEU V 88 -2.78 -4.55 -61.56
C LEU V 88 -4.18 -3.97 -61.52
N PRO V 89 -5.13 -4.67 -60.90
CA PRO V 89 -6.53 -4.24 -60.94
C PRO V 89 -6.96 -3.24 -59.88
N ALA V 90 -6.03 -2.65 -59.13
CA ALA V 90 -6.27 -1.59 -58.15
C ALA V 90 -7.07 -2.07 -56.94
N ASN V 91 -7.56 -3.31 -56.94
CA ASN V 91 -8.17 -3.85 -55.73
C ASN V 91 -7.09 -4.20 -54.72
N LYS V 92 -5.93 -4.63 -55.20
CA LYS V 92 -4.80 -4.97 -54.36
C LYS V 92 -4.01 -3.75 -53.90
N LEU V 93 -4.40 -2.55 -54.34
CA LEU V 93 -3.67 -1.35 -53.98
C LEU V 93 -3.83 -1.08 -52.49
N TYR V 94 -2.77 -1.32 -51.72
CA TYR V 94 -2.78 -1.03 -50.29
C TYR V 94 -2.66 0.48 -50.12
N LEU V 95 -3.80 1.14 -49.93
CA LEU V 95 -3.83 2.60 -49.84
C LEU V 95 -4.14 3.04 -48.42
N ILE V 96 -3.77 4.29 -48.12
CA ILE V 96 -3.91 4.86 -46.78
C ILE V 96 -4.65 6.18 -46.89
N ARG V 97 -5.46 6.48 -45.87
CA ARG V 97 -6.25 7.71 -45.82
C ARG V 97 -7.11 7.84 -47.08
N LYS V 98 -7.87 6.79 -47.37
CA LYS V 98 -8.59 6.71 -48.64
C LYS V 98 -9.62 7.82 -48.76
N LYS V 99 -9.74 8.37 -49.97
CA LYS V 99 -10.72 9.40 -50.28
C LYS V 99 -11.32 9.08 -51.64
N GLY V 100 -12.42 8.36 -51.64
CA GLY V 100 -13.14 8.07 -52.86
C GLY V 100 -12.70 6.79 -53.55
N ASN V 101 -13.23 6.62 -54.77
CA ASN V 101 -13.09 5.39 -55.52
C ASN V 101 -11.95 5.47 -56.52
N ILE V 102 -11.39 4.29 -56.84
CA ILE V 102 -10.48 4.12 -57.96
C ILE V 102 -10.96 2.93 -58.78
N SER V 103 -10.71 2.98 -60.07
CA SER V 103 -11.35 2.08 -61.03
C SER V 103 -10.68 0.71 -61.02
N ASP V 104 -10.99 -0.11 -62.01
CA ASP V 104 -10.67 -1.54 -62.01
C ASP V 104 -9.32 -1.86 -62.64
N ASP V 105 -8.68 -0.92 -63.32
CA ASP V 105 -7.39 -1.23 -63.94
C ASP V 105 -6.52 0.01 -63.97
N LEU V 106 -5.31 -0.10 -63.41
CA LEU V 106 -4.37 0.99 -63.39
C LEU V 106 -2.98 0.47 -63.67
N LYS V 107 -2.19 1.28 -64.38
CA LYS V 107 -0.77 1.01 -64.60
C LYS V 107 0.05 1.78 -63.56
N ILE V 108 0.98 1.09 -62.91
CA ILE V 108 1.78 1.68 -61.84
C ILE V 108 3.24 1.55 -62.21
N TYR V 109 3.94 2.67 -62.24
CA TYR V 109 5.38 2.70 -62.47
C TYR V 109 6.07 2.96 -61.13
N ILE V 110 7.00 2.09 -60.77
CA ILE V 110 7.62 2.09 -59.45
C ILE V 110 9.13 2.12 -59.62
N PRO V 111 9.82 3.18 -59.17
CA PRO V 111 11.28 3.25 -59.33
C PRO V 111 11.96 2.03 -58.73
N TYR V 112 12.57 1.22 -59.58
CA TYR V 112 13.03 -0.11 -59.20
C TYR V 112 14.53 -0.23 -59.43
N SER V 113 15.18 -0.99 -58.55
CA SER V 113 16.58 -1.33 -58.68
C SER V 113 16.74 -2.84 -58.74
N SER V 114 17.74 -3.28 -59.48
CA SER V 114 18.14 -4.67 -59.43
C SER V 114 18.46 -5.03 -57.98
N PRO V 115 18.21 -6.27 -57.58
CA PRO V 115 18.55 -6.68 -56.20
C PRO V 115 19.99 -6.37 -55.87
N ASP V 116 20.21 -5.47 -54.90
CA ASP V 116 21.55 -4.99 -54.58
C ASP V 116 22.31 -6.10 -53.86
N ALA V 117 22.87 -7.01 -54.67
CA ALA V 117 23.72 -8.07 -54.16
C ALA V 117 25.08 -7.47 -53.83
N ARG V 118 26.08 -8.33 -53.62
CA ARG V 118 27.41 -8.00 -53.12
C ARG V 118 27.37 -7.57 -51.67
N ASN V 119 26.17 -7.43 -51.08
CA ASN V 119 26.00 -7.05 -49.70
C ASN V 119 24.75 -7.72 -49.18
N SER V 120 24.80 -8.17 -47.94
CA SER V 120 23.58 -8.54 -47.24
C SER V 120 22.81 -7.26 -46.93
N MET V 121 21.49 -7.30 -47.11
CA MET V 121 20.68 -6.08 -47.10
C MET V 121 20.96 -5.25 -45.86
N LYS V 122 20.64 -5.79 -44.68
CA LYS V 122 20.84 -5.10 -43.40
C LYS V 122 20.24 -3.70 -43.44
N THR V 123 18.93 -3.65 -43.66
CA THR V 123 18.19 -2.41 -43.70
C THR V 123 17.68 -2.03 -42.32
N LYS V 124 17.49 -0.73 -42.12
CA LYS V 124 17.10 -0.19 -40.83
C LYS V 124 16.03 0.89 -41.05
N PRO V 125 15.12 1.07 -40.10
CA PRO V 125 14.03 2.03 -40.31
C PRO V 125 14.52 3.46 -40.29
N VAL V 126 13.90 4.29 -41.11
CA VAL V 126 14.18 5.72 -41.13
C VAL V 126 12.85 6.46 -41.25
N SER V 127 12.66 7.47 -40.41
CA SER V 127 11.49 8.31 -40.46
C SER V 127 11.80 9.57 -41.27
N ILE V 128 10.89 10.53 -41.28
CA ILE V 128 11.12 11.84 -41.87
C ILE V 128 11.03 12.89 -40.78
N SER V 129 12.03 13.77 -40.75
CA SER V 129 12.18 14.84 -39.77
C SER V 129 12.90 15.98 -40.48
N ASP V 130 13.56 16.86 -39.72
CA ASP V 130 14.44 17.83 -40.37
C ASP V 130 13.68 18.80 -41.26
N ASP V 131 12.93 19.73 -40.65
CA ASP V 131 12.07 20.67 -41.34
C ASP V 131 12.68 21.24 -42.62
N THR V 132 14.02 21.33 -42.67
CA THR V 132 14.70 21.69 -43.92
C THR V 132 14.34 20.73 -45.05
N ILE V 133 14.14 19.46 -44.73
CA ILE V 133 13.83 18.47 -45.76
C ILE V 133 12.37 18.52 -46.16
N VAL V 134 11.47 18.61 -45.17
CA VAL V 134 10.05 18.70 -45.51
C VAL V 134 9.77 20.00 -46.24
N ASN V 135 10.53 21.06 -45.94
CA ASN V 135 10.41 22.29 -46.73
C ASN V 135 10.92 22.06 -48.14
N ASN V 136 12.04 21.34 -48.28
CA ASN V 136 12.52 20.93 -49.59
C ASN V 136 11.48 20.06 -50.29
N ILE V 137 11.07 18.96 -49.63
CA ILE V 137 10.17 17.99 -50.25
C ILE V 137 8.90 18.67 -50.74
N ILE V 138 8.40 19.65 -50.00
CA ILE V 138 7.22 20.41 -50.45
C ILE V 138 7.48 21.03 -51.81
N LYS V 139 8.54 21.84 -51.91
CA LYS V 139 8.82 22.52 -53.18
C LYS V 139 9.40 21.55 -54.20
N GLU V 140 9.91 20.41 -53.75
CA GLU V 140 10.55 19.48 -54.68
C GLU V 140 9.52 18.64 -55.44
N VAL V 141 8.54 18.05 -54.74
CA VAL V 141 7.54 17.24 -55.41
C VAL V 141 6.13 17.75 -55.08
N PHE V 142 5.89 18.08 -53.82
CA PHE V 142 4.55 18.47 -53.40
C PHE V 142 4.18 19.85 -53.93
N ASP V 143 5.10 20.49 -54.63
CA ASP V 143 4.77 21.72 -55.35
C ASP V 143 5.10 21.63 -56.82
N LYS V 144 6.16 20.91 -57.20
CA LYS V 144 6.44 20.72 -58.62
C LYS V 144 5.36 19.90 -59.30
N ILE V 145 4.78 18.93 -58.58
CA ILE V 145 3.64 18.18 -59.08
C ILE V 145 2.32 18.77 -58.66
N TYR V 146 2.32 19.69 -57.69
CA TYR V 146 1.12 20.34 -57.21
C TYR V 146 1.32 21.85 -57.13
N ASN V 147 1.81 22.44 -58.21
CA ASN V 147 1.77 23.90 -58.33
C ASN V 147 0.42 24.37 -58.85
N ILE V 148 -0.65 23.78 -58.31
CA ILE V 148 -2.00 24.33 -58.40
C ILE V 148 -2.72 24.30 -57.07
N THR V 149 -2.22 23.51 -56.11
CA THR V 149 -2.72 23.49 -54.74
C THR V 149 -1.91 24.48 -53.90
N GLN V 150 -2.22 24.52 -52.60
CA GLN V 150 -1.60 25.43 -51.65
C GLN V 150 -1.97 26.88 -51.97
N LYS V 151 -2.73 27.07 -53.05
CA LYS V 151 -3.18 28.37 -53.50
C LYS V 151 -4.70 28.47 -53.50
N GLU V 152 -5.37 27.49 -54.11
CA GLU V 152 -6.78 27.28 -53.80
C GLU V 152 -6.97 26.73 -52.39
N LYS V 153 -5.90 26.21 -51.79
CA LYS V 153 -5.87 25.80 -50.40
C LYS V 153 -5.25 26.91 -49.57
N VAL V 154 -5.85 27.22 -48.44
CA VAL V 154 -5.32 28.28 -47.57
C VAL V 154 -4.31 27.66 -46.61
N LYS V 155 -4.78 26.72 -45.79
CA LYS V 155 -3.92 26.08 -44.81
C LYS V 155 -3.04 25.03 -45.50
N ILE V 156 -1.74 25.26 -45.48
CA ILE V 156 -0.76 24.36 -46.09
C ILE V 156 0.03 23.61 -45.03
N GLU V 157 0.47 24.30 -44.01
CA GLU V 157 1.31 23.74 -42.95
C GLU V 157 0.56 22.85 -42.01
N LYS V 158 -0.68 22.47 -42.37
CA LYS V 158 -1.34 21.35 -41.72
C LYS V 158 -0.91 20.03 -42.33
N VAL V 159 -0.54 20.03 -43.62
CA VAL V 159 -0.17 18.80 -44.30
C VAL V 159 1.33 18.64 -44.43
N LYS V 160 2.10 19.64 -44.00
CA LYS V 160 3.55 19.50 -44.01
C LYS V 160 4.00 18.43 -43.02
N GLU V 161 3.40 18.42 -41.84
CA GLU V 161 3.77 17.42 -40.83
C GLU V 161 3.31 16.02 -41.22
N ASP V 162 2.33 15.91 -42.12
CA ASP V 162 1.96 14.60 -42.63
C ASP V 162 3.16 13.88 -43.21
N ILE V 163 4.02 14.60 -43.93
CA ILE V 163 5.24 14.01 -44.44
C ILE V 163 6.11 13.51 -43.28
N LYS V 164 6.16 14.28 -42.20
CA LYS V 164 6.87 13.82 -41.01
C LYS V 164 6.11 12.71 -40.30
N GLU V 165 4.78 12.72 -40.38
CA GLU V 165 3.93 11.79 -39.67
C GLU V 165 3.71 10.49 -40.44
N LEU V 166 3.33 10.60 -41.71
CA LEU V 166 3.00 9.43 -42.50
C LEU V 166 4.24 8.75 -43.08
N PHE V 167 5.04 9.50 -43.83
CA PHE V 167 6.00 8.91 -44.76
C PHE V 167 7.24 8.42 -44.02
N SER V 168 7.10 7.29 -43.37
CA SER V 168 8.25 6.53 -42.92
C SER V 168 8.68 5.59 -44.04
N TYR V 169 9.82 4.94 -43.85
CA TYR V 169 10.32 4.00 -44.86
C TYR V 169 11.43 3.18 -44.22
N TYR V 170 12.09 2.37 -45.04
CA TYR V 170 13.28 1.64 -44.65
C TYR V 170 14.37 1.87 -45.69
N ALA V 171 15.61 1.63 -45.26
CA ALA V 171 16.75 1.81 -46.15
C ALA V 171 17.89 0.93 -45.69
N LEU V 172 18.75 0.53 -46.65
CA LEU V 172 19.90 -0.28 -46.30
C LEU V 172 20.90 0.47 -45.44
N GLU V 173 20.90 1.80 -45.54
CA GLU V 173 21.76 2.66 -44.72
C GLU V 173 23.23 2.33 -44.93
N GLN V 174 23.65 2.37 -46.20
CA GLN V 174 25.03 2.11 -46.57
C GLN V 174 25.86 3.37 -46.53
N SER W 2 -40.39 -34.14 -72.11
CA SER W 2 -39.07 -34.69 -71.90
C SER W 2 -38.87 -36.02 -72.63
N THR W 3 -37.74 -36.66 -72.35
CA THR W 3 -37.38 -37.94 -72.93
C THR W 3 -36.74 -38.79 -71.84
N GLN W 4 -36.09 -39.87 -72.25
CA GLN W 4 -35.20 -40.59 -71.35
C GLN W 4 -34.07 -39.67 -70.89
N ARG W 5 -34.05 -39.35 -69.59
CA ARG W 5 -33.14 -38.35 -69.05
C ARG W 5 -32.00 -39.02 -68.29
N GLU W 6 -30.90 -38.28 -68.12
CA GLU W 6 -29.66 -38.81 -67.57
C GLU W 6 -29.09 -37.81 -66.58
N TYR W 7 -28.88 -38.25 -65.35
CA TYR W 7 -28.20 -37.45 -64.33
C TYR W 7 -26.79 -37.98 -64.15
N VAL W 8 -25.81 -37.12 -64.38
CA VAL W 8 -24.41 -37.45 -64.16
C VAL W 8 -23.91 -36.62 -62.99
N PHE W 9 -22.86 -37.10 -62.33
CA PHE W 9 -22.31 -36.43 -61.18
C PHE W 9 -20.93 -35.86 -61.50
N ILE W 10 -20.68 -34.66 -60.99
CA ILE W 10 -19.42 -33.94 -61.15
C ILE W 10 -18.26 -34.52 -60.32
N PRO W 11 -18.50 -35.12 -59.11
CA PRO W 11 -17.38 -35.52 -58.23
C PRO W 11 -16.14 -36.09 -58.90
N ILE W 12 -14.98 -35.82 -58.29
CA ILE W 12 -13.73 -35.81 -59.03
C ILE W 12 -13.06 -37.17 -59.07
N THR W 13 -13.60 -38.05 -59.90
CA THR W 13 -12.96 -39.18 -60.57
C THR W 13 -13.29 -39.19 -62.05
N ASN W 14 -14.52 -38.80 -62.40
CA ASN W 14 -14.97 -38.44 -63.73
C ASN W 14 -14.96 -39.62 -64.70
N SER W 15 -14.59 -40.82 -64.25
CA SER W 15 -14.64 -42.01 -65.09
C SER W 15 -16.07 -42.53 -65.27
N ILE W 16 -17.01 -42.08 -64.43
CA ILE W 16 -18.41 -42.40 -64.63
C ILE W 16 -19.12 -41.34 -65.46
N THR W 17 -18.55 -40.14 -65.56
CA THR W 17 -18.93 -39.20 -66.60
C THR W 17 -18.16 -39.44 -67.89
N ILE W 18 -17.13 -40.29 -67.85
CA ILE W 18 -16.69 -40.95 -69.08
C ILE W 18 -17.83 -41.79 -69.64
N ASP W 19 -18.61 -42.41 -68.76
CA ASP W 19 -19.74 -43.26 -69.08
C ASP W 19 -20.97 -42.47 -69.55
N VAL W 20 -20.89 -41.17 -69.81
CA VAL W 20 -22.01 -40.47 -70.42
C VAL W 20 -22.24 -41.03 -71.82
N LYS W 21 -23.50 -40.99 -72.27
CA LYS W 21 -23.92 -41.76 -73.43
C LYS W 21 -24.84 -40.89 -74.28
N ILE W 22 -25.59 -41.55 -75.16
CA ILE W 22 -26.30 -40.94 -76.28
C ILE W 22 -26.94 -39.63 -75.89
N THR W 23 -26.72 -38.60 -76.71
CA THR W 23 -27.07 -37.23 -76.38
C THR W 23 -28.54 -36.95 -76.59
N ILE W 24 -28.90 -35.67 -76.63
CA ILE W 24 -30.27 -35.17 -76.69
C ILE W 24 -31.16 -35.96 -77.63
N GLY W 25 -30.72 -36.19 -78.86
CA GLY W 25 -31.59 -36.75 -79.87
C GLY W 25 -32.58 -35.71 -80.34
N GLY W 26 -33.34 -35.15 -79.40
CA GLY W 26 -34.12 -33.95 -79.64
C GLY W 26 -33.30 -32.72 -79.30
N SER W 27 -33.75 -31.92 -78.34
CA SER W 27 -33.00 -30.76 -77.89
C SER W 27 -33.08 -30.56 -76.37
N ASP W 28 -33.20 -31.65 -75.62
CA ASP W 28 -33.48 -31.56 -74.19
C ASP W 28 -32.26 -31.24 -73.35
N HIS W 29 -31.56 -30.16 -73.67
CA HIS W 29 -30.56 -29.58 -72.79
C HIS W 29 -31.25 -28.54 -71.92
N ILE W 30 -31.22 -28.75 -70.60
CA ILE W 30 -31.94 -27.87 -69.69
C ILE W 30 -30.97 -27.15 -68.76
N THR W 31 -29.81 -27.76 -68.51
CA THR W 31 -28.82 -27.22 -67.57
C THR W 31 -28.11 -26.05 -68.24
N ASN W 32 -28.74 -24.89 -68.16
CA ASN W 32 -28.26 -23.70 -68.86
C ASN W 32 -26.90 -23.26 -68.34
N ILE W 33 -25.96 -23.03 -69.26
CA ILE W 33 -24.59 -22.66 -68.90
C ILE W 33 -24.13 -21.44 -69.68
N ASP W 34 -25.07 -20.61 -70.14
CA ASP W 34 -24.75 -19.61 -71.15
C ASP W 34 -23.70 -18.59 -70.69
N GLU W 35 -24.03 -17.74 -69.72
CA GLU W 35 -23.11 -16.66 -69.35
C GLU W 35 -22.66 -16.74 -67.90
N ARG W 36 -23.59 -16.84 -66.97
CA ARG W 36 -23.24 -16.84 -65.55
C ARG W 36 -22.67 -18.18 -65.09
N GLY W 37 -22.90 -19.24 -65.85
CA GLY W 37 -22.43 -20.55 -65.47
C GLY W 37 -23.54 -21.58 -65.46
N ILE W 38 -23.31 -22.72 -64.78
CA ILE W 38 -24.30 -23.78 -64.79
C ILE W 38 -25.56 -23.32 -64.06
N HIS W 39 -26.71 -23.61 -64.65
CA HIS W 39 -28.00 -23.37 -64.03
C HIS W 39 -28.78 -24.67 -63.96
N ASN W 40 -29.92 -24.63 -63.26
CA ASN W 40 -30.80 -25.78 -63.13
C ASN W 40 -30.09 -27.00 -62.60
N VAL W 41 -29.08 -26.80 -61.74
CA VAL W 41 -28.40 -27.91 -61.11
C VAL W 41 -29.39 -28.69 -60.27
N LEU W 42 -29.23 -30.01 -60.23
CA LEU W 42 -30.15 -30.88 -59.53
C LEU W 42 -29.38 -31.66 -58.47
N VAL W 43 -29.73 -31.43 -57.20
CA VAL W 43 -29.07 -32.06 -56.06
C VAL W 43 -29.91 -33.25 -55.59
N ILE W 44 -29.24 -34.35 -55.30
CA ILE W 44 -29.86 -35.53 -54.68
C ILE W 44 -29.41 -35.57 -53.23
N THR W 45 -30.37 -35.74 -52.33
CA THR W 45 -30.10 -35.83 -50.90
C THR W 45 -30.32 -37.26 -50.43
N GLY W 46 -29.39 -37.74 -49.61
CA GLY W 46 -29.46 -39.08 -49.09
C GLY W 46 -28.66 -40.12 -49.84
N TYR W 47 -27.78 -39.70 -50.75
CA TYR W 47 -26.99 -40.60 -51.56
C TYR W 47 -25.52 -40.19 -51.48
N ALA W 48 -24.68 -40.89 -52.23
CA ALA W 48 -23.25 -40.63 -52.23
C ALA W 48 -22.63 -41.31 -53.45
N VAL W 49 -21.63 -40.65 -54.04
CA VAL W 49 -21.14 -41.11 -55.34
C VAL W 49 -20.16 -42.27 -55.24
N ASP W 50 -19.45 -42.40 -54.11
CA ASP W 50 -18.60 -43.55 -53.81
C ASP W 50 -17.31 -43.57 -54.63
N GLU W 51 -17.26 -42.81 -55.72
CA GLU W 51 -16.06 -42.59 -56.53
C GLU W 51 -15.20 -43.84 -56.74
N LYS W 52 -15.82 -45.02 -56.66
CA LYS W 52 -15.14 -46.29 -56.90
C LYS W 52 -16.24 -47.23 -57.39
N ASN W 53 -16.28 -47.48 -58.71
CA ASN W 53 -17.49 -47.94 -59.37
C ASN W 53 -18.62 -46.95 -59.08
N GLY W 54 -18.28 -45.67 -59.12
CA GLY W 54 -19.13 -44.61 -58.60
C GLY W 54 -20.49 -44.52 -59.25
N ARG W 55 -21.53 -44.95 -58.53
CA ARG W 55 -22.85 -45.02 -59.13
C ARG W 55 -23.95 -44.60 -58.15
N LEU W 56 -23.67 -43.66 -57.25
CA LEU W 56 -24.67 -43.10 -56.35
C LEU W 56 -25.30 -44.19 -55.47
N VAL W 57 -24.46 -44.78 -54.62
CA VAL W 57 -25.00 -45.74 -53.64
C VAL W 57 -25.89 -45.00 -52.66
N PRO W 58 -27.06 -45.53 -52.30
CA PRO W 58 -27.94 -44.82 -51.37
C PRO W 58 -27.48 -44.94 -49.92
N THR W 59 -27.93 -43.99 -49.12
CA THR W 59 -27.65 -43.93 -47.69
C THR W 59 -28.93 -43.54 -46.97
N LEU W 60 -28.82 -43.24 -45.69
CA LEU W 60 -29.97 -42.82 -44.89
C LEU W 60 -29.82 -41.44 -44.26
N ASP W 61 -28.61 -40.88 -44.21
CA ASP W 61 -28.42 -39.55 -43.68
C ASP W 61 -29.04 -38.52 -44.63
N PRO W 62 -29.75 -37.53 -44.12
CA PRO W 62 -30.17 -36.39 -44.95
C PRO W 62 -29.14 -35.27 -45.02
N CYS W 63 -28.01 -35.38 -44.34
CA CYS W 63 -26.98 -34.34 -44.40
C CYS W 63 -25.94 -34.57 -45.49
N ASP W 64 -25.82 -35.78 -46.01
CA ASP W 64 -24.93 -36.04 -47.14
C ASP W 64 -25.73 -35.97 -48.44
N TYR W 65 -25.07 -35.51 -49.49
CA TYR W 65 -25.77 -35.20 -50.74
C TYR W 65 -24.77 -35.26 -51.89
N VAL W 66 -25.30 -35.09 -53.10
CA VAL W 66 -24.50 -35.09 -54.32
C VAL W 66 -25.04 -34.01 -55.25
N LYS W 67 -24.19 -33.52 -56.14
CA LYS W 67 -24.60 -32.54 -57.13
C LYS W 67 -23.96 -32.86 -58.47
N GLY W 68 -24.73 -32.70 -59.54
CA GLY W 68 -24.25 -32.98 -60.87
C GLY W 68 -25.06 -32.30 -61.94
N ILE W 69 -25.17 -32.96 -63.10
CA ILE W 69 -25.85 -32.42 -64.27
C ILE W 69 -26.96 -33.37 -64.67
N LEU W 70 -28.08 -32.81 -65.13
CA LEU W 70 -29.23 -33.58 -65.57
C LEU W 70 -29.45 -33.31 -67.05
N VAL W 71 -29.07 -34.25 -67.92
CA VAL W 71 -29.05 -34.05 -69.35
C VAL W 71 -29.76 -35.21 -70.04
N ALA W 72 -30.23 -34.96 -71.26
CA ALA W 72 -30.95 -35.95 -72.06
C ALA W 72 -30.01 -37.07 -72.46
N GLY W 73 -30.21 -38.25 -71.87
CA GLY W 73 -29.29 -39.35 -72.10
C GLY W 73 -29.92 -40.71 -72.36
N THR W 74 -29.16 -41.77 -72.15
CA THR W 74 -29.60 -43.14 -72.35
C THR W 74 -29.00 -43.99 -71.24
N PRO W 75 -29.62 -45.14 -70.91
CA PRO W 75 -29.12 -45.93 -69.78
C PRO W 75 -27.80 -46.63 -70.06
N GLN W 76 -26.80 -45.87 -70.50
CA GLN W 76 -25.44 -46.36 -70.74
C GLN W 76 -25.45 -47.59 -71.65
N GLN W 77 -25.87 -47.34 -72.89
CA GLN W 77 -25.94 -48.36 -73.94
C GLN W 77 -26.99 -49.42 -73.59
N ALA W 78 -28.12 -48.98 -73.03
CA ALA W 78 -29.24 -49.84 -72.66
C ALA W 78 -28.80 -50.93 -71.68
N GLN W 79 -28.32 -50.49 -70.52
CA GLN W 79 -27.97 -51.37 -69.41
C GLN W 79 -28.66 -50.83 -68.17
N SER W 80 -29.78 -51.46 -67.81
CA SER W 80 -30.69 -50.91 -66.80
C SER W 80 -30.56 -51.63 -65.46
N ASN W 81 -29.36 -52.01 -65.06
CA ASN W 81 -29.12 -52.56 -63.73
C ASN W 81 -28.62 -51.53 -62.74
N ASP W 82 -27.88 -50.53 -63.19
CA ASP W 82 -27.30 -49.50 -62.33
C ASP W 82 -28.02 -48.17 -62.48
N PHE W 83 -29.34 -48.22 -62.68
CA PHE W 83 -30.14 -47.01 -62.82
C PHE W 83 -31.53 -47.28 -62.28
N LEU W 84 -32.19 -46.20 -61.84
CA LEU W 84 -33.52 -46.31 -61.25
C LEU W 84 -34.64 -46.08 -62.26
N THR W 85 -34.51 -45.05 -63.11
CA THR W 85 -35.52 -44.70 -64.10
C THR W 85 -36.86 -44.38 -63.41
N LEU W 86 -36.84 -43.27 -62.67
CA LEU W 86 -38.03 -42.72 -62.05
C LEU W 86 -38.71 -41.74 -62.99
N LYS W 87 -39.93 -41.35 -62.61
CA LYS W 87 -40.71 -40.36 -63.36
C LYS W 87 -41.43 -39.47 -62.36
N LEU W 88 -41.14 -38.18 -62.39
CA LEU W 88 -41.67 -37.21 -61.45
C LEU W 88 -42.26 -36.02 -62.21
N PRO W 89 -43.22 -35.30 -61.60
CA PRO W 89 -43.94 -34.26 -62.34
C PRO W 89 -43.23 -32.92 -62.32
N ALA W 90 -41.94 -32.93 -61.97
CA ALA W 90 -41.10 -31.74 -61.89
C ALA W 90 -41.52 -30.83 -60.73
N ASN W 91 -42.61 -31.18 -60.05
CA ASN W 91 -42.88 -30.57 -58.76
C ASN W 91 -41.81 -30.95 -57.75
N LYS W 92 -41.51 -32.25 -57.68
CA LYS W 92 -40.47 -32.76 -56.79
C LYS W 92 -39.16 -32.93 -57.54
N LEU W 93 -38.65 -31.81 -58.05
CA LEU W 93 -37.31 -31.74 -58.62
C LEU W 93 -36.56 -30.67 -57.84
N TYR W 94 -35.76 -31.09 -56.85
CA TYR W 94 -35.06 -30.16 -55.98
C TYR W 94 -33.89 -29.55 -56.74
N LEU W 95 -34.21 -28.62 -57.63
CA LEU W 95 -33.19 -27.93 -58.40
C LEU W 95 -32.60 -26.78 -57.60
N ILE W 96 -31.36 -26.43 -57.94
CA ILE W 96 -30.69 -25.27 -57.37
C ILE W 96 -30.19 -24.42 -58.53
N ARG W 97 -29.94 -23.15 -58.23
CA ARG W 97 -29.65 -22.15 -59.26
C ARG W 97 -30.72 -22.18 -60.35
N LYS W 98 -31.97 -22.31 -59.91
CA LYS W 98 -33.09 -22.43 -60.83
C LYS W 98 -33.15 -21.25 -61.77
N LYS W 99 -33.40 -21.54 -63.05
CA LYS W 99 -33.53 -20.52 -64.09
C LYS W 99 -34.56 -20.98 -65.11
N GLY W 100 -35.48 -20.09 -65.43
CA GLY W 100 -36.53 -20.44 -66.37
C GLY W 100 -37.53 -21.41 -65.74
N ASN W 101 -37.84 -22.47 -66.47
CA ASN W 101 -38.82 -23.47 -66.02
C ASN W 101 -38.77 -24.66 -66.97
N ILE W 102 -39.26 -25.80 -66.48
CA ILE W 102 -39.37 -27.01 -67.27
C ILE W 102 -40.78 -27.55 -67.15
N SER W 103 -41.18 -28.37 -68.12
CA SER W 103 -42.47 -29.05 -68.12
C SER W 103 -42.57 -30.00 -66.95
N ASP W 104 -43.72 -30.67 -66.81
CA ASP W 104 -44.10 -31.34 -65.58
C ASP W 104 -44.16 -32.86 -65.71
N ASP W 105 -43.17 -33.45 -66.39
CA ASP W 105 -42.96 -34.89 -66.37
C ASP W 105 -41.63 -35.21 -67.05
N LEU W 106 -40.89 -36.16 -66.49
CA LEU W 106 -39.60 -36.56 -67.05
C LEU W 106 -39.39 -38.04 -66.84
N LYS W 107 -38.41 -38.60 -67.56
CA LYS W 107 -37.94 -39.97 -67.38
C LYS W 107 -36.46 -39.88 -67.01
N ILE W 108 -36.18 -39.69 -65.73
CA ILE W 108 -34.83 -39.42 -65.27
C ILE W 108 -34.16 -40.72 -64.86
N TYR W 109 -32.95 -40.95 -65.37
CA TYR W 109 -32.14 -42.09 -64.98
C TYR W 109 -31.01 -41.60 -64.08
N ILE W 110 -30.90 -42.18 -62.89
CA ILE W 110 -29.83 -41.85 -61.96
C ILE W 110 -29.03 -43.11 -61.70
N PRO W 111 -27.71 -43.02 -61.60
CA PRO W 111 -26.90 -44.22 -61.30
C PRO W 111 -27.35 -44.89 -60.02
N TYR W 112 -27.06 -46.18 -59.86
CA TYR W 112 -27.45 -46.90 -58.66
C TYR W 112 -26.37 -47.90 -58.26
N SER W 113 -26.25 -48.09 -56.95
CA SER W 113 -25.46 -49.14 -56.34
C SER W 113 -26.23 -49.65 -55.13
N SER W 114 -25.63 -50.59 -54.39
CA SER W 114 -26.30 -51.15 -53.24
C SER W 114 -25.30 -51.41 -52.14
N PRO W 115 -25.74 -51.36 -50.87
CA PRO W 115 -24.81 -51.57 -49.76
C PRO W 115 -24.27 -52.99 -49.75
N ASP W 116 -22.95 -53.11 -49.62
CA ASP W 116 -22.29 -54.39 -49.49
C ASP W 116 -21.63 -54.46 -48.12
N ALA W 117 -21.87 -55.56 -47.40
CA ALA W 117 -21.49 -55.66 -46.00
C ALA W 117 -19.99 -55.91 -45.88
N ARG W 118 -19.55 -56.28 -44.66
CA ARG W 118 -18.16 -56.42 -44.24
C ARG W 118 -17.46 -55.08 -44.13
N ASN W 119 -18.20 -53.97 -44.22
CA ASN W 119 -17.67 -52.63 -44.05
C ASN W 119 -18.77 -51.78 -43.42
N SER W 120 -18.43 -50.52 -43.12
CA SER W 120 -19.42 -49.53 -42.72
C SER W 120 -19.67 -48.58 -43.90
N MET W 121 -20.47 -47.54 -43.67
CA MET W 121 -20.70 -46.52 -44.68
C MET W 121 -19.73 -45.35 -44.57
N LYS W 122 -19.62 -44.76 -43.37
CA LYS W 122 -18.59 -43.78 -43.02
C LYS W 122 -18.36 -42.76 -44.13
N THR W 123 -19.38 -41.96 -44.38
CA THR W 123 -19.35 -40.98 -45.45
C THR W 123 -18.69 -39.69 -44.98
N LYS W 124 -18.02 -39.00 -45.91
CA LYS W 124 -17.30 -37.76 -45.63
C LYS W 124 -17.51 -36.78 -46.77
N PRO W 125 -17.53 -35.48 -46.47
CA PRO W 125 -17.69 -34.47 -47.52
C PRO W 125 -16.41 -34.25 -48.29
N VAL W 126 -16.58 -33.78 -49.54
CA VAL W 126 -15.46 -33.45 -50.41
C VAL W 126 -15.77 -32.17 -51.15
N SER W 127 -14.81 -31.26 -51.20
CA SER W 127 -14.91 -30.02 -51.97
C SER W 127 -14.36 -30.23 -53.38
N ILE W 128 -14.15 -29.15 -54.12
CA ILE W 128 -13.49 -29.21 -55.41
C ILE W 128 -12.45 -28.10 -55.49
N SER W 129 -11.23 -28.47 -55.88
CA SER W 129 -10.08 -27.60 -55.96
C SER W 129 -9.22 -28.13 -57.11
N ASP W 130 -7.93 -27.76 -57.11
CA ASP W 130 -6.95 -28.36 -58.02
C ASP W 130 -7.31 -28.04 -59.48
N ASP W 131 -7.12 -26.76 -59.81
CA ASP W 131 -7.53 -26.20 -61.11
C ASP W 131 -7.22 -27.08 -62.31
N THR W 132 -6.24 -27.99 -62.18
CA THR W 132 -6.11 -29.02 -63.20
C THR W 132 -7.36 -29.89 -63.29
N ILE W 133 -8.03 -30.12 -62.15
CA ILE W 133 -9.23 -30.94 -62.15
C ILE W 133 -10.37 -30.23 -62.87
N VAL W 134 -10.56 -28.95 -62.57
CA VAL W 134 -11.58 -28.16 -63.25
C VAL W 134 -11.20 -27.85 -64.68
N ASN W 135 -9.96 -28.18 -65.08
CA ASN W 135 -9.63 -28.31 -66.50
C ASN W 135 -9.94 -29.71 -66.99
N ASN W 136 -9.80 -30.70 -66.11
CA ASN W 136 -10.05 -32.09 -66.49
C ASN W 136 -11.52 -32.33 -66.78
N ILE W 137 -12.41 -31.51 -66.22
CA ILE W 137 -13.84 -31.75 -66.34
C ILE W 137 -14.45 -30.77 -67.34
N ILE W 138 -13.92 -29.56 -67.42
CA ILE W 138 -14.37 -28.64 -68.46
C ILE W 138 -13.95 -29.15 -69.83
N LYS W 139 -12.88 -29.94 -69.90
CA LYS W 139 -12.44 -30.51 -71.17
C LYS W 139 -13.17 -31.81 -71.47
N GLU W 140 -13.46 -32.61 -70.45
CA GLU W 140 -14.03 -33.93 -70.65
C GLU W 140 -15.54 -33.96 -70.40
N VAL W 141 -15.98 -33.58 -69.21
CA VAL W 141 -17.37 -33.81 -68.82
C VAL W 141 -18.26 -32.59 -69.02
N PHE W 142 -17.68 -31.40 -69.15
CA PHE W 142 -18.43 -30.20 -69.47
C PHE W 142 -18.27 -29.77 -70.92
N ASP W 143 -17.48 -30.50 -71.71
CA ASP W 143 -17.25 -30.17 -73.10
C ASP W 143 -17.92 -31.13 -74.05
N LYS W 144 -17.66 -32.44 -73.92
CA LYS W 144 -18.27 -33.36 -74.88
C LYS W 144 -19.75 -33.54 -74.66
N ILE W 145 -20.30 -32.72 -73.77
CA ILE W 145 -21.73 -32.56 -73.65
C ILE W 145 -22.22 -31.23 -74.21
N TYR W 146 -21.39 -30.19 -74.19
CA TYR W 146 -21.77 -28.86 -74.65
C TYR W 146 -20.67 -28.23 -75.47
N ASN W 147 -20.06 -28.97 -76.39
CA ASN W 147 -18.98 -28.42 -77.21
C ASN W 147 -19.51 -27.73 -78.46
N ILE W 148 -20.48 -26.85 -78.27
CA ILE W 148 -20.88 -25.87 -79.27
C ILE W 148 -20.44 -24.47 -78.87
N THR W 149 -20.55 -24.17 -77.58
CA THR W 149 -19.92 -23.03 -76.93
C THR W 149 -18.46 -23.37 -76.62
N GLN W 150 -17.85 -22.62 -75.71
CA GLN W 150 -16.46 -22.76 -75.28
C GLN W 150 -15.49 -22.13 -76.26
N LYS W 151 -15.99 -21.25 -77.12
CA LYS W 151 -15.17 -20.27 -77.80
C LYS W 151 -15.42 -18.86 -77.27
N GLU W 152 -16.47 -18.68 -76.47
CA GLU W 152 -16.94 -17.38 -76.01
C GLU W 152 -17.04 -17.29 -74.49
N LYS W 153 -17.46 -18.36 -73.82
CA LYS W 153 -17.77 -18.37 -72.40
C LYS W 153 -16.81 -19.25 -71.61
N VAL W 154 -15.51 -19.14 -71.91
CA VAL W 154 -14.52 -19.94 -71.21
C VAL W 154 -13.54 -19.09 -70.41
N LYS W 155 -13.42 -17.79 -70.70
CA LYS W 155 -12.71 -16.87 -69.81
C LYS W 155 -13.64 -15.82 -69.22
N ILE W 156 -14.87 -15.73 -69.69
CA ILE W 156 -15.97 -15.16 -68.92
C ILE W 156 -16.68 -16.37 -68.35
N GLU W 157 -15.91 -17.45 -68.19
CA GLU W 157 -16.33 -18.80 -67.85
C GLU W 157 -17.39 -18.86 -66.77
N LYS W 158 -17.02 -18.48 -65.54
CA LYS W 158 -17.90 -18.59 -64.38
C LYS W 158 -18.61 -19.94 -64.30
N VAL W 159 -17.97 -21.01 -64.77
CA VAL W 159 -18.46 -22.36 -64.53
C VAL W 159 -17.61 -23.10 -63.50
N LYS W 160 -16.29 -22.90 -63.52
CA LYS W 160 -15.47 -23.36 -62.41
C LYS W 160 -15.78 -22.58 -61.15
N GLU W 161 -16.06 -21.27 -61.29
CA GLU W 161 -16.64 -20.50 -60.20
C GLU W 161 -17.89 -21.17 -59.66
N ASP W 162 -18.56 -21.97 -60.47
CA ASP W 162 -19.70 -22.75 -60.01
C ASP W 162 -19.34 -24.20 -59.68
N ILE W 163 -18.36 -24.77 -60.38
CA ILE W 163 -17.93 -26.13 -60.07
C ILE W 163 -17.32 -26.19 -58.66
N LYS W 164 -16.33 -25.33 -58.40
CA LYS W 164 -15.72 -25.31 -57.08
C LYS W 164 -16.74 -24.95 -56.01
N GLU W 165 -17.62 -24.00 -56.31
CA GLU W 165 -18.62 -23.57 -55.34
C GLU W 165 -19.70 -24.64 -55.15
N LEU W 166 -20.47 -24.92 -56.19
CA LEU W 166 -21.64 -25.76 -56.05
C LEU W 166 -21.27 -27.22 -55.83
N PHE W 167 -20.53 -27.81 -56.77
CA PHE W 167 -20.47 -29.26 -56.84
C PHE W 167 -19.66 -29.87 -55.70
N SER W 168 -20.13 -29.69 -54.48
CA SER W 168 -19.66 -30.49 -53.37
C SER W 168 -20.40 -31.83 -53.37
N TYR W 169 -19.93 -32.74 -52.52
CA TYR W 169 -20.55 -34.06 -52.44
C TYR W 169 -19.93 -34.79 -51.25
N TYR W 170 -20.51 -35.95 -50.95
CA TYR W 170 -20.10 -36.76 -49.80
C TYR W 170 -19.62 -38.11 -50.30
N ALA W 171 -18.32 -38.19 -50.61
CA ALA W 171 -17.75 -39.44 -51.08
C ALA W 171 -17.67 -40.46 -49.95
N LEU W 172 -17.76 -41.74 -50.32
CA LEU W 172 -17.66 -42.80 -49.32
C LEU W 172 -16.30 -42.80 -48.65
N GLU W 173 -15.24 -42.68 -49.44
CA GLU W 173 -13.86 -42.72 -48.93
C GLU W 173 -13.62 -43.97 -48.10
N GLN W 174 -14.04 -45.10 -48.65
CA GLN W 174 -13.90 -46.39 -47.96
C GLN W 174 -12.50 -46.95 -48.17
N SER X 2 -3.22 41.17 -27.65
CA SER X 2 -3.06 42.41 -26.90
C SER X 2 -2.78 42.14 -25.43
N THR X 3 -2.87 43.19 -24.61
CA THR X 3 -2.65 43.14 -23.18
C THR X 3 -1.26 42.59 -22.85
N GLN X 4 -0.25 43.36 -23.26
CA GLN X 4 1.13 43.00 -22.97
C GLN X 4 1.35 42.94 -21.47
N ARG X 5 2.04 41.89 -21.03
CA ARG X 5 2.16 41.57 -19.61
C ARG X 5 3.57 41.83 -19.10
N GLU X 6 3.66 42.34 -17.87
CA GLU X 6 4.92 42.42 -17.16
C GLU X 6 4.92 41.38 -16.05
N TYR X 7 6.10 41.19 -15.46
CA TYR X 7 6.31 40.16 -14.46
C TYR X 7 6.72 40.82 -13.16
N VAL X 8 5.74 41.19 -12.34
CA VAL X 8 6.05 41.78 -11.05
C VAL X 8 6.42 40.68 -10.07
N PHE X 9 7.72 40.40 -10.00
CA PHE X 9 8.27 39.46 -9.05
C PHE X 9 7.99 39.91 -7.62
N ILE X 10 7.94 38.95 -6.71
CA ILE X 10 7.60 39.24 -5.32
C ILE X 10 8.75 38.82 -4.41
N PRO X 11 9.79 39.65 -4.28
CA PRO X 11 10.84 39.36 -3.30
C PRO X 11 10.57 40.02 -1.97
N ILE X 12 11.51 39.91 -1.04
CA ILE X 12 11.38 40.55 0.27
C ILE X 12 11.70 42.03 0.15
N THR X 13 12.13 42.46 -1.03
CA THR X 13 12.56 43.85 -1.20
C THR X 13 11.35 44.78 -1.28
N ASN X 14 11.59 46.03 -0.91
CA ASN X 14 10.56 47.06 -0.95
C ASN X 14 10.47 47.74 -2.31
N SER X 15 11.48 47.60 -3.16
CA SER X 15 11.58 48.39 -4.38
C SER X 15 10.61 47.95 -5.46
N ILE X 16 9.72 46.99 -5.20
CA ILE X 16 8.85 46.53 -6.27
C ILE X 16 7.62 47.42 -6.34
N THR X 17 7.82 48.64 -6.82
CA THR X 17 6.79 49.59 -7.21
C THR X 17 7.29 50.37 -8.43
N ILE X 18 7.82 49.64 -9.41
CA ILE X 18 8.70 50.22 -10.43
C ILE X 18 7.92 51.04 -11.44
N ASP X 19 6.63 51.29 -11.15
CA ASP X 19 5.74 52.18 -11.92
C ASP X 19 5.17 51.53 -13.17
N VAL X 20 5.17 50.20 -13.26
CA VAL X 20 4.38 49.52 -14.28
C VAL X 20 2.95 49.46 -13.76
N LYS X 21 2.16 50.49 -14.06
CA LYS X 21 0.94 50.77 -13.32
C LYS X 21 -0.34 50.37 -14.04
N ILE X 22 -0.49 50.77 -15.31
CA ILE X 22 -1.77 50.72 -16.03
C ILE X 22 -2.35 49.31 -15.98
N THR X 23 -3.67 49.21 -16.04
CA THR X 23 -4.34 47.93 -15.93
C THR X 23 -4.49 47.30 -17.31
N ILE X 24 -5.23 46.20 -17.38
CA ILE X 24 -5.10 45.25 -18.49
C ILE X 24 -6.09 45.69 -19.55
N GLY X 25 -5.75 46.75 -20.27
CA GLY X 25 -6.85 47.33 -21.02
C GLY X 25 -7.88 47.68 -19.95
N GLY X 26 -8.82 46.76 -19.75
CA GLY X 26 -9.57 46.73 -18.51
C GLY X 26 -8.69 46.21 -17.39
N SER X 27 -9.19 45.29 -16.57
CA SER X 27 -8.40 44.76 -15.45
C SER X 27 -8.27 43.25 -15.55
N ASP X 28 -8.04 42.76 -16.77
CA ASP X 28 -8.00 41.33 -17.08
C ASP X 28 -6.65 40.74 -16.68
N HIS X 29 -6.41 40.72 -15.36
CA HIS X 29 -5.17 40.15 -14.85
C HIS X 29 -5.09 38.67 -15.17
N ILE X 30 -3.88 38.12 -15.00
CA ILE X 30 -3.67 36.68 -15.07
C ILE X 30 -3.63 36.08 -13.67
N THR X 31 -3.07 36.81 -12.71
CA THR X 31 -3.10 36.41 -11.32
C THR X 31 -4.41 36.84 -10.68
N ASN X 32 -4.95 35.99 -9.81
CA ASN X 32 -6.24 36.21 -9.19
C ASN X 32 -6.14 35.98 -7.69
N ILE X 33 -7.07 36.60 -6.95
CA ILE X 33 -7.10 36.52 -5.49
C ILE X 33 -8.45 35.99 -5.03
N ASP X 34 -9.03 35.06 -5.79
CA ASP X 34 -10.47 34.78 -5.74
C ASP X 34 -11.06 34.71 -4.33
N GLU X 35 -10.81 33.65 -3.59
CA GLU X 35 -10.94 33.71 -2.14
C GLU X 35 -10.02 32.77 -1.40
N ARG X 36 -9.17 32.01 -2.09
CA ARG X 36 -8.34 31.00 -1.46
C ARG X 36 -6.87 31.38 -1.43
N GLY X 37 -6.46 32.40 -2.18
CA GLY X 37 -5.06 32.77 -2.23
C GLY X 37 -4.66 33.42 -3.53
N ILE X 38 -3.63 32.85 -4.17
CA ILE X 38 -3.07 33.40 -5.40
C ILE X 38 -3.11 32.31 -6.46
N HIS X 39 -3.32 32.72 -7.71
CA HIS X 39 -3.50 31.78 -8.79
C HIS X 39 -2.70 32.21 -10.01
N ASN X 40 -2.35 31.22 -10.84
CA ASN X 40 -1.65 31.45 -12.10
C ASN X 40 -0.34 32.19 -11.90
N VAL X 41 0.44 31.75 -10.89
CA VAL X 41 1.74 32.34 -10.65
C VAL X 41 2.71 31.85 -11.72
N LEU X 42 3.44 32.78 -12.33
CA LEU X 42 4.44 32.40 -13.31
C LEU X 42 5.73 31.99 -12.63
N VAL X 43 6.37 30.96 -13.18
CA VAL X 43 7.65 30.47 -12.71
C VAL X 43 8.59 30.44 -13.90
N ILE X 44 9.76 31.07 -13.76
CA ILE X 44 10.81 30.99 -14.75
C ILE X 44 12.09 30.55 -14.06
N THR X 45 12.94 29.86 -14.81
CA THR X 45 14.11 29.21 -14.24
C THR X 45 15.39 29.85 -14.77
N GLY X 46 16.38 29.97 -13.89
CA GLY X 46 17.67 30.52 -14.27
C GLY X 46 17.76 32.02 -14.11
N TYR X 47 17.27 32.55 -12.98
CA TYR X 47 17.22 33.99 -12.78
C TYR X 47 17.48 34.30 -11.31
N ALA X 48 17.43 35.59 -10.97
CA ALA X 48 17.76 36.08 -9.64
C ALA X 48 17.28 37.52 -9.51
N VAL X 49 16.70 37.85 -8.36
CA VAL X 49 15.88 39.05 -8.24
C VAL X 49 16.69 40.29 -7.87
N ASP X 50 18.02 40.17 -7.89
CA ASP X 50 18.91 41.32 -7.80
C ASP X 50 18.83 42.04 -6.46
N GLU X 51 17.88 41.61 -5.61
CA GLU X 51 17.74 41.99 -4.19
C GLU X 51 17.71 43.50 -3.94
N LYS X 52 17.69 44.30 -5.00
CA LYS X 52 17.50 45.75 -4.88
C LYS X 52 17.16 46.34 -6.25
N ASN X 53 15.95 46.89 -6.38
CA ASN X 53 15.41 47.30 -7.68
C ASN X 53 15.60 46.18 -8.70
N GLY X 54 15.02 45.03 -8.36
CA GLY X 54 15.36 43.81 -9.04
C GLY X 54 14.93 43.79 -10.50
N ARG X 55 15.70 43.07 -11.31
CA ARG X 55 15.40 42.97 -12.73
C ARG X 55 15.59 41.56 -13.26
N LEU X 56 15.69 40.56 -12.40
CA LEU X 56 15.78 39.14 -12.81
C LEU X 56 16.97 38.92 -13.76
N VAL X 57 18.15 39.12 -13.20
CA VAL X 57 19.38 38.86 -13.96
C VAL X 57 19.39 37.42 -14.43
N PRO X 58 19.65 37.15 -15.71
CA PRO X 58 19.59 35.78 -16.22
C PRO X 58 20.88 35.02 -15.93
N THR X 59 20.79 34.00 -15.11
CA THR X 59 21.82 33.01 -15.01
C THR X 59 21.43 31.79 -15.85
N LEU X 60 22.25 30.74 -15.79
CA LEU X 60 22.00 29.54 -16.56
C LEU X 60 21.60 28.36 -15.69
N ASP X 61 21.56 28.54 -14.38
CA ASP X 61 21.27 27.45 -13.46
C ASP X 61 19.84 26.98 -13.62
N PRO X 62 19.59 25.73 -14.02
CA PRO X 62 18.21 25.24 -14.08
C PRO X 62 17.56 25.15 -12.72
N CYS X 63 18.34 25.12 -11.64
CA CYS X 63 17.78 25.06 -10.30
C CYS X 63 17.30 26.42 -9.83
N ASP X 64 17.97 27.49 -10.25
CA ASP X 64 17.56 28.84 -9.89
C ASP X 64 16.21 29.16 -10.53
N TYR X 65 15.28 29.64 -9.72
CA TYR X 65 13.96 29.99 -10.21
C TYR X 65 13.48 31.25 -9.49
N VAL X 66 12.47 31.88 -10.08
CA VAL X 66 11.83 33.05 -9.50
C VAL X 66 10.34 32.93 -9.69
N LYS X 67 9.57 33.20 -8.64
CA LYS X 67 8.13 33.28 -8.71
C LYS X 67 7.70 34.75 -8.61
N GLY X 68 6.40 34.97 -8.74
CA GLY X 68 5.86 36.31 -8.81
C GLY X 68 4.57 36.31 -9.60
N ILE X 69 3.79 37.36 -9.39
CA ILE X 69 2.48 37.48 -10.01
C ILE X 69 2.64 38.13 -11.37
N LEU X 70 1.71 37.81 -12.27
CA LEU X 70 1.76 38.26 -13.66
C LEU X 70 0.63 39.25 -13.90
N VAL X 71 0.97 40.44 -14.37
CA VAL X 71 0.01 41.50 -14.62
C VAL X 71 0.39 42.14 -15.95
N ALA X 72 -0.55 42.87 -16.55
CA ALA X 72 -0.28 43.70 -17.71
C ALA X 72 -0.21 45.16 -17.28
N GLY X 73 0.77 45.89 -17.82
CA GLY X 73 0.96 47.27 -17.47
C GLY X 73 1.97 47.90 -18.38
N THR X 74 2.17 49.19 -18.21
CA THR X 74 3.13 49.91 -19.02
C THR X 74 4.54 49.59 -18.56
N PRO X 75 5.39 49.01 -19.40
CA PRO X 75 6.72 48.60 -18.94
C PRO X 75 7.62 49.77 -18.61
N GLN X 76 7.47 50.30 -17.39
CA GLN X 76 8.29 51.41 -16.89
C GLN X 76 7.93 52.73 -17.57
N GLN X 77 6.64 52.92 -17.89
CA GLN X 77 6.14 54.13 -18.54
C GLN X 77 6.92 54.40 -19.84
N ALA X 78 6.82 53.44 -20.75
CA ALA X 78 7.49 53.50 -22.06
C ALA X 78 9.01 53.63 -21.91
N GLN X 79 9.58 52.86 -20.99
CA GLN X 79 11.03 52.73 -20.85
C GLN X 79 11.32 51.23 -20.81
N SER X 80 11.48 50.63 -22.00
CA SER X 80 11.62 49.18 -22.14
C SER X 80 13.08 48.74 -22.23
N ASN X 81 14.01 49.51 -21.64
CA ASN X 81 15.42 49.18 -21.74
C ASN X 81 15.80 48.01 -20.83
N ASP X 82 15.08 47.81 -19.74
CA ASP X 82 15.32 46.72 -18.81
C ASP X 82 14.21 45.66 -18.87
N PHE X 83 13.75 45.35 -20.07
CA PHE X 83 12.75 44.31 -20.26
C PHE X 83 13.17 43.42 -21.42
N LEU X 84 12.56 42.25 -21.50
CA LEU X 84 13.05 41.19 -22.37
C LEU X 84 12.25 41.01 -23.66
N THR X 85 11.13 41.72 -23.81
CA THR X 85 10.39 41.76 -25.08
C THR X 85 10.00 40.35 -25.52
N LEU X 86 9.10 39.77 -24.73
CA LEU X 86 8.64 38.40 -24.96
C LEU X 86 7.19 38.39 -25.42
N LYS X 87 6.83 37.29 -26.10
CA LYS X 87 5.45 37.09 -26.55
C LYS X 87 5.27 35.60 -26.81
N LEU X 88 4.46 34.95 -25.98
CA LEU X 88 4.43 33.50 -25.97
C LEU X 88 3.03 32.98 -26.21
N PRO X 89 2.90 31.77 -26.79
CA PRO X 89 1.58 31.21 -27.08
C PRO X 89 0.75 30.88 -25.85
N ALA X 90 1.25 31.21 -24.66
CA ALA X 90 0.58 31.07 -23.38
C ALA X 90 0.38 29.61 -22.99
N ASN X 91 0.74 28.66 -23.84
CA ASN X 91 0.93 27.28 -23.41
C ASN X 91 2.35 27.06 -22.92
N LYS X 92 3.32 27.77 -23.50
CA LYS X 92 4.69 27.75 -23.03
C LYS X 92 4.83 28.35 -21.64
N LEU X 93 3.82 29.05 -21.17
CA LEU X 93 3.84 29.61 -19.82
C LEU X 93 3.87 28.49 -18.79
N TYR X 94 4.86 28.53 -17.91
CA TYR X 94 4.89 27.66 -16.74
C TYR X 94 4.12 28.40 -15.65
N LEU X 95 2.87 28.00 -15.46
CA LEU X 95 1.93 28.78 -14.66
C LEU X 95 1.26 27.86 -13.64
N ILE X 96 1.80 27.83 -12.42
CA ILE X 96 1.25 26.97 -11.39
C ILE X 96 -0.12 27.47 -10.94
N ARG X 97 -0.90 26.56 -10.36
CA ARG X 97 -2.25 26.84 -9.89
C ARG X 97 -3.12 27.42 -11.02
N LYS X 98 -3.34 26.59 -12.02
CA LYS X 98 -4.07 26.99 -13.22
C LYS X 98 -5.55 27.17 -12.94
N LYS X 99 -5.91 28.19 -12.17
CA LYS X 99 -7.30 28.49 -11.88
C LYS X 99 -7.89 29.23 -13.07
N GLY X 100 -8.62 28.51 -13.93
CA GLY X 100 -9.16 29.09 -15.14
C GLY X 100 -8.18 29.00 -16.30
N ASN X 101 -8.70 28.64 -17.47
CA ASN X 101 -7.85 28.50 -18.66
C ASN X 101 -7.25 29.84 -19.07
N ILE X 102 -6.29 29.78 -19.97
CA ILE X 102 -5.51 30.94 -20.37
C ILE X 102 -5.73 31.21 -21.86
N SER X 103 -5.27 32.38 -22.31
CA SER X 103 -5.43 32.80 -23.70
C SER X 103 -4.43 32.04 -24.58
N ASP X 104 -4.32 32.47 -25.84
CA ASP X 104 -3.46 31.81 -26.82
C ASP X 104 -2.25 32.63 -27.21
N ASP X 105 -2.22 33.92 -26.91
CA ASP X 105 -1.10 34.83 -27.12
C ASP X 105 -1.35 36.09 -26.31
N LEU X 106 -0.44 36.52 -25.44
CA LEU X 106 -0.73 37.83 -24.88
C LEU X 106 0.35 38.87 -25.18
N LYS X 107 1.44 38.83 -24.41
CA LYS X 107 2.76 39.40 -24.64
C LYS X 107 3.44 39.32 -23.29
N ILE X 108 4.77 39.37 -23.21
CA ILE X 108 5.44 39.31 -21.92
C ILE X 108 6.58 40.31 -21.90
N TYR X 109 6.68 41.08 -20.81
CA TYR X 109 7.77 42.02 -20.60
C TYR X 109 8.27 41.83 -19.16
N ILE X 110 9.18 40.90 -18.97
CA ILE X 110 9.72 40.65 -17.63
C ILE X 110 10.83 41.67 -17.36
N PRO X 111 11.00 42.13 -16.13
CA PRO X 111 12.15 42.96 -15.80
C PRO X 111 13.44 42.27 -16.23
N TYR X 112 14.38 43.05 -16.72
CA TYR X 112 15.60 42.50 -17.29
C TYR X 112 16.81 43.28 -16.83
N SER X 113 17.91 42.56 -16.62
CA SER X 113 19.22 43.13 -16.43
C SER X 113 20.22 42.19 -17.07
N SER X 114 21.50 42.50 -16.96
CA SER X 114 22.55 41.68 -17.54
C SER X 114 23.54 41.29 -16.46
N PRO X 115 24.34 40.25 -16.71
CA PRO X 115 25.38 39.87 -15.75
C PRO X 115 26.35 41.01 -15.46
N ASP X 116 26.36 41.48 -14.22
CA ASP X 116 27.30 42.50 -13.80
C ASP X 116 28.61 41.80 -13.47
N ALA X 117 29.59 41.97 -14.35
CA ALA X 117 30.78 41.12 -14.34
C ALA X 117 31.69 41.52 -13.18
N ARG X 118 32.90 40.95 -13.17
CA ARG X 118 33.93 41.01 -12.14
C ARG X 118 33.58 40.14 -10.96
N ASN X 119 32.39 39.55 -10.90
CA ASN X 119 31.95 38.73 -9.79
C ASN X 119 31.11 37.59 -10.32
N SER X 120 31.24 36.41 -9.71
CA SER X 120 30.37 35.30 -10.07
C SER X 120 28.93 35.62 -9.67
N MET X 121 28.01 34.78 -10.14
CA MET X 121 26.62 34.93 -9.73
C MET X 121 26.45 34.56 -8.26
N LYS X 122 26.77 33.32 -7.92
CA LYS X 122 26.76 32.84 -6.53
C LYS X 122 25.46 33.23 -5.83
N THR X 123 24.36 32.70 -6.34
CA THR X 123 23.06 33.00 -5.77
C THR X 123 22.71 32.02 -4.65
N LYS X 124 21.81 32.44 -3.79
CA LYS X 124 21.32 31.66 -2.66
C LYS X 124 19.80 31.65 -2.65
N PRO X 125 19.18 30.57 -2.20
CA PRO X 125 17.73 30.56 -2.04
C PRO X 125 17.28 31.58 -1.00
N VAL X 126 16.05 32.04 -1.16
CA VAL X 126 15.46 33.04 -0.27
C VAL X 126 13.99 32.73 -0.10
N SER X 127 13.54 32.67 1.16
CA SER X 127 12.14 32.48 1.48
C SER X 127 11.52 33.82 1.88
N ILE X 128 10.28 33.78 2.34
CA ILE X 128 9.57 34.97 2.82
C ILE X 128 9.18 34.72 4.27
N SER X 129 9.84 35.43 5.19
CA SER X 129 9.57 35.31 6.61
C SER X 129 9.31 36.68 7.21
N ASP X 130 9.30 36.77 8.54
CA ASP X 130 9.25 38.04 9.28
C ASP X 130 8.05 38.88 8.82
N ASP X 131 6.87 38.41 9.24
CA ASP X 131 5.56 38.84 8.76
C ASP X 131 5.45 40.34 8.50
N THR X 132 6.27 41.15 9.16
CA THR X 132 6.39 42.56 8.78
C THR X 132 6.49 42.73 7.27
N ILE X 133 7.35 41.93 6.63
CA ILE X 133 7.43 41.97 5.18
C ILE X 133 6.15 41.43 4.55
N VAL X 134 5.56 40.37 5.14
CA VAL X 134 4.31 39.84 4.62
C VAL X 134 3.26 40.92 4.55
N ASN X 135 3.25 41.82 5.54
CA ASN X 135 2.39 43.00 5.47
C ASN X 135 2.94 44.00 4.46
N ASN X 136 4.26 44.25 4.51
CA ASN X 136 4.89 45.13 3.53
C ASN X 136 4.56 44.72 2.12
N ILE X 137 4.60 43.41 1.84
CA ILE X 137 4.30 42.93 0.49
C ILE X 137 2.88 43.32 0.09
N ILE X 138 1.89 42.84 0.85
CA ILE X 138 0.50 43.16 0.56
C ILE X 138 0.22 44.65 0.69
N LYS X 139 1.17 45.42 1.23
CA LYS X 139 0.97 46.85 1.39
C LYS X 139 1.06 47.58 0.04
N GLU X 140 2.00 47.18 -0.82
CA GLU X 140 2.19 47.85 -2.10
C GLU X 140 1.75 46.99 -3.28
N VAL X 141 2.32 45.80 -3.44
CA VAL X 141 2.12 45.07 -4.68
C VAL X 141 0.77 44.37 -4.74
N PHE X 142 0.08 44.22 -3.61
CA PHE X 142 -1.20 43.54 -3.60
C PHE X 142 -2.37 44.50 -3.41
N ASP X 143 -2.35 45.33 -2.37
CA ASP X 143 -3.49 46.20 -2.10
C ASP X 143 -3.75 47.14 -3.28
N LYS X 144 -2.82 48.05 -3.55
CA LYS X 144 -3.09 49.11 -4.52
C LYS X 144 -3.19 48.61 -5.96
N ILE X 145 -2.84 47.36 -6.24
CA ILE X 145 -3.05 46.78 -7.56
C ILE X 145 -4.29 45.89 -7.53
N TYR X 146 -4.55 45.27 -6.38
CA TYR X 146 -5.71 44.39 -6.23
C TYR X 146 -6.65 44.91 -5.15
N ASN X 147 -6.97 46.20 -5.20
CA ASN X 147 -7.98 46.81 -4.33
C ASN X 147 -9.37 46.29 -4.61
N ILE X 148 -9.46 45.28 -5.47
CA ILE X 148 -10.71 44.54 -5.65
C ILE X 148 -11.29 44.14 -4.30
N THR X 149 -10.42 43.82 -3.35
CA THR X 149 -10.86 43.31 -2.05
C THR X 149 -9.84 43.71 -0.99
N GLN X 150 -9.81 42.99 0.13
CA GLN X 150 -9.02 43.18 1.35
C GLN X 150 -9.65 44.22 2.25
N LYS X 151 -10.74 44.86 1.83
CA LYS X 151 -11.56 45.66 2.72
C LYS X 151 -12.95 45.09 2.88
N GLU X 152 -13.32 44.08 2.09
CA GLU X 152 -14.65 43.47 2.12
C GLU X 152 -14.62 42.02 2.57
N LYS X 153 -13.79 41.19 1.96
CA LYS X 153 -13.75 39.77 2.30
C LYS X 153 -13.12 39.57 3.67
N VAL X 154 -13.14 38.31 4.12
CA VAL X 154 -12.61 37.95 5.42
C VAL X 154 -11.38 37.04 5.33
N LYS X 155 -11.23 36.26 4.25
CA LYS X 155 -10.12 35.33 4.12
C LYS X 155 -8.98 36.01 3.37
N ILE X 156 -8.30 36.91 4.09
CA ILE X 156 -7.05 37.48 3.62
C ILE X 156 -5.92 36.76 4.34
N GLU X 157 -6.23 36.24 5.53
CA GLU X 157 -5.29 35.36 6.22
C GLU X 157 -5.01 34.10 5.42
N LYS X 158 -5.90 33.73 4.48
CA LYS X 158 -5.58 32.64 3.57
C LYS X 158 -4.49 33.06 2.59
N VAL X 159 -4.66 34.22 1.95
CA VAL X 159 -3.62 34.69 1.05
C VAL X 159 -2.41 35.18 1.83
N LYS X 160 -2.61 35.67 3.05
CA LYS X 160 -1.50 36.22 3.83
C LYS X 160 -0.41 35.18 4.08
N GLU X 161 -0.74 33.90 4.05
CA GLU X 161 0.29 32.87 4.19
C GLU X 161 0.77 32.32 2.86
N ASP X 162 0.07 32.59 1.76
CA ASP X 162 0.58 32.24 0.44
C ASP X 162 1.77 33.11 0.06
N ILE X 163 1.80 34.36 0.54
CA ILE X 163 3.03 35.14 0.46
C ILE X 163 4.19 34.36 1.08
N LYS X 164 3.95 33.74 2.24
CA LYS X 164 5.01 33.00 2.91
C LYS X 164 5.25 31.67 2.22
N GLU X 165 4.20 31.01 1.74
CA GLU X 165 4.31 29.65 1.23
C GLU X 165 4.70 29.59 -0.24
N LEU X 166 4.03 30.36 -1.10
CA LEU X 166 4.23 30.21 -2.54
C LEU X 166 5.58 30.76 -2.99
N PHE X 167 5.88 32.02 -2.64
CA PHE X 167 6.93 32.77 -3.31
C PHE X 167 8.24 32.62 -2.56
N SER X 168 9.09 31.72 -3.06
CA SER X 168 10.51 31.67 -2.74
C SER X 168 11.28 31.83 -4.04
N TYR X 169 12.57 32.14 -3.91
CA TYR X 169 13.37 32.47 -5.08
C TYR X 169 14.84 32.40 -4.69
N TYR X 170 15.70 32.66 -5.66
CA TYR X 170 17.14 32.66 -5.48
C TYR X 170 17.65 34.08 -5.73
N ALA X 171 17.83 34.85 -4.66
CA ALA X 171 18.28 36.23 -4.81
C ALA X 171 19.76 36.27 -5.18
N LEU X 172 20.20 37.43 -5.68
CA LEU X 172 21.60 37.59 -6.05
C LEU X 172 22.49 37.56 -4.80
N GLU X 173 22.22 38.46 -3.85
CA GLU X 173 23.00 38.56 -2.62
C GLU X 173 24.48 38.71 -2.95
N GLN X 174 24.80 39.81 -3.63
CA GLN X 174 26.14 40.08 -4.10
C GLN X 174 27.10 40.32 -2.95
N SER Y 2 -58.38 38.13 -41.73
CA SER Y 2 -59.65 38.82 -41.59
C SER Y 2 -59.45 40.23 -41.06
N THR Y 3 -60.50 40.78 -40.45
CA THR Y 3 -60.51 42.12 -39.90
C THR Y 3 -60.78 41.97 -38.39
N GLN Y 4 -61.02 43.09 -37.72
CA GLN Y 4 -61.02 43.21 -36.26
C GLN Y 4 -61.62 41.99 -35.56
N ARG Y 5 -60.84 41.42 -34.65
CA ARG Y 5 -61.26 40.34 -33.78
C ARG Y 5 -61.00 40.76 -32.34
N GLU Y 6 -61.40 39.92 -31.39
CA GLU Y 6 -61.14 40.22 -29.99
C GLU Y 6 -61.15 38.93 -29.19
N TYR Y 7 -60.09 38.70 -28.44
CA TYR Y 7 -60.02 37.58 -27.51
C TYR Y 7 -60.64 37.99 -26.18
N VAL Y 8 -61.16 37.00 -25.46
CA VAL Y 8 -61.73 37.25 -24.14
C VAL Y 8 -61.54 35.99 -23.30
N PHE Y 9 -61.07 36.19 -22.08
CA PHE Y 9 -60.70 35.09 -21.19
C PHE Y 9 -61.94 34.44 -20.59
N ILE Y 10 -61.70 33.41 -19.77
CA ILE Y 10 -62.78 32.66 -19.12
C ILE Y 10 -62.61 32.76 -17.62
N PRO Y 11 -63.08 33.83 -16.98
CA PRO Y 11 -62.95 33.95 -15.53
C PRO Y 11 -64.18 33.43 -14.80
N ILE Y 12 -63.93 32.75 -13.67
CA ILE Y 12 -65.04 32.28 -12.85
C ILE Y 12 -65.86 33.46 -12.34
N THR Y 13 -65.22 34.61 -12.15
CA THR Y 13 -65.91 35.84 -11.80
C THR Y 13 -66.36 36.52 -13.09
N ASN Y 14 -67.67 36.74 -13.22
CA ASN Y 14 -68.26 37.22 -14.46
C ASN Y 14 -68.75 38.66 -14.34
N SER Y 15 -67.97 39.50 -13.66
CA SER Y 15 -68.23 40.93 -13.67
C SER Y 15 -68.07 41.53 -15.07
N ILE Y 16 -67.31 40.86 -15.94
CA ILE Y 16 -67.11 41.28 -17.32
C ILE Y 16 -67.58 40.13 -18.22
N THR Y 17 -68.62 39.41 -17.74
CA THR Y 17 -69.06 38.16 -18.37
C THR Y 17 -69.00 38.19 -19.90
N ILE Y 18 -69.61 39.19 -20.51
CA ILE Y 18 -69.44 39.38 -21.95
C ILE Y 18 -68.87 40.78 -22.18
N ASP Y 19 -69.66 41.80 -21.84
CA ASP Y 19 -69.29 43.21 -21.97
C ASP Y 19 -68.49 43.49 -23.23
N VAL Y 20 -68.87 42.84 -24.35
CA VAL Y 20 -68.24 43.09 -25.64
C VAL Y 20 -69.35 43.19 -26.68
N LYS Y 21 -69.12 44.02 -27.68
CA LYS Y 21 -70.14 44.40 -28.64
C LYS Y 21 -70.11 43.47 -29.86
N ILE Y 22 -70.71 43.93 -30.95
CA ILE Y 22 -71.30 43.10 -32.01
C ILE Y 22 -70.30 42.15 -32.65
N THR Y 23 -70.83 41.18 -33.39
CA THR Y 23 -70.05 40.16 -34.06
C THR Y 23 -69.36 40.76 -35.28
N ILE Y 24 -68.82 39.90 -36.15
CA ILE Y 24 -67.97 40.33 -37.25
C ILE Y 24 -68.60 41.47 -38.03
N GLY Y 25 -69.85 41.28 -38.44
CA GLY Y 25 -70.42 41.93 -39.58
C GLY Y 25 -70.36 41.06 -40.82
N GLY Y 26 -69.38 40.15 -40.87
CA GLY Y 26 -69.30 39.06 -41.81
C GLY Y 26 -69.78 37.76 -41.17
N SER Y 27 -69.10 36.66 -41.50
CA SER Y 27 -69.56 35.34 -41.05
C SER Y 27 -68.41 34.43 -40.65
N ASP Y 28 -67.32 34.96 -40.11
CA ASP Y 28 -66.13 34.17 -39.79
C ASP Y 28 -65.81 34.25 -38.31
N HIS Y 29 -65.89 33.13 -37.62
CA HIS Y 29 -65.39 32.96 -36.26
C HIS Y 29 -64.08 32.18 -36.28
N ILE Y 30 -63.46 32.07 -35.11
CA ILE Y 30 -62.26 31.26 -34.95
C ILE Y 30 -62.62 30.00 -34.18
N THR Y 31 -63.07 30.17 -32.94
CA THR Y 31 -63.51 29.05 -32.13
C THR Y 31 -64.92 28.63 -32.55
N ASN Y 32 -65.20 27.34 -32.42
CA ASN Y 32 -66.54 26.82 -32.66
C ASN Y 32 -66.63 25.42 -32.08
N ILE Y 33 -67.86 24.93 -31.94
CA ILE Y 33 -68.14 23.66 -31.28
C ILE Y 33 -68.88 22.75 -32.26
N ASP Y 34 -68.49 22.82 -33.54
CA ASP Y 34 -69.30 22.31 -34.65
C ASP Y 34 -69.92 20.93 -34.40
N GLU Y 35 -69.11 19.88 -34.30
CA GLU Y 35 -69.68 18.57 -34.01
C GLU Y 35 -68.94 17.81 -32.92
N ARG Y 36 -67.61 17.90 -32.92
CA ARG Y 36 -66.81 17.02 -32.08
C ARG Y 36 -66.49 17.65 -30.73
N GLY Y 37 -65.99 18.88 -30.74
CA GLY Y 37 -65.65 19.54 -29.50
C GLY Y 37 -65.34 20.99 -29.72
N ILE Y 38 -64.75 21.61 -28.69
CA ILE Y 38 -64.33 23.00 -28.78
C ILE Y 38 -63.06 23.08 -29.63
N HIS Y 39 -63.11 23.90 -30.66
CA HIS Y 39 -62.02 24.09 -31.60
C HIS Y 39 -61.13 25.23 -31.10
N ASN Y 40 -60.33 25.81 -32.00
CA ASN Y 40 -59.21 26.70 -31.68
C ASN Y 40 -59.42 27.56 -30.45
N VAL Y 41 -58.46 27.52 -29.52
CA VAL Y 41 -58.55 28.23 -28.25
C VAL Y 41 -57.23 28.94 -28.04
N LEU Y 42 -57.27 30.25 -27.86
CA LEU Y 42 -56.05 31.03 -27.76
C LEU Y 42 -55.46 30.94 -26.35
N VAL Y 43 -54.14 30.82 -26.29
CA VAL Y 43 -53.40 30.86 -25.03
C VAL Y 43 -52.29 31.89 -25.19
N ILE Y 44 -52.36 32.95 -24.41
CA ILE Y 44 -51.28 33.94 -24.34
C ILE Y 44 -50.58 33.78 -23.01
N THR Y 45 -49.33 34.21 -22.97
CA THR Y 45 -48.44 33.90 -21.85
C THR Y 45 -47.99 35.18 -21.16
N GLY Y 46 -47.89 35.12 -19.84
CA GLY Y 46 -47.42 36.26 -19.08
C GLY Y 46 -48.48 37.30 -18.79
N TYR Y 47 -49.69 36.87 -18.46
CA TYR Y 47 -50.81 37.80 -18.27
C TYR Y 47 -51.76 37.23 -17.23
N ALA Y 48 -51.86 37.91 -16.09
CA ALA Y 48 -52.83 37.57 -15.06
C ALA Y 48 -54.09 38.42 -15.23
N VAL Y 49 -55.21 37.88 -14.76
CA VAL Y 49 -56.51 38.46 -15.06
C VAL Y 49 -56.83 39.65 -14.17
N ASP Y 50 -56.53 39.56 -12.87
CA ASP Y 50 -56.91 40.45 -11.77
C ASP Y 50 -58.37 40.24 -11.34
N GLU Y 51 -59.18 39.52 -12.12
CA GLU Y 51 -60.51 39.01 -11.71
C GLU Y 51 -61.38 40.05 -11.00
N LYS Y 52 -61.03 41.34 -11.12
CA LYS Y 52 -61.77 42.45 -10.51
C LYS Y 52 -61.69 43.59 -11.52
N ASN Y 53 -62.71 43.70 -12.37
CA ASN Y 53 -62.56 44.40 -13.64
C ASN Y 53 -61.37 43.82 -14.40
N GLY Y 54 -61.25 42.50 -14.35
CA GLY Y 54 -60.15 41.79 -14.96
C GLY Y 54 -59.98 42.09 -16.43
N ARG Y 55 -58.81 42.60 -16.80
CA ARG Y 55 -58.48 42.88 -18.19
C ARG Y 55 -57.03 42.51 -18.47
N LEU Y 56 -56.61 41.33 -17.99
CA LEU Y 56 -55.31 40.74 -18.33
C LEU Y 56 -54.14 41.66 -17.96
N VAL Y 57 -53.97 41.82 -16.65
CA VAL Y 57 -52.79 42.52 -16.15
C VAL Y 57 -51.53 41.85 -16.67
N PRO Y 58 -50.56 42.59 -17.21
CA PRO Y 58 -49.37 41.96 -17.78
C PRO Y 58 -48.27 41.73 -16.75
N THR Y 59 -47.57 40.61 -16.93
CA THR Y 59 -46.40 40.29 -16.12
C THR Y 59 -45.33 39.69 -17.04
N LEU Y 60 -44.19 39.38 -16.45
CA LEU Y 60 -43.07 38.84 -17.21
C LEU Y 60 -42.85 37.35 -17.00
N ASP Y 61 -43.55 36.74 -16.05
CA ASP Y 61 -43.43 35.32 -15.81
C ASP Y 61 -43.97 34.53 -17.00
N PRO Y 62 -43.18 33.63 -17.60
CA PRO Y 62 -43.73 32.73 -18.62
C PRO Y 62 -44.56 31.59 -18.04
N CYS Y 63 -44.69 31.52 -16.71
CA CYS Y 63 -45.56 30.50 -16.13
C CYS Y 63 -47.03 30.85 -16.30
N ASP Y 64 -47.34 32.14 -16.35
CA ASP Y 64 -48.72 32.59 -16.43
C ASP Y 64 -49.29 32.40 -17.82
N TYR Y 65 -50.62 32.27 -17.89
CA TYR Y 65 -51.33 32.12 -19.13
C TYR Y 65 -52.82 32.30 -18.86
N VAL Y 66 -53.55 32.68 -19.90
CA VAL Y 66 -55.00 32.84 -19.82
C VAL Y 66 -55.61 32.27 -21.10
N LYS Y 67 -56.08 31.03 -21.03
CA LYS Y 67 -56.78 30.46 -22.17
C LYS Y 67 -58.13 31.14 -22.36
N GLY Y 68 -58.71 30.98 -23.55
CA GLY Y 68 -60.00 31.56 -23.82
C GLY Y 68 -60.31 31.70 -25.29
N ILE Y 69 -61.59 31.69 -25.64
CA ILE Y 69 -61.98 31.80 -27.06
C ILE Y 69 -61.61 33.17 -27.59
N LEU Y 70 -61.58 33.27 -28.92
CA LEU Y 70 -61.29 34.51 -29.61
C LEU Y 70 -62.32 34.67 -30.72
N VAL Y 71 -63.20 35.66 -30.58
CA VAL Y 71 -64.28 35.89 -31.53
C VAL Y 71 -64.04 37.24 -32.21
N ALA Y 72 -64.53 37.38 -33.44
CA ALA Y 72 -64.30 38.57 -34.24
C ALA Y 72 -65.30 39.68 -33.91
N GLY Y 73 -65.28 40.10 -32.65
CA GLY Y 73 -66.13 41.18 -32.20
C GLY Y 73 -65.43 42.53 -32.20
N THR Y 74 -66.21 43.57 -32.43
CA THR Y 74 -65.69 44.93 -32.28
C THR Y 74 -65.27 45.15 -30.82
N PRO Y 75 -64.20 45.91 -30.59
CA PRO Y 75 -63.72 46.08 -29.21
C PRO Y 75 -64.66 46.94 -28.38
N GLN Y 76 -65.82 46.37 -28.01
CA GLN Y 76 -66.73 46.97 -27.04
C GLN Y 76 -67.17 48.38 -27.48
N GLN Y 77 -67.92 48.39 -28.58
CA GLN Y 77 -68.45 49.60 -29.22
C GLN Y 77 -67.40 50.71 -29.25
N ALA Y 78 -66.21 50.36 -29.76
CA ALA Y 78 -65.08 51.28 -29.82
C ALA Y 78 -64.71 51.81 -28.44
N GLN Y 79 -64.34 50.87 -27.56
CA GLN Y 79 -63.82 51.24 -26.24
C GLN Y 79 -62.34 51.53 -26.36
N SER Y 80 -61.95 52.79 -26.12
CA SER Y 80 -60.61 53.27 -26.38
C SER Y 80 -59.73 53.25 -25.14
N ASN Y 81 -59.95 52.30 -24.23
CA ASN Y 81 -59.22 52.36 -22.97
C ASN Y 81 -58.49 51.08 -22.61
N ASP Y 82 -59.05 49.92 -22.92
CA ASP Y 82 -58.63 48.66 -22.29
C ASP Y 82 -58.45 47.55 -23.32
N PHE Y 83 -57.72 47.84 -24.39
CA PHE Y 83 -57.40 46.82 -25.39
C PHE Y 83 -55.97 47.02 -25.86
N LEU Y 84 -55.47 46.03 -26.61
CA LEU Y 84 -54.12 46.10 -27.16
C LEU Y 84 -54.06 46.34 -28.65
N THR Y 85 -55.18 46.29 -29.36
CA THR Y 85 -55.29 46.64 -30.78
C THR Y 85 -54.08 46.17 -31.58
N LEU Y 86 -53.92 44.85 -31.62
CA LEU Y 86 -52.74 44.23 -32.21
C LEU Y 86 -53.11 43.54 -33.52
N LYS Y 87 -52.25 43.68 -34.52
CA LYS Y 87 -52.38 42.98 -35.79
C LYS Y 87 -51.18 42.06 -35.96
N LEU Y 88 -51.43 40.84 -36.43
CA LEU Y 88 -50.45 39.78 -36.37
C LEU Y 88 -50.70 38.82 -37.52
N PRO Y 89 -49.65 38.18 -38.04
CA PRO Y 89 -49.80 37.36 -39.25
C PRO Y 89 -50.39 35.98 -38.98
N ALA Y 90 -50.98 35.80 -37.80
CA ALA Y 90 -51.64 34.56 -37.37
C ALA Y 90 -50.66 33.43 -37.12
N ASN Y 91 -49.37 33.62 -37.38
CA ASN Y 91 -48.37 32.63 -36.98
C ASN Y 91 -47.93 32.83 -35.54
N LYS Y 92 -48.14 34.02 -34.98
CA LYS Y 92 -47.74 34.34 -33.61
C LYS Y 92 -48.84 34.07 -32.61
N LEU Y 93 -49.75 33.14 -32.90
CA LEU Y 93 -50.88 32.85 -32.03
C LEU Y 93 -50.79 31.40 -31.58
N TYR Y 94 -50.92 31.17 -30.28
CA TYR Y 94 -50.78 29.85 -29.69
C TYR Y 94 -52.17 29.27 -29.46
N LEU Y 95 -52.57 28.32 -30.30
CA LEU Y 95 -53.93 27.80 -30.32
C LEU Y 95 -53.95 26.37 -29.79
N ILE Y 96 -54.40 26.20 -28.55
CA ILE Y 96 -54.70 24.87 -28.05
C ILE Y 96 -55.89 24.31 -28.81
N ARG Y 97 -55.80 23.03 -29.18
CA ARG Y 97 -56.84 22.36 -29.95
C ARG Y 97 -57.04 23.05 -31.31
N LYS Y 98 -55.96 23.06 -32.08
CA LYS Y 98 -56.00 23.69 -33.40
C LYS Y 98 -56.98 22.97 -34.31
N LYS Y 99 -57.64 23.73 -35.19
CA LYS Y 99 -58.61 23.19 -36.13
C LYS Y 99 -58.63 24.11 -37.35
N GLY Y 100 -58.21 23.58 -38.50
CA GLY Y 100 -58.21 24.32 -39.74
C GLY Y 100 -57.18 25.42 -39.78
N ASN Y 101 -56.95 25.92 -40.99
CA ASN Y 101 -56.06 27.05 -41.18
C ASN Y 101 -56.76 28.34 -40.77
N ILE Y 102 -55.96 29.32 -40.35
CA ILE Y 102 -56.48 30.61 -39.91
C ILE Y 102 -56.02 31.69 -40.89
N SER Y 103 -56.54 32.89 -40.70
CA SER Y 103 -56.49 33.94 -41.71
C SER Y 103 -55.07 34.48 -41.86
N ASP Y 104 -54.90 35.36 -42.85
CA ASP Y 104 -53.59 35.93 -43.13
C ASP Y 104 -53.13 36.84 -42.00
N ASP Y 105 -53.95 37.81 -41.62
CA ASP Y 105 -53.63 38.74 -40.55
C ASP Y 105 -54.89 39.00 -39.74
N LEU Y 106 -54.72 39.19 -38.44
CA LEU Y 106 -55.85 39.35 -37.54
C LEU Y 106 -55.63 40.57 -36.66
N LYS Y 107 -56.62 41.45 -36.62
CA LYS Y 107 -56.59 42.65 -35.78
C LYS Y 107 -57.38 42.33 -34.52
N ILE Y 108 -56.69 41.84 -33.49
CA ILE Y 108 -57.36 41.41 -32.26
C ILE Y 108 -57.22 42.50 -31.21
N TYR Y 109 -58.27 42.64 -30.40
CA TYR Y 109 -58.32 43.59 -29.30
C TYR Y 109 -58.58 42.79 -28.02
N ILE Y 110 -57.51 42.33 -27.38
CA ILE Y 110 -57.66 41.57 -26.14
C ILE Y 110 -57.84 42.54 -24.99
N PRO Y 111 -58.60 42.20 -23.95
CA PRO Y 111 -58.77 43.12 -22.83
C PRO Y 111 -57.45 43.38 -22.13
N TYR Y 112 -56.97 44.62 -22.18
CA TYR Y 112 -55.69 44.98 -21.60
C TYR Y 112 -55.94 45.98 -20.48
N SER Y 113 -55.75 45.55 -19.24
CA SER Y 113 -55.70 46.48 -18.13
C SER Y 113 -54.30 47.06 -18.02
N SER Y 114 -54.09 47.89 -17.02
CA SER Y 114 -52.74 48.43 -16.94
C SER Y 114 -51.95 47.74 -15.83
N PRO Y 115 -50.67 47.49 -16.06
CA PRO Y 115 -49.83 46.93 -14.98
C PRO Y 115 -49.72 47.93 -13.83
N ASP Y 116 -50.33 47.58 -12.70
CA ASP Y 116 -50.48 48.52 -11.60
C ASP Y 116 -49.23 48.55 -10.74
N ALA Y 117 -48.99 49.69 -10.10
CA ALA Y 117 -47.88 49.89 -9.19
C ALA Y 117 -48.36 49.84 -7.75
N ARG Y 118 -47.39 49.88 -6.83
CA ARG Y 118 -47.63 49.76 -5.38
C ARG Y 118 -48.26 48.43 -5.00
N ASN Y 119 -48.18 47.42 -5.87
CA ASN Y 119 -48.81 46.14 -5.62
C ASN Y 119 -48.07 45.04 -6.38
N SER Y 120 -47.24 44.29 -5.67
CA SER Y 120 -46.59 43.13 -6.26
C SER Y 120 -47.63 42.14 -6.76
N MET Y 121 -47.37 41.55 -7.92
CA MET Y 121 -48.39 40.73 -8.58
C MET Y 121 -48.80 39.55 -7.70
N LYS Y 122 -47.87 38.63 -7.44
CA LYS Y 122 -48.13 37.44 -6.62
C LYS Y 122 -49.40 36.73 -7.07
N THR Y 123 -49.36 36.23 -8.31
CA THR Y 123 -50.52 35.60 -8.92
C THR Y 123 -50.61 34.12 -8.56
N LYS Y 124 -51.84 33.66 -8.34
CA LYS Y 124 -52.12 32.28 -7.98
C LYS Y 124 -53.09 31.66 -8.98
N PRO Y 125 -52.82 30.46 -9.47
CA PRO Y 125 -53.69 29.88 -10.51
C PRO Y 125 -55.04 29.47 -9.96
N VAL Y 126 -56.05 29.54 -10.83
CA VAL Y 126 -57.40 29.15 -10.50
C VAL Y 126 -57.98 28.39 -11.69
N SER Y 127 -58.47 27.19 -11.44
CA SER Y 127 -59.04 26.33 -12.48
C SER Y 127 -60.56 26.26 -12.30
N ILE Y 128 -61.20 25.49 -13.19
CA ILE Y 128 -62.65 25.42 -13.27
C ILE Y 128 -63.12 24.17 -12.54
N SER Y 129 -64.25 24.29 -11.85
CA SER Y 129 -64.85 23.19 -11.11
C SER Y 129 -66.28 23.59 -10.76
N ASP Y 130 -66.99 22.66 -10.12
CA ASP Y 130 -68.32 22.92 -9.56
C ASP Y 130 -69.30 23.37 -10.65
N ASP Y 131 -69.67 22.40 -11.48
CA ASP Y 131 -70.29 22.63 -12.79
C ASP Y 131 -71.42 23.66 -12.81
N THR Y 132 -71.96 24.06 -11.66
CA THR Y 132 -72.82 25.23 -11.68
C THR Y 132 -72.04 26.50 -11.97
N ILE Y 133 -70.71 26.42 -11.96
CA ILE Y 133 -69.88 27.53 -12.41
C ILE Y 133 -69.69 27.49 -13.93
N VAL Y 134 -69.77 26.31 -14.55
CA VAL Y 134 -69.51 26.21 -15.98
C VAL Y 134 -70.74 26.61 -16.79
N ASN Y 135 -71.94 26.29 -16.28
CA ASN Y 135 -73.15 26.70 -16.97
C ASN Y 135 -73.39 28.20 -16.84
N ASN Y 136 -72.89 28.82 -15.78
CA ASN Y 136 -72.87 30.27 -15.65
C ASN Y 136 -71.95 30.92 -16.68
N ILE Y 137 -71.29 30.12 -17.52
CA ILE Y 137 -70.41 30.64 -18.55
C ILE Y 137 -70.90 30.14 -19.91
N ILE Y 138 -71.58 28.99 -19.91
CA ILE Y 138 -71.95 28.33 -21.17
C ILE Y 138 -72.84 29.25 -22.01
N LYS Y 139 -74.00 29.63 -21.48
CA LYS Y 139 -74.95 30.39 -22.28
C LYS Y 139 -74.46 31.80 -22.56
N GLU Y 140 -73.67 32.36 -21.64
CA GLU Y 140 -73.28 33.77 -21.76
C GLU Y 140 -72.33 33.99 -22.93
N VAL Y 141 -71.28 33.18 -23.04
CA VAL Y 141 -70.24 33.43 -24.04
C VAL Y 141 -70.18 32.36 -25.12
N PHE Y 142 -70.90 31.24 -24.97
CA PHE Y 142 -70.92 30.22 -26.00
C PHE Y 142 -72.28 30.17 -26.68
N ASP Y 143 -73.37 29.98 -25.92
CA ASP Y 143 -74.69 29.91 -26.50
C ASP Y 143 -75.31 31.28 -26.71
N LYS Y 144 -74.49 32.33 -26.73
CA LYS Y 144 -74.90 33.66 -27.15
C LYS Y 144 -74.18 34.10 -28.42
N ILE Y 145 -72.85 34.05 -28.41
CA ILE Y 145 -72.09 34.36 -29.62
C ILE Y 145 -72.35 33.32 -30.70
N TYR Y 146 -72.38 32.04 -30.30
CA TYR Y 146 -72.67 30.93 -31.21
C TYR Y 146 -74.13 30.51 -31.09
N ASN Y 147 -75.04 31.46 -30.88
CA ASN Y 147 -76.45 31.15 -30.66
C ASN Y 147 -77.17 30.98 -32.00
N ILE Y 148 -76.77 29.92 -32.70
CA ILE Y 148 -77.57 29.37 -33.80
C ILE Y 148 -77.76 27.88 -33.55
N THR Y 149 -76.66 27.17 -33.35
CA THR Y 149 -76.67 25.75 -33.01
C THR Y 149 -76.59 25.66 -31.48
N GLN Y 150 -76.25 24.48 -30.95
CA GLN Y 150 -76.18 24.10 -29.54
C GLN Y 150 -77.58 23.83 -29.00
N LYS Y 151 -78.61 24.04 -29.80
CA LYS Y 151 -79.95 23.53 -29.52
C LYS Y 151 -80.36 22.47 -30.52
N GLU Y 152 -79.40 21.91 -31.27
CA GLU Y 152 -79.70 21.01 -32.37
C GLU Y 152 -78.98 19.68 -32.23
N LYS Y 153 -77.76 19.72 -31.70
CA LYS Y 153 -76.93 18.52 -31.59
C LYS Y 153 -76.74 18.14 -30.12
N VAL Y 154 -75.95 17.08 -29.90
CA VAL Y 154 -75.69 16.58 -28.55
C VAL Y 154 -74.70 17.45 -27.79
N LYS Y 155 -74.04 18.40 -28.47
CA LYS Y 155 -72.91 19.10 -27.88
C LYS Y 155 -73.34 20.09 -26.82
N ILE Y 156 -73.78 19.59 -25.67
CA ILE Y 156 -74.17 20.43 -24.54
C ILE Y 156 -73.32 20.05 -23.35
N GLU Y 157 -73.43 18.80 -22.91
CA GLU Y 157 -72.55 18.32 -21.84
C GLU Y 157 -71.11 18.29 -22.30
N LYS Y 158 -70.87 17.98 -23.59
CA LYS Y 158 -69.52 17.98 -24.13
C LYS Y 158 -68.83 19.32 -23.90
N VAL Y 159 -69.58 20.41 -24.06
CA VAL Y 159 -69.01 21.73 -23.84
C VAL Y 159 -68.73 21.95 -22.36
N LYS Y 160 -69.52 21.37 -21.47
CA LYS Y 160 -69.25 21.46 -20.04
C LYS Y 160 -68.32 20.36 -19.56
N GLU Y 161 -67.82 19.52 -20.46
CA GLU Y 161 -66.72 18.62 -20.10
C GLU Y 161 -65.39 19.36 -20.11
N ASP Y 162 -65.04 19.96 -21.24
CA ASP Y 162 -63.74 20.59 -21.37
C ASP Y 162 -63.66 21.95 -20.69
N ILE Y 163 -64.79 22.64 -20.48
CA ILE Y 163 -64.75 23.90 -19.75
C ILE Y 163 -64.08 23.69 -18.39
N LYS Y 164 -64.25 22.52 -17.79
CA LYS Y 164 -63.64 22.26 -16.50
C LYS Y 164 -62.11 22.26 -16.56
N GLU Y 165 -61.54 21.90 -17.69
CA GLU Y 165 -60.07 21.85 -17.73
C GLU Y 165 -59.47 22.59 -18.93
N LEU Y 166 -60.16 22.64 -20.07
CA LEU Y 166 -59.57 23.26 -21.25
C LEU Y 166 -59.38 24.76 -21.11
N PHE Y 167 -59.85 25.37 -20.02
CA PHE Y 167 -59.71 26.81 -19.80
C PHE Y 167 -59.26 27.03 -18.35
N SER Y 168 -57.95 27.06 -18.15
CA SER Y 168 -57.37 27.44 -16.87
C SER Y 168 -56.60 28.74 -17.04
N TYR Y 169 -56.23 29.35 -15.92
CA TYR Y 169 -55.59 30.66 -15.95
C TYR Y 169 -55.00 30.95 -14.59
N TYR Y 170 -54.24 32.05 -14.53
CA TYR Y 170 -53.68 32.57 -13.29
C TYR Y 170 -54.41 33.86 -12.92
N ALA Y 171 -54.48 34.13 -11.61
CA ALA Y 171 -55.22 35.27 -11.10
C ALA Y 171 -54.35 36.06 -10.13
N LEU Y 172 -54.45 37.39 -10.21
CA LEU Y 172 -53.64 38.24 -9.34
C LEU Y 172 -53.95 37.98 -7.87
N GLU Y 173 -55.23 37.84 -7.54
CA GLU Y 173 -55.67 37.48 -6.18
C GLU Y 173 -55.10 38.44 -5.15
N GLN Y 174 -55.46 39.71 -5.31
CA GLN Y 174 -55.02 40.75 -4.39
C GLN Y 174 -56.22 41.48 -3.77
N SER Z 2 -52.40 50.04 -78.59
CA SER Z 2 -53.12 51.23 -79.00
C SER Z 2 -53.44 51.24 -80.49
N THR Z 3 -52.40 51.43 -81.29
CA THR Z 3 -52.54 51.70 -82.71
C THR Z 3 -51.84 50.57 -83.49
N GLN Z 4 -51.67 50.76 -84.79
CA GLN Z 4 -51.19 49.71 -85.68
C GLN Z 4 -49.87 49.12 -85.18
N ARG Z 5 -49.77 47.78 -85.24
CA ARG Z 5 -48.53 47.08 -84.94
C ARG Z 5 -48.37 45.95 -85.95
N GLU Z 6 -47.71 46.27 -87.07
CA GLU Z 6 -47.54 45.30 -88.15
C GLU Z 6 -46.57 44.20 -87.71
N TYR Z 7 -46.67 43.05 -88.37
CA TYR Z 7 -45.90 41.87 -88.02
C TYR Z 7 -44.95 41.51 -89.16
N VAL Z 8 -43.66 41.68 -88.93
CA VAL Z 8 -42.63 41.30 -89.90
C VAL Z 8 -42.09 39.94 -89.51
N PHE Z 9 -42.25 38.97 -90.40
CA PHE Z 9 -41.71 37.64 -90.15
C PHE Z 9 -40.40 37.46 -90.92
N ILE Z 10 -39.58 36.53 -90.43
CA ILE Z 10 -38.19 36.42 -90.85
C ILE Z 10 -37.95 35.08 -91.55
N PRO Z 11 -38.13 35.01 -92.86
CA PRO Z 11 -37.71 33.81 -93.60
C PRO Z 11 -36.29 33.91 -94.09
N ILE Z 12 -35.85 32.92 -94.87
CA ILE Z 12 -34.55 33.03 -95.53
C ILE Z 12 -34.61 34.05 -96.66
N THR Z 13 -35.80 34.30 -97.20
CA THR Z 13 -35.93 35.08 -98.43
C THR Z 13 -35.43 36.52 -98.25
N ASN Z 14 -34.72 37.02 -99.26
CA ASN Z 14 -34.21 38.38 -99.22
C ASN Z 14 -35.26 39.41 -99.62
N SER Z 15 -36.25 39.02 -100.41
CA SER Z 15 -37.26 39.98 -100.86
C SER Z 15 -38.25 40.32 -99.76
N ILE Z 16 -38.57 39.36 -98.89
CA ILE Z 16 -39.55 39.56 -97.84
C ILE Z 16 -38.95 40.38 -96.71
N THR Z 17 -37.70 40.83 -96.90
CA THR Z 17 -36.94 41.45 -95.83
C THR Z 17 -37.58 42.71 -95.26
N ILE Z 18 -37.65 43.79 -96.04
CA ILE Z 18 -38.15 45.03 -95.47
C ILE Z 18 -39.43 45.45 -96.15
N ASP Z 19 -39.31 45.99 -97.38
CA ASP Z 19 -40.42 46.50 -98.17
C ASP Z 19 -41.52 47.10 -97.30
N VAL Z 20 -41.16 47.92 -96.32
CA VAL Z 20 -42.06 48.20 -95.20
C VAL Z 20 -42.35 49.69 -95.13
N LYS Z 21 -43.49 50.02 -94.52
CA LYS Z 21 -43.88 51.40 -94.25
C LYS Z 21 -43.71 51.76 -92.78
N ILE Z 22 -42.82 51.08 -92.07
CA ILE Z 22 -42.62 51.28 -90.64
C ILE Z 22 -41.12 51.26 -90.35
N THR Z 23 -40.61 52.35 -89.78
CA THR Z 23 -39.23 52.38 -89.32
C THR Z 23 -39.13 52.15 -87.82
N ILE Z 24 -39.77 53.02 -87.03
CA ILE Z 24 -39.85 52.85 -85.58
C ILE Z 24 -41.31 53.06 -85.16
N GLY Z 25 -42.10 53.62 -86.06
CA GLY Z 25 -43.42 54.09 -85.69
C GLY Z 25 -43.30 55.23 -84.69
N GLY Z 26 -43.66 54.96 -83.45
CA GLY Z 26 -43.46 55.93 -82.39
C GLY Z 26 -42.23 55.63 -81.56
N SER Z 27 -42.43 55.29 -80.29
CA SER Z 27 -41.35 54.85 -79.42
C SER Z 27 -41.79 53.70 -78.54
N ASP Z 28 -42.76 52.91 -78.99
CA ASP Z 28 -43.35 51.81 -78.23
C ASP Z 28 -43.20 50.52 -79.02
N HIS Z 29 -42.07 49.86 -78.85
CA HIS Z 29 -41.77 48.61 -79.53
C HIS Z 29 -42.08 47.42 -78.63
N ILE Z 30 -42.31 46.27 -79.28
CA ILE Z 30 -42.68 45.06 -78.58
C ILE Z 30 -41.54 44.04 -78.54
N THR Z 31 -40.66 44.03 -79.55
CA THR Z 31 -39.61 43.02 -79.68
C THR Z 31 -38.26 43.57 -79.19
N ASN Z 32 -38.28 44.28 -78.06
CA ASN Z 32 -37.09 44.91 -77.51
C ASN Z 32 -35.89 43.95 -77.45
N ILE Z 33 -34.69 44.52 -77.60
CA ILE Z 33 -33.43 43.79 -77.60
C ILE Z 33 -32.60 44.26 -76.41
N ASP Z 34 -33.28 44.56 -75.29
CA ASP Z 34 -32.64 45.21 -74.15
C ASP Z 34 -31.35 44.50 -73.74
N GLU Z 35 -31.46 43.25 -73.29
CA GLU Z 35 -30.23 42.57 -72.87
C GLU Z 35 -30.06 41.18 -73.48
N ARG Z 36 -31.14 40.41 -73.64
CA ARG Z 36 -31.04 39.02 -74.06
C ARG Z 36 -31.56 38.80 -75.47
N GLY Z 37 -31.41 39.80 -76.33
CA GLY Z 37 -31.66 39.60 -77.75
C GLY Z 37 -33.13 39.68 -78.06
N ILE Z 38 -33.57 38.79 -78.96
CA ILE Z 38 -34.94 38.83 -79.43
C ILE Z 38 -35.86 38.26 -78.35
N HIS Z 39 -36.81 39.07 -77.90
CA HIS Z 39 -37.86 38.64 -76.99
C HIS Z 39 -39.19 38.74 -77.71
N ASN Z 40 -40.24 38.32 -77.02
CA ASN Z 40 -41.61 38.63 -77.41
C ASN Z 40 -41.94 38.13 -78.81
N VAL Z 41 -41.33 37.02 -79.22
CA VAL Z 41 -41.48 36.52 -80.58
C VAL Z 41 -42.89 36.00 -80.77
N LEU Z 42 -43.56 36.46 -81.83
CA LEU Z 42 -44.91 36.01 -82.13
C LEU Z 42 -44.86 34.79 -83.05
N VAL Z 43 -45.76 33.84 -82.80
CA VAL Z 43 -45.87 32.63 -83.58
C VAL Z 43 -47.21 32.60 -84.27
N ILE Z 44 -47.23 32.02 -85.47
CA ILE Z 44 -48.43 31.91 -86.28
C ILE Z 44 -48.66 30.42 -86.52
N THR Z 45 -49.72 29.88 -85.95
CA THR Z 45 -50.00 28.45 -86.04
C THR Z 45 -50.76 28.15 -87.33
N GLY Z 46 -50.27 27.17 -88.07
CA GLY Z 46 -50.96 26.72 -89.28
C GLY Z 46 -50.77 27.58 -90.49
N TYR Z 47 -49.66 28.33 -90.57
CA TYR Z 47 -49.42 29.22 -91.70
C TYR Z 47 -48.03 28.95 -92.27
N ALA Z 48 -47.91 29.09 -93.58
CA ALA Z 48 -46.65 28.88 -94.28
C ALA Z 48 -46.22 30.19 -94.93
N VAL Z 49 -45.03 30.17 -95.53
CA VAL Z 49 -44.44 31.38 -96.09
C VAL Z 49 -44.18 31.22 -97.58
N ASP Z 50 -43.98 29.98 -98.03
CA ASP Z 50 -43.77 29.64 -99.44
C ASP Z 50 -42.44 30.18 -99.97
N GLU Z 51 -41.72 30.94 -99.15
CA GLU Z 51 -40.39 31.47 -99.49
C GLU Z 51 -40.45 32.43 -100.68
N LYS Z 52 -41.65 32.63 -101.24
CA LYS Z 52 -41.84 33.46 -102.40
C LYS Z 52 -43.20 34.12 -102.29
N ASN Z 53 -43.23 35.44 -102.46
CA ASN Z 53 -44.43 36.24 -102.17
C ASN Z 53 -44.88 35.98 -100.73
N GLY Z 54 -43.90 35.78 -99.85
CA GLY Z 54 -44.20 35.37 -98.50
C GLY Z 54 -44.95 36.40 -97.68
N ARG Z 55 -46.24 36.17 -97.48
CA ARG Z 55 -47.08 36.99 -96.61
C ARG Z 55 -48.00 36.08 -95.81
N LEU Z 56 -47.42 35.08 -95.13
CA LEU Z 56 -48.16 34.19 -94.24
C LEU Z 56 -49.23 33.40 -95.01
N VAL Z 57 -48.75 32.57 -95.92
CA VAL Z 57 -49.63 31.66 -96.65
C VAL Z 57 -50.38 30.77 -95.65
N PRO Z 58 -51.70 30.66 -95.73
CA PRO Z 58 -52.45 29.94 -94.69
C PRO Z 58 -52.63 28.46 -94.98
N THR Z 59 -52.58 27.67 -93.91
CA THR Z 59 -52.83 26.24 -93.96
C THR Z 59 -53.70 25.89 -92.76
N LEU Z 60 -53.88 24.59 -92.49
CA LEU Z 60 -54.65 24.15 -91.34
C LEU Z 60 -53.87 23.24 -90.39
N ASP Z 61 -52.74 22.69 -90.81
CA ASP Z 61 -52.01 21.76 -89.97
C ASP Z 61 -51.34 22.51 -88.82
N PRO Z 62 -51.62 22.14 -87.57
CA PRO Z 62 -50.91 22.78 -86.45
C PRO Z 62 -49.43 22.44 -86.38
N CYS Z 63 -48.98 21.39 -87.09
CA CYS Z 63 -47.54 21.12 -87.14
C CYS Z 63 -46.78 22.25 -87.82
N ASP Z 64 -47.45 23.01 -88.69
CA ASP Z 64 -46.82 24.11 -89.41
C ASP Z 64 -46.93 25.38 -88.58
N TYR Z 65 -45.78 25.98 -88.25
CA TYR Z 65 -45.75 27.22 -87.48
C TYR Z 65 -44.63 28.10 -88.02
N VAL Z 66 -44.82 29.42 -87.90
CA VAL Z 66 -43.89 30.38 -88.45
C VAL Z 66 -43.73 31.54 -87.47
N LYS Z 67 -42.48 31.92 -87.20
CA LYS Z 67 -42.14 32.97 -86.25
C LYS Z 67 -41.88 34.29 -86.96
N GLY Z 68 -41.72 35.35 -86.17
CA GLY Z 68 -41.48 36.65 -86.75
C GLY Z 68 -41.34 37.73 -85.69
N ILE Z 69 -41.58 38.97 -86.10
CA ILE Z 69 -41.45 40.14 -85.24
C ILE Z 69 -42.63 41.07 -85.52
N LEU Z 70 -43.18 41.66 -84.47
CA LEU Z 70 -44.29 42.60 -84.59
C LEU Z 70 -43.76 44.02 -84.38
N VAL Z 71 -44.04 44.90 -85.36
CA VAL Z 71 -43.51 46.26 -85.37
C VAL Z 71 -44.66 47.24 -85.54
N ALA Z 72 -44.65 48.32 -84.77
CA ALA Z 72 -45.77 49.23 -84.67
C ALA Z 72 -45.69 50.31 -85.75
N GLY Z 73 -46.67 50.32 -86.66
CA GLY Z 73 -46.75 51.37 -87.64
C GLY Z 73 -47.72 51.03 -88.76
N THR Z 74 -47.77 51.95 -89.74
CA THR Z 74 -48.79 51.93 -90.79
C THR Z 74 -48.58 50.77 -91.76
N PRO Z 75 -49.61 49.98 -92.05
CA PRO Z 75 -49.43 48.74 -92.82
C PRO Z 75 -49.31 48.96 -94.32
N GLN Z 76 -48.08 48.88 -94.83
CA GLN Z 76 -47.77 48.56 -96.23
C GLN Z 76 -48.60 49.27 -97.28
N GLN Z 77 -48.41 50.58 -97.46
CA GLN Z 77 -48.85 51.32 -98.63
C GLN Z 77 -50.34 51.67 -98.60
N ALA Z 78 -50.96 51.67 -97.42
CA ALA Z 78 -52.40 51.89 -97.31
C ALA Z 78 -53.17 50.96 -98.24
N GLN Z 79 -52.78 49.68 -98.22
CA GLN Z 79 -53.27 48.69 -99.18
C GLN Z 79 -53.77 47.48 -98.42
N SER Z 80 -55.05 47.13 -98.65
CA SER Z 80 -55.65 45.94 -98.05
C SER Z 80 -55.26 44.66 -98.76
N ASN Z 81 -54.23 44.69 -99.61
CA ASN Z 81 -53.89 43.53 -100.42
C ASN Z 81 -53.27 42.41 -99.59
N ASP Z 82 -52.56 42.75 -98.52
CA ASP Z 82 -51.74 41.79 -97.80
C ASP Z 82 -51.91 41.94 -96.29
N PHE Z 83 -53.15 41.98 -95.81
CA PHE Z 83 -53.34 42.16 -94.36
C PHE Z 83 -54.65 41.54 -93.90
N LEU Z 84 -54.83 41.56 -92.57
CA LEU Z 84 -55.99 40.99 -91.92
C LEU Z 84 -56.73 41.99 -91.03
N THR Z 85 -56.08 43.08 -90.64
CA THR Z 85 -56.65 44.11 -89.76
C THR Z 85 -57.24 43.49 -88.50
N LEU Z 86 -56.35 42.94 -87.68
CA LEU Z 86 -56.73 42.23 -86.47
C LEU Z 86 -56.55 43.15 -85.27
N LYS Z 87 -57.67 43.61 -84.69
CA LYS Z 87 -57.65 44.34 -83.42
C LYS Z 87 -57.93 43.32 -82.33
N LEU Z 88 -56.86 42.83 -81.70
CA LEU Z 88 -56.92 41.72 -80.78
C LEU Z 88 -56.95 42.21 -79.34
N PRO Z 89 -57.49 41.41 -78.42
CA PRO Z 89 -57.45 41.75 -77.00
C PRO Z 89 -56.11 41.52 -76.33
N ALA Z 90 -55.05 41.29 -77.10
CA ALA Z 90 -53.69 41.11 -76.60
C ALA Z 90 -53.55 39.92 -75.65
N ASN Z 91 -54.51 38.99 -75.69
CA ASN Z 91 -54.44 37.79 -74.87
C ASN Z 91 -54.62 36.52 -75.68
N LYS Z 92 -54.72 36.64 -77.00
CA LYS Z 92 -54.72 35.48 -77.91
C LYS Z 92 -53.37 35.31 -78.60
N LEU Z 93 -52.33 35.87 -78.02
CA LEU Z 93 -51.01 35.96 -78.66
C LEU Z 93 -50.06 34.94 -78.06
N TYR Z 94 -49.14 34.46 -78.89
CA TYR Z 94 -48.11 33.51 -78.49
C TYR Z 94 -46.75 34.22 -78.58
N LEU Z 95 -46.34 34.83 -77.48
CA LEU Z 95 -45.06 35.55 -77.40
C LEU Z 95 -44.01 34.64 -76.78
N ILE Z 96 -43.17 34.05 -77.64
CA ILE Z 96 -41.99 33.36 -77.13
C ILE Z 96 -41.05 34.38 -76.49
N ARG Z 97 -40.42 33.99 -75.39
CA ARG Z 97 -39.50 34.87 -74.65
C ARG Z 97 -40.20 36.15 -74.20
N LYS Z 98 -41.48 36.02 -73.82
CA LYS Z 98 -42.28 37.18 -73.45
C LYS Z 98 -41.63 37.95 -72.31
N LYS Z 99 -41.77 39.28 -72.37
CA LYS Z 99 -41.27 40.16 -71.33
C LYS Z 99 -42.07 41.45 -71.39
N GLY Z 100 -42.29 42.05 -70.22
CA GLY Z 100 -43.08 43.26 -70.12
C GLY Z 100 -44.57 42.99 -70.26
N ASN Z 101 -45.36 43.88 -69.68
CA ASN Z 101 -46.81 43.77 -69.67
C ASN Z 101 -47.38 44.65 -70.78
N ILE Z 102 -47.78 44.02 -71.89
CA ILE Z 102 -48.45 44.77 -72.95
C ILE Z 102 -49.86 45.13 -72.51
N SER Z 103 -50.41 46.17 -73.13
CA SER Z 103 -51.72 46.69 -72.75
C SER Z 103 -52.82 45.70 -73.14
N ASP Z 104 -54.06 46.08 -72.83
CA ASP Z 104 -55.21 45.24 -73.17
C ASP Z 104 -55.55 45.35 -74.64
N ASP Z 105 -55.70 46.57 -75.14
CA ASP Z 105 -55.94 46.77 -76.56
C ASP Z 105 -54.73 46.37 -77.39
N LEU Z 106 -54.98 45.98 -78.63
CA LEU Z 106 -53.91 45.60 -79.54
C LEU Z 106 -54.45 45.61 -80.96
N LYS Z 107 -53.84 46.41 -81.83
CA LYS Z 107 -54.17 46.45 -83.25
C LYS Z 107 -52.94 46.04 -84.03
N ILE Z 108 -52.88 44.77 -84.43
CA ILE Z 108 -51.75 44.25 -85.18
C ILE Z 108 -52.17 44.05 -86.63
N TYR Z 109 -51.16 44.07 -87.51
CA TYR Z 109 -51.35 43.85 -88.93
C TYR Z 109 -50.44 42.70 -89.36
N ILE Z 110 -51.01 41.73 -90.04
CA ILE Z 110 -50.31 40.51 -90.43
C ILE Z 110 -50.28 40.44 -91.95
N PRO Z 111 -49.12 40.28 -92.57
CA PRO Z 111 -49.06 40.09 -94.03
C PRO Z 111 -49.93 38.91 -94.44
N TYR Z 112 -50.72 39.10 -95.48
CA TYR Z 112 -51.63 38.06 -95.96
C TYR Z 112 -51.30 37.66 -97.39
N SER Z 113 -51.39 36.36 -97.66
CA SER Z 113 -51.40 35.83 -99.02
C SER Z 113 -52.58 34.89 -99.17
N SER Z 114 -53.28 35.01 -100.30
CA SER Z 114 -54.35 34.06 -100.58
C SER Z 114 -53.76 32.67 -100.78
N PRO Z 115 -54.50 31.64 -100.39
CA PRO Z 115 -54.01 30.27 -100.61
C PRO Z 115 -53.83 29.99 -102.09
N ASP Z 116 -52.78 29.24 -102.41
CA ASP Z 116 -52.43 28.96 -103.81
C ASP Z 116 -53.48 28.02 -104.39
N ALA Z 117 -54.44 28.58 -105.12
CA ALA Z 117 -55.49 27.78 -105.71
C ALA Z 117 -54.94 26.91 -106.83
N ARG Z 118 -55.47 25.68 -106.91
CA ARG Z 118 -55.06 24.67 -107.88
C ARG Z 118 -53.58 24.31 -107.75
N ASN Z 119 -52.95 24.64 -106.63
CA ASN Z 119 -51.55 24.35 -106.39
C ASN Z 119 -51.40 23.64 -105.05
N SER Z 120 -50.56 22.62 -105.02
CA SER Z 120 -50.31 21.88 -103.79
C SER Z 120 -49.43 22.68 -102.84
N MET Z 121 -49.76 22.64 -101.56
CA MET Z 121 -48.99 23.37 -100.57
C MET Z 121 -47.66 22.67 -100.27
N LYS Z 122 -47.72 21.43 -99.78
CA LYS Z 122 -46.53 20.61 -99.55
C LYS Z 122 -45.52 21.32 -98.66
N THR Z 123 -45.99 21.78 -97.51
CA THR Z 123 -45.17 22.58 -96.62
C THR Z 123 -44.01 21.76 -96.06
N LYS Z 124 -42.90 22.45 -95.78
CA LYS Z 124 -41.67 21.83 -95.32
C LYS Z 124 -41.12 22.57 -94.12
N PRO Z 125 -40.67 21.85 -93.09
CA PRO Z 125 -40.00 22.52 -91.95
C PRO Z 125 -38.73 23.23 -92.41
N VAL Z 126 -38.56 24.46 -91.91
CA VAL Z 126 -37.42 25.30 -92.31
C VAL Z 126 -36.82 25.92 -91.05
N SER Z 127 -35.66 25.42 -90.62
CA SER Z 127 -34.82 26.15 -89.69
C SER Z 127 -34.02 27.17 -90.49
N ILE Z 128 -33.05 27.83 -89.86
CA ILE Z 128 -32.26 28.85 -90.53
C ILE Z 128 -30.77 28.57 -90.32
N SER Z 129 -29.97 28.89 -91.33
CA SER Z 129 -28.56 28.53 -91.37
C SER Z 129 -27.84 29.62 -92.18
N ASP Z 130 -26.65 29.29 -92.67
CA ASP Z 130 -25.87 30.19 -93.54
C ASP Z 130 -25.48 31.47 -92.81
N ASP Z 131 -24.56 31.30 -91.86
CA ASP Z 131 -24.07 32.36 -90.98
C ASP Z 131 -23.83 33.67 -91.72
N THR Z 132 -23.47 33.59 -93.01
CA THR Z 132 -23.36 34.80 -93.82
C THR Z 132 -24.70 35.51 -93.91
N ILE Z 133 -25.77 34.78 -94.26
CA ILE Z 133 -27.10 35.38 -94.27
C ILE Z 133 -27.62 35.63 -92.86
N VAL Z 134 -26.96 35.06 -91.84
CA VAL Z 134 -27.20 35.49 -90.47
C VAL Z 134 -26.52 36.82 -90.22
N ASN Z 135 -25.31 37.01 -90.76
CA ASN Z 135 -24.69 38.32 -90.75
C ASN Z 135 -25.47 39.32 -91.58
N ASN Z 136 -26.36 38.84 -92.45
CA ASN Z 136 -27.22 39.73 -93.22
C ASN Z 136 -28.31 40.32 -92.34
N ILE Z 137 -29.19 39.45 -91.81
CA ILE Z 137 -30.38 39.89 -91.10
C ILE Z 137 -30.06 40.75 -89.89
N ILE Z 138 -28.89 40.56 -89.26
CA ILE Z 138 -28.55 41.38 -88.10
C ILE Z 138 -28.37 42.84 -88.50
N LYS Z 139 -28.05 43.09 -89.76
CA LYS Z 139 -28.06 44.43 -90.33
C LYS Z 139 -29.21 44.65 -91.30
N GLU Z 140 -29.65 43.59 -91.96
CA GLU Z 140 -30.61 43.73 -93.06
C GLU Z 140 -31.93 44.29 -92.56
N VAL Z 141 -32.30 43.97 -91.31
CA VAL Z 141 -33.51 44.48 -90.68
C VAL Z 141 -33.20 45.19 -89.36
N PHE Z 142 -32.38 44.56 -88.51
CA PHE Z 142 -32.29 44.95 -87.11
C PHE Z 142 -31.72 46.36 -86.95
N ASP Z 143 -30.65 46.67 -87.66
CA ASP Z 143 -30.14 48.05 -87.64
C ASP Z 143 -30.81 48.92 -88.69
N LYS Z 144 -31.88 48.44 -89.32
CA LYS Z 144 -32.75 49.26 -90.15
C LYS Z 144 -34.06 49.59 -89.46
N ILE Z 145 -34.28 49.06 -88.25
CA ILE Z 145 -35.51 49.29 -87.49
C ILE Z 145 -35.18 49.92 -86.15
N TYR Z 146 -33.97 49.65 -85.65
CA TYR Z 146 -33.59 49.91 -84.27
C TYR Z 146 -32.33 50.78 -84.22
N ASN Z 147 -32.38 51.91 -84.92
CA ASN Z 147 -31.25 52.83 -84.99
C ASN Z 147 -30.64 53.12 -83.64
N ILE Z 148 -31.44 53.12 -82.57
CA ILE Z 148 -30.97 53.48 -81.24
C ILE Z 148 -30.46 52.25 -80.49
N THR Z 149 -30.33 51.14 -81.21
CA THR Z 149 -30.02 49.85 -80.61
C THR Z 149 -28.84 49.23 -81.34
N GLN Z 150 -28.20 48.27 -80.67
CA GLN Z 150 -27.24 47.30 -81.22
C GLN Z 150 -25.89 47.91 -81.56
N LYS Z 151 -25.65 49.18 -81.24
CA LYS Z 151 -24.35 49.80 -81.51
C LYS Z 151 -23.65 50.29 -80.25
N GLU Z 152 -24.36 50.48 -79.15
CA GLU Z 152 -23.80 51.03 -77.93
C GLU Z 152 -24.15 50.15 -76.73
N LYS Z 153 -23.95 48.84 -76.88
CA LYS Z 153 -24.17 47.89 -75.79
C LYS Z 153 -23.08 46.83 -75.86
N VAL Z 154 -23.27 45.75 -75.10
CA VAL Z 154 -22.48 44.55 -75.26
C VAL Z 154 -23.21 43.50 -76.09
N LYS Z 155 -24.54 43.54 -76.10
CA LYS Z 155 -25.37 42.55 -76.80
C LYS Z 155 -25.35 42.86 -78.30
N ILE Z 156 -24.32 42.36 -78.97
CA ILE Z 156 -24.21 42.48 -80.43
C ILE Z 156 -24.06 41.10 -81.05
N GLU Z 157 -22.99 40.39 -80.70
CA GLU Z 157 -22.73 39.10 -81.30
C GLU Z 157 -23.57 37.97 -80.69
N LYS Z 158 -24.22 38.23 -79.57
CA LYS Z 158 -25.02 37.19 -78.92
C LYS Z 158 -26.38 36.99 -79.60
N VAL Z 159 -26.87 37.98 -80.35
CA VAL Z 159 -28.08 37.79 -81.12
C VAL Z 159 -27.88 36.79 -82.24
N LYS Z 160 -26.63 36.40 -82.52
CA LYS Z 160 -26.36 35.42 -83.56
C LYS Z 160 -26.98 34.07 -83.21
N GLU Z 161 -26.52 33.44 -82.12
CA GLU Z 161 -27.10 32.16 -81.74
C GLU Z 161 -28.54 32.32 -81.25
N ASP Z 162 -28.93 33.52 -80.82
CA ASP Z 162 -30.34 33.79 -80.58
C ASP Z 162 -31.12 33.64 -81.89
N ILE Z 163 -30.60 34.23 -82.96
CA ILE Z 163 -31.13 33.96 -84.30
C ILE Z 163 -31.02 32.48 -84.64
N LYS Z 164 -29.87 31.88 -84.37
CA LYS Z 164 -29.62 30.50 -84.79
C LYS Z 164 -30.56 29.53 -84.11
N GLU Z 165 -30.95 29.80 -82.87
CA GLU Z 165 -31.79 28.88 -82.09
C GLU Z 165 -33.28 29.17 -82.29
N LEU Z 166 -33.70 30.40 -81.99
CA LEU Z 166 -35.11 30.76 -81.96
C LEU Z 166 -35.81 30.55 -83.29
N PHE Z 167 -35.41 31.30 -84.30
CA PHE Z 167 -36.27 31.55 -85.46
C PHE Z 167 -36.24 30.37 -86.42
N SER Z 168 -37.23 29.49 -86.30
CA SER Z 168 -37.56 28.53 -87.33
C SER Z 168 -38.96 28.82 -87.83
N TYR Z 169 -39.33 28.16 -88.92
CA TYR Z 169 -40.64 28.36 -89.54
C TYR Z 169 -40.85 27.23 -90.53
N TYR Z 170 -41.91 27.34 -91.33
CA TYR Z 170 -42.21 26.36 -92.37
C TYR Z 170 -42.36 27.06 -93.71
N ALA Z 171 -42.22 26.28 -94.79
CA ALA Z 171 -42.32 26.82 -96.13
C ALA Z 171 -42.78 25.72 -97.07
N LEU Z 172 -43.40 26.14 -98.18
CA LEU Z 172 -43.93 25.19 -99.15
C LEU Z 172 -42.81 24.46 -99.91
N GLU Z 173 -41.60 25.00 -99.93
CA GLU Z 173 -40.42 24.43 -100.56
C GLU Z 173 -40.52 24.39 -102.08
N GLN Z 174 -41.61 24.87 -102.67
CA GLN Z 174 -41.75 24.89 -104.11
C GLN Z 174 -41.29 26.24 -104.66
N SER AA 2 -84.19 -6.23 -81.71
CA SER AA 2 -84.73 -7.23 -82.62
C SER AA 2 -86.18 -7.55 -82.31
N THR AA 3 -86.50 -8.84 -82.30
CA THR AA 3 -87.86 -9.34 -82.18
C THR AA 3 -87.82 -10.66 -81.40
N GLN AA 4 -88.87 -11.47 -81.56
CA GLN AA 4 -89.02 -12.73 -80.84
C GLN AA 4 -87.71 -13.51 -80.74
N ARG AA 5 -87.48 -14.10 -79.57
CA ARG AA 5 -86.32 -14.95 -79.34
C ARG AA 5 -86.61 -15.85 -78.15
N GLU AA 6 -85.97 -17.02 -78.13
CA GLU AA 6 -86.29 -18.07 -77.17
C GLU AA 6 -85.05 -18.41 -76.34
N TYR AA 7 -85.24 -18.52 -75.03
CA TYR AA 7 -84.17 -18.88 -74.10
C TYR AA 7 -84.26 -20.38 -73.83
N VAL AA 8 -83.38 -21.15 -74.49
CA VAL AA 8 -83.39 -22.60 -74.37
C VAL AA 8 -82.45 -22.97 -73.23
N PHE AA 9 -83.02 -23.20 -72.05
CA PHE AA 9 -82.22 -23.66 -70.92
C PHE AA 9 -81.82 -25.11 -71.13
N ILE AA 10 -80.59 -25.44 -70.76
CA ILE AA 10 -79.99 -26.72 -71.15
C ILE AA 10 -79.60 -27.54 -69.92
N PRO AA 11 -80.50 -28.36 -69.40
CA PRO AA 11 -80.10 -29.36 -68.41
C PRO AA 11 -79.69 -30.66 -69.09
N ILE AA 12 -79.37 -31.70 -68.31
CA ILE AA 12 -79.02 -32.99 -68.91
C ILE AA 12 -80.22 -33.76 -69.41
N THR AA 13 -81.44 -33.35 -69.06
CA THR AA 13 -82.61 -34.16 -69.33
C THR AA 13 -82.99 -34.11 -70.81
N ASN AA 14 -83.74 -35.14 -71.24
CA ASN AA 14 -84.25 -35.27 -72.59
C ASN AA 14 -85.67 -34.73 -72.73
N SER AA 15 -86.03 -33.72 -71.95
CA SER AA 15 -87.43 -33.31 -71.88
C SER AA 15 -87.83 -32.45 -73.08
N ILE AA 16 -87.22 -31.28 -73.23
CA ILE AA 16 -87.62 -30.32 -74.27
C ILE AA 16 -86.43 -30.01 -75.17
N THR AA 17 -85.60 -31.02 -75.43
CA THR AA 17 -84.38 -30.84 -76.21
C THR AA 17 -84.60 -30.07 -77.51
N ILE AA 18 -85.39 -30.62 -78.44
CA ILE AA 18 -85.61 -29.87 -79.67
C ILE AA 18 -86.75 -28.88 -79.41
N ASP AA 19 -87.97 -29.39 -79.28
CA ASP AA 19 -89.10 -28.67 -78.70
C ASP AA 19 -89.43 -27.38 -79.47
N VAL AA 20 -88.67 -27.06 -80.50
CA VAL AA 20 -88.70 -25.73 -81.10
C VAL AA 20 -88.93 -25.86 -82.59
N LYS AA 21 -90.00 -25.22 -83.07
CA LYS AA 21 -90.36 -25.14 -84.47
C LYS AA 21 -89.67 -23.91 -85.09
N ILE AA 22 -90.17 -23.45 -86.23
CA ILE AA 22 -89.51 -22.47 -87.10
C ILE AA 22 -88.84 -21.33 -86.35
N THR AA 23 -87.63 -20.99 -86.79
CA THR AA 23 -86.90 -19.85 -86.28
C THR AA 23 -87.26 -18.62 -87.11
N ILE AA 24 -86.56 -17.50 -86.87
CA ILE AA 24 -86.80 -16.29 -87.65
C ILE AA 24 -86.46 -16.54 -89.12
N GLY AA 25 -85.43 -17.34 -89.37
CA GLY AA 25 -84.93 -17.52 -90.71
C GLY AA 25 -83.62 -16.79 -90.90
N GLY AA 26 -83.53 -15.60 -90.30
CA GLY AA 26 -82.28 -14.88 -90.24
C GLY AA 26 -81.32 -15.50 -89.24
N SER AA 27 -80.07 -15.03 -89.29
CA SER AA 27 -79.01 -15.54 -88.44
C SER AA 27 -78.62 -14.54 -87.35
N ASP AA 28 -79.60 -13.83 -86.81
CA ASP AA 28 -79.36 -12.93 -85.70
C ASP AA 28 -79.31 -13.72 -84.39
N HIS AA 29 -78.50 -14.75 -84.34
CA HIS AA 29 -78.43 -15.61 -83.17
C HIS AA 29 -77.65 -14.93 -82.05
N ILE AA 30 -77.51 -15.64 -80.94
CA ILE AA 30 -76.82 -15.14 -79.76
C ILE AA 30 -75.56 -15.93 -79.47
N THR AA 31 -75.60 -17.25 -79.64
CA THR AA 31 -74.53 -18.14 -79.22
C THR AA 31 -73.98 -18.91 -80.43
N ASN AA 32 -73.02 -18.32 -81.13
CA ASN AA 32 -72.32 -18.99 -82.22
C ASN AA 32 -70.90 -19.33 -81.78
N ILE AA 33 -70.49 -20.57 -82.02
CA ILE AA 33 -69.35 -21.18 -81.33
C ILE AA 33 -68.30 -21.65 -82.33
N ASP AA 34 -68.07 -20.87 -83.39
CA ASP AA 34 -67.16 -21.24 -84.46
C ASP AA 34 -65.85 -21.87 -83.96
N GLU AA 35 -65.01 -21.09 -83.28
CA GLU AA 35 -63.75 -21.63 -82.78
C GLU AA 35 -63.34 -21.12 -81.41
N ARG AA 36 -64.15 -20.30 -80.74
CA ARG AA 36 -63.69 -19.57 -79.57
C ARG AA 36 -64.62 -19.79 -78.38
N GLY AA 37 -65.09 -21.02 -78.20
CA GLY AA 37 -65.92 -21.34 -77.06
C GLY AA 37 -67.31 -20.74 -77.15
N ILE AA 38 -68.26 -21.36 -76.45
CA ILE AA 38 -69.65 -20.90 -76.50
C ILE AA 38 -69.72 -19.53 -75.86
N HIS AA 39 -70.15 -18.54 -76.62
CA HIS AA 39 -70.08 -17.14 -76.23
C HIS AA 39 -71.46 -16.51 -76.21
N ASN AA 40 -71.59 -15.46 -75.41
CA ASN AA 40 -72.86 -14.75 -75.20
C ASN AA 40 -73.96 -15.73 -74.79
N VAL AA 41 -73.72 -16.41 -73.69
CA VAL AA 41 -74.58 -17.49 -73.22
C VAL AA 41 -75.47 -16.90 -72.13
N LEU AA 42 -76.64 -16.40 -72.53
CA LEU AA 42 -77.54 -15.79 -71.57
C LEU AA 42 -78.05 -16.83 -70.58
N VAL AA 43 -77.87 -16.56 -69.30
CA VAL AA 43 -78.38 -17.41 -68.24
C VAL AA 43 -79.09 -16.53 -67.21
N ILE AA 44 -80.19 -17.01 -66.67
CA ILE AA 44 -81.09 -16.20 -65.88
C ILE AA 44 -81.18 -16.77 -64.47
N THR AA 45 -81.58 -15.92 -63.52
CA THR AA 45 -81.57 -16.23 -62.11
C THR AA 45 -82.96 -16.14 -61.52
N GLY AA 46 -83.33 -17.13 -60.72
CA GLY AA 46 -84.61 -17.13 -60.03
C GLY AA 46 -85.56 -18.17 -60.57
N TYR AA 47 -85.02 -19.28 -61.06
CA TYR AA 47 -85.81 -20.33 -61.68
C TYR AA 47 -85.17 -21.67 -61.37
N ALA AA 48 -85.84 -22.75 -61.76
CA ALA AA 48 -85.34 -24.09 -61.50
C ALA AA 48 -85.77 -25.02 -62.61
N VAL AA 49 -84.90 -25.99 -62.93
CA VAL AA 49 -85.11 -26.85 -64.09
C VAL AA 49 -86.17 -27.92 -63.87
N ASP AA 50 -86.61 -28.13 -62.63
CA ASP AA 50 -87.74 -29.00 -62.30
C ASP AA 50 -87.43 -30.48 -62.52
N GLU AA 51 -86.27 -30.79 -63.11
CA GLU AA 51 -85.75 -32.16 -63.21
C GLU AA 51 -86.59 -33.04 -64.13
N LYS AA 52 -87.72 -32.50 -64.59
CA LYS AA 52 -88.66 -33.25 -65.43
C LYS AA 52 -89.66 -32.27 -66.00
N ASN AA 53 -89.94 -32.39 -67.30
CA ASN AA 53 -90.83 -31.48 -68.01
C ASN AA 53 -90.50 -30.03 -67.66
N GLY AA 54 -89.28 -29.64 -68.03
CA GLY AA 54 -88.74 -28.37 -67.58
C GLY AA 54 -89.58 -27.16 -67.95
N ARG AA 55 -90.27 -26.60 -66.95
CA ARG AA 55 -91.08 -25.41 -67.14
C ARG AA 55 -90.49 -24.17 -66.50
N LEU AA 56 -89.36 -24.31 -65.78
CA LEU AA 56 -88.66 -23.19 -65.15
C LEU AA 56 -89.57 -22.42 -64.20
N VAL AA 57 -89.97 -23.14 -63.15
CA VAL AA 57 -90.78 -22.58 -62.07
C VAL AA 57 -90.12 -21.31 -61.56
N PRO AA 58 -90.83 -20.19 -61.52
CA PRO AA 58 -90.19 -18.96 -61.03
C PRO AA 58 -89.91 -19.02 -59.55
N THR AA 59 -88.65 -19.21 -59.19
CA THR AA 59 -88.26 -19.28 -57.79
C THR AA 59 -87.86 -17.89 -57.30
N LEU AA 60 -87.89 -17.73 -55.98
CA LEU AA 60 -87.59 -16.46 -55.35
C LEU AA 60 -86.27 -16.50 -54.58
N ASP AA 61 -85.47 -17.55 -54.78
CA ASP AA 61 -84.13 -17.62 -54.22
C ASP AA 61 -83.15 -16.99 -55.21
N PRO AA 62 -82.48 -15.89 -54.85
CA PRO AA 62 -81.45 -15.35 -55.74
C PRO AA 62 -80.27 -16.29 -55.90
N CYS AA 63 -79.94 -17.08 -54.88
CA CYS AA 63 -78.94 -18.13 -55.04
C CYS AA 63 -79.32 -19.07 -56.17
N ASP AA 64 -80.62 -19.33 -56.34
CA ASP AA 64 -81.08 -20.22 -57.39
C ASP AA 64 -81.05 -19.51 -58.74
N TYR AA 65 -80.85 -20.31 -59.79
CA TYR AA 65 -80.71 -19.77 -61.14
C TYR AA 65 -80.88 -20.92 -62.12
N VAL AA 66 -80.92 -20.55 -63.40
CA VAL AA 66 -81.05 -21.50 -64.50
C VAL AA 66 -80.19 -21.03 -65.66
N LYS AA 67 -79.37 -21.93 -66.20
CA LYS AA 67 -78.51 -21.62 -67.32
C LYS AA 67 -79.09 -22.18 -68.61
N GLY AA 68 -78.49 -21.78 -69.72
CA GLY AA 68 -78.98 -22.19 -71.02
C GLY AA 68 -78.49 -21.24 -72.10
N ILE AA 69 -79.09 -21.37 -73.28
CA ILE AA 69 -78.68 -20.57 -74.44
C ILE AA 69 -79.84 -19.72 -74.95
N LEU AA 70 -79.58 -18.95 -75.99
CA LEU AA 70 -80.55 -17.99 -76.53
C LEU AA 70 -80.57 -18.11 -78.04
N VAL AA 71 -81.76 -18.18 -78.61
CA VAL AA 71 -81.95 -18.34 -80.06
C VAL AA 71 -83.38 -17.92 -80.40
N ALA AA 72 -83.56 -17.40 -81.61
CA ALA AA 72 -84.82 -16.80 -82.02
C ALA AA 72 -85.69 -17.85 -82.73
N GLY AA 73 -86.13 -18.82 -81.95
CA GLY AA 73 -86.96 -19.90 -82.45
C GLY AA 73 -88.44 -19.56 -82.51
N THR AA 74 -89.28 -20.61 -82.37
CA THR AA 74 -90.73 -20.49 -82.39
C THR AA 74 -91.26 -20.30 -80.97
N PRO AA 75 -92.45 -19.72 -80.80
CA PRO AA 75 -93.06 -19.71 -79.46
C PRO AA 75 -93.94 -20.93 -79.24
N GLN AA 76 -93.32 -22.11 -79.32
CA GLN AA 76 -94.02 -23.40 -79.22
C GLN AA 76 -95.18 -23.46 -80.22
N GLN AA 77 -94.80 -23.49 -81.51
CA GLN AA 77 -95.73 -23.46 -82.64
C GLN AA 77 -96.87 -22.47 -82.41
N ALA AA 78 -96.47 -21.19 -82.25
CA ALA AA 78 -97.40 -20.07 -82.05
C ALA AA 78 -98.27 -20.29 -80.82
N GLN AA 79 -97.62 -20.33 -79.66
CA GLN AA 79 -98.30 -20.52 -78.39
C GLN AA 79 -97.80 -19.49 -77.39
N SER AA 80 -98.64 -19.19 -76.40
CA SER AA 80 -98.30 -18.17 -75.41
C SER AA 80 -98.64 -18.54 -73.98
N ASN AA 81 -99.43 -19.58 -73.73
CA ASN AA 81 -99.84 -19.91 -72.37
C ASN AA 81 -98.72 -20.48 -71.52
N ASP AA 82 -97.54 -20.73 -72.10
CA ASP AA 82 -96.38 -21.24 -71.39
C ASP AA 82 -95.19 -20.32 -71.63
N PHE AA 83 -95.41 -19.02 -71.46
CA PHE AA 83 -94.37 -18.02 -71.73
C PHE AA 83 -94.53 -16.86 -70.75
N LEU AA 84 -93.83 -15.76 -71.06
CA LEU AA 84 -93.86 -14.56 -70.24
C LEU AA 84 -94.21 -13.36 -71.10
N THR AA 85 -93.83 -13.43 -72.39
CA THR AA 85 -93.87 -12.30 -73.33
C THR AA 85 -93.40 -11.01 -72.67
N LEU AA 86 -92.13 -10.98 -72.25
CA LEU AA 86 -91.50 -9.80 -71.69
C LEU AA 86 -90.48 -9.22 -72.67
N LYS AA 87 -90.34 -7.90 -72.62
CA LYS AA 87 -89.49 -7.15 -73.54
C LYS AA 87 -88.16 -6.81 -72.87
N LEU AA 88 -87.13 -6.64 -73.69
CA LEU AA 88 -85.79 -6.40 -73.19
C LEU AA 88 -85.25 -5.05 -73.65
N PRO AA 89 -84.42 -4.40 -72.85
CA PRO AA 89 -83.66 -3.23 -73.30
C PRO AA 89 -82.23 -3.53 -73.77
N ALA AA 90 -81.81 -4.79 -73.72
CA ALA AA 90 -80.48 -5.24 -74.14
C ALA AA 90 -79.36 -4.62 -73.32
N ASN AA 91 -79.66 -4.14 -72.11
CA ASN AA 91 -78.65 -3.87 -71.12
C ASN AA 91 -79.00 -4.42 -69.75
N LYS AA 92 -80.29 -4.63 -69.46
CA LYS AA 92 -80.73 -5.37 -68.28
C LYS AA 92 -80.81 -6.86 -68.55
N LEU AA 93 -80.14 -7.35 -69.59
CA LEU AA 93 -79.94 -8.77 -69.77
C LEU AA 93 -78.60 -9.16 -69.16
N TYR AA 94 -78.61 -10.13 -68.25
CA TYR AA 94 -77.38 -10.56 -67.59
C TYR AA 94 -76.75 -11.66 -68.42
N LEU AA 95 -75.93 -11.24 -69.38
CA LEU AA 95 -75.29 -12.11 -70.34
C LEU AA 95 -73.96 -12.63 -69.78
N ILE AA 96 -73.52 -13.76 -70.31
CA ILE AA 96 -72.25 -14.38 -69.91
C ILE AA 96 -71.32 -14.39 -71.12
N ARG AA 97 -70.03 -14.13 -70.86
CA ARG AA 97 -69.01 -14.07 -71.90
C ARG AA 97 -69.38 -13.00 -72.93
N LYS AA 98 -69.44 -11.76 -72.46
CA LYS AA 98 -69.88 -10.64 -73.28
C LYS AA 98 -69.10 -10.57 -74.59
N LYS AA 99 -69.81 -10.28 -75.67
CA LYS AA 99 -69.24 -10.17 -77.00
C LYS AA 99 -69.72 -8.88 -77.66
N GLY AA 100 -69.86 -7.82 -76.88
CA GLY AA 100 -70.17 -6.53 -77.44
C GLY AA 100 -71.56 -6.42 -78.02
N ASN AA 101 -71.63 -6.46 -79.35
CA ASN AA 101 -72.82 -6.28 -80.16
C ASN AA 101 -74.06 -6.93 -79.56
N ILE AA 102 -75.08 -6.11 -79.32
CA ILE AA 102 -76.43 -6.56 -79.01
C ILE AA 102 -77.38 -5.63 -79.74
N SER AA 103 -78.63 -6.05 -79.88
CA SER AA 103 -79.66 -5.20 -80.48
C SER AA 103 -80.14 -4.20 -79.44
N ASP AA 104 -81.26 -3.53 -79.73
CA ASP AA 104 -81.87 -2.65 -78.73
C ASP AA 104 -82.89 -3.39 -77.89
N ASP AA 105 -83.86 -4.04 -78.53
CA ASP AA 105 -84.95 -4.70 -77.83
C ASP AA 105 -85.11 -6.12 -78.33
N LEU AA 106 -85.33 -7.05 -77.41
CA LEU AA 106 -85.58 -8.45 -77.74
C LEU AA 106 -86.88 -8.90 -77.07
N LYS AA 107 -87.66 -9.69 -77.79
CA LYS AA 107 -88.88 -10.30 -77.25
C LYS AA 107 -88.51 -11.71 -76.80
N ILE AA 108 -87.80 -11.79 -75.68
CA ILE AA 108 -87.31 -13.06 -75.19
C ILE AA 108 -88.47 -13.86 -74.61
N TYR AA 109 -88.56 -15.13 -75.01
CA TYR AA 109 -89.63 -16.01 -74.58
C TYR AA 109 -89.06 -17.25 -73.91
N ILE AA 110 -89.66 -17.65 -72.80
CA ILE AA 110 -89.13 -18.72 -71.95
C ILE AA 110 -90.25 -19.68 -71.57
N PRO AA 111 -90.02 -21.00 -71.63
CA PRO AA 111 -90.97 -21.94 -70.99
C PRO AA 111 -91.26 -21.55 -69.55
N TYR AA 112 -92.53 -21.29 -69.26
CA TYR AA 112 -92.97 -20.77 -67.98
C TYR AA 112 -93.72 -21.83 -67.19
N SER AA 113 -94.17 -21.46 -66.00
CA SER AA 113 -94.94 -22.36 -65.15
C SER AA 113 -95.61 -21.53 -64.05
N SER AA 114 -96.27 -22.22 -63.14
CA SER AA 114 -96.91 -21.66 -61.96
C SER AA 114 -96.47 -22.47 -60.74
N PRO AA 115 -96.55 -21.90 -59.55
CA PRO AA 115 -96.09 -22.60 -58.35
C PRO AA 115 -96.98 -23.78 -58.00
N ASP AA 116 -96.39 -24.98 -58.07
CA ASP AA 116 -97.09 -26.19 -57.64
C ASP AA 116 -97.43 -26.09 -56.16
N ALA AA 117 -98.72 -26.06 -55.85
CA ALA AA 117 -99.17 -25.87 -54.48
C ALA AA 117 -98.76 -27.05 -53.60
N ARG AA 118 -98.91 -26.85 -52.29
CA ARG AA 118 -98.67 -27.88 -51.26
C ARG AA 118 -97.32 -28.58 -51.42
N ASN AA 119 -96.35 -27.91 -52.03
CA ASN AA 119 -95.03 -28.48 -52.26
C ASN AA 119 -93.98 -27.40 -52.05
N SER AA 120 -93.17 -27.54 -51.01
CA SER AA 120 -91.99 -26.70 -50.89
C SER AA 120 -91.05 -27.00 -52.04
N MET AA 121 -90.63 -25.94 -52.75
CA MET AA 121 -89.87 -26.11 -53.98
C MET AA 121 -88.63 -26.95 -53.75
N LYS AA 122 -87.79 -26.56 -52.79
CA LYS AA 122 -86.58 -27.29 -52.45
C LYS AA 122 -85.65 -27.41 -53.66
N THR AA 123 -85.21 -26.25 -54.15
CA THR AA 123 -84.27 -26.23 -55.27
C THR AA 123 -82.94 -26.84 -54.86
N LYS AA 124 -82.36 -27.66 -55.74
CA LYS AA 124 -81.17 -28.42 -55.40
C LYS AA 124 -80.14 -28.30 -56.52
N PRO AA 125 -78.89 -27.94 -56.21
CA PRO AA 125 -77.90 -27.72 -57.27
C PRO AA 125 -77.43 -29.04 -57.88
N VAL AA 126 -77.42 -29.08 -59.21
CA VAL AA 126 -76.89 -30.21 -59.98
C VAL AA 126 -76.24 -29.66 -61.24
N SER AA 127 -74.98 -30.01 -61.46
CA SER AA 127 -74.27 -29.58 -62.66
C SER AA 127 -74.49 -30.60 -63.77
N ILE AA 128 -73.75 -30.48 -64.87
CA ILE AA 128 -73.87 -31.36 -66.01
C ILE AA 128 -72.88 -32.52 -65.85
N SER AA 129 -73.40 -33.74 -65.89
CA SER AA 129 -72.59 -34.94 -65.85
C SER AA 129 -73.19 -35.96 -66.82
N ASP AA 130 -72.66 -37.18 -66.79
CA ASP AA 130 -73.04 -38.26 -67.72
C ASP AA 130 -73.13 -37.70 -69.14
N ASP AA 131 -71.98 -37.28 -69.69
CA ASP AA 131 -71.87 -36.49 -70.91
C ASP AA 131 -72.35 -37.20 -72.16
N THR AA 132 -72.96 -38.38 -72.14
CA THR AA 132 -73.67 -38.86 -73.33
C THR AA 132 -74.73 -37.88 -73.79
N ILE AA 133 -75.10 -36.91 -72.95
CA ILE AA 133 -76.01 -35.84 -73.36
C ILE AA 133 -75.33 -34.93 -74.38
N VAL AA 134 -74.00 -34.85 -74.38
CA VAL AA 134 -73.30 -33.88 -75.22
C VAL AA 134 -73.66 -34.10 -76.68
N ASN AA 135 -73.34 -35.28 -77.23
CA ASN AA 135 -73.71 -35.58 -78.60
C ASN AA 135 -75.22 -35.64 -78.79
N ASN AA 136 -75.99 -35.76 -77.70
CA ASN AA 136 -77.44 -35.68 -77.80
C ASN AA 136 -77.88 -34.25 -78.09
N ILE AA 137 -77.23 -33.27 -77.48
CA ILE AA 137 -77.66 -31.88 -77.63
C ILE AA 137 -76.86 -31.16 -78.71
N ILE AA 138 -75.53 -31.31 -78.73
CA ILE AA 138 -74.73 -30.55 -79.69
C ILE AA 138 -75.07 -30.94 -81.11
N LYS AA 139 -75.53 -32.18 -81.31
CA LYS AA 139 -76.05 -32.58 -82.61
C LYS AA 139 -77.45 -32.03 -82.84
N GLU AA 140 -78.23 -31.88 -81.77
CA GLU AA 140 -79.62 -31.43 -81.88
C GLU AA 140 -79.75 -29.91 -81.73
N VAL AA 141 -79.32 -29.37 -80.59
CA VAL AA 141 -79.54 -27.95 -80.33
C VAL AA 141 -78.34 -27.09 -80.76
N PHE AA 142 -77.31 -27.69 -81.37
CA PHE AA 142 -76.19 -26.91 -81.85
C PHE AA 142 -75.86 -27.24 -83.30
N ASP AA 143 -76.11 -28.48 -83.73
CA ASP AA 143 -75.92 -28.87 -85.12
C ASP AA 143 -77.22 -28.94 -85.91
N LYS AA 144 -78.35 -28.57 -85.31
CA LYS AA 144 -79.57 -28.28 -86.05
C LYS AA 144 -80.00 -26.82 -85.87
N ILE AA 145 -79.28 -26.06 -85.05
CA ILE AA 145 -79.60 -24.67 -84.78
C ILE AA 145 -78.46 -23.80 -85.28
N TYR AA 146 -77.26 -24.37 -85.31
CA TYR AA 146 -76.04 -23.65 -85.71
C TYR AA 146 -75.21 -24.49 -86.66
N ASN AA 147 -75.84 -25.22 -87.58
CA ASN AA 147 -75.07 -26.06 -88.48
C ASN AA 147 -74.57 -25.28 -89.69
N ILE AA 148 -73.95 -24.12 -89.44
CA ILE AA 148 -73.12 -23.45 -90.41
C ILE AA 148 -71.69 -23.32 -89.91
N THR AA 149 -71.52 -22.91 -88.66
CA THR AA 149 -70.29 -23.16 -87.93
C THR AA 149 -70.43 -24.48 -87.18
N GLN AA 150 -69.39 -24.84 -86.42
CA GLN AA 150 -69.38 -26.04 -85.58
C GLN AA 150 -69.52 -27.33 -86.37
N LYS AA 151 -69.59 -27.25 -87.69
CA LYS AA 151 -69.58 -28.41 -88.57
C LYS AA 151 -68.50 -28.28 -89.64
N GLU AA 152 -68.27 -27.09 -90.15
CA GLU AA 152 -67.14 -26.80 -91.01
C GLU AA 152 -65.87 -26.51 -90.22
N LYS AA 153 -65.87 -26.79 -88.93
CA LYS AA 153 -64.73 -26.61 -88.06
C LYS AA 153 -64.40 -27.93 -87.39
N VAL AA 154 -63.27 -27.95 -86.68
CA VAL AA 154 -62.87 -29.12 -85.91
C VAL AA 154 -62.50 -28.67 -84.50
N LYS AA 155 -62.51 -27.36 -84.26
CA LYS AA 155 -62.20 -26.83 -82.94
C LYS AA 155 -63.44 -26.92 -82.05
N ILE AA 156 -64.04 -28.10 -81.97
CA ILE AA 156 -65.20 -28.33 -81.12
C ILE AA 156 -64.79 -29.01 -79.82
N GLU AA 157 -63.55 -29.49 -79.71
CA GLU AA 157 -63.06 -29.96 -78.42
C GLU AA 157 -63.11 -28.82 -77.40
N LYS AA 158 -62.90 -27.58 -77.86
CA LYS AA 158 -63.17 -26.42 -77.02
C LYS AA 158 -64.62 -26.41 -76.56
N VAL AA 159 -65.54 -26.82 -77.44
CA VAL AA 159 -66.93 -26.96 -77.05
C VAL AA 159 -67.13 -28.19 -76.18
N LYS AA 160 -66.50 -29.31 -76.56
CA LYS AA 160 -66.66 -30.57 -75.82
C LYS AA 160 -66.37 -30.38 -74.34
N GLU AA 161 -65.20 -29.83 -74.02
CA GLU AA 161 -64.86 -29.60 -72.62
C GLU AA 161 -65.77 -28.58 -71.97
N ASP AA 162 -66.36 -27.68 -72.76
CA ASP AA 162 -67.19 -26.62 -72.19
C ASP AA 162 -68.62 -27.06 -71.92
N ILE AA 163 -69.06 -28.18 -72.48
CA ILE AA 163 -70.47 -28.56 -72.35
C ILE AA 163 -70.85 -28.70 -70.88
N LYS AA 164 -70.10 -29.50 -70.13
CA LYS AA 164 -70.33 -29.57 -68.70
C LYS AA 164 -69.90 -28.28 -68.01
N GLU AA 165 -68.94 -27.56 -68.58
CA GLU AA 165 -68.46 -26.31 -68.02
C GLU AA 165 -69.27 -25.10 -68.47
N LEU AA 166 -70.48 -25.31 -68.98
CA LEU AA 166 -71.31 -24.22 -69.49
C LEU AA 166 -72.53 -23.97 -68.63
N PHE AA 167 -73.36 -24.99 -68.38
CA PHE AA 167 -74.60 -24.81 -67.65
C PHE AA 167 -74.57 -25.62 -66.36
N SER AA 168 -74.57 -24.92 -65.24
CA SER AA 168 -75.04 -25.51 -64.00
C SER AA 168 -76.52 -25.17 -63.84
N TYR AA 169 -77.15 -25.72 -62.81
CA TYR AA 169 -78.57 -25.47 -62.61
C TYR AA 169 -78.96 -26.04 -61.26
N TYR AA 170 -80.00 -25.46 -60.68
CA TYR AA 170 -80.62 -26.02 -59.49
C TYR AA 170 -81.97 -26.62 -59.89
N ALA AA 171 -82.52 -27.47 -59.03
CA ALA AA 171 -83.72 -28.20 -59.40
C ALA AA 171 -84.59 -28.44 -58.18
N LEU AA 172 -85.91 -28.28 -58.36
CA LEU AA 172 -86.86 -28.65 -57.31
C LEU AA 172 -86.67 -30.11 -56.90
N GLU AA 173 -86.28 -30.97 -57.83
CA GLU AA 173 -85.98 -32.37 -57.56
C GLU AA 173 -87.20 -33.11 -56.99
N GLN AA 174 -88.37 -32.80 -57.53
CA GLN AA 174 -89.59 -33.48 -57.12
C GLN AA 174 -90.22 -34.19 -58.31
N SER BA 2 50.20 65.18 17.50
CA SER BA 2 50.06 64.57 16.18
C SER BA 2 48.93 65.19 15.38
N THR BA 3 47.80 64.48 15.30
CA THR BA 3 46.65 64.98 14.57
C THR BA 3 45.38 64.91 15.41
N GLN BA 4 44.23 65.10 14.77
CA GLN BA 4 42.96 65.23 15.48
C GLN BA 4 42.64 63.96 16.26
N ARG BA 5 42.04 64.15 17.44
CA ARG BA 5 41.50 63.05 18.23
C ARG BA 5 40.30 63.58 18.99
N GLU BA 6 39.14 62.96 18.82
CA GLU BA 6 37.95 63.31 19.60
C GLU BA 6 37.55 62.14 20.48
N TYR BA 7 36.89 62.45 21.59
CA TYR BA 7 36.39 61.43 22.51
C TYR BA 7 34.89 61.26 22.29
N VAL BA 8 34.48 60.05 21.96
CA VAL BA 8 33.09 59.71 21.76
C VAL BA 8 32.58 59.07 23.05
N PHE BA 9 31.72 59.79 23.78
CA PHE BA 9 31.13 59.29 25.01
C PHE BA 9 29.70 58.85 24.73
N ILE BA 10 29.36 57.63 25.12
CA ILE BA 10 28.11 57.00 24.76
C ILE BA 10 27.03 57.46 25.74
N PRO BA 11 26.00 58.17 25.28
CA PRO BA 11 24.90 58.54 26.15
C PRO BA 11 23.75 57.54 26.07
N ILE BA 12 22.76 57.76 26.94
CA ILE BA 12 21.48 57.09 26.83
C ILE BA 12 20.46 57.95 26.07
N THR BA 13 20.71 59.25 25.95
CA THR BA 13 19.81 60.16 25.26
C THR BA 13 20.20 60.30 23.80
N ASN BA 14 19.56 61.23 23.10
CA ASN BA 14 19.77 61.46 21.66
C ASN BA 14 19.99 62.94 21.39
N SER BA 15 20.84 63.59 22.19
CA SER BA 15 20.99 65.04 22.18
C SER BA 15 22.25 65.51 21.45
N ILE BA 16 23.36 64.79 21.58
CA ILE BA 16 24.64 65.20 21.02
C ILE BA 16 25.09 64.12 20.04
N THR BA 17 24.14 63.55 19.30
CA THR BA 17 24.26 62.24 18.66
C THR BA 17 25.59 61.94 17.97
N ILE BA 18 25.93 62.63 16.88
CA ILE BA 18 27.22 62.37 16.25
C ILE BA 18 28.03 63.64 16.02
N ASP BA 19 27.57 64.51 15.13
CA ASP BA 19 28.22 65.79 14.82
C ASP BA 19 29.73 65.64 14.61
N VAL BA 20 30.11 64.88 13.57
CA VAL BA 20 31.52 64.59 13.30
C VAL BA 20 31.83 65.01 11.86
N LYS BA 21 32.48 66.16 11.72
CA LYS BA 21 32.95 66.67 10.43
C LYS BA 21 34.42 66.29 10.20
N ILE BA 22 35.11 67.07 9.38
CA ILE BA 22 36.25 66.70 8.54
C ILE BA 22 37.21 65.70 9.18
N THR BA 23 37.65 64.75 8.35
CA THR BA 23 38.45 63.59 8.76
C THR BA 23 39.92 63.92 8.97
N ILE BA 24 40.75 62.89 9.06
CA ILE BA 24 42.13 63.02 9.46
C ILE BA 24 43.07 63.23 8.27
N GLY BA 25 42.76 62.62 7.13
CA GLY BA 25 43.75 62.37 6.12
C GLY BA 25 44.09 60.90 6.17
N GLY BA 26 44.15 60.38 7.39
CA GLY BA 26 44.13 58.95 7.65
C GLY BA 26 42.85 58.58 8.37
N SER BA 27 42.88 57.51 9.16
CA SER BA 27 41.74 57.15 9.99
C SER BA 27 42.16 56.58 11.34
N ASP BA 28 43.30 57.04 11.87
CA ASP BA 28 43.90 56.37 13.02
C ASP BA 28 43.13 56.61 14.31
N HIS BA 29 41.90 56.10 14.38
CA HIS BA 29 41.18 56.06 15.64
C HIS BA 29 41.87 55.07 16.58
N ILE BA 30 42.04 55.49 17.84
CA ILE BA 30 42.73 54.63 18.81
C ILE BA 30 41.84 53.51 19.31
N THR BA 31 40.61 53.40 18.82
CA THR BA 31 39.80 52.22 19.04
C THR BA 31 39.99 51.21 17.91
N ASN BA 32 39.96 49.93 18.26
CA ASN BA 32 40.19 48.86 17.30
C ASN BA 32 39.28 47.69 17.67
N ILE BA 33 38.40 47.30 16.75
CA ILE BA 33 37.38 46.29 17.02
C ILE BA 33 37.63 45.08 16.14
N ASP BA 34 38.91 44.81 15.87
CA ASP BA 34 39.32 43.99 14.73
C ASP BA 34 38.58 42.65 14.67
N GLU BA 35 38.60 41.87 15.75
CA GLU BA 35 38.08 40.51 15.69
C GLU BA 35 36.82 40.28 16.52
N ARG BA 36 36.85 40.53 17.83
CA ARG BA 36 35.70 40.16 18.66
C ARG BA 36 35.32 41.18 19.73
N GLY BA 37 36.21 42.06 20.17
CA GLY BA 37 35.90 42.97 21.25
C GLY BA 37 36.28 44.39 20.93
N ILE BA 38 35.49 45.32 21.46
CA ILE BA 38 35.80 46.74 21.38
C ILE BA 38 36.86 47.04 22.43
N HIS BA 39 37.91 47.73 22.03
CA HIS BA 39 39.09 47.89 22.87
C HIS BA 39 39.41 49.36 23.07
N ASN BA 40 40.38 49.62 23.95
CA ASN BA 40 40.82 50.97 24.29
C ASN BA 40 39.67 51.82 24.81
N VAL BA 41 38.71 51.19 25.50
CA VAL BA 41 37.64 51.95 26.13
C VAL BA 41 38.23 52.70 27.33
N LEU BA 42 38.02 54.00 27.37
CA LEU BA 42 38.61 54.86 28.39
C LEU BA 42 37.54 55.30 29.38
N VAL BA 43 37.83 55.13 30.67
CA VAL BA 43 36.97 55.63 31.74
C VAL BA 43 37.71 56.77 32.42
N ILE BA 44 36.96 57.72 32.98
CA ILE BA 44 37.57 58.89 33.59
C ILE BA 44 36.72 59.35 34.77
N THR BA 45 37.40 59.88 35.78
CA THR BA 45 36.79 60.20 37.07
C THR BA 45 35.94 61.47 37.02
N GLY BA 46 34.78 61.41 37.67
CA GLY BA 46 33.92 62.55 37.89
C GLY BA 46 32.86 62.82 36.83
N TYR BA 47 33.21 62.70 35.57
CA TYR BA 47 32.33 63.07 34.46
C TYR BA 47 31.17 62.09 34.41
N ALA BA 48 30.02 62.52 34.93
CA ALA BA 48 28.83 61.69 35.01
C ALA BA 48 27.75 62.19 34.05
N VAL BA 49 26.95 61.26 33.54
CA VAL BA 49 25.92 61.58 32.55
C VAL BA 49 24.60 61.84 33.27
N ASP BA 50 23.76 62.67 32.64
CA ASP BA 50 22.45 63.01 33.17
C ASP BA 50 21.33 62.24 32.48
N GLU BA 51 21.65 61.40 31.51
CA GLU BA 51 20.72 60.63 30.70
C GLU BA 51 19.82 61.51 29.83
N LYS BA 52 19.98 62.84 29.90
CA LYS BA 52 19.22 63.76 29.05
C LYS BA 52 20.14 64.94 28.75
N ASN BA 53 20.78 64.90 27.59
CA ASN BA 53 21.77 65.90 27.19
C ASN BA 53 22.84 66.08 28.26
N GLY BA 54 23.23 64.98 28.89
CA GLY BA 54 24.28 65.02 29.88
C GLY BA 54 25.64 64.87 29.25
N ARG BA 55 26.39 65.97 29.11
CA ARG BA 55 27.71 65.95 28.50
C ARG BA 55 28.82 65.85 29.53
N LEU BA 56 28.60 65.13 30.62
CA LEU BA 56 29.65 64.70 31.54
C LEU BA 56 30.37 65.89 32.19
N VAL BA 57 29.59 66.63 32.99
CA VAL BA 57 30.21 67.62 33.87
C VAL BA 57 31.15 66.91 34.84
N PRO BA 58 32.34 67.44 35.11
CA PRO BA 58 33.27 66.75 36.01
C PRO BA 58 32.86 66.93 37.47
N THR BA 59 32.70 65.81 38.17
CA THR BA 59 32.48 65.85 39.61
C THR BA 59 33.86 65.70 40.27
N LEU BA 60 33.91 65.68 41.60
CA LEU BA 60 35.17 65.53 42.32
C LEU BA 60 35.34 64.15 42.95
N ASP BA 61 34.32 63.30 42.93
CA ASP BA 61 34.47 61.98 43.53
C ASP BA 61 34.99 60.98 42.51
N PRO BA 62 36.07 60.26 42.81
CA PRO BA 62 36.55 59.23 41.87
C PRO BA 62 35.55 58.11 41.62
N CYS BA 63 34.50 57.99 42.43
CA CYS BA 63 33.48 57.00 42.17
C CYS BA 63 32.67 57.35 40.93
N ASP BA 64 32.44 58.64 40.69
CA ASP BA 64 31.69 59.07 39.52
C ASP BA 64 32.53 58.89 38.27
N TYR BA 65 31.97 58.19 37.27
CA TYR BA 65 32.65 58.04 36.00
C TYR BA 65 31.64 57.66 34.94
N VAL BA 66 31.93 58.07 33.70
CA VAL BA 66 31.19 57.62 32.52
C VAL BA 66 32.19 57.42 31.39
N LYS BA 67 32.31 56.20 30.90
CA LYS BA 67 33.34 55.83 29.94
C LYS BA 67 32.97 56.35 28.55
N GLY BA 68 33.79 55.99 27.56
CA GLY BA 68 33.53 56.38 26.19
C GLY BA 68 34.51 55.74 25.25
N ILE BA 69 34.45 56.18 23.99
CA ILE BA 69 35.33 55.69 22.94
C ILE BA 69 36.15 56.86 22.43
N LEU BA 70 37.43 56.62 22.15
CA LEU BA 70 38.31 57.65 21.61
C LEU BA 70 38.60 57.35 20.14
N VAL BA 71 38.38 58.35 19.30
CA VAL BA 71 38.67 58.26 17.88
C VAL BA 71 39.43 59.52 17.44
N ALA BA 72 39.82 59.57 16.18
CA ALA BA 72 40.66 60.66 15.67
C ALA BA 72 39.84 61.80 15.05
N GLY BA 73 38.93 62.39 15.81
CA GLY BA 73 38.03 63.41 15.28
C GLY BA 73 38.39 64.83 15.68
N THR BA 74 37.58 65.77 15.16
CA THR BA 74 37.63 67.20 15.36
C THR BA 74 36.58 67.61 16.39
N PRO BA 75 36.69 68.81 17.02
CA PRO BA 75 35.81 69.12 18.16
C PRO BA 75 34.35 69.30 17.76
N GLN BA 76 33.72 68.18 17.35
CA GLN BA 76 32.31 68.11 16.98
C GLN BA 76 31.91 69.28 16.07
N GLN BA 77 32.50 69.22 14.86
CA GLN BA 77 32.25 70.13 13.74
C GLN BA 77 32.99 71.45 13.87
N ALA BA 78 34.08 71.47 14.63
CA ALA BA 78 35.02 72.60 14.68
C ALA BA 78 34.35 73.90 15.13
N GLN BA 79 33.86 73.88 16.36
CA GLN BA 79 33.40 75.10 17.04
C GLN BA 79 34.06 75.19 18.40
N SER BA 80 33.98 76.39 18.99
CA SER BA 80 34.64 76.70 20.26
C SER BA 80 33.65 76.73 21.42
N ASN BA 81 32.69 75.81 21.44
CA ASN BA 81 31.61 75.84 22.42
C ASN BA 81 31.90 74.99 23.66
N ASP BA 82 32.07 73.68 23.49
CA ASP BA 82 31.85 72.75 24.58
C ASP BA 82 32.90 71.64 24.64
N PHE BA 83 34.18 72.00 24.57
CA PHE BA 83 35.22 70.99 24.59
C PHE BA 83 36.41 71.46 25.42
N LEU BA 84 37.26 70.49 25.79
CA LEU BA 84 38.40 70.71 26.68
C LEU BA 84 39.66 71.10 25.91
N THR BA 85 39.99 70.37 24.84
CA THR BA 85 41.09 70.67 23.94
C THR BA 85 42.46 70.59 24.61
N LEU BA 86 42.56 69.97 25.79
CA LEU BA 86 43.85 69.79 26.42
C LEU BA 86 44.53 68.53 25.90
N LYS BA 87 45.80 68.35 26.26
CA LYS BA 87 46.60 67.24 25.77
C LYS BA 87 47.46 66.67 26.89
N LEU BA 88 47.56 65.35 26.92
CA LEU BA 88 48.46 64.62 27.81
C LEU BA 88 49.09 63.49 27.01
N PRO BA 89 50.35 63.13 27.33
CA PRO BA 89 51.16 62.36 26.37
C PRO BA 89 50.78 60.89 26.23
N ALA BA 90 49.60 60.51 26.73
CA ALA BA 90 49.05 59.17 26.50
C ALA BA 90 49.93 58.06 27.05
N ASN BA 91 50.63 58.34 28.15
CA ASN BA 91 51.29 57.31 28.94
C ASN BA 91 50.79 57.26 30.38
N LYS BA 92 49.83 58.11 30.73
CA LYS BA 92 49.21 58.14 32.05
C LYS BA 92 47.69 58.16 31.90
N LEU BA 93 47.17 57.28 31.05
CA LEU BA 93 45.77 57.24 30.73
C LEU BA 93 45.07 56.08 31.45
N TYR BA 94 43.75 56.20 31.57
CA TYR BA 94 42.91 55.14 32.10
C TYR BA 94 42.29 54.40 30.92
N LEU BA 95 43.05 53.48 30.36
CA LEU BA 95 42.67 52.75 29.16
C LEU BA 95 42.44 51.30 29.52
N ILE BA 96 41.18 50.87 29.54
CA ILE BA 96 40.86 49.47 29.74
C ILE BA 96 40.94 48.76 28.39
N ARG BA 97 41.47 47.54 28.39
CA ARG BA 97 41.67 46.76 27.17
C ARG BA 97 42.44 47.55 26.12
N LYS BA 98 43.68 47.90 26.45
CA LYS BA 98 44.55 48.61 25.52
C LYS BA 98 44.93 47.70 24.36
N LYS BA 99 45.24 48.31 23.21
CA LYS BA 99 45.58 47.54 22.02
C LYS BA 99 46.61 48.26 21.16
N GLY BA 100 47.68 47.56 20.83
CA GLY BA 100 48.57 47.99 19.78
C GLY BA 100 49.42 49.19 20.14
N ASN BA 101 49.50 50.13 19.18
CA ASN BA 101 50.33 51.32 19.31
C ASN BA 101 49.43 52.55 19.26
N ILE BA 102 50.01 53.69 19.62
CA ILE BA 102 49.30 54.95 19.78
C ILE BA 102 50.05 56.06 19.05
N SER BA 103 49.53 57.28 19.18
CA SER BA 103 50.27 58.51 18.88
C SER BA 103 50.58 59.20 20.21
N ASP BA 104 51.82 59.64 20.36
CA ASP BA 104 52.29 60.06 21.69
C ASP BA 104 51.60 61.34 22.16
N ASP BA 105 51.78 62.44 21.43
CA ASP BA 105 51.24 63.73 21.82
C ASP BA 105 50.24 64.17 20.76
N LEU BA 106 48.97 63.84 20.99
CA LEU BA 106 47.90 64.03 20.03
C LEU BA 106 46.91 65.10 20.49
N LYS BA 107 46.26 65.73 19.52
CA LYS BA 107 45.22 66.73 19.80
C LYS BA 107 43.94 66.02 20.21
N ILE BA 108 43.76 65.77 21.50
CA ILE BA 108 42.57 65.06 21.94
C ILE BA 108 41.43 66.05 22.14
N TYR BA 109 40.21 65.59 21.91
CA TYR BA 109 39.01 66.39 22.07
C TYR BA 109 38.03 65.61 22.95
N ILE BA 110 37.74 66.12 24.13
CA ILE BA 110 36.84 65.48 25.08
C ILE BA 110 35.64 66.40 25.30
N PRO BA 111 34.41 65.94 25.08
CA PRO BA 111 33.25 66.82 25.25
C PRO BA 111 33.13 67.31 26.68
N TYR BA 112 32.52 68.49 26.83
CA TYR BA 112 32.40 69.12 28.13
C TYR BA 112 31.07 69.85 28.25
N SER BA 113 30.39 69.63 29.37
CA SER BA 113 29.18 70.36 29.72
C SER BA 113 29.49 71.34 30.85
N SER BA 114 28.87 72.51 30.80
CA SER BA 114 29.07 73.49 31.85
C SER BA 114 28.42 73.01 33.14
N PRO BA 115 28.95 73.44 34.29
CA PRO BA 115 28.36 73.05 35.58
C PRO BA 115 26.86 73.27 35.63
N ASP BA 116 26.16 72.33 36.27
CA ASP BA 116 24.72 72.37 36.44
C ASP BA 116 24.41 72.70 37.89
N ALA BA 117 24.08 73.96 38.13
CA ALA BA 117 23.68 74.42 39.46
C ALA BA 117 22.20 74.10 39.69
N ARG BA 118 21.63 74.69 40.73
CA ARG BA 118 20.20 74.71 41.04
C ARG BA 118 19.66 73.41 41.60
N ASN BA 119 20.48 72.36 41.76
CA ASN BA 119 19.98 71.08 42.22
C ASN BA 119 21.04 70.36 43.02
N SER BA 120 20.58 69.45 43.88
CA SER BA 120 21.42 68.41 44.46
C SER BA 120 21.21 67.12 43.67
N MET BA 121 22.22 66.25 43.69
CA MET BA 121 22.28 65.15 42.75
C MET BA 121 22.17 63.77 43.37
N LYS BA 122 23.04 63.40 44.32
CA LYS BA 122 23.18 62.01 44.77
C LYS BA 122 23.14 61.05 43.57
N THR BA 123 24.12 61.23 42.69
CA THR BA 123 24.12 60.52 41.42
C THR BA 123 24.20 59.01 41.61
N LYS BA 124 23.52 58.27 40.73
CA LYS BA 124 23.37 56.84 40.82
C LYS BA 124 24.07 56.13 39.67
N PRO BA 125 24.76 55.03 39.92
CA PRO BA 125 25.36 54.26 38.83
C PRO BA 125 24.32 53.39 38.15
N VAL BA 126 24.45 53.27 36.83
CA VAL BA 126 23.47 52.59 36.00
C VAL BA 126 24.17 51.55 35.15
N SER BA 127 23.64 50.32 35.16
CA SER BA 127 24.01 49.28 34.22
C SER BA 127 22.89 49.15 33.20
N ILE BA 128 23.23 49.40 31.94
CA ILE BA 128 22.22 49.60 30.90
C ILE BA 128 21.77 48.24 30.36
N SER BA 129 20.48 48.14 30.07
CA SER BA 129 19.86 46.91 29.58
C SER BA 129 18.76 47.33 28.63
N ASP BA 130 17.81 46.42 28.36
CA ASP BA 130 16.75 46.66 27.39
C ASP BA 130 17.37 46.95 26.01
N ASP BA 131 17.94 45.88 25.45
CA ASP BA 131 18.86 45.90 24.33
C ASP BA 131 18.49 46.84 23.19
N THR BA 132 17.22 47.24 23.09
CA THR BA 132 16.81 48.14 22.01
C THR BA 132 17.76 49.32 21.85
N ILE BA 133 18.47 49.70 22.91
CA ILE BA 133 19.48 50.74 22.81
C ILE BA 133 20.78 50.21 22.20
N VAL BA 134 21.18 48.99 22.59
CA VAL BA 134 22.53 48.51 22.31
C VAL BA 134 22.79 48.36 20.81
N ASN BA 135 21.75 48.30 19.99
CA ASN BA 135 21.93 48.31 18.54
C ASN BA 135 21.74 49.68 17.93
N ASN BA 136 20.92 50.55 18.55
CA ASN BA 136 20.76 51.90 18.03
C ASN BA 136 22.09 52.64 17.98
N ILE BA 137 22.98 52.38 18.94
CA ILE BA 137 24.30 53.00 18.92
C ILE BA 137 25.21 52.39 17.87
N ILE BA 138 24.72 51.43 17.08
CA ILE BA 138 25.50 50.84 16.00
C ILE BA 138 24.84 51.01 14.65
N LYS BA 139 23.62 51.52 14.60
CA LYS BA 139 22.95 51.74 13.33
C LYS BA 139 23.71 52.75 12.48
N GLU BA 140 23.95 53.96 13.02
CA GLU BA 140 24.56 55.01 12.23
C GLU BA 140 25.78 55.63 12.92
N VAL BA 141 25.85 55.54 14.25
CA VAL BA 141 26.94 56.19 14.97
C VAL BA 141 28.13 55.27 15.23
N PHE BA 142 28.06 54.01 14.78
CA PHE BA 142 29.21 53.11 14.84
C PHE BA 142 29.65 52.66 13.46
N ASP BA 143 28.71 52.31 12.58
CA ASP BA 143 29.06 51.91 11.22
C ASP BA 143 29.54 53.08 10.36
N LYS BA 144 29.56 54.29 10.92
CA LYS BA 144 30.15 55.46 10.29
C LYS BA 144 31.47 55.85 10.93
N ILE BA 145 31.53 55.86 12.26
CA ILE BA 145 32.76 56.14 12.99
C ILE BA 145 33.71 54.95 12.99
N TYR BA 146 33.22 53.77 12.59
CA TYR BA 146 34.08 52.61 12.40
C TYR BA 146 33.90 52.09 10.98
N ASN BA 147 33.98 52.99 9.99
CA ASN BA 147 33.55 52.64 8.64
C ASN BA 147 34.59 51.82 7.90
N ILE BA 148 35.12 50.78 8.55
CA ILE BA 148 35.90 49.74 7.89
C ILE BA 148 35.37 48.36 8.28
N THR BA 149 35.09 48.18 9.57
CA THR BA 149 34.94 46.86 10.17
C THR BA 149 33.47 46.50 10.37
N GLN BA 150 33.23 45.22 10.65
CA GLN BA 150 31.97 44.56 11.02
C GLN BA 150 31.04 44.30 9.83
N LYS BA 151 31.53 44.44 8.60
CA LYS BA 151 30.79 44.00 7.42
C LYS BA 151 31.59 43.07 6.54
N GLU BA 152 32.82 42.74 6.93
CA GLU BA 152 33.69 41.86 6.16
C GLU BA 152 33.95 40.53 6.85
N LYS BA 153 33.86 40.48 8.18
CA LYS BA 153 34.01 39.25 8.93
C LYS BA 153 32.64 38.75 9.37
N VAL BA 154 32.61 37.67 10.14
CA VAL BA 154 31.35 37.00 10.47
C VAL BA 154 30.77 37.51 11.79
N LYS BA 155 31.62 37.95 12.71
CA LYS BA 155 31.17 38.27 14.06
C LYS BA 155 30.58 39.68 14.12
N ILE BA 156 29.33 39.77 14.57
CA ILE BA 156 28.64 41.06 14.65
C ILE BA 156 27.91 41.24 15.98
N GLU BA 157 27.75 40.17 16.75
CA GLU BA 157 26.75 40.18 17.81
C GLU BA 157 27.29 40.41 19.21
N LYS BA 158 28.50 39.93 19.53
CA LYS BA 158 28.94 40.00 20.91
C LYS BA 158 29.38 41.42 21.32
N VAL BA 159 29.50 42.34 20.37
CA VAL BA 159 29.82 43.72 20.74
C VAL BA 159 28.64 44.36 21.48
N LYS BA 160 27.42 44.06 21.07
CA LYS BA 160 26.25 44.51 21.82
C LYS BA 160 26.16 43.87 23.20
N GLU BA 161 27.01 42.89 23.49
CA GLU BA 161 27.09 42.32 24.83
C GLU BA 161 28.42 42.60 25.52
N ASP BA 162 29.50 42.82 24.76
CA ASP BA 162 30.72 43.30 25.38
C ASP BA 162 30.61 44.78 25.78
N ILE BA 163 29.73 45.53 25.11
CA ILE BA 163 29.28 46.83 25.61
C ILE BA 163 28.29 46.67 26.75
N LYS BA 164 28.04 45.45 27.19
CA LYS BA 164 27.26 45.21 28.41
C LYS BA 164 28.13 44.83 29.60
N GLU BA 165 29.22 44.09 29.37
CA GLU BA 165 30.07 43.64 30.48
C GLU BA 165 30.97 44.77 30.98
N LEU BA 166 31.50 45.58 30.07
CA LEU BA 166 32.46 46.61 30.44
C LEU BA 166 31.86 48.02 30.48
N PHE BA 167 30.63 48.19 30.03
CA PHE BA 167 29.94 49.48 30.07
C PHE BA 167 29.01 49.53 31.27
N SER BA 168 29.28 50.47 32.17
CA SER BA 168 28.41 50.79 33.30
C SER BA 168 28.93 52.09 33.91
N TYR BA 169 28.02 52.99 34.26
CA TYR BA 169 28.44 54.31 34.70
C TYR BA 169 27.31 54.98 35.48
N TYR BA 170 27.57 56.20 35.92
CA TYR BA 170 26.72 56.91 36.87
C TYR BA 170 25.78 57.87 36.15
N ALA BA 171 24.59 58.06 36.72
CA ALA BA 171 23.57 58.94 36.17
C ALA BA 171 23.38 60.14 37.09
N LEU BA 172 23.41 61.34 36.50
CA LEU BA 172 23.23 62.56 37.29
C LEU BA 172 21.81 62.71 37.80
N GLU BA 173 20.82 62.51 36.91
CA GLU BA 173 19.39 62.59 37.16
C GLU BA 173 18.90 64.02 37.33
N GLN BA 174 19.78 65.02 37.30
CA GLN BA 174 19.36 66.41 37.44
C GLN BA 174 18.58 66.88 36.21
N SER CA 2 8.59 -5.99 67.05
CA SER CA 2 9.05 -4.99 68.01
C SER CA 2 7.99 -4.69 69.06
N THR CA 3 8.39 -4.03 70.14
CA THR CA 3 7.50 -3.66 71.23
C THR CA 3 7.27 -2.16 71.24
N GLN CA 4 6.08 -1.76 71.68
CA GLN CA 4 5.76 -0.36 71.83
C GLN CA 4 6.18 0.11 73.21
N ARG CA 5 6.67 1.35 73.27
CA ARG CA 5 7.35 1.86 74.46
C ARG CA 5 6.61 3.03 75.09
N GLU CA 6 7.11 3.44 76.24
CA GLU CA 6 6.54 4.56 76.99
C GLU CA 6 7.65 5.19 77.83
N TYR CA 7 8.06 6.39 77.45
CA TYR CA 7 9.14 7.10 78.14
C TYR CA 7 8.65 7.59 79.50
N VAL CA 8 9.21 7.04 80.57
CA VAL CA 8 8.90 7.50 81.93
C VAL CA 8 9.91 8.57 82.31
N PHE CA 9 9.39 9.68 82.84
CA PHE CA 9 10.15 10.90 83.11
C PHE CA 9 10.66 10.90 84.55
N ILE CA 10 11.13 12.06 85.02
CA ILE CA 10 11.68 12.20 86.37
C ILE CA 10 10.94 13.32 87.11
N PRO CA 11 10.20 13.01 88.16
CA PRO CA 11 9.57 14.07 88.97
C PRO CA 11 10.43 14.54 90.12
N ILE CA 12 9.89 15.43 90.94
CA ILE CA 12 10.50 15.77 92.22
C ILE CA 12 9.65 15.31 93.41
N THR CA 13 8.35 15.14 93.22
CA THR CA 13 7.42 14.82 94.30
C THR CA 13 6.96 13.37 94.17
N ASN CA 14 6.26 12.89 95.20
CA ASN CA 14 5.77 11.51 95.22
C ASN CA 14 4.68 11.27 94.18
N SER CA 15 4.13 12.31 93.55
CA SER CA 15 2.89 12.15 92.81
C SER CA 15 3.11 11.62 91.40
N ILE CA 16 4.21 12.00 90.74
CA ILE CA 16 4.30 11.81 89.30
C ILE CA 16 5.42 10.80 89.00
N THR CA 17 5.62 9.84 89.89
CA THR CA 17 6.69 8.87 89.70
C THR CA 17 6.30 7.74 88.75
N ILE CA 18 5.30 6.94 89.14
CA ILE CA 18 4.97 5.73 88.38
C ILE CA 18 3.96 6.05 87.30
N ASP CA 19 2.74 6.42 87.72
CA ASP CA 19 1.68 6.86 86.81
C ASP CA 19 1.23 5.76 85.85
N VAL CA 20 1.76 4.55 86.01
CA VAL CA 20 1.40 3.41 85.18
C VAL CA 20 1.18 2.21 86.10
N LYS CA 21 0.29 1.30 85.68
CA LYS CA 21 -0.15 0.24 86.56
C LYS CA 21 0.41 -1.14 86.21
N ILE CA 22 0.76 -1.39 84.94
CA ILE CA 22 1.22 -2.70 84.50
C ILE CA 22 2.67 -2.59 84.05
N THR CA 23 3.28 -3.74 83.78
CA THR CA 23 4.72 -3.89 83.57
C THR CA 23 5.02 -4.36 82.15
N ILE CA 24 6.27 -4.82 81.95
CA ILE CA 24 6.88 -5.09 80.66
C ILE CA 24 5.91 -5.73 79.66
N GLY CA 25 5.23 -6.80 80.08
CA GLY CA 25 4.41 -7.55 79.16
C GLY CA 25 5.23 -8.45 78.26
N GLY CA 26 6.07 -7.84 77.41
CA GLY CA 26 7.02 -8.57 76.60
C GLY CA 26 8.27 -8.92 77.38
N SER CA 27 9.41 -9.00 76.66
CA SER CA 27 10.69 -9.24 77.30
C SER CA 27 11.81 -8.34 76.81
N ASP CA 28 11.71 -7.75 75.62
CA ASP CA 28 12.78 -6.92 75.07
C ASP CA 28 12.58 -5.47 75.48
N HIS CA 29 13.63 -4.86 76.05
CA HIS CA 29 13.55 -3.49 76.54
C HIS CA 29 14.62 -2.58 75.97
N ILE CA 30 14.71 -1.38 76.53
CA ILE CA 30 15.41 -0.26 75.91
C ILE CA 30 16.57 0.15 76.79
N THR CA 31 16.25 0.55 78.02
CA THR CA 31 17.23 1.03 78.98
C THR CA 31 17.94 -0.13 79.64
N ASN CA 32 19.25 0.01 79.85
CA ASN CA 32 20.04 -0.98 80.55
C ASN CA 32 20.99 -0.28 81.50
N ILE CA 33 21.29 -0.95 82.61
CA ILE CA 33 22.07 -0.37 83.70
C ILE CA 33 23.21 -1.32 84.05
N ASP CA 34 23.74 -2.02 83.05
CA ASP CA 34 24.40 -3.31 83.22
C ASP CA 34 25.27 -3.40 84.47
N GLU CA 35 26.32 -2.60 84.56
CA GLU CA 35 27.11 -2.59 85.80
C GLU CA 35 27.61 -1.22 86.25
N ARG CA 36 27.64 -0.19 85.39
CA ARG CA 36 28.30 1.05 85.76
C ARG CA 36 27.42 2.26 85.51
N GLY CA 37 26.57 2.20 84.50
CA GLY CA 37 25.78 3.35 84.13
C GLY CA 37 24.43 2.95 83.57
N ILE CA 38 23.44 3.83 83.76
CA ILE CA 38 22.11 3.66 83.18
C ILE CA 38 22.22 4.01 81.70
N HIS CA 39 22.35 3.00 80.86
CA HIS CA 39 22.53 3.23 79.44
C HIS CA 39 21.19 3.43 78.75
N ASN CA 40 21.24 4.08 77.58
CA ASN CA 40 20.07 4.28 76.73
C ASN CA 40 18.97 5.05 77.45
N VAL CA 41 19.30 6.29 77.80
CA VAL CA 41 18.35 7.24 78.36
C VAL CA 41 18.17 8.39 77.38
N LEU CA 42 16.93 8.86 77.24
CA LEU CA 42 16.53 9.80 76.21
C LEU CA 42 16.47 11.23 76.76
N VAL CA 43 16.51 12.20 75.86
CA VAL CA 43 16.27 13.61 76.18
C VAL CA 43 15.31 14.17 75.15
N ILE CA 44 14.37 14.99 75.61
CA ILE CA 44 13.37 15.61 74.75
C ILE CA 44 13.34 17.11 75.04
N THR CA 45 13.39 17.91 73.98
CA THR CA 45 13.50 19.36 74.14
C THR CA 45 12.13 19.98 74.39
N GLY CA 46 12.09 20.93 75.31
CA GLY CA 46 10.88 21.67 75.61
C GLY CA 46 9.70 20.84 76.06
N TYR CA 47 9.87 20.09 77.15
CA TYR CA 47 8.78 19.27 77.69
C TYR CA 47 8.92 19.19 79.20
N ALA CA 48 8.22 20.08 79.91
CA ALA CA 48 8.12 20.00 81.35
C ALA CA 48 7.05 18.98 81.73
N VAL CA 49 7.14 18.47 82.95
CA VAL CA 49 6.17 17.47 83.39
C VAL CA 49 5.60 17.93 84.73
N ASP CA 50 5.90 19.17 85.10
CA ASP CA 50 5.25 19.89 86.19
C ASP CA 50 5.59 19.35 87.57
N GLU CA 51 6.19 18.16 87.62
CA GLU CA 51 6.64 17.51 88.85
C GLU CA 51 5.52 17.38 89.89
N LYS CA 52 4.30 17.76 89.50
CA LYS CA 52 3.08 17.61 90.28
C LYS CA 52 1.91 17.97 89.38
N ASN CA 53 0.90 17.10 89.31
CA ASN CA 53 -0.13 17.18 88.28
C ASN CA 53 0.52 17.25 86.90
N GLY CA 54 1.25 16.19 86.57
CA GLY CA 54 2.14 16.25 85.42
C GLY CA 54 1.80 15.35 84.25
N ARG CA 55 1.53 15.98 83.10
CA ARG CA 55 1.27 15.27 81.86
C ARG CA 55 2.01 15.94 80.69
N LEU CA 56 3.30 16.18 80.90
CA LEU CA 56 4.24 16.54 79.82
C LEU CA 56 3.84 17.85 79.14
N VAL CA 57 3.81 18.92 79.92
CA VAL CA 57 3.55 20.25 79.36
C VAL CA 57 4.79 20.73 78.62
N PRO CA 58 4.64 21.32 77.43
CA PRO CA 58 5.79 21.58 76.58
C PRO CA 58 6.41 22.95 76.82
N THR CA 59 7.55 23.16 76.17
CA THR CA 59 8.22 24.46 76.15
C THR CA 59 8.72 24.68 74.72
N LEU CA 60 8.94 25.95 74.38
CA LEU CA 60 9.06 26.34 72.98
C LEU CA 60 10.45 26.84 72.61
N ASP CA 61 11.49 26.13 73.05
CA ASP CA 61 12.86 26.53 72.75
C ASP CA 61 13.77 25.32 72.94
N PRO CA 62 14.97 25.35 72.36
CA PRO CA 62 15.89 24.21 72.55
C PRO CA 62 16.49 24.15 73.95
N CYS CA 63 16.71 25.30 74.60
CA CYS CA 63 17.38 25.31 75.90
C CYS CA 63 16.62 24.50 76.93
N ASP CA 64 15.30 24.42 76.80
CA ASP CA 64 14.49 23.57 77.67
C ASP CA 64 14.61 22.12 77.21
N TYR CA 65 14.66 21.20 78.17
CA TYR CA 65 14.69 19.78 77.87
C TYR CA 65 14.27 18.99 79.11
N VAL CA 66 14.30 17.67 78.98
CA VAL CA 66 13.97 16.76 80.07
C VAL CA 66 14.56 15.41 79.70
N LYS CA 67 14.80 14.57 80.70
CA LYS CA 67 15.40 13.26 80.46
C LYS CA 67 14.82 12.22 81.41
N GLY CA 68 14.60 11.02 80.88
CA GLY CA 68 14.15 9.88 81.66
C GLY CA 68 14.27 8.65 80.80
N ILE CA 69 14.15 7.50 81.45
CA ILE CA 69 14.40 6.22 80.80
C ILE CA 69 13.13 5.76 80.09
N LEU CA 70 13.31 5.00 79.02
CA LEU CA 70 12.19 4.44 78.28
C LEU CA 70 11.92 3.01 78.73
N VAL CA 71 10.66 2.73 79.06
CA VAL CA 71 10.20 1.38 79.35
C VAL CA 71 9.15 1.01 78.32
N ALA CA 72 9.10 -0.26 77.96
CA ALA CA 72 8.11 -0.76 77.02
C ALA CA 72 6.87 -1.27 77.75
N GLY CA 73 6.28 -0.38 78.54
CA GLY CA 73 5.13 -0.71 79.36
C GLY CA 73 3.81 -0.24 78.75
N THR CA 74 2.73 -0.60 79.43
CA THR CA 74 1.39 -0.26 78.96
C THR CA 74 1.21 1.26 78.90
N PRO CA 75 0.35 1.76 78.00
CA PRO CA 75 0.19 3.21 77.86
C PRO CA 75 -0.54 3.85 79.03
N GLN CA 76 0.04 3.77 80.22
CA GLN CA 76 -0.43 4.50 81.40
C GLN CA 76 -1.93 4.24 81.66
N GLN CA 77 -2.19 2.98 82.05
CA GLN CA 77 -3.51 2.47 82.42
C GLN CA 77 -4.57 2.73 81.34
N ALA CA 78 -4.15 2.73 80.08
CA ALA CA 78 -5.03 2.65 78.93
C ALA CA 78 -6.05 3.81 78.89
N GLN CA 79 -5.52 5.02 78.81
CA GLN CA 79 -6.34 6.21 78.63
C GLN CA 79 -6.20 6.72 77.20
N SER CA 80 -7.32 7.18 76.64
CA SER CA 80 -7.40 7.61 75.25
C SER CA 80 -7.64 9.10 75.15
N ASN CA 81 -6.97 9.88 76.01
CA ASN CA 81 -7.23 11.31 76.11
C ASN CA 81 -6.05 12.16 75.69
N ASP CA 82 -4.88 11.98 76.30
CA ASP CA 82 -3.80 12.95 76.23
C ASP CA 82 -2.50 12.30 75.79
N PHE CA 83 -2.56 11.52 74.71
CA PHE CA 83 -1.38 10.86 74.15
C PHE CA 83 -0.99 11.51 72.83
N LEU CA 84 0.03 10.92 72.20
CA LEU CA 84 0.51 11.38 70.91
C LEU CA 84 0.26 10.39 69.78
N THR CA 85 0.19 9.09 70.08
CA THR CA 85 0.13 8.06 69.04
C THR CA 85 1.25 8.34 68.04
N LEU CA 86 2.49 8.28 68.51
CA LEU CA 86 3.63 8.69 67.71
C LEU CA 86 4.65 7.56 67.60
N LYS CA 87 5.35 7.52 66.47
CA LYS CA 87 6.44 6.57 66.30
C LYS CA 87 7.26 6.98 65.09
N LEU CA 88 8.53 6.56 65.09
CA LEU CA 88 9.53 7.05 64.17
C LEU CA 88 10.71 6.07 64.19
N PRO CA 89 11.57 6.08 63.14
CA PRO CA 89 12.47 4.94 62.93
C PRO CA 89 13.56 4.77 63.98
N ALA CA 90 13.46 5.51 65.08
CA ALA CA 90 14.36 5.47 66.23
C ALA CA 90 15.76 5.98 65.90
N ASN CA 91 16.01 6.40 64.66
CA ASN CA 91 17.20 7.15 64.32
C ASN CA 91 17.02 8.63 64.60
N LYS CA 92 15.97 8.98 65.34
CA LYS CA 92 15.60 10.36 65.61
C LYS CA 92 15.33 10.55 67.10
N LEU CA 93 16.16 9.94 67.94
CA LEU CA 93 16.00 9.98 69.39
C LEU CA 93 17.25 10.58 70.02
N TYR CA 94 17.08 11.69 70.75
CA TYR CA 94 18.21 12.32 71.43
C TYR CA 94 18.58 11.52 72.66
N LEU CA 95 19.13 10.33 72.46
CA LEU CA 95 19.41 9.40 73.54
C LEU CA 95 20.84 9.57 74.06
N ILE CA 96 21.00 9.36 75.36
CA ILE CA 96 22.30 9.48 76.03
C ILE CA 96 22.81 8.07 76.35
N ARG CA 97 24.12 7.87 76.19
CA ARG CA 97 24.78 6.61 76.52
C ARG CA 97 24.23 5.46 75.67
N LYS CA 98 24.30 5.63 74.35
CA LYS CA 98 23.88 4.57 73.45
C LYS CA 98 24.72 3.31 73.68
N LYS CA 99 24.10 2.16 73.47
CA LYS CA 99 24.81 0.89 73.62
C LYS CA 99 24.11 -0.15 72.73
N GLY CA 100 24.74 -0.48 71.61
CA GLY CA 100 24.26 -1.55 70.76
C GLY CA 100 23.29 -1.10 69.70
N ASN CA 101 23.02 -2.01 68.76
CA ASN CA 101 22.09 -1.76 67.67
C ASN CA 101 20.68 -1.66 68.22
N ILE CA 102 20.00 -0.56 67.91
CA ILE CA 102 18.68 -0.28 68.44
C ILE CA 102 17.63 -0.71 67.41
N SER CA 103 16.47 -1.13 67.90
CA SER CA 103 15.34 -1.41 67.02
C SER CA 103 14.96 -0.15 66.24
N ASP CA 104 14.61 -0.32 64.98
CA ASP CA 104 14.37 0.80 64.07
C ASP CA 104 12.89 1.13 63.92
N ASP CA 105 12.11 0.93 64.98
CA ASP CA 105 10.70 1.31 64.98
C ASP CA 105 10.30 1.60 66.42
N LEU CA 106 9.01 1.86 66.63
CA LEU CA 106 8.49 2.25 67.93
C LEU CA 106 6.97 2.32 67.81
N LYS CA 107 6.31 2.43 68.96
CA LYS CA 107 4.94 2.95 69.03
C LYS CA 107 4.79 3.56 70.42
N ILE CA 108 5.07 4.86 70.53
CA ILE CA 108 5.09 5.54 71.82
C ILE CA 108 3.93 6.51 71.88
N TYR CA 109 3.30 6.59 73.04
CA TYR CA 109 2.18 7.50 73.27
C TYR CA 109 2.58 8.41 74.42
N ILE CA 110 3.30 9.48 74.09
CA ILE CA 110 3.79 10.40 75.11
C ILE CA 110 2.59 11.09 75.73
N PRO CA 111 2.40 10.97 77.04
CA PRO CA 111 1.26 11.65 77.70
C PRO CA 111 1.48 13.16 77.79
N TYR CA 112 1.41 13.82 76.64
CA TYR CA 112 1.60 15.26 76.53
C TYR CA 112 0.23 15.94 76.50
N SER CA 113 -0.12 16.61 77.59
CA SER CA 113 -1.44 17.20 77.74
C SER CA 113 -1.44 18.64 77.21
N SER CA 114 -2.53 19.35 77.47
CA SER CA 114 -2.61 20.74 77.05
C SER CA 114 -1.55 21.56 77.80
N PRO CA 115 -0.86 22.48 77.12
CA PRO CA 115 0.15 23.29 77.80
C PRO CA 115 -0.47 24.19 78.86
N ASP CA 116 0.40 24.70 79.73
CA ASP CA 116 -0.03 25.63 80.78
C ASP CA 116 -0.39 26.95 80.13
N ALA CA 117 -1.69 27.20 79.98
CA ALA CA 117 -2.18 28.33 79.21
C ALA CA 117 -2.10 29.62 80.02
N ARG CA 118 -1.95 30.72 79.28
CA ARG CA 118 -1.93 32.09 79.79
C ARG CA 118 -1.00 32.28 80.98
N ASN CA 119 0.10 31.54 81.04
CA ASN CA 119 1.14 31.79 82.01
C ASN CA 119 2.49 31.77 81.28
N SER CA 120 3.41 32.60 81.74
CA SER CA 120 4.73 32.70 81.12
C SER CA 120 5.50 31.40 81.34
N MET CA 121 6.67 31.29 80.73
CA MET CA 121 7.49 30.09 80.90
C MET CA 121 7.85 29.89 82.36
N LYS CA 122 8.53 30.86 82.96
CA LYS CA 122 8.98 30.78 84.35
C LYS CA 122 9.76 29.50 84.61
N THR CA 123 10.43 28.99 83.57
CA THR CA 123 11.01 27.66 83.62
C THR CA 123 12.32 27.69 84.40
N LYS CA 124 12.55 26.64 85.18
CA LYS CA 124 13.70 26.59 86.08
C LYS CA 124 14.69 25.52 85.65
N PRO CA 125 15.87 25.90 85.15
CA PRO CA 125 16.93 24.92 84.91
C PRO CA 125 17.64 24.57 86.21
N VAL CA 126 17.42 23.34 86.68
CA VAL CA 126 18.13 22.83 87.84
C VAL CA 126 18.15 21.31 87.76
N SER CA 127 19.31 20.73 88.10
CA SER CA 127 19.47 19.29 88.04
C SER CA 127 18.73 18.64 89.22
N ILE CA 128 18.85 17.32 89.35
CA ILE CA 128 18.26 16.62 90.46
C ILE CA 128 19.25 16.61 91.62
N SER CA 129 18.74 16.92 92.81
CA SER CA 129 19.54 16.96 94.02
C SER CA 129 18.66 16.47 95.16
N ASP CA 130 19.10 16.69 96.40
CA ASP CA 130 18.34 16.28 97.58
C ASP CA 130 18.09 14.76 97.55
N ASP CA 131 19.19 14.02 97.78
CA ASP CA 131 19.23 12.57 97.71
C ASP CA 131 18.00 11.90 98.29
N THR CA 132 17.33 12.54 99.26
CA THR CA 132 16.05 12.05 99.72
C THR CA 132 15.05 11.93 98.56
N ILE CA 133 15.20 12.77 97.53
CA ILE CA 133 14.39 12.62 96.33
C ILE CA 133 14.89 11.46 95.49
N VAL CA 134 16.20 11.19 95.50
CA VAL CA 134 16.72 10.03 94.78
C VAL CA 134 16.13 8.75 95.34
N ASN CA 135 16.17 8.60 96.67
CA ASN CA 135 15.52 7.46 97.30
C ASN CA 135 14.00 7.53 97.16
N ASN CA 136 13.44 8.72 96.95
CA ASN CA 136 12.01 8.86 96.74
C ASN CA 136 11.57 8.19 95.45
N ILE CA 137 12.39 8.28 94.39
CA ILE CA 137 11.98 7.78 93.09
C ILE CA 137 12.17 6.27 92.99
N ILE CA 138 13.38 5.78 93.27
CA ILE CA 138 13.63 4.35 93.19
C ILE CA 138 12.75 3.58 94.17
N LYS CA 139 12.25 4.25 95.21
CA LYS CA 139 11.26 3.66 96.11
C LYS CA 139 10.11 3.01 95.34
N GLU CA 140 9.77 3.54 94.17
CA GLU CA 140 8.55 3.15 93.47
C GLU CA 140 8.71 2.91 91.98
N VAL CA 141 9.91 3.10 91.40
CA VAL CA 141 10.09 2.99 89.96
C VAL CA 141 11.05 1.90 89.55
N PHE CA 142 11.74 1.28 90.49
CA PHE CA 142 12.77 0.32 90.11
C PHE CA 142 12.61 -1.03 90.78
N ASP CA 143 12.18 -1.07 92.04
CA ASP CA 143 12.10 -2.33 92.76
C ASP CA 143 11.02 -3.26 92.24
N LYS CA 144 10.24 -2.84 91.23
CA LYS CA 144 9.34 -3.78 90.55
C LYS CA 144 9.28 -3.59 89.04
N ILE CA 145 9.77 -2.48 88.50
CA ILE CA 145 9.72 -2.25 87.06
C ILE CA 145 10.93 -2.85 86.35
N TYR CA 146 12.12 -2.58 86.85
CA TYR CA 146 13.36 -3.15 86.33
C TYR CA 146 14.08 -3.96 87.40
N ASN CA 147 13.32 -4.69 88.22
CA ASN CA 147 13.88 -5.31 89.42
C ASN CA 147 14.66 -6.58 89.13
N ILE CA 148 14.87 -6.95 87.86
CA ILE CA 148 15.81 -8.03 87.57
C ILE CA 148 17.19 -7.67 88.10
N THR CA 149 17.59 -6.43 87.89
CA THR CA 149 18.76 -5.84 88.53
C THR CA 149 18.28 -5.13 89.80
N GLN CA 150 19.11 -4.27 90.39
CA GLN CA 150 18.72 -3.32 91.42
C GLN CA 150 18.31 -3.95 92.74
N LYS CA 151 18.62 -5.22 92.96
CA LYS CA 151 18.41 -5.78 94.29
C LYS CA 151 19.66 -6.53 94.79
N GLU CA 152 20.33 -7.25 93.89
CA GLU CA 152 21.53 -8.00 94.27
C GLU CA 152 22.62 -7.92 93.20
N LYS CA 153 22.63 -6.87 92.37
CA LYS CA 153 23.70 -6.66 91.41
C LYS CA 153 25.02 -6.42 92.15
N VAL CA 154 26.12 -6.47 91.39
CA VAL CA 154 27.42 -6.21 92.00
C VAL CA 154 27.51 -4.77 92.49
N LYS CA 155 26.80 -3.84 91.86
CA LYS CA 155 26.78 -2.45 92.30
C LYS CA 155 25.38 -1.89 92.05
N ILE CA 156 24.59 -1.75 93.11
CA ILE CA 156 23.28 -1.11 93.03
C ILE CA 156 23.32 0.31 93.58
N GLU CA 157 24.10 0.55 94.63
CA GLU CA 157 24.09 1.85 95.30
C GLU CA 157 24.67 2.96 94.46
N LYS CA 158 25.23 2.64 93.29
CA LYS CA 158 25.67 3.67 92.35
C LYS CA 158 24.64 3.92 91.27
N VAL CA 159 23.62 3.07 91.17
CA VAL CA 159 22.49 3.38 90.28
C VAL CA 159 21.74 4.59 90.81
N LYS CA 160 21.68 4.73 92.13
CA LYS CA 160 21.27 6.00 92.75
C LYS CA 160 22.25 7.10 92.38
N GLU CA 161 23.55 6.81 92.44
CA GLU CA 161 24.55 7.75 91.95
C GLU CA 161 24.38 8.01 90.46
N ASP CA 162 23.90 7.03 89.70
CA ASP CA 162 23.80 7.18 88.25
C ASP CA 162 22.81 8.28 87.88
N ILE CA 163 21.69 8.37 88.61
CA ILE CA 163 20.74 9.43 88.33
C ILE CA 163 21.23 10.78 88.85
N LYS CA 164 22.25 10.77 89.72
CA LYS CA 164 22.80 12.02 90.22
C LYS CA 164 23.41 12.86 89.09
N GLU CA 165 24.16 12.22 88.20
CA GLU CA 165 24.85 12.95 87.14
C GLU CA 165 23.90 13.34 86.02
N LEU CA 166 23.02 12.42 85.64
CA LEU CA 166 22.27 12.58 84.40
C LEU CA 166 21.18 13.63 84.51
N PHE CA 167 20.18 13.38 85.35
CA PHE CA 167 18.89 14.03 85.19
C PHE CA 167 18.90 15.49 85.63
N SER CA 168 18.56 16.38 84.70
CA SER CA 168 18.40 17.80 84.97
C SER CA 168 17.18 18.27 84.16
N TYR CA 169 16.02 18.20 84.78
CA TYR CA 169 14.76 18.43 84.09
C TYR CA 169 14.52 19.93 83.92
N TYR CA 170 13.32 20.27 83.44
CA TYR CA 170 12.87 21.64 83.31
C TYR CA 170 11.42 21.71 83.74
N ALA CA 171 11.10 22.62 84.66
CA ALA CA 171 9.75 22.77 85.18
C ALA CA 171 9.35 24.23 85.15
N LEU CA 172 8.05 24.48 85.00
CA LEU CA 172 7.53 25.82 84.77
C LEU CA 172 7.42 26.66 86.03
N GLU CA 173 7.73 26.10 87.21
CA GLU CA 173 7.67 26.81 88.49
C GLU CA 173 6.28 27.34 88.78
N GLN CA 174 5.27 26.90 88.03
CA GLN CA 174 3.92 27.41 88.18
C GLN CA 174 2.96 26.34 88.68
N SER DA 2 34.20 -64.02 41.02
CA SER DA 2 33.52 -62.73 41.05
C SER DA 2 32.51 -62.68 42.19
N THR DA 3 31.87 -61.52 42.36
CA THR DA 3 30.83 -61.33 43.35
C THR DA 3 29.46 -61.38 42.67
N GLN DA 4 28.44 -61.68 43.46
CA GLN DA 4 27.09 -61.86 42.95
C GLN DA 4 26.17 -60.83 43.60
N ARG DA 5 25.41 -60.11 42.77
CA ARG DA 5 24.37 -59.22 43.22
C ARG DA 5 23.03 -59.73 42.68
N GLU DA 6 21.96 -59.38 43.37
CA GLU DA 6 20.63 -59.73 42.90
C GLU DA 6 19.80 -58.45 42.78
N TYR DA 7 18.93 -58.44 41.78
CA TYR DA 7 18.14 -57.26 41.44
C TYR DA 7 16.73 -57.44 41.97
N VAL DA 8 16.38 -56.65 42.97
CA VAL DA 8 15.01 -56.65 43.49
C VAL DA 8 14.34 -55.37 43.03
N PHE DA 9 13.36 -55.52 42.16
CA PHE DA 9 12.54 -54.39 41.72
C PHE DA 9 11.75 -53.81 42.88
N ILE DA 10 11.19 -52.62 42.66
CA ILE DA 10 10.38 -51.97 43.69
C ILE DA 10 9.07 -51.48 43.09
N PRO DA 11 8.03 -52.33 43.06
CA PRO DA 11 6.70 -51.87 42.69
C PRO DA 11 5.81 -51.55 43.87
N ILE DA 12 4.63 -51.01 43.60
CA ILE DA 12 3.54 -51.01 44.57
C ILE DA 12 2.84 -52.35 44.49
N THR DA 13 3.37 -53.34 45.19
CA THR DA 13 2.89 -54.71 45.03
C THR DA 13 3.34 -55.53 46.23
N ASN DA 14 2.90 -56.79 46.25
CA ASN DA 14 3.30 -57.75 47.25
C ASN DA 14 4.06 -58.89 46.56
N SER DA 15 4.38 -59.95 47.32
CA SER DA 15 5.26 -61.04 46.89
C SER DA 15 6.67 -60.50 46.71
N ILE DA 16 6.83 -59.20 46.95
CA ILE DA 16 8.15 -58.57 46.98
C ILE DA 16 8.65 -58.50 48.41
N THR DA 17 7.71 -58.43 49.36
CA THR DA 17 7.91 -57.99 50.74
C THR DA 17 9.28 -58.32 51.29
N ILE DA 18 9.67 -59.58 51.20
CA ILE DA 18 11.04 -60.00 51.45
C ILE DA 18 11.33 -61.24 50.62
N ASP DA 19 12.34 -61.16 49.75
CA ASP DA 19 12.60 -62.21 48.78
C ASP DA 19 14.04 -62.73 48.87
N VAL DA 20 14.98 -61.84 49.15
CA VAL DA 20 16.41 -62.10 48.99
C VAL DA 20 16.86 -63.39 49.67
N LYS DA 21 16.43 -63.61 50.92
CA LYS DA 21 16.84 -64.71 51.79
C LYS DA 21 18.28 -64.49 52.25
N ILE DA 22 18.97 -63.53 51.64
CA ILE DA 22 20.38 -63.31 51.90
C ILE DA 22 20.67 -61.82 51.82
N THR DA 23 21.65 -61.39 52.61
CA THR DA 23 22.01 -59.99 52.72
C THR DA 23 23.50 -59.90 52.40
N ILE DA 24 24.13 -58.78 52.73
CA ILE DA 24 25.52 -58.53 52.37
C ILE DA 24 26.39 -59.75 52.64
N GLY DA 25 26.42 -60.20 53.89
CA GLY DA 25 27.41 -61.19 54.29
C GLY DA 25 28.71 -60.51 54.65
N GLY DA 26 29.14 -59.57 53.81
CA GLY DA 26 30.29 -58.74 54.11
C GLY DA 26 29.90 -57.30 54.33
N SER DA 27 30.53 -56.37 53.61
CA SER DA 27 30.24 -54.95 53.71
C SER DA 27 30.23 -54.30 52.33
N ASP DA 28 29.69 -54.98 51.34
CA ASP DA 28 29.67 -54.49 49.96
C ASP DA 28 28.26 -54.47 49.41
N HIS DA 29 27.96 -53.41 48.67
CA HIS DA 29 26.66 -53.24 48.02
C HIS DA 29 26.88 -52.38 46.77
N ILE DA 30 25.82 -52.21 46.01
CA ILE DA 30 25.80 -51.30 44.88
C ILE DA 30 24.90 -50.10 45.14
N THR DA 31 23.62 -50.35 45.36
CA THR DA 31 22.70 -49.29 45.75
C THR DA 31 22.92 -48.93 47.22
N ASN DA 32 22.86 -47.65 47.53
CA ASN DA 32 23.07 -47.18 48.88
C ASN DA 32 22.01 -46.16 49.26
N ILE DA 33 21.95 -45.85 50.55
CA ILE DA 33 21.17 -44.72 51.04
C ILE DA 33 22.05 -43.97 52.04
N ASP DA 34 22.71 -42.91 51.60
CA ASP DA 34 23.73 -42.22 52.39
C ASP DA 34 23.37 -40.74 52.49
N GLU DA 35 22.49 -40.42 53.44
CA GLU DA 35 22.20 -39.06 53.92
C GLU DA 35 21.74 -38.13 52.80
N ARG DA 36 21.64 -38.65 51.58
CA ARG DA 36 21.30 -37.81 50.44
C ARG DA 36 20.28 -38.44 49.50
N GLY DA 37 20.03 -39.73 49.58
CA GLY DA 37 19.10 -40.39 48.69
C GLY DA 37 19.63 -41.74 48.28
N ILE DA 38 18.96 -42.32 47.30
CA ILE DA 38 19.26 -43.67 46.85
C ILE DA 38 20.11 -43.58 45.59
N HIS DA 39 21.34 -44.06 45.68
CA HIS DA 39 22.30 -43.93 44.59
C HIS DA 39 22.52 -45.28 43.92
N ASN DA 40 22.97 -45.21 42.66
CA ASN DA 40 23.27 -46.39 41.85
C ASN DA 40 22.04 -47.28 41.70
N VAL DA 41 20.91 -46.66 41.39
CA VAL DA 41 19.68 -47.41 41.13
C VAL DA 41 19.75 -47.99 39.74
N LEU DA 42 19.44 -49.29 39.62
CA LEU DA 42 19.50 -49.96 38.33
C LEU DA 42 18.18 -49.83 37.59
N VAL DA 43 18.28 -49.73 36.27
CA VAL DA 43 17.11 -49.69 35.39
C VAL DA 43 17.31 -50.74 34.32
N ILE DA 44 16.35 -51.64 34.19
CA ILE DA 44 16.40 -52.68 33.17
C ILE DA 44 15.30 -52.37 32.16
N THR DA 45 15.70 -51.97 30.97
CA THR DA 45 14.76 -51.63 29.92
C THR DA 45 14.36 -52.86 29.13
N GLY DA 46 13.21 -52.77 28.48
CA GLY DA 46 12.71 -53.89 27.70
C GLY DA 46 12.07 -54.99 28.51
N TYR DA 47 11.74 -54.73 29.76
CA TYR DA 47 11.11 -55.73 30.62
C TYR DA 47 9.97 -55.09 31.38
N ALA DA 48 8.88 -55.82 31.52
CA ALA DA 48 7.75 -55.42 32.34
C ALA DA 48 7.60 -56.39 33.49
N VAL DA 49 7.04 -55.91 34.59
CA VAL DA 49 6.82 -56.72 35.77
C VAL DA 49 5.35 -57.11 35.82
N ASP DA 50 5.08 -58.31 36.34
CA ASP DA 50 3.73 -58.86 36.41
C ASP DA 50 3.34 -58.95 37.88
N GLU DA 51 2.41 -58.10 38.31
CA GLU DA 51 1.96 -58.12 39.71
C GLU DA 51 1.54 -59.51 40.15
N LYS DA 52 0.89 -60.26 39.27
CA LYS DA 52 0.71 -61.69 39.47
C LYS DA 52 2.08 -62.34 39.38
N ASN DA 53 2.63 -62.76 40.52
CA ASN DA 53 3.99 -63.31 40.58
C ASN DA 53 5.00 -62.27 40.09
N GLY DA 54 5.15 -61.22 40.90
CA GLY DA 54 6.06 -60.14 40.58
C GLY DA 54 7.45 -60.58 40.16
N ARG DA 55 7.76 -60.35 38.88
CA ARG DA 55 9.06 -60.66 38.29
C ARG DA 55 9.05 -60.13 36.85
N LEU DA 56 10.24 -59.85 36.34
CA LEU DA 56 10.36 -59.14 35.07
C LEU DA 56 10.05 -60.06 33.90
N VAL DA 57 9.27 -59.57 32.96
CA VAL DA 57 8.84 -60.33 31.80
C VAL DA 57 9.52 -59.75 30.57
N PRO DA 58 10.18 -60.55 29.75
CA PRO DA 58 10.98 -60.03 28.63
C PRO DA 58 10.17 -59.61 27.40
N THR DA 59 9.59 -58.42 27.47
CA THR DA 59 9.02 -57.82 26.27
C THR DA 59 10.15 -57.33 25.36
N LEU DA 60 9.78 -56.76 24.23
CA LEU DA 60 10.76 -56.21 23.31
C LEU DA 60 10.71 -54.69 23.23
N ASP DA 61 9.71 -54.06 23.81
CA ASP DA 61 9.58 -52.62 23.71
C ASP DA 61 10.69 -51.95 24.52
N PRO DA 62 11.54 -51.12 23.91
CA PRO DA 62 12.56 -50.41 24.69
C PRO DA 62 11.99 -49.41 25.67
N CYS DA 63 10.70 -49.12 25.61
CA CYS DA 63 10.09 -48.16 26.51
C CYS DA 63 9.63 -48.78 27.81
N ASP DA 64 9.51 -50.10 27.86
CA ASP DA 64 9.18 -50.79 29.10
C ASP DA 64 10.45 -50.93 29.92
N TYR DA 65 10.46 -50.33 31.10
CA TYR DA 65 11.59 -50.45 32.00
C TYR DA 65 11.08 -50.76 33.40
N VAL DA 66 12.00 -51.25 34.24
CA VAL DA 66 11.71 -51.53 35.64
C VAL DA 66 12.89 -51.03 36.44
N LYS DA 67 12.65 -50.13 37.38
CA LYS DA 67 13.70 -49.60 38.24
C LYS DA 67 13.68 -50.34 39.57
N GLY DA 68 14.84 -50.88 39.95
CA GLY DA 68 14.97 -51.54 41.23
C GLY DA 68 16.28 -51.21 41.91
N ILE DA 69 16.74 -52.07 42.80
CA ILE DA 69 18.00 -51.88 43.49
C ILE DA 69 18.83 -53.14 43.36
N LEU DA 70 20.14 -52.97 43.33
CA LEU DA 70 21.09 -54.08 43.27
C LEU DA 70 21.68 -54.28 44.65
N VAL DA 71 21.38 -55.42 45.27
CA VAL DA 71 21.92 -55.75 46.58
C VAL DA 71 22.82 -56.96 46.44
N ALA DA 72 23.81 -57.04 47.33
CA ALA DA 72 24.71 -58.19 47.33
C ALA DA 72 23.97 -59.40 47.87
N GLY DA 73 24.10 -60.53 47.18
CA GLY DA 73 23.46 -61.75 47.63
C GLY DA 73 23.29 -62.72 46.48
N THR DA 74 22.31 -63.61 46.66
CA THR DA 74 22.05 -64.69 45.74
C THR DA 74 20.54 -64.94 45.73
N PRO DA 75 20.02 -65.66 44.73
CA PRO DA 75 18.61 -66.05 44.77
C PRO DA 75 18.18 -66.64 46.11
N GLN DA 76 16.88 -66.58 46.39
CA GLN DA 76 16.33 -67.06 47.65
C GLN DA 76 16.65 -68.53 47.88
N GLN DA 77 17.10 -69.23 46.83
CA GLN DA 77 17.38 -70.65 46.90
C GLN DA 77 16.11 -71.38 47.30
N ALA DA 78 14.97 -70.86 46.86
CA ALA DA 78 13.69 -71.53 46.99
C ALA DA 78 13.02 -71.55 45.62
N GLN DA 79 13.59 -70.79 44.68
CA GLN DA 79 13.18 -70.82 43.29
C GLN DA 79 14.28 -71.37 42.39
N SER DA 80 15.46 -70.74 42.41
CA SER DA 80 16.68 -71.28 41.81
C SER DA 80 16.62 -71.38 40.29
N ASN DA 81 15.46 -71.11 39.71
CA ASN DA 81 15.36 -71.25 38.26
C ASN DA 81 14.77 -70.03 37.57
N ASP DA 82 13.78 -69.38 38.18
CA ASP DA 82 13.10 -68.27 37.53
C ASP DA 82 13.89 -66.98 37.68
N PHE DA 83 15.15 -67.00 37.25
CA PHE DA 83 16.03 -65.86 37.37
C PHE DA 83 16.91 -65.75 36.14
N LEU DA 84 17.15 -64.52 35.71
CA LEU DA 84 18.21 -64.25 34.74
C LEU DA 84 19.53 -64.16 35.50
N THR DA 85 20.50 -64.96 35.08
CA THR DA 85 21.81 -64.98 35.71
C THR DA 85 22.88 -64.82 34.64
N LEU DA 86 23.71 -63.80 34.78
CA LEU DA 86 24.71 -63.49 33.78
C LEU DA 86 25.78 -62.62 34.41
N LYS DA 87 26.97 -62.68 33.84
CA LYS DA 87 28.14 -61.98 34.37
C LYS DA 87 28.38 -60.75 33.52
N LEU DA 88 28.44 -59.58 34.16
CA LEU DA 88 28.50 -58.33 33.44
C LEU DA 88 29.62 -57.44 33.99
N PRO DA 89 30.26 -56.67 33.13
CA PRO DA 89 31.04 -55.53 33.61
C PRO DA 89 30.12 -54.51 34.27
N ALA DA 90 30.71 -53.66 35.10
CA ALA DA 90 29.91 -52.67 35.79
C ALA DA 90 29.52 -51.52 34.87
N ASN DA 91 30.36 -51.20 33.88
CA ASN DA 91 30.02 -50.14 32.96
C ASN DA 91 28.83 -50.51 32.10
N LYS DA 92 28.58 -51.81 31.90
CA LYS DA 92 27.47 -52.26 31.08
C LYS DA 92 26.13 -52.16 31.80
N LEU DA 93 26.11 -51.78 33.06
CA LEU DA 93 24.88 -51.65 33.81
C LEU DA 93 24.35 -50.23 33.70
N TYR DA 94 23.14 -50.08 33.20
CA TYR DA 94 22.50 -48.77 33.07
C TYR DA 94 21.96 -48.36 34.44
N LEU DA 95 22.79 -47.65 35.19
CA LEU DA 95 22.51 -47.21 36.55
C LEU DA 95 22.12 -45.73 36.56
N ILE DA 96 21.43 -45.34 37.63
CA ILE DA 96 20.92 -43.98 37.79
C ILE DA 96 21.44 -43.41 39.09
N ARG DA 97 21.60 -42.09 39.11
CA ARG DA 97 22.11 -41.35 40.27
C ARG DA 97 23.36 -42.01 40.82
N LYS DA 98 24.34 -42.17 39.93
CA LYS DA 98 25.57 -42.89 40.27
C LYS DA 98 26.33 -42.17 41.37
N LYS DA 99 27.18 -42.93 42.06
CA LYS DA 99 28.03 -42.41 43.13
C LYS DA 99 29.50 -42.60 42.88
N GLY DA 100 29.90 -43.74 42.32
CA GLY DA 100 31.31 -43.98 42.04
C GLY DA 100 31.46 -45.13 41.07
N ASN DA 101 32.73 -45.48 40.80
CA ASN DA 101 33.01 -46.62 39.94
C ASN DA 101 32.80 -47.92 40.69
N ILE DA 102 32.45 -48.96 39.95
CA ILE DA 102 32.08 -50.24 40.54
C ILE DA 102 33.10 -51.30 40.12
N SER DA 103 32.97 -52.51 40.64
CA SER DA 103 33.97 -53.57 40.56
C SER DA 103 34.25 -54.06 39.15
N ASP DA 104 33.51 -53.56 38.17
CA ASP DA 104 33.74 -53.82 36.75
C ASP DA 104 33.57 -55.29 36.35
N ASP DA 105 33.11 -56.14 37.27
CA ASP DA 105 32.82 -57.52 36.93
C ASP DA 105 31.84 -58.05 37.98
N LEU DA 106 30.58 -58.21 37.59
CA LEU DA 106 29.53 -58.59 38.52
C LEU DA 106 28.69 -59.72 37.94
N LYS DA 107 27.94 -60.38 38.81
CA LYS DA 107 26.98 -61.41 38.44
C LYS DA 107 25.63 -61.00 38.98
N ILE DA 108 24.65 -60.89 38.10
CA ILE DA 108 23.36 -60.30 38.44
C ILE DA 108 22.29 -61.38 38.41
N TYR DA 109 21.30 -61.23 39.28
CA TYR DA 109 20.13 -62.09 39.31
C TYR DA 109 18.88 -61.22 39.20
N ILE DA 110 18.05 -61.51 38.20
CA ILE DA 110 16.84 -60.74 37.94
C ILE DA 110 15.65 -61.67 38.00
N PRO DA 111 14.64 -61.39 38.81
CA PRO DA 111 13.45 -62.25 38.84
C PRO DA 111 12.79 -62.32 37.49
N TYR DA 112 12.80 -63.50 36.89
CA TYR DA 112 12.45 -63.66 35.48
C TYR DA 112 11.32 -64.65 35.34
N SER DA 113 10.55 -64.48 34.26
CA SER DA 113 9.48 -65.41 33.92
C SER DA 113 9.29 -65.38 32.43
N SER DA 114 9.30 -66.56 31.81
CA SER DA 114 9.11 -66.70 30.38
C SER DA 114 7.86 -65.93 29.96
N PRO DA 115 7.84 -65.37 28.75
CA PRO DA 115 6.70 -64.53 28.37
C PRO DA 115 5.33 -65.16 28.55
N ASP DA 116 5.19 -66.45 28.25
CA ASP DA 116 3.91 -67.15 28.38
C ASP DA 116 2.84 -66.44 27.55
N ALA DA 117 3.03 -66.54 26.24
CA ALA DA 117 2.38 -65.78 25.17
C ALA DA 117 0.89 -65.97 25.10
N ARG DA 118 0.28 -66.67 26.06
CA ARG DA 118 -1.16 -66.88 26.10
C ARG DA 118 -1.94 -65.64 25.66
N ASN DA 119 -1.71 -64.52 26.34
CA ASN DA 119 -2.35 -63.26 25.97
C ASN DA 119 -1.29 -62.21 25.68
N SER DA 120 -1.66 -61.26 24.82
CA SER DA 120 -0.72 -60.25 24.38
C SER DA 120 -0.40 -59.28 25.51
N MET DA 121 0.80 -58.70 25.44
CA MET DA 121 1.28 -57.81 26.48
C MET DA 121 0.96 -56.36 26.15
N LYS DA 122 0.47 -55.63 27.15
CA LYS DA 122 0.14 -54.22 26.98
C LYS DA 122 0.44 -53.55 28.32
N THR DA 123 1.53 -52.81 28.38
CA THR DA 123 2.06 -52.31 29.62
C THR DA 123 1.51 -50.92 29.93
N LYS DA 124 1.68 -50.51 31.18
CA LYS DA 124 1.22 -49.21 31.65
C LYS DA 124 2.28 -48.60 32.56
N PRO DA 125 2.56 -47.30 32.40
CA PRO DA 125 3.50 -46.63 33.32
C PRO DA 125 2.88 -46.48 34.70
N VAL DA 126 3.53 -47.07 35.70
CA VAL DA 126 3.01 -47.10 37.07
C VAL DA 126 3.95 -46.30 37.95
N SER DA 127 3.38 -45.37 38.71
CA SER DA 127 4.11 -44.65 39.74
C SER DA 127 3.73 -45.18 41.12
N ILE DA 128 4.60 -44.94 42.09
CA ILE DA 128 4.44 -45.58 43.39
C ILE DA 128 4.21 -44.56 44.48
N SER DA 129 3.53 -43.46 44.16
CA SER DA 129 3.30 -42.42 45.16
C SER DA 129 2.59 -42.98 46.38
N ASP DA 130 1.30 -43.33 46.24
CA ASP DA 130 0.59 -44.32 47.04
C ASP DA 130 1.10 -44.38 48.48
N ASP DA 131 1.05 -43.25 49.19
CA ASP DA 131 1.88 -43.06 50.38
C ASP DA 131 1.79 -44.21 51.39
N THR DA 132 0.63 -44.85 51.51
CA THR DA 132 0.51 -45.96 52.43
C THR DA 132 1.39 -47.13 52.05
N ILE DA 133 1.87 -47.18 50.80
CA ILE DA 133 2.79 -48.22 50.36
C ILE DA 133 4.24 -47.77 50.52
N VAL DA 134 4.55 -46.51 50.19
CA VAL DA 134 5.91 -46.02 50.39
C VAL DA 134 6.31 -46.08 51.85
N ASN DA 135 5.33 -46.12 52.76
CA ASN DA 135 5.63 -46.24 54.18
C ASN DA 135 6.14 -47.64 54.52
N ASN DA 136 5.43 -48.67 54.07
CA ASN DA 136 5.73 -50.01 54.57
C ASN DA 136 6.88 -50.66 53.82
N ILE DA 137 7.13 -50.25 52.57
CA ILE DA 137 8.24 -50.87 51.83
C ILE DA 137 9.58 -50.45 52.41
N ILE DA 138 9.63 -49.30 53.09
CA ILE DA 138 10.84 -48.93 53.80
C ILE DA 138 11.19 -50.01 54.83
N LYS DA 139 10.18 -50.56 55.49
CA LYS DA 139 10.42 -51.62 56.45
C LYS DA 139 10.56 -52.98 55.75
N GLU DA 140 9.77 -53.22 54.71
CA GLU DA 140 9.74 -54.53 54.08
C GLU DA 140 11.07 -54.85 53.40
N VAL DA 141 11.57 -53.94 52.57
CA VAL DA 141 12.77 -54.18 51.77
C VAL DA 141 13.90 -53.22 52.14
N PHE DA 142 13.58 -51.96 52.42
CA PHE DA 142 14.62 -50.98 52.71
C PHE DA 142 15.09 -51.03 54.15
N ASP DA 143 14.64 -52.00 54.94
CA ASP DA 143 15.19 -52.23 56.27
C ASP DA 143 15.76 -53.63 56.46
N LYS DA 144 15.27 -54.61 55.71
CA LYS DA 144 15.86 -55.94 55.72
C LYS DA 144 17.10 -56.04 54.84
N ILE DA 145 17.50 -54.92 54.22
CA ILE DA 145 18.71 -54.85 53.41
C ILE DA 145 19.63 -53.74 53.91
N TYR DA 146 19.08 -52.54 54.06
CA TYR DA 146 19.78 -51.42 54.68
C TYR DA 146 19.09 -51.20 56.03
N ASN DA 147 19.58 -51.91 57.04
CA ASN DA 147 18.96 -51.82 58.36
C ASN DA 147 19.07 -50.41 58.93
N ILE DA 148 20.21 -49.76 58.70
CA ILE DA 148 20.47 -48.43 59.25
C ILE DA 148 19.51 -47.38 58.71
N THR DA 149 18.67 -47.74 57.74
CA THR DA 149 17.60 -46.83 57.33
C THR DA 149 16.73 -46.43 58.51
N GLN DA 150 16.64 -47.29 59.51
CA GLN DA 150 15.96 -46.97 60.75
C GLN DA 150 16.89 -46.51 61.86
N LYS DA 151 18.20 -46.67 61.68
CA LYS DA 151 19.14 -46.39 62.77
C LYS DA 151 20.08 -45.23 62.51
N GLU DA 152 20.86 -45.26 61.44
CA GLU DA 152 21.96 -44.33 61.29
C GLU DA 152 21.65 -43.12 60.43
N LYS DA 153 20.82 -43.26 59.41
CA LYS DA 153 20.45 -42.17 58.50
C LYS DA 153 18.94 -42.01 58.49
N VAL DA 154 18.37 -41.87 59.68
CA VAL DA 154 16.94 -42.01 59.97
C VAL DA 154 16.09 -41.01 59.21
N LYS DA 155 16.71 -40.19 58.35
CA LYS DA 155 15.98 -39.15 57.66
C LYS DA 155 15.00 -39.77 56.67
N ILE DA 156 13.96 -40.41 57.20
CA ILE DA 156 13.01 -41.13 56.37
C ILE DA 156 12.29 -40.18 55.43
N GLU DA 157 11.95 -38.98 55.93
CA GLU DA 157 11.26 -37.98 55.10
C GLU DA 157 12.00 -37.72 53.80
N LYS DA 158 13.31 -38.00 53.75
CA LYS DA 158 14.05 -37.85 52.50
C LYS DA 158 14.13 -39.15 51.73
N VAL DA 159 14.31 -40.28 52.43
CA VAL DA 159 14.33 -41.54 51.69
C VAL DA 159 12.91 -41.97 51.32
N LYS DA 160 11.91 -41.64 52.15
CA LYS DA 160 10.54 -41.94 51.78
C LYS DA 160 10.07 -41.08 50.62
N GLU DA 161 10.60 -39.86 50.49
CA GLU DA 161 10.17 -38.96 49.44
C GLU DA 161 10.82 -39.31 48.10
N ASP DA 162 12.12 -39.57 48.10
CA ASP DA 162 12.79 -39.87 46.84
C ASP DA 162 12.57 -41.32 46.40
N ILE DA 163 11.88 -42.14 47.19
CA ILE DA 163 11.46 -43.44 46.68
C ILE DA 163 10.39 -43.25 45.62
N LYS DA 164 9.51 -42.28 45.83
CA LYS DA 164 8.44 -42.02 44.88
C LYS DA 164 8.96 -41.37 43.61
N GLU DA 165 9.90 -40.45 43.72
CA GLU DA 165 10.41 -39.70 42.58
C GLU DA 165 11.57 -40.39 41.88
N LEU DA 166 11.97 -41.58 42.32
CA LEU DA 166 13.07 -42.30 41.70
C LEU DA 166 12.68 -43.67 41.17
N PHE DA 167 11.59 -44.25 41.67
CA PHE DA 167 11.18 -45.58 41.26
C PHE DA 167 9.85 -45.51 40.53
N SER DA 168 9.78 -46.21 39.42
CA SER DA 168 8.60 -46.32 38.57
C SER DA 168 8.93 -47.37 37.52
N TYR DA 169 7.89 -47.95 36.95
CA TYR DA 169 8.09 -49.13 36.12
C TYR DA 169 6.93 -49.26 35.15
N TYR DA 170 6.95 -50.36 34.39
CA TYR DA 170 5.90 -50.69 33.44
C TYR DA 170 5.36 -52.07 33.81
N ALA DA 171 4.07 -52.14 34.13
CA ALA DA 171 3.43 -53.38 34.48
C ALA DA 171 2.51 -53.81 33.34
N LEU DA 172 2.36 -55.13 33.19
CA LEU DA 172 1.51 -55.65 32.12
C LEU DA 172 0.04 -55.31 32.36
N GLU DA 173 -0.33 -55.10 33.62
CA GLU DA 173 -1.71 -54.73 33.99
C GLU DA 173 -2.72 -55.70 33.41
N GLN DA 174 -2.39 -56.99 33.48
CA GLN DA 174 -3.28 -58.04 33.02
C GLN DA 174 -3.37 -59.15 34.07
N SER EA 2 -43.10 -34.34 32.81
CA SER EA 2 -43.01 -34.23 31.36
C SER EA 2 -42.87 -35.59 30.71
N THR EA 3 -41.66 -35.88 30.21
CA THR EA 3 -41.35 -37.19 29.65
C THR EA 3 -40.18 -37.74 30.45
N GLN EA 4 -40.41 -38.87 31.11
CA GLN EA 4 -39.38 -39.51 31.93
C GLN EA 4 -38.42 -40.25 31.01
N ARG EA 5 -37.30 -39.60 30.69
CA ARG EA 5 -36.23 -40.19 29.92
C ARG EA 5 -35.05 -40.47 30.84
N GLU EA 6 -34.48 -41.65 30.72
CA GLU EA 6 -33.36 -42.05 31.57
C GLU EA 6 -32.06 -41.97 30.77
N TYR EA 7 -30.98 -41.64 31.47
CA TYR EA 7 -29.66 -41.53 30.89
C TYR EA 7 -28.87 -42.79 31.24
N VAL EA 8 -28.49 -43.55 30.23
CA VAL EA 8 -27.74 -44.78 30.41
C VAL EA 8 -26.40 -44.63 29.71
N PHE EA 9 -25.33 -44.53 30.51
CA PHE EA 9 -24.01 -44.30 29.95
C PHE EA 9 -23.48 -45.55 29.26
N ILE EA 10 -22.46 -45.36 28.44
CA ILE EA 10 -21.87 -46.45 27.67
C ILE EA 10 -20.40 -46.59 28.06
N PRO EA 11 -20.09 -47.28 29.15
CA PRO EA 11 -18.69 -47.57 29.47
C PRO EA 11 -18.25 -48.93 29.00
N ILE EA 12 -16.96 -49.23 29.15
CA ILE EA 12 -16.45 -50.59 29.01
C ILE EA 12 -16.56 -51.20 30.41
N THR EA 13 -17.77 -51.64 30.76
CA THR EA 13 -18.07 -51.99 32.15
C THR EA 13 -18.97 -53.21 32.17
N ASN EA 14 -18.78 -54.05 33.19
CA ASN EA 14 -19.62 -55.20 33.42
C ASN EA 14 -20.88 -54.89 34.21
N SER EA 15 -20.91 -53.77 34.93
CA SER EA 15 -22.05 -53.37 35.75
C SER EA 15 -22.96 -52.36 35.06
N ILE EA 16 -22.71 -52.04 33.79
CA ILE EA 16 -23.64 -51.18 33.05
C ILE EA 16 -24.70 -52.06 32.40
N THR EA 17 -25.74 -52.37 33.15
CA THR EA 17 -26.80 -53.26 32.70
C THR EA 17 -27.94 -52.52 32.02
N ILE EA 18 -29.05 -53.23 31.81
CA ILE EA 18 -30.27 -52.65 31.25
C ILE EA 18 -31.12 -52.02 32.36
N ASP EA 19 -30.53 -51.77 33.53
CA ASP EA 19 -31.19 -51.70 34.83
C ASP EA 19 -32.62 -51.16 34.82
N VAL EA 20 -32.90 -50.09 34.07
CA VAL EA 20 -34.26 -49.57 33.99
C VAL EA 20 -35.19 -50.65 33.45
N LYS EA 21 -36.11 -51.12 34.31
CA LYS EA 21 -37.05 -52.16 33.89
C LYS EA 21 -38.20 -51.52 33.13
N ILE EA 22 -37.86 -50.76 32.10
CA ILE EA 22 -38.82 -49.94 31.37
C ILE EA 22 -38.35 -49.82 29.93
N THR EA 23 -39.23 -49.37 29.05
CA THR EA 23 -38.91 -49.20 27.64
C THR EA 23 -39.49 -47.86 27.19
N ILE EA 24 -39.66 -47.71 25.89
CA ILE EA 24 -40.11 -46.47 25.25
C ILE EA 24 -41.25 -45.83 26.03
N GLY EA 25 -42.26 -46.63 26.38
CA GLY EA 25 -43.40 -46.12 27.11
C GLY EA 25 -44.27 -45.24 26.24
N GLY EA 26 -43.69 -44.16 25.73
CA GLY EA 26 -44.30 -43.31 24.74
C GLY EA 26 -44.09 -43.86 23.35
N SER EA 27 -43.67 -42.99 22.43
CA SER EA 27 -43.35 -43.41 21.08
C SER EA 27 -42.15 -42.64 20.54
N ASP EA 28 -41.13 -42.44 21.37
CA ASP EA 28 -40.00 -41.61 20.96
C ASP EA 28 -38.77 -41.89 21.82
N HIS EA 29 -37.69 -41.20 21.47
CA HIS EA 29 -36.41 -41.29 22.15
C HIS EA 29 -35.73 -39.94 22.04
N ILE EA 30 -34.43 -39.92 22.30
CA ILE EA 30 -33.56 -38.79 21.94
C ILE EA 30 -32.42 -39.24 21.04
N THR EA 31 -31.58 -40.15 21.52
CA THR EA 31 -30.50 -40.65 20.69
C THR EA 31 -31.05 -41.69 19.71
N ASN EA 32 -30.99 -41.37 18.43
CA ASN EA 32 -31.53 -42.23 17.40
C ASN EA 32 -30.41 -42.62 16.44
N ILE EA 33 -30.45 -43.88 16.01
CA ILE EA 33 -29.53 -44.39 15.01
C ILE EA 33 -30.29 -44.39 13.68
N ASP EA 34 -29.99 -43.42 12.82
CA ASP EA 34 -30.68 -43.30 11.54
C ASP EA 34 -29.61 -43.16 10.46
N GLU EA 35 -29.15 -44.30 9.95
CA GLU EA 35 -28.34 -44.44 8.74
C GLU EA 35 -27.09 -43.57 8.77
N ARG EA 36 -26.78 -42.97 9.91
CA ARG EA 36 -25.59 -42.16 10.07
C ARG EA 36 -24.88 -42.39 11.39
N GLY EA 37 -25.45 -43.13 12.32
CA GLY EA 37 -24.84 -43.33 13.62
C GLY EA 37 -25.71 -42.77 14.73
N ILE EA 38 -25.20 -42.78 15.96
CA ILE EA 38 -25.97 -42.28 17.09
C ILE EA 38 -25.95 -40.76 17.04
N HIS EA 39 -27.09 -40.14 17.33
CA HIS EA 39 -27.19 -38.68 17.38
C HIS EA 39 -27.58 -38.26 18.79
N ASN EA 40 -27.49 -36.96 19.04
CA ASN EA 40 -27.99 -36.34 20.27
C ASN EA 40 -27.51 -37.06 21.51
N VAL EA 41 -26.24 -37.50 21.48
CA VAL EA 41 -25.64 -38.12 22.66
C VAL EA 41 -25.51 -37.09 23.77
N LEU EA 42 -25.72 -37.51 25.01
CA LEU EA 42 -25.57 -36.62 26.14
C LEU EA 42 -24.18 -36.74 26.74
N VAL EA 43 -23.71 -35.65 27.33
CA VAL EA 43 -22.47 -35.64 28.11
C VAL EA 43 -22.73 -34.89 29.39
N ILE EA 44 -22.39 -35.49 30.52
CA ILE EA 44 -22.56 -34.87 31.83
C ILE EA 44 -21.17 -34.50 32.35
N THR EA 45 -20.95 -33.22 32.60
CA THR EA 45 -19.65 -32.72 32.97
C THR EA 45 -19.55 -32.60 34.49
N GLY EA 46 -18.41 -33.03 35.03
CA GLY EA 46 -18.20 -33.06 36.46
C GLY EA 46 -18.49 -34.37 37.13
N TYR EA 47 -18.71 -35.44 36.36
CA TYR EA 47 -19.08 -36.74 36.90
C TYR EA 47 -18.18 -37.80 36.30
N ALA EA 48 -17.77 -38.75 37.15
CA ALA EA 48 -16.91 -39.84 36.74
C ALA EA 48 -17.63 -41.17 36.94
N VAL EA 49 -17.24 -42.16 36.15
CA VAL EA 49 -17.87 -43.48 36.17
C VAL EA 49 -17.08 -44.38 37.11
N ASP EA 50 -17.79 -44.97 38.06
CA ASP EA 50 -17.26 -46.03 38.90
C ASP EA 50 -17.79 -47.36 38.38
N GLU EA 51 -17.02 -48.02 37.52
CA GLU EA 51 -17.48 -49.25 36.89
C GLU EA 51 -17.87 -50.30 37.91
N LYS EA 52 -17.16 -50.37 39.03
CA LYS EA 52 -17.66 -51.09 40.20
C LYS EA 52 -18.85 -50.31 40.73
N ASN EA 53 -20.05 -50.90 40.62
CA ASN EA 53 -21.31 -50.18 40.87
C ASN EA 53 -21.43 -48.99 39.92
N GLY EA 54 -21.61 -49.33 38.64
CA GLY EA 54 -21.68 -48.35 37.58
C GLY EA 54 -22.64 -47.22 37.87
N ARG EA 55 -22.09 -46.03 38.08
CA ARG EA 55 -22.86 -44.90 38.59
C ARG EA 55 -21.98 -43.66 38.54
N LEU EA 56 -22.60 -42.53 38.23
CA LEU EA 56 -21.88 -41.27 38.05
C LEU EA 56 -21.59 -40.65 39.41
N VAL EA 57 -20.32 -40.66 39.81
CA VAL EA 57 -19.91 -40.06 41.08
C VAL EA 57 -19.53 -38.61 40.82
N PRO EA 58 -20.16 -37.66 41.50
CA PRO EA 58 -19.91 -36.25 41.19
C PRO EA 58 -18.61 -35.75 41.78
N THR EA 59 -17.61 -35.58 40.93
CA THR EA 59 -16.47 -34.75 41.29
C THR EA 59 -16.86 -33.29 41.07
N LEU EA 60 -15.94 -32.38 41.31
CA LEU EA 60 -16.15 -30.99 40.93
C LEU EA 60 -15.22 -30.55 39.81
N ASP EA 61 -14.41 -31.46 39.29
CA ASP EA 61 -13.52 -31.17 38.19
C ASP EA 61 -14.33 -30.94 36.92
N PRO EA 62 -14.26 -29.77 36.29
CA PRO EA 62 -14.97 -29.58 35.03
C PRO EA 62 -14.39 -30.38 33.88
N CYS EA 63 -13.26 -31.06 34.08
CA CYS EA 63 -12.69 -31.88 33.02
C CYS EA 63 -13.29 -33.28 32.99
N ASP EA 64 -13.68 -33.81 34.15
CA ASP EA 64 -14.26 -35.15 34.20
C ASP EA 64 -15.66 -35.13 33.59
N TYR EA 65 -15.92 -36.05 32.69
CA TYR EA 65 -17.22 -36.10 32.03
C TYR EA 65 -17.55 -37.52 31.65
N VAL EA 66 -18.83 -37.77 31.40
CA VAL EA 66 -19.33 -39.07 30.96
C VAL EA 66 -20.25 -38.85 29.78
N LYS EA 67 -20.18 -39.74 28.79
CA LYS EA 67 -21.08 -39.69 27.64
C LYS EA 67 -21.98 -40.91 27.64
N GLY EA 68 -23.27 -40.69 27.39
CA GLY EA 68 -24.24 -41.77 27.37
C GLY EA 68 -25.47 -41.36 26.59
N ILE EA 69 -26.34 -42.34 26.33
CA ILE EA 69 -27.52 -42.15 25.52
C ILE EA 69 -28.73 -41.88 26.40
N LEU EA 70 -29.55 -40.93 25.97
CA LEU EA 70 -30.83 -40.62 26.62
C LEU EA 70 -31.91 -41.42 25.94
N VAL EA 71 -32.35 -42.49 26.59
CA VAL EA 71 -33.50 -43.26 26.16
C VAL EA 71 -34.66 -42.90 27.07
N ALA EA 72 -35.87 -42.85 26.50
CA ALA EA 72 -37.06 -42.59 27.29
C ALA EA 72 -37.36 -43.78 28.20
N GLY EA 73 -37.66 -43.49 29.46
CA GLY EA 73 -37.98 -44.53 30.40
C GLY EA 73 -37.91 -44.05 31.84
N THR EA 74 -38.66 -44.73 32.70
CA THR EA 74 -38.69 -44.46 34.12
C THR EA 74 -37.48 -45.08 34.82
N PRO EA 75 -37.06 -44.54 35.96
CA PRO EA 75 -35.77 -44.96 36.53
C PRO EA 75 -35.85 -46.31 37.23
N GLN EA 76 -36.39 -47.33 36.55
CA GLN EA 76 -36.49 -48.68 37.07
C GLN EA 76 -37.46 -48.74 38.24
N GLN EA 77 -37.96 -47.56 38.65
CA GLN EA 77 -38.94 -47.38 39.73
C GLN EA 77 -38.68 -48.29 40.93
N ALA EA 78 -37.41 -48.57 41.21
CA ALA EA 78 -37.05 -49.46 42.29
C ALA EA 78 -36.23 -48.78 43.38
N GLN EA 79 -35.13 -48.12 43.01
CA GLN EA 79 -34.25 -47.54 44.03
C GLN EA 79 -34.78 -46.18 44.48
N SER EA 80 -35.10 -45.30 43.54
CA SER EA 80 -35.87 -44.07 43.75
C SER EA 80 -35.12 -43.00 44.52
N ASN EA 81 -33.91 -43.26 45.00
CA ASN EA 81 -33.12 -42.19 45.61
C ASN EA 81 -31.69 -42.14 45.08
N ASP EA 82 -31.17 -43.26 44.59
CA ASP EA 82 -29.83 -43.23 44.00
C ASP EA 82 -29.85 -42.86 42.52
N PHE EA 83 -30.92 -42.21 42.06
CA PHE EA 83 -31.02 -41.68 40.71
C PHE EA 83 -31.30 -40.20 40.80
N LEU EA 84 -30.32 -39.38 40.43
CA LEU EA 84 -30.50 -37.94 40.47
C LEU EA 84 -31.54 -37.54 39.44
N THR EA 85 -32.61 -36.92 39.93
CA THR EA 85 -33.80 -36.64 39.12
C THR EA 85 -33.83 -35.17 38.78
N LEU EA 86 -33.85 -34.86 37.48
CA LEU EA 86 -33.67 -33.49 37.03
C LEU EA 86 -34.75 -33.10 36.05
N LYS EA 87 -35.35 -31.94 36.28
CA LYS EA 87 -36.30 -31.32 35.37
C LYS EA 87 -35.63 -30.11 34.74
N LEU EA 88 -35.32 -30.20 33.44
CA LEU EA 88 -34.55 -29.17 32.80
C LEU EA 88 -35.16 -28.79 31.45
N PRO EA 89 -35.02 -27.54 31.03
CA PRO EA 89 -35.29 -27.22 29.63
C PRO EA 89 -34.22 -27.82 28.74
N ALA EA 90 -34.63 -28.20 27.53
CA ALA EA 90 -33.70 -28.83 26.60
C ALA EA 90 -32.53 -27.91 26.28
N ASN EA 91 -32.71 -26.60 26.47
CA ASN EA 91 -31.64 -25.66 26.20
C ASN EA 91 -30.63 -25.57 27.34
N LYS EA 92 -30.63 -26.53 28.26
CA LYS EA 92 -29.55 -26.67 29.22
C LYS EA 92 -28.75 -27.94 29.03
N LEU EA 93 -29.23 -28.85 28.20
CA LEU EA 93 -28.52 -30.09 27.95
C LEU EA 93 -27.29 -29.84 27.10
N TYR EA 94 -26.27 -30.65 27.31
CA TYR EA 94 -25.05 -30.63 26.53
C TYR EA 94 -25.09 -31.87 25.63
N LEU EA 95 -25.71 -31.71 24.46
CA LEU EA 95 -25.86 -32.79 23.51
C LEU EA 95 -24.72 -32.77 22.50
N ILE EA 96 -24.37 -33.97 22.02
CA ILE EA 96 -23.36 -34.14 20.98
C ILE EA 96 -24.02 -34.75 19.76
N ARG EA 97 -23.65 -34.27 18.59
CA ARG EA 97 -24.21 -34.73 17.32
C ARG EA 97 -25.71 -34.51 17.27
N LYS EA 98 -26.09 -33.24 17.40
CA LYS EA 98 -27.48 -32.84 17.32
C LYS EA 98 -28.11 -33.31 16.01
N LYS EA 99 -29.39 -33.68 16.07
CA LYS EA 99 -30.19 -33.89 14.88
C LYS EA 99 -31.38 -32.93 14.83
N GLY EA 100 -32.17 -32.88 15.90
CA GLY EA 100 -33.32 -31.99 15.95
C GLY EA 100 -33.66 -31.67 17.39
N ASN EA 101 -34.18 -30.46 17.60
CA ASN EA 101 -34.45 -30.00 18.95
C ASN EA 101 -35.52 -30.86 19.63
N ILE EA 102 -35.70 -30.63 20.93
CA ILE EA 102 -36.37 -31.60 21.78
C ILE EA 102 -37.52 -30.91 22.52
N SER EA 103 -38.15 -31.63 23.45
CA SER EA 103 -39.46 -31.30 24.01
C SER EA 103 -39.51 -30.00 24.80
N ASP EA 104 -38.41 -29.24 24.88
CA ASP EA 104 -38.34 -27.92 25.49
C ASP EA 104 -38.39 -27.99 27.02
N ASP EA 105 -38.68 -29.15 27.60
CA ASP EA 105 -38.58 -29.35 29.05
C ASP EA 105 -38.71 -30.83 29.32
N LEU EA 106 -37.77 -31.38 30.09
CA LEU EA 106 -37.67 -32.82 30.24
C LEU EA 106 -37.64 -33.20 31.72
N LYS EA 107 -37.40 -34.49 31.96
CA LYS EA 107 -37.31 -35.05 33.31
C LYS EA 107 -36.38 -36.26 33.20
N ILE EA 108 -35.13 -36.07 33.54
CA ILE EA 108 -34.10 -37.08 33.29
C ILE EA 108 -33.71 -37.76 34.59
N TYR EA 109 -33.40 -39.05 34.50
CA TYR EA 109 -32.95 -39.85 35.62
C TYR EA 109 -31.55 -40.33 35.31
N ILE EA 110 -30.57 -39.89 36.10
CA ILE EA 110 -29.18 -40.26 35.87
C ILE EA 110 -28.69 -41.12 37.02
N PRO EA 111 -27.93 -42.17 36.76
CA PRO EA 111 -27.45 -43.01 37.86
C PRO EA 111 -26.46 -42.27 38.73
N TYR EA 112 -26.88 -41.93 39.94
CA TYR EA 112 -26.11 -41.08 40.84
C TYR EA 112 -25.65 -41.87 42.05
N SER EA 113 -24.37 -41.77 42.37
CA SER EA 113 -23.80 -42.39 43.55
C SER EA 113 -23.33 -41.32 44.51
N SER EA 114 -23.29 -41.66 45.79
CA SER EA 114 -22.78 -40.71 46.76
C SER EA 114 -21.28 -40.52 46.56
N PRO EA 115 -20.78 -39.31 46.80
CA PRO EA 115 -19.35 -39.04 46.55
C PRO EA 115 -18.39 -40.00 47.21
N ASP EA 116 -18.78 -40.61 48.34
CA ASP EA 116 -17.92 -41.57 49.05
C ASP EA 116 -16.59 -40.92 49.44
N ALA EA 117 -16.70 -39.98 50.39
CA ALA EA 117 -15.58 -39.19 50.86
C ALA EA 117 -14.49 -40.02 51.53
N ARG EA 118 -14.62 -41.35 51.48
CA ARG EA 118 -13.67 -42.25 52.12
C ARG EA 118 -12.24 -41.98 51.63
N ASN EA 119 -12.01 -42.21 50.34
CA ASN EA 119 -10.70 -42.05 49.74
C ASN EA 119 -10.73 -41.02 48.62
N SER EA 120 -9.56 -40.48 48.29
CA SER EA 120 -9.47 -39.35 47.37
C SER EA 120 -9.90 -39.76 45.96
N MET EA 121 -10.39 -38.77 45.20
CA MET EA 121 -10.78 -38.97 43.82
C MET EA 121 -9.55 -39.11 42.92
N LYS EA 122 -9.66 -39.97 41.91
CA LYS EA 122 -8.58 -40.15 40.97
C LYS EA 122 -9.14 -40.62 39.63
N THR EA 123 -9.29 -39.71 38.68
CA THR EA 123 -9.98 -39.98 37.43
C THR EA 123 -8.96 -40.18 36.31
N LYS EA 124 -9.18 -41.22 35.51
CA LYS EA 124 -8.29 -41.57 34.41
C LYS EA 124 -9.10 -41.63 33.12
N PRO EA 125 -8.78 -40.84 32.11
CA PRO EA 125 -9.59 -40.87 30.88
C PRO EA 125 -9.43 -42.17 30.13
N VAL EA 126 -10.47 -42.99 30.12
CA VAL EA 126 -10.42 -44.31 29.51
C VAL EA 126 -11.28 -44.28 28.26
N SER EA 127 -10.81 -44.95 27.19
CA SER EA 127 -11.60 -45.05 25.97
C SER EA 127 -12.34 -46.38 25.94
N ILE EA 128 -13.11 -46.59 24.88
CA ILE EA 128 -13.89 -47.82 24.76
C ILE EA 128 -13.50 -48.54 23.47
N SER EA 129 -12.22 -48.45 23.09
CA SER EA 129 -11.75 -49.09 21.87
C SER EA 129 -12.09 -50.56 21.90
N ASP EA 130 -11.43 -51.32 22.79
CA ASP EA 130 -11.99 -52.52 23.43
C ASP EA 130 -12.94 -53.30 22.54
N ASP EA 131 -12.47 -53.74 21.36
CA ASP EA 131 -13.39 -54.30 20.37
C ASP EA 131 -14.16 -55.50 20.92
N THR EA 132 -13.57 -56.25 21.84
CA THR EA 132 -14.31 -57.34 22.46
C THR EA 132 -15.43 -56.83 23.36
N ILE EA 133 -15.30 -55.62 23.91
CA ILE EA 133 -16.33 -55.05 24.77
C ILE EA 133 -17.40 -54.31 23.98
N VAL EA 134 -17.08 -53.75 22.81
CA VAL EA 134 -18.11 -53.11 22.01
C VAL EA 134 -19.12 -54.14 21.53
N ASN EA 135 -18.69 -55.38 21.34
CA ASN EA 135 -19.63 -56.45 21.05
C ASN EA 135 -20.59 -56.69 22.21
N ASN EA 136 -20.20 -56.32 23.43
CA ASN EA 136 -21.09 -56.48 24.57
C ASN EA 136 -22.18 -55.42 24.57
N ILE EA 137 -21.82 -54.17 24.32
CA ILE EA 137 -22.78 -53.07 24.45
C ILE EA 137 -23.76 -53.06 23.29
N ILE EA 138 -23.28 -53.32 22.06
CA ILE EA 138 -24.19 -53.37 20.91
C ILE EA 138 -25.28 -54.41 21.15
N LYS EA 139 -24.93 -55.52 21.79
CA LYS EA 139 -25.93 -56.52 22.12
C LYS EA 139 -26.81 -56.09 23.27
N GLU EA 140 -26.21 -55.62 24.36
CA GLU EA 140 -26.97 -55.40 25.58
C GLU EA 140 -27.71 -54.07 25.57
N VAL EA 141 -26.98 -52.96 25.53
CA VAL EA 141 -27.61 -51.66 25.74
C VAL EA 141 -28.21 -51.13 24.44
N PHE EA 142 -27.67 -51.56 23.31
CA PHE EA 142 -28.10 -50.99 22.03
C PHE EA 142 -29.21 -51.82 21.40
N ASP EA 143 -29.01 -53.13 21.31
CA ASP EA 143 -30.00 -53.98 20.65
C ASP EA 143 -31.29 -54.04 21.45
N LYS EA 144 -31.19 -54.20 22.78
CA LYS EA 144 -32.37 -54.45 23.59
C LYS EA 144 -33.37 -53.31 23.51
N ILE EA 145 -32.91 -52.10 23.16
CA ILE EA 145 -33.84 -50.99 22.96
C ILE EA 145 -34.00 -50.68 21.47
N TYR EA 146 -32.90 -50.38 20.79
CA TYR EA 146 -32.93 -50.13 19.36
C TYR EA 146 -32.79 -51.46 18.62
N ASN EA 147 -33.82 -52.31 18.80
CA ASN EA 147 -33.82 -53.60 18.11
C ASN EA 147 -33.78 -53.45 16.60
N ILE EA 148 -34.27 -52.33 16.08
CA ILE EA 148 -34.42 -52.13 14.63
C ILE EA 148 -33.10 -52.26 13.90
N THR EA 149 -31.97 -52.01 14.59
CA THR EA 149 -30.67 -52.06 13.92
C THR EA 149 -30.38 -53.47 13.40
N GLN EA 150 -30.85 -54.49 14.10
CA GLN EA 150 -30.71 -55.88 13.66
C GLN EA 150 -31.83 -56.31 12.72
N LYS EA 151 -32.73 -55.39 12.36
CA LYS EA 151 -33.87 -55.72 11.52
C LYS EA 151 -33.87 -54.97 10.19
N GLU EA 152 -33.70 -53.65 10.21
CA GLU EA 152 -33.73 -52.87 8.98
C GLU EA 152 -32.63 -51.81 8.89
N LYS EA 153 -31.61 -51.87 9.75
CA LYS EA 153 -30.54 -50.88 9.78
C LYS EA 153 -29.20 -51.60 9.66
N VAL EA 154 -29.10 -52.46 8.65
CA VAL EA 154 -28.05 -53.46 8.48
C VAL EA 154 -26.64 -52.90 8.58
N LYS EA 155 -26.49 -51.58 8.48
CA LYS EA 155 -25.16 -50.97 8.50
C LYS EA 155 -24.56 -50.99 9.91
N ILE EA 156 -24.22 -52.18 10.40
CA ILE EA 156 -23.67 -52.30 11.75
C ILE EA 156 -22.23 -51.80 11.82
N GLU EA 157 -21.46 -51.98 10.75
CA GLU EA 157 -20.04 -51.65 10.81
C GLU EA 157 -19.82 -50.17 11.09
N LYS EA 158 -20.75 -49.31 10.67
CA LYS EA 158 -20.63 -47.88 10.94
C LYS EA 158 -20.91 -47.58 12.40
N VAL EA 159 -22.03 -48.11 12.93
CA VAL EA 159 -22.37 -47.85 14.32
C VAL EA 159 -21.41 -48.55 15.26
N LYS EA 160 -20.85 -49.70 14.83
CA LYS EA 160 -19.76 -50.29 15.61
C LYS EA 160 -18.59 -49.35 15.73
N GLU EA 161 -18.15 -48.76 14.62
CA GLU EA 161 -17.08 -47.77 14.66
C GLU EA 161 -17.55 -46.48 15.31
N ASP EA 162 -18.82 -46.13 15.12
CA ASP EA 162 -19.39 -44.97 15.79
C ASP EA 162 -19.32 -45.11 17.30
N ILE EA 163 -19.24 -46.33 17.81
CA ILE EA 163 -19.13 -46.54 19.24
C ILE EA 163 -17.76 -46.07 19.75
N LYS EA 164 -16.69 -46.58 19.16
CA LYS EA 164 -15.35 -46.35 19.70
C LYS EA 164 -14.93 -44.90 19.62
N GLU EA 165 -15.56 -44.09 18.79
CA GLU EA 165 -15.15 -42.70 18.64
C GLU EA 165 -15.90 -41.74 19.56
N LEU EA 166 -17.20 -41.95 19.78
CA LEU EA 166 -17.98 -40.99 20.55
C LEU EA 166 -17.73 -41.11 22.05
N PHE EA 167 -18.02 -42.27 22.63
CA PHE EA 167 -18.05 -42.40 24.08
C PHE EA 167 -16.64 -42.62 24.60
N SER EA 168 -16.18 -41.67 25.43
CA SER EA 168 -14.86 -41.74 26.06
C SER EA 168 -14.98 -40.98 27.38
N TYR EA 169 -15.20 -41.71 28.46
CA TYR EA 169 -15.48 -41.14 29.75
C TYR EA 169 -14.23 -41.09 30.62
N TYR EA 170 -14.44 -40.78 31.89
CA TYR EA 170 -13.40 -40.82 32.91
C TYR EA 170 -13.81 -41.80 34.00
N ALA EA 171 -12.86 -42.61 34.45
CA ALA EA 171 -13.12 -43.64 35.45
C ALA EA 171 -12.19 -43.44 36.65
N LEU EA 172 -12.62 -43.96 37.80
CA LEU EA 172 -11.93 -43.74 39.06
C LEU EA 172 -10.86 -44.78 39.36
N GLU EA 173 -10.96 -45.97 38.77
CA GLU EA 173 -10.07 -47.10 39.07
C GLU EA 173 -10.16 -47.48 40.55
N GLN EA 174 -11.38 -47.83 40.97
CA GLN EA 174 -11.61 -48.26 42.34
C GLN EA 174 -12.71 -49.31 42.39
N SER FA 2 -6.16 -35.81 57.95
CA SER FA 2 -6.08 -34.78 56.93
C SER FA 2 -6.89 -33.55 57.33
N THR FA 3 -6.69 -32.46 56.59
CA THR FA 3 -7.39 -31.21 56.83
C THR FA 3 -8.63 -31.13 55.95
N GLN FA 4 -9.64 -30.41 56.44
CA GLN FA 4 -10.94 -30.34 55.81
C GLN FA 4 -11.32 -28.88 55.59
N ARG FA 5 -11.97 -28.61 54.46
CA ARG FA 5 -12.44 -27.28 54.12
C ARG FA 5 -13.91 -27.34 53.72
N GLU FA 6 -14.61 -26.22 53.91
CA GLU FA 6 -16.00 -26.11 53.53
C GLU FA 6 -16.17 -24.94 52.58
N TYR FA 7 -17.05 -25.11 51.60
CA TYR FA 7 -17.23 -24.17 50.50
C TYR FA 7 -18.33 -23.19 50.85
N VAL FA 8 -17.97 -22.03 51.37
CA VAL FA 8 -18.93 -20.99 51.71
C VAL FA 8 -18.98 -19.98 50.57
N PHE FA 9 -20.07 -20.00 49.83
CA PHE FA 9 -20.19 -19.21 48.62
C PHE FA 9 -20.57 -17.77 48.94
N ILE FA 10 -20.58 -16.93 47.91
CA ILE FA 10 -20.86 -15.51 48.08
C ILE FA 10 -21.99 -15.09 47.13
N PRO FA 11 -23.24 -15.27 47.52
CA PRO FA 11 -24.33 -14.57 46.84
C PRO FA 11 -24.66 -13.26 47.55
N ILE FA 12 -25.63 -12.53 47.02
CA ILE FA 12 -26.21 -11.39 47.75
C ILE FA 12 -27.45 -11.92 48.45
N THR FA 13 -27.25 -12.47 49.65
CA THR FA 13 -28.32 -13.06 50.43
C THR FA 13 -27.94 -13.03 51.90
N ASN FA 14 -28.96 -13.15 52.75
CA ASN FA 14 -28.77 -13.19 54.19
C ASN FA 14 -28.68 -14.61 54.74
N SER FA 15 -29.13 -15.60 53.98
CA SER FA 15 -29.13 -16.99 54.41
C SER FA 15 -27.73 -17.57 54.57
N ILE FA 16 -26.68 -16.78 54.33
CA ILE FA 16 -25.31 -17.27 54.40
C ILE FA 16 -24.51 -16.46 55.41
N THR FA 17 -25.17 -16.02 56.48
CA THR FA 17 -24.53 -15.19 57.49
C THR FA 17 -23.15 -15.73 57.88
N ILE FA 18 -23.07 -16.94 58.47
CA ILE FA 18 -21.85 -17.71 58.43
C ILE FA 18 -22.15 -19.15 58.05
N ASP FA 19 -23.37 -19.60 58.36
CA ASP FA 19 -23.84 -20.97 58.12
C ASP FA 19 -22.97 -22.05 58.75
N VAL FA 20 -22.00 -21.68 59.59
CA VAL FA 20 -21.08 -22.66 60.16
C VAL FA 20 -20.48 -22.08 61.44
N LYS FA 21 -20.30 -22.94 62.44
CA LYS FA 21 -19.65 -22.55 63.68
C LYS FA 21 -18.18 -22.94 63.75
N ILE FA 22 -17.68 -23.74 62.81
CA ILE FA 22 -16.28 -24.10 62.79
C ILE FA 22 -15.47 -22.90 62.31
N THR FA 23 -14.17 -22.91 62.56
CA THR FA 23 -13.31 -21.81 62.17
C THR FA 23 -11.93 -22.38 61.85
N ILE FA 24 -10.91 -21.51 61.81
CA ILE FA 24 -9.58 -21.94 61.41
C ILE FA 24 -9.06 -23.01 62.37
N GLY FA 25 -8.90 -22.64 63.63
CA GLY FA 25 -8.33 -23.54 64.62
C GLY FA 25 -6.81 -23.56 64.55
N GLY FA 26 -6.26 -23.13 63.42
CA GLY FA 26 -4.82 -23.11 63.22
C GLY FA 26 -4.36 -21.89 62.47
N SER FA 27 -3.55 -22.10 61.43
CA SER FA 27 -3.07 -21.01 60.57
C SER FA 27 -3.14 -21.43 59.11
N ASP FA 28 -4.23 -22.08 58.72
CA ASP FA 28 -4.34 -22.64 57.38
C ASP FA 28 -5.63 -22.16 56.73
N HIS FA 29 -5.60 -22.09 55.40
CA HIS FA 29 -6.75 -21.77 54.58
C HIS FA 29 -6.46 -22.21 53.16
N ILE FA 30 -7.36 -21.84 52.25
CA ILE FA 30 -7.10 -21.89 50.81
C ILE FA 30 -7.32 -20.52 50.19
N THR FA 31 -8.51 -19.96 50.36
CA THR FA 31 -8.74 -18.58 49.97
C THR FA 31 -8.01 -17.64 50.93
N ASN FA 32 -7.61 -16.48 50.43
CA ASN FA 32 -6.77 -15.58 51.20
C ASN FA 32 -7.11 -14.14 50.90
N ILE FA 33 -6.53 -13.24 51.71
CA ILE FA 33 -6.57 -11.81 51.47
C ILE FA 33 -5.18 -11.27 51.78
N ASP FA 34 -4.37 -11.05 50.74
CA ASP FA 34 -2.95 -10.75 50.94
C ASP FA 34 -2.57 -9.48 50.18
N GLU FA 35 -2.86 -8.32 50.79
CA GLU FA 35 -2.35 -7.01 50.39
C GLU FA 35 -2.49 -6.73 48.90
N ARG FA 36 -3.25 -7.58 48.21
CA ARG FA 36 -3.52 -7.43 46.79
C ARG FA 36 -4.95 -7.75 46.42
N GLY FA 37 -5.67 -8.51 47.22
CA GLY FA 37 -7.00 -8.98 46.89
C GLY FA 37 -7.18 -10.41 47.36
N ILE FA 38 -8.03 -11.13 46.64
CA ILE FA 38 -8.44 -12.47 47.06
C ILE FA 38 -7.83 -13.49 46.12
N HIS FA 39 -7.42 -14.62 46.66
CA HIS FA 39 -6.71 -15.63 45.91
C HIS FA 39 -7.32 -17.01 46.14
N ASN FA 40 -7.00 -17.93 45.23
CA ASN FA 40 -7.40 -19.33 45.34
C ASN FA 40 -8.91 -19.48 45.53
N VAL FA 41 -9.67 -18.73 44.74
CA VAL FA 41 -11.12 -18.83 44.78
C VAL FA 41 -11.56 -20.07 44.02
N LEU FA 42 -12.46 -20.85 44.62
CA LEU FA 42 -12.95 -22.06 44.01
C LEU FA 42 -14.18 -21.75 43.16
N VAL FA 43 -14.38 -22.53 42.11
CA VAL FA 43 -15.52 -22.40 41.21
C VAL FA 43 -16.09 -23.79 41.00
N ILE FA 44 -17.41 -23.91 41.14
CA ILE FA 44 -18.11 -25.18 41.00
C ILE FA 44 -19.03 -25.07 39.80
N THR FA 45 -18.78 -25.87 38.78
CA THR FA 45 -19.54 -25.81 37.55
C THR FA 45 -20.62 -26.90 37.52
N GLY FA 46 -21.73 -26.57 36.88
CA GLY FA 46 -22.87 -27.48 36.84
C GLY FA 46 -23.74 -27.43 38.07
N TYR FA 47 -23.57 -26.40 38.90
CA TYR FA 47 -24.28 -26.30 40.17
C TYR FA 47 -24.77 -24.88 40.35
N ALA FA 48 -26.08 -24.74 40.51
CA ALA FA 48 -26.72 -23.44 40.64
C ALA FA 48 -27.07 -23.18 42.10
N VAL FA 49 -27.15 -21.90 42.45
CA VAL FA 49 -27.50 -21.47 43.79
C VAL FA 49 -29.02 -21.31 43.87
N ASP FA 50 -29.58 -21.82 44.95
CA ASP FA 50 -30.99 -21.61 45.28
C ASP FA 50 -31.02 -20.70 46.50
N GLU FA 51 -31.33 -19.41 46.28
CA GLU FA 51 -31.34 -18.45 47.38
C GLU FA 51 -32.25 -18.90 48.52
N LYS FA 52 -33.36 -19.55 48.19
CA LYS FA 52 -34.18 -20.22 49.19
C LYS FA 52 -33.31 -21.27 49.87
N ASN FA 53 -33.09 -21.09 51.18
CA ASN FA 53 -32.16 -21.91 51.98
C ASN FA 53 -30.85 -22.12 51.23
N GLY FA 54 -30.14 -21.01 51.03
CA GLY FA 54 -29.01 -20.92 50.12
C GLY FA 54 -28.02 -22.07 50.15
N ARG FA 55 -27.97 -22.81 49.04
CA ARG FA 55 -27.13 -23.98 48.89
C ARG FA 55 -27.18 -24.40 47.42
N LEU FA 56 -26.18 -25.17 47.00
CA LEU FA 56 -25.99 -25.41 45.58
C LEU FA 56 -26.85 -26.58 45.10
N VAL FA 57 -27.46 -26.42 43.94
CA VAL FA 57 -28.35 -27.41 43.35
C VAL FA 57 -27.64 -28.03 42.16
N PRO FA 58 -27.64 -29.35 42.03
CA PRO FA 58 -26.91 -30.02 40.94
C PRO FA 58 -27.65 -30.10 39.60
N THR FA 59 -27.59 -29.02 38.83
CA THR FA 59 -28.04 -29.09 37.45
C THR FA 59 -26.98 -29.80 36.60
N LEU FA 60 -27.20 -29.82 35.28
CA LEU FA 60 -26.25 -30.42 34.38
C LEU FA 60 -25.66 -29.45 33.37
N ASP FA 61 -25.99 -28.18 33.44
CA ASP FA 61 -25.46 -27.22 32.50
C ASP FA 61 -24.08 -26.78 32.94
N PRO FA 62 -23.01 -27.06 32.18
CA PRO FA 62 -21.69 -26.55 32.55
C PRO FA 62 -21.60 -25.04 32.52
N CYS FA 63 -22.52 -24.37 31.84
CA CYS FA 63 -22.54 -22.92 31.83
C CYS FA 63 -23.03 -22.32 33.14
N ASP FA 64 -23.58 -23.15 34.03
CA ASP FA 64 -23.98 -22.69 35.35
C ASP FA 64 -22.84 -22.94 36.32
N TYR FA 65 -22.50 -21.93 37.12
CA TYR FA 65 -21.44 -22.06 38.10
C TYR FA 65 -21.78 -21.24 39.33
N VAL FA 66 -20.95 -21.41 40.36
CA VAL FA 66 -21.06 -20.66 41.60
C VAL FA 66 -19.65 -20.44 42.14
N LYS FA 67 -19.29 -19.18 42.37
CA LYS FA 67 -17.96 -18.82 42.82
C LYS FA 67 -18.01 -18.48 44.30
N GLY FA 68 -17.32 -19.29 45.10
CA GLY FA 68 -17.22 -19.03 46.53
C GLY FA 68 -15.83 -19.33 47.05
N ILE FA 69 -15.61 -19.16 48.35
CA ILE FA 69 -14.30 -19.32 48.94
C ILE FA 69 -14.25 -20.64 49.69
N LEU FA 70 -13.04 -21.18 49.82
CA LEU FA 70 -12.79 -22.36 50.63
C LEU FA 70 -12.18 -21.89 51.95
N VAL FA 71 -12.82 -22.23 53.05
CA VAL FA 71 -12.30 -21.94 54.38
C VAL FA 71 -12.03 -23.27 55.07
N ALA FA 72 -11.02 -23.27 55.93
CA ALA FA 72 -10.67 -24.47 56.67
C ALA FA 72 -11.75 -24.81 57.69
N GLY FA 73 -12.15 -26.06 57.70
CA GLY FA 73 -13.07 -26.51 58.73
C GLY FA 73 -14.04 -27.55 58.20
N THR FA 74 -15.13 -27.70 58.93
CA THR FA 74 -16.17 -28.69 58.71
C THR FA 74 -17.50 -27.97 58.73
N PRO FA 75 -18.63 -28.67 58.47
CA PRO FA 75 -19.92 -27.98 58.57
C PRO FA 75 -20.17 -27.40 59.95
N GLN FA 76 -21.28 -26.66 60.09
CA GLN FA 76 -21.69 -26.12 61.39
C GLN FA 76 -21.82 -27.21 62.45
N GLN FA 77 -21.88 -28.48 62.03
CA GLN FA 77 -22.05 -29.61 62.94
C GLN FA 77 -23.41 -29.57 63.63
N ALA FA 78 -24.44 -29.19 62.88
CA ALA FA 78 -25.81 -29.25 63.37
C ALA FA 78 -26.76 -29.89 62.37
N GLN FA 79 -26.43 -29.87 61.08
CA GLN FA 79 -27.24 -30.52 60.05
C GLN FA 79 -26.50 -31.70 59.43
N SER FA 80 -25.30 -31.46 58.89
CA SER FA 80 -24.42 -32.51 58.40
C SER FA 80 -25.01 -33.29 57.23
N ASN FA 81 -26.18 -32.90 56.76
CA ASN FA 81 -26.73 -33.53 55.55
C ASN FA 81 -27.02 -32.53 54.45
N ASP FA 82 -27.12 -31.24 54.77
CA ASP FA 82 -27.18 -30.24 53.72
C ASP FA 82 -25.77 -29.90 53.26
N PHE FA 83 -24.99 -30.94 52.97
CA PHE FA 83 -23.59 -30.79 52.63
C PHE FA 83 -23.14 -31.97 51.79
N LEU FA 84 -22.69 -31.69 50.58
CA LEU FA 84 -22.02 -32.68 49.74
C LEU FA 84 -20.55 -32.68 50.10
N THR FA 85 -20.01 -33.85 50.41
CA THR FA 85 -18.63 -33.97 50.89
C THR FA 85 -17.92 -35.04 50.07
N LEU FA 86 -16.65 -34.80 49.77
CA LEU FA 86 -15.83 -35.75 49.06
C LEU FA 86 -14.37 -35.37 49.21
N LYS FA 87 -13.50 -36.38 49.10
CA LYS FA 87 -12.07 -36.20 49.23
C LYS FA 87 -11.48 -36.03 47.83
N LEU FA 88 -10.79 -34.91 47.62
CA LEU FA 88 -10.30 -34.54 46.30
C LEU FA 88 -8.83 -34.16 46.37
N PRO FA 89 -8.05 -34.47 45.34
CA PRO FA 89 -6.69 -33.95 45.26
C PRO FA 89 -6.69 -32.44 45.07
N ALA FA 90 -5.52 -31.84 45.29
CA ALA FA 90 -5.40 -30.39 45.12
C ALA FA 90 -5.41 -30.00 43.66
N ASN FA 91 -4.91 -30.87 42.77
CA ASN FA 91 -4.88 -30.56 41.35
C ASN FA 91 -6.27 -30.61 40.73
N LYS FA 92 -7.18 -31.38 41.31
CA LYS FA 92 -8.48 -31.59 40.69
C LYS FA 92 -9.48 -30.47 40.98
N LEU FA 93 -9.10 -29.46 41.72
CA LEU FA 93 -10.00 -28.35 42.02
C LEU FA 93 -9.88 -27.27 40.95
N TYR FA 94 -11.01 -26.64 40.65
CA TYR FA 94 -11.05 -25.52 39.72
C TYR FA 94 -10.88 -24.24 40.52
N LEU FA 95 -9.63 -23.89 40.78
CA LEU FA 95 -9.30 -22.70 41.55
C LEU FA 95 -9.00 -21.53 40.61
N ILE FA 96 -9.29 -20.33 41.09
CA ILE FA 96 -9.21 -19.11 40.30
C ILE FA 96 -8.32 -18.12 41.03
N ARG FA 97 -7.47 -17.43 40.26
CA ARG FA 97 -6.57 -16.42 40.78
C ARG FA 97 -5.63 -17.03 41.83
N LYS FA 98 -4.94 -18.08 41.41
CA LYS FA 98 -4.14 -18.87 42.34
C LYS FA 98 -2.97 -18.04 42.86
N LYS FA 99 -2.38 -18.51 43.96
CA LYS FA 99 -1.17 -17.93 44.51
C LYS FA 99 -0.09 -18.96 44.80
N GLY FA 100 -0.47 -20.17 45.23
CA GLY FA 100 0.50 -21.20 45.52
C GLY FA 100 -0.09 -22.58 45.27
N ASN FA 101 0.53 -23.58 45.89
CA ASN FA 101 0.03 -24.94 45.82
C ASN FA 101 -0.74 -25.29 47.09
N ILE FA 102 -1.39 -26.46 47.07
CA ILE FA 102 -2.31 -26.82 48.14
C ILE FA 102 -1.88 -28.17 48.74
N SER FA 103 -2.60 -28.63 49.78
CA SER FA 103 -2.15 -29.68 50.69
C SER FA 103 -2.10 -31.08 50.09
N ASP FA 104 -2.27 -31.19 48.77
CA ASP FA 104 -2.13 -32.41 47.99
C ASP FA 104 -3.26 -33.40 48.20
N ASP FA 105 -4.15 -33.16 49.15
CA ASP FA 105 -5.35 -33.99 49.33
C ASP FA 105 -6.27 -33.26 50.28
N LEU FA 106 -7.50 -33.01 49.84
CA LEU FA 106 -8.43 -32.19 50.60
C LEU FA 106 -9.73 -32.94 50.82
N LYS FA 107 -10.52 -32.41 51.75
CA LYS FA 107 -11.90 -32.84 51.94
C LYS FA 107 -12.77 -31.60 51.86
N ILE FA 108 -13.65 -31.55 50.86
CA ILE FA 108 -14.44 -30.36 50.58
C ILE FA 108 -15.86 -30.60 51.07
N TYR FA 109 -16.45 -29.55 51.64
CA TYR FA 109 -17.82 -29.57 52.12
C TYR FA 109 -18.64 -28.60 51.29
N ILE FA 110 -19.55 -29.12 50.48
CA ILE FA 110 -20.32 -28.34 49.53
C ILE FA 110 -21.75 -28.26 50.03
N PRO FA 111 -22.26 -27.08 50.39
CA PRO FA 111 -23.68 -26.96 50.72
C PRO FA 111 -24.54 -27.47 49.58
N TYR FA 112 -25.25 -28.57 49.82
CA TYR FA 112 -25.91 -29.33 48.77
C TYR FA 112 -27.41 -29.38 49.02
N SER FA 113 -28.16 -29.50 47.93
CA SER FA 113 -29.60 -29.68 47.99
C SER FA 113 -30.01 -30.73 46.97
N SER FA 114 -31.11 -31.41 47.24
CA SER FA 114 -31.68 -32.31 46.25
C SER FA 114 -32.12 -31.49 45.05
N PRO FA 115 -32.15 -32.06 43.86
CA PRO FA 115 -32.54 -31.28 42.67
C PRO FA 115 -33.93 -30.66 42.76
N ASP FA 116 -34.83 -31.25 43.53
CA ASP FA 116 -36.18 -30.69 43.75
C ASP FA 116 -36.90 -30.52 42.41
N ALA FA 117 -37.21 -31.68 41.82
CA ALA FA 117 -37.70 -31.81 40.44
C ALA FA 117 -39.09 -31.23 40.22
N ARG FA 118 -39.73 -30.52 41.15
CA ARG FA 118 -41.08 -30.04 40.91
C ARG FA 118 -41.14 -29.05 39.75
N ASN FA 119 -40.46 -27.92 39.88
CA ASN FA 119 -40.51 -26.87 38.87
C ASN FA 119 -39.20 -26.85 38.09
N SER FA 120 -39.27 -26.31 36.87
CA SER FA 120 -38.14 -26.35 35.96
C SER FA 120 -36.96 -25.56 36.51
N MET FA 121 -35.76 -26.01 36.16
CA MET FA 121 -34.54 -25.30 36.51
C MET FA 121 -34.16 -24.33 35.40
N LYS FA 122 -34.37 -23.04 35.64
CA LYS FA 122 -33.85 -22.02 34.74
C LYS FA 122 -32.93 -21.14 35.56
N THR FA 123 -31.64 -21.22 35.29
CA THR FA 123 -30.65 -20.51 36.08
C THR FA 123 -30.29 -19.20 35.41
N LYS FA 124 -30.16 -18.16 36.23
CA LYS FA 124 -29.91 -16.81 35.73
C LYS FA 124 -28.71 -16.22 36.43
N PRO FA 125 -27.78 -15.61 35.68
CA PRO FA 125 -26.56 -15.07 36.28
C PRO FA 125 -26.87 -13.88 37.18
N VAL FA 126 -26.35 -13.91 38.40
CA VAL FA 126 -26.53 -12.85 39.37
C VAL FA 126 -25.16 -12.25 39.71
N SER FA 127 -25.02 -10.95 39.53
CA SER FA 127 -23.81 -10.23 39.89
C SER FA 127 -24.05 -9.46 41.18
N ILE FA 128 -22.96 -9.16 41.87
CA ILE FA 128 -23.05 -8.72 43.26
C ILE FA 128 -22.58 -7.28 43.45
N SER FA 129 -22.81 -6.41 42.47
CA SER FA 129 -22.35 -5.03 42.56
C SER FA 129 -22.84 -4.38 43.86
N ASP FA 130 -24.15 -4.17 43.98
CA ASP FA 130 -24.83 -4.12 45.27
C ASP FA 130 -24.11 -3.31 46.35
N ASP FA 131 -24.08 -1.99 46.17
CA ASP FA 131 -23.33 -1.07 47.03
C ASP FA 131 -23.44 -1.40 48.53
N THR FA 132 -24.63 -1.79 49.00
CA THR FA 132 -24.76 -2.04 50.44
C THR FA 132 -24.37 -3.46 50.82
N ILE FA 133 -24.75 -4.45 50.02
CA ILE FA 133 -24.43 -5.84 50.38
C ILE FA 133 -22.95 -6.14 50.13
N VAL FA 134 -22.32 -5.45 49.18
CA VAL FA 134 -20.87 -5.57 49.08
C VAL FA 134 -20.20 -5.08 50.37
N ASN FA 135 -20.90 -4.27 51.16
CA ASN FA 135 -20.34 -3.80 52.42
C ASN FA 135 -20.60 -4.79 53.55
N ASN FA 136 -21.80 -5.38 53.60
CA ASN FA 136 -22.14 -6.23 54.74
C ASN FA 136 -21.54 -7.61 54.60
N ILE FA 137 -21.39 -8.12 53.37
CA ILE FA 137 -20.79 -9.44 53.20
C ILE FA 137 -19.30 -9.39 53.47
N ILE FA 138 -18.73 -8.19 53.57
CA ILE FA 138 -17.39 -8.06 54.13
C ILE FA 138 -17.38 -8.56 55.56
N LYS FA 139 -18.41 -8.21 56.33
CA LYS FA 139 -18.45 -8.60 57.73
C LYS FA 139 -19.16 -9.93 57.93
N GLU FA 140 -20.07 -10.28 57.03
CA GLU FA 140 -20.74 -11.58 57.11
C GLU FA 140 -19.73 -12.72 57.14
N VAL FA 141 -18.86 -12.79 56.12
CA VAL FA 141 -17.92 -13.89 55.98
C VAL FA 141 -16.48 -13.45 56.21
N PHE FA 142 -16.03 -12.41 55.50
CA PHE FA 142 -14.60 -12.10 55.48
C PHE FA 142 -14.08 -11.49 56.76
N ASP FA 143 -14.95 -10.86 57.57
CA ASP FA 143 -14.52 -10.37 58.86
C ASP FA 143 -14.74 -11.37 59.99
N LYS FA 144 -15.60 -12.36 59.77
CA LYS FA 144 -15.83 -13.43 60.72
C LYS FA 144 -14.84 -14.59 60.54
N ILE FA 145 -14.09 -14.59 59.44
CA ILE FA 145 -13.10 -15.63 59.17
C ILE FA 145 -11.69 -15.06 59.10
N TYR FA 146 -11.46 -14.16 58.15
CA TYR FA 146 -10.17 -13.47 58.03
C TYR FA 146 -10.34 -12.09 58.65
N ASN FA 147 -10.36 -12.04 59.98
CA ASN FA 147 -10.82 -10.84 60.66
C ASN FA 147 -9.90 -9.65 60.40
N ILE FA 148 -8.59 -9.88 60.37
CA ILE FA 148 -7.63 -8.78 60.32
C ILE FA 148 -7.80 -7.90 59.08
N THR FA 149 -8.68 -8.29 58.16
CA THR FA 149 -9.13 -7.37 57.12
C THR FA 149 -9.74 -6.11 57.72
N GLN FA 150 -10.14 -6.18 58.99
CA GLN FA 150 -10.53 -5.01 59.75
C GLN FA 150 -9.35 -4.34 60.43
N LYS FA 151 -8.20 -5.03 60.51
CA LYS FA 151 -7.10 -4.60 61.35
C LYS FA 151 -5.85 -4.18 60.59
N GLU FA 152 -5.28 -5.06 59.75
CA GLU FA 152 -3.99 -4.81 59.14
C GLU FA 152 -3.97 -4.99 57.63
N LYS FA 153 -5.12 -5.20 57.00
CA LYS FA 153 -5.22 -5.14 55.54
C LYS FA 153 -6.19 -4.03 55.17
N VAL FA 154 -5.96 -2.86 55.76
CA VAL FA 154 -6.87 -1.71 55.78
C VAL FA 154 -7.23 -1.25 54.38
N LYS FA 155 -6.65 -1.89 53.36
CA LYS FA 155 -7.01 -1.58 51.98
C LYS FA 155 -8.41 -2.09 51.72
N ILE FA 156 -9.40 -1.46 52.37
CA ILE FA 156 -10.78 -1.93 52.29
C ILE FA 156 -11.34 -1.71 50.89
N GLU FA 157 -11.00 -0.58 50.26
CA GLU FA 157 -11.43 -0.33 48.90
C GLU FA 157 -11.00 -1.44 47.96
N LYS FA 158 -9.88 -2.11 48.28
CA LYS FA 158 -9.39 -3.19 47.44
C LYS FA 158 -10.23 -4.44 47.57
N VAL FA 159 -10.55 -4.85 48.80
CA VAL FA 159 -11.30 -6.09 48.99
C VAL FA 159 -12.78 -5.89 48.67
N LYS FA 160 -13.32 -4.68 48.86
CA LYS FA 160 -14.71 -4.46 48.52
C LYS FA 160 -14.92 -4.27 47.03
N GLU FA 161 -13.84 -4.10 46.26
CA GLU FA 161 -13.96 -4.16 44.81
C GLU FA 161 -13.56 -5.53 44.29
N ASP FA 162 -12.73 -6.26 45.05
CA ASP FA 162 -12.27 -7.57 44.64
C ASP FA 162 -13.32 -8.66 44.84
N ILE FA 163 -14.51 -8.32 45.34
CA ILE FA 163 -15.59 -9.29 45.36
C ILE FA 163 -16.63 -8.93 44.30
N LYS FA 164 -16.77 -7.64 44.01
CA LYS FA 164 -17.69 -7.19 42.96
C LYS FA 164 -17.35 -7.81 41.61
N GLU FA 165 -16.06 -7.94 41.32
CA GLU FA 165 -15.58 -8.45 40.04
C GLU FA 165 -15.34 -9.95 40.05
N LEU FA 166 -15.04 -10.53 41.21
CA LEU FA 166 -14.56 -11.91 41.27
C LEU FA 166 -15.62 -12.92 41.67
N PHE FA 167 -16.68 -12.48 42.35
CA PHE FA 167 -17.74 -13.38 42.77
C PHE FA 167 -19.01 -13.09 41.98
N SER FA 168 -19.57 -14.15 41.42
CA SER FA 168 -20.81 -14.15 40.66
C SER FA 168 -21.18 -15.61 40.45
N TYR FA 169 -22.44 -15.85 40.12
CA TYR FA 169 -22.96 -17.21 40.18
C TYR FA 169 -24.19 -17.30 39.29
N TYR FA 170 -24.77 -18.49 39.23
CA TYR FA 170 -26.02 -18.73 38.52
C TYR FA 170 -27.07 -19.17 39.54
N ALA FA 171 -28.16 -18.42 39.63
CA ALA FA 171 -29.22 -18.67 40.58
C ALA FA 171 -30.48 -19.09 39.86
N LEU FA 172 -31.34 -19.83 40.57
CA LEU FA 172 -32.60 -20.27 39.98
C LEU FA 172 -33.59 -19.12 39.84
N GLU FA 173 -33.50 -18.11 40.70
CA GLU FA 173 -34.31 -16.90 40.61
C GLU FA 173 -35.80 -17.22 40.51
N GLN FA 174 -36.31 -17.92 41.51
CA GLN FA 174 -37.71 -18.34 41.51
C GLN FA 174 -38.43 -17.89 42.78
N SER GA 2 -26.89 9.45 47.35
CA SER GA 2 -25.92 9.37 46.28
C SER GA 2 -25.29 10.72 45.98
N THR GA 3 -25.02 10.97 44.71
CA THR GA 3 -24.41 12.24 44.28
C THR GA 3 -25.47 13.03 43.55
N GLN GA 4 -25.73 14.25 44.02
CA GLN GA 4 -26.76 15.11 43.44
C GLN GA 4 -26.19 15.78 42.20
N ARG GA 5 -26.86 15.57 41.07
CA ARG GA 5 -26.55 16.26 39.82
C ARG GA 5 -27.85 16.70 39.17
N GLU GA 6 -28.01 18.00 39.00
CA GLU GA 6 -29.21 18.55 38.39
C GLU GA 6 -28.92 18.96 36.95
N TYR GA 7 -29.95 18.89 36.12
CA TYR GA 7 -29.82 19.01 34.67
C TYR GA 7 -30.40 20.36 34.24
N VAL GA 8 -29.60 21.16 33.54
CA VAL GA 8 -30.00 22.48 33.07
C VAL GA 8 -29.82 22.53 31.56
N PHE GA 9 -30.93 22.59 30.84
CA PHE GA 9 -30.88 22.66 29.39
C PHE GA 9 -30.45 24.06 28.94
N ILE GA 10 -30.06 24.15 27.67
CA ILE GA 10 -29.46 25.38 27.15
C ILE GA 10 -30.21 25.89 25.92
N PRO GA 11 -31.43 26.40 26.06
CA PRO GA 11 -32.13 26.95 24.90
C PRO GA 11 -31.76 28.38 24.59
N ILE GA 12 -32.39 28.95 23.56
CA ILE GA 12 -32.37 30.40 23.33
C ILE GA 12 -33.52 30.96 24.17
N THR GA 13 -33.23 31.23 25.44
CA THR GA 13 -34.25 31.71 26.36
C THR GA 13 -33.61 32.65 27.36
N ASN GA 14 -34.33 33.72 27.69
CA ASN GA 14 -33.89 34.62 28.75
C ASN GA 14 -34.12 33.99 30.12
N SER GA 15 -35.16 33.17 30.24
CA SER GA 15 -35.52 32.46 31.46
C SER GA 15 -34.56 31.34 31.82
N ILE GA 16 -33.47 31.08 31.08
CA ILE GA 16 -32.61 29.94 31.39
C ILE GA 16 -31.31 30.35 32.07
N THR GA 17 -31.30 31.51 32.75
CA THR GA 17 -30.06 32.03 33.32
C THR GA 17 -29.43 31.07 34.32
N ILE GA 18 -30.09 30.83 35.45
CA ILE GA 18 -29.58 29.90 36.45
C ILE GA 18 -30.65 28.89 36.83
N ASP GA 19 -31.82 29.38 37.23
CA ASP GA 19 -32.99 28.56 37.56
C ASP GA 19 -32.71 27.53 38.64
N VAL GA 20 -31.79 27.82 39.56
CA VAL GA 20 -31.46 26.91 40.65
C VAL GA 20 -30.77 27.70 41.76
N LYS GA 21 -30.86 27.18 42.98
CA LYS GA 21 -30.19 27.77 44.15
C LYS GA 21 -28.90 27.03 44.48
N ILE GA 22 -28.35 26.28 43.54
CA ILE GA 22 -27.19 25.45 43.82
C ILE GA 22 -26.13 25.69 42.75
N THR GA 23 -24.90 25.28 43.07
CA THR GA 23 -23.78 25.38 42.16
C THR GA 23 -22.84 24.21 42.48
N ILE GA 24 -21.58 24.33 42.05
CA ILE GA 24 -20.58 23.26 42.14
C ILE GA 24 -20.66 22.53 43.48
N GLY GA 25 -20.54 23.28 44.57
CA GLY GA 25 -20.65 22.69 45.89
C GLY GA 25 -19.47 21.83 46.28
N GLY GA 26 -19.19 20.80 45.50
CA GLY GA 26 -18.10 19.88 45.77
C GLY GA 26 -16.98 20.00 44.76
N SER GA 27 -16.46 18.86 44.32
CA SER GA 27 -15.34 18.81 43.38
C SER GA 27 -15.64 17.78 42.30
N ASP GA 28 -16.83 17.86 41.72
CA ASP GA 28 -17.30 16.84 40.79
C ASP GA 28 -18.30 17.45 39.80
N HIS GA 29 -18.09 17.10 38.53
CA HIS GA 29 -19.02 17.46 37.46
C HIS GA 29 -18.98 16.38 36.40
N ILE GA 30 -19.87 16.49 35.43
CA ILE GA 30 -19.93 15.57 34.29
C ILE GA 30 -19.50 16.25 33.01
N THR GA 31 -20.16 17.35 32.64
CA THR GA 31 -19.77 18.08 31.46
C THR GA 31 -18.59 19.00 31.78
N ASN GA 32 -17.41 18.62 31.31
CA ASN GA 32 -16.20 19.40 31.56
C ASN GA 32 -15.69 19.95 30.24
N ILE GA 33 -14.95 21.04 30.32
CA ILE GA 33 -14.44 21.74 29.16
C ILE GA 33 -12.93 21.78 29.27
N ASP GA 34 -12.25 20.96 28.47
CA ASP GA 34 -10.78 20.93 28.48
C ASP GA 34 -10.30 21.05 27.04
N GLU GA 35 -10.27 22.29 26.54
CA GLU GA 35 -9.64 22.64 25.27
C GLU GA 35 -10.14 21.78 24.09
N ARG GA 36 -11.31 21.18 24.26
CA ARG GA 36 -11.89 20.34 23.21
C ARG GA 36 -13.36 20.63 22.96
N GLY GA 37 -13.99 21.54 23.70
CA GLY GA 37 -15.41 21.76 23.60
C GLY GA 37 -16.10 21.23 24.83
N ILE GA 38 -17.41 21.08 24.77
CA ILE GA 38 -18.15 20.48 25.89
C ILE GA 38 -17.93 18.98 25.85
N HIS GA 39 -18.22 18.29 26.95
CA HIS GA 39 -18.03 16.86 27.00
C HIS GA 39 -19.21 16.21 27.71
N ASN GA 40 -19.67 15.08 27.18
CA ASN GA 40 -20.68 14.26 27.82
C ASN GA 40 -21.97 15.02 28.03
N VAL GA 41 -22.40 15.76 27.00
CA VAL GA 41 -23.67 16.47 27.07
C VAL GA 41 -24.82 15.47 27.15
N LEU GA 42 -25.68 15.63 28.14
CA LEU GA 42 -26.82 14.75 28.27
C LEU GA 42 -27.93 15.15 27.30
N VAL GA 43 -28.51 14.15 26.65
CA VAL GA 43 -29.59 14.36 25.69
C VAL GA 43 -30.80 13.58 26.18
N ILE GA 44 -31.83 14.31 26.63
CA ILE GA 44 -33.06 13.71 27.09
C ILE GA 44 -34.01 13.64 25.90
N THR GA 45 -34.45 12.44 25.55
CA THR GA 45 -35.36 12.22 24.44
C THR GA 45 -36.77 12.08 24.98
N GLY GA 46 -37.76 12.19 24.10
CA GLY GA 46 -39.14 12.11 24.48
C GLY GA 46 -39.64 13.24 25.34
N TYR GA 47 -38.82 14.27 25.59
CA TYR GA 47 -39.22 15.42 26.36
C TYR GA 47 -38.91 16.68 25.59
N ALA GA 48 -39.92 17.52 25.41
CA ALA GA 48 -39.76 18.84 24.83
C ALA GA 48 -39.92 19.87 25.94
N VAL GA 49 -39.43 21.09 25.67
CA VAL GA 49 -39.46 22.17 26.64
C VAL GA 49 -40.59 23.13 26.26
N ASP GA 50 -41.32 23.59 27.26
CA ASP GA 50 -42.33 24.63 27.08
C ASP GA 50 -41.63 25.98 27.27
N GLU GA 51 -41.57 26.77 26.20
CA GLU GA 51 -40.78 27.99 26.24
C GLU GA 51 -41.30 28.97 27.28
N LYS GA 52 -42.61 28.94 27.56
CA LYS GA 52 -43.15 29.70 28.68
C LYS GA 52 -42.64 29.09 29.97
N ASN GA 53 -41.71 29.78 30.64
CA ASN GA 53 -41.05 29.24 31.83
C ASN GA 53 -40.37 27.91 31.51
N GLY GA 54 -39.32 28.03 30.69
CA GLY GA 54 -38.60 26.91 30.14
C GLY GA 54 -38.41 25.73 31.08
N ARG GA 55 -38.98 24.60 30.71
CA ARG GA 55 -39.09 23.41 31.55
C ARG GA 55 -39.56 22.25 30.68
N LEU GA 56 -39.01 21.07 30.93
CA LEU GA 56 -39.23 19.92 30.05
C LEU GA 56 -40.60 19.34 30.31
N VAL GA 57 -41.36 19.10 29.25
CA VAL GA 57 -42.65 18.42 29.34
C VAL GA 57 -42.53 17.06 28.68
N PRO GA 58 -43.16 16.03 29.21
CA PRO GA 58 -43.04 14.68 28.63
C PRO GA 58 -44.00 14.47 27.47
N THR GA 59 -43.45 14.39 26.26
CA THR GA 59 -44.21 13.92 25.11
C THR GA 59 -43.90 12.44 24.91
N LEU GA 60 -44.39 11.87 23.80
CA LEU GA 60 -44.15 10.47 23.51
C LEU GA 60 -43.37 10.25 22.23
N ASP GA 61 -43.10 11.31 21.48
CA ASP GA 61 -42.39 11.18 20.21
C ASP GA 61 -40.90 11.02 20.48
N PRO GA 62 -40.28 9.90 20.10
CA PRO GA 62 -38.82 9.80 20.22
C PRO GA 62 -38.08 10.80 19.36
N CYS GA 63 -38.75 11.42 18.38
CA CYS GA 63 -38.14 12.52 17.64
C CYS GA 63 -37.84 13.71 18.52
N ASP GA 64 -38.71 14.00 19.48
CA ASP GA 64 -38.53 15.16 20.34
C ASP GA 64 -37.41 14.90 21.33
N TYR GA 65 -36.60 15.92 21.60
CA TYR GA 65 -35.46 15.76 22.48
C TYR GA 65 -34.98 17.13 22.94
N VAL GA 66 -34.25 17.12 24.05
CA VAL GA 66 -33.64 18.32 24.61
C VAL GA 66 -32.23 17.97 25.06
N LYS GA 67 -31.27 18.79 24.68
CA LYS GA 67 -29.89 18.64 25.13
C LYS GA 67 -29.65 19.56 26.31
N GLY GA 68 -28.80 19.13 27.24
CA GLY GA 68 -28.45 19.93 28.40
C GLY GA 68 -27.25 19.33 29.10
N ILE GA 69 -26.76 20.06 30.08
CA ILE GA 69 -25.55 19.67 30.79
C ILE GA 69 -25.92 19.09 32.15
N LEU GA 70 -25.08 18.17 32.62
CA LEU GA 70 -25.28 17.50 33.91
C LEU GA 70 -24.27 18.06 34.90
N VAL GA 71 -24.69 19.06 35.65
CA VAL GA 71 -23.87 19.65 36.69
C VAL GA 71 -24.35 19.16 38.05
N ALA GA 72 -23.42 19.05 38.99
CA ALA GA 72 -23.75 18.51 40.30
C ALA GA 72 -24.34 19.59 41.20
N GLY GA 73 -25.39 19.24 41.92
CA GLY GA 73 -26.07 20.15 42.81
C GLY GA 73 -27.54 19.77 42.97
N THR GA 74 -28.07 20.08 44.14
CA THR GA 74 -29.45 19.80 44.47
C THR GA 74 -30.39 20.78 43.75
N PRO GA 75 -31.52 20.28 43.24
CA PRO GA 75 -32.38 21.12 42.39
C PRO GA 75 -33.11 22.22 43.14
N GLN GA 76 -32.34 23.16 43.69
CA GLN GA 76 -32.86 24.45 44.14
C GLN GA 76 -33.69 24.30 45.41
N GLN GA 77 -34.00 23.06 45.79
CA GLN GA 77 -34.59 22.65 47.06
C GLN GA 77 -35.61 23.66 47.60
N ALA GA 78 -36.52 24.11 46.75
CA ALA GA 78 -37.61 24.98 47.21
C ALA GA 78 -38.99 24.39 46.93
N GLN GA 79 -39.27 24.06 45.68
CA GLN GA 79 -40.60 23.57 45.32
C GLN GA 79 -40.66 22.05 45.39
N SER GA 80 -39.61 21.38 44.91
CA SER GA 80 -39.40 19.94 45.08
C SER GA 80 -40.44 19.08 44.38
N ASN GA 81 -41.40 19.68 43.67
CA ASN GA 81 -42.41 18.89 42.99
C ASN GA 81 -42.47 19.25 41.50
N ASP GA 82 -41.87 20.37 41.14
CA ASP GA 82 -41.73 20.74 39.74
C ASP GA 82 -40.44 20.21 39.11
N PHE GA 83 -39.77 19.28 39.78
CA PHE GA 83 -38.54 18.67 39.28
C PHE GA 83 -38.63 17.17 39.44
N LEU GA 84 -38.49 16.44 38.35
CA LEU GA 84 -38.51 14.99 38.39
C LEU GA 84 -37.14 14.46 38.80
N THR GA 85 -37.14 13.38 39.58
CA THR GA 85 -35.91 12.83 40.14
C THR GA 85 -35.77 11.38 39.71
N LEU GA 86 -34.58 11.02 39.24
CA LEU GA 86 -34.29 9.68 38.77
C LEU GA 86 -32.90 9.28 39.22
N LYS GA 87 -32.77 8.07 39.75
CA LYS GA 87 -31.47 7.48 40.05
C LYS GA 87 -31.20 6.39 39.02
N LEU GA 88 -30.29 6.66 38.10
CA LEU GA 88 -29.98 5.74 37.03
C LEU GA 88 -28.47 5.53 36.91
N PRO GA 89 -28.02 4.34 36.52
CA PRO GA 89 -26.60 4.13 36.31
C PRO GA 89 -26.10 4.87 35.07
N ALA GA 90 -24.78 5.02 35.00
CA ALA GA 90 -24.17 5.77 33.90
C ALA GA 90 -24.53 5.14 32.55
N ASN GA 91 -24.67 3.82 32.50
CA ASN GA 91 -25.02 3.16 31.24
C ASN GA 91 -26.46 3.45 30.83
N LYS GA 92 -27.26 4.09 31.67
CA LYS GA 92 -28.61 4.49 31.30
C LYS GA 92 -28.71 5.95 30.90
N LEU GA 93 -27.59 6.67 30.88
CA LEU GA 93 -27.60 8.04 30.40
C LEU GA 93 -27.48 8.06 28.88
N TYR GA 94 -27.49 9.26 28.32
CA TYR GA 94 -27.33 9.47 26.88
C TYR GA 94 -26.42 10.67 26.71
N LEU GA 95 -25.13 10.40 26.52
CA LEU GA 95 -24.11 11.44 26.49
C LEU GA 95 -23.51 11.57 25.11
N ILE GA 96 -23.33 12.82 24.68
CA ILE GA 96 -22.71 13.14 23.41
C ILE GA 96 -21.31 13.67 23.69
N ARG GA 97 -20.35 13.30 22.84
CA ARG GA 97 -18.95 13.67 23.00
C ARG GA 97 -18.41 13.15 24.33
N LYS GA 98 -18.65 11.88 24.56
CA LYS GA 98 -18.18 11.22 25.77
C LYS GA 98 -16.67 11.25 25.85
N LYS GA 99 -16.16 11.71 27.00
CA LYS GA 99 -14.74 11.64 27.30
C LYS GA 99 -14.46 10.81 28.53
N GLY GA 100 -15.12 11.10 29.65
CA GLY GA 100 -14.81 10.43 30.90
C GLY GA 100 -16.01 9.70 31.45
N ASN GA 101 -15.75 8.54 32.05
CA ASN GA 101 -16.81 7.73 32.62
C ASN GA 101 -17.30 8.34 33.93
N ILE GA 102 -18.45 7.85 34.40
CA ILE GA 102 -19.10 8.47 35.54
C ILE GA 102 -19.23 7.43 36.66
N SER GA 103 -19.60 7.89 37.86
CA SER GA 103 -19.47 7.11 39.08
C SER GA 103 -20.45 5.94 39.17
N ASP GA 104 -21.21 5.66 38.11
CA ASP GA 104 -22.09 4.49 37.99
C ASP GA 104 -23.33 4.62 38.85
N ASP GA 105 -23.41 5.62 39.73
CA ASP GA 105 -24.56 5.77 40.61
C ASP GA 105 -24.92 7.24 40.64
N LEU GA 106 -25.85 7.64 39.79
CA LEU GA 106 -26.22 9.02 39.62
C LEU GA 106 -27.71 9.20 39.89
N LYS GA 107 -28.04 10.31 40.52
CA LYS GA 107 -29.44 10.63 40.84
C LYS GA 107 -29.71 11.99 40.20
N ILE GA 108 -30.48 11.98 39.12
CA ILE GA 108 -30.59 13.12 38.23
C ILE GA 108 -31.84 13.93 38.57
N TYR GA 109 -31.75 15.24 38.39
CA TYR GA 109 -32.87 16.15 38.61
C TYR GA 109 -33.03 17.01 37.37
N ILE GA 110 -34.19 16.93 36.74
CA ILE GA 110 -34.47 17.69 35.53
C ILE GA 110 -35.68 18.58 35.76
N PRO GA 111 -35.72 19.78 35.18
CA PRO GA 111 -36.90 20.64 35.37
C PRO GA 111 -38.12 20.04 34.68
N TYR GA 112 -39.06 19.55 35.47
CA TYR GA 112 -40.17 18.76 34.97
C TYR GA 112 -41.49 19.53 35.10
N SER GA 113 -42.18 19.66 33.99
CA SER GA 113 -43.55 20.15 33.97
C SER GA 113 -44.47 19.01 33.58
N SER GA 114 -45.67 19.01 34.15
CA SER GA 114 -46.64 18.02 33.74
C SER GA 114 -46.99 18.23 32.26
N PRO GA 115 -47.47 17.21 31.56
CA PRO GA 115 -47.75 17.37 30.13
C PRO GA 115 -48.77 18.46 29.84
N ASP GA 116 -49.71 18.71 30.75
CA ASP GA 116 -50.72 19.75 30.57
C ASP GA 116 -51.56 19.46 29.32
N ALA GA 117 -52.38 18.43 29.44
CA ALA GA 117 -53.17 17.89 28.33
C ALA GA 117 -54.15 18.91 27.76
N ARG GA 118 -54.10 20.14 28.27
CA ARG GA 118 -54.88 21.24 27.71
C ARG GA 118 -54.78 21.30 26.19
N ASN GA 119 -53.57 21.41 25.66
CA ASN GA 119 -53.36 21.66 24.24
C ASN GA 119 -52.80 20.43 23.54
N SER GA 120 -53.16 20.29 22.27
CA SER GA 120 -52.52 19.30 21.41
C SER GA 120 -51.02 19.57 21.36
N MET GA 121 -50.24 18.54 21.66
CA MET GA 121 -48.79 18.68 21.70
C MET GA 121 -48.25 19.05 20.32
N LYS GA 122 -47.57 20.18 20.25
CA LYS GA 122 -47.11 20.67 18.98
C LYS GA 122 -45.66 21.11 19.09
N THR GA 123 -44.75 20.26 18.65
CA THR GA 123 -43.32 20.44 18.86
C THR GA 123 -42.66 20.90 17.57
N LYS GA 124 -41.68 21.80 17.70
CA LYS GA 124 -40.95 22.33 16.57
C LYS GA 124 -39.46 22.34 16.87
N PRO GA 125 -38.61 21.86 15.97
CA PRO GA 125 -37.16 21.95 16.19
C PRO GA 125 -36.69 23.40 16.29
N VAL GA 126 -35.87 23.70 17.30
CA VAL GA 126 -35.43 25.06 17.56
C VAL GA 126 -33.91 25.09 17.41
N SER GA 127 -33.40 26.11 16.73
CA SER GA 127 -31.96 26.33 16.63
C SER GA 127 -31.53 27.38 17.65
N ILE GA 128 -30.21 27.51 17.82
CA ILE GA 128 -29.63 28.44 18.77
C ILE GA 128 -28.56 29.25 18.03
N SER GA 129 -28.79 29.54 16.75
CA SER GA 129 -27.79 30.32 16.03
C SER GA 129 -27.67 31.71 16.62
N ASP GA 130 -28.65 32.59 16.32
CA ASP GA 130 -29.06 33.74 17.12
C ASP GA 130 -27.97 34.29 18.02
N ASP GA 131 -26.82 34.65 17.46
CA ASP GA 131 -25.63 34.86 18.28
C ASP GA 131 -25.77 36.06 19.22
N THR GA 132 -26.91 36.74 19.19
CA THR GA 132 -27.22 37.70 20.26
C THR GA 132 -27.31 37.00 21.60
N ILE GA 133 -27.69 35.73 21.61
CA ILE GA 133 -27.85 34.96 22.84
C ILE GA 133 -26.65 34.06 23.13
N VAL GA 134 -25.73 33.90 22.16
CA VAL GA 134 -24.57 33.03 22.40
C VAL GA 134 -23.71 33.57 23.53
N ASN GA 135 -23.62 34.90 23.65
CA ASN GA 135 -22.89 35.49 24.75
C ASN GA 135 -23.74 35.66 25.99
N ASN GA 136 -25.06 35.72 25.83
CA ASN GA 136 -25.94 35.72 27.01
C ASN GA 136 -25.86 34.37 27.72
N ILE GA 137 -25.80 33.29 26.95
CA ILE GA 137 -25.79 31.95 27.53
C ILE GA 137 -24.50 31.70 28.30
N ILE GA 138 -23.35 31.96 27.70
CA ILE GA 138 -22.08 31.76 28.39
C ILE GA 138 -21.99 32.66 29.61
N LYS GA 139 -22.61 33.83 29.53
CA LYS GA 139 -22.56 34.79 30.62
C LYS GA 139 -23.37 34.31 31.83
N GLU GA 140 -24.62 33.92 31.60
CA GLU GA 140 -25.48 33.51 32.70
C GLU GA 140 -25.25 32.05 33.09
N VAL GA 141 -25.35 31.14 32.12
CA VAL GA 141 -25.37 29.72 32.43
C VAL GA 141 -23.99 29.24 32.84
N PHE GA 142 -23.02 29.34 31.94
CA PHE GA 142 -21.72 28.71 32.18
C PHE GA 142 -20.92 29.50 33.22
N ASP GA 143 -20.70 30.80 32.97
CA ASP GA 143 -19.75 31.58 33.78
C ASP GA 143 -20.06 31.45 35.26
N LYS GA 144 -21.33 31.26 35.63
CA LYS GA 144 -21.66 31.03 37.03
C LYS GA 144 -21.12 29.70 37.51
N ILE GA 145 -21.31 28.63 36.73
CA ILE GA 145 -20.84 27.31 37.15
C ILE GA 145 -19.48 27.00 36.55
N TYR GA 146 -19.30 27.29 35.26
CA TYR GA 146 -17.99 27.19 34.64
C TYR GA 146 -17.44 28.61 34.45
N ASN GA 147 -16.88 29.15 35.54
CA ASN GA 147 -16.00 30.30 35.40
C ASN GA 147 -14.62 29.85 34.93
N ILE GA 148 -14.40 28.54 34.87
CA ILE GA 148 -13.16 27.96 34.35
C ILE GA 148 -12.75 28.64 33.07
N THR GA 149 -13.72 28.92 32.20
CA THR GA 149 -13.45 29.58 30.93
C THR GA 149 -12.90 30.99 31.14
N GLN GA 150 -13.44 31.69 32.14
CA GLN GA 150 -13.12 33.10 32.36
C GLN GA 150 -11.97 33.32 33.34
N LYS GA 151 -11.18 32.28 33.63
CA LYS GA 151 -10.08 32.46 34.58
C LYS GA 151 -8.72 32.32 33.91
N GLU GA 152 -8.42 31.16 33.33
CA GLU GA 152 -7.22 31.00 32.52
C GLU GA 152 -7.51 30.19 31.25
N LYS GA 153 -8.68 30.40 30.65
CA LYS GA 153 -9.17 29.57 29.54
C LYS GA 153 -9.65 30.50 28.41
N VAL GA 154 -8.76 31.41 27.99
CA VAL GA 154 -9.06 32.39 26.95
C VAL GA 154 -9.56 31.71 25.68
N LYS GA 155 -9.35 30.40 25.58
CA LYS GA 155 -9.92 29.64 24.47
C LYS GA 155 -11.42 29.55 24.66
N ILE GA 156 -12.12 30.66 24.44
CA ILE GA 156 -13.55 30.75 24.71
C ILE GA 156 -14.37 30.74 23.44
N GLU GA 157 -14.02 31.56 22.43
CA GLU GA 157 -14.88 31.70 21.27
C GLU GA 157 -15.03 30.38 20.50
N LYS GA 158 -14.34 29.33 20.93
CA LYS GA 158 -14.61 28.00 20.40
C LYS GA 158 -15.86 27.40 21.02
N VAL GA 159 -16.15 27.75 22.28
CA VAL GA 159 -17.42 27.34 22.86
C VAL GA 159 -18.52 28.26 22.37
N LYS GA 160 -18.15 29.44 21.86
CA LYS GA 160 -19.12 30.30 21.20
C LYS GA 160 -19.76 29.58 20.01
N GLU GA 161 -18.98 28.76 19.30
CA GLU GA 161 -19.55 27.98 18.20
C GLU GA 161 -19.97 26.59 18.66
N ASP GA 162 -19.56 26.18 19.86
CA ASP GA 162 -20.05 24.92 20.41
C ASP GA 162 -21.54 24.95 20.68
N ILE GA 163 -22.03 26.02 21.30
CA ILE GA 163 -23.49 26.18 21.44
C ILE GA 163 -24.13 26.35 20.08
N LYS GA 164 -23.42 26.96 19.13
CA LYS GA 164 -23.89 26.92 17.75
C LYS GA 164 -23.90 25.51 17.17
N GLU GA 165 -23.17 24.58 17.79
CA GLU GA 165 -23.02 23.23 17.28
C GLU GA 165 -23.84 22.19 18.02
N LEU GA 166 -23.79 22.18 19.36
CA LEU GA 166 -24.28 21.04 20.12
C LEU GA 166 -25.75 21.21 20.51
N PHE GA 167 -26.06 22.25 21.28
CA PHE GA 167 -27.39 22.40 21.83
C PHE GA 167 -28.37 22.82 20.74
N SER GA 168 -29.34 21.96 20.46
CA SER GA 168 -30.39 22.22 19.47
C SER GA 168 -31.59 21.38 19.91
N TYR GA 169 -32.53 22.02 20.59
CA TYR GA 169 -33.60 21.31 21.28
C TYR GA 169 -34.88 21.32 20.47
N TYR GA 170 -35.88 20.63 20.99
CA TYR GA 170 -37.25 20.71 20.50
C TYR GA 170 -38.12 21.42 21.53
N ALA GA 171 -38.89 22.39 21.07
CA ALA GA 171 -39.81 23.12 21.92
C ALA GA 171 -41.19 23.12 21.29
N LEU GA 172 -42.18 23.55 22.07
CA LEU GA 172 -43.52 23.74 21.56
C LEU GA 172 -43.69 25.05 20.81
N GLU GA 173 -42.83 26.04 21.10
CA GLU GA 173 -42.89 27.36 20.48
C GLU GA 173 -44.28 27.97 20.60
N GLN GA 174 -44.75 28.09 21.84
CA GLN GA 174 -46.09 28.57 22.11
C GLN GA 174 -46.09 29.54 23.29
N SER HA 2 -63.01 16.56 20.91
CA SER HA 2 -61.86 15.69 21.10
C SER HA 2 -62.29 14.25 21.41
N THR HA 3 -61.53 13.29 20.92
CA THR HA 3 -61.75 11.88 21.22
C THR HA 3 -60.65 11.41 22.16
N GLN HA 4 -60.99 10.46 23.02
CA GLN HA 4 -60.14 10.07 24.13
C GLN HA 4 -59.75 8.60 24.05
N ARG HA 5 -58.50 8.32 24.39
CA ARG HA 5 -57.97 6.97 24.46
C ARG HA 5 -57.10 6.82 25.70
N GLU HA 6 -56.84 5.58 26.08
CA GLU HA 6 -55.91 5.28 27.15
C GLU HA 6 -55.01 4.15 26.71
N TYR HA 7 -53.75 4.22 27.13
CA TYR HA 7 -52.75 3.21 26.78
C TYR HA 7 -52.72 2.17 27.88
N VAL HA 8 -52.63 0.90 27.50
CA VAL HA 8 -52.45 -0.19 28.44
C VAL HA 8 -51.49 -1.19 27.81
N PHE HA 9 -50.51 -1.62 28.60
CA PHE HA 9 -49.45 -2.49 28.11
C PHE HA 9 -49.76 -3.95 28.39
N ILE HA 10 -48.94 -4.82 27.80
CA ILE HA 10 -49.17 -6.26 27.86
C ILE HA 10 -47.89 -6.96 28.30
N PRO HA 11 -47.57 -6.98 29.59
CA PRO HA 11 -46.47 -7.80 30.09
C PRO HA 11 -46.93 -9.14 30.63
N ILE HA 12 -45.99 -9.99 31.05
CA ILE HA 12 -46.29 -11.25 31.71
C ILE HA 12 -46.37 -11.07 33.21
N THR HA 13 -47.50 -10.57 33.70
CA THR HA 13 -47.59 -10.30 35.14
C THR HA 13 -49.01 -9.92 35.53
N ASN HA 14 -49.20 -9.74 36.83
CA ASN HA 14 -50.46 -9.29 37.40
C ASN HA 14 -50.47 -7.76 37.43
N SER HA 15 -51.42 -7.15 38.14
CA SER HA 15 -51.49 -5.70 38.31
C SER HA 15 -51.73 -5.00 36.96
N ILE HA 16 -51.89 -5.80 35.91
CA ILE HA 16 -52.11 -5.25 34.57
C ILE HA 16 -53.45 -5.70 34.04
N THR HA 17 -54.05 -6.69 34.71
CA THR HA 17 -55.04 -7.58 34.11
C THR HA 17 -56.10 -6.84 33.30
N ILE HA 18 -56.96 -6.07 33.96
CA ILE HA 18 -57.70 -4.99 33.30
C ILE HA 18 -58.12 -3.98 34.35
N ASP HA 19 -57.71 -2.73 34.18
CA ASP HA 19 -57.97 -1.70 35.18
C ASP HA 19 -58.92 -0.64 34.62
N VAL HA 20 -58.91 -0.48 33.30
CA VAL HA 20 -59.59 0.62 32.60
C VAL HA 20 -61.04 0.80 33.06
N LYS HA 21 -61.74 -0.32 33.29
CA LYS HA 21 -63.14 -0.36 33.73
C LYS HA 21 -64.11 0.15 32.67
N ILE HA 22 -63.61 0.61 31.53
CA ILE HA 22 -64.49 1.22 30.53
C ILE HA 22 -64.07 0.76 29.14
N THR HA 23 -65.02 0.87 28.20
CA THR HA 23 -64.80 0.50 26.80
C THR HA 23 -65.14 1.70 25.92
N ILE HA 24 -65.27 1.47 24.61
CA ILE HA 24 -65.26 2.55 23.62
C ILE HA 24 -66.20 3.68 24.00
N GLY HA 25 -67.48 3.39 24.12
CA GLY HA 25 -68.47 4.44 24.17
C GLY HA 25 -68.97 4.76 22.77
N GLY HA 26 -68.08 4.62 21.79
CA GLY HA 26 -68.45 4.63 20.39
C GLY HA 26 -68.26 3.27 19.77
N SER HA 27 -67.58 3.21 18.63
CA SER HA 27 -67.16 1.95 18.00
C SER HA 27 -65.78 2.10 17.38
N ASP HA 28 -64.98 3.02 17.91
CA ASP HA 28 -63.70 3.39 17.33
C ASP HA 28 -62.56 2.89 18.22
N HIS HA 29 -61.44 2.57 17.59
CA HIS HA 29 -60.23 2.22 18.30
C HIS HA 29 -59.04 2.69 17.48
N ILE HA 30 -57.85 2.40 17.96
CA ILE HA 30 -56.64 2.41 17.14
C ILE HA 30 -56.13 1.00 16.93
N THR HA 31 -55.78 0.31 18.00
CA THR HA 31 -55.40 -1.09 17.88
C THR HA 31 -56.62 -1.96 17.66
N ASN HA 32 -56.46 -3.07 16.95
CA ASN HA 32 -57.56 -3.97 16.68
C ASN HA 32 -57.04 -5.30 16.17
N ILE HA 33 -57.92 -6.29 16.07
CA ILE HA 33 -57.59 -7.57 15.48
C ILE HA 33 -58.62 -7.87 14.41
N ASP HA 34 -58.15 -8.11 13.18
CA ASP HA 34 -59.07 -8.41 12.08
C ASP HA 34 -58.32 -9.24 11.04
N GLU HA 35 -58.50 -10.56 11.10
CA GLU HA 35 -58.24 -11.47 9.99
C GLU HA 35 -56.75 -11.70 9.72
N ARG HA 36 -55.88 -10.89 10.31
CA ARG HA 36 -54.44 -11.06 10.11
C ARG HA 36 -53.61 -10.91 11.36
N GLY HA 37 -54.16 -10.35 12.44
CA GLY HA 37 -53.42 -10.08 13.64
C GLY HA 37 -53.69 -8.69 14.16
N ILE HA 38 -52.82 -8.25 15.06
CA ILE HA 38 -53.01 -6.98 15.76
C ILE HA 38 -52.43 -5.86 14.90
N HIS HA 39 -53.18 -4.78 14.76
CA HIS HA 39 -52.75 -3.63 13.98
C HIS HA 39 -52.60 -2.41 14.88
N ASN HA 40 -51.85 -1.43 14.38
CA ASN HA 40 -51.72 -0.12 15.01
C ASN HA 40 -51.26 -0.23 16.47
N VAL HA 41 -50.33 -1.14 16.72
CA VAL HA 41 -49.80 -1.35 18.07
C VAL HA 41 -48.95 -0.14 18.44
N LEU HA 42 -49.07 0.30 19.69
CA LEU HA 42 -48.32 1.45 20.17
C LEU HA 42 -47.14 0.99 21.03
N VAL HA 43 -46.08 1.81 21.04
CA VAL HA 43 -44.92 1.61 21.89
C VAL HA 43 -44.56 2.94 22.51
N ILE HA 44 -44.09 2.91 23.76
CA ILE HA 44 -43.62 4.09 24.46
C ILE HA 44 -42.14 3.89 24.73
N THR HA 45 -41.31 4.76 24.16
CA THR HA 45 -39.87 4.68 24.37
C THR HA 45 -39.45 5.54 25.55
N GLY HA 46 -38.39 5.13 26.22
CA GLY HA 46 -37.91 5.85 27.38
C GLY HA 46 -38.69 5.59 28.64
N TYR HA 47 -39.27 4.40 28.79
CA TYR HA 47 -40.08 4.07 29.95
C TYR HA 47 -39.92 2.60 30.26
N ALA HA 48 -39.95 2.27 31.55
CA ALA HA 48 -39.88 0.89 32.00
C ALA HA 48 -41.04 0.62 32.96
N VAL HA 49 -41.59 -0.58 32.84
CA VAL HA 49 -42.72 -0.99 33.66
C VAL HA 49 -42.17 -1.65 34.93
N ASP HA 50 -42.96 -1.60 35.99
CA ASP HA 50 -42.69 -2.32 37.23
C ASP HA 50 -43.87 -3.25 37.42
N GLU HA 51 -43.66 -4.54 37.12
CA GLU HA 51 -44.75 -5.52 37.19
C GLU HA 51 -45.42 -5.52 38.55
N LYS HA 52 -44.63 -5.46 39.62
CA LYS HA 52 -45.14 -5.04 40.91
C LYS HA 52 -45.71 -3.64 40.78
N ASN HA 53 -47.02 -3.50 40.93
CA ASN HA 53 -47.72 -2.25 40.66
C ASN HA 53 -47.48 -1.81 39.21
N GLY HA 54 -48.07 -2.60 38.31
CA GLY HA 54 -47.88 -2.43 36.88
C GLY HA 54 -48.21 -1.04 36.35
N ARG HA 55 -47.18 -0.32 35.93
CA ARG HA 55 -47.28 1.03 35.39
C ARG HA 55 -45.87 1.45 34.95
N LEU HA 56 -45.79 2.50 34.14
CA LEU HA 56 -44.58 2.83 33.40
C LEU HA 56 -43.79 3.90 34.13
N VAL HA 57 -42.53 3.63 34.40
CA VAL HA 57 -41.65 4.53 35.14
C VAL HA 57 -40.85 5.34 34.13
N PRO HA 58 -40.83 6.67 34.24
CA PRO HA 58 -40.18 7.52 33.22
C PRO HA 58 -38.66 7.47 33.30
N THR HA 59 -38.08 6.43 32.68
CA THR HA 59 -36.63 6.33 32.56
C THR HA 59 -36.16 7.33 31.50
N LEU HA 60 -34.86 7.58 31.42
CA LEU HA 60 -34.32 8.41 30.35
C LEU HA 60 -33.62 7.59 29.28
N ASP HA 61 -33.66 6.28 29.38
CA ASP HA 61 -32.94 5.41 28.45
C ASP HA 61 -33.74 5.23 27.16
N PRO HA 62 -33.26 5.73 26.03
CA PRO HA 62 -33.99 5.52 24.77
C PRO HA 62 -34.08 4.08 24.36
N CYS HA 63 -33.23 3.21 24.90
CA CYS HA 63 -33.36 1.78 24.67
C CYS HA 63 -34.52 1.18 25.46
N ASP HA 64 -35.04 1.90 26.44
CA ASP HA 64 -36.16 1.41 27.23
C ASP HA 64 -37.46 1.67 26.50
N TYR HA 65 -38.21 0.62 26.21
CA TYR HA 65 -39.47 0.74 25.50
C TYR HA 65 -40.48 -0.22 26.10
N VAL HA 66 -41.75 0.16 26.03
CA VAL HA 66 -42.86 -0.68 26.46
C VAL HA 66 -43.89 -0.69 25.34
N LYS HA 67 -44.35 -1.88 24.97
CA LYS HA 67 -45.35 -2.02 23.92
C LYS HA 67 -46.68 -2.38 24.54
N GLY HA 68 -47.74 -1.77 24.04
CA GLY HA 68 -49.08 -2.04 24.53
C GLY HA 68 -50.14 -1.77 23.47
N ILE HA 69 -51.36 -1.48 23.90
CA ILE HA 69 -52.45 -1.23 22.96
C ILE HA 69 -53.04 0.14 23.25
N LEU HA 70 -53.73 0.69 22.25
CA LEU HA 70 -54.45 1.95 22.38
C LEU HA 70 -55.94 1.67 22.21
N VAL HA 71 -56.67 1.63 23.32
CA VAL HA 71 -58.09 1.37 23.30
C VAL HA 71 -58.83 2.65 23.67
N ALA HA 72 -59.96 2.86 23.01
CA ALA HA 72 -60.77 4.05 23.27
C ALA HA 72 -61.47 3.91 24.61
N GLY HA 73 -61.16 4.81 25.54
CA GLY HA 73 -61.76 4.74 26.85
C GLY HA 73 -61.17 5.80 27.76
N THR HA 74 -61.55 5.70 29.03
CA THR HA 74 -61.14 6.65 30.05
C THR HA 74 -60.42 5.88 31.14
N PRO HA 75 -59.72 6.57 32.04
CA PRO HA 75 -59.09 5.87 33.17
C PRO HA 75 -60.11 5.14 34.04
N GLN HA 76 -59.61 4.24 34.88
CA GLN HA 76 -60.41 3.48 35.85
C GLN HA 76 -61.37 4.38 36.62
N GLN HA 77 -60.99 5.65 36.78
CA GLN HA 77 -61.83 6.68 37.39
C GLN HA 77 -62.06 6.38 38.87
N ALA HA 78 -61.01 5.93 39.54
CA ALA HA 78 -60.90 6.05 40.99
C ALA HA 78 -59.55 6.55 41.43
N GLN HA 79 -58.52 6.45 40.60
CA GLN HA 79 -57.21 7.06 40.87
C GLN HA 79 -57.16 8.49 40.36
N SER HA 80 -57.33 8.70 39.05
CA SER HA 80 -57.42 10.02 38.45
C SER HA 80 -56.11 10.79 38.61
N ASN HA 81 -55.10 10.16 39.19
CA ASN HA 81 -53.85 10.85 39.48
C ASN HA 81 -52.61 10.14 38.96
N ASP HA 82 -52.58 8.80 38.99
CA ASP HA 82 -51.43 8.08 38.48
C ASP HA 82 -51.62 7.73 37.01
N PHE HA 83 -51.99 8.71 36.19
CA PHE HA 83 -52.16 8.50 34.76
C PHE HA 83 -51.57 9.68 34.02
N LEU HA 84 -50.64 9.39 33.12
CA LEU HA 84 -49.98 10.42 32.32
C LEU HA 84 -51.00 10.92 31.29
N THR HA 85 -51.37 12.19 31.40
CA THR HA 85 -52.42 12.78 30.59
C THR HA 85 -51.79 13.79 29.62
N LEU HA 86 -52.10 13.65 28.33
CA LEU HA 86 -51.54 14.50 27.30
C LEU HA 86 -52.27 14.23 25.99
N LYS HA 87 -52.31 15.26 25.15
CA LYS HA 87 -52.95 15.16 23.83
C LYS HA 87 -51.88 15.29 22.75
N LEU HA 88 -51.90 14.37 21.79
CA LEU HA 88 -50.90 14.32 20.73
C LEU HA 88 -51.60 14.20 19.40
N PRO HA 89 -51.12 14.85 18.35
CA PRO HA 89 -51.53 14.47 16.99
C PRO HA 89 -51.18 13.03 16.69
N ALA HA 90 -52.03 12.34 15.94
CA ALA HA 90 -51.82 10.92 15.68
C ALA HA 90 -50.54 10.66 14.91
N ASN HA 91 -50.09 11.64 14.11
CA ASN HA 91 -48.83 11.48 13.39
C ASN HA 91 -47.65 11.39 14.34
N LYS HA 92 -47.77 11.98 15.54
CA LYS HA 92 -46.67 12.02 16.48
C LYS HA 92 -46.57 10.75 17.33
N LEU HA 93 -47.36 9.73 17.03
CA LEU HA 93 -47.36 8.50 17.81
C LEU HA 93 -46.50 7.45 17.11
N TYR HA 94 -45.82 6.64 17.90
CA TYR HA 94 -44.95 5.57 17.40
C TYR HA 94 -45.77 4.29 17.31
N LEU HA 95 -46.32 4.02 16.15
CA LEU HA 95 -47.26 2.92 15.97
C LEU HA 95 -46.61 1.79 15.16
N ILE HA 96 -46.99 0.56 15.50
CA ILE HA 96 -46.46 -0.64 14.86
C ILE HA 96 -47.58 -1.35 14.12
N ARG HA 97 -47.23 -1.89 12.95
CA ARG HA 97 -48.17 -2.59 12.09
C ARG HA 97 -49.41 -1.73 11.81
N LYS HA 98 -49.15 -0.48 11.43
CA LYS HA 98 -50.25 0.44 11.16
C LYS HA 98 -51.10 -0.06 10.00
N LYS HA 99 -52.42 0.06 10.15
CA LYS HA 99 -53.35 -0.35 9.11
C LYS HA 99 -54.00 0.83 8.41
N GLY HA 100 -54.32 1.88 9.17
CA GLY HA 100 -54.87 3.09 8.59
C GLY HA 100 -54.62 4.26 9.51
N ASN HA 101 -54.70 5.47 8.94
CA ASN HA 101 -54.40 6.67 9.69
C ASN HA 101 -55.54 7.00 10.65
N ILE HA 102 -55.23 7.83 11.64
CA ILE HA 102 -56.14 8.16 12.72
C ILE HA 102 -56.50 9.64 12.57
N SER HA 103 -57.36 10.12 13.47
CA SER HA 103 -57.99 11.44 13.35
C SER HA 103 -57.00 12.60 13.48
N ASP HA 104 -55.71 12.31 13.56
CA ASP HA 104 -54.65 13.31 13.62
C ASP HA 104 -54.71 14.13 14.90
N ASP HA 105 -55.50 13.67 15.87
CA ASP HA 105 -55.48 14.21 17.22
C ASP HA 105 -56.03 13.16 18.16
N LEU HA 106 -55.45 13.06 19.35
CA LEU HA 106 -55.88 12.07 20.33
C LEU HA 106 -55.58 12.58 21.73
N LYS HA 107 -56.28 12.01 22.71
CA LYS HA 107 -55.98 12.21 24.12
C LYS HA 107 -55.61 10.85 24.69
N ILE HA 108 -54.37 10.72 25.12
CA ILE HA 108 -53.83 9.42 25.52
C ILE HA 108 -53.60 9.43 27.03
N TYR HA 109 -53.95 8.31 27.67
CA TYR HA 109 -53.72 8.11 29.09
C TYR HA 109 -52.81 6.91 29.27
N ILE HA 110 -51.71 7.11 29.98
CA ILE HA 110 -50.67 6.09 30.14
C ILE HA 110 -50.55 5.76 31.61
N PRO HA 111 -50.52 4.49 32.00
CA PRO HA 111 -50.27 4.14 33.40
C PRO HA 111 -48.88 4.60 33.81
N TYR HA 112 -48.81 5.62 34.66
CA TYR HA 112 -47.55 6.27 34.99
C TYR HA 112 -47.28 6.11 36.47
N SER HA 113 -46.02 6.30 36.84
CA SER HA 113 -45.63 6.30 38.25
C SER HA 113 -44.49 7.28 38.46
N SER HA 114 -44.48 7.94 39.61
CA SER HA 114 -43.32 8.73 39.98
C SER HA 114 -42.11 7.80 40.12
N PRO HA 115 -40.92 8.26 39.76
CA PRO HA 115 -39.78 7.32 39.65
C PRO HA 115 -39.39 6.66 40.95
N ASP HA 116 -39.75 7.25 42.10
CA ASP HA 116 -39.36 6.73 43.42
C ASP HA 116 -37.85 6.49 43.47
N ALA HA 117 -37.13 7.61 43.36
CA ALA HA 117 -35.71 7.60 43.03
C ALA HA 117 -34.81 7.22 44.20
N ARG HA 118 -35.38 6.61 45.23
CA ARG HA 118 -34.54 6.13 46.33
C ARG HA 118 -33.68 4.95 45.88
N ASN HA 119 -34.20 4.11 44.99
CA ASN HA 119 -33.46 2.96 44.49
C ASN HA 119 -33.14 3.17 43.01
N SER HA 120 -31.87 2.97 42.66
CA SER HA 120 -31.44 3.15 41.28
C SER HA 120 -31.97 2.02 40.39
N MET HA 121 -32.55 2.40 39.26
CA MET HA 121 -33.23 1.46 38.39
C MET HA 121 -32.25 0.77 37.45
N LYS HA 122 -32.61 -0.46 37.06
CA LYS HA 122 -31.83 -1.24 36.11
C LYS HA 122 -32.77 -2.14 35.31
N THR HA 123 -32.95 -1.83 34.02
CA THR HA 123 -33.95 -2.50 33.22
C THR HA 123 -33.38 -3.73 32.53
N LYS HA 124 -34.27 -4.64 32.14
CA LYS HA 124 -33.89 -5.90 31.51
C LYS HA 124 -34.92 -6.26 30.46
N PRO HA 125 -34.53 -6.80 29.31
CA PRO HA 125 -35.51 -7.17 28.27
C PRO HA 125 -36.31 -8.38 28.69
N VAL HA 126 -37.58 -8.42 28.29
CA VAL HA 126 -38.49 -9.48 28.67
C VAL HA 126 -39.23 -9.96 27.43
N SER HA 127 -39.54 -11.25 27.41
CA SER HA 127 -40.37 -11.82 26.36
C SER HA 127 -41.64 -12.39 26.99
N ILE HA 128 -42.63 -12.64 26.14
CA ILE HA 128 -43.98 -12.98 26.57
C ILE HA 128 -44.38 -14.38 26.13
N SER HA 129 -43.42 -15.31 26.05
CA SER HA 129 -43.77 -16.65 25.60
C SER HA 129 -44.72 -17.33 26.58
N ASP HA 130 -44.21 -17.69 27.76
CA ASP HA 130 -44.99 -17.97 28.96
C ASP HA 130 -46.34 -18.64 28.68
N ASP HA 131 -46.29 -19.85 28.10
CA ASP HA 131 -47.47 -20.47 27.49
C ASP HA 131 -48.71 -20.41 28.39
N THR HA 132 -48.54 -20.43 29.71
CA THR HA 132 -49.70 -20.33 30.59
C THR HA 132 -50.17 -18.90 30.78
N ILE HA 133 -49.27 -17.92 30.69
CA ILE HA 133 -49.66 -16.52 30.87
C ILE HA 133 -50.10 -15.88 29.56
N VAL HA 134 -49.55 -16.31 28.42
CA VAL HA 134 -50.11 -15.86 27.16
C VAL HA 134 -51.59 -16.23 27.06
N ASN HA 135 -52.02 -17.26 27.79
CA ASN HA 135 -53.42 -17.63 27.82
C ASN HA 135 -54.28 -16.50 28.39
N ASN HA 136 -54.04 -16.13 29.65
CA ASN HA 136 -54.94 -15.22 30.34
C ASN HA 136 -55.02 -13.85 29.67
N ILE HA 137 -53.99 -13.48 28.89
CA ILE HA 137 -53.99 -12.18 28.24
C ILE HA 137 -55.18 -12.04 27.29
N ILE HA 138 -55.38 -13.03 26.40
CA ILE HA 138 -56.49 -12.94 25.46
C ILE HA 138 -57.82 -12.95 26.20
N LYS HA 139 -57.84 -13.54 27.39
CA LYS HA 139 -59.06 -13.55 28.20
C LYS HA 139 -59.29 -12.23 28.90
N GLU HA 140 -58.21 -11.54 29.28
CA GLU HA 140 -58.35 -10.42 30.21
C GLU HA 140 -58.45 -9.09 29.47
N VAL HA 141 -57.67 -8.91 28.40
CA VAL HA 141 -57.67 -7.67 27.65
C VAL HA 141 -58.22 -7.86 26.24
N PHE HA 142 -57.93 -9.00 25.61
CA PHE HA 142 -58.38 -9.23 24.24
C PHE HA 142 -59.77 -9.85 24.18
N ASP HA 143 -60.52 -9.82 25.29
CA ASP HA 143 -61.92 -10.20 25.30
C ASP HA 143 -62.81 -9.16 25.98
N LYS HA 144 -62.28 -8.41 26.94
CA LYS HA 144 -62.99 -7.28 27.51
C LYS HA 144 -63.05 -6.10 26.55
N ILE HA 145 -62.21 -6.08 25.52
CA ILE HA 145 -62.22 -5.02 24.53
C ILE HA 145 -62.76 -5.57 23.23
N TYR HA 146 -62.19 -6.69 22.78
CA TYR HA 146 -62.64 -7.37 21.57
C TYR HA 146 -63.11 -8.76 21.97
N ASN HA 147 -64.37 -8.87 22.39
CA ASN HA 147 -64.90 -10.17 22.75
C ASN HA 147 -64.99 -11.09 21.54
N ILE HA 148 -64.80 -10.53 20.34
CA ILE HA 148 -64.79 -11.31 19.11
C ILE HA 148 -63.58 -12.24 19.00
N THR HA 149 -62.68 -12.22 19.98
CA THR HA 149 -61.54 -13.14 19.96
C THR HA 149 -62.01 -14.59 19.94
N GLN HA 150 -63.26 -14.84 20.30
CA GLN HA 150 -63.87 -16.16 20.16
C GLN HA 150 -65.15 -16.11 19.33
N LYS HA 151 -65.78 -14.95 19.21
CA LYS HA 151 -66.98 -14.76 18.40
C LYS HA 151 -66.67 -14.48 16.94
N GLU HA 152 -65.40 -14.50 16.55
CA GLU HA 152 -64.96 -14.07 15.23
C GLU HA 152 -63.77 -14.92 14.85
N LYS HA 153 -62.85 -14.42 14.03
CA LYS HA 153 -62.02 -15.25 13.16
C LYS HA 153 -61.21 -16.24 13.97
N VAL HA 154 -61.71 -17.48 13.99
CA VAL HA 154 -61.26 -18.52 14.92
C VAL HA 154 -59.79 -18.84 14.75
N LYS HA 155 -59.12 -18.24 13.77
CA LYS HA 155 -57.67 -18.38 13.65
C LYS HA 155 -57.05 -17.66 14.84
N ILE HA 156 -57.21 -18.24 16.02
CA ILE HA 156 -56.75 -17.65 17.26
C ILE HA 156 -55.30 -18.02 17.54
N GLU HA 157 -54.91 -19.26 17.21
CA GLU HA 157 -53.50 -19.64 17.22
C GLU HA 157 -52.65 -18.60 16.52
N LYS HA 158 -53.19 -17.97 15.47
CA LYS HA 158 -52.53 -16.84 14.84
C LYS HA 158 -52.25 -15.72 15.83
N VAL HA 159 -53.28 -15.25 16.53
CA VAL HA 159 -53.08 -14.19 17.51
C VAL HA 159 -52.51 -14.75 18.80
N LYS HA 160 -52.81 -16.01 19.13
CA LYS HA 160 -52.29 -16.60 20.35
C LYS HA 160 -50.77 -16.73 20.34
N GLU HA 161 -50.15 -16.81 19.17
CA GLU HA 161 -48.72 -17.05 19.10
C GLU HA 161 -47.93 -15.77 18.81
N ASP HA 162 -48.46 -14.89 17.95
CA ASP HA 162 -47.73 -13.67 17.63
C ASP HA 162 -47.71 -12.67 18.78
N ILE HA 163 -48.46 -12.91 19.86
CA ILE HA 163 -48.39 -12.02 21.01
C ILE HA 163 -47.00 -12.03 21.62
N LYS HA 164 -46.39 -13.22 21.72
CA LYS HA 164 -45.05 -13.29 22.28
C LYS HA 164 -44.00 -12.83 21.27
N GLU HA 165 -44.36 -12.77 20.00
CA GLU HA 165 -43.45 -12.35 18.94
C GLU HA 165 -43.54 -10.86 18.66
N LEU HA 166 -44.65 -10.21 19.03
CA LEU HA 166 -44.87 -8.80 18.73
C LEU HA 166 -44.64 -7.94 19.95
N PHE HA 167 -45.23 -8.27 21.09
CA PHE HA 167 -45.11 -7.43 22.27
C PHE HA 167 -43.82 -7.74 23.00
N SER HA 168 -43.26 -6.72 23.62
CA SER HA 168 -42.05 -6.83 24.43
C SER HA 168 -41.92 -5.53 25.21
N TYR HA 169 -40.97 -5.51 26.14
CA TYR HA 169 -40.80 -4.34 27.00
C TYR HA 169 -39.55 -4.48 27.85
N TYR HA 170 -39.28 -3.47 28.67
CA TYR HA 170 -38.20 -3.51 29.65
C TYR HA 170 -38.81 -3.45 31.03
N ALA HA 171 -38.35 -4.33 31.92
CA ALA HA 171 -38.83 -4.40 33.28
C ALA HA 171 -37.74 -3.99 34.25
N LEU HA 172 -38.14 -3.35 35.35
CA LEU HA 172 -37.17 -2.89 36.34
C LEU HA 172 -36.53 -4.03 37.12
N GLU HA 173 -37.30 -5.06 37.46
CA GLU HA 173 -36.78 -6.27 38.10
C GLU HA 173 -35.97 -5.95 39.36
N GLN HA 174 -36.66 -5.37 40.33
CA GLN HA 174 -36.05 -5.05 41.62
C GLN HA 174 -37.02 -5.28 42.77
N SER IA 2 79.65 -53.86 19.32
CA SER IA 2 78.23 -53.81 19.66
C SER IA 2 77.80 -55.05 20.42
N THR IA 3 76.56 -55.03 20.91
CA THR IA 3 75.99 -56.18 21.61
C THR IA 3 74.57 -56.36 21.10
N GLN IA 4 74.12 -57.61 21.03
CA GLN IA 4 72.80 -57.94 20.49
C GLN IA 4 71.79 -57.98 21.63
N ARG IA 5 70.73 -57.19 21.49
CA ARG IA 5 69.56 -57.29 22.36
C ARG IA 5 68.34 -57.44 21.46
N GLU IA 6 67.67 -58.58 21.56
CA GLU IA 6 66.62 -58.93 20.62
C GLU IA 6 65.26 -58.57 21.20
N TYR IA 7 64.27 -58.46 20.32
CA TYR IA 7 62.96 -57.90 20.63
C TYR IA 7 61.93 -59.01 20.66
N VAL IA 8 61.20 -59.10 21.76
CA VAL IA 8 60.04 -59.98 21.89
C VAL IA 8 58.89 -59.13 22.39
N PHE IA 9 57.76 -59.18 21.69
CA PHE IA 9 56.64 -58.33 22.05
C PHE IA 9 55.68 -59.05 22.99
N ILE IA 10 54.74 -58.27 23.54
CA ILE IA 10 53.96 -58.71 24.69
C ILE IA 10 52.47 -58.59 24.39
N PRO IA 11 51.87 -59.60 23.76
CA PRO IA 11 50.40 -59.63 23.65
C PRO IA 11 49.74 -60.50 24.71
N ILE IA 12 48.42 -60.54 24.69
CA ILE IA 12 47.65 -61.50 25.49
C ILE IA 12 47.59 -62.78 24.66
N THR IA 13 48.67 -63.56 24.74
CA THR IA 13 48.87 -64.66 23.80
C THR IA 13 49.62 -65.79 24.48
N ASN IA 14 49.32 -67.02 24.04
CA ASN IA 14 49.91 -68.25 24.54
C ASN IA 14 51.36 -68.44 24.07
N SER IA 15 51.57 -68.52 22.76
CA SER IA 15 52.85 -68.93 22.19
C SER IA 15 53.96 -67.89 22.36
N ILE IA 16 53.67 -66.71 22.92
CA ILE IA 16 54.70 -65.67 23.02
C ILE IA 16 55.24 -65.56 24.43
N THR IA 17 55.25 -66.65 25.19
CA THR IA 17 55.77 -66.63 26.55
C THR IA 17 57.26 -66.29 26.57
N ILE IA 18 58.10 -67.14 26.00
CA ILE IA 18 59.51 -66.78 25.82
C ILE IA 18 59.91 -66.96 24.36
N ASP IA 19 59.79 -68.19 23.85
CA ASP IA 19 60.13 -68.54 22.46
C ASP IA 19 61.59 -68.26 22.13
N VAL IA 20 62.41 -67.95 23.15
CA VAL IA 20 63.80 -67.59 22.96
C VAL IA 20 64.68 -68.54 23.77
N LYS IA 21 65.85 -68.86 23.21
CA LYS IA 21 66.78 -69.80 23.83
C LYS IA 21 67.89 -69.10 24.59
N ILE IA 22 67.60 -67.93 25.17
CA ILE IA 22 68.63 -67.14 25.83
C ILE IA 22 68.01 -66.24 26.90
N THR IA 23 68.88 -65.71 27.76
CA THR IA 23 68.55 -64.68 28.74
C THR IA 23 69.68 -63.67 28.69
N ILE IA 24 69.78 -62.82 29.72
CA ILE IA 24 70.73 -61.72 29.78
C ILE IA 24 72.12 -62.11 29.32
N GLY IA 25 72.60 -63.29 29.73
CA GLY IA 25 73.96 -63.69 29.41
C GLY IA 25 75.00 -62.94 30.22
N GLY IA 26 74.97 -61.62 30.14
CA GLY IA 26 75.85 -60.75 30.90
C GLY IA 26 75.12 -59.94 31.95
N SER IA 27 75.42 -58.65 32.00
CA SER IA 27 74.80 -57.73 32.96
C SER IA 27 74.40 -56.43 32.25
N ASP IA 28 73.76 -56.56 31.10
CA ASP IA 28 73.35 -55.42 30.31
C ASP IA 28 71.89 -55.55 29.91
N HIS IA 29 71.22 -54.40 29.78
CA HIS IA 29 69.83 -54.36 29.37
C HIS IA 29 69.50 -52.96 28.88
N ILE IA 30 68.40 -52.88 28.13
CA ILE IA 30 67.74 -51.62 27.82
C ILE IA 30 66.42 -51.50 28.56
N THR IA 31 65.53 -52.47 28.38
CA THR IA 31 64.34 -52.54 29.22
C THR IA 31 64.75 -52.91 30.65
N ASN IA 32 64.22 -52.18 31.62
CA ASN IA 32 64.53 -52.42 33.02
C ASN IA 32 63.30 -52.11 33.87
N ILE IA 33 63.39 -52.51 35.14
CA ILE IA 33 62.33 -52.27 36.12
C ILE IA 33 63.00 -51.95 37.44
N ASP IA 34 62.82 -50.72 37.93
CA ASP IA 34 63.45 -50.32 39.19
C ASP IA 34 62.61 -49.21 39.84
N GLU IA 35 61.77 -49.61 40.80
CA GLU IA 35 60.99 -48.74 41.69
C GLU IA 35 60.22 -47.66 40.94
N ARG IA 36 60.10 -47.85 39.63
CA ARG IA 36 59.33 -46.92 38.81
C ARG IA 36 58.49 -47.68 37.80
N GLY IA 37 58.82 -48.95 37.60
CA GLY IA 37 58.21 -49.74 36.56
C GLY IA 37 59.11 -49.89 35.34
N ILE IA 38 58.51 -50.41 34.27
CA ILE IA 38 59.26 -50.68 33.05
C ILE IA 38 59.76 -49.39 32.42
N HIS IA 39 60.92 -49.46 31.77
CA HIS IA 39 61.56 -48.29 31.21
C HIS IA 39 62.19 -48.63 29.86
N ASN IA 40 62.30 -47.60 29.00
CA ASN IA 40 62.94 -47.71 27.70
C ASN IA 40 62.34 -48.84 26.86
N VAL IA 41 61.03 -48.79 26.65
CA VAL IA 41 60.36 -49.80 25.83
C VAL IA 41 60.42 -49.40 24.37
N LEU IA 42 60.82 -50.33 23.52
CA LEU IA 42 60.84 -50.07 22.08
C LEU IA 42 59.46 -50.31 21.48
N VAL IA 43 59.05 -49.39 20.62
CA VAL IA 43 57.80 -49.51 19.87
C VAL IA 43 58.15 -49.48 18.39
N ILE IA 44 57.71 -50.49 17.66
CA ILE IA 44 57.98 -50.58 16.23
C ILE IA 44 56.69 -50.29 15.48
N THR IA 45 56.66 -49.18 14.77
CA THR IA 45 55.47 -48.74 14.05
C THR IA 45 55.51 -49.24 12.62
N GLY IA 46 54.34 -49.40 12.01
CA GLY IA 46 54.23 -49.96 10.69
C GLY IA 46 54.23 -51.47 10.62
N TYR IA 47 53.90 -52.14 11.74
CA TYR IA 47 53.88 -53.59 11.80
C TYR IA 47 52.73 -54.04 12.69
N ALA IA 48 52.32 -55.29 12.54
CA ALA IA 48 51.20 -55.84 13.28
C ALA IA 48 51.56 -57.20 13.86
N VAL IA 49 50.60 -57.79 14.56
CA VAL IA 49 50.77 -59.06 15.24
C VAL IA 49 49.66 -60.01 14.82
N ASP IA 50 50.03 -61.23 14.43
CA ASP IA 50 49.09 -62.32 14.24
C ASP IA 50 49.43 -63.40 15.27
N GLU IA 51 48.57 -63.55 16.28
CA GLU IA 51 48.91 -64.38 17.43
C GLU IA 51 49.10 -65.85 17.06
N LYS IA 52 48.68 -66.25 15.88
CA LYS IA 52 49.03 -67.57 15.37
C LYS IA 52 50.50 -67.56 14.98
N ASN IA 53 51.35 -68.04 15.90
CA ASN IA 53 52.79 -67.81 15.83
C ASN IA 53 53.08 -66.31 15.76
N GLY IA 54 52.79 -65.66 16.88
CA GLY IA 54 52.95 -64.22 17.03
C GLY IA 54 54.23 -63.68 16.41
N ARG IA 55 54.08 -62.79 15.43
CA ARG IA 55 55.19 -62.35 14.63
C ARG IA 55 54.84 -61.01 14.00
N LEU IA 56 55.87 -60.20 13.77
CA LEU IA 56 55.68 -58.87 13.19
C LEU IA 56 55.53 -59.00 11.69
N VAL IA 57 54.36 -58.65 11.18
CA VAL IA 57 54.05 -58.73 9.75
C VAL IA 57 54.17 -57.34 9.16
N PRO IA 58 54.97 -57.14 8.12
CA PRO IA 58 55.22 -55.79 7.60
C PRO IA 58 54.00 -55.23 6.88
N THR IA 59 53.30 -54.33 7.54
CA THR IA 59 52.29 -53.53 6.87
C THR IA 59 52.89 -52.20 6.47
N LEU IA 60 52.12 -51.36 5.78
CA LEU IA 60 52.60 -50.08 5.32
C LEU IA 60 51.79 -48.92 5.89
N ASP IA 61 51.04 -49.15 6.96
CA ASP IA 61 50.24 -48.10 7.57
C ASP IA 61 50.98 -47.52 8.75
N PRO IA 62 51.24 -46.21 8.78
CA PRO IA 62 51.88 -45.62 9.97
C PRO IA 62 50.99 -45.66 11.21
N CYS IA 63 49.79 -46.24 11.12
CA CYS IA 63 48.93 -46.33 12.30
C CYS IA 63 49.17 -47.60 13.09
N ASP IA 64 49.75 -48.63 12.46
CA ASP IA 64 49.93 -49.91 13.13
C ASP IA 64 51.28 -49.94 13.82
N TYR IA 65 51.31 -50.50 15.03
CA TYR IA 65 52.53 -50.51 15.83
C TYR IA 65 52.47 -51.66 16.81
N VAL IA 66 53.64 -51.99 17.36
CA VAL IA 66 53.78 -53.11 18.28
C VAL IA 66 54.66 -52.65 19.44
N LYS IA 67 54.17 -52.83 20.66
CA LYS IA 67 54.94 -52.51 21.86
C LYS IA 67 55.58 -53.77 22.42
N GLY IA 68 56.90 -53.76 22.59
CA GLY IA 68 57.60 -54.88 23.18
C GLY IA 68 58.95 -54.45 23.70
N ILE IA 69 59.61 -55.38 24.38
CA ILE IA 69 60.87 -55.09 25.06
C ILE IA 69 62.04 -55.53 24.19
N LEU IA 70 63.19 -54.89 24.41
CA LEU IA 70 64.46 -55.32 23.82
C LEU IA 70 65.23 -56.05 24.92
N VAL IA 71 65.08 -57.36 24.96
CA VAL IA 71 65.81 -58.15 25.94
C VAL IA 71 67.20 -58.44 25.38
N ALA IA 72 68.19 -58.31 26.26
CA ALA IA 72 69.56 -58.60 25.88
C ALA IA 72 69.73 -60.11 25.66
N GLY IA 73 70.05 -60.48 24.43
CA GLY IA 73 70.21 -61.88 24.12
C GLY IA 73 70.29 -62.13 22.63
N THR IA 74 70.45 -63.40 22.29
CA THR IA 74 70.61 -63.88 20.92
C THR IA 74 69.26 -63.98 20.22
N PRO IA 75 69.26 -64.06 18.89
CA PRO IA 75 68.02 -64.40 18.17
C PRO IA 75 67.68 -65.88 18.27
N GLN IA 76 67.67 -66.40 19.49
CA GLN IA 76 67.20 -67.76 19.81
C GLN IA 76 68.14 -68.84 19.30
N GLN IA 77 69.19 -68.45 18.57
CA GLN IA 77 70.25 -69.36 18.13
C GLN IA 77 69.77 -70.60 17.37
N ALA IA 78 68.52 -70.62 16.89
CA ALA IA 78 68.02 -71.80 16.24
C ALA IA 78 67.59 -71.58 14.80
N GLN IA 79 66.69 -70.63 14.55
CA GLN IA 79 66.06 -70.52 13.23
C GLN IA 79 66.86 -69.62 12.30
N SER IA 80 67.19 -68.42 12.76
CA SER IA 80 68.00 -67.45 12.00
C SER IA 80 67.37 -67.04 10.68
N ASN IA 81 66.07 -67.29 10.48
CA ASN IA 81 65.40 -66.90 9.25
C ASN IA 81 64.15 -66.08 9.51
N ASP IA 82 63.43 -66.41 10.59
CA ASP IA 82 62.19 -65.72 10.95
C ASP IA 82 62.42 -64.51 11.84
N PHE IA 83 63.65 -64.01 11.91
CA PHE IA 83 63.96 -62.83 12.70
C PHE IA 83 64.67 -61.82 11.82
N LEU IA 84 64.19 -60.58 11.84
CA LEU IA 84 64.74 -59.54 11.00
C LEU IA 84 65.96 -58.92 11.69
N THR IA 85 67.09 -58.92 10.99
CA THR IA 85 68.36 -58.49 11.54
C THR IA 85 68.49 -56.98 11.37
N LEU IA 86 68.83 -56.29 12.46
CA LEU IA 86 68.98 -54.84 12.43
C LEU IA 86 70.25 -54.45 13.17
N LYS IA 87 71.08 -53.63 12.52
CA LYS IA 87 72.21 -53.00 13.18
C LYS IA 87 71.92 -51.51 13.24
N LEU IA 88 71.37 -51.06 14.36
CA LEU IA 88 70.80 -49.73 14.45
C LEU IA 88 71.48 -48.90 15.53
N PRO IA 89 71.68 -47.61 15.29
CA PRO IA 89 72.19 -46.73 16.34
C PRO IA 89 71.10 -46.39 17.35
N ALA IA 90 71.46 -45.51 18.29
CA ALA IA 90 70.51 -45.09 19.31
C ALA IA 90 69.60 -43.97 18.81
N ASN IA 91 70.11 -43.14 17.90
CA ASN IA 91 69.36 -41.97 17.44
C ASN IA 91 68.18 -42.33 16.55
N LYS IA 92 67.91 -43.61 16.33
CA LYS IA 92 66.82 -44.02 15.45
C LYS IA 92 65.72 -44.78 16.17
N LEU IA 93 66.01 -45.39 17.31
CA LEU IA 93 65.01 -46.22 17.97
C LEU IA 93 64.00 -45.37 18.72
N TYR IA 94 62.73 -45.72 18.55
CA TYR IA 94 61.61 -45.03 19.17
C TYR IA 94 61.32 -45.72 20.50
N LEU IA 95 61.83 -45.13 21.57
CA LEU IA 95 61.70 -45.71 22.90
C LEU IA 95 60.63 -44.97 23.70
N ILE IA 96 60.07 -45.67 24.69
CA ILE IA 96 58.97 -45.15 25.49
C ILE IA 96 59.37 -45.21 26.96
N ARG IA 97 59.13 -44.11 27.66
CA ARG IA 97 59.42 -43.99 29.09
C ARG IA 97 60.91 -44.23 29.34
N LYS IA 98 61.73 -43.42 28.68
CA LYS IA 98 63.17 -43.64 28.67
C LYS IA 98 63.79 -43.18 29.99
N LYS IA 99 64.82 -43.93 30.42
CA LYS IA 99 65.58 -43.60 31.61
C LYS IA 99 67.05 -43.34 31.31
N GLY IA 100 67.71 -44.26 30.61
CA GLY IA 100 69.14 -44.14 30.38
C GLY IA 100 69.46 -44.21 28.91
N ASN IA 101 70.50 -43.49 28.51
CA ASN IA 101 70.91 -43.44 27.12
C ASN IA 101 71.45 -44.80 26.67
N ILE IA 102 71.67 -44.93 25.36
CA ILE IA 102 71.90 -46.23 24.75
C ILE IA 102 73.34 -46.28 24.22
N SER IA 103 73.77 -47.47 23.79
CA SER IA 103 75.14 -47.68 23.35
C SER IA 103 75.43 -47.14 21.96
N ASP IA 104 74.52 -46.34 21.38
CA ASP IA 104 74.72 -45.61 20.13
C ASP IA 104 74.88 -46.49 18.91
N ASP IA 105 74.89 -47.81 19.07
CA ASP IA 105 74.82 -48.74 17.94
C ASP IA 105 74.52 -50.11 18.51
N LEU IA 106 73.48 -50.77 18.00
CA LEU IA 106 73.02 -52.02 18.57
C LEU IA 106 72.58 -52.97 17.47
N LYS IA 107 72.44 -54.24 17.83
CA LYS IA 107 71.98 -55.29 16.92
C LYS IA 107 70.61 -55.73 17.40
N ILE IA 108 69.61 -55.60 16.53
CA ILE IA 108 68.22 -55.90 16.87
C ILE IA 108 67.78 -57.14 16.12
N TYR IA 109 67.02 -58.00 16.79
CA TYR IA 109 66.40 -59.17 16.18
C TYR IA 109 64.93 -59.17 16.54
N ILE IA 110 64.07 -58.99 15.54
CA ILE IA 110 62.64 -58.86 15.77
C ILE IA 110 61.93 -60.02 15.06
N PRO IA 111 60.89 -60.60 15.65
CA PRO IA 111 60.21 -61.72 15.00
C PRO IA 111 59.53 -61.29 13.72
N TYR IA 112 60.09 -61.69 12.58
CA TYR IA 112 59.66 -61.22 11.28
C TYR IA 112 59.12 -62.38 10.45
N SER IA 113 57.92 -62.19 9.90
CA SER IA 113 57.31 -63.17 9.02
C SER IA 113 57.14 -62.58 7.63
N SER IA 114 56.76 -63.43 6.69
CA SER IA 114 56.39 -62.95 5.38
C SER IA 114 55.06 -62.21 5.46
N PRO IA 115 54.81 -61.27 4.56
CA PRO IA 115 53.56 -60.48 4.66
C PRO IA 115 52.30 -61.31 4.54
N ASP IA 116 52.39 -62.55 4.07
CA ASP IA 116 51.25 -63.47 4.01
C ASP IA 116 50.11 -62.88 3.17
N ALA IA 117 50.38 -62.81 1.87
CA ALA IA 117 49.50 -62.16 0.91
C ALA IA 117 48.15 -62.87 0.76
N ARG IA 118 47.89 -63.89 1.59
CA ARG IA 118 46.65 -64.63 1.50
C ARG IA 118 45.43 -63.71 1.60
N ASN IA 119 45.29 -63.04 2.73
CA ASN IA 119 44.13 -62.19 3.00
C ASN IA 119 44.54 -60.74 3.13
N SER IA 120 43.56 -59.84 2.99
CA SER IA 120 43.81 -58.43 3.20
C SER IA 120 44.12 -58.16 4.67
N MET IA 121 45.02 -57.21 4.91
CA MET IA 121 45.41 -56.88 6.27
C MET IA 121 44.37 -55.99 6.94
N LYS IA 122 44.17 -56.21 8.23
CA LYS IA 122 43.29 -55.37 9.03
C LYS IA 122 43.67 -55.51 10.50
N THR IA 123 43.95 -54.39 11.15
CA THR IA 123 44.58 -54.38 12.46
C THR IA 123 43.65 -53.79 13.51
N LYS IA 124 43.68 -54.36 14.71
CA LYS IA 124 42.77 -53.97 15.78
C LYS IA 124 43.56 -53.53 17.01
N PRO IA 125 43.22 -52.41 17.63
CA PRO IA 125 43.93 -51.98 18.84
C PRO IA 125 43.58 -52.84 20.03
N VAL IA 126 44.53 -53.65 20.48
CA VAL IA 126 44.30 -54.63 21.53
C VAL IA 126 45.13 -54.22 22.74
N SER IA 127 44.49 -54.18 23.90
CA SER IA 127 45.19 -53.85 25.15
C SER IA 127 45.48 -55.12 25.93
N ILE IA 128 46.18 -54.96 27.05
CA ILE IA 128 46.65 -56.08 27.85
C ILE IA 128 46.14 -55.96 29.28
N SER IA 129 44.97 -55.35 29.47
CA SER IA 129 44.45 -55.19 30.82
C SER IA 129 44.17 -56.54 31.47
N ASP IA 130 43.13 -57.22 31.00
CA ASP IA 130 42.99 -58.68 31.06
C ASP IA 130 43.56 -59.32 32.31
N ASP IA 131 43.02 -58.97 33.48
CA ASP IA 131 43.57 -59.41 34.76
C ASP IA 131 43.92 -60.90 34.78
N THR IA 132 43.10 -61.74 34.15
CA THR IA 132 43.41 -63.16 34.11
C THR IA 132 44.64 -63.45 33.27
N ILE IA 133 45.04 -62.53 32.39
CA ILE IA 133 46.19 -62.74 31.52
C ILE IA 133 47.42 -61.95 31.97
N VAL IA 134 47.25 -60.90 32.76
CA VAL IA 134 48.40 -60.07 33.15
C VAL IA 134 49.36 -60.89 34.02
N ASN IA 135 48.83 -61.65 34.98
CA ASN IA 135 49.69 -62.46 35.83
C ASN IA 135 50.29 -63.63 35.07
N ASN IA 136 49.60 -64.13 34.05
CA ASN IA 136 50.21 -65.13 33.17
C ASN IA 136 51.52 -64.61 32.58
N ILE IA 137 51.42 -63.53 31.80
CA ILE IA 137 52.61 -62.92 31.19
C ILE IA 137 53.66 -62.57 32.24
N ILE IA 138 53.24 -62.15 33.43
CA ILE IA 138 54.19 -61.78 34.46
C ILE IA 138 55.02 -62.99 34.89
N LYS IA 139 54.35 -64.10 35.18
CA LYS IA 139 55.10 -65.30 35.55
C LYS IA 139 55.51 -66.09 34.30
N GLU IA 140 55.06 -65.66 33.13
CA GLU IA 140 55.61 -66.19 31.88
C GLU IA 140 56.91 -65.46 31.52
N VAL IA 141 56.87 -64.13 31.50
CA VAL IA 141 57.97 -63.37 30.93
C VAL IA 141 58.83 -62.74 32.02
N PHE IA 142 58.25 -61.82 32.79
CA PHE IA 142 59.05 -61.02 33.72
C PHE IA 142 59.51 -61.81 34.93
N ASP IA 143 58.85 -62.92 35.26
CA ASP IA 143 59.42 -63.87 36.21
C ASP IA 143 60.62 -64.56 35.59
N LYS IA 144 60.50 -64.95 34.32
CA LYS IA 144 61.59 -65.62 33.61
C LYS IA 144 62.75 -64.67 33.33
N ILE IA 145 62.44 -63.51 32.73
CA ILE IA 145 63.50 -62.61 32.26
C ILE IA 145 64.21 -61.96 33.44
N TYR IA 146 63.48 -61.13 34.18
CA TYR IA 146 64.03 -60.48 35.37
C TYR IA 146 63.56 -61.31 36.57
N ASN IA 147 64.34 -62.33 36.92
CA ASN IA 147 63.86 -63.27 37.93
C ASN IA 147 63.81 -62.63 39.30
N ILE IA 148 64.48 -61.51 39.49
CA ILE IA 148 64.62 -60.92 40.82
C ILE IA 148 63.65 -59.75 40.94
N THR IA 149 63.12 -59.31 39.79
CA THR IA 149 62.12 -58.25 39.78
C THR IA 149 60.79 -58.70 40.40
N GLN IA 150 60.65 -59.98 40.72
CA GLN IA 150 59.46 -60.48 41.38
C GLN IA 150 59.78 -61.06 42.75
N LYS IA 151 61.02 -60.89 43.23
CA LYS IA 151 61.39 -61.52 44.49
C LYS IA 151 61.72 -60.54 45.62
N GLU IA 152 62.77 -59.73 45.46
CA GLU IA 152 63.13 -58.78 46.52
C GLU IA 152 63.70 -57.47 45.95
N LYS IA 153 63.46 -57.18 44.67
CA LYS IA 153 64.07 -55.97 44.12
C LYS IA 153 63.06 -54.85 43.91
N VAL IA 154 62.02 -55.11 43.13
CA VAL IA 154 61.01 -54.09 42.89
C VAL IA 154 59.68 -54.54 43.47
N LYS IA 155 58.75 -53.61 43.56
CA LYS IA 155 57.42 -53.95 44.05
C LYS IA 155 56.75 -54.94 43.10
N ILE IA 156 55.82 -55.71 43.66
CA ILE IA 156 55.13 -56.75 42.91
C ILE IA 156 53.69 -56.30 42.67
N GLU IA 157 53.50 -54.98 42.60
CA GLU IA 157 52.15 -54.45 42.41
C GLU IA 157 52.04 -53.50 41.21
N LYS IA 158 53.06 -52.66 40.99
CA LYS IA 158 52.93 -51.67 39.93
C LYS IA 158 53.29 -52.26 38.57
N VAL IA 159 54.16 -53.28 38.55
CA VAL IA 159 54.43 -53.96 37.29
C VAL IA 159 53.20 -54.71 36.82
N LYS IA 160 52.38 -55.18 37.76
CA LYS IA 160 51.08 -55.71 37.40
C LYS IA 160 50.26 -54.66 36.66
N GLU IA 161 50.34 -53.41 37.11
CA GLU IA 161 49.62 -52.33 36.44
C GLU IA 161 50.37 -51.84 35.21
N ASP IA 162 51.71 -51.83 35.27
CA ASP IA 162 52.49 -51.16 34.25
C ASP IA 162 52.38 -51.82 32.88
N ILE IA 163 52.25 -53.13 32.80
CA ILE IA 163 52.12 -53.74 31.48
C ILE IA 163 50.72 -53.51 30.94
N LYS IA 164 49.72 -53.47 31.82
CA LYS IA 164 48.41 -52.96 31.43
C LYS IA 164 48.47 -51.49 31.00
N GLU IA 165 49.52 -50.76 31.36
CA GLU IA 165 49.66 -49.35 31.04
C GLU IA 165 50.22 -49.08 29.66
N LEU IA 166 51.38 -49.64 29.32
CA LEU IA 166 52.09 -49.25 28.11
C LEU IA 166 51.76 -50.16 26.93
N PHE IA 167 51.94 -51.47 27.10
CA PHE IA 167 51.90 -52.40 25.98
C PHE IA 167 50.53 -52.40 25.32
N SER IA 168 50.50 -51.96 24.06
CA SER IA 168 49.28 -51.88 23.27
C SER IA 168 49.67 -52.24 21.83
N TYR IA 169 49.52 -53.50 21.48
CA TYR IA 169 49.89 -53.96 20.15
C TYR IA 169 48.66 -53.92 19.23
N TYR IA 170 48.92 -54.13 17.95
CA TYR IA 170 47.85 -54.25 16.96
C TYR IA 170 47.76 -55.68 16.47
N ALA IA 171 46.56 -56.25 16.54
CA ALA IA 171 46.30 -57.62 16.15
C ALA IA 171 45.39 -57.64 14.94
N LEU IA 172 45.46 -58.74 14.19
CA LEU IA 172 44.71 -58.86 12.94
C LEU IA 172 43.36 -59.54 13.11
N GLU IA 173 43.06 -60.04 14.31
CA GLU IA 173 41.88 -60.87 14.55
C GLU IA 173 41.77 -62.00 13.53
N GLN IA 174 42.88 -62.71 13.37
CA GLN IA 174 42.96 -63.84 12.46
C GLN IA 174 43.70 -64.99 13.12
N SER JA 2 42.29 -60.99 -7.83
CA SER JA 2 42.62 -59.69 -7.25
C SER JA 2 43.48 -58.86 -8.19
N THR JA 3 43.33 -57.53 -8.10
CA THR JA 3 44.07 -56.59 -8.93
C THR JA 3 45.51 -56.52 -8.46
N GLN JA 4 46.41 -56.29 -9.41
CA GLN JA 4 47.84 -56.22 -9.13
C GLN JA 4 48.39 -54.83 -9.42
N ARG JA 5 49.01 -54.23 -8.41
CA ARG JA 5 49.66 -52.94 -8.51
C ARG JA 5 51.01 -53.03 -7.79
N GLU JA 6 51.90 -52.08 -8.06
CA GLU JA 6 53.12 -51.97 -7.27
C GLU JA 6 53.63 -50.54 -7.24
N TYR JA 7 54.66 -50.32 -6.43
CA TYR JA 7 55.06 -48.99 -5.97
C TYR JA 7 56.47 -48.68 -6.42
N VAL JA 8 56.60 -47.79 -7.40
CA VAL JA 8 57.90 -47.34 -7.89
C VAL JA 8 58.19 -45.99 -7.27
N PHE JA 9 59.18 -45.95 -6.39
CA PHE JA 9 59.55 -44.71 -5.69
C PHE JA 9 60.33 -43.79 -6.61
N ILE JA 10 60.55 -42.56 -6.16
CA ILE JA 10 61.15 -41.53 -7.00
C ILE JA 10 62.38 -40.93 -6.33
N PRO JA 11 63.53 -41.62 -6.34
CA PRO JA 11 64.77 -41.00 -5.84
C PRO JA 11 65.61 -40.40 -6.94
N ILE JA 12 66.64 -39.65 -6.56
CA ILE JA 12 67.74 -39.33 -7.47
C ILE JA 12 68.76 -40.46 -7.36
N THR JA 13 68.52 -41.55 -8.10
CA THR JA 13 69.23 -42.78 -7.84
C THR JA 13 69.15 -43.64 -9.09
N ASN JA 14 70.19 -44.44 -9.32
CA ASN JA 14 70.21 -45.37 -10.44
C ASN JA 14 69.27 -46.54 -10.12
N SER JA 15 69.23 -47.54 -11.00
CA SER JA 15 68.55 -48.81 -10.73
C SER JA 15 67.04 -48.64 -10.55
N ILE JA 16 66.54 -47.44 -10.80
CA ILE JA 16 65.09 -47.23 -10.79
C ILE JA 16 64.68 -46.39 -12.00
N THR JA 17 65.44 -46.50 -13.09
CA THR JA 17 65.02 -45.96 -14.37
C THR JA 17 63.59 -46.40 -14.66
N ILE JA 18 63.39 -47.71 -14.78
CA ILE JA 18 62.06 -48.31 -14.69
C ILE JA 18 62.23 -49.74 -14.17
N ASP JA 19 61.58 -50.06 -13.06
CA ASP JA 19 61.77 -51.36 -12.40
C ASP JA 19 60.58 -52.28 -12.65
N VAL JA 20 59.39 -51.69 -12.78
CA VAL JA 20 58.12 -52.42 -12.82
C VAL JA 20 58.13 -53.50 -13.89
N LYS JA 21 58.83 -53.27 -15.00
CA LYS JA 21 58.96 -54.21 -16.11
C LYS JA 21 57.66 -54.30 -16.90
N ILE JA 22 56.59 -53.74 -16.36
CA ILE JA 22 55.27 -53.88 -16.96
C ILE JA 22 54.52 -52.55 -16.79
N THR JA 23 53.43 -52.40 -17.53
CA THR JA 23 52.63 -51.19 -17.42
C THR JA 23 51.22 -51.64 -17.06
N ILE JA 24 50.24 -50.74 -17.16
CA ILE JA 24 48.89 -50.99 -16.67
C ILE JA 24 48.40 -52.37 -17.05
N GLY JA 25 48.54 -52.74 -18.33
CA GLY JA 25 47.83 -53.88 -18.86
C GLY JA 25 46.44 -53.48 -19.26
N GLY JA 26 45.75 -52.77 -18.36
CA GLY JA 26 44.46 -52.17 -18.64
C GLY JA 26 44.52 -50.66 -18.57
N SER JA 27 43.57 -50.05 -17.87
CA SER JA 27 43.56 -48.60 -17.66
C SER JA 27 43.11 -48.26 -16.24
N ASP JA 28 43.63 -49.00 -15.26
CA ASP JA 28 43.33 -48.75 -13.85
C ASP JA 28 44.62 -48.50 -13.08
N HIS JA 29 44.64 -47.39 -12.36
CA HIS JA 29 45.84 -46.96 -11.64
C HIS JA 29 45.45 -46.53 -10.23
N ILE JA 30 46.43 -45.96 -9.53
CA ILE JA 30 46.21 -45.23 -8.29
C ILE JA 30 46.72 -43.79 -8.42
N THR JA 31 48.01 -43.63 -8.69
CA THR JA 31 48.62 -42.32 -8.88
C THR JA 31 48.14 -41.70 -10.18
N ASN JA 32 48.23 -40.37 -10.29
CA ASN JA 32 47.76 -39.67 -11.47
C ASN JA 32 48.63 -38.46 -11.78
N ILE JA 33 48.49 -37.92 -13.00
CA ILE JA 33 48.86 -36.52 -13.25
C ILE JA 33 47.64 -35.86 -13.89
N ASP JA 34 46.75 -35.34 -13.06
CA ASP JA 34 45.47 -34.82 -13.54
C ASP JA 34 45.53 -33.30 -13.67
N GLU JA 35 46.47 -32.85 -14.51
CA GLU JA 35 46.53 -31.46 -14.97
C GLU JA 35 46.69 -30.47 -13.82
N ARG JA 36 46.93 -30.97 -12.60
CA ARG JA 36 47.08 -30.09 -11.45
C ARG JA 36 48.20 -30.59 -10.55
N GLY JA 37 49.09 -31.42 -11.11
CA GLY JA 37 50.16 -32.03 -10.36
C GLY JA 37 50.02 -33.54 -10.31
N ILE JA 38 50.62 -34.12 -9.28
CA ILE JA 38 50.60 -35.56 -9.08
C ILE JA 38 49.66 -35.86 -7.92
N HIS JA 39 48.72 -36.78 -8.15
CA HIS JA 39 47.69 -37.08 -7.17
C HIS JA 39 47.85 -38.48 -6.61
N ASN JA 40 47.51 -38.61 -5.32
CA ASN JA 40 47.52 -39.89 -4.61
C ASN JA 40 48.93 -40.48 -4.54
N VAL JA 41 49.90 -39.63 -4.20
CA VAL JA 41 51.26 -40.09 -3.98
C VAL JA 41 51.32 -40.87 -2.68
N LEU JA 42 51.85 -42.09 -2.76
CA LEU JA 42 52.00 -42.94 -1.58
C LEU JA 42 53.34 -42.68 -0.91
N VAL JA 43 53.36 -42.82 0.41
CA VAL JA 43 54.54 -42.67 1.23
C VAL JA 43 54.63 -43.86 2.17
N ILE JA 44 55.83 -44.40 2.35
CA ILE JA 44 56.06 -45.51 3.26
C ILE JA 44 57.07 -45.05 4.31
N THR JA 45 56.64 -45.03 5.56
CA THR JA 45 57.52 -44.67 6.66
C THR JA 45 58.20 -45.92 7.21
N GLY JA 46 59.23 -45.70 8.01
CA GLY JA 46 60.02 -46.80 8.52
C GLY JA 46 60.77 -47.55 7.45
N TYR JA 47 61.00 -46.93 6.30
CA TYR JA 47 61.73 -47.57 5.22
C TYR JA 47 62.66 -46.56 4.59
N ALA JA 48 63.92 -46.96 4.41
CA ALA JA 48 64.94 -46.13 3.78
C ALA JA 48 65.37 -46.76 2.47
N VAL JA 49 66.05 -45.96 1.66
CA VAL JA 49 66.47 -46.38 0.32
C VAL JA 49 67.99 -46.53 0.30
N ASP JA 50 68.47 -47.43 -0.54
CA ASP JA 50 69.90 -47.65 -0.76
C ASP JA 50 70.21 -47.22 -2.18
N GLU JA 51 71.23 -46.36 -2.32
CA GLU JA 51 71.71 -45.97 -3.65
C GLU JA 51 72.03 -47.19 -4.49
N LYS JA 52 72.88 -48.06 -3.97
CA LYS JA 52 73.20 -49.33 -4.62
C LYS JA 52 71.95 -50.20 -4.76
N ASN JA 53 71.52 -50.39 -6.01
CA ASN JA 53 70.39 -51.25 -6.35
C ASN JA 53 69.14 -50.81 -5.61
N GLY JA 54 68.70 -49.60 -5.97
CA GLY JA 54 67.61 -48.89 -5.29
C GLY JA 54 66.41 -49.71 -4.89
N ARG JA 55 66.14 -49.75 -3.60
CA ARG JA 55 65.00 -50.46 -3.01
C ARG JA 55 64.87 -49.99 -1.56
N LEU JA 56 63.77 -50.34 -0.91
CA LEU JA 56 63.44 -49.85 0.41
C LEU JA 56 63.89 -50.85 1.47
N VAL JA 57 64.65 -50.38 2.44
CA VAL JA 57 65.16 -51.21 3.54
C VAL JA 57 64.37 -50.88 4.79
N PRO JA 58 63.90 -51.88 5.54
CA PRO JA 58 62.98 -51.63 6.66
C PRO JA 58 63.68 -51.15 7.93
N THR JA 59 63.91 -49.84 8.00
CA THR JA 59 64.37 -49.23 9.24
C THR JA 59 63.27 -49.35 10.29
N LEU JA 60 63.62 -49.21 11.57
CA LEU JA 60 62.61 -49.17 12.61
C LEU JA 60 62.27 -47.74 13.06
N ASP JA 61 62.86 -46.75 12.42
CA ASP JA 61 62.64 -45.36 12.82
C ASP JA 61 61.42 -44.79 12.11
N PRO JA 62 60.41 -44.32 12.84
CA PRO JA 62 59.26 -43.70 12.17
C PRO JA 62 59.58 -42.38 11.48
N CYS JA 63 60.70 -41.74 11.81
CA CYS JA 63 61.08 -40.51 11.14
C CYS JA 63 61.49 -40.73 9.70
N ASP JA 64 62.05 -41.90 9.38
CA ASP JA 64 62.50 -42.20 8.03
C ASP JA 64 61.28 -42.56 7.17
N TYR JA 65 61.33 -42.17 5.90
CA TYR JA 65 60.25 -42.45 4.97
C TYR JA 65 60.78 -42.42 3.55
N VAL JA 66 59.93 -42.85 2.61
CA VAL JA 66 60.26 -42.85 1.19
C VAL JA 66 58.99 -42.56 0.41
N LYS JA 67 59.05 -41.58 -0.48
CA LYS JA 67 57.90 -41.15 -1.26
C LYS JA 67 58.04 -41.64 -2.69
N GLY JA 68 56.94 -42.08 -3.29
CA GLY JA 68 56.94 -42.50 -4.68
C GLY JA 68 55.56 -42.54 -5.29
N ILE JA 69 55.36 -43.37 -6.31
CA ILE JA 69 54.08 -43.47 -6.99
C ILE JA 69 53.66 -44.93 -7.07
N LEU JA 70 52.37 -45.14 -7.38
CA LEU JA 70 51.80 -46.47 -7.48
C LEU JA 70 51.47 -46.76 -8.94
N VAL JA 71 52.02 -47.86 -9.46
CA VAL JA 71 51.75 -48.31 -10.82
C VAL JA 71 51.13 -49.70 -10.77
N ALA JA 72 50.21 -49.95 -11.70
CA ALA JA 72 49.52 -51.23 -11.71
C ALA JA 72 50.31 -52.26 -12.51
N GLY JA 73 50.74 -53.32 -11.84
CA GLY JA 73 51.49 -54.37 -12.52
C GLY JA 73 52.08 -55.34 -11.51
N THR JA 74 53.16 -55.99 -11.93
CA THR JA 74 53.84 -57.00 -11.13
C THR JA 74 55.32 -56.68 -11.13
N PRO JA 75 56.09 -57.26 -10.19
CA PRO JA 75 57.54 -56.97 -10.14
C PRO JA 75 58.30 -57.36 -11.38
N GLN JA 76 59.61 -57.05 -11.37
CA GLN JA 76 60.53 -57.23 -12.49
C GLN JA 76 60.43 -58.60 -13.16
N GLN JA 77 60.03 -59.62 -12.40
CA GLN JA 77 59.98 -61.00 -12.86
C GLN JA 77 61.36 -61.44 -13.35
N ALA JA 78 62.40 -60.82 -12.80
CA ALA JA 78 63.76 -61.30 -12.99
C ALA JA 78 64.37 -61.82 -11.70
N GLN JA 79 63.96 -61.31 -10.54
CA GLN JA 79 64.30 -61.89 -9.25
C GLN JA 79 63.05 -62.33 -8.49
N SER JA 80 62.03 -61.48 -8.42
CA SER JA 80 60.68 -61.83 -7.96
C SER JA 80 60.62 -62.19 -6.48
N ASN JA 81 61.75 -62.22 -5.80
CA ASN JA 81 61.76 -62.47 -4.37
C ASN JA 81 62.00 -61.22 -3.56
N ASP JA 82 62.71 -60.24 -4.11
CA ASP JA 82 62.99 -59.00 -3.40
C ASP JA 82 61.82 -58.05 -3.48
N PHE JA 83 60.62 -58.54 -3.18
CA PHE JA 83 59.40 -57.76 -3.27
C PHE JA 83 58.43 -58.24 -2.22
N LEU JA 84 58.10 -57.38 -1.26
CA LEU JA 84 57.09 -57.69 -0.27
C LEU JA 84 55.71 -57.42 -0.88
N THR JA 85 54.95 -58.48 -1.09
CA THR JA 85 53.58 -58.38 -1.59
C THR JA 85 52.65 -58.45 -0.40
N LEU JA 86 51.58 -57.66 -0.44
CA LEU JA 86 50.68 -57.58 0.71
C LEU JA 86 49.34 -57.05 0.25
N LYS JA 87 48.29 -57.67 0.79
CA LYS JA 87 46.90 -57.30 0.51
C LYS JA 87 46.42 -56.39 1.64
N LEU JA 88 45.95 -55.20 1.28
CA LEU JA 88 45.55 -54.19 2.25
C LEU JA 88 44.38 -53.39 1.71
N PRO JA 89 43.50 -52.88 2.57
CA PRO JA 89 42.38 -52.05 2.09
C PRO JA 89 42.84 -50.68 1.63
N ALA JA 90 41.88 -49.82 1.29
CA ALA JA 90 42.23 -48.50 0.79
C ALA JA 90 42.60 -47.54 1.93
N ASN JA 91 41.81 -47.53 3.01
CA ASN JA 91 42.03 -46.56 4.06
C ASN JA 91 43.35 -46.78 4.79
N LYS JA 92 43.98 -47.93 4.58
CA LYS JA 92 45.21 -48.27 5.27
C LYS JA 92 46.43 -47.54 4.72
N LEU JA 93 46.34 -47.00 3.51
CA LEU JA 93 47.51 -46.46 2.82
C LEU JA 93 47.78 -45.02 3.25
N TYR JA 94 49.05 -44.70 3.46
CA TYR JA 94 49.49 -43.32 3.62
C TYR JA 94 49.50 -42.70 2.23
N LEU JA 95 48.60 -41.78 1.97
CA LEU JA 95 48.51 -41.17 0.65
C LEU JA 95 48.62 -39.65 0.77
N ILE JA 96 49.27 -39.06 -0.23
CA ILE JA 96 49.50 -37.62 -0.27
C ILE JA 96 48.71 -37.03 -1.43
N ARG JA 97 48.01 -35.93 -1.14
CA ARG JA 97 47.16 -35.25 -2.12
C ARG JA 97 46.11 -36.21 -2.68
N LYS JA 98 45.23 -36.67 -1.79
CA LYS JA 98 44.17 -37.58 -2.19
C LYS JA 98 43.16 -36.86 -3.07
N LYS JA 99 42.88 -37.45 -4.23
CA LYS JA 99 41.92 -36.88 -5.18
C LYS JA 99 40.64 -37.72 -5.29
N GLY JA 100 40.74 -39.04 -5.15
CA GLY JA 100 39.58 -39.88 -5.27
C GLY JA 100 39.63 -41.05 -4.30
N ASN JA 101 38.57 -41.87 -4.36
CA ASN JA 101 38.52 -43.05 -3.51
C ASN JA 101 39.26 -44.20 -4.17
N ILE JA 102 39.53 -45.24 -3.37
CA ILE JA 102 40.30 -46.39 -3.80
C ILE JA 102 39.46 -47.64 -3.60
N SER JA 103 39.87 -48.72 -4.26
CA SER JA 103 39.07 -49.93 -4.43
C SER JA 103 38.84 -50.74 -3.14
N ASP JA 104 39.48 -50.35 -2.05
CA ASP JA 104 39.41 -51.09 -0.79
C ASP JA 104 40.01 -52.49 -0.91
N ASP JA 105 40.78 -52.72 -1.97
CA ASP JA 105 41.43 -54.02 -2.18
C ASP JA 105 42.67 -53.80 -3.00
N LEU JA 106 43.84 -53.85 -2.37
CA LEU JA 106 45.08 -53.52 -3.05
C LEU JA 106 46.13 -54.58 -2.74
N LYS JA 107 46.78 -55.05 -3.80
CA LYS JA 107 47.93 -55.93 -3.69
C LYS JA 107 49.13 -55.18 -4.24
N ILE JA 108 50.04 -54.80 -3.34
CA ILE JA 108 51.14 -53.91 -3.68
C ILE JA 108 52.45 -54.66 -3.57
N TYR JA 109 53.33 -54.43 -4.54
CA TYR JA 109 54.68 -54.97 -4.54
C TYR JA 109 55.64 -53.82 -4.32
N ILE JA 110 56.55 -53.98 -3.36
CA ILE JA 110 57.46 -52.92 -2.97
C ILE JA 110 58.89 -53.41 -3.16
N PRO JA 111 59.75 -52.68 -3.84
CA PRO JA 111 61.16 -53.05 -3.92
C PRO JA 111 61.76 -53.23 -2.53
N TYR JA 112 62.25 -54.44 -2.24
CA TYR JA 112 62.63 -54.81 -0.89
C TYR JA 112 63.98 -55.51 -0.91
N SER JA 113 64.60 -55.58 0.26
CA SER JA 113 65.81 -56.35 0.45
C SER JA 113 65.99 -56.68 1.92
N SER JA 114 66.63 -57.80 2.22
CA SER JA 114 67.00 -58.07 3.60
C SER JA 114 67.89 -56.94 4.11
N PRO JA 115 67.79 -56.62 5.40
CA PRO JA 115 68.45 -55.41 5.91
C PRO JA 115 69.96 -55.36 5.68
N ASP JA 116 70.60 -56.49 5.38
CA ASP JA 116 72.04 -56.59 5.17
C ASP JA 116 72.80 -55.88 6.30
N ALA JA 117 72.73 -56.52 7.47
CA ALA JA 117 73.14 -55.91 8.72
C ALA JA 117 74.66 -55.86 8.89
N ARG JA 118 75.40 -56.08 7.80
CA ARG JA 118 76.86 -55.94 7.87
C ARG JA 118 77.25 -54.55 8.37
N ASN JA 119 76.65 -53.51 7.81
CA ASN JA 119 76.92 -52.14 8.24
C ASN JA 119 75.72 -51.60 8.99
N SER JA 120 75.98 -50.71 9.95
CA SER JA 120 74.91 -50.02 10.65
C SER JA 120 74.16 -49.10 9.70
N MET JA 121 72.90 -48.83 10.02
CA MET JA 121 72.08 -48.00 9.17
C MET JA 121 72.11 -46.55 9.64
N LYS JA 122 72.18 -45.64 8.66
CA LYS JA 122 72.12 -44.22 8.94
C LYS JA 122 71.45 -43.50 7.78
N THR JA 123 70.21 -43.10 7.97
CA THR JA 123 69.45 -42.41 6.94
C THR JA 123 69.72 -40.91 7.02
N LYS JA 124 69.51 -40.23 5.89
CA LYS JA 124 69.73 -38.79 5.83
C LYS JA 124 68.65 -38.19 4.96
N PRO JA 125 68.15 -36.99 5.26
CA PRO JA 125 67.17 -36.35 4.38
C PRO JA 125 67.76 -36.14 3.00
N VAL JA 126 66.99 -36.52 1.97
CA VAL JA 126 67.41 -36.36 0.59
C VAL JA 126 66.29 -35.67 -0.18
N SER JA 127 66.63 -34.54 -0.78
CA SER JA 127 65.75 -33.90 -1.74
C SER JA 127 66.26 -34.22 -3.14
N ILE JA 128 65.34 -34.28 -4.09
CA ILE JA 128 65.67 -34.74 -5.42
C ILE JA 128 65.61 -33.61 -6.44
N SER JA 129 65.90 -32.38 -6.01
CA SER JA 129 65.79 -31.22 -6.89
C SER JA 129 66.63 -31.39 -8.14
N ASP JA 130 67.96 -31.40 -7.98
CA ASP JA 130 68.88 -31.91 -9.01
C ASP JA 130 68.45 -31.56 -10.44
N ASP JA 131 68.47 -30.26 -10.76
CA ASP JA 131 67.80 -29.74 -11.96
C ASP JA 131 68.11 -30.55 -13.21
N THR JA 132 69.29 -31.17 -13.29
CA THR JA 132 69.58 -32.02 -14.43
C THR JA 132 68.95 -33.40 -14.30
N ILE JA 133 68.64 -33.84 -13.08
CA ILE JA 133 68.18 -35.21 -12.88
C ILE JA 133 66.67 -35.32 -13.00
N VAL JA 134 65.92 -34.25 -12.67
CA VAL JA 134 64.48 -34.24 -12.89
C VAL JA 134 64.14 -34.59 -14.34
N ASN JA 135 65.05 -34.30 -15.27
CA ASN JA 135 64.80 -34.58 -16.68
C ASN JA 135 64.84 -36.08 -16.96
N ASN JA 136 65.79 -36.79 -16.34
CA ASN JA 136 66.03 -38.16 -16.75
C ASN JA 136 64.91 -39.11 -16.33
N ILE JA 137 64.31 -38.89 -15.16
CA ILE JA 137 63.34 -39.88 -14.70
C ILE JA 137 61.97 -39.64 -15.34
N ILE JA 138 61.61 -38.39 -15.59
CA ILE JA 138 60.41 -38.12 -16.38
C ILE JA 138 60.54 -38.75 -17.76
N LYS JA 139 61.77 -38.77 -18.29
CA LYS JA 139 62.07 -39.58 -19.46
C LYS JA 139 61.84 -41.07 -19.17
N GLU JA 140 62.17 -41.50 -17.96
CA GLU JA 140 62.28 -42.93 -17.69
C GLU JA 140 60.96 -43.52 -17.19
N VAL JA 141 60.15 -42.75 -16.46
CA VAL JA 141 58.88 -43.22 -15.94
C VAL JA 141 57.71 -42.36 -16.37
N PHE JA 142 57.75 -41.05 -16.09
CA PHE JA 142 56.59 -40.21 -16.35
C PHE JA 142 56.13 -40.23 -17.80
N ASP JA 143 56.96 -40.74 -18.72
CA ASP JA 143 56.53 -41.02 -20.07
C ASP JA 143 56.42 -42.51 -20.38
N LYS JA 144 57.23 -43.34 -19.74
CA LYS JA 144 57.13 -44.79 -19.88
C LYS JA 144 55.95 -45.37 -19.12
N ILE JA 145 55.25 -44.55 -18.34
CA ILE JA 145 54.04 -44.99 -17.64
C ILE JA 145 52.87 -44.22 -18.23
N TYR JA 146 53.04 -42.92 -18.43
CA TYR JA 146 51.99 -42.05 -18.96
C TYR JA 146 52.55 -41.35 -20.19
N ASN JA 147 52.26 -41.91 -21.36
CA ASN JA 147 52.78 -41.36 -22.61
C ASN JA 147 52.30 -39.93 -22.85
N ILE JA 148 51.12 -39.57 -22.34
CA ILE JA 148 50.49 -38.29 -22.70
C ILE JA 148 51.18 -37.09 -22.07
N THR JA 149 52.08 -37.31 -21.10
CA THR JA 149 52.84 -36.19 -20.55
C THR JA 149 53.68 -35.51 -21.62
N GLN JA 150 54.42 -36.31 -22.40
CA GLN JA 150 55.22 -35.78 -23.50
C GLN JA 150 54.35 -35.69 -24.76
N LYS JA 151 53.18 -35.07 -24.59
CA LYS JA 151 52.19 -34.94 -25.64
C LYS JA 151 51.34 -33.69 -25.44
N GLU JA 152 50.15 -33.67 -26.06
CA GLU JA 152 49.32 -32.49 -26.23
C GLU JA 152 49.18 -31.58 -25.01
N LYS JA 153 49.06 -32.16 -23.81
CA LYS JA 153 48.72 -31.35 -22.64
C LYS JA 153 49.63 -31.69 -21.46
N VAL JA 154 50.36 -30.68 -20.99
CA VAL JA 154 51.10 -30.78 -19.73
C VAL JA 154 51.54 -29.37 -19.33
N LYS JA 155 51.61 -29.12 -18.02
CA LYS JA 155 52.07 -27.83 -17.51
C LYS JA 155 53.52 -27.99 -17.05
N ILE JA 156 54.46 -27.53 -17.88
CA ILE JA 156 55.88 -27.60 -17.55
C ILE JA 156 56.22 -26.80 -16.30
N GLU JA 157 55.64 -25.62 -16.12
CA GLU JA 157 55.93 -24.77 -14.98
C GLU JA 157 55.30 -25.30 -13.69
N LYS JA 158 54.58 -26.42 -13.77
CA LYS JA 158 54.04 -27.07 -12.58
C LYS JA 158 54.65 -28.45 -12.37
N VAL JA 159 54.57 -29.31 -13.38
CA VAL JA 159 54.99 -30.68 -13.21
C VAL JA 159 56.51 -30.82 -13.32
N LYS JA 160 57.16 -30.02 -14.16
CA LYS JA 160 58.60 -30.09 -14.27
C LYS JA 160 59.26 -29.32 -13.13
N GLU JA 161 58.47 -29.05 -12.09
CA GLU JA 161 58.94 -28.36 -10.88
C GLU JA 161 58.66 -29.19 -9.63
N ASP JA 162 57.49 -29.83 -9.57
CA ASP JA 162 57.01 -30.41 -8.31
C ASP JA 162 57.59 -31.78 -8.01
N ILE JA 163 58.12 -32.50 -9.01
CA ILE JA 163 58.93 -33.68 -8.71
C ILE JA 163 60.12 -33.30 -7.86
N LYS JA 164 60.72 -32.14 -8.15
CA LYS JA 164 61.78 -31.64 -7.29
C LYS JA 164 61.23 -31.13 -5.95
N GLU JA 165 59.95 -30.78 -5.91
CA GLU JA 165 59.38 -30.05 -4.79
C GLU JA 165 58.73 -30.94 -3.75
N LEU JA 166 58.06 -32.02 -4.16
CA LEU JA 166 57.34 -32.89 -3.22
C LEU JA 166 58.16 -34.13 -2.88
N PHE JA 167 58.57 -34.90 -3.88
CA PHE JA 167 59.20 -36.19 -3.62
C PHE JA 167 60.50 -36.02 -2.85
N SER JA 168 60.56 -36.65 -1.68
CA SER JA 168 61.75 -36.63 -0.83
C SER JA 168 61.74 -37.90 -0.01
N TYR JA 169 62.88 -38.21 0.61
CA TYR JA 169 63.02 -39.45 1.35
C TYR JA 169 64.27 -39.44 2.21
N TYR JA 170 64.52 -40.55 2.90
CA TYR JA 170 65.70 -40.72 3.73
C TYR JA 170 66.53 -41.84 3.11
N ALA JA 171 67.79 -41.52 2.79
CA ALA JA 171 68.68 -42.45 2.12
C ALA JA 171 69.83 -42.85 3.03
N LEU JA 172 70.31 -44.08 2.86
CA LEU JA 172 71.38 -44.60 3.70
C LEU JA 172 72.70 -43.86 3.47
N GLU JA 173 72.93 -43.36 2.26
CA GLU JA 173 74.16 -42.65 1.89
C GLU JA 173 75.40 -43.43 2.31
N GLN JA 174 75.47 -44.67 1.84
CA GLN JA 174 76.61 -45.53 2.11
C GLN JA 174 77.16 -46.10 0.81
N SER KA 2 82.06 19.86 -0.45
CA SER KA 2 80.81 20.00 0.30
C SER KA 2 79.63 20.16 -0.65
N THR KA 3 78.43 19.89 -0.14
CA THR KA 3 77.21 20.09 -0.93
C THR KA 3 76.42 21.19 -0.25
N GLN KA 4 75.93 22.14 -1.04
CA GLN KA 4 75.28 23.34 -0.53
C GLN KA 4 73.86 22.98 -0.11
N ARG KA 5 73.75 22.23 0.97
CA ARG KA 5 72.48 21.70 1.46
C ARG KA 5 71.83 22.71 2.40
N GLU KA 6 70.70 23.26 1.98
CA GLU KA 6 69.99 24.27 2.75
C GLU KA 6 68.84 23.62 3.50
N TYR KA 7 68.63 24.04 4.74
CA TYR KA 7 67.63 23.47 5.63
C TYR KA 7 66.53 24.50 5.86
N VAL KA 8 65.31 24.19 5.43
CA VAL KA 8 64.24 25.18 5.36
C VAL KA 8 63.21 24.81 6.44
N PHE KA 9 62.62 25.82 7.06
CA PHE KA 9 61.66 25.63 8.14
C PHE KA 9 60.30 25.18 7.61
N ILE KA 10 59.46 24.69 8.52
CA ILE KA 10 58.04 24.48 8.24
C ILE KA 10 57.23 25.02 9.42
N PRO KA 11 57.22 26.34 9.63
CA PRO KA 11 56.40 26.92 10.69
C PRO KA 11 55.02 27.32 10.17
N ILE KA 12 54.24 27.90 11.07
CA ILE KA 12 53.05 28.65 10.68
C ILE KA 12 53.49 30.09 10.38
N THR KA 13 53.76 30.37 9.11
CA THR KA 13 54.17 31.70 8.68
C THR KA 13 53.78 31.87 7.22
N ASN KA 14 53.53 33.11 6.82
CA ASN KA 14 53.15 33.42 5.45
C ASN KA 14 54.33 33.30 4.50
N SER KA 15 55.49 33.79 4.91
CA SER KA 15 56.66 33.91 4.03
C SER KA 15 57.35 32.58 3.78
N ILE KA 16 56.70 31.47 4.14
CA ILE KA 16 57.32 30.14 4.09
C ILE KA 16 57.39 29.55 2.69
N THR KA 17 57.00 30.28 1.65
CA THR KA 17 56.72 29.68 0.35
C THR KA 17 57.92 28.90 -0.20
N ILE KA 18 58.98 29.61 -0.59
CA ILE KA 18 60.31 29.01 -0.75
C ILE KA 18 61.37 29.89 -0.11
N ASP KA 19 61.38 31.17 -0.49
CA ASP KA 19 62.45 32.12 -0.14
C ASP KA 19 63.82 31.64 -0.63
N VAL KA 20 63.82 30.65 -1.51
CA VAL KA 20 65.03 30.17 -2.18
C VAL KA 20 64.66 29.78 -3.60
N LYS KA 21 65.16 30.55 -4.57
CA LYS KA 21 64.87 30.27 -5.97
C LYS KA 21 65.95 29.36 -6.55
N ILE KA 22 66.60 28.61 -5.67
CA ILE KA 22 67.54 27.57 -6.08
C ILE KA 22 66.91 26.23 -5.72
N THR KA 23 67.25 25.22 -6.52
CA THR KA 23 66.59 23.92 -6.48
C THR KA 23 67.65 22.84 -6.31
N ILE KA 24 67.27 21.58 -6.54
CA ILE KA 24 68.17 20.45 -6.34
C ILE KA 24 69.58 20.77 -6.81
N GLY KA 25 69.70 21.37 -7.99
CA GLY KA 25 70.99 21.75 -8.52
C GLY KA 25 71.79 20.56 -8.99
N GLY KA 26 72.07 19.64 -8.08
CA GLY KA 26 72.65 18.36 -8.39
C GLY KA 26 71.60 17.29 -8.61
N SER KA 27 71.81 16.15 -7.95
CA SER KA 27 70.84 15.05 -7.97
C SER KA 27 70.71 14.38 -6.61
N ASP KA 28 71.17 15.05 -5.55
CA ASP KA 28 71.24 14.46 -4.22
C ASP KA 28 70.32 15.18 -3.25
N HIS KA 29 69.94 14.46 -2.19
CA HIS KA 29 69.08 14.96 -1.13
C HIS KA 29 69.21 14.03 0.07
N ILE KA 30 68.71 14.50 1.21
CA ILE KA 30 68.83 13.76 2.45
C ILE KA 30 67.46 13.22 2.85
N THR KA 31 66.47 14.11 2.88
CA THR KA 31 65.11 13.71 3.20
C THR KA 31 64.42 13.11 1.98
N ASN KA 32 63.72 12.00 2.20
CA ASN KA 32 63.08 11.28 1.11
C ASN KA 32 61.70 10.82 1.54
N ILE KA 33 60.76 10.85 0.59
CA ILE KA 33 59.43 10.31 0.80
C ILE KA 33 59.35 8.97 0.08
N ASP KA 34 59.60 7.88 0.81
CA ASP KA 34 59.82 6.59 0.17
C ASP KA 34 58.86 5.58 0.78
N GLU KA 35 57.63 5.53 0.27
CA GLU KA 35 56.59 4.56 0.61
C GLU KA 35 56.48 4.33 2.12
N ARG KA 36 56.92 5.31 2.92
CA ARG KA 36 56.72 5.28 4.36
C ARG KA 36 56.40 6.69 4.86
N GLY KA 37 56.65 7.69 4.01
CA GLY KA 37 56.62 9.07 4.46
C GLY KA 37 58.01 9.67 4.41
N ILE KA 38 58.12 10.92 4.89
CA ILE KA 38 59.37 11.67 4.79
C ILE KA 38 60.45 10.92 5.58
N HIS KA 39 61.69 11.02 5.11
CA HIS KA 39 62.84 10.38 5.75
C HIS KA 39 63.76 11.47 6.25
N ASN KA 40 64.62 11.13 7.21
CA ASN KA 40 65.78 11.93 7.57
C ASN KA 40 65.43 13.38 7.88
N VAL KA 41 64.33 13.61 8.60
CA VAL KA 41 64.02 14.94 9.09
C VAL KA 41 64.98 15.31 10.21
N LEU KA 42 65.48 16.55 10.19
CA LEU KA 42 66.43 16.99 11.20
C LEU KA 42 65.80 18.03 12.12
N VAL KA 43 66.29 18.08 13.37
CA VAL KA 43 65.73 18.93 14.41
C VAL KA 43 66.77 19.96 14.82
N ILE KA 44 66.35 21.21 14.94
CA ILE KA 44 67.19 22.30 15.43
C ILE KA 44 66.67 22.71 16.79
N THR KA 45 67.35 22.27 17.86
CA THR KA 45 66.96 22.59 19.22
C THR KA 45 67.72 23.82 19.70
N GLY KA 46 67.15 24.52 20.65
CA GLY KA 46 67.71 25.77 21.10
C GLY KA 46 67.46 26.94 20.18
N TYR KA 47 66.54 26.79 19.23
CA TYR KA 47 66.24 27.84 18.27
C TYR KA 47 64.74 28.07 18.27
N ALA KA 48 64.32 29.27 17.91
CA ALA KA 48 62.91 29.61 17.79
C ALA KA 48 62.65 30.14 16.38
N VAL KA 49 61.44 30.64 16.17
CA VAL KA 49 61.02 31.18 14.88
C VAL KA 49 60.26 32.48 15.13
N ASP KA 50 60.70 33.56 14.47
CA ASP KA 50 60.04 34.86 14.57
C ASP KA 50 58.96 34.90 13.49
N GLU KA 51 57.72 35.13 13.95
CA GLU KA 51 56.55 35.17 13.07
C GLU KA 51 56.77 36.10 11.89
N LYS KA 52 56.97 37.39 12.15
CA LYS KA 52 57.49 38.30 11.14
C LYS KA 52 58.94 37.94 10.87
N ASN KA 53 59.41 38.24 9.65
CA ASN KA 53 60.77 37.89 9.28
C ASN KA 53 61.00 36.40 9.51
N GLY KA 54 60.23 35.57 8.80
CA GLY KA 54 60.25 34.14 9.08
C GLY KA 54 61.61 33.51 8.91
N ARG KA 55 62.25 33.23 10.05
CA ARG KA 55 63.61 32.68 10.11
C ARG KA 55 63.79 31.96 11.44
N LEU KA 56 64.87 31.22 11.59
CA LEU KA 56 65.16 30.53 12.85
C LEU KA 56 65.87 31.49 13.80
N VAL KA 57 65.15 31.97 14.81
CA VAL KA 57 65.73 32.80 15.87
C VAL KA 57 66.48 31.89 16.83
N PRO KA 58 67.75 32.17 17.13
CA PRO KA 58 68.49 31.29 18.03
C PRO KA 58 68.28 31.64 19.50
N THR KA 59 68.39 30.63 20.37
CA THR KA 59 68.27 30.80 21.80
C THR KA 59 69.24 29.84 22.49
N LEU KA 60 69.17 29.73 23.81
CA LEU KA 60 69.98 28.78 24.55
C LEU KA 60 69.17 27.74 25.29
N ASP KA 61 67.85 27.87 25.32
CA ASP KA 61 66.98 26.87 25.92
C ASP KA 61 67.00 25.59 25.09
N PRO KA 62 67.53 24.48 25.62
CA PRO KA 62 67.48 23.22 24.87
C PRO KA 62 66.07 22.74 24.59
N CYS KA 63 65.06 23.34 25.24
CA CYS KA 63 63.68 22.90 25.03
C CYS KA 63 63.09 23.51 23.77
N ASP KA 64 63.47 24.72 23.41
CA ASP KA 64 62.99 25.34 22.19
C ASP KA 64 63.61 24.64 20.98
N TYR KA 65 62.81 24.34 19.97
CA TYR KA 65 63.29 23.48 18.89
C TYR KA 65 62.52 23.75 17.61
N VAL KA 66 63.22 23.54 16.49
CA VAL KA 66 62.69 23.76 15.14
C VAL KA 66 63.05 22.56 14.28
N LYS KA 67 62.13 22.12 13.44
CA LYS KA 67 62.33 20.94 12.61
C LYS KA 67 62.05 21.24 11.15
N GLY KA 68 62.93 20.77 10.27
CA GLY KA 68 62.81 21.02 8.85
C GLY KA 68 63.43 19.89 8.06
N ILE KA 69 63.73 20.16 6.80
CA ILE KA 69 64.29 19.15 5.90
C ILE KA 69 65.62 19.65 5.36
N LEU KA 70 66.40 18.72 4.79
CA LEU KA 70 67.72 19.04 4.24
C LEU KA 70 67.64 18.90 2.72
N VAL KA 71 67.61 20.02 2.02
CA VAL KA 71 67.63 20.03 0.57
C VAL KA 71 68.93 20.67 0.09
N ALA KA 72 69.40 20.21 -1.06
CA ALA KA 72 70.73 20.53 -1.58
C ALA KA 72 70.76 21.85 -2.35
N GLY KA 73 69.74 22.69 -2.25
CA GLY KA 73 69.75 23.95 -2.97
C GLY KA 73 70.56 25.02 -2.27
N THR KA 74 71.20 25.87 -3.06
CA THR KA 74 72.03 26.92 -2.50
C THR KA 74 71.14 27.99 -1.87
N PRO KA 75 71.64 28.67 -0.83
CA PRO KA 75 70.75 29.53 -0.03
C PRO KA 75 70.27 30.78 -0.75
N GLN KA 76 69.58 30.59 -1.88
CA GLN KA 76 68.89 31.64 -2.62
C GLN KA 76 69.84 32.58 -3.35
N GLN KA 77 71.14 32.46 -3.07
CA GLN KA 77 72.16 33.35 -3.63
C GLN KA 77 71.72 34.81 -3.59
N ALA KA 78 71.00 35.20 -2.54
CA ALA KA 78 70.45 36.55 -2.49
C ALA KA 78 70.67 37.28 -1.18
N GLN KA 79 70.82 36.59 -0.05
CA GLN KA 79 70.99 37.25 1.24
C GLN KA 79 72.43 37.24 1.71
N SER KA 80 73.01 36.05 1.88
CA SER KA 80 74.42 35.88 2.23
C SER KA 80 74.78 36.53 3.56
N ASN KA 81 73.78 37.08 4.26
CA ASN KA 81 73.98 37.72 5.55
C ASN KA 81 73.19 37.04 6.65
N ASP KA 82 71.88 36.89 6.45
CA ASP KA 82 71.03 36.40 7.53
C ASP KA 82 70.88 34.88 7.42
N PHE KA 83 72.01 34.19 7.31
CA PHE KA 83 72.03 32.74 7.17
C PHE KA 83 73.16 32.16 7.99
N LEU KA 84 72.90 31.07 8.70
CA LEU KA 84 73.96 30.39 9.44
C LEU KA 84 74.54 29.27 8.57
N THR KA 85 75.85 29.33 8.36
CA THR KA 85 76.53 28.46 7.41
C THR KA 85 77.46 27.52 8.15
N LEU KA 86 77.24 26.22 7.98
CA LEU KA 86 77.92 25.22 8.78
C LEU KA 86 78.78 24.34 7.90
N LYS KA 87 79.91 23.90 8.45
CA LYS KA 87 80.75 22.86 7.86
C LYS KA 87 80.68 21.68 8.84
N LEU KA 88 79.80 20.73 8.57
CA LEU KA 88 79.42 19.74 9.56
C LEU KA 88 79.42 18.33 8.97
N PRO KA 89 79.89 17.34 9.73
CA PRO KA 89 79.80 15.96 9.29
C PRO KA 89 78.40 15.36 9.47
N ALA KA 90 78.32 14.05 9.23
CA ALA KA 90 77.05 13.35 9.39
C ALA KA 90 76.71 13.14 10.86
N ASN KA 91 77.61 12.54 11.62
CA ASN KA 91 77.33 12.16 13.01
C ASN KA 91 76.87 13.34 13.86
N LYS KA 92 77.03 14.56 13.39
CA LYS KA 92 76.56 15.74 14.11
C LYS KA 92 75.27 16.30 13.55
N LEU KA 93 74.69 15.65 12.54
CA LEU KA 93 73.35 15.99 12.07
C LEU KA 93 72.35 15.10 12.78
N TYR KA 94 71.71 15.64 13.81
CA TYR KA 94 70.73 14.87 14.59
C TYR KA 94 69.45 14.75 13.77
N LEU KA 95 69.19 13.55 13.25
CA LEU KA 95 68.12 13.35 12.29
C LEU KA 95 67.06 12.40 12.85
N ILE KA 96 65.87 12.49 12.28
CA ILE KA 96 64.75 11.61 12.59
C ILE KA 96 64.60 10.65 11.41
N ARG KA 97 63.90 9.53 11.61
CA ARG KA 97 63.60 8.62 10.52
C ARG KA 97 64.85 8.20 9.77
N LYS KA 98 65.82 7.62 10.46
CA LYS KA 98 67.09 7.27 9.85
C LYS KA 98 66.93 6.11 8.88
N LYS KA 99 67.23 6.35 7.61
CA LYS KA 99 67.30 5.28 6.62
C LYS KA 99 68.70 5.13 6.04
N GLY KA 100 69.26 6.20 5.49
CA GLY KA 100 70.55 6.13 4.86
C GLY KA 100 71.52 7.11 5.49
N ASN KA 101 72.75 6.63 5.70
CA ASN KA 101 73.81 7.44 6.26
C ASN KA 101 74.27 8.49 5.24
N ILE KA 102 75.16 9.38 5.67
CA ILE KA 102 75.53 10.55 4.89
C ILE KA 102 77.02 10.46 4.57
N SER KA 103 77.44 11.22 3.54
CA SER KA 103 78.84 11.28 3.13
C SER KA 103 79.74 11.78 4.25
N ASP KA 104 79.15 12.31 5.31
CA ASP KA 104 79.80 12.55 6.59
C ASP KA 104 80.73 13.76 6.54
N ASP KA 105 80.55 14.63 5.55
CA ASP KA 105 81.11 15.97 5.56
C ASP KA 105 80.36 16.84 4.57
N LEU KA 106 79.52 17.73 5.09
CA LEU KA 106 78.68 18.56 4.23
C LEU KA 106 78.70 20.00 4.72
N LYS KA 107 77.94 20.85 4.03
CA LYS KA 107 77.90 22.28 4.31
C LYS KA 107 76.43 22.70 4.29
N ILE KA 108 75.94 23.21 5.41
CA ILE KA 108 74.51 23.44 5.60
C ILE KA 108 74.26 24.91 5.88
N TYR KA 109 73.21 25.45 5.27
CA TYR KA 109 72.75 26.82 5.52
C TYR KA 109 71.37 26.76 6.15
N ILE KA 110 71.17 27.49 7.24
CA ILE KA 110 69.88 27.52 7.91
C ILE KA 110 69.39 28.95 8.02
N PRO KA 111 68.10 29.22 7.79
CA PRO KA 111 67.58 30.58 7.88
C PRO KA 111 67.81 31.16 9.27
N TYR KA 112 68.66 32.18 9.35
CA TYR KA 112 69.15 32.63 10.64
C TYR KA 112 68.49 33.95 11.02
N SER KA 113 68.82 34.44 12.21
CA SER KA 113 68.42 35.77 12.64
C SER KA 113 69.37 36.23 13.74
N SER KA 114 69.68 37.53 13.76
CA SER KA 114 70.42 38.06 14.88
C SER KA 114 69.59 37.88 16.15
N PRO KA 115 70.23 37.75 17.31
CA PRO KA 115 69.46 37.51 18.54
C PRO KA 115 68.36 38.53 18.78
N ASP KA 116 68.55 39.77 18.33
CA ASP KA 116 67.56 40.83 18.54
C ASP KA 116 67.32 41.06 20.01
N ALA KA 117 68.33 41.59 20.72
CA ALA KA 117 68.32 41.71 22.17
C ALA KA 117 67.45 42.87 22.64
N ARG KA 118 66.56 43.35 21.76
CA ARG KA 118 65.70 44.49 22.09
C ARG KA 118 64.77 44.19 23.26
N ASN KA 119 63.88 43.21 23.12
CA ASN KA 119 62.88 42.91 24.13
C ASN KA 119 63.13 41.53 24.70
N SER KA 120 62.54 41.26 25.87
CA SER KA 120 62.65 39.96 26.52
C SER KA 120 62.04 38.86 25.66
N MET KA 121 62.63 37.66 25.72
CA MET KA 121 62.14 36.54 24.94
C MET KA 121 60.94 35.88 25.59
N LYS KA 122 60.12 35.22 24.77
CA LYS KA 122 59.11 34.28 25.24
C LYS KA 122 58.72 33.38 24.08
N THR KA 123 59.04 32.09 24.18
CA THR KA 123 58.81 31.13 23.11
C THR KA 123 57.62 30.26 23.47
N LYS KA 124 56.70 30.11 22.49
CA LYS KA 124 55.43 29.45 22.74
C LYS KA 124 55.37 28.14 21.98
N PRO KA 125 54.88 27.06 22.58
CA PRO KA 125 54.63 25.83 21.81
C PRO KA 125 53.40 25.98 20.93
N VAL KA 126 53.56 25.62 19.66
CA VAL KA 126 52.47 25.68 18.70
C VAL KA 126 52.54 24.50 17.74
N SER KA 127 51.39 23.98 17.34
CA SER KA 127 51.30 22.89 16.38
C SER KA 127 51.15 23.45 14.97
N ILE KA 128 51.20 22.58 13.97
CA ILE KA 128 51.03 22.99 12.57
C ILE KA 128 50.04 22.06 11.89
N SER KA 129 49.16 21.41 12.66
CA SER KA 129 48.16 20.54 12.07
C SER KA 129 47.29 21.30 11.09
N ASP KA 130 46.47 22.24 11.60
CA ASP KA 130 45.78 23.26 10.81
C ASP KA 130 45.25 22.76 9.48
N ASP KA 131 44.28 21.83 9.51
CA ASP KA 131 43.83 21.12 8.30
C ASP KA 131 43.52 22.03 7.12
N THR KA 132 43.15 23.29 7.38
CA THR KA 132 43.00 24.22 6.26
C THR KA 132 44.35 24.59 5.67
N ILE KA 133 45.38 24.72 6.50
CA ILE KA 133 46.73 25.00 6.02
C ILE KA 133 47.48 23.75 5.61
N VAL KA 134 47.18 22.59 6.19
CA VAL KA 134 47.97 21.37 5.93
C VAL KA 134 48.00 21.05 4.44
N ASN KA 135 46.93 21.45 3.72
CA ASN KA 135 46.86 21.18 2.30
C ASN KA 135 47.80 22.08 1.50
N ASN KA 136 48.05 23.29 1.98
CA ASN KA 136 49.08 24.13 1.39
C ASN KA 136 50.42 23.42 1.38
N ILE KA 137 50.84 22.90 2.53
CA ILE KA 137 52.17 22.28 2.63
C ILE KA 137 52.28 21.07 1.72
N ILE KA 138 51.15 20.47 1.34
CA ILE KA 138 51.20 19.39 0.35
C ILE KA 138 51.95 19.86 -0.89
N LYS KA 139 51.66 21.06 -1.35
CA LYS KA 139 52.29 21.55 -2.58
C LYS KA 139 53.01 22.87 -2.38
N GLU KA 140 53.21 23.29 -1.13
CA GLU KA 140 54.05 24.47 -0.89
C GLU KA 140 55.53 24.13 -0.93
N VAL KA 141 55.97 23.18 -0.11
CA VAL KA 141 57.40 23.00 0.07
C VAL KA 141 57.90 21.69 -0.55
N PHE KA 142 57.34 20.56 -0.16
CA PHE KA 142 57.96 19.28 -0.48
C PHE KA 142 57.83 18.91 -1.96
N ASP KA 143 56.66 19.12 -2.57
CA ASP KA 143 56.47 18.73 -3.95
C ASP KA 143 57.35 19.55 -4.89
N LYS KA 144 57.62 20.80 -4.53
CA LYS KA 144 58.45 21.67 -5.37
C LYS KA 144 59.88 21.16 -5.36
N ILE KA 145 60.20 20.32 -4.38
CA ILE KA 145 61.48 19.61 -4.32
C ILE KA 145 61.30 18.15 -4.69
N TYR KA 146 60.11 17.61 -4.46
CA TYR KA 146 59.87 16.17 -4.64
C TYR KA 146 58.63 15.94 -5.50
N ASN KA 147 58.58 16.61 -6.65
CA ASN KA 147 57.44 16.49 -7.57
C ASN KA 147 57.14 15.05 -7.97
N ILE KA 148 58.17 14.19 -7.96
CA ILE KA 148 58.00 12.81 -8.42
C ILE KA 148 56.94 12.04 -7.64
N THR KA 149 56.69 12.41 -6.38
CA THR KA 149 55.76 11.66 -5.56
C THR KA 149 54.31 12.14 -5.72
N GLN KA 150 54.09 13.39 -6.11
CA GLN KA 150 52.75 13.95 -6.20
C GLN KA 150 52.03 13.53 -7.47
N LYS KA 151 52.72 12.86 -8.40
CA LYS KA 151 52.11 12.63 -9.70
C LYS KA 151 51.83 11.16 -9.98
N GLU KA 152 52.86 10.30 -10.01
CA GLU KA 152 52.70 8.89 -10.39
C GLU KA 152 53.51 8.00 -9.44
N LYS KA 153 53.41 8.26 -8.13
CA LYS KA 153 54.12 7.45 -7.16
C LYS KA 153 53.43 7.54 -5.79
N VAL KA 154 54.16 7.18 -4.73
CA VAL KA 154 53.61 7.14 -3.38
C VAL KA 154 52.76 8.37 -3.08
N LYS KA 155 51.61 8.13 -2.44
CA LYS KA 155 50.57 9.15 -2.27
C LYS KA 155 51.05 10.35 -1.46
N ILE KA 156 50.50 11.52 -1.77
CA ILE KA 156 50.79 12.75 -1.04
C ILE KA 156 49.82 12.94 0.11
N GLU KA 157 49.04 11.90 0.41
CA GLU KA 157 48.32 11.90 1.68
C GLU KA 157 49.20 11.19 2.71
N LYS KA 158 50.13 10.38 2.21
CA LYS KA 158 51.17 9.80 3.05
C LYS KA 158 52.05 10.87 3.70
N VAL KA 159 52.11 12.06 3.07
CA VAL KA 159 52.88 13.15 3.64
C VAL KA 159 52.03 13.95 4.64
N LYS KA 160 50.71 13.89 4.50
CA LYS KA 160 49.87 14.75 5.31
C LYS KA 160 49.87 14.32 6.77
N GLU KA 161 49.58 13.05 7.05
CA GLU KA 161 49.54 12.61 8.44
C GLU KA 161 50.92 12.58 9.06
N ASP KA 162 51.94 12.99 8.30
CA ASP KA 162 53.29 13.10 8.86
C ASP KA 162 53.58 14.49 9.38
N ILE KA 163 53.22 15.54 8.63
CA ILE KA 163 53.57 16.89 9.03
C ILE KA 163 52.71 17.37 10.19
N LYS KA 164 51.48 16.87 10.26
CA LYS KA 164 50.68 17.04 11.48
C LYS KA 164 51.13 16.10 12.59
N GLU KA 165 52.09 15.20 12.29
CA GLU KA 165 52.68 14.31 13.28
C GLU KA 165 54.15 14.60 13.57
N LEU KA 166 54.93 14.93 12.55
CA LEU KA 166 56.38 15.08 12.70
C LEU KA 166 56.78 16.50 13.08
N PHE KA 167 56.45 17.49 12.26
CA PHE KA 167 56.85 18.87 12.51
C PHE KA 167 55.88 19.51 13.50
N SER KA 168 56.41 20.01 14.61
CA SER KA 168 55.69 20.84 15.56
C SER KA 168 56.76 21.66 16.28
N TYR KA 169 56.76 22.97 16.06
CA TYR KA 169 57.90 23.82 16.42
C TYR KA 169 57.47 24.80 17.50
N TYR KA 170 58.45 25.27 18.28
CA TYR KA 170 58.19 26.38 19.19
C TYR KA 170 58.34 27.70 18.46
N ALA KA 171 57.40 28.62 18.67
CA ALA KA 171 57.38 29.88 17.97
C ALA KA 171 57.80 30.99 18.94
N LEU KA 172 57.69 32.24 18.48
CA LEU KA 172 57.99 33.39 19.32
C LEU KA 172 56.77 34.16 19.78
N GLU KA 173 55.74 34.25 18.94
CA GLU KA 173 54.59 35.13 19.18
C GLU KA 173 55.11 36.52 19.53
N GLN KA 174 55.94 37.06 18.65
CA GLN KA 174 56.59 38.34 18.89
C GLN KA 174 56.64 39.16 17.60
N SER LA 2 67.07 46.89 33.56
CA SER LA 2 66.94 45.71 34.41
C SER LA 2 68.29 45.21 34.91
N THR LA 3 68.71 44.04 34.42
CA THR LA 3 69.94 43.41 34.86
C THR LA 3 70.90 43.22 33.70
N GLN LA 4 72.17 43.04 34.03
CA GLN LA 4 73.23 42.90 33.04
C GLN LA 4 74.17 41.76 33.44
N ARG LA 5 74.02 40.62 32.77
CA ARG LA 5 74.85 39.45 33.01
C ARG LA 5 75.45 38.97 31.70
N GLU LA 6 76.66 38.43 31.78
CA GLU LA 6 77.35 37.88 30.63
C GLU LA 6 77.88 36.50 30.99
N TYR LA 7 78.04 35.65 29.97
CA TYR LA 7 78.44 34.26 30.17
C TYR LA 7 79.92 34.14 29.85
N VAL LA 8 80.60 33.21 30.52
CA VAL LA 8 81.98 32.86 30.20
C VAL LA 8 82.13 31.35 30.40
N PHE LA 9 82.72 30.70 29.39
CA PHE LA 9 82.98 29.27 29.46
C PHE LA 9 84.19 28.99 30.35
N ILE LA 10 84.26 27.77 30.87
CA ILE LA 10 85.33 27.40 31.80
C ILE LA 10 86.12 26.22 31.25
N PRO LA 11 86.91 26.42 30.19
CA PRO LA 11 87.78 25.34 29.70
C PRO LA 11 89.17 25.39 30.31
N ILE LA 12 90.05 24.51 29.85
CA ILE LA 12 91.46 24.55 30.19
C ILE LA 12 92.25 25.16 29.03
N THR LA 13 92.35 26.49 28.99
CA THR LA 13 93.05 27.15 27.90
C THR LA 13 93.38 28.61 28.23
N ASN LA 14 93.90 29.32 27.23
CA ASN LA 14 94.36 30.70 27.39
C ASN LA 14 93.23 31.67 27.05
N SER LA 15 93.55 32.96 27.07
CA SER LA 15 92.66 34.04 26.59
C SER LA 15 91.40 34.16 27.44
N ILE LA 16 91.28 33.30 28.45
CA ILE LA 16 90.07 33.26 29.26
C ILE LA 16 90.36 33.75 30.67
N THR LA 17 91.60 34.19 30.89
CA THR LA 17 92.03 34.65 32.22
C THR LA 17 91.05 35.67 32.77
N ILE LA 18 90.91 36.82 32.12
CA ILE LA 18 89.89 37.79 32.48
C ILE LA 18 89.41 38.50 31.23
N ASP LA 19 88.10 38.52 31.02
CA ASP LA 19 87.49 39.11 29.83
C ASP LA 19 86.41 40.13 30.20
N VAL LA 20 85.87 40.08 31.41
CA VAL LA 20 84.64 40.79 31.70
C VAL LA 20 84.86 42.29 31.85
N LYS LA 21 85.98 42.70 32.46
CA LYS LA 21 86.35 44.10 32.56
C LYS LA 21 85.42 44.86 33.51
N ILE LA 22 84.33 44.21 33.92
CA ILE LA 22 83.33 44.82 34.80
C ILE LA 22 82.79 43.74 35.73
N THR LA 23 82.78 44.04 37.02
CA THR LA 23 82.39 43.08 38.04
C THR LA 23 81.13 43.64 38.70
N ILE LA 24 80.74 43.07 39.85
CA ILE LA 24 79.38 43.15 40.38
C ILE LA 24 78.76 44.52 40.14
N GLY LA 25 79.49 45.58 40.49
CA GLY LA 25 78.94 46.93 40.36
C GLY LA 25 77.89 47.20 41.40
N GLY LA 26 76.90 46.30 41.48
CA GLY LA 26 75.92 46.32 42.54
C GLY LA 26 76.12 45.16 43.49
N SER LA 27 75.09 44.32 43.64
CA SER LA 27 75.13 43.18 44.56
C SER LA 27 74.49 41.96 43.93
N ASP LA 28 74.77 41.71 42.65
CA ASP LA 28 74.11 40.64 41.92
C ASP LA 28 75.11 39.62 41.40
N HIS LA 29 74.71 38.35 41.46
CA HIS LA 29 75.46 37.25 40.88
C HIS LA 29 74.50 36.08 40.65
N ILE LA 30 74.61 35.47 39.47
CA ILE LA 30 73.79 34.32 39.14
C ILE LA 30 74.51 33.06 39.63
N THR LA 31 75.70 32.81 39.10
CA THR LA 31 76.56 31.77 39.64
C THR LA 31 77.01 32.18 41.04
N ASN LA 32 77.26 31.22 41.91
CA ASN LA 32 77.62 31.56 43.29
C ASN LA 32 78.54 30.50 43.90
N ILE LA 33 79.18 30.84 45.00
CA ILE LA 33 79.91 29.87 45.82
C ILE LA 33 79.51 30.16 47.26
N ASP LA 34 78.44 29.51 47.72
CA ASP LA 34 78.03 29.66 49.11
C ASP LA 34 78.55 28.50 49.95
N GLU LA 35 79.85 28.21 49.85
CA GLU LA 35 80.54 27.19 50.65
C GLU LA 35 79.76 25.89 50.77
N ARG LA 36 78.98 25.54 49.74
CA ARG LA 36 78.39 24.22 49.64
C ARG LA 36 78.59 23.72 48.22
N GLY LA 37 79.30 24.49 47.43
CA GLY LA 37 79.55 24.19 46.04
C GLY LA 37 79.03 25.28 45.12
N ILE LA 38 79.32 25.10 43.83
CA ILE LA 38 78.91 26.05 42.81
C ILE LA 38 77.44 25.82 42.47
N HIS LA 39 76.64 26.87 42.58
CA HIS LA 39 75.20 26.78 42.32
C HIS LA 39 74.84 27.61 41.10
N ASN LA 40 73.73 27.22 40.45
CA ASN LA 40 73.17 27.94 39.32
C ASN LA 40 74.15 28.01 38.14
N VAL LA 41 74.79 26.88 37.87
CA VAL LA 41 75.67 26.78 36.71
C VAL LA 41 74.82 26.73 35.45
N LEU LA 42 75.25 27.45 34.42
CA LEU LA 42 74.51 27.45 33.17
C LEU LA 42 75.22 26.60 32.12
N VAL LA 43 74.42 25.93 31.29
CA VAL LA 43 74.89 25.00 30.28
C VAL LA 43 74.17 25.31 28.98
N ILE LA 44 74.90 25.30 27.87
CA ILE LA 44 74.35 25.61 26.56
C ILE LA 44 74.39 24.35 25.72
N THR LA 45 73.26 23.99 25.13
CA THR LA 45 73.15 22.78 24.32
C THR LA 45 73.33 23.16 22.85
N GLY LA 46 74.30 22.52 22.19
CA GLY LA 46 74.50 22.72 20.78
C GLY LA 46 75.53 23.78 20.46
N TYR LA 47 76.56 23.89 21.29
CA TYR LA 47 77.60 24.89 21.09
C TYR LA 47 78.95 24.27 21.40
N ALA LA 48 79.97 24.70 20.67
CA ALA LA 48 81.32 24.21 20.84
C ALA LA 48 82.27 25.39 21.06
N VAL LA 49 83.34 25.13 21.81
CA VAL LA 49 84.32 26.14 22.16
C VAL LA 49 85.58 25.91 21.33
N ASP LA 50 86.26 26.99 20.98
CA ASP LA 50 87.51 26.95 20.23
C ASP LA 50 88.59 27.66 21.05
N GLU LA 51 89.68 26.94 21.33
CA GLU LA 51 90.83 27.56 21.99
C GLU LA 51 91.39 28.68 21.12
N LYS LA 52 91.56 28.41 19.83
CA LYS LA 52 91.73 29.44 18.83
C LYS LA 52 90.57 30.43 18.93
N ASN LA 53 90.87 31.71 19.12
CA ASN LA 53 89.82 32.74 19.25
C ASN LA 53 88.82 32.33 20.34
N GLY LA 54 89.32 32.34 21.57
CA GLY LA 54 88.58 31.72 22.66
C GLY LA 54 87.19 32.30 22.84
N ARG LA 55 86.20 31.53 22.39
CA ARG LA 55 84.78 31.89 22.36
C ARG LA 55 84.03 30.60 22.01
N LEU LA 56 82.74 30.73 21.70
CA LEU LA 56 81.90 29.60 21.36
C LEU LA 56 81.53 29.64 19.88
N VAL LA 57 81.18 28.49 19.32
CA VAL LA 57 80.73 28.37 17.95
C VAL LA 57 79.41 27.59 17.96
N PRO LA 58 78.37 28.05 17.26
CA PRO LA 58 77.06 27.39 17.25
C PRO LA 58 77.00 26.20 16.31
N THR LA 59 77.44 25.05 16.81
CA THR LA 59 77.23 23.79 16.10
C THR LA 59 75.77 23.38 16.12
N LEU LA 60 75.44 22.24 15.54
CA LEU LA 60 74.07 21.74 15.51
C LEU LA 60 73.92 20.37 16.14
N ASP LA 61 74.83 19.98 17.02
CA ASP LA 61 74.75 18.69 17.69
C ASP LA 61 74.21 18.89 19.10
N PRO LA 62 73.10 18.26 19.47
CA PRO LA 62 72.61 18.38 20.85
C PRO LA 62 73.52 17.71 21.87
N CYS LA 63 74.55 16.98 21.44
CA CYS LA 63 75.53 16.45 22.39
C CYS LA 63 76.54 17.49 22.84
N ASP LA 64 76.86 18.46 21.98
CA ASP LA 64 77.89 19.44 22.32
C ASP LA 64 77.38 20.42 23.36
N TYR LA 65 77.42 20.03 24.63
CA TYR LA 65 77.13 20.93 25.73
C TYR LA 65 78.38 21.68 26.13
N VAL LA 66 78.22 22.85 26.75
CA VAL LA 66 79.33 23.64 27.26
C VAL LA 66 78.91 24.25 28.58
N LYS LA 67 79.67 23.98 29.64
CA LYS LA 67 79.37 24.46 30.98
C LYS LA 67 80.20 25.69 31.29
N GLY LA 68 79.57 26.73 31.82
CA GLY LA 68 80.26 27.94 32.23
C GLY LA 68 79.64 28.57 33.47
N ILE LA 69 79.79 29.87 33.64
CA ILE LA 69 79.27 30.58 34.80
C ILE LA 69 78.57 31.84 34.34
N LEU LA 70 77.62 32.31 35.16
CA LEU LA 70 76.94 33.59 34.94
C LEU LA 70 77.19 34.50 36.12
N VAL LA 71 77.88 35.61 35.87
CA VAL LA 71 78.04 36.69 36.82
C VAL LA 71 77.59 37.98 36.16
N ALA LA 72 77.41 39.02 36.97
CA ALA LA 72 77.08 40.32 36.41
C ALA LA 72 78.32 40.97 35.83
N GLY LA 73 78.13 41.71 34.75
CA GLY LA 73 79.23 42.37 34.09
C GLY LA 73 78.86 42.74 32.68
N THR LA 74 79.87 43.06 31.89
CA THR LA 74 79.71 43.64 30.57
C THR LA 74 80.84 43.12 29.70
N PRO LA 75 80.66 43.13 28.37
CA PRO LA 75 81.81 42.80 27.51
C PRO LA 75 83.02 43.70 27.75
N GLN LA 76 84.19 43.21 27.36
CA GLN LA 76 85.44 43.96 27.46
C GLN LA 76 85.40 45.22 26.61
N GLN LA 77 84.49 45.24 25.63
CA GLN LA 77 84.34 46.35 24.69
C GLN LA 77 85.66 46.63 23.97
N ALA LA 78 86.53 45.62 23.95
CA ALA LA 78 87.69 45.62 23.06
C ALA LA 78 87.26 44.87 21.80
N GLN LA 79 86.15 44.15 21.91
CA GLN LA 79 85.49 43.54 20.77
C GLN LA 79 84.11 44.15 20.54
N SER LA 80 83.23 44.12 21.54
CA SER LA 80 81.89 44.70 21.51
C SER LA 80 81.02 44.14 20.40
N ASN LA 81 81.54 43.20 19.62
CA ASN LA 81 80.80 42.66 18.48
C ASN LA 81 80.79 41.13 18.52
N ASP LA 82 81.91 40.55 18.94
CA ASP LA 82 82.11 39.10 18.87
C ASP LA 82 81.36 38.35 19.96
N PHE LA 83 80.45 39.00 20.67
CA PHE LA 83 79.61 38.34 21.66
C PHE LA 83 78.17 38.30 21.17
N LEU LA 84 77.43 37.26 21.56
CA LEU LA 84 76.00 37.27 21.36
C LEU LA 84 75.31 37.86 22.60
N THR LA 85 74.29 38.68 22.35
CA THR LA 85 73.52 39.31 23.41
C THR LA 85 72.04 39.08 23.13
N LEU LA 86 71.29 38.69 24.16
CA LEU LA 86 69.86 38.48 24.01
C LEU LA 86 69.24 38.49 25.40
N LYS LA 87 67.93 38.69 25.45
CA LYS LA 87 67.18 38.70 26.70
C LYS LA 87 66.32 37.45 26.75
N LEU LA 88 66.78 36.44 27.47
CA LEU LA 88 65.95 35.27 27.76
C LEU LA 88 65.64 35.24 29.24
N PRO LA 89 64.37 35.15 29.62
CA PRO LA 89 64.03 34.91 31.03
C PRO LA 89 64.80 33.75 31.63
N ALA LA 90 65.11 33.82 32.92
CA ALA LA 90 65.98 32.83 33.53
C ALA LA 90 65.35 31.44 33.52
N ASN LA 91 64.02 31.36 33.64
CA ASN LA 91 63.36 30.07 33.57
C ASN LA 91 63.65 29.38 32.23
N LYS LA 92 63.81 30.16 31.17
CA LYS LA 92 64.21 29.61 29.89
C LYS LA 92 65.64 29.08 29.91
N LEU LA 93 66.43 29.48 30.89
CA LEU LA 93 67.83 29.08 30.95
C LEU LA 93 67.97 27.77 31.71
N TYR LA 94 68.42 26.72 31.03
CA TYR LA 94 68.64 25.43 31.66
C TYR LA 94 69.90 25.53 32.53
N LEU LA 95 69.70 25.47 33.83
CA LEU LA 95 70.78 25.59 34.80
C LEU LA 95 71.16 24.23 35.39
N ILE LA 96 72.00 24.29 36.41
CA ILE LA 96 72.50 23.13 37.14
C ILE LA 96 72.19 23.41 38.60
N ARG LA 97 72.75 22.64 39.52
CA ARG LA 97 72.16 22.46 40.85
C ARG LA 97 71.94 23.80 41.54
N LYS LA 98 70.66 24.21 41.57
CA LYS LA 98 70.30 25.59 41.81
C LYS LA 98 70.35 25.93 43.30
N LYS LA 99 70.14 27.21 43.59
CA LYS LA 99 70.01 27.73 44.94
C LYS LA 99 68.71 28.52 45.12
N GLY LA 100 68.25 29.18 44.08
CA GLY LA 100 67.01 29.94 44.13
C GLY LA 100 66.57 30.35 42.75
N ASN LA 101 65.48 31.11 42.71
CA ASN LA 101 64.99 31.65 41.45
C ASN LA 101 65.58 33.03 41.18
N ILE LA 102 65.30 33.53 39.97
CA ILE LA 102 65.99 34.70 39.44
C ILE LA 102 64.93 35.73 39.06
N SER LA 103 65.38 36.90 38.59
CA SER LA 103 64.54 38.04 38.29
C SER LA 103 63.58 37.80 37.14
N ASP LA 104 63.69 36.65 36.47
CA ASP LA 104 62.74 36.19 35.47
C ASP LA 104 62.76 37.06 34.21
N ASP LA 105 63.62 38.08 34.19
CA ASP LA 105 63.85 38.89 33.00
C ASP LA 105 65.26 39.48 33.06
N LEU LA 106 66.15 38.97 32.21
CA LEU LA 106 67.56 39.31 32.32
C LEU LA 106 68.12 39.47 30.91
N LYS LA 107 69.23 40.20 30.82
CA LYS LA 107 69.94 40.43 29.57
C LYS LA 107 71.26 39.67 29.65
N ILE LA 108 71.40 38.64 28.81
CA ILE LA 108 72.56 37.76 28.87
C ILE LA 108 73.45 37.98 27.66
N TYR LA 109 74.75 37.83 27.86
CA TYR LA 109 75.75 37.98 26.81
C TYR LA 109 76.52 36.67 26.70
N ILE LA 110 76.80 36.24 25.47
CA ILE LA 110 77.42 34.95 25.19
C ILE LA 110 78.63 35.16 24.30
N PRO LA 111 79.83 34.77 24.72
CA PRO LA 111 80.99 34.82 23.83
C PRO LA 111 80.78 33.93 22.63
N TYR LA 112 80.87 34.51 21.44
CA TYR LA 112 80.39 33.85 20.22
C TYR LA 112 81.44 33.94 19.12
N SER LA 113 81.31 33.10 18.11
CA SER LA 113 82.06 33.24 16.88
C SER LA 113 81.14 32.84 15.73
N SER LA 114 81.16 33.61 14.64
CA SER LA 114 80.44 33.18 13.45
C SER LA 114 80.87 31.77 13.08
N PRO LA 115 79.99 30.96 12.48
CA PRO LA 115 80.22 29.50 12.49
C PRO LA 115 81.59 29.04 12.05
N ASP LA 116 82.40 29.92 11.46
CA ASP LA 116 83.77 29.60 11.07
C ASP LA 116 83.80 28.44 10.08
N ALA LA 117 83.28 28.66 8.88
CA ALA LA 117 83.22 27.62 7.86
C ALA LA 117 84.60 27.29 7.30
N ARG LA 118 85.65 27.78 7.96
CA ARG LA 118 87.01 27.50 7.51
C ARG LA 118 87.29 26.01 7.45
N ASN LA 119 86.78 25.26 8.44
CA ASN LA 119 87.02 23.84 8.53
C ASN LA 119 85.75 23.10 8.91
N SER LA 120 85.74 21.79 8.66
CA SER LA 120 84.66 20.95 9.14
C SER LA 120 84.79 20.76 10.65
N MET LA 121 83.66 20.84 11.35
CA MET LA 121 83.69 20.75 12.80
C MET LA 121 83.76 19.31 13.26
N LYS LA 122 84.55 19.09 14.30
CA LYS LA 122 84.60 17.79 14.96
C LYS LA 122 84.86 17.98 16.44
N THR LA 123 83.80 17.98 17.25
CA THR LA 123 83.91 18.32 18.65
C THR LA 123 84.24 17.06 19.46
N LYS LA 124 84.87 17.26 20.62
CA LYS LA 124 85.28 16.17 21.51
C LYS LA 124 85.14 16.63 22.95
N PRO LA 125 84.58 15.82 23.84
CA PRO LA 125 84.54 16.18 25.25
C PRO LA 125 85.95 16.32 25.82
N VAL LA 126 86.10 17.27 26.74
CA VAL LA 126 87.40 17.62 27.27
C VAL LA 126 87.32 17.62 28.79
N SER LA 127 88.33 17.04 29.43
CA SER LA 127 88.39 16.91 30.88
C SER LA 127 89.11 18.10 31.47
N ILE LA 128 88.95 18.28 32.79
CA ILE LA 128 89.57 19.39 33.50
C ILE LA 128 90.28 18.92 34.77
N SER LA 129 90.78 17.68 34.80
CA SER LA 129 91.41 17.22 36.03
C SER LA 129 92.66 18.03 36.38
N ASP LA 130 93.78 17.77 35.69
CA ASP LA 130 94.92 18.69 35.52
C ASP LA 130 95.07 19.69 36.66
N ASP LA 131 95.16 19.20 37.90
CA ASP LA 131 95.06 20.00 39.12
C ASP LA 131 95.77 21.35 39.02
N THR LA 132 96.93 21.37 38.37
CA THR LA 132 97.65 22.62 38.18
C THR LA 132 96.89 23.61 37.29
N ILE LA 133 95.97 23.12 36.47
CA ILE LA 133 95.13 24.01 35.66
C ILE LA 133 93.81 24.29 36.37
N VAL LA 134 93.48 23.51 37.40
CA VAL LA 134 92.40 23.89 38.30
C VAL LA 134 92.77 25.12 39.11
N ASN LA 135 94.04 25.23 39.52
CA ASN LA 135 94.46 26.34 40.37
C ASN LA 135 94.39 27.66 39.62
N ASN LA 136 94.84 27.69 38.36
CA ASN LA 136 95.05 28.96 37.70
C ASN LA 136 93.74 29.64 37.32
N ILE LA 137 92.73 28.86 36.94
CA ILE LA 137 91.49 29.46 36.45
C ILE LA 137 90.69 30.08 37.60
N ILE LA 138 90.95 29.63 38.83
CA ILE LA 138 90.29 30.24 39.98
C ILE LA 138 90.77 31.68 40.17
N LYS LA 139 92.09 31.87 40.22
CA LYS LA 139 92.61 33.22 40.36
C LYS LA 139 92.48 34.01 39.06
N GLU LA 140 92.39 33.30 37.92
CA GLU LA 140 92.15 33.98 36.65
C GLU LA 140 90.73 34.52 36.58
N VAL LA 141 89.74 33.63 36.66
CA VAL LA 141 88.35 33.98 36.51
C VAL LA 141 87.65 34.18 37.85
N PHE LA 142 87.65 33.15 38.69
CA PHE LA 142 86.83 33.18 39.90
C PHE LA 142 87.27 34.21 40.91
N ASP LA 143 88.48 34.77 40.77
CA ASP LA 143 88.96 35.80 41.69
C ASP LA 143 88.53 37.21 41.30
N LYS LA 144 88.43 37.50 40.00
CA LYS LA 144 87.94 38.80 39.57
C LYS LA 144 86.44 38.95 39.78
N ILE LA 145 85.79 37.90 40.26
CA ILE LA 145 84.37 37.95 40.59
C ILE LA 145 84.19 37.53 42.05
N TYR LA 146 85.10 36.70 42.55
CA TYR LA 146 85.14 36.31 43.95
C TYR LA 146 86.60 36.28 44.38
N ASN LA 147 87.11 37.43 44.84
CA ASN LA 147 88.44 37.46 45.41
C ASN LA 147 88.46 36.94 46.83
N ILE LA 148 87.30 36.63 47.40
CA ILE LA 148 87.17 36.21 48.79
C ILE LA 148 87.59 34.77 48.99
N THR LA 149 87.80 34.02 47.91
CA THR LA 149 88.10 32.60 48.02
C THR LA 149 89.39 32.36 48.79
N GLN LA 150 90.53 32.83 48.27
CA GLN LA 150 91.81 32.62 48.95
C GLN LA 150 92.00 33.67 50.04
N LYS LA 151 91.04 33.69 50.97
CA LYS LA 151 91.05 34.56 52.13
C LYS LA 151 90.37 33.89 53.33
N GLU LA 152 89.90 34.72 54.28
CA GLU LA 152 89.72 34.36 55.68
C GLU LA 152 89.28 32.91 55.92
N LYS LA 153 88.21 32.46 55.28
CA LYS LA 153 87.79 31.08 55.44
C LYS LA 153 87.25 30.55 54.12
N VAL LA 154 87.65 29.33 53.78
CA VAL LA 154 87.16 28.63 52.60
C VAL LA 154 87.46 27.16 52.77
N LYS LA 155 86.53 26.31 52.34
CA LYS LA 155 86.76 24.86 52.30
C LYS LA 155 87.21 24.47 50.90
N ILE LA 156 88.45 24.83 50.61
CA ILE LA 156 89.11 24.67 49.31
C ILE LA 156 88.98 23.25 48.77
N GLU LA 157 89.12 22.26 49.65
CA GLU LA 157 89.18 20.87 49.25
C GLU LA 157 87.81 20.32 48.81
N LYS LA 158 86.79 21.18 48.78
CA LYS LA 158 85.48 20.78 48.25
C LYS LA 158 85.09 21.66 47.08
N VAL LA 159 85.24 22.99 47.23
CA VAL LA 159 84.79 23.90 46.19
C VAL LA 159 85.62 23.77 44.92
N LYS LA 160 86.94 23.75 45.03
CA LYS LA 160 87.73 23.52 43.83
C LYS LA 160 87.88 22.02 43.61
N GLU LA 161 87.02 21.24 44.28
CA GLU LA 161 86.93 19.81 44.06
C GLU LA 161 85.68 19.49 43.24
N ASP LA 162 84.59 20.23 43.48
CA ASP LA 162 83.38 20.00 42.69
C ASP LA 162 83.46 20.67 41.33
N ILE LA 163 84.34 21.65 41.14
CA ILE LA 163 84.63 22.14 39.80
C ILE LA 163 85.16 21.02 38.93
N LYS LA 164 85.96 20.13 39.51
CA LYS LA 164 86.45 18.96 38.79
C LYS LA 164 85.37 17.90 38.66
N GLU LA 165 84.19 18.14 39.23
CA GLU LA 165 83.13 17.15 39.33
C GLU LA 165 81.88 17.54 38.54
N LEU LA 166 81.68 18.82 38.29
CA LEU LA 166 80.46 19.26 37.62
C LEU LA 166 80.73 19.79 36.22
N PHE LA 167 81.77 20.59 36.06
CA PHE LA 167 82.03 21.25 34.79
C PHE LA 167 82.65 20.31 33.77
N SER LA 168 82.21 20.46 32.52
CA SER LA 168 82.79 19.79 31.36
C SER LA 168 82.28 20.54 30.13
N TYR LA 169 82.71 20.11 28.95
CA TYR LA 169 82.29 20.77 27.72
C TYR LA 169 82.75 19.95 26.52
N TYR LA 170 82.43 20.46 25.34
CA TYR LA 170 82.89 19.92 24.07
C TYR LA 170 83.72 20.97 23.34
N ALA LA 171 85.02 20.75 23.24
CA ALA LA 171 85.86 21.68 22.49
C ALA LA 171 85.88 21.32 21.02
N LEU LA 172 86.73 21.96 20.23
CA LEU LA 172 86.88 21.64 18.82
C LEU LA 172 88.18 20.95 18.46
N GLU LA 173 89.25 21.16 19.21
CA GLU LA 173 90.54 20.51 19.00
C GLU LA 173 91.03 20.74 17.57
N GLN LA 174 91.19 22.02 17.23
CA GLN LA 174 91.64 22.42 15.91
C GLN LA 174 92.52 23.66 15.99
#